data_6J5J
#
_entry.id   6J5J
#
_cell.length_a   1.00
_cell.length_b   1.00
_cell.length_c   1.00
_cell.angle_alpha   90.00
_cell.angle_beta   90.00
_cell.angle_gamma   90.00
#
_symmetry.space_group_name_H-M   'P 1'
#
loop_
_entity.id
_entity.type
_entity.pdbx_description
1 polymer 'ATP synthase subunit alpha, mitochondrial'
2 polymer 'ATP synthase subunit beta'
3 polymer 'ATPase inhibitor, mitochondrial'
4 polymer 'ATP synthase subunit gamma'
5 polymer 'ATP synthase subunit delta, mitochondrial'
6 polymer 'ATP synthase F1 subunit epsilon'
7 polymer 'ATP synthase subunit O, mitochondrial'
8 polymer 'ATP synthase peripheral stalk-membrane subunit b'
9 polymer 'ATP synthase-coupling factor 6, mitochondrial'
10 polymer 'ATP synthase subunit d, mitochondrial'
11 polymer 'ATP synthase subunit e'
12 polymer 'ATP synthase subunit f, mitochondrial'
13 polymer 'ATP synthase subunit g'
14 polymer 'ATP synthase membrane subunit DAPIT'
15 polymer 'subunit k analog'
16 polymer 'ATP synthase protein 8'
17 polymer 'ATP synthase subunit a'
18 polymer 'Mitochondrial H+ transporting ATP synthase subunit c isoform 1'
19 polymer 'ATP synthase membrane subunit 6.8PL'
20 non-polymer "ADENOSINE-5'-TRIPHOSPHATE"
21 non-polymer 'MAGNESIUM ION'
22 non-polymer "ADENOSINE-5'-DIPHOSPHATE"
#
loop_
_entity_poly.entity_id
_entity_poly.type
_entity_poly.pdbx_seq_one_letter_code
_entity_poly.pdbx_strand_id
1 'polypeptide(L)'
;KTGTAEVSSILEERILGADTSVDLEETGRVLSIGDGIARVHGLRNVQAEEMVEFSSGLKGMSLNLEPDNVGVVVFGNDKL
IKEGDIVKRTGAIVDVPVGEELLGRVVDALGNAIDGKGPIGSKTRRRVGLKAPGIIPRISVREPMQTGIKAVDSLVPIGR
GQRELIIGDRQTGKTSIAIDTIINQKRFNDGTDEKKKLYCIYVAIGQKRSTVAQLVKRLTDADAMKYTIVVSATASDAAP
LQYLAPYSGCSMGEYFRDNGKHALIIYDDLSKQAVAYRQMSLLLRRPPGREAYPGDVFYLHSRLLERAAKMNDAFGGGSL
TALPVIETQAGDVSAYIPTNVISITDGQIFLETELFYKGIRPAINVGLSVSRVGSAAQTRAMKQVAGTMKLELAQYREVA
AFAQFGSDLDAATQQLLSRGVRLTELLKQGQYAPMAIEEQVAVIYAGVRGYLDKLEPSKITKFENAFLSHVISQHQALLG
KIRADGKISEETDAKLKEIVTNFLAGFEA
;
A,B,C
2 'polypeptide(L)'
;ATGRIVAVIGAVVDVQFDEGLPPILNALEVQGRETRLVLEVAQHLGESTVRTIAMDGTEGLVRGQKVLDSGAPIKIPVGP
ETLGRIMNVIGEPIDERGPIKTKQFAAIHAEAPEFMEMSVEQEILVTGIKVVDLLAPYAKGGKIGLFGGAGVGKTVLIME
LINNVAKAHGGYSVFAGVGERTREGNDLYHEMIESGVINLKDATSKVALVYGQMNEPPGARARVALTGLTVAEYFRDQEG
QDVLLFIDNIFRFTQAGSEVSALLGRIPSAVGYQPTLATDMGTMQERITTTKKGSITSVQAIYVPADDLTDPAPATTFAH
LDATTVLSRAIAELGIYPAVDPLDSTSRIMDPNIVGSEHYDVARGVQKILQDYKSLQDIIAILGMDELSEEDKLTVSRAR
KIQRFLSQPFQVAEVFTGHLGKLVPLKETIKGFQQILAGEYDHLPEQAFYMVGPIEEAVAKADKLAEEH
;
D,E,F
3 'polypeptide(L)'
;SSDTPEGVRSGAGAVRDAGGAFGKKEQADEERYFRARAREQLAALKKHHENEISHHVKEIERLQKEIERHKQSIKKLKND
DDD
;
J
4 'polypeptide(L)'
;ATLKDITRRLKSIKNIQKITKSMKMVAAAKYARAERDLKPARVYGIGSLALYEKADIKVPEDKKKHLIIGVSSDRGLCGA
IHSSVAKQIKSEVANLTAAGKEVKIVGVGDKIRGILHRTHSDQFLVTFKEVGRKPPTFGDASVIALELLNSGYEFDEGSI
IFNRFRSVISYKTEEKPIFSLDTVASAESMSIYDDIDADVLRNYQEYSLANIIYYSLKESTTSEQSARMTAMDNASKNAS
EMIDKLTLTFNRTRQAVITKELIEIISGAAAL
;
G
5 'polypeptide(L)'
;GQMSFTFASPTQVFFNGANVRQVDVPTQTGAFGILASHVPTLQVLRPGLVVVHAEDGTTSKYFVSSGSVTVNADSSVQLL
AEEAVTLDMLDPGVAKANLEKAQSELLGAADEASRAEIQIRIEANEALVKAL
;
H
6 'polypeptide(L)' VAYWRQAGLSYIRYSQICAKAVRDALKAEFKANAEKTSGSNVKIVKVK I
7 'polypeptide(L)'
;FAKLVRPPVQIYGIEGRYATALYSAASKQNKLEQVEKELLRVAQILKEPKVAASIMNPYVKRSVKVKSLSDMTAKEKFSP
LTSNLINLLAENGRLSSTPGVISAFSTMMSVHRGEVPCSVTTASPLDEATLTELKTVLKSFLSKGQILKLEVKVDPSIMG
GMIVRIGEKYVDMSAKTKIQKLSRAMR
;
S
8 'polypeptide(L)'
;PPLPEHGGKVRLGLIPEEFFQFLYPKTGVTGPYVLGTGLILYLLSKEIYVITAETFSAISTIGVLVYIVKKYGASIGAFA
DKLNEQKIAQLEEVKQASIKQIQDAIDLEKSQQALVQKRHYLFDVQRNNIAMALEVTYRERLHRVYKEIKNRLDYHISVQ
NMMRQKEQEHMIRWVEKHVVQSISAQQEKETIAKCIADLKLLAKKAQAQ
;
b
9 'polypeptide(L)' VQKLFVDKIREYRTKRQTSGGPVDAGPEYQQDLDRELFKLKQMYGKADMNTFPNFTFEDPKFEAVEKPQS c
10 'polypeptide(L)'
;RKLALKAIDWVAFGEIIPRNQKAIANSLKSWNETLSTRLAALPEKPPAIDWAYYKATVAKAGLVDDFEKKFNALKVPVPE
DKYTALVDAEEQEDVKRCAEFLSLSKARIEAYEKELEKMKNIIPFDQMTIEDLNEVFPETKLDKKKY
;
d
11 'polypeptide(L)'
;(UNK)(UNK)(UNK)(UNK)(UNK)(UNK)(UNK)(UNK)(UNK)(UNK)(UNK)(UNK)(UNK)(UNK)(UNK)(UNK)
(UNK)(UNK)(UNK)(UNK)(UNK)(UNK)(UNK)(UNK)(UNK)(UNK)(UNK)(UNK)(UNK)(UNK)(UNK)(UNK)
(UNK)(UNK)(UNK)(UNK)(UNK)(UNK)(UNK)(UNK)(UNK)(UNK)(UNK)(UNK)(UNK)(UNK)(UNK)(UNK)
(UNK)(UNK)(UNK)(UNK)(UNK)(UNK)(UNK)(UNK)(UNK)(UNK)(UNK)(UNK)(UNK)(UNK)(UNK)
;
e
12 'polypeptide(L)'
;ASVVPLKDRRLLEVKLGELPSWILMRDFTPSGIAGAFQRGYYRYYNKYVNVKKGSVAGLSMVLAAYVVFNYCRSYKELKH
ERLRKYH
;
f
13 'polypeptide(L)'
;(UNK)(UNK)(UNK)(UNK)(UNK)(UNK)(UNK)(UNK)(UNK)(UNK)(UNK)(UNK)(UNK)(UNK)(UNK)(UNK)
(UNK)(UNK)(UNK)(UNK)(UNK)(UNK)(UNK)(UNK)(UNK)(UNK)(UNK)(UNK)(UNK)(UNK)(UNK)(UNK)
(UNK)(UNK)(UNK)(UNK)(UNK)(UNK)(UNK)(UNK)(UNK)(UNK)(UNK)(UNK)(UNK)(UNK)(UNK)(UNK)
(UNK)(UNK)(UNK)(UNK)(UNK)(UNK)(UNK)(UNK)(UNK)(UNK)(UNK)(UNK)(UNK)(UNK)(UNK)(UNK)
(UNK)(UNK)(UNK)(UNK)(UNK)(UNK)(UNK)(UNK)(UNK)(UNK)(UNK)(UNK)(UNK)(UNK)(UNK)(UNK)
(UNK)(UNK)(UNK)(UNK)
;
g
14 'polypeptide(L)' QFQFTGIKKYFNSYTLTGRMNCVLATYGGIALLVLYFKLRSK i
15 'polypeptide(L)'
;(UNK)(UNK)(UNK)(UNK)(UNK)(UNK)(UNK)(UNK)(UNK)(UNK)(UNK)(UNK)(UNK)(UNK)(UNK)(UNK)
(UNK)(UNK)(UNK)(UNK)(UNK)(UNK)(UNK)(UNK)(UNK)(UNK)(UNK)(UNK)(UNK)
;
k
16 'polypeptide(L)' MPQLDTSTWFITITSMIMTLFILFQLKISNYSYPASPESIELKTQKHSTPWEMKWTKIYLPLLLPPR 8
17 'polypeptide(L)'
;MNENLFASFIAPTMMGLPIVTLIIMFPSLLFPTPKRLINNRTISIQQWLIQLTSKQMMAIHNQKGQTWSLMLMSLIMFIG
STNILGLLPHSFTPTTQLSMNLGMAIPLWSATVFTGFRYKTKTSLAHFLPQGTPALLIPMLVIIETISLFIQPVALAVRL
TANITAGHLLIHLIGGATLALLNINTMTAFITFTILILLTILEFAVALIQAYVFTLLVSLYLHDNT
;
a
18 'polypeptide(L)' IDTAAKFIGAGAATVGVAGSGAGIGTVFGSMIIGYARNPSLKQQLFSYAILGFALSEAMGLFCLMVAFLILF K,L,M,N,O,P,Q,R
19 'polypeptide(L)'
;(UNK)(UNK)(UNK)(UNK)(UNK)(UNK)(UNK)(UNK)(UNK)(UNK)(UNK)(UNK)(UNK)(UNK)(UNK)(UNK)
(UNK)(UNK)(UNK)(UNK)(UNK)(UNK)(UNK)(UNK)(UNK)(UNK)(UNK)(UNK)(UNK)(UNK)(UNK)(UNK)
(UNK)(UNK)(UNK)(UNK)(UNK)(UNK)(UNK)(UNK)(UNK)(UNK)
;
u
#
# COMPACT_ATOMS: atom_id res chain seq x y z
N GLU A 6 -66.30 16.77 41.94
CA GLU A 6 -65.88 16.49 43.31
C GLU A 6 -64.50 17.10 43.56
N VAL A 7 -64.23 18.20 42.86
CA VAL A 7 -62.93 18.85 42.94
C VAL A 7 -62.80 19.62 44.26
N SER A 8 -63.92 20.13 44.78
CA SER A 8 -63.87 20.85 46.05
C SER A 8 -63.68 19.90 47.22
N SER A 9 -64.12 18.64 47.07
CA SER A 9 -64.10 17.72 48.20
C SER A 9 -62.69 17.21 48.48
N ILE A 10 -61.90 16.99 47.43
CA ILE A 10 -60.54 16.46 47.63
C ILE A 10 -59.62 17.55 48.15
N LEU A 11 -59.93 18.83 47.85
CA LEU A 11 -59.13 19.92 48.39
C LEU A 11 -59.44 20.15 49.86
N GLU A 12 -60.70 19.96 50.25
CA GLU A 12 -61.06 20.04 51.66
C GLU A 12 -60.55 18.83 52.41
N GLU A 13 -60.35 17.71 51.70
CA GLU A 13 -59.86 16.49 52.33
C GLU A 13 -58.40 16.63 52.75
N ARG A 14 -57.59 17.29 51.92
CA ARG A 14 -56.15 17.37 52.19
C ARG A 14 -55.84 18.25 53.39
N ILE A 15 -56.59 19.33 53.56
CA ILE A 15 -56.22 20.33 54.56
C ILE A 15 -56.66 19.90 55.96
N LEU A 16 -57.64 18.98 56.05
CA LEU A 16 -57.92 18.37 57.35
C LEU A 16 -56.98 17.20 57.60
N GLY A 17 -56.46 16.59 56.53
CA GLY A 17 -55.49 15.53 56.69
C GLY A 17 -54.07 16.04 56.86
N ALA A 18 -53.88 17.36 56.73
CA ALA A 18 -52.57 17.94 56.94
C ALA A 18 -52.22 18.00 58.42
N ASP A 19 -50.93 17.97 58.72
CA ASP A 19 -50.43 17.99 60.09
C ASP A 19 -49.93 19.41 60.37
N THR A 20 -50.59 20.09 61.28
CA THR A 20 -50.18 21.42 61.75
C THR A 20 -49.84 21.28 63.24
N SER A 21 -48.60 20.87 63.52
CA SER A 21 -48.11 20.67 64.88
C SER A 21 -46.85 21.49 65.06
N VAL A 22 -46.56 21.87 66.29
CA VAL A 22 -45.42 22.70 66.61
C VAL A 22 -44.31 21.84 67.20
N ASP A 23 -43.08 22.31 67.07
CA ASP A 23 -41.90 21.53 67.44
C ASP A 23 -40.87 22.53 67.99
N LEU A 24 -39.66 22.06 68.25
CA LEU A 24 -38.51 22.89 68.57
C LEU A 24 -37.59 22.95 67.36
N GLU A 25 -36.47 23.65 67.51
CA GLU A 25 -35.51 23.80 66.43
C GLU A 25 -34.15 24.15 67.02
N GLU A 26 -33.15 24.24 66.15
CA GLU A 26 -31.78 24.56 66.54
C GLU A 26 -31.19 25.58 65.57
N THR A 27 -31.90 26.70 65.37
CA THR A 27 -31.67 27.61 64.27
C THR A 27 -30.36 28.37 64.40
N GLY A 28 -30.07 29.20 63.39
CA GLY A 28 -28.88 30.00 63.31
C GLY A 28 -28.96 30.99 62.16
N ARG A 29 -28.56 32.23 62.40
CA ARG A 29 -28.71 33.30 61.42
C ARG A 29 -27.69 33.16 60.28
N VAL A 30 -27.97 33.86 59.19
CA VAL A 30 -27.14 33.84 57.99
C VAL A 30 -26.15 34.99 58.06
N LEU A 31 -24.92 34.73 57.66
CA LEU A 31 -23.86 35.74 57.68
C LEU A 31 -23.67 36.41 56.31
N SER A 32 -23.45 35.60 55.27
CA SER A 32 -23.08 36.16 53.97
C SER A 32 -23.47 35.16 52.88
N ILE A 33 -24.52 35.50 52.13
CA ILE A 33 -24.96 34.66 51.01
C ILE A 33 -24.39 35.20 49.71
N GLY A 34 -23.75 34.32 48.94
CA GLY A 34 -23.23 34.72 47.65
C GLY A 34 -22.81 33.55 46.78
N ASP A 35 -23.31 33.54 45.54
CA ASP A 35 -23.02 32.54 44.50
C ASP A 35 -23.46 31.13 44.87
N GLY A 36 -24.38 30.99 45.81
CA GLY A 36 -24.89 29.67 46.18
C GLY A 36 -24.23 29.02 47.37
N ILE A 37 -23.46 29.77 48.16
CA ILE A 37 -22.81 29.26 49.36
C ILE A 37 -23.20 30.17 50.51
N ALA A 38 -24.06 29.69 51.39
CA ALA A 38 -24.48 30.43 52.57
C ALA A 38 -23.50 30.13 53.70
N ARG A 39 -23.21 31.14 54.51
CA ARG A 39 -22.46 30.96 55.75
C ARG A 39 -23.40 31.23 56.91
N VAL A 40 -23.59 30.23 57.77
CA VAL A 40 -24.57 30.32 58.84
C VAL A 40 -23.82 30.32 60.17
N HIS A 41 -24.16 31.27 61.04
CA HIS A 41 -23.62 31.33 62.38
C HIS A 41 -24.62 30.73 63.36
N GLY A 42 -24.17 29.77 64.15
CA GLY A 42 -25.07 28.99 64.97
C GLY A 42 -25.05 27.54 64.52
N LEU A 43 -26.15 26.82 64.72
CA LEU A 43 -26.32 25.40 64.36
C LEU A 43 -25.21 24.55 64.99
N ARG A 44 -25.21 24.53 66.33
CA ARG A 44 -24.08 23.95 67.04
C ARG A 44 -24.09 22.43 67.08
N ASN A 45 -25.14 21.78 66.60
CA ASN A 45 -25.24 20.32 66.66
C ASN A 45 -25.69 19.77 65.31
N VAL A 46 -25.09 20.23 64.22
CA VAL A 46 -25.33 19.66 62.91
C VAL A 46 -24.24 18.64 62.61
N GLN A 47 -24.66 17.50 62.07
CA GLN A 47 -23.71 16.52 61.57
C GLN A 47 -23.19 16.98 60.22
N ALA A 48 -22.13 16.32 59.76
CA ALA A 48 -21.67 16.57 58.40
C ALA A 48 -22.66 16.02 57.40
N GLU A 49 -22.80 16.75 56.28
CA GLU A 49 -23.67 16.38 55.15
C GLU A 49 -25.13 16.21 55.57
N GLU A 50 -25.60 17.07 56.46
CA GLU A 50 -26.94 17.01 57.01
C GLU A 50 -27.83 18.06 56.35
N MET A 51 -29.06 17.67 56.05
CA MET A 51 -29.98 18.56 55.36
C MET A 51 -30.65 19.54 56.31
N VAL A 52 -30.50 20.83 56.03
CA VAL A 52 -31.21 21.90 56.72
C VAL A 52 -32.17 22.54 55.73
N GLU A 53 -32.98 23.49 56.20
CA GLU A 53 -33.93 24.18 55.35
C GLU A 53 -34.12 25.62 55.83
N PHE A 54 -34.12 26.55 54.90
CA PHE A 54 -34.15 27.97 55.20
C PHE A 54 -35.57 28.43 55.51
N SER A 55 -35.71 29.76 55.57
CA SER A 55 -37.00 30.34 55.96
C SER A 55 -37.93 30.48 54.75
N SER A 56 -37.37 30.61 53.55
CA SER A 56 -38.21 30.77 52.37
C SER A 56 -38.82 29.44 51.95
N GLY A 57 -38.05 28.36 52.00
CA GLY A 57 -38.57 27.06 51.62
C GLY A 57 -37.52 26.19 50.95
N LEU A 58 -36.39 26.77 50.60
CA LEU A 58 -35.32 26.00 50.01
C LEU A 58 -34.65 25.13 51.06
N LYS A 59 -33.95 24.11 50.60
CA LYS A 59 -33.26 23.17 51.46
C LYS A 59 -31.77 23.29 51.22
N GLY A 60 -30.97 22.85 52.18
CA GLY A 60 -29.54 23.01 52.11
C GLY A 60 -28.80 21.89 52.80
N MET A 61 -27.64 21.56 52.24
CA MET A 61 -26.82 20.45 52.71
C MET A 61 -25.48 20.99 53.18
N SER A 62 -25.18 20.80 54.47
CA SER A 62 -24.05 21.46 55.12
C SER A 62 -22.78 20.64 54.89
N LEU A 63 -21.87 21.18 54.07
CA LEU A 63 -20.70 20.40 53.68
C LEU A 63 -19.48 20.76 54.53
N ASN A 64 -19.32 22.02 54.90
CA ASN A 64 -18.17 22.48 55.69
C ASN A 64 -18.59 22.76 57.12
N LEU A 65 -18.07 21.98 58.05
CA LEU A 65 -18.24 22.23 59.48
C LEU A 65 -16.99 22.94 59.97
N GLU A 66 -17.03 24.25 59.98
CA GLU A 66 -15.93 25.10 60.40
C GLU A 66 -16.12 25.54 61.85
N PRO A 67 -15.08 26.07 62.52
CA PRO A 67 -15.24 26.50 63.92
C PRO A 67 -16.30 27.57 64.16
N ASP A 68 -16.22 28.71 63.49
CA ASP A 68 -17.13 29.80 63.79
C ASP A 68 -18.35 29.89 62.87
N ASN A 69 -18.46 29.04 61.87
CA ASN A 69 -19.60 29.07 60.95
C ASN A 69 -19.77 27.69 60.34
N VAL A 70 -20.72 27.57 59.41
CA VAL A 70 -20.96 26.31 58.71
C VAL A 70 -21.35 26.62 57.26
N GLY A 71 -20.66 25.97 56.32
CA GLY A 71 -20.91 26.22 54.91
C GLY A 71 -21.95 25.30 54.31
N VAL A 72 -23.10 25.85 53.91
CA VAL A 72 -24.23 25.07 53.46
C VAL A 72 -24.60 25.47 52.03
N VAL A 73 -24.51 24.51 51.10
CA VAL A 73 -24.94 24.74 49.72
C VAL A 73 -26.45 24.85 49.67
N VAL A 74 -26.98 25.44 48.60
CA VAL A 74 -28.41 25.74 48.50
C VAL A 74 -29.01 24.95 47.34
N PHE A 75 -30.16 24.31 47.58
CA PHE A 75 -30.91 23.56 46.57
C PHE A 75 -31.91 24.48 45.89
N GLY A 76 -31.39 25.44 45.14
CA GLY A 76 -32.25 26.36 44.44
C GLY A 76 -31.45 27.53 43.89
N ASN A 77 -32.01 28.73 44.09
CA ASN A 77 -31.38 29.98 43.70
C ASN A 77 -31.33 30.90 44.90
N ASP A 78 -30.24 31.67 45.01
CA ASP A 78 -29.95 32.43 46.21
C ASP A 78 -30.57 33.83 46.22
N LYS A 79 -31.48 34.13 45.29
CA LYS A 79 -32.13 35.44 45.34
C LYS A 79 -33.21 35.51 46.40
N LEU A 80 -33.61 34.38 46.97
CA LEU A 80 -34.60 34.32 48.04
C LEU A 80 -33.97 34.27 49.42
N ILE A 81 -32.64 34.29 49.49
CA ILE A 81 -31.91 34.18 50.75
C ILE A 81 -31.29 35.55 51.02
N LYS A 82 -31.80 36.26 52.02
CA LYS A 82 -31.24 37.52 52.45
C LYS A 82 -30.42 37.31 53.71
N GLU A 83 -29.49 38.22 53.95
CA GLU A 83 -28.64 38.14 55.13
C GLU A 83 -29.45 38.48 56.37
N GLY A 84 -29.56 37.52 57.29
CA GLY A 84 -30.34 37.73 58.50
C GLY A 84 -31.57 36.85 58.55
N ASP A 85 -31.53 35.72 57.86
CA ASP A 85 -32.65 34.79 57.84
C ASP A 85 -32.50 33.77 58.97
N ILE A 86 -33.36 32.76 58.99
CA ILE A 86 -33.39 31.75 60.03
C ILE A 86 -33.26 30.39 59.38
N VAL A 87 -32.20 29.66 59.73
CA VAL A 87 -31.89 28.37 59.14
C VAL A 87 -32.23 27.27 60.14
N LYS A 88 -33.40 26.66 59.99
CA LYS A 88 -33.87 25.63 60.91
C LYS A 88 -33.15 24.32 60.62
N ARG A 89 -33.27 23.37 61.55
CA ARG A 89 -32.64 22.06 61.41
C ARG A 89 -33.71 21.00 61.19
N THR A 90 -33.44 20.06 60.29
CA THR A 90 -34.34 18.92 60.10
C THR A 90 -33.95 17.77 61.01
N GLY A 91 -32.67 17.40 61.02
CA GLY A 91 -32.16 16.38 61.89
C GLY A 91 -31.89 15.04 61.23
N ALA A 92 -31.69 15.00 59.92
CA ALA A 92 -31.52 13.75 59.21
C ALA A 92 -30.68 13.96 57.96
N ILE A 93 -29.88 12.96 57.62
CA ILE A 93 -29.14 12.96 56.36
C ILE A 93 -30.13 12.73 55.21
N VAL A 94 -29.69 13.03 53.98
CA VAL A 94 -30.57 13.03 52.82
C VAL A 94 -31.04 11.62 52.49
N ASP A 95 -32.34 11.51 52.19
CA ASP A 95 -32.97 10.22 51.97
C ASP A 95 -33.96 10.34 50.81
N VAL A 96 -34.07 9.28 50.02
CA VAL A 96 -34.92 9.27 48.84
C VAL A 96 -36.01 8.22 49.03
N PRO A 97 -37.19 8.41 48.45
CA PRO A 97 -38.17 7.32 48.42
C PRO A 97 -37.74 6.26 47.43
N VAL A 98 -38.08 5.01 47.73
CA VAL A 98 -37.64 3.88 46.93
C VAL A 98 -38.70 2.78 47.04
N GLY A 99 -38.79 1.93 46.02
CA GLY A 99 -39.74 0.84 46.06
C GLY A 99 -40.14 0.39 44.68
N GLU A 100 -41.32 -0.21 44.60
CA GLU A 100 -41.84 -0.68 43.32
C GLU A 100 -42.71 0.39 42.66
N GLU A 101 -43.19 1.35 43.45
CA GLU A 101 -44.16 2.32 42.95
C GLU A 101 -43.54 3.33 42.00
N LEU A 102 -42.22 3.48 42.03
CA LEU A 102 -41.54 4.42 41.15
C LEU A 102 -41.45 3.94 39.71
N LEU A 103 -41.85 2.71 39.41
CA LEU A 103 -41.64 2.16 38.08
C LEU A 103 -42.58 2.80 37.07
N GLY A 104 -42.00 3.55 36.15
CA GLY A 104 -42.80 4.22 35.14
C GLY A 104 -43.09 5.68 35.45
N ARG A 105 -42.17 6.34 36.15
CA ARG A 105 -42.34 7.72 36.54
C ARG A 105 -41.10 8.52 36.17
N VAL A 106 -41.23 9.84 36.23
CA VAL A 106 -40.13 10.77 36.01
C VAL A 106 -39.91 11.53 37.31
N VAL A 107 -38.69 11.45 37.85
CA VAL A 107 -38.36 12.02 39.14
C VAL A 107 -37.15 12.92 38.99
N ASP A 108 -37.04 13.89 39.89
CA ASP A 108 -35.84 14.71 39.96
C ASP A 108 -34.84 14.06 40.92
N ALA A 109 -33.83 14.81 41.36
CA ALA A 109 -32.76 14.23 42.16
C ALA A 109 -33.20 13.95 43.60
N LEU A 110 -34.36 14.47 44.01
CA LEU A 110 -34.80 14.30 45.39
C LEU A 110 -36.10 13.50 45.51
N GLY A 111 -36.53 12.82 44.46
CA GLY A 111 -37.67 11.94 44.53
C GLY A 111 -39.03 12.58 44.33
N ASN A 112 -39.10 13.87 44.04
CA ASN A 112 -40.36 14.49 43.72
C ASN A 112 -40.81 14.09 42.31
N ALA A 113 -42.09 14.26 42.04
CA ALA A 113 -42.68 13.89 40.75
C ALA A 113 -42.72 15.12 39.86
N ILE A 114 -42.17 15.01 38.64
CA ILE A 114 -42.17 16.16 37.75
C ILE A 114 -43.05 15.91 36.53
N ASP A 115 -43.55 14.69 36.36
CA ASP A 115 -44.32 14.39 35.16
C ASP A 115 -45.79 14.78 35.33
N GLY A 116 -46.20 15.10 36.54
CA GLY A 116 -47.55 15.58 36.77
C GLY A 116 -48.63 14.52 36.73
N LYS A 117 -48.29 13.25 36.92
CA LYS A 117 -49.32 12.23 37.04
C LYS A 117 -49.89 12.18 38.44
N GLY A 118 -49.02 12.29 39.45
CA GLY A 118 -49.43 12.24 40.83
C GLY A 118 -48.24 11.99 41.73
N PRO A 119 -48.45 12.06 43.04
CA PRO A 119 -47.33 11.86 43.96
C PRO A 119 -46.98 10.40 44.09
N ILE A 120 -45.74 10.13 44.49
CA ILE A 120 -45.30 8.75 44.67
C ILE A 120 -45.93 8.18 45.93
N GLY A 121 -46.46 6.96 45.82
CA GLY A 121 -46.97 6.23 46.96
C GLY A 121 -45.98 5.28 47.59
N SER A 122 -44.69 5.61 47.61
CA SER A 122 -43.69 4.69 48.14
C SER A 122 -43.67 4.73 49.67
N LYS A 123 -43.66 3.56 50.29
CA LYS A 123 -43.78 3.50 51.75
C LYS A 123 -42.41 3.42 52.40
N THR A 124 -41.37 3.08 51.63
CA THR A 124 -40.03 2.96 52.19
C THR A 124 -39.20 4.20 51.89
N ARG A 125 -38.02 4.25 52.49
CA ARG A 125 -37.11 5.39 52.43
C ARG A 125 -35.70 4.87 52.60
N ARG A 126 -34.72 5.50 51.94
CA ARG A 126 -33.37 4.97 51.94
C ARG A 126 -32.35 6.09 51.84
N ARG A 127 -31.23 5.93 52.55
CA ARG A 127 -30.14 6.89 52.48
C ARG A 127 -29.40 6.76 51.17
N VAL A 128 -28.66 7.82 50.81
CA VAL A 128 -27.86 7.81 49.58
C VAL A 128 -26.38 7.57 49.86
N GLY A 129 -25.95 7.65 51.12
CA GLY A 129 -24.56 7.52 51.46
C GLY A 129 -24.15 6.17 52.00
N LEU A 130 -24.80 5.09 51.57
CA LEU A 130 -24.47 3.78 52.10
C LEU A 130 -23.19 3.24 51.49
N LYS A 131 -22.74 2.09 51.98
CA LYS A 131 -21.50 1.52 51.51
C LYS A 131 -21.75 0.37 50.55
N ALA A 132 -20.68 -0.06 49.90
CA ALA A 132 -20.72 -1.24 49.06
C ALA A 132 -20.73 -2.50 49.92
N PRO A 133 -21.17 -3.62 49.38
CA PRO A 133 -20.91 -4.90 50.04
C PRO A 133 -19.44 -5.25 49.96
N GLY A 134 -18.99 -6.05 50.91
CA GLY A 134 -17.58 -6.37 51.01
C GLY A 134 -17.12 -7.40 50.00
N ILE A 135 -16.18 -8.23 50.45
CA ILE A 135 -15.63 -9.28 49.58
C ILE A 135 -16.44 -10.56 49.74
N ILE A 136 -16.96 -10.80 50.94
CA ILE A 136 -17.68 -12.06 51.21
C ILE A 136 -19.04 -12.12 50.54
N PRO A 137 -19.93 -11.11 50.60
CA PRO A 137 -21.25 -11.29 49.95
C PRO A 137 -21.24 -11.24 48.42
N ARG A 138 -20.10 -11.21 47.77
CA ARG A 138 -20.09 -11.20 46.31
C ARG A 138 -19.77 -12.59 45.76
N ILE A 139 -20.11 -12.78 44.49
CA ILE A 139 -19.79 -14.00 43.75
C ILE A 139 -19.46 -13.58 42.32
N SER A 140 -18.81 -14.46 41.59
CA SER A 140 -18.34 -14.11 40.25
C SER A 140 -19.51 -14.03 39.27
N VAL A 141 -19.34 -13.19 38.25
CA VAL A 141 -20.42 -12.90 37.30
C VAL A 141 -20.48 -14.01 36.26
N ARG A 142 -21.68 -14.57 36.05
CA ARG A 142 -21.85 -15.65 35.09
C ARG A 142 -23.03 -15.46 34.14
N GLU A 143 -24.10 -14.83 34.57
CA GLU A 143 -25.27 -14.69 33.71
C GLU A 143 -25.03 -13.62 32.65
N PRO A 144 -25.60 -13.77 31.46
CA PRO A 144 -25.44 -12.74 30.43
C PRO A 144 -26.42 -11.60 30.59
N MET A 145 -25.96 -10.37 30.32
CA MET A 145 -26.84 -9.23 30.16
C MET A 145 -26.93 -8.92 28.67
N GLN A 146 -28.12 -9.09 28.11
CA GLN A 146 -28.29 -9.01 26.66
C GLN A 146 -28.53 -7.56 26.27
N THR A 147 -27.66 -7.03 25.41
CA THR A 147 -27.84 -5.66 24.92
C THR A 147 -28.69 -5.63 23.67
N GLY A 148 -28.42 -6.49 22.71
CA GLY A 148 -29.13 -6.49 21.45
C GLY A 148 -28.36 -5.90 20.29
N ILE A 149 -27.08 -5.59 20.48
CA ILE A 149 -26.23 -5.06 19.44
C ILE A 149 -25.30 -6.18 19.01
N LYS A 150 -25.18 -6.40 17.71
CA LYS A 150 -24.48 -7.57 17.20
C LYS A 150 -22.98 -7.48 17.43
N ALA A 151 -22.46 -6.27 17.65
CA ALA A 151 -21.02 -6.13 17.84
C ALA A 151 -20.66 -6.18 19.32
N VAL A 152 -21.61 -5.85 20.20
CA VAL A 152 -21.35 -5.91 21.64
C VAL A 152 -21.38 -7.36 22.12
N ASP A 153 -22.43 -8.10 21.76
CA ASP A 153 -22.58 -9.44 22.31
C ASP A 153 -21.64 -10.44 21.64
N SER A 154 -21.00 -10.05 20.55
CA SER A 154 -20.07 -10.95 19.88
C SER A 154 -18.66 -10.78 20.41
N LEU A 155 -18.21 -9.55 20.61
CA LEU A 155 -16.79 -9.29 20.84
C LEU A 155 -16.50 -8.65 22.19
N VAL A 156 -17.40 -7.83 22.73
CA VAL A 156 -17.18 -7.20 24.02
C VAL A 156 -18.38 -7.43 24.94
N PRO A 157 -18.53 -8.62 25.52
CA PRO A 157 -19.76 -8.95 26.24
C PRO A 157 -19.84 -8.28 27.61
N ILE A 158 -21.06 -8.28 28.15
CA ILE A 158 -21.35 -7.67 29.44
C ILE A 158 -22.08 -8.70 30.29
N GLY A 159 -21.55 -8.99 31.48
CA GLY A 159 -22.21 -9.87 32.41
C GLY A 159 -23.13 -9.10 33.34
N ARG A 160 -23.77 -9.80 34.28
CA ARG A 160 -24.78 -9.17 35.13
C ARG A 160 -24.13 -8.80 36.47
N GLY A 161 -23.42 -7.68 36.48
CA GLY A 161 -22.68 -7.23 37.65
C GLY A 161 -21.37 -6.56 37.27
N GLN A 162 -21.08 -6.53 35.98
CA GLN A 162 -19.89 -5.91 35.43
C GLN A 162 -20.15 -4.43 35.24
N ARG A 163 -19.11 -3.61 35.37
CA ARG A 163 -19.18 -2.21 34.99
C ARG A 163 -18.48 -2.00 33.65
N GLU A 164 -19.20 -1.45 32.68
CA GLU A 164 -18.68 -1.26 31.34
C GLU A 164 -18.86 0.19 30.94
N LEU A 165 -17.77 0.82 30.49
CA LEU A 165 -17.72 2.24 30.20
C LEU A 165 -17.97 2.49 28.72
N ILE A 166 -18.88 3.41 28.41
CA ILE A 166 -19.13 3.82 27.03
C ILE A 166 -18.43 5.15 26.82
N ILE A 167 -17.27 5.12 26.18
CA ILE A 167 -16.42 6.29 26.07
C ILE A 167 -16.33 6.68 24.59
N GLY A 168 -16.32 7.98 24.31
CA GLY A 168 -16.22 8.47 22.96
C GLY A 168 -16.44 9.96 22.92
N ASP A 169 -16.37 10.51 21.72
CA ASP A 169 -16.48 11.94 21.53
C ASP A 169 -17.94 12.38 21.55
N ARG A 170 -18.18 13.63 21.15
CA ARG A 170 -19.54 14.11 20.99
C ARG A 170 -20.14 13.58 19.69
N GLN A 171 -21.45 13.31 19.73
CA GLN A 171 -22.27 12.96 18.56
C GLN A 171 -21.78 11.71 17.84
N THR A 172 -21.66 10.61 18.59
CA THR A 172 -21.27 9.33 18.00
C THR A 172 -22.12 8.17 18.49
N GLY A 173 -23.32 8.42 18.99
CA GLY A 173 -24.19 7.34 19.37
C GLY A 173 -23.85 6.70 20.70
N LYS A 174 -23.51 7.51 21.69
CA LYS A 174 -23.31 6.98 23.04
C LYS A 174 -24.64 6.85 23.77
N THR A 175 -25.54 7.80 23.57
CA THR A 175 -26.87 7.70 24.16
C THR A 175 -27.72 6.64 23.45
N SER A 176 -27.49 6.42 22.15
CA SER A 176 -28.30 5.47 21.42
C SER A 176 -27.94 4.02 21.72
N ILE A 177 -26.69 3.72 22.07
CA ILE A 177 -26.33 2.37 22.51
C ILE A 177 -26.99 2.06 23.85
N ALA A 178 -27.12 3.03 24.73
CA ALA A 178 -27.73 2.82 26.02
C ALA A 178 -29.24 3.07 26.02
N ILE A 179 -29.84 3.27 24.86
CA ILE A 179 -31.29 3.45 24.78
C ILE A 179 -31.98 2.30 24.07
N ASP A 180 -31.27 1.45 23.33
CA ASP A 180 -31.88 0.22 22.85
C ASP A 180 -31.60 -0.96 23.76
N THR A 181 -30.62 -0.84 24.65
CA THR A 181 -30.45 -1.81 25.72
C THR A 181 -31.62 -1.74 26.70
N ILE A 182 -32.28 -0.59 26.81
CA ILE A 182 -33.50 -0.52 27.60
C ILE A 182 -34.67 -1.15 26.83
N ILE A 183 -34.69 -0.99 25.51
CA ILE A 183 -35.78 -1.51 24.68
C ILE A 183 -35.70 -3.02 24.55
N ASN A 184 -34.48 -3.57 24.51
CA ASN A 184 -34.29 -5.00 24.24
C ASN A 184 -34.79 -5.89 25.37
N GLN A 185 -34.83 -5.38 26.60
CA GLN A 185 -35.29 -6.22 27.70
C GLN A 185 -36.81 -6.31 27.81
N LYS A 186 -37.55 -5.95 26.76
CA LYS A 186 -39.00 -6.10 26.80
C LYS A 186 -39.41 -7.55 26.63
N ARG A 187 -38.62 -8.34 25.90
CA ARG A 187 -39.00 -9.72 25.60
C ARG A 187 -38.95 -10.62 26.83
N PHE A 188 -38.13 -10.27 27.83
CA PHE A 188 -38.12 -11.01 29.08
C PHE A 188 -39.08 -10.42 30.10
N ASN A 189 -39.36 -9.13 30.02
CA ASN A 189 -40.12 -8.42 31.04
C ASN A 189 -41.63 -8.59 30.91
N ASP A 190 -42.10 -9.30 29.88
CA ASP A 190 -43.51 -9.64 29.76
C ASP A 190 -43.77 -11.13 29.89
N GLY A 191 -42.73 -11.92 30.14
CA GLY A 191 -42.86 -13.37 30.18
C GLY A 191 -43.04 -13.91 31.59
N THR A 192 -42.58 -15.15 31.78
CA THR A 192 -42.82 -15.90 33.01
C THR A 192 -41.57 -16.16 33.83
N ASP A 193 -40.41 -16.29 33.18
CA ASP A 193 -39.16 -16.64 33.86
C ASP A 193 -38.71 -15.47 34.73
N GLU A 194 -38.86 -15.62 36.04
CA GLU A 194 -38.63 -14.53 36.98
C GLU A 194 -37.15 -14.17 37.13
N LYS A 195 -36.24 -15.12 36.91
CA LYS A 195 -34.83 -14.85 37.08
C LYS A 195 -34.15 -14.39 35.80
N LYS A 196 -34.92 -13.97 34.80
CA LYS A 196 -34.35 -13.41 33.58
C LYS A 196 -34.87 -11.99 33.29
N LYS A 197 -35.71 -11.44 34.16
CA LYS A 197 -36.17 -10.08 33.95
C LYS A 197 -35.07 -9.09 34.30
N LEU A 198 -35.19 -7.88 33.76
CA LEU A 198 -34.22 -6.83 34.02
C LEU A 198 -34.97 -5.52 34.20
N TYR A 199 -34.45 -4.67 35.06
CA TYR A 199 -35.04 -3.36 35.33
C TYR A 199 -34.01 -2.29 35.03
N CYS A 200 -34.43 -1.24 34.33
CA CYS A 200 -33.51 -0.23 33.83
C CYS A 200 -33.81 1.11 34.51
N ILE A 201 -32.75 1.84 34.85
CA ILE A 201 -32.83 3.19 35.38
C ILE A 201 -31.94 4.07 34.51
N TYR A 202 -32.38 5.29 34.23
CA TYR A 202 -31.64 6.21 33.39
C TYR A 202 -31.51 7.56 34.09
N VAL A 203 -30.27 7.99 34.29
CA VAL A 203 -29.96 9.24 34.98
C VAL A 203 -29.41 10.24 33.99
N ALA A 204 -30.10 11.37 33.83
CA ALA A 204 -29.68 12.46 32.97
C ALA A 204 -29.11 13.57 33.84
N ILE A 205 -27.84 13.90 33.62
CA ILE A 205 -27.12 14.87 34.46
C ILE A 205 -26.75 16.06 33.60
N GLY A 206 -27.56 17.11 33.65
CA GLY A 206 -27.22 18.33 32.95
C GLY A 206 -27.49 18.30 31.45
N GLN A 207 -28.71 17.96 31.06
CA GLN A 207 -29.16 18.07 29.68
C GLN A 207 -30.36 18.99 29.65
N LYS A 208 -30.72 19.47 28.45
CA LYS A 208 -31.83 20.39 28.38
C LYS A 208 -33.15 19.63 28.47
N ARG A 209 -34.18 20.34 28.92
CA ARG A 209 -35.46 19.71 29.26
C ARG A 209 -36.15 19.15 28.03
N SER A 210 -35.90 19.73 26.86
CA SER A 210 -36.57 19.28 25.65
C SER A 210 -36.00 17.95 25.17
N THR A 211 -34.74 17.65 25.49
CA THR A 211 -34.15 16.39 25.08
C THR A 211 -34.70 15.22 25.89
N VAL A 212 -34.86 15.42 27.20
CA VAL A 212 -35.46 14.40 28.06
C VAL A 212 -36.93 14.19 27.70
N ALA A 213 -37.60 15.25 27.24
CA ALA A 213 -38.99 15.11 26.84
C ALA A 213 -39.13 14.40 25.50
N GLN A 214 -38.03 14.28 24.76
CA GLN A 214 -38.06 13.52 23.51
C GLN A 214 -37.70 12.06 23.75
N LEU A 215 -37.00 11.78 24.85
CA LEU A 215 -36.50 10.43 25.09
C LEU A 215 -37.52 9.61 25.88
N VAL A 216 -38.34 10.28 26.69
CA VAL A 216 -39.45 9.59 27.34
C VAL A 216 -40.47 9.14 26.31
N LYS A 217 -40.68 9.96 25.28
CA LYS A 217 -41.63 9.62 24.23
C LYS A 217 -41.10 8.50 23.34
N ARG A 218 -39.78 8.38 23.22
CA ARG A 218 -39.22 7.25 22.50
C ARG A 218 -39.39 5.96 23.28
N LEU A 219 -39.33 6.05 24.62
CA LEU A 219 -39.49 4.85 25.44
C LEU A 219 -40.96 4.61 25.76
N THR A 220 -41.82 5.58 25.48
CA THR A 220 -43.26 5.34 25.61
C THR A 220 -43.79 4.64 24.35
N ASP A 221 -43.19 4.95 23.19
CA ASP A 221 -43.62 4.36 21.93
C ASP A 221 -43.32 2.86 21.88
N ALA A 222 -42.15 2.46 22.37
CA ALA A 222 -41.77 1.06 22.37
C ALA A 222 -42.31 0.29 23.57
N ASP A 223 -43.26 0.89 24.31
CA ASP A 223 -43.92 0.29 25.48
C ASP A 223 -42.90 -0.13 26.54
N ALA A 224 -41.87 0.70 26.71
CA ALA A 224 -40.76 0.42 27.61
C ALA A 224 -40.63 1.50 28.68
N MET A 225 -41.76 2.05 29.11
CA MET A 225 -41.79 2.93 30.28
C MET A 225 -42.71 2.39 31.35
N LYS A 226 -42.90 1.08 31.41
CA LYS A 226 -43.60 0.45 32.50
C LYS A 226 -42.66 -0.34 33.39
N TYR A 227 -41.37 -0.37 33.07
CA TYR A 227 -40.36 -0.97 33.94
C TYR A 227 -39.11 -0.10 34.03
N THR A 228 -39.21 1.18 33.68
CA THR A 228 -38.05 2.07 33.66
C THR A 228 -38.34 3.32 34.50
N ILE A 229 -37.32 3.77 35.23
CA ILE A 229 -37.37 5.03 35.97
C ILE A 229 -36.36 5.97 35.35
N VAL A 230 -36.70 7.26 35.29
CA VAL A 230 -35.80 8.29 34.77
C VAL A 230 -35.61 9.37 35.82
N VAL A 231 -34.37 9.62 36.18
CA VAL A 231 -34.00 10.63 37.17
C VAL A 231 -33.36 11.80 36.43
N SER A 232 -34.02 12.95 36.46
CA SER A 232 -33.62 14.08 35.64
C SER A 232 -33.17 15.22 36.53
N ALA A 233 -31.87 15.52 36.49
CA ALA A 233 -31.31 16.75 37.02
C ALA A 233 -30.75 17.52 35.83
N THR A 234 -31.49 18.53 35.38
CA THR A 234 -31.23 19.17 34.11
C THR A 234 -30.19 20.28 34.25
N ALA A 235 -30.03 21.06 33.19
CA ALA A 235 -28.99 22.08 33.16
C ALA A 235 -29.39 23.30 33.98
N SER A 236 -30.68 23.64 33.98
CA SER A 236 -31.13 24.82 34.71
C SER A 236 -31.13 24.64 36.22
N ASP A 237 -31.24 23.40 36.69
CA ASP A 237 -31.28 23.13 38.12
C ASP A 237 -29.92 23.38 38.75
N ALA A 238 -29.93 23.58 40.07
CA ALA A 238 -28.77 24.09 40.79
C ALA A 238 -27.61 23.12 40.77
N ALA A 239 -26.42 23.65 41.02
CA ALA A 239 -25.16 22.93 41.06
C ALA A 239 -25.07 21.73 42.00
N PRO A 240 -25.70 21.69 43.19
CA PRO A 240 -25.63 20.45 43.98
C PRO A 240 -26.65 19.39 43.57
N LEU A 241 -27.69 19.76 42.83
CA LEU A 241 -28.67 18.76 42.40
C LEU A 241 -28.11 17.92 41.25
N GLN A 242 -27.05 18.38 40.60
CA GLN A 242 -26.36 17.54 39.63
C GLN A 242 -25.24 16.75 40.31
N TYR A 243 -25.15 16.85 41.64
CA TYR A 243 -24.17 16.04 42.37
C TYR A 243 -24.86 14.89 43.09
N LEU A 244 -26.08 15.11 43.58
CA LEU A 244 -26.83 14.07 44.27
C LEU A 244 -27.40 13.04 43.30
N ALA A 245 -27.67 13.47 42.07
CA ALA A 245 -28.46 12.65 41.15
C ALA A 245 -27.79 11.35 40.70
N PRO A 246 -26.45 11.24 40.61
CA PRO A 246 -25.90 9.87 40.50
C PRO A 246 -26.09 9.03 41.76
N TYR A 247 -26.06 9.63 42.93
CA TYR A 247 -26.21 8.85 44.16
C TYR A 247 -27.68 8.68 44.52
N SER A 248 -28.58 9.30 43.76
CA SER A 248 -30.00 9.11 43.99
C SER A 248 -30.57 8.05 43.06
N GLY A 249 -29.72 7.44 42.25
CA GLY A 249 -30.16 6.40 41.35
C GLY A 249 -29.68 5.03 41.76
N CYS A 250 -28.46 4.95 42.32
CA CYS A 250 -27.97 3.71 42.88
C CYS A 250 -28.78 3.29 44.09
N SER A 251 -29.36 4.25 44.81
CA SER A 251 -30.20 3.92 45.95
C SER A 251 -31.56 3.40 45.49
N MET A 252 -31.92 3.62 44.23
CA MET A 252 -33.11 2.98 43.68
C MET A 252 -32.75 1.71 42.93
N GLY A 253 -31.46 1.54 42.62
CA GLY A 253 -31.03 0.31 41.99
C GLY A 253 -30.45 -0.67 42.98
N GLU A 254 -30.46 -0.31 44.26
CA GLU A 254 -30.01 -1.24 45.29
C GLU A 254 -31.18 -1.85 46.03
N TYR A 255 -32.38 -1.31 45.82
CA TYR A 255 -33.56 -1.96 46.37
C TYR A 255 -33.92 -3.20 45.56
N PHE A 256 -33.54 -3.23 44.29
CA PHE A 256 -33.77 -4.41 43.50
C PHE A 256 -32.64 -5.43 43.68
N ARG A 257 -31.47 -4.96 44.10
CA ARG A 257 -30.38 -5.90 44.38
C ARG A 257 -30.56 -6.53 45.75
N ASP A 258 -31.16 -5.79 46.69
CA ASP A 258 -31.30 -6.31 48.05
C ASP A 258 -32.41 -7.34 48.14
N ASN A 259 -33.36 -7.31 47.20
CA ASN A 259 -34.51 -8.19 47.23
C ASN A 259 -34.51 -9.25 46.13
N GLY A 260 -33.34 -9.78 45.78
CA GLY A 260 -33.27 -10.93 44.90
C GLY A 260 -33.56 -10.68 43.44
N LYS A 261 -33.76 -9.42 43.04
CA LYS A 261 -34.08 -9.09 41.67
C LYS A 261 -32.82 -8.61 40.94
N HIS A 262 -32.99 -8.23 39.68
CA HIS A 262 -31.89 -7.78 38.84
C HIS A 262 -32.16 -6.35 38.39
N ALA A 263 -31.11 -5.63 38.03
CA ALA A 263 -31.24 -4.22 37.69
C ALA A 263 -30.18 -3.80 36.68
N LEU A 264 -30.34 -2.57 36.19
CA LEU A 264 -29.42 -1.92 35.25
C LEU A 264 -29.52 -0.43 35.49
N ILE A 265 -28.39 0.29 35.39
CA ILE A 265 -28.36 1.73 35.58
C ILE A 265 -27.43 2.34 34.56
N ILE A 266 -27.76 3.55 34.09
CA ILE A 266 -27.00 4.26 33.06
C ILE A 266 -26.83 5.69 33.52
N TYR A 267 -25.58 6.13 33.66
CA TYR A 267 -25.23 7.49 34.05
C TYR A 267 -24.91 8.27 32.78
N ASP A 268 -25.75 9.24 32.47
CA ASP A 268 -25.61 10.01 31.23
C ASP A 268 -25.60 11.50 31.56
N ASP A 269 -24.41 12.06 31.81
CA ASP A 269 -23.13 11.37 31.81
C ASP A 269 -22.26 11.82 32.99
N LEU A 270 -21.24 11.01 33.31
CA LEU A 270 -20.46 11.21 34.52
C LEU A 270 -19.45 12.33 34.37
N SER A 271 -19.19 12.78 33.15
CA SER A 271 -18.25 13.88 32.97
C SER A 271 -18.89 15.24 33.22
N LYS A 272 -20.18 15.29 33.50
CA LYS A 272 -20.87 16.51 33.92
C LYS A 272 -21.20 16.50 35.41
N GLN A 273 -20.75 15.48 36.13
CA GLN A 273 -20.84 15.47 37.59
C GLN A 273 -19.56 15.98 38.23
N ALA A 274 -18.40 15.68 37.63
CA ALA A 274 -17.14 16.22 38.08
C ALA A 274 -17.03 17.72 37.85
N VAL A 275 -17.81 18.27 36.93
CA VAL A 275 -17.83 19.72 36.70
C VAL A 275 -18.80 20.42 37.66
N ALA A 276 -19.95 19.82 37.93
CA ALA A 276 -20.88 20.39 38.89
C ALA A 276 -20.41 20.27 40.33
N TYR A 277 -19.41 19.43 40.58
CA TYR A 277 -18.79 19.31 41.90
C TYR A 277 -17.56 20.19 42.06
N ARG A 278 -16.87 20.49 40.96
CA ARG A 278 -15.75 21.42 41.01
C ARG A 278 -16.19 22.83 41.35
N GLN A 279 -17.36 23.24 40.83
CA GLN A 279 -17.90 24.57 41.14
C GLN A 279 -18.24 24.69 42.61
N MET A 280 -18.79 23.64 43.21
CA MET A 280 -19.08 23.66 44.63
C MET A 280 -17.84 23.70 45.50
N SER A 281 -16.74 23.09 45.04
CA SER A 281 -15.50 23.10 45.80
C SER A 281 -14.86 24.49 45.81
N LEU A 282 -14.63 25.08 44.64
CA LEU A 282 -13.91 26.35 44.54
C LEU A 282 -14.70 27.53 45.08
N LEU A 283 -16.00 27.38 45.32
CA LEU A 283 -16.76 28.41 46.00
C LEU A 283 -16.77 28.22 47.51
N LEU A 284 -16.36 27.05 47.99
CA LEU A 284 -16.20 26.79 49.42
C LEU A 284 -14.75 26.94 49.86
N ARG A 285 -13.88 27.41 48.97
CA ARG A 285 -12.45 27.66 49.21
C ARG A 285 -11.74 26.38 49.67
N ARG A 286 -11.72 25.41 48.76
CA ARG A 286 -10.95 24.20 49.00
C ARG A 286 -9.70 24.22 48.12
N PRO A 287 -8.62 23.56 48.54
CA PRO A 287 -7.37 23.60 47.77
C PRO A 287 -7.52 22.88 46.43
N PRO A 288 -7.23 23.57 45.32
CA PRO A 288 -7.38 22.97 44.00
C PRO A 288 -6.26 21.99 43.68
N GLY A 289 -6.34 21.42 42.49
CA GLY A 289 -5.35 20.47 42.01
C GLY A 289 -5.26 20.54 40.50
N ARG A 290 -5.05 19.41 39.85
CA ARG A 290 -4.88 19.38 38.41
C ARG A 290 -6.20 19.71 37.71
N GLU A 291 -6.14 20.70 36.81
CA GLU A 291 -7.29 21.27 36.10
C GLU A 291 -8.37 21.78 37.05
N ALA A 292 -7.93 22.35 38.17
CA ALA A 292 -8.75 22.96 39.23
C ALA A 292 -9.76 22.00 39.84
N TYR A 293 -9.55 20.69 39.72
CA TYR A 293 -10.36 19.73 40.42
C TYR A 293 -9.82 19.54 41.84
N PRO A 294 -10.68 19.25 42.82
CA PRO A 294 -10.19 19.03 44.18
C PRO A 294 -9.39 17.74 44.33
N GLY A 295 -8.88 17.48 45.53
CA GLY A 295 -8.06 16.29 45.74
C GLY A 295 -8.82 14.99 45.82
N ASP A 296 -10.15 15.04 45.95
CA ASP A 296 -10.96 13.86 46.12
C ASP A 296 -11.99 13.67 45.01
N VAL A 297 -11.58 13.80 43.75
CA VAL A 297 -12.50 13.48 42.67
C VAL A 297 -12.40 12.00 42.31
N PHE A 298 -11.30 11.35 42.71
CA PHE A 298 -11.22 9.89 42.58
C PHE A 298 -12.13 9.23 43.61
N TYR A 299 -12.24 9.83 44.79
CA TYR A 299 -13.09 9.27 45.83
C TYR A 299 -14.57 9.57 45.56
N LEU A 300 -14.84 10.43 44.60
CA LEU A 300 -16.22 10.75 44.23
C LEU A 300 -16.79 9.69 43.29
N HIS A 301 -15.95 9.16 42.39
CA HIS A 301 -16.45 8.23 41.39
C HIS A 301 -16.25 6.80 41.80
N SER A 302 -15.28 6.54 42.68
CA SER A 302 -15.02 5.17 43.10
C SER A 302 -16.14 4.64 43.97
N ARG A 303 -16.62 5.43 44.93
CA ARG A 303 -17.65 4.92 45.83
C ARG A 303 -19.05 4.97 45.20
N LEU A 304 -19.14 5.33 43.92
CA LEU A 304 -20.40 5.23 43.21
C LEU A 304 -20.43 4.00 42.33
N LEU A 305 -19.28 3.62 41.77
CA LEU A 305 -19.24 2.48 40.87
C LEU A 305 -19.00 1.19 41.64
N GLU A 306 -18.46 1.26 42.85
CA GLU A 306 -18.23 0.05 43.63
C GLU A 306 -19.52 -0.48 44.25
N ARG A 307 -20.62 0.26 44.11
CA ARG A 307 -21.90 -0.21 44.62
C ARG A 307 -22.55 -1.20 43.66
N ALA A 308 -21.99 -1.36 42.47
CA ALA A 308 -22.45 -2.39 41.55
C ALA A 308 -21.80 -3.73 41.88
N ALA A 309 -22.62 -4.72 42.23
CA ALA A 309 -22.08 -5.98 42.71
C ALA A 309 -22.99 -7.13 42.31
N LYS A 310 -22.40 -8.32 42.21
CA LYS A 310 -23.12 -9.56 41.98
C LYS A 310 -23.21 -10.30 43.31
N MET A 311 -24.37 -10.26 43.94
CA MET A 311 -24.53 -10.91 45.23
C MET A 311 -24.63 -12.42 45.05
N ASN A 312 -24.47 -13.14 46.16
CA ASN A 312 -24.48 -14.60 46.17
C ASN A 312 -25.83 -15.10 46.66
N ASP A 313 -25.95 -16.42 46.78
CA ASP A 313 -27.24 -17.04 47.05
C ASP A 313 -27.66 -16.92 48.52
N ALA A 314 -26.70 -16.76 49.42
CA ALA A 314 -27.02 -16.63 50.83
C ALA A 314 -27.63 -15.27 51.17
N PHE A 315 -27.45 -14.27 50.31
CA PHE A 315 -28.01 -12.95 50.52
C PHE A 315 -29.19 -12.64 49.61
N GLY A 316 -29.45 -13.49 48.61
CA GLY A 316 -30.58 -13.28 47.74
C GLY A 316 -30.31 -13.58 46.28
N GLY A 317 -29.08 -13.42 45.84
CA GLY A 317 -28.75 -13.64 44.45
C GLY A 317 -28.99 -12.46 43.54
N GLY A 318 -29.12 -11.26 44.09
CA GLY A 318 -29.38 -10.09 43.29
C GLY A 318 -28.15 -9.63 42.50
N SER A 319 -28.31 -8.50 41.83
CA SER A 319 -27.26 -7.96 40.96
C SER A 319 -27.52 -6.48 40.73
N LEU A 320 -26.51 -5.81 40.18
CA LEU A 320 -26.62 -4.43 39.76
C LEU A 320 -25.54 -4.20 38.70
N THR A 321 -25.96 -3.72 37.54
CA THR A 321 -25.07 -3.50 36.41
C THR A 321 -25.01 -2.01 36.11
N ALA A 322 -23.81 -1.50 35.87
CA ALA A 322 -23.60 -0.07 35.76
C ALA A 322 -22.90 0.27 34.46
N LEU A 323 -23.50 1.16 33.68
CA LEU A 323 -22.95 1.64 32.43
C LEU A 323 -22.77 3.15 32.48
N PRO A 324 -21.56 3.64 32.76
CA PRO A 324 -21.35 5.10 32.74
C PRO A 324 -20.93 5.62 31.38
N VAL A 325 -21.38 6.81 31.02
CA VAL A 325 -21.01 7.45 29.76
C VAL A 325 -20.00 8.54 30.06
N ILE A 326 -18.95 8.63 29.26
CA ILE A 326 -17.89 9.60 29.44
C ILE A 326 -17.57 10.21 28.09
N GLU A 327 -17.58 11.55 28.02
CA GLU A 327 -17.30 12.30 26.80
C GLU A 327 -15.86 12.77 26.81
N THR A 328 -15.07 12.31 25.86
CA THR A 328 -13.73 12.83 25.73
C THR A 328 -13.73 14.08 24.86
N GLN A 329 -12.59 14.75 24.81
CA GLN A 329 -12.38 15.93 23.97
C GLN A 329 -11.24 15.64 23.02
N ALA A 330 -11.55 15.62 21.72
CA ALA A 330 -10.62 15.31 20.62
C ALA A 330 -9.99 13.92 20.77
N GLY A 331 -10.71 13.00 21.38
CA GLY A 331 -10.24 11.63 21.51
C GLY A 331 -9.05 11.45 22.42
N ASP A 332 -8.88 12.32 23.41
CA ASP A 332 -7.78 12.24 24.37
C ASP A 332 -8.34 11.62 25.65
N VAL A 333 -8.10 10.32 25.83
CA VAL A 333 -8.51 9.63 27.04
C VAL A 333 -7.52 9.79 28.18
N SER A 334 -6.40 10.49 27.96
CA SER A 334 -5.38 10.67 28.97
C SER A 334 -5.56 11.96 29.76
N ALA A 335 -6.80 12.45 29.84
CA ALA A 335 -7.12 13.61 30.65
C ALA A 335 -7.27 13.19 32.10
N TYR A 336 -7.82 14.07 32.93
CA TYR A 336 -7.93 13.75 34.35
C TYR A 336 -9.09 12.78 34.62
N ILE A 337 -10.30 13.18 34.26
CA ILE A 337 -11.50 12.37 34.51
C ILE A 337 -11.58 11.17 33.57
N PRO A 338 -11.19 11.24 32.25
CA PRO A 338 -11.11 9.98 31.48
C PRO A 338 -10.06 8.97 31.93
N THR A 339 -9.17 9.29 32.86
CA THR A 339 -8.29 8.28 33.43
C THR A 339 -8.69 7.81 34.81
N ASN A 340 -9.51 8.57 35.52
CA ASN A 340 -10.06 8.08 36.77
C ASN A 340 -11.04 6.94 36.52
N VAL A 341 -12.00 7.15 35.62
CA VAL A 341 -13.08 6.19 35.46
C VAL A 341 -12.64 5.00 34.62
N ILE A 342 -11.55 5.13 33.86
CA ILE A 342 -11.02 3.99 33.14
C ILE A 342 -10.38 2.99 34.09
N SER A 343 -9.65 3.48 35.10
CA SER A 343 -8.96 2.59 36.01
C SER A 343 -9.87 2.00 37.07
N ILE A 344 -11.09 2.52 37.25
CA ILE A 344 -12.06 1.94 38.14
C ILE A 344 -12.81 0.78 37.51
N THR A 345 -13.37 0.99 36.32
CA THR A 345 -14.27 0.01 35.71
C THR A 345 -13.47 -1.12 35.06
N ASP A 346 -14.18 -1.96 34.31
CA ASP A 346 -13.66 -3.21 33.78
C ASP A 346 -13.24 -3.12 32.32
N GLY A 347 -14.11 -2.64 31.45
CA GLY A 347 -13.77 -2.51 30.04
C GLY A 347 -14.49 -1.33 29.42
N GLN A 348 -14.00 -0.91 28.27
CA GLN A 348 -14.53 0.27 27.60
C GLN A 348 -15.08 -0.11 26.23
N ILE A 349 -16.06 0.66 25.76
CA ILE A 349 -16.54 0.58 24.38
C ILE A 349 -16.21 1.90 23.71
N PHE A 350 -15.31 1.89 22.74
CA PHE A 350 -14.74 3.11 22.21
C PHE A 350 -15.34 3.43 20.84
N LEU A 351 -16.29 4.36 20.81
CA LEU A 351 -16.97 4.77 19.59
C LEU A 351 -16.20 5.93 18.96
N GLU A 352 -15.71 5.72 17.75
CA GLU A 352 -14.94 6.74 17.03
C GLU A 352 -15.87 7.55 16.13
N THR A 353 -15.34 8.64 15.58
CA THR A 353 -16.12 9.49 14.69
C THR A 353 -15.76 9.23 13.23
N GLU A 354 -14.55 8.70 13.01
CA GLU A 354 -14.12 8.37 11.65
C GLU A 354 -14.91 7.21 11.07
N LEU A 355 -15.19 6.19 11.88
CA LEU A 355 -15.93 5.03 11.39
C LEU A 355 -17.42 5.35 11.23
N PHE A 356 -17.90 6.41 11.87
CA PHE A 356 -19.32 6.75 11.79
C PHE A 356 -19.67 7.27 10.41
N TYR A 357 -18.74 7.93 9.74
CA TYR A 357 -18.98 8.50 8.42
C TYR A 357 -18.48 7.60 7.29
N LYS A 358 -17.68 6.59 7.60
CA LYS A 358 -17.27 5.59 6.63
C LYS A 358 -18.31 4.49 6.43
N GLY A 359 -19.43 4.57 7.14
CA GLY A 359 -20.51 3.63 6.96
C GLY A 359 -20.72 2.65 8.09
N ILE A 360 -19.78 2.53 9.01
CA ILE A 360 -19.87 1.59 10.11
C ILE A 360 -20.73 2.20 11.20
N ARG A 361 -21.97 1.74 11.30
CA ARG A 361 -22.90 2.24 12.30
C ARG A 361 -23.63 1.05 12.93
N PRO A 362 -23.51 0.84 14.26
CA PRO A 362 -22.78 1.51 15.35
C PRO A 362 -21.28 1.44 15.23
N ALA A 363 -20.61 2.55 15.50
CA ALA A 363 -19.20 2.73 15.15
C ALA A 363 -18.31 2.26 16.28
N ILE A 364 -18.43 0.99 16.65
CA ILE A 364 -17.64 0.43 17.74
C ILE A 364 -16.29 0.01 17.18
N ASN A 365 -15.23 0.54 17.76
CA ASN A 365 -13.88 0.09 17.43
C ASN A 365 -13.58 -1.12 18.30
N VAL A 366 -13.36 -2.27 17.66
CA VAL A 366 -13.10 -3.50 18.41
C VAL A 366 -11.60 -3.71 18.55
N GLY A 367 -10.80 -2.76 18.06
CA GLY A 367 -9.37 -2.85 18.29
C GLY A 367 -8.97 -2.36 19.67
N LEU A 368 -9.75 -1.43 20.23
CA LEU A 368 -9.43 -0.83 21.51
C LEU A 368 -10.44 -1.16 22.60
N SER A 369 -11.52 -1.86 22.27
CA SER A 369 -12.56 -2.22 23.23
C SER A 369 -12.22 -3.56 23.85
N VAL A 370 -12.29 -3.63 25.18
CA VAL A 370 -12.00 -4.86 25.91
C VAL A 370 -13.07 -5.09 26.95
N SER A 371 -13.06 -6.29 27.53
CA SER A 371 -13.91 -6.67 28.65
C SER A 371 -13.18 -7.73 29.44
N ARG A 372 -13.01 -7.51 30.74
CA ARG A 372 -12.13 -8.39 31.51
C ARG A 372 -12.91 -9.41 32.33
N VAL A 373 -14.22 -9.52 32.12
CA VAL A 373 -14.89 -10.75 32.52
C VAL A 373 -14.71 -11.80 31.44
N GLY A 374 -14.34 -11.37 30.24
CA GLY A 374 -13.99 -12.26 29.16
C GLY A 374 -15.18 -12.98 28.57
N SER A 375 -14.93 -14.23 28.17
CA SER A 375 -15.94 -15.10 27.58
C SER A 375 -16.80 -15.82 28.60
N ALA A 376 -16.63 -15.52 29.90
CA ALA A 376 -17.40 -16.20 30.93
C ALA A 376 -18.79 -15.61 31.13
N ALA A 377 -19.21 -14.68 30.28
CA ALA A 377 -20.56 -14.11 30.34
C ALA A 377 -21.34 -14.35 29.07
N GLN A 378 -20.80 -15.13 28.14
CA GLN A 378 -21.48 -15.50 26.92
C GLN A 378 -22.18 -16.84 27.11
N THR A 379 -23.29 -17.03 26.40
CA THR A 379 -23.92 -18.34 26.37
C THR A 379 -23.09 -19.31 25.55
N ARG A 380 -23.41 -20.61 25.67
CA ARG A 380 -22.65 -21.64 24.98
C ARG A 380 -22.82 -21.58 23.47
N ALA A 381 -23.95 -21.10 22.98
CA ALA A 381 -24.16 -20.98 21.54
C ALA A 381 -23.33 -19.84 20.97
N MET A 382 -23.37 -18.67 21.61
CA MET A 382 -22.66 -17.50 21.11
C MET A 382 -21.15 -17.66 21.27
N LYS A 383 -20.71 -18.42 22.28
CA LYS A 383 -19.29 -18.55 22.54
C LYS A 383 -18.59 -19.37 21.47
N GLN A 384 -19.31 -20.30 20.84
CA GLN A 384 -18.67 -21.25 19.94
C GLN A 384 -18.33 -20.61 18.61
N VAL A 385 -19.23 -19.75 18.10
CA VAL A 385 -19.01 -19.16 16.78
C VAL A 385 -18.18 -17.88 16.88
N ALA A 386 -18.34 -17.13 17.97
CA ALA A 386 -17.69 -15.82 18.05
C ALA A 386 -16.23 -15.95 18.48
N GLY A 387 -15.83 -17.14 18.95
CA GLY A 387 -14.44 -17.33 19.30
C GLY A 387 -13.54 -17.38 18.08
N THR A 388 -14.10 -17.80 16.95
CA THR A 388 -13.34 -17.80 15.71
C THR A 388 -13.48 -16.48 14.98
N MET A 389 -14.65 -15.83 15.14
CA MET A 389 -14.89 -14.52 14.54
C MET A 389 -13.96 -13.46 15.11
N LYS A 390 -13.74 -13.51 16.43
CA LYS A 390 -12.80 -12.60 17.09
C LYS A 390 -11.37 -12.83 16.59
N LEU A 391 -11.02 -14.08 16.30
CA LEU A 391 -9.71 -14.37 15.74
C LEU A 391 -9.67 -14.01 14.26
N GLU A 392 -10.80 -14.13 13.56
CA GLU A 392 -10.83 -13.82 12.13
C GLU A 392 -10.76 -12.32 11.88
N LEU A 393 -11.48 -11.54 12.69
CA LEU A 393 -11.46 -10.08 12.54
C LEU A 393 -10.11 -9.50 12.94
N ALA A 394 -9.45 -10.11 13.93
CA ALA A 394 -8.17 -9.59 14.39
C ALA A 394 -7.06 -9.86 13.38
N GLN A 395 -7.23 -10.87 12.53
CA GLN A 395 -6.26 -11.08 11.46
C GLN A 395 -6.52 -10.13 10.30
N TYR A 396 -7.75 -9.62 10.19
CA TYR A 396 -8.07 -8.67 9.14
C TYR A 396 -7.50 -7.29 9.44
N ARG A 397 -7.53 -6.88 10.72
CA ARG A 397 -7.09 -5.54 11.09
C ARG A 397 -5.58 -5.40 10.97
N GLU A 398 -4.87 -6.52 10.94
CA GLU A 398 -3.45 -6.48 10.64
C GLU A 398 -3.21 -6.10 9.18
N VAL A 399 -4.05 -6.57 8.28
CA VAL A 399 -3.84 -6.39 6.85
C VAL A 399 -4.85 -5.42 6.25
N ALA A 400 -5.37 -4.48 7.03
CA ALA A 400 -6.30 -3.50 6.48
C ALA A 400 -5.59 -2.45 5.65
N ALA A 401 -4.29 -2.25 5.87
CA ALA A 401 -3.53 -1.24 5.16
C ALA A 401 -3.06 -1.68 3.79
N PHE A 402 -3.35 -2.91 3.37
CA PHE A 402 -3.01 -3.39 2.04
C PHE A 402 -4.20 -3.37 1.08
N ALA A 403 -5.37 -2.93 1.55
CA ALA A 403 -6.57 -3.00 0.74
C ALA A 403 -6.62 -1.93 -0.34
N GLN A 404 -6.00 -0.77 -0.10
CA GLN A 404 -6.13 0.36 -1.02
C GLN A 404 -5.38 0.10 -2.32
N PHE A 405 -4.21 -0.51 -2.24
CA PHE A 405 -3.52 -1.00 -3.44
C PHE A 405 -3.06 -2.44 -3.16
N GLY A 406 -3.98 -3.37 -3.35
CA GLY A 406 -3.61 -4.77 -3.32
C GLY A 406 -4.28 -5.61 -4.39
N SER A 407 -3.47 -6.11 -5.33
CA SER A 407 -3.86 -7.21 -6.19
C SER A 407 -2.74 -8.22 -6.39
N ASP A 408 -1.51 -7.86 -6.07
CA ASP A 408 -0.35 -8.72 -6.18
C ASP A 408 0.04 -9.29 -4.82
N LEU A 409 -0.87 -10.07 -4.23
CA LEU A 409 -0.64 -10.66 -2.93
C LEU A 409 -1.00 -12.14 -2.99
N ASP A 410 -0.73 -12.84 -1.89
CA ASP A 410 -0.99 -14.27 -1.82
C ASP A 410 -2.48 -14.53 -1.65
N ALA A 411 -2.89 -15.73 -2.08
CA ALA A 411 -4.31 -16.08 -2.09
C ALA A 411 -4.86 -16.25 -0.68
N ALA A 412 -3.98 -16.51 0.30
CA ALA A 412 -4.42 -16.47 1.69
C ALA A 412 -4.70 -15.05 2.14
N THR A 413 -3.86 -14.10 1.69
CA THR A 413 -4.07 -12.70 2.06
C THR A 413 -5.29 -12.12 1.35
N GLN A 414 -5.54 -12.56 0.12
CA GLN A 414 -6.76 -12.15 -0.57
C GLN A 414 -7.99 -12.76 0.10
N GLN A 415 -7.83 -13.94 0.69
CA GLN A 415 -8.92 -14.56 1.44
C GLN A 415 -9.17 -13.84 2.76
N LEU A 416 -8.09 -13.41 3.42
CA LEU A 416 -8.22 -12.73 4.70
C LEU A 416 -8.89 -11.37 4.55
N LEU A 417 -8.66 -10.72 3.41
CA LEU A 417 -9.41 -9.51 3.11
C LEU A 417 -10.86 -9.81 2.75
N SER A 418 -11.10 -10.97 2.12
CA SER A 418 -12.43 -11.28 1.63
C SER A 418 -13.38 -11.63 2.76
N ARG A 419 -12.86 -12.22 3.84
CA ARG A 419 -13.72 -12.56 4.97
C ARG A 419 -13.89 -11.37 5.91
N GLY A 420 -12.91 -10.48 5.94
CA GLY A 420 -12.97 -9.36 6.87
C GLY A 420 -13.98 -8.31 6.46
N VAL A 421 -14.15 -8.11 5.15
CA VAL A 421 -15.14 -7.14 4.67
C VAL A 421 -16.55 -7.69 4.90
N ARG A 422 -16.74 -9.00 4.70
CA ARG A 422 -18.07 -9.56 4.77
C ARG A 422 -18.50 -9.81 6.21
N LEU A 423 -17.54 -9.97 7.12
CA LEU A 423 -17.89 -10.05 8.53
C LEU A 423 -18.24 -8.68 9.08
N THR A 424 -17.70 -7.62 8.47
CA THR A 424 -18.01 -6.27 8.91
C THR A 424 -19.45 -5.90 8.59
N GLU A 425 -19.95 -6.33 7.43
CA GLU A 425 -21.31 -5.98 7.03
C GLU A 425 -22.35 -6.68 7.89
N LEU A 426 -21.97 -7.78 8.55
CA LEU A 426 -22.87 -8.42 9.49
C LEU A 426 -22.97 -7.62 10.79
N LEU A 427 -21.99 -6.76 11.05
CA LEU A 427 -21.93 -6.08 12.34
C LEU A 427 -22.70 -4.76 12.31
N LYS A 428 -22.98 -4.24 11.12
CA LYS A 428 -23.75 -3.01 11.00
C LYS A 428 -25.21 -3.27 11.35
N GLN A 429 -25.86 -2.24 11.90
CA GLN A 429 -27.20 -2.44 12.46
C GLN A 429 -27.91 -1.10 12.54
N GLY A 430 -29.16 -1.07 12.12
CA GLY A 430 -29.94 0.14 12.21
C GLY A 430 -30.33 0.47 13.63
N GLN A 431 -30.84 1.69 13.81
CA GLN A 431 -31.20 2.18 15.13
C GLN A 431 -32.58 1.66 15.53
N TYR A 432 -32.73 1.40 16.83
CA TYR A 432 -33.96 0.91 17.48
C TYR A 432 -34.42 -0.44 16.92
N ALA A 433 -33.48 -1.29 16.52
CA ALA A 433 -33.77 -2.66 16.11
C ALA A 433 -32.87 -3.62 16.88
N PRO A 434 -33.24 -3.97 18.12
CA PRO A 434 -32.44 -4.95 18.85
C PRO A 434 -32.87 -6.38 18.57
N MET A 435 -31.90 -7.28 18.42
CA MET A 435 -32.19 -8.63 17.98
C MET A 435 -32.23 -9.60 19.16
N ALA A 436 -32.40 -10.88 18.84
CA ALA A 436 -32.36 -11.94 19.84
C ALA A 436 -31.06 -12.71 19.69
N ILE A 437 -30.66 -13.40 20.75
CA ILE A 437 -29.39 -14.12 20.75
C ILE A 437 -29.47 -15.34 19.83
N GLU A 438 -30.65 -15.94 19.69
CA GLU A 438 -30.80 -17.08 18.79
C GLU A 438 -30.79 -16.65 17.34
N GLU A 439 -31.25 -15.44 17.05
CA GLU A 439 -31.13 -14.92 15.69
C GLU A 439 -29.74 -14.37 15.43
N GLN A 440 -29.05 -13.92 16.49
CA GLN A 440 -27.71 -13.40 16.33
C GLN A 440 -26.72 -14.50 16.01
N VAL A 441 -26.89 -15.68 16.62
CA VAL A 441 -25.92 -16.76 16.43
C VAL A 441 -26.10 -17.38 15.04
N ALA A 442 -27.30 -17.28 14.46
CA ALA A 442 -27.53 -17.85 13.14
C ALA A 442 -26.86 -17.03 12.05
N VAL A 443 -26.89 -15.70 12.19
CA VAL A 443 -26.29 -14.82 11.19
C VAL A 443 -24.77 -14.91 11.24
N ILE A 444 -24.21 -15.04 12.43
CA ILE A 444 -22.76 -15.23 12.57
C ILE A 444 -22.34 -16.59 12.03
N TYR A 445 -23.19 -17.62 12.24
CA TYR A 445 -22.90 -18.96 11.72
C TYR A 445 -22.93 -18.99 10.20
N ALA A 446 -23.73 -18.12 9.58
CA ALA A 446 -23.75 -18.05 8.13
C ALA A 446 -22.47 -17.44 7.58
N GLY A 447 -21.79 -16.63 8.39
CA GLY A 447 -20.63 -15.90 7.87
C GLY A 447 -19.31 -16.57 8.20
N VAL A 448 -19.18 -17.11 9.41
CA VAL A 448 -17.87 -17.61 9.84
C VAL A 448 -17.56 -18.96 9.24
N ARG A 449 -18.56 -19.66 8.71
CA ARG A 449 -18.31 -20.98 8.12
C ARG A 449 -17.70 -20.86 6.74
N GLY A 450 -18.18 -19.91 5.94
CA GLY A 450 -17.64 -19.73 4.61
C GLY A 450 -18.71 -19.67 3.55
N TYR A 451 -19.96 -19.47 3.99
CA TYR A 451 -21.11 -19.47 3.10
C TYR A 451 -21.36 -18.13 2.43
N LEU A 452 -20.40 -17.20 2.49
CA LEU A 452 -20.62 -15.88 1.92
C LEU A 452 -19.49 -15.37 1.05
N ASP A 453 -18.42 -16.14 0.83
CA ASP A 453 -17.26 -15.63 0.11
C ASP A 453 -17.49 -15.51 -1.40
N LYS A 454 -18.64 -15.93 -1.92
CA LYS A 454 -18.98 -15.74 -3.32
C LYS A 454 -20.05 -14.69 -3.53
N LEU A 455 -20.81 -14.34 -2.49
CA LEU A 455 -21.76 -13.25 -2.59
C LEU A 455 -21.02 -11.91 -2.62
N GLU A 456 -21.55 -10.98 -3.40
CA GLU A 456 -20.95 -9.67 -3.61
C GLU A 456 -21.03 -8.85 -2.32
N PRO A 457 -19.97 -8.10 -1.98
CA PRO A 457 -19.92 -7.40 -0.69
C PRO A 457 -20.99 -6.34 -0.47
N SER A 458 -21.63 -5.85 -1.53
CA SER A 458 -22.72 -4.89 -1.35
C SER A 458 -24.04 -5.57 -1.01
N LYS A 459 -24.15 -6.88 -1.22
CA LYS A 459 -25.44 -7.56 -1.04
C LYS A 459 -25.57 -8.21 0.32
N ILE A 460 -24.58 -8.03 1.20
CA ILE A 460 -24.57 -8.76 2.47
C ILE A 460 -25.63 -8.22 3.42
N THR A 461 -26.04 -6.96 3.21
CA THR A 461 -27.11 -6.41 4.02
C THR A 461 -28.48 -6.89 3.52
N LYS A 462 -28.68 -6.92 2.21
CA LYS A 462 -29.94 -7.35 1.64
C LYS A 462 -30.16 -8.85 1.84
N PHE A 463 -29.06 -9.63 1.82
CA PHE A 463 -29.16 -11.06 2.08
C PHE A 463 -29.56 -11.33 3.52
N GLU A 464 -29.12 -10.48 4.44
CA GLU A 464 -29.34 -10.74 5.87
C GLU A 464 -30.77 -10.43 6.28
N ASN A 465 -31.34 -9.34 5.74
CA ASN A 465 -32.72 -9.01 6.06
C ASN A 465 -33.69 -9.98 5.41
N ALA A 466 -33.30 -10.54 4.27
CA ALA A 466 -34.12 -11.59 3.65
C ALA A 466 -34.05 -12.88 4.44
N PHE A 467 -32.86 -13.23 4.94
CA PHE A 467 -32.67 -14.52 5.58
C PHE A 467 -33.29 -14.55 6.97
N LEU A 468 -33.33 -13.41 7.65
CA LEU A 468 -33.86 -13.38 9.01
C LEU A 468 -35.37 -13.50 9.02
N SER A 469 -36.05 -12.88 8.05
CA SER A 469 -37.50 -12.97 7.99
C SER A 469 -37.95 -14.35 7.53
N HIS A 470 -37.06 -15.11 6.89
CA HIS A 470 -37.36 -16.48 6.53
C HIS A 470 -37.39 -17.38 7.76
N VAL A 471 -36.36 -17.31 8.59
CA VAL A 471 -36.18 -18.32 9.64
C VAL A 471 -37.07 -18.01 10.85
N ILE A 472 -37.68 -16.83 10.89
CA ILE A 472 -38.64 -16.55 11.95
C ILE A 472 -39.94 -17.30 11.70
N SER A 473 -40.39 -17.32 10.44
CA SER A 473 -41.69 -17.90 10.15
C SER A 473 -41.58 -19.37 9.74
N GLN A 474 -40.52 -19.74 9.04
CA GLN A 474 -40.41 -21.08 8.49
C GLN A 474 -39.47 -22.00 9.27
N HIS A 475 -38.70 -21.47 10.21
CA HIS A 475 -37.88 -22.33 11.06
C HIS A 475 -37.98 -21.90 12.52
N GLN A 476 -39.20 -21.70 13.00
CA GLN A 476 -39.41 -21.27 14.37
C GLN A 476 -39.05 -22.37 15.37
N ALA A 477 -39.13 -23.63 14.94
CA ALA A 477 -38.84 -24.73 15.85
C ALA A 477 -37.35 -25.02 15.97
N LEU A 478 -36.50 -24.29 15.24
CA LEU A 478 -35.07 -24.39 15.48
C LEU A 478 -34.59 -23.30 16.42
N LEU A 479 -35.21 -22.12 16.37
CA LEU A 479 -34.90 -21.03 17.29
C LEU A 479 -35.66 -21.13 18.60
N GLY A 480 -36.13 -22.33 18.95
CA GLY A 480 -36.62 -22.62 20.28
C GLY A 480 -35.75 -23.70 20.89
N LYS A 481 -34.94 -24.34 20.05
CA LYS A 481 -33.97 -25.33 20.49
C LYS A 481 -32.55 -24.79 20.52
N ILE A 482 -32.38 -23.48 20.33
CA ILE A 482 -31.17 -22.79 20.74
C ILE A 482 -31.44 -21.82 21.88
N ARG A 483 -32.67 -21.32 22.01
CA ARG A 483 -33.02 -20.45 23.12
C ARG A 483 -33.15 -21.24 24.42
N ALA A 484 -33.78 -22.41 24.36
CA ALA A 484 -34.00 -23.20 25.57
C ALA A 484 -32.82 -24.12 25.88
N ASP A 485 -32.17 -24.65 24.85
CA ASP A 485 -30.99 -25.48 25.05
C ASP A 485 -29.83 -24.65 25.60
N GLY A 486 -29.62 -23.46 25.05
CA GLY A 486 -28.49 -22.64 25.39
C GLY A 486 -27.26 -22.93 24.57
N LYS A 487 -27.01 -24.18 24.22
CA LYS A 487 -25.87 -24.57 23.41
C LYS A 487 -26.37 -24.99 22.03
N ILE A 488 -25.42 -25.24 21.14
CA ILE A 488 -25.73 -25.69 19.79
C ILE A 488 -25.09 -27.06 19.62
N SER A 489 -25.94 -28.07 19.46
CA SER A 489 -25.51 -29.46 19.50
C SER A 489 -25.08 -29.94 18.13
N GLU A 490 -24.96 -31.26 18.00
CA GLU A 490 -24.60 -31.85 16.71
C GLU A 490 -25.84 -32.05 15.84
N GLU A 491 -27.00 -32.26 16.47
CA GLU A 491 -28.25 -32.34 15.72
C GLU A 491 -28.62 -31.00 15.12
N THR A 492 -28.43 -29.91 15.86
CA THR A 492 -28.75 -28.58 15.35
C THR A 492 -27.66 -28.07 14.41
N ASP A 493 -26.48 -28.69 14.45
CA ASP A 493 -25.40 -28.25 13.56
C ASP A 493 -25.68 -28.70 12.13
N ALA A 494 -26.25 -29.89 11.97
CA ALA A 494 -26.63 -30.35 10.64
C ALA A 494 -27.92 -29.68 10.17
N LYS A 495 -28.85 -29.44 11.11
CA LYS A 495 -30.15 -28.87 10.76
C LYS A 495 -30.00 -27.41 10.31
N LEU A 496 -29.06 -26.68 10.90
CA LEU A 496 -28.76 -25.33 10.42
C LEU A 496 -27.94 -25.36 9.13
N LYS A 497 -27.32 -26.49 8.83
CA LYS A 497 -26.38 -26.51 7.71
C LYS A 497 -27.10 -26.53 6.36
N GLU A 498 -28.20 -27.28 6.26
CA GLU A 498 -28.92 -27.29 4.99
C GLU A 498 -29.83 -26.09 4.85
N ILE A 499 -30.05 -25.35 5.95
CA ILE A 499 -30.93 -24.19 5.89
C ILE A 499 -30.26 -23.05 5.12
N VAL A 500 -29.00 -22.76 5.43
CA VAL A 500 -28.30 -21.68 4.75
C VAL A 500 -27.80 -22.13 3.39
N THR A 501 -27.90 -23.43 3.09
CA THR A 501 -27.57 -23.89 1.75
C THR A 501 -28.81 -23.89 0.87
N ASN A 502 -29.98 -24.08 1.47
CA ASN A 502 -31.23 -23.99 0.72
C ASN A 502 -31.54 -22.54 0.34
N PHE A 503 -31.27 -21.60 1.25
CA PHE A 503 -31.59 -20.21 0.98
C PHE A 503 -30.60 -19.59 0.01
N LEU A 504 -29.33 -19.98 0.11
CA LEU A 504 -28.30 -19.38 -0.74
C LEU A 504 -28.42 -19.87 -2.18
N ALA A 505 -29.02 -21.06 -2.38
CA ALA A 505 -29.13 -21.63 -3.72
C ALA A 505 -30.08 -20.81 -4.59
N GLY A 506 -31.36 -20.74 -4.22
CA GLY A 506 -32.22 -19.76 -4.85
C GLY A 506 -32.37 -18.54 -3.97
N PHE A 507 -31.54 -17.51 -4.22
CA PHE A 507 -31.62 -16.29 -3.42
C PHE A 507 -31.87 -15.09 -4.33
N GLU A 508 -31.07 -14.96 -5.37
CA GLU A 508 -31.06 -13.76 -6.21
C GLU A 508 -32.27 -13.80 -7.12
N ALA A 509 -33.31 -13.06 -6.75
CA ALA A 509 -34.53 -12.99 -7.55
C ALA A 509 -35.22 -11.63 -7.39
N LYS B 1 -4.23 39.56 58.42
CA LYS B 1 -3.51 40.16 59.54
C LYS B 1 -4.05 39.64 60.86
N THR B 2 -3.54 38.49 61.30
CA THR B 2 -3.95 37.92 62.57
C THR B 2 -2.79 37.60 63.49
N GLY B 3 -1.56 37.61 63.01
CA GLY B 3 -0.40 37.42 63.86
C GLY B 3 -0.13 35.97 64.20
N THR B 4 1.15 35.56 64.13
CA THR B 4 1.49 34.20 64.52
C THR B 4 1.49 34.05 66.04
N ALA B 5 1.96 35.07 66.74
CA ALA B 5 2.07 35.06 68.19
C ALA B 5 0.99 35.93 68.83
N GLU B 6 -0.20 35.92 68.26
CA GLU B 6 -1.38 36.47 68.90
C GLU B 6 -2.22 35.41 69.59
N VAL B 7 -1.65 34.23 69.82
CA VAL B 7 -2.42 33.15 70.43
C VAL B 7 -2.57 33.39 71.93
N SER B 8 -3.52 32.69 72.53
CA SER B 8 -3.86 32.91 73.93
C SER B 8 -2.83 32.37 74.90
N SER B 9 -1.97 31.45 74.47
CA SER B 9 -0.93 30.93 75.34
C SER B 9 0.25 31.88 75.49
N ILE B 10 0.36 32.89 74.63
CA ILE B 10 1.40 33.90 74.73
C ILE B 10 0.85 35.23 75.25
N LEU B 11 -0.42 35.54 74.99
CA LEU B 11 -1.03 36.71 75.59
C LEU B 11 -1.20 36.54 77.09
N GLU B 12 -1.39 35.30 77.55
CA GLU B 12 -1.55 35.03 78.98
C GLU B 12 -0.27 35.26 79.77
N GLU B 13 0.89 35.05 79.15
CA GLU B 13 2.16 35.37 79.81
C GLU B 13 2.34 36.87 80.00
N ARG B 14 1.73 37.67 79.12
CA ARG B 14 1.86 39.11 79.20
C ARG B 14 0.76 39.74 80.04
N ILE B 15 -0.45 39.17 80.02
CA ILE B 15 -1.59 39.81 80.67
C ILE B 15 -1.66 39.48 82.15
N LEU B 16 -0.90 38.49 82.60
CA LEU B 16 -0.86 38.09 84.01
C LEU B 16 0.47 38.51 84.65
N GLY B 17 0.94 39.70 84.32
CA GLY B 17 2.22 40.17 84.80
C GLY B 17 3.36 39.67 83.94
N ALA B 18 4.32 40.54 83.64
CA ALA B 18 5.49 40.17 82.86
C ALA B 18 6.33 39.19 83.67
N ASP B 19 6.28 37.92 83.28
CA ASP B 19 6.74 36.84 84.14
C ASP B 19 8.26 36.77 84.15
N THR B 20 8.82 36.41 85.32
CA THR B 20 10.26 36.46 85.51
C THR B 20 10.92 35.11 85.27
N SER B 21 10.24 34.01 85.56
CA SER B 21 10.86 32.69 85.42
C SER B 21 10.62 32.10 84.04
N VAL B 22 10.83 32.93 83.02
CA VAL B 22 10.99 32.52 81.63
C VAL B 22 12.14 33.34 81.07
N ASP B 23 13.05 32.68 80.35
CA ASP B 23 14.27 33.35 79.93
C ASP B 23 14.01 34.36 78.82
N LEU B 24 13.48 33.88 77.68
CA LEU B 24 13.14 34.66 76.49
C LEU B 24 14.31 35.41 75.89
N GLU B 25 15.54 35.01 76.17
CA GLU B 25 16.73 35.58 75.54
C GLU B 25 17.68 34.54 74.98
N GLU B 26 17.80 33.38 75.61
CA GLU B 26 18.61 32.28 75.11
C GLU B 26 17.81 31.01 74.88
N THR B 27 16.60 30.90 75.40
CA THR B 27 15.75 29.73 75.19
C THR B 27 14.32 30.19 74.88
N GLY B 28 13.67 29.46 73.98
CA GLY B 28 12.29 29.72 73.64
C GLY B 28 11.47 28.45 73.49
N ARG B 29 10.20 28.60 73.15
CA ARG B 29 9.28 27.48 73.02
C ARG B 29 9.10 27.12 71.55
N VAL B 30 8.17 26.22 71.25
CA VAL B 30 7.82 25.88 69.87
C VAL B 30 6.31 26.02 69.73
N LEU B 31 5.87 26.89 68.84
CA LEU B 31 4.45 27.18 68.67
C LEU B 31 3.76 26.20 67.72
N SER B 32 4.43 25.80 66.65
CA SER B 32 3.84 24.90 65.67
C SER B 32 4.95 24.19 64.90
N ILE B 33 4.59 23.04 64.33
CA ILE B 33 5.55 22.15 63.69
C ILE B 33 4.75 21.24 62.75
N GLY B 34 5.40 20.78 61.69
CA GLY B 34 4.83 19.74 60.87
C GLY B 34 5.14 19.81 59.38
N ASP B 35 5.39 21.01 58.86
CA ASP B 35 5.74 21.18 57.47
C ASP B 35 7.25 21.30 57.27
N GLY B 36 8.05 20.62 58.09
CA GLY B 36 9.45 20.95 58.08
C GLY B 36 9.79 21.94 59.17
N ILE B 37 9.72 23.23 58.82
CA ILE B 37 10.08 24.33 59.73
C ILE B 37 9.20 24.32 60.97
N ALA B 38 9.75 24.90 62.05
CA ALA B 38 9.04 25.09 63.30
C ALA B 38 8.95 26.58 63.59
N ARG B 39 7.90 26.97 64.30
CA ARG B 39 7.69 28.37 64.67
C ARG B 39 8.06 28.53 66.14
N VAL B 40 9.24 29.08 66.38
CA VAL B 40 9.80 29.17 67.72
C VAL B 40 9.58 30.59 68.25
N HIS B 41 8.94 30.70 69.40
CA HIS B 41 8.68 31.99 70.02
C HIS B 41 9.76 32.29 71.05
N GLY B 42 10.28 33.51 71.03
CA GLY B 42 11.36 33.88 71.91
C GLY B 42 12.68 33.90 71.19
N LEU B 43 13.76 33.53 71.88
CA LEU B 43 15.13 33.41 71.35
C LEU B 43 15.60 34.74 70.75
N ARG B 44 15.49 35.79 71.56
CA ARG B 44 15.72 37.15 71.08
C ARG B 44 17.17 37.50 70.84
N ASN B 45 18.11 36.58 71.02
CA ASN B 45 19.51 36.84 70.73
C ASN B 45 20.06 35.86 69.70
N VAL B 46 19.20 35.22 68.91
CA VAL B 46 19.66 34.25 67.93
C VAL B 46 20.26 35.00 66.74
N GLN B 47 21.28 34.43 66.12
CA GLN B 47 21.81 34.98 64.89
C GLN B 47 21.09 34.36 63.70
N ALA B 48 21.46 34.80 62.51
CA ALA B 48 20.99 34.15 61.29
C ALA B 48 21.96 33.04 60.93
N GLU B 49 21.39 31.91 60.49
CA GLU B 49 22.12 30.67 60.18
C GLU B 49 22.94 30.19 61.38
N GLU B 50 22.30 30.12 62.54
CA GLU B 50 22.94 29.64 63.76
C GLU B 50 22.26 28.36 64.20
N MET B 51 23.07 27.33 64.49
CA MET B 51 22.51 26.03 64.88
C MET B 51 21.94 26.10 66.30
N VAL B 52 20.74 25.56 66.46
CA VAL B 52 20.11 25.44 67.76
C VAL B 52 19.97 23.97 68.10
N GLU B 53 19.51 23.68 69.31
CA GLU B 53 19.32 22.33 69.79
C GLU B 53 17.94 22.17 70.41
N PHE B 54 17.22 21.13 70.00
CA PHE B 54 15.92 20.85 70.57
C PHE B 54 16.06 20.00 71.82
N SER B 55 14.94 19.79 72.52
CA SER B 55 14.95 19.00 73.74
C SER B 55 14.99 17.50 73.44
N SER B 56 14.73 17.13 72.19
CA SER B 56 14.79 15.73 71.80
C SER B 56 16.20 15.32 71.37
N GLY B 57 17.09 16.27 71.18
CA GLY B 57 18.43 15.98 70.70
C GLY B 57 18.65 16.26 69.23
N LEU B 58 17.74 16.98 68.57
CA LEU B 58 17.86 17.28 67.15
C LEU B 58 18.49 18.66 66.98
N LYS B 59 19.40 18.77 66.02
CA LYS B 59 19.92 20.07 65.65
C LYS B 59 18.97 20.76 64.66
N GLY B 60 18.97 22.08 64.69
CA GLY B 60 18.17 22.85 63.76
C GLY B 60 18.85 24.16 63.44
N MET B 61 18.63 24.63 62.23
CA MET B 61 19.27 25.85 61.72
C MET B 61 18.28 27.00 61.76
N SER B 62 18.74 28.15 62.25
CA SER B 62 17.92 29.36 62.33
C SER B 62 17.93 30.06 60.99
N LEU B 63 16.86 29.87 60.23
CA LEU B 63 16.85 30.31 58.83
C LEU B 63 16.24 31.70 58.68
N ASN B 64 15.14 31.96 59.37
CA ASN B 64 14.26 33.06 59.04
C ASN B 64 13.85 33.78 60.32
N LEU B 65 14.37 34.99 60.51
CA LEU B 65 14.09 35.79 61.70
C LEU B 65 12.99 36.79 61.42
N GLU B 66 12.05 36.89 62.34
CA GLU B 66 10.88 37.75 62.21
C GLU B 66 10.70 38.53 63.49
N PRO B 67 9.87 39.59 63.49
CA PRO B 67 9.63 40.30 64.76
C PRO B 67 8.84 39.50 65.78
N ASP B 68 8.11 38.47 65.37
CA ASP B 68 7.40 37.64 66.33
C ASP B 68 8.20 36.38 66.65
N ASN B 69 8.56 35.60 65.64
CA ASN B 69 9.02 34.24 65.87
C ASN B 69 10.29 33.99 65.08
N VAL B 70 10.80 32.77 65.20
CA VAL B 70 11.94 32.28 64.44
C VAL B 70 11.51 31.00 63.75
N GLY B 71 11.89 30.85 62.48
CA GLY B 71 11.61 29.65 61.72
C GLY B 71 12.86 28.79 61.61
N VAL B 72 12.81 27.63 62.26
CA VAL B 72 13.96 26.74 62.38
C VAL B 72 13.79 25.56 61.43
N VAL B 73 14.75 25.42 60.51
CA VAL B 73 14.78 24.25 59.64
C VAL B 73 15.32 23.06 60.41
N VAL B 74 14.54 21.98 60.47
CA VAL B 74 14.80 20.84 61.35
C VAL B 74 15.58 19.79 60.57
N PHE B 75 16.77 19.45 61.06
CA PHE B 75 17.54 18.34 60.52
C PHE B 75 17.03 17.04 61.12
N GLY B 76 16.77 16.07 60.25
CA GLY B 76 16.19 14.83 60.70
C GLY B 76 14.67 14.87 60.70
N ASN B 77 14.08 13.86 61.32
CA ASN B 77 12.64 13.72 61.33
C ASN B 77 12.00 14.74 62.26
N ASP B 78 10.75 15.08 61.99
CA ASP B 78 10.00 16.01 62.81
C ASP B 78 8.85 15.36 63.56
N LYS B 79 8.92 14.05 63.81
CA LYS B 79 7.93 13.39 64.66
C LYS B 79 8.30 13.59 66.13
N LEU B 80 9.60 13.70 66.41
CA LEU B 80 10.09 13.75 67.79
C LEU B 80 9.79 15.09 68.45
N ILE B 81 9.43 16.09 67.66
CA ILE B 81 9.18 17.42 68.19
C ILE B 81 7.70 17.60 68.47
N LYS B 82 7.38 18.31 69.55
CA LYS B 82 5.99 18.55 69.94
C LYS B 82 5.81 20.03 70.23
N GLU B 83 4.57 20.50 70.06
CA GLU B 83 4.27 21.88 70.40
C GLU B 83 4.34 22.08 71.90
N GLY B 84 5.12 23.06 72.33
CA GLY B 84 5.35 23.29 73.74
C GLY B 84 6.71 22.88 74.24
N ASP B 85 7.66 22.60 73.35
CA ASP B 85 9.00 22.18 73.75
C ASP B 85 9.81 23.37 74.23
N ILE B 86 11.11 23.15 74.41
CA ILE B 86 12.05 24.20 74.79
C ILE B 86 13.32 23.99 73.97
N VAL B 87 13.76 25.03 73.27
CA VAL B 87 14.88 24.94 72.34
C VAL B 87 16.00 25.84 72.85
N LYS B 88 17.22 25.31 72.85
CA LYS B 88 18.37 25.99 73.40
C LYS B 88 19.25 26.55 72.29
N ARG B 89 19.94 27.64 72.60
CA ARG B 89 20.78 28.33 71.64
C ARG B 89 22.23 27.92 71.84
N THR B 90 22.85 27.39 70.78
CA THR B 90 24.24 26.95 70.89
C THR B 90 25.19 28.13 70.95
N GLY B 91 25.10 29.03 69.97
CA GLY B 91 25.94 30.22 69.98
C GLY B 91 26.96 30.26 68.87
N ALA B 92 26.79 29.42 67.85
CA ALA B 92 27.74 29.36 66.75
C ALA B 92 27.01 29.11 65.44
N ILE B 93 27.60 29.59 64.36
CA ILE B 93 27.13 29.30 63.01
C ILE B 93 27.30 27.80 62.75
N VAL B 94 26.46 27.25 61.86
CA VAL B 94 26.44 25.84 61.51
C VAL B 94 27.80 25.42 60.97
N ASP B 95 28.45 24.49 61.67
CA ASP B 95 29.81 24.10 61.37
C ASP B 95 30.00 22.61 61.60
N VAL B 96 31.00 22.01 60.97
CA VAL B 96 31.20 20.56 61.07
C VAL B 96 32.60 20.26 61.58
N PRO B 97 32.80 19.15 62.29
CA PRO B 97 34.16 18.73 62.64
C PRO B 97 34.97 18.38 61.40
N VAL B 98 36.25 18.76 61.43
CA VAL B 98 37.10 18.66 60.26
C VAL B 98 38.54 18.47 60.74
N GLY B 99 39.30 17.68 60.02
CA GLY B 99 40.70 17.50 60.32
C GLY B 99 41.26 16.29 59.62
N GLU B 100 42.54 16.02 59.91
CA GLU B 100 43.22 14.85 59.36
C GLU B 100 42.69 13.55 59.94
N GLU B 101 42.08 13.62 61.12
CA GLU B 101 41.67 12.45 61.88
C GLU B 101 40.30 11.91 61.45
N LEU B 102 39.88 12.16 60.22
CA LEU B 102 38.63 11.62 59.70
C LEU B 102 38.85 10.60 58.59
N LEU B 103 40.08 10.42 58.13
CA LEU B 103 40.37 9.54 57.01
C LEU B 103 40.17 8.09 57.43
N GLY B 104 39.06 7.50 57.03
CA GLY B 104 38.74 6.13 57.35
C GLY B 104 37.40 5.91 57.99
N ARG B 105 36.57 6.94 58.11
CA ARG B 105 35.30 6.84 58.79
C ARG B 105 34.16 7.03 57.79
N VAL B 106 32.96 6.72 58.26
CA VAL B 106 31.73 6.95 57.50
C VAL B 106 30.84 7.77 58.42
N VAL B 107 30.67 9.04 58.09
CA VAL B 107 29.88 9.95 58.90
C VAL B 107 28.58 10.24 58.18
N ASP B 108 27.65 10.85 58.89
CA ASP B 108 26.47 11.40 58.26
C ASP B 108 26.71 12.90 58.01
N ALA B 109 25.68 13.62 57.58
CA ALA B 109 25.87 14.97 57.06
C ALA B 109 26.18 15.98 58.15
N LEU B 110 25.88 15.67 59.40
CA LEU B 110 26.13 16.58 60.51
C LEU B 110 27.47 16.34 61.18
N GLY B 111 28.18 15.27 60.82
CA GLY B 111 29.48 14.98 61.39
C GLY B 111 29.48 14.06 62.59
N ASN B 112 28.62 13.04 62.56
CA ASN B 112 28.58 11.99 63.58
C ASN B 112 28.82 10.66 62.91
N ALA B 113 29.52 9.76 63.61
CA ALA B 113 29.87 8.49 62.99
C ALA B 113 28.68 7.55 62.97
N ILE B 114 28.52 6.82 61.88
CA ILE B 114 27.48 5.80 61.77
C ILE B 114 28.09 4.48 61.33
N ASP B 115 29.39 4.33 61.52
CA ASP B 115 30.06 3.06 61.26
C ASP B 115 30.29 2.25 62.53
N GLY B 116 29.97 2.79 63.70
CA GLY B 116 30.12 2.07 64.95
C GLY B 116 31.56 1.87 65.36
N LYS B 117 32.37 2.94 65.31
CA LYS B 117 33.75 2.84 65.75
C LYS B 117 34.11 3.91 66.78
N GLY B 118 33.14 4.44 67.51
CA GLY B 118 33.42 5.40 68.55
C GLY B 118 33.52 6.81 68.01
N PRO B 119 33.88 7.76 68.87
CA PRO B 119 34.00 9.16 68.44
C PRO B 119 35.17 9.37 67.49
N ILE B 120 35.23 10.58 66.92
CA ILE B 120 36.11 10.83 65.79
C ILE B 120 37.43 11.43 66.25
N GLY B 121 37.42 12.26 67.27
CA GLY B 121 38.64 12.91 67.70
C GLY B 121 39.05 14.07 66.80
N SER B 122 38.25 15.12 66.79
CA SER B 122 38.50 16.31 65.99
C SER B 122 38.78 17.50 66.90
N LYS B 123 39.49 18.48 66.36
CA LYS B 123 39.91 19.64 67.12
C LYS B 123 39.54 20.97 66.50
N THR B 124 39.20 21.01 65.22
CA THR B 124 38.93 22.25 64.50
C THR B 124 37.56 22.15 63.83
N ARG B 125 36.87 23.27 63.72
CA ARG B 125 35.56 23.33 63.11
C ARG B 125 35.50 24.49 62.13
N ARG B 126 35.12 24.21 60.89
CA ARG B 126 34.92 25.21 59.87
C ARG B 126 33.44 25.33 59.55
N ARG B 127 33.02 26.53 59.14
CA ARG B 127 31.63 26.75 58.78
C ARG B 127 31.32 26.09 57.43
N VAL B 128 30.03 25.91 57.16
CA VAL B 128 29.57 25.42 55.87
C VAL B 128 29.19 26.53 54.92
N GLY B 129 28.96 27.74 55.43
CA GLY B 129 28.51 28.85 54.60
C GLY B 129 29.59 29.88 54.34
N LEU B 130 30.81 29.42 54.04
CA LEU B 130 31.87 30.33 53.70
C LEU B 130 31.87 30.62 52.21
N LYS B 131 32.59 31.67 51.83
CA LYS B 131 32.62 32.12 50.44
C LYS B 131 33.84 31.57 49.73
N ALA B 132 33.75 31.55 48.40
CA ALA B 132 34.84 31.10 47.56
C ALA B 132 35.98 32.13 47.59
N PRO B 133 37.21 31.70 47.27
CA PRO B 133 38.29 32.67 47.11
C PRO B 133 38.07 33.57 45.91
N GLY B 134 38.62 34.78 46.00
CA GLY B 134 38.41 35.80 44.98
C GLY B 134 39.22 35.61 43.72
N ILE B 135 39.59 36.72 43.10
CA ILE B 135 40.29 36.68 41.82
C ILE B 135 41.80 36.63 42.00
N ILE B 136 42.32 37.23 43.05
CA ILE B 136 43.76 37.24 43.33
C ILE B 136 44.34 35.88 43.71
N PRO B 137 43.83 35.12 44.72
CA PRO B 137 44.58 33.93 45.17
C PRO B 137 44.58 32.76 44.20
N ARG B 138 43.70 32.74 43.20
CA ARG B 138 43.67 31.60 42.30
C ARG B 138 44.80 31.70 41.27
N ILE B 139 45.04 30.59 40.59
CA ILE B 139 46.00 30.51 39.50
C ILE B 139 45.58 29.35 38.61
N SER B 140 46.08 29.34 37.37
CA SER B 140 45.68 28.34 36.40
C SER B 140 46.23 26.97 36.78
N VAL B 141 45.57 25.92 36.31
CA VAL B 141 45.93 24.57 36.70
C VAL B 141 47.17 24.11 35.95
N ARG B 142 48.02 23.35 36.64
CA ARG B 142 49.26 22.87 36.04
C ARG B 142 49.61 21.43 36.37
N GLU B 143 49.10 20.84 37.46
CA GLU B 143 49.42 19.47 37.78
C GLU B 143 48.31 18.54 37.29
N PRO B 144 48.65 17.39 36.71
CA PRO B 144 47.61 16.48 36.22
C PRO B 144 47.10 15.55 37.31
N MET B 145 45.81 15.24 37.24
CA MET B 145 45.17 14.30 38.14
C MET B 145 44.81 13.06 37.32
N GLN B 146 45.51 11.96 37.58
CA GLN B 146 45.29 10.76 36.79
C GLN B 146 43.99 10.08 37.18
N THR B 147 43.39 9.38 36.23
CA THR B 147 42.13 8.67 36.41
C THR B 147 42.31 7.16 36.38
N GLY B 148 43.22 6.65 35.54
CA GLY B 148 43.39 5.23 35.34
C GLY B 148 42.48 4.64 34.28
N ILE B 149 41.65 5.46 33.65
CA ILE B 149 40.77 5.00 32.58
C ILE B 149 41.37 5.46 31.26
N LYS B 150 41.47 4.54 30.30
CA LYS B 150 42.15 4.82 29.04
C LYS B 150 41.38 5.78 28.15
N ALA B 151 40.07 5.93 28.37
CA ALA B 151 39.29 6.85 27.55
C ALA B 151 39.32 8.26 28.11
N VAL B 152 39.48 8.42 29.42
CA VAL B 152 39.43 9.73 30.05
C VAL B 152 40.80 10.40 30.05
N ASP B 153 41.84 9.65 30.42
CA ASP B 153 43.16 10.23 30.61
C ASP B 153 43.85 10.62 29.31
N SER B 154 43.33 10.20 28.16
CA SER B 154 43.94 10.52 26.88
C SER B 154 43.07 11.35 25.96
N LEU B 155 41.79 11.53 26.27
CA LEU B 155 40.88 12.26 25.40
C LEU B 155 40.24 13.47 26.08
N VAL B 156 39.87 13.36 27.35
CA VAL B 156 39.40 14.50 28.13
C VAL B 156 40.23 14.61 29.41
N PRO B 157 41.44 15.15 29.35
CA PRO B 157 42.32 15.12 30.52
C PRO B 157 41.87 16.07 31.62
N ILE B 158 42.09 15.65 32.87
CA ILE B 158 41.69 16.40 34.04
C ILE B 158 42.96 16.96 34.69
N GLY B 159 42.80 18.03 35.48
CA GLY B 159 43.89 18.62 36.20
C GLY B 159 43.45 19.02 37.60
N ARG B 160 44.43 19.21 38.47
CA ARG B 160 44.18 19.44 39.90
C ARG B 160 43.62 20.85 40.09
N GLY B 161 42.29 20.95 40.12
CA GLY B 161 41.64 22.22 40.35
C GLY B 161 40.58 22.55 39.32
N GLN B 162 40.19 21.56 38.52
CA GLN B 162 39.26 21.77 37.42
C GLN B 162 37.99 21.00 37.68
N ARG B 163 36.86 21.69 37.63
CA ARG B 163 35.56 21.03 37.70
C ARG B 163 35.31 20.24 36.44
N GLU B 164 34.67 19.08 36.58
CA GLU B 164 34.40 18.23 35.43
C GLU B 164 33.08 17.52 35.68
N LEU B 165 32.16 17.62 34.73
CA LEU B 165 30.87 16.98 34.89
C LEU B 165 30.93 15.52 34.47
N ILE B 166 30.02 14.72 35.03
CA ILE B 166 29.75 13.37 34.58
C ILE B 166 28.24 13.26 34.41
N ILE B 167 27.77 13.17 33.17
CA ILE B 167 26.36 13.33 32.87
C ILE B 167 25.91 12.20 31.94
N GLY B 168 24.77 11.61 32.28
CA GLY B 168 24.25 10.47 31.56
C GLY B 168 22.96 10.02 32.18
N ASP B 169 22.41 8.94 31.61
CA ASP B 169 21.14 8.40 32.09
C ASP B 169 21.41 7.38 33.20
N ARG B 170 20.38 6.64 33.59
CA ARG B 170 20.52 5.65 34.64
C ARG B 170 21.16 4.38 34.09
N GLN B 171 22.05 3.79 34.90
CA GLN B 171 22.74 2.53 34.63
C GLN B 171 23.57 2.62 33.35
N THR B 172 24.42 3.65 33.29
CA THR B 172 25.35 3.81 32.18
C THR B 172 26.81 3.76 32.61
N GLY B 173 27.10 3.64 33.90
CA GLY B 173 28.47 3.57 34.35
C GLY B 173 28.95 4.87 34.94
N LYS B 174 28.08 5.58 35.65
CA LYS B 174 28.45 6.87 36.21
C LYS B 174 29.32 6.70 37.45
N THR B 175 28.85 5.93 38.42
CA THR B 175 29.59 5.72 39.66
C THR B 175 30.87 4.93 39.46
N SER B 176 30.92 4.05 38.46
CA SER B 176 32.12 3.25 38.21
C SER B 176 33.25 4.03 37.56
N ILE B 177 33.02 5.28 37.15
CA ILE B 177 34.13 6.17 36.88
C ILE B 177 34.66 6.76 38.18
N ALA B 178 33.76 7.10 39.11
CA ALA B 178 34.15 7.74 40.35
C ALA B 178 34.81 6.78 41.33
N ILE B 179 34.55 5.48 41.20
CA ILE B 179 35.19 4.52 42.09
C ILE B 179 36.63 4.27 41.65
N ASP B 180 36.86 4.16 40.35
CA ASP B 180 38.20 3.90 39.83
C ASP B 180 39.13 5.09 39.97
N THR B 181 38.61 6.28 40.25
CA THR B 181 39.46 7.42 40.57
C THR B 181 40.05 7.27 41.98
N ILE B 182 39.27 6.70 42.91
CA ILE B 182 39.73 6.60 44.28
C ILE B 182 40.73 5.46 44.44
N ILE B 183 40.52 4.35 43.71
CA ILE B 183 41.43 3.22 43.79
C ILE B 183 42.74 3.50 43.06
N ASN B 184 42.73 4.42 42.07
CA ASN B 184 43.95 4.69 41.32
C ASN B 184 44.95 5.51 42.13
N GLN B 185 44.52 6.16 43.21
CA GLN B 185 45.44 6.94 44.03
C GLN B 185 46.22 6.09 45.01
N LYS B 186 46.13 4.76 44.93
CA LYS B 186 46.92 3.87 45.77
C LYS B 186 48.40 3.96 45.47
N ARG B 187 48.77 4.26 44.23
CA ARG B 187 50.19 4.28 43.86
C ARG B 187 50.89 5.52 44.39
N PHE B 188 50.15 6.59 44.66
CA PHE B 188 50.74 7.86 45.08
C PHE B 188 50.71 8.07 46.58
N ASN B 189 49.65 7.61 47.26
CA ASN B 189 49.53 7.83 48.70
C ASN B 189 50.48 6.95 49.50
N ASP B 190 50.99 5.87 48.92
CA ASP B 190 51.90 4.96 49.61
C ASP B 190 53.35 5.15 49.19
N GLY B 191 53.69 6.36 48.74
CA GLY B 191 55.05 6.63 48.30
C GLY B 191 55.76 7.63 49.19
N THR B 192 56.91 8.13 48.71
CA THR B 192 57.72 9.06 49.48
C THR B 192 57.58 10.50 49.00
N ASP B 193 57.25 10.73 47.72
CA ASP B 193 57.04 12.06 47.18
C ASP B 193 55.72 12.57 47.76
N GLU B 194 55.82 13.51 48.70
CA GLU B 194 54.64 14.06 49.34
C GLU B 194 53.88 15.02 48.43
N LYS B 195 54.53 15.59 47.42
CA LYS B 195 53.91 16.58 46.55
C LYS B 195 52.88 15.99 45.60
N LYS B 196 52.76 14.67 45.51
CA LYS B 196 51.82 14.03 44.61
C LYS B 196 50.73 13.27 45.37
N LYS B 197 50.67 13.42 46.67
CA LYS B 197 49.61 12.77 47.44
C LYS B 197 48.28 13.45 47.19
N LEU B 198 47.21 12.69 47.37
CA LEU B 198 45.87 13.17 47.03
C LEU B 198 44.85 12.40 47.85
N TYR B 199 44.00 13.12 48.56
CA TYR B 199 42.97 12.45 49.34
C TYR B 199 41.67 12.41 48.56
N CYS B 200 40.62 11.90 49.20
CA CYS B 200 39.34 11.68 48.55
C CYS B 200 38.20 11.89 49.52
N ILE B 201 37.06 12.33 48.99
CA ILE B 201 35.82 12.49 49.74
C ILE B 201 34.69 12.00 48.83
N TYR B 202 33.75 11.23 49.39
CA TYR B 202 32.59 10.76 48.65
C TYR B 202 31.32 11.22 49.35
N VAL B 203 30.40 11.83 48.59
CA VAL B 203 29.14 12.31 49.12
C VAL B 203 28.02 11.57 48.42
N ALA B 204 27.21 10.84 49.18
CA ALA B 204 26.13 10.02 48.64
C ALA B 204 24.80 10.66 49.01
N ILE B 205 24.10 11.21 48.02
CA ILE B 205 22.86 11.94 48.23
C ILE B 205 21.75 11.14 47.59
N GLY B 206 20.72 10.81 48.38
CA GLY B 206 19.53 10.16 47.86
C GLY B 206 19.72 8.74 47.36
N GLN B 207 20.87 8.11 47.58
CA GLN B 207 21.09 6.74 47.18
C GLN B 207 20.41 5.79 48.15
N LYS B 208 20.46 4.50 47.82
CA LYS B 208 20.02 3.48 48.77
C LYS B 208 21.10 3.23 49.80
N ARG B 209 20.68 2.87 51.01
CA ARG B 209 21.63 2.62 52.09
C ARG B 209 22.42 1.34 51.85
N SER B 210 21.87 0.39 51.11
CA SER B 210 22.55 -0.86 50.86
C SER B 210 23.49 -0.79 49.68
N THR B 211 23.59 0.37 49.02
CA THR B 211 24.56 0.51 47.93
C THR B 211 25.82 1.21 48.41
N VAL B 212 25.71 2.05 49.43
CA VAL B 212 26.88 2.61 50.08
C VAL B 212 27.64 1.53 50.85
N ALA B 213 26.90 0.58 51.45
CA ALA B 213 27.54 -0.44 52.27
C ALA B 213 28.33 -1.43 51.41
N GLN B 214 27.82 -1.76 50.23
CA GLN B 214 28.57 -2.59 49.30
C GLN B 214 29.64 -1.82 48.54
N LEU B 215 29.77 -0.52 48.80
CA LEU B 215 30.82 0.30 48.21
C LEU B 215 32.01 0.46 49.13
N VAL B 216 31.78 0.58 50.45
CA VAL B 216 32.88 0.69 51.38
C VAL B 216 33.60 -0.64 51.57
N LYS B 217 32.99 -1.76 51.18
CA LYS B 217 33.73 -3.01 51.14
C LYS B 217 34.71 -3.03 49.97
N ARG B 218 34.27 -2.54 48.82
CA ARG B 218 35.10 -2.57 47.61
C ARG B 218 36.31 -1.65 47.76
N LEU B 219 36.18 -0.59 48.55
CA LEU B 219 37.33 0.25 48.85
C LEU B 219 38.22 -0.39 49.90
N THR B 220 37.64 -1.12 50.86
CA THR B 220 38.45 -1.81 51.86
C THR B 220 39.14 -3.04 51.26
N ASP B 221 38.55 -3.61 50.21
CA ASP B 221 39.13 -4.78 49.58
C ASP B 221 40.38 -4.41 48.79
N ALA B 222 40.48 -3.17 48.32
CA ALA B 222 41.60 -2.72 47.52
C ALA B 222 42.56 -1.80 48.26
N ASP B 223 42.45 -1.75 49.60
CA ASP B 223 43.25 -0.88 50.49
C ASP B 223 43.10 0.58 50.06
N ALA B 224 41.87 1.07 50.12
CA ALA B 224 41.56 2.44 49.71
C ALA B 224 40.70 3.16 50.73
N MET B 225 40.49 2.59 51.91
CA MET B 225 39.73 3.26 52.94
C MET B 225 40.62 3.92 53.99
N LYS B 226 41.93 3.97 53.75
CA LYS B 226 42.82 4.65 54.69
C LYS B 226 43.15 6.06 54.25
N TYR B 227 42.58 6.55 53.15
CA TYR B 227 42.73 7.93 52.75
C TYR B 227 41.43 8.49 52.19
N THR B 228 40.29 8.00 52.65
CA THR B 228 39.02 8.36 52.06
C THR B 228 37.98 8.61 53.15
N ILE B 229 37.26 9.72 53.04
CA ILE B 229 36.12 10.02 53.89
C ILE B 229 34.87 9.78 53.08
N VAL B 230 33.77 9.44 53.76
CA VAL B 230 32.47 9.25 53.12
C VAL B 230 31.42 9.97 53.95
N VAL B 231 30.74 10.92 53.33
CA VAL B 231 29.56 11.56 53.91
C VAL B 231 28.36 10.90 53.26
N SER B 232 27.31 10.67 54.04
CA SER B 232 26.19 9.86 53.55
C SER B 232 24.88 10.41 54.07
N ALA B 233 24.01 10.82 53.14
CA ALA B 233 22.61 11.15 53.42
C ALA B 233 21.80 10.39 52.39
N THR B 234 21.32 9.20 52.77
CA THR B 234 20.67 8.29 51.84
C THR B 234 19.20 8.68 51.67
N ALA B 235 18.44 7.86 50.95
CA ALA B 235 17.10 8.23 50.51
C ALA B 235 16.07 8.20 51.64
N SER B 236 16.38 7.56 52.75
CA SER B 236 15.47 7.53 53.89
C SER B 236 15.69 8.70 54.85
N ASP B 237 16.76 9.45 54.68
CA ASP B 237 17.02 10.61 55.50
C ASP B 237 16.09 11.76 55.12
N ALA B 238 15.95 12.71 56.02
CA ALA B 238 15.06 13.85 55.80
C ALA B 238 15.63 14.76 54.73
N ALA B 239 14.78 15.66 54.25
CA ALA B 239 15.14 16.55 53.16
C ALA B 239 16.16 17.63 53.52
N PRO B 240 16.19 18.21 54.73
CA PRO B 240 17.32 19.10 55.04
C PRO B 240 18.66 18.40 55.17
N LEU B 241 18.69 17.09 55.40
CA LEU B 241 19.97 16.41 55.51
C LEU B 241 20.58 16.10 54.15
N GLN B 242 19.78 16.13 53.08
CA GLN B 242 20.33 15.95 51.74
C GLN B 242 20.72 17.29 51.12
N TYR B 243 20.10 18.38 51.56
CA TYR B 243 20.44 19.70 51.08
C TYR B 243 21.79 20.17 51.62
N LEU B 244 22.06 19.91 52.89
CA LEU B 244 23.30 20.35 53.54
C LEU B 244 24.39 19.29 53.48
N ALA B 245 24.18 18.20 52.74
CA ALA B 245 25.22 17.18 52.62
C ALA B 245 26.43 17.62 51.80
N PRO B 246 26.33 18.27 50.62
CA PRO B 246 27.57 18.66 49.93
C PRO B 246 28.28 19.85 50.54
N TYR B 247 27.61 20.65 51.36
CA TYR B 247 28.28 21.77 52.01
C TYR B 247 29.21 21.29 53.11
N SER B 248 28.73 20.36 53.93
CA SER B 248 29.59 19.75 54.94
C SER B 248 30.64 18.85 54.30
N GLY B 249 30.35 18.33 53.11
CA GLY B 249 31.34 17.53 52.43
C GLY B 249 32.44 18.36 51.80
N CYS B 250 32.11 19.56 51.34
CA CYS B 250 33.11 20.43 50.75
C CYS B 250 33.94 21.17 51.79
N SER B 251 33.36 21.42 52.97
CA SER B 251 34.10 22.07 54.05
C SER B 251 35.15 21.16 54.67
N MET B 252 35.03 19.84 54.49
CA MET B 252 36.09 18.93 54.89
C MET B 252 37.20 18.84 53.85
N GLY B 253 36.96 19.34 52.64
CA GLY B 253 37.99 19.37 51.62
C GLY B 253 38.69 20.71 51.56
N GLU B 254 38.04 21.75 52.08
CA GLU B 254 38.65 23.07 52.16
C GLU B 254 39.76 23.13 53.20
N TYR B 255 39.79 22.18 54.13
CA TYR B 255 40.89 22.09 55.09
C TYR B 255 42.20 21.73 54.41
N PHE B 256 42.20 20.73 53.53
CA PHE B 256 43.41 20.32 52.86
C PHE B 256 43.90 21.34 51.84
N ARG B 257 42.98 22.07 51.21
CA ARG B 257 43.35 23.05 50.19
C ARG B 257 44.10 24.23 50.77
N ASP B 258 43.69 24.71 51.94
CA ASP B 258 44.34 25.85 52.58
C ASP B 258 45.62 25.46 53.30
N ASN B 259 45.90 24.17 53.48
CA ASN B 259 47.09 23.73 54.18
C ASN B 259 48.00 22.90 53.28
N GLY B 260 48.08 23.27 52.00
CA GLY B 260 49.10 22.72 51.11
C GLY B 260 48.84 21.32 50.60
N LYS B 261 47.70 20.72 50.89
CA LYS B 261 47.38 19.39 50.41
C LYS B 261 46.37 19.45 49.28
N HIS B 262 46.28 18.35 48.53
CA HIS B 262 45.34 18.26 47.42
C HIS B 262 44.21 17.30 47.78
N ALA B 263 42.99 17.68 47.43
CA ALA B 263 41.81 16.90 47.77
C ALA B 263 41.05 16.55 46.50
N LEU B 264 39.99 15.76 46.67
CA LEU B 264 39.14 15.34 45.57
C LEU B 264 37.79 14.96 46.16
N ILE B 265 36.71 15.45 45.58
CA ILE B 265 35.38 15.20 46.12
C ILE B 265 34.46 14.83 44.97
N ILE B 266 33.62 13.82 45.19
CA ILE B 266 32.65 13.34 44.21
C ILE B 266 31.27 13.51 44.82
N TYR B 267 30.50 14.46 44.31
CA TYR B 267 29.10 14.58 44.68
C TYR B 267 28.29 13.61 43.85
N ASP B 268 27.45 12.81 44.50
CA ASP B 268 26.72 11.76 43.80
C ASP B 268 25.36 11.60 44.48
N ASP B 269 24.35 12.31 43.97
CA ASP B 269 24.44 13.18 42.80
C ASP B 269 23.74 14.52 43.04
N LEU B 270 24.06 15.51 42.22
CA LEU B 270 23.48 16.82 42.40
C LEU B 270 22.07 16.93 41.86
N SER B 271 21.56 15.90 41.17
CA SER B 271 20.17 15.91 40.74
C SER B 271 19.23 15.73 41.92
N LYS B 272 19.56 14.80 42.82
CA LYS B 272 18.71 14.51 43.97
C LYS B 272 18.84 15.52 45.09
N GLN B 273 19.82 16.44 44.99
CA GLN B 273 19.84 17.58 45.90
C GLN B 273 18.81 18.62 45.49
N ALA B 274 18.68 18.88 44.20
CA ALA B 274 17.79 19.92 43.71
C ALA B 274 16.32 19.53 43.82
N VAL B 275 16.02 18.23 43.89
CA VAL B 275 14.65 17.80 44.20
C VAL B 275 14.40 17.79 45.70
N ALA B 276 15.45 17.96 46.52
CA ALA B 276 15.29 18.15 47.94
C ALA B 276 15.20 19.61 48.32
N TYR B 277 15.82 20.49 47.55
CA TYR B 277 15.66 21.93 47.76
C TYR B 277 14.31 22.40 47.23
N ARG B 278 13.78 21.73 46.19
CA ARG B 278 12.44 22.03 45.70
C ARG B 278 11.40 21.75 46.76
N GLN B 279 11.58 20.68 47.53
CA GLN B 279 10.59 20.30 48.52
C GLN B 279 10.54 21.31 49.68
N MET B 280 11.70 21.79 50.14
CA MET B 280 11.69 22.76 51.22
C MET B 280 11.21 24.13 50.76
N SER B 281 11.32 24.42 49.48
CA SER B 281 10.88 25.73 48.98
C SER B 281 9.36 25.79 48.87
N LEU B 282 8.76 24.79 48.22
CA LEU B 282 7.31 24.77 48.06
C LEU B 282 6.58 24.50 49.37
N LEU B 283 7.26 23.94 50.37
CA LEU B 283 6.65 23.82 51.68
C LEU B 283 6.76 25.11 52.49
N LEU B 284 7.45 26.11 51.96
CA LEU B 284 7.47 27.45 52.53
C LEU B 284 6.61 28.43 51.73
N ARG B 285 5.86 27.92 50.74
CA ARG B 285 4.99 28.68 49.84
C ARG B 285 5.77 29.75 49.07
N ARG B 286 6.75 29.29 48.31
CA ARG B 286 7.50 30.18 47.45
C ARG B 286 7.04 30.02 45.99
N PRO B 287 7.13 31.06 45.17
CA PRO B 287 6.67 30.97 43.78
C PRO B 287 7.54 30.06 42.95
N PRO B 288 6.97 29.01 42.36
CA PRO B 288 7.74 28.12 41.50
C PRO B 288 8.03 28.75 40.14
N GLY B 289 8.98 28.14 39.43
CA GLY B 289 9.36 28.63 38.12
C GLY B 289 9.26 27.58 37.04
N ARG B 290 10.34 27.37 36.29
CA ARG B 290 10.37 26.29 35.31
C ARG B 290 10.44 24.96 36.04
N GLU B 291 9.57 24.02 35.63
CA GLU B 291 9.48 22.67 36.20
C GLU B 291 9.20 22.69 37.70
N ALA B 292 8.45 23.69 38.16
CA ALA B 292 8.08 23.92 39.55
C ALA B 292 9.28 24.04 40.49
N TYR B 293 10.41 24.48 39.96
CA TYR B 293 11.61 24.74 40.75
C TYR B 293 11.54 26.13 41.35
N PRO B 294 12.29 26.39 42.45
CA PRO B 294 12.34 27.77 42.95
C PRO B 294 13.22 28.65 42.08
N GLY B 295 13.25 29.95 42.36
CA GLY B 295 13.97 30.87 41.49
C GLY B 295 15.46 30.88 41.70
N ASP B 296 15.94 30.35 42.81
CA ASP B 296 17.35 30.43 43.16
C ASP B 296 18.03 29.07 43.18
N VAL B 297 17.75 28.25 42.17
CA VAL B 297 18.46 26.99 42.03
C VAL B 297 19.88 27.25 41.53
N PHE B 298 20.08 28.32 40.77
CA PHE B 298 21.42 28.63 40.29
C PHE B 298 22.33 29.10 41.42
N TYR B 299 21.78 29.76 42.44
CA TYR B 299 22.56 30.07 43.62
C TYR B 299 22.94 28.83 44.40
N LEU B 300 22.17 27.75 44.28
CA LEU B 300 22.43 26.54 45.06
C LEU B 300 23.68 25.83 44.58
N HIS B 301 23.87 25.72 43.27
CA HIS B 301 24.99 24.95 42.73
C HIS B 301 26.19 25.81 42.36
N SER B 302 26.03 27.13 42.24
CA SER B 302 27.19 27.97 41.93
C SER B 302 27.98 28.30 43.18
N ARG B 303 27.30 28.58 44.29
CA ARG B 303 27.99 28.88 45.53
C ARG B 303 28.65 27.66 46.16
N LEU B 304 28.37 26.46 45.66
CA LEU B 304 29.03 25.24 46.09
C LEU B 304 30.20 24.85 45.20
N LEU B 305 30.07 24.96 43.88
CA LEU B 305 31.12 24.57 42.96
C LEU B 305 32.08 25.71 42.64
N GLU B 306 31.98 26.84 43.31
CA GLU B 306 32.98 27.88 43.15
C GLU B 306 34.14 27.71 44.11
N ARG B 307 34.00 26.88 45.14
CA ARG B 307 35.06 26.66 46.11
C ARG B 307 36.18 25.80 45.55
N ALA B 308 35.89 24.93 44.59
CA ALA B 308 36.89 24.01 44.06
C ALA B 308 37.87 24.78 43.19
N ALA B 309 38.98 25.22 43.80
CA ALA B 309 39.93 26.10 43.12
C ALA B 309 41.34 25.69 43.49
N LYS B 310 42.30 26.31 42.84
CA LYS B 310 43.72 26.08 43.12
C LYS B 310 44.36 27.38 43.57
N MET B 311 44.89 27.39 44.79
CA MET B 311 45.53 28.58 45.31
C MET B 311 46.92 28.76 44.68
N ASN B 312 47.46 29.96 44.83
CA ASN B 312 48.77 30.28 44.29
C ASN B 312 49.85 29.80 45.26
N ASP B 313 51.12 30.02 44.91
CA ASP B 313 52.22 29.55 45.73
C ASP B 313 52.41 30.38 47.00
N ALA B 314 51.85 31.58 47.06
CA ALA B 314 51.93 32.38 48.27
C ALA B 314 50.87 31.99 49.29
N PHE B 315 49.92 31.12 48.92
CA PHE B 315 48.85 30.69 49.82
C PHE B 315 48.98 29.23 50.22
N GLY B 316 50.09 28.58 49.89
CA GLY B 316 50.28 27.19 50.24
C GLY B 316 50.47 26.29 49.05
N GLY B 317 49.68 26.48 48.00
CA GLY B 317 49.82 25.72 46.78
C GLY B 317 48.92 24.51 46.66
N GLY B 318 47.92 24.38 47.53
CA GLY B 318 47.00 23.26 47.46
C GLY B 318 45.97 23.44 46.36
N SER B 319 44.99 22.54 46.36
CA SER B 319 43.95 22.56 45.34
C SER B 319 42.72 21.85 45.88
N LEU B 320 41.69 21.79 45.04
CA LEU B 320 40.46 21.07 45.34
C LEU B 320 39.74 20.81 44.03
N THR B 321 39.59 19.54 43.67
CA THR B 321 38.95 19.13 42.44
C THR B 321 37.56 18.60 42.75
N ALA B 322 36.58 18.94 41.92
CA ALA B 322 35.22 18.44 42.09
C ALA B 322 34.80 17.66 40.86
N LEU B 323 33.88 16.71 41.06
CA LEU B 323 33.36 15.87 39.98
C LEU B 323 31.89 15.57 40.24
N PRO B 324 30.99 16.51 39.98
CA PRO B 324 29.57 16.27 40.24
C PRO B 324 28.96 15.32 39.23
N VAL B 325 27.79 14.80 39.59
CA VAL B 325 27.07 13.83 38.77
C VAL B 325 25.65 14.33 38.55
N ILE B 326 25.22 14.37 37.29
CA ILE B 326 23.86 14.77 36.92
C ILE B 326 23.23 13.62 36.14
N GLU B 327 21.98 13.31 36.46
CA GLU B 327 21.24 12.27 35.76
C GLU B 327 20.17 12.91 34.87
N THR B 328 20.19 12.57 33.58
CA THR B 328 19.23 13.09 32.62
C THR B 328 18.19 12.04 32.28
N GLN B 329 17.01 12.52 31.88
CA GLN B 329 15.87 11.68 31.53
C GLN B 329 15.83 11.54 30.01
N ALA B 330 16.31 10.39 29.52
CA ALA B 330 16.29 10.01 28.10
C ALA B 330 17.07 11.00 27.23
N GLY B 331 18.34 11.20 27.58
CA GLY B 331 19.25 11.98 26.77
C GLY B 331 18.96 13.45 26.70
N ASP B 332 18.22 14.00 27.66
CA ASP B 332 17.76 15.39 27.62
C ASP B 332 18.85 16.27 28.23
N VAL B 333 19.68 16.85 27.36
CA VAL B 333 20.79 17.70 27.79
C VAL B 333 20.34 19.14 27.52
N SER B 334 19.03 19.33 27.37
CA SER B 334 18.48 20.65 27.17
C SER B 334 17.40 20.96 28.18
N ALA B 335 17.51 20.41 29.37
CA ALA B 335 16.52 20.65 30.42
C ALA B 335 17.02 21.76 31.33
N TYR B 336 16.30 22.01 32.43
CA TYR B 336 16.59 23.14 33.29
C TYR B 336 17.83 22.91 34.13
N ILE B 337 17.90 21.76 34.81
CA ILE B 337 19.02 21.46 35.69
C ILE B 337 20.29 21.05 34.92
N PRO B 338 20.27 20.20 33.89
CA PRO B 338 21.55 19.91 33.20
C PRO B 338 22.09 21.04 32.33
N THR B 339 21.43 22.20 32.27
CA THR B 339 22.04 23.38 31.65
C THR B 339 22.52 24.39 32.67
N ASN B 340 21.98 24.36 33.89
CA ASN B 340 22.48 25.20 34.96
C ASN B 340 23.83 24.74 35.47
N VAL B 341 24.23 23.51 35.17
CA VAL B 341 25.50 22.97 35.65
C VAL B 341 26.51 22.83 34.52
N ILE B 342 26.06 22.71 33.26
CA ILE B 342 26.97 22.87 32.12
C ILE B 342 27.52 24.29 32.06
N SER B 343 26.71 25.29 32.43
CA SER B 343 27.16 26.67 32.44
C SER B 343 27.92 27.04 33.70
N ILE B 344 28.43 26.07 34.45
CA ILE B 344 29.31 26.29 35.60
C ILE B 344 30.63 25.55 35.44
N THR B 345 30.57 24.25 35.21
CA THR B 345 31.75 23.40 35.20
C THR B 345 32.58 23.60 33.93
N ASP B 346 33.84 23.22 34.02
CA ASP B 346 34.83 23.47 32.96
C ASP B 346 34.97 22.27 32.05
N GLY B 347 33.87 21.78 31.52
CA GLY B 347 33.89 20.65 30.61
C GLY B 347 32.80 19.66 30.92
N GLN B 348 32.80 18.56 30.16
CA GLN B 348 31.78 17.53 30.27
C GLN B 348 32.39 16.17 29.98
N ILE B 349 31.68 15.13 30.43
CA ILE B 349 31.92 13.74 30.04
C ILE B 349 30.55 13.12 29.83
N PHE B 350 30.30 12.60 28.63
CA PHE B 350 28.98 12.10 28.26
C PHE B 350 28.98 10.57 28.23
N LEU B 351 27.94 9.98 28.81
CA LEU B 351 27.79 8.53 28.87
C LEU B 351 26.51 8.16 28.14
N GLU B 352 26.65 7.50 27.00
CA GLU B 352 25.50 7.16 26.17
C GLU B 352 24.85 5.86 26.62
N THR B 353 23.52 5.86 26.68
CA THR B 353 22.79 4.65 27.03
C THR B 353 22.56 3.73 25.85
N GLU B 354 22.95 4.14 24.65
CA GLU B 354 22.82 3.31 23.46
C GLU B 354 24.18 2.90 22.89
N LEU B 355 25.27 3.24 23.58
CA LEU B 355 26.53 2.56 23.43
C LEU B 355 26.81 1.60 24.58
N PHE B 356 26.12 1.78 25.71
CA PHE B 356 26.23 0.84 26.82
C PHE B 356 25.47 -0.44 26.51
N TYR B 357 24.51 -0.38 25.60
CA TYR B 357 23.76 -1.56 25.21
C TYR B 357 24.46 -2.34 24.09
N LYS B 358 25.25 -1.66 23.27
CA LYS B 358 25.97 -2.31 22.17
C LYS B 358 27.25 -3.00 22.60
N GLY B 359 27.61 -2.92 23.89
CA GLY B 359 28.77 -3.62 24.38
C GLY B 359 30.03 -2.81 24.52
N ILE B 360 30.00 -1.52 24.19
CA ILE B 360 31.14 -0.63 24.39
C ILE B 360 31.05 -0.08 25.81
N ARG B 361 32.06 -0.37 26.63
CA ARG B 361 32.07 0.02 28.02
C ARG B 361 33.49 0.42 28.42
N PRO B 362 33.68 1.62 29.00
CA PRO B 362 32.70 2.66 29.34
C PRO B 362 32.20 3.46 28.14
N ALA B 363 30.89 3.69 28.10
CA ALA B 363 30.23 4.22 26.91
C ALA B 363 30.42 5.72 26.84
N ILE B 364 31.65 6.15 26.57
CA ILE B 364 31.99 7.58 26.55
C ILE B 364 31.77 8.11 25.15
N ASN B 365 30.88 9.09 25.03
CA ASN B 365 30.65 9.80 23.78
C ASN B 365 31.86 10.69 23.54
N VAL B 366 32.68 10.33 22.56
CA VAL B 366 33.94 11.06 22.35
C VAL B 366 33.67 12.35 21.59
N GLY B 367 32.50 12.45 20.95
CA GLY B 367 32.20 13.65 20.18
C GLY B 367 31.78 14.82 21.04
N LEU B 368 31.07 14.56 22.12
CA LEU B 368 30.51 15.61 22.95
C LEU B 368 31.26 15.81 24.26
N SER B 369 32.38 15.11 24.47
CA SER B 369 33.16 15.23 25.69
C SER B 369 34.31 16.18 25.46
N VAL B 370 34.36 17.24 26.26
CA VAL B 370 35.35 18.30 26.12
C VAL B 370 35.86 18.66 27.51
N SER B 371 37.10 19.17 27.56
CA SER B 371 37.71 19.65 28.80
C SER B 371 38.61 20.82 28.42
N ARG B 372 38.20 22.03 28.80
CA ARG B 372 38.83 23.23 28.27
C ARG B 372 40.17 23.50 28.95
N VAL B 373 40.14 23.76 30.26
CA VAL B 373 41.32 24.27 30.93
C VAL B 373 42.29 23.14 31.26
N GLY B 374 41.81 21.89 31.28
CA GLY B 374 42.65 20.80 31.72
C GLY B 374 43.45 20.16 30.60
N SER B 375 43.41 20.74 29.40
CA SER B 375 44.18 20.19 28.30
C SER B 375 45.66 20.57 28.36
N ALA B 376 45.98 21.72 28.95
CA ALA B 376 47.37 22.16 29.00
C ALA B 376 48.14 21.48 30.13
N ALA B 377 47.45 20.85 31.06
CA ALA B 377 48.07 20.18 32.19
C ALA B 377 47.88 18.68 32.01
N GLN B 378 48.79 18.07 31.24
CA GLN B 378 48.89 16.63 31.14
C GLN B 378 50.34 16.30 30.83
N THR B 379 50.65 15.01 30.88
CA THR B 379 52.02 14.56 30.66
C THR B 379 52.39 14.68 29.19
N ARG B 380 53.62 15.14 28.93
CA ARG B 380 54.11 15.25 27.56
C ARG B 380 54.31 13.88 26.91
N ALA B 381 54.48 12.82 27.70
CA ALA B 381 54.46 11.47 27.15
C ALA B 381 53.09 11.13 26.60
N MET B 382 52.03 11.52 27.31
CA MET B 382 50.67 11.26 26.85
C MET B 382 50.29 12.20 25.71
N LYS B 383 50.75 13.45 25.75
CA LYS B 383 50.40 14.40 24.71
C LYS B 383 51.09 14.08 23.38
N GLN B 384 52.22 13.38 23.43
CA GLN B 384 52.93 13.01 22.23
C GLN B 384 52.25 11.88 21.45
N VAL B 385 51.40 11.10 22.10
CA VAL B 385 50.75 9.95 21.48
C VAL B 385 49.25 10.17 21.33
N ALA B 386 48.59 10.66 22.38
CA ALA B 386 47.15 10.90 22.31
C ALA B 386 46.78 12.09 21.44
N GLY B 387 47.73 12.96 21.10
CA GLY B 387 47.47 13.98 20.10
C GLY B 387 47.28 13.44 18.71
N THR B 388 47.77 12.22 18.45
CA THR B 388 47.57 11.58 17.15
C THR B 388 46.24 10.86 17.09
N MET B 389 45.86 10.17 18.18
CA MET B 389 44.59 9.45 18.26
C MET B 389 43.38 10.38 18.24
N LYS B 390 43.57 11.65 18.61
CA LYS B 390 42.52 12.66 18.45
C LYS B 390 42.19 12.89 16.98
N LEU B 391 43.16 12.69 16.09
CA LEU B 391 42.92 12.92 14.67
C LEU B 391 42.14 11.78 14.03
N GLU B 392 42.55 10.53 14.30
CA GLU B 392 41.91 9.38 13.66
C GLU B 392 40.52 9.10 14.19
N LEU B 393 40.24 9.43 15.45
CA LEU B 393 38.89 9.31 15.97
C LEU B 393 37.96 10.38 15.42
N ALA B 394 38.51 11.45 14.85
CA ALA B 394 37.72 12.41 14.10
C ALA B 394 37.42 11.93 12.69
N GLN B 395 38.42 11.35 12.00
CA GLN B 395 38.23 10.93 10.62
C GLN B 395 37.39 9.66 10.51
N TYR B 396 37.26 8.91 11.61
CA TYR B 396 36.32 7.79 11.64
C TYR B 396 34.87 8.26 11.69
N ARG B 397 34.62 9.50 12.12
CA ARG B 397 33.27 9.94 12.43
C ARG B 397 32.57 10.60 11.24
N GLU B 398 33.32 11.04 10.23
CA GLU B 398 32.65 11.54 9.02
C GLU B 398 32.13 10.40 8.15
N VAL B 399 32.90 9.33 8.03
CA VAL B 399 32.52 8.19 7.21
C VAL B 399 31.66 7.27 8.09
N ALA B 400 30.37 7.59 8.17
CA ALA B 400 29.44 6.82 8.98
C ALA B 400 28.16 6.52 8.21
N LEU B 409 33.75 -0.20 -0.52
CA LEU B 409 34.66 -0.46 -1.65
C LEU B 409 35.30 0.83 -2.14
N ASP B 410 34.88 1.95 -1.56
CA ASP B 410 35.34 3.26 -2.01
C ASP B 410 36.77 3.51 -1.56
N ALA B 411 37.44 4.41 -2.28
CA ALA B 411 38.78 4.81 -1.90
C ALA B 411 38.72 5.89 -0.82
N ALA B 412 39.74 5.86 0.04
CA ALA B 412 39.93 6.75 1.20
C ALA B 412 38.77 6.68 2.20
N THR B 413 38.03 5.59 2.21
CA THR B 413 37.00 5.34 3.20
C THR B 413 37.22 4.00 3.90
N GLN B 414 37.61 2.97 3.18
CA GLN B 414 37.87 1.66 3.77
C GLN B 414 39.26 1.56 4.39
N GLN B 415 40.06 2.63 4.35
CA GLN B 415 41.25 2.68 5.17
C GLN B 415 40.98 3.22 6.56
N LEU B 416 40.20 4.29 6.67
CA LEU B 416 39.88 4.88 7.96
C LEU B 416 38.81 4.09 8.69
N LEU B 417 37.94 3.39 7.96
CA LEU B 417 37.00 2.49 8.60
C LEU B 417 37.67 1.21 9.10
N SER B 418 38.90 0.93 8.69
CA SER B 418 39.66 -0.17 9.26
C SER B 418 40.36 0.23 10.55
N ARG B 419 41.12 1.32 10.52
CA ARG B 419 41.83 1.79 11.70
C ARG B 419 40.88 2.31 12.78
N GLY B 420 39.79 2.96 12.36
CA GLY B 420 38.90 3.60 13.33
C GLY B 420 38.09 2.64 14.18
N VAL B 421 38.06 1.36 13.80
CA VAL B 421 37.41 0.38 14.67
C VAL B 421 38.44 -0.25 15.60
N ARG B 422 39.70 -0.32 15.19
CA ARG B 422 40.73 -0.88 16.05
C ARG B 422 41.11 0.06 17.18
N LEU B 423 40.80 1.36 17.03
CA LEU B 423 41.02 2.30 18.12
C LEU B 423 39.82 2.40 19.04
N THR B 424 38.62 2.07 18.54
CA THR B 424 37.46 2.03 19.42
C THR B 424 37.53 0.83 20.36
N GLU B 425 38.00 -0.31 19.85
CA GLU B 425 38.13 -1.50 20.69
C GLU B 425 39.35 -1.43 21.59
N LEU B 426 40.31 -0.56 21.26
CA LEU B 426 41.46 -0.35 22.13
C LEU B 426 41.11 0.43 23.39
N LEU B 427 40.00 1.17 23.37
CA LEU B 427 39.61 2.00 24.50
C LEU B 427 38.56 1.36 25.38
N LYS B 428 38.41 0.04 25.33
CA LYS B 428 37.56 -0.64 26.31
C LYS B 428 38.40 -1.03 27.52
N GLN B 429 37.74 -1.13 28.67
CA GLN B 429 38.45 -1.31 29.92
C GLN B 429 37.56 -2.03 30.91
N GLY B 430 38.10 -3.05 31.56
CA GLY B 430 37.37 -3.78 32.56
C GLY B 430 37.15 -2.98 33.82
N GLN B 431 36.20 -3.44 34.62
CA GLN B 431 35.87 -2.76 35.86
C GLN B 431 36.96 -2.97 36.90
N TYR B 432 37.20 -1.92 37.70
CA TYR B 432 38.09 -1.94 38.87
C TYR B 432 39.53 -2.28 38.53
N ALA B 433 39.97 -1.92 37.32
CA ALA B 433 41.35 -2.16 36.87
C ALA B 433 41.98 -0.82 36.50
N PRO B 434 42.38 -0.02 37.48
CA PRO B 434 42.99 1.28 37.16
C PRO B 434 44.43 1.10 36.72
N MET B 435 44.71 1.52 35.50
CA MET B 435 46.04 1.40 34.92
C MET B 435 46.91 2.59 35.31
N ALA B 436 48.22 2.38 35.33
CA ALA B 436 49.15 3.46 35.58
C ALA B 436 49.30 4.31 34.31
N ILE B 437 50.00 5.44 34.44
CA ILE B 437 50.13 6.37 33.32
C ILE B 437 51.05 5.82 32.24
N GLU B 438 52.19 5.24 32.63
CA GLU B 438 53.19 4.81 31.65
C GLU B 438 52.86 3.45 31.04
N GLU B 439 51.88 2.73 31.57
CA GLU B 439 51.43 1.51 30.92
C GLU B 439 50.37 1.81 29.87
N GLN B 440 49.62 2.90 30.03
CA GLN B 440 48.72 3.38 28.99
C GLN B 440 49.48 3.79 27.73
N VAL B 441 50.60 4.51 27.90
CA VAL B 441 51.29 5.13 26.78
C VAL B 441 51.99 4.12 25.87
N ALA B 442 52.06 2.86 26.27
CA ALA B 442 52.54 1.82 25.36
C ALA B 442 51.41 1.15 24.58
N VAL B 443 50.22 1.07 25.15
CA VAL B 443 49.09 0.45 24.47
C VAL B 443 48.46 1.41 23.45
N ILE B 444 48.40 2.70 23.78
CA ILE B 444 47.97 3.69 22.80
C ILE B 444 49.04 3.89 21.73
N TYR B 445 50.30 3.58 22.05
CA TYR B 445 51.37 3.65 21.05
C TYR B 445 51.18 2.62 19.95
N ALA B 446 50.82 1.39 20.29
CA ALA B 446 50.68 0.33 19.30
C ALA B 446 49.47 0.52 18.42
N GLY B 447 48.48 1.30 18.84
CA GLY B 447 47.28 1.48 18.06
C GLY B 447 47.30 2.68 17.14
N VAL B 448 48.24 3.60 17.36
CA VAL B 448 48.32 4.79 16.53
C VAL B 448 49.58 4.84 15.67
N ARG B 449 50.59 4.01 15.97
CA ARG B 449 51.79 3.95 15.15
C ARG B 449 51.68 2.95 14.01
N GLY B 450 50.56 2.23 13.91
CA GLY B 450 50.36 1.31 12.80
C GLY B 450 51.06 -0.03 12.95
N TYR B 451 50.68 -0.79 13.98
CA TYR B 451 51.21 -2.13 14.19
C TYR B 451 50.13 -3.18 14.23
N LEU B 452 48.97 -2.90 14.81
CA LEU B 452 47.85 -3.81 14.86
C LEU B 452 46.82 -3.58 13.75
N ASP B 453 47.25 -3.01 12.62
CA ASP B 453 46.35 -2.77 11.49
C ASP B 453 45.97 -4.05 10.75
N LYS B 454 46.72 -5.13 10.94
CA LYS B 454 46.50 -6.36 10.21
C LYS B 454 45.57 -7.33 10.93
N LEU B 455 45.41 -7.20 12.23
CA LEU B 455 44.70 -8.19 13.02
C LEU B 455 43.20 -8.11 12.80
N GLU B 456 42.50 -9.13 13.29
CA GLU B 456 41.04 -9.13 13.24
C GLU B 456 40.50 -8.27 14.38
N PRO B 457 39.30 -7.70 14.24
CA PRO B 457 38.78 -6.84 15.32
C PRO B 457 38.38 -7.60 16.57
N SER B 458 37.98 -8.87 16.44
CA SER B 458 37.55 -9.61 17.62
C SER B 458 38.71 -10.08 18.48
N LYS B 459 39.92 -10.16 17.93
CA LYS B 459 41.08 -10.68 18.64
C LYS B 459 42.02 -9.56 19.09
N ILE B 460 41.47 -8.41 19.48
CA ILE B 460 42.31 -7.31 19.91
C ILE B 460 42.16 -7.03 21.41
N THR B 461 41.05 -7.46 22.02
CA THR B 461 40.97 -7.46 23.47
C THR B 461 41.88 -8.54 24.06
N LYS B 462 42.10 -9.62 23.29
CA LYS B 462 43.08 -10.63 23.67
C LYS B 462 44.50 -10.12 23.54
N PHE B 463 44.73 -9.14 22.66
CA PHE B 463 46.10 -8.68 22.40
C PHE B 463 46.61 -7.75 23.48
N GLU B 464 45.76 -6.86 24.00
CA GLU B 464 46.18 -5.93 25.04
C GLU B 464 46.47 -6.63 26.35
N ASN B 465 45.77 -7.72 26.65
CA ASN B 465 45.98 -8.43 27.90
C ASN B 465 47.21 -9.33 27.84
N ALA B 466 47.76 -9.55 26.64
CA ALA B 466 48.96 -10.36 26.52
C ALA B 466 50.22 -9.51 26.41
N PHE B 467 50.13 -8.34 25.77
CA PHE B 467 51.32 -7.50 25.61
C PHE B 467 51.69 -6.80 26.92
N LEU B 468 50.69 -6.33 27.66
CA LEU B 468 50.95 -5.64 28.93
C LEU B 468 51.48 -6.58 29.99
N SER B 469 51.03 -7.84 29.99
CA SER B 469 51.40 -8.77 31.04
C SER B 469 52.85 -9.22 30.94
N HIS B 470 53.50 -9.01 29.80
CA HIS B 470 54.89 -9.40 29.61
C HIS B 470 55.87 -8.25 29.66
N VAL B 471 55.50 -7.07 29.12
CA VAL B 471 56.40 -5.93 29.16
C VAL B 471 56.46 -5.34 30.58
N ILE B 472 55.48 -5.66 31.42
CA ILE B 472 55.56 -5.34 32.84
C ILE B 472 56.55 -6.21 33.59
N SER B 473 57.02 -7.30 32.98
CA SER B 473 57.92 -8.25 33.62
C SER B 473 59.32 -8.22 33.03
N GLN B 474 59.46 -8.41 31.72
CA GLN B 474 60.79 -8.52 31.12
C GLN B 474 61.36 -7.16 30.76
N HIS B 475 60.51 -6.14 30.64
CA HIS B 475 61.00 -4.78 30.39
C HIS B 475 60.49 -3.82 31.46
N GLN B 476 60.55 -4.25 32.72
CA GLN B 476 60.08 -3.39 33.81
C GLN B 476 61.06 -2.25 34.08
N ALA B 477 62.35 -2.55 34.07
CA ALA B 477 63.37 -1.53 34.30
C ALA B 477 63.56 -0.60 33.12
N LEU B 478 63.02 -0.96 31.96
CA LEU B 478 63.10 -0.13 30.76
C LEU B 478 61.84 0.69 30.54
N LEU B 479 60.77 0.39 31.29
CA LEU B 479 59.55 1.18 31.27
C LEU B 479 59.60 2.35 32.24
N GLY B 480 60.42 2.26 33.29
CA GLY B 480 60.49 3.29 34.30
C GLY B 480 61.04 4.61 33.81
N LYS B 481 61.80 4.61 32.73
CA LYS B 481 62.32 5.85 32.18
C LYS B 481 61.26 6.68 31.48
N ILE B 482 60.12 6.08 31.13
CA ILE B 482 58.99 6.87 30.64
C ILE B 482 58.38 7.67 31.78
N ARG B 483 58.16 7.03 32.93
CA ARG B 483 57.54 7.69 34.06
C ARG B 483 58.50 8.64 34.78
N ALA B 484 59.79 8.31 34.77
CA ALA B 484 60.76 9.16 35.46
C ALA B 484 61.07 10.43 34.67
N ASP B 485 61.44 10.27 33.39
CA ASP B 485 61.79 11.42 32.58
C ASP B 485 60.55 12.16 32.08
N GLY B 486 59.38 11.52 32.10
CA GLY B 486 58.15 12.19 31.76
C GLY B 486 57.90 12.42 30.28
N LYS B 487 58.64 11.76 29.40
CA LYS B 487 58.53 12.01 27.97
C LYS B 487 59.05 10.81 27.19
N ILE B 488 58.77 10.81 25.89
CA ILE B 488 59.28 9.80 24.97
C ILE B 488 60.37 10.47 24.13
N SER B 489 61.62 10.11 24.38
CA SER B 489 62.73 10.71 23.65
C SER B 489 63.05 9.89 22.40
N GLU B 490 64.19 10.21 21.79
CA GLU B 490 64.61 9.50 20.58
C GLU B 490 65.18 8.12 20.89
N GLU B 491 65.60 7.89 22.13
CA GLU B 491 66.13 6.58 22.48
C GLU B 491 65.05 5.64 22.99
N THR B 492 63.97 6.19 23.54
CA THR B 492 62.89 5.35 24.05
C THR B 492 62.00 4.84 22.93
N ASP B 493 61.69 5.68 21.95
CA ASP B 493 60.80 5.25 20.87
C ASP B 493 61.51 4.35 19.88
N ALA B 494 62.83 4.49 19.74
CA ALA B 494 63.60 3.53 18.96
C ALA B 494 63.70 2.20 19.68
N LYS B 495 63.66 2.25 21.02
CA LYS B 495 63.63 1.03 21.81
C LYS B 495 62.24 0.42 21.82
N LEU B 496 61.19 1.26 21.79
CA LEU B 496 59.82 0.78 21.83
C LEU B 496 59.40 0.14 20.52
N LYS B 497 60.10 0.42 19.43
CA LYS B 497 59.79 -0.19 18.14
C LYS B 497 60.09 -1.68 18.14
N GLU B 498 61.10 -2.09 18.91
CA GLU B 498 61.51 -3.49 18.90
C GLU B 498 60.69 -4.34 19.85
N ILE B 499 60.09 -3.74 20.87
CA ILE B 499 59.33 -4.51 21.85
C ILE B 499 58.03 -5.02 21.24
N VAL B 500 57.39 -4.20 20.41
CA VAL B 500 56.12 -4.59 19.83
C VAL B 500 56.28 -5.55 18.66
N THR B 501 57.20 -5.25 17.73
CA THR B 501 57.34 -6.06 16.53
C THR B 501 58.00 -7.41 16.80
N ASN B 502 58.61 -7.60 17.97
CA ASN B 502 59.05 -8.92 18.38
C ASN B 502 57.94 -9.67 19.10
N PHE B 503 56.96 -8.94 19.64
CA PHE B 503 55.84 -9.60 20.32
C PHE B 503 54.78 -10.06 19.33
N LEU B 504 54.62 -9.36 18.21
CA LEU B 504 53.64 -9.78 17.22
C LEU B 504 54.09 -11.03 16.47
N ALA B 505 55.39 -11.25 16.37
CA ALA B 505 55.90 -12.50 15.81
C ALA B 505 55.68 -13.68 16.75
N GLY B 506 55.55 -13.43 18.05
CA GLY B 506 55.33 -14.50 19.01
C GLY B 506 53.89 -14.64 19.45
N PHE B 507 53.07 -13.61 19.22
CA PHE B 507 51.65 -13.65 19.53
C PHE B 507 50.95 -14.50 18.48
N GLU B 508 50.44 -15.65 18.90
CA GLU B 508 49.79 -16.59 17.98
C GLU B 508 48.42 -16.05 17.60
N ALA B 509 48.21 -15.82 16.31
CA ALA B 509 46.95 -15.32 15.80
C ALA B 509 45.90 -16.41 15.77
N VAL C 22 -5.30 69.98 60.55
CA VAL C 22 -5.10 69.36 59.25
C VAL C 22 -6.43 68.83 58.70
N ASP C 23 -6.70 69.15 57.44
CA ASP C 23 -7.90 68.69 56.77
C ASP C 23 -7.67 67.30 56.18
N LEU C 24 -8.72 66.49 56.14
CA LEU C 24 -8.67 65.15 55.59
C LEU C 24 -9.72 64.95 54.52
N GLU C 25 -10.13 66.03 53.86
CA GLU C 25 -11.13 65.91 52.80
C GLU C 25 -10.65 66.55 51.52
N GLU C 26 -9.81 67.57 51.63
CA GLU C 26 -9.21 68.21 50.46
C GLU C 26 -7.73 67.90 50.33
N THR C 27 -7.15 67.19 51.29
CA THR C 27 -5.73 66.86 51.28
C THR C 27 -5.51 65.63 52.15
N GLY C 28 -4.36 64.98 51.96
CA GLY C 28 -4.04 63.76 52.67
C GLY C 28 -2.55 63.50 52.68
N ARG C 29 -2.17 62.44 53.39
CA ARG C 29 -0.78 62.12 53.65
C ARG C 29 -0.41 60.75 53.12
N VAL C 30 0.84 60.60 52.68
CA VAL C 30 1.33 59.37 52.09
C VAL C 30 1.61 58.35 53.19
N LEU C 31 1.09 57.13 53.03
CA LEU C 31 1.28 56.06 54.00
C LEU C 31 2.48 55.19 53.70
N SER C 32 2.56 54.64 52.49
CA SER C 32 3.62 53.68 52.18
C SER C 32 3.91 53.72 50.68
N ILE C 33 4.93 54.44 50.30
CA ILE C 33 5.39 54.44 48.92
C ILE C 33 6.24 53.20 48.69
N GLY C 34 6.06 52.56 47.54
CA GLY C 34 6.95 51.51 47.13
C GLY C 34 6.72 51.06 45.70
N ASP C 35 7.80 51.04 44.91
CA ASP C 35 7.84 50.50 43.54
C ASP C 35 6.91 51.23 42.56
N GLY C 36 6.47 52.44 42.90
CA GLY C 36 5.60 53.23 42.05
C GLY C 36 4.23 53.48 42.61
N ILE C 37 3.71 52.57 43.42
CA ILE C 37 2.37 52.69 43.99
C ILE C 37 2.50 53.41 45.33
N ALA C 38 1.44 54.11 45.73
CA ALA C 38 1.50 54.90 46.95
C ALA C 38 0.14 54.94 47.61
N ARG C 39 -0.06 54.10 48.63
CA ARG C 39 -1.24 54.17 49.46
C ARG C 39 -1.24 55.49 50.22
N VAL C 40 -2.36 56.21 50.17
CA VAL C 40 -2.44 57.58 50.69
C VAL C 40 -3.59 57.64 51.69
N HIS C 41 -3.29 58.10 52.90
CA HIS C 41 -4.30 58.22 53.94
C HIS C 41 -5.00 59.58 53.83
N GLY C 42 -6.31 59.57 54.02
CA GLY C 42 -7.10 60.79 53.91
C GLY C 42 -7.89 60.83 52.63
N LEU C 43 -8.13 62.04 52.11
CA LEU C 43 -8.76 62.30 50.81
C LEU C 43 -10.17 61.69 50.72
N ARG C 44 -11.07 62.20 51.56
CA ARG C 44 -12.44 61.72 51.59
C ARG C 44 -13.29 62.25 50.43
N ASN C 45 -12.78 63.18 49.64
CA ASN C 45 -13.55 63.82 48.58
C ASN C 45 -12.83 63.70 47.24
N VAL C 46 -12.29 62.53 46.94
CA VAL C 46 -11.58 62.29 45.70
C VAL C 46 -12.45 61.42 44.81
N GLN C 47 -12.73 61.90 43.59
CA GLN C 47 -13.46 61.12 42.61
C GLN C 47 -12.56 60.04 42.03
N ALA C 48 -13.19 58.97 41.53
CA ALA C 48 -12.44 57.89 40.90
C ALA C 48 -11.80 58.36 39.61
N GLU C 49 -10.57 57.87 39.37
CA GLU C 49 -9.71 58.22 38.24
C GLU C 49 -9.42 59.72 38.16
N GLU C 50 -9.32 60.40 39.30
CA GLU C 50 -8.96 61.81 39.35
C GLU C 50 -7.45 61.95 39.49
N MET C 51 -6.90 62.97 38.84
CA MET C 51 -5.46 63.25 38.92
C MET C 51 -5.18 64.13 40.12
N VAL C 52 -4.21 63.71 40.95
CA VAL C 52 -3.81 64.46 42.14
C VAL C 52 -2.34 64.87 41.98
N GLU C 53 -1.91 65.78 42.84
CA GLU C 53 -0.59 66.40 42.75
C GLU C 53 0.13 66.23 44.08
N PHE C 54 1.36 65.71 44.03
CA PHE C 54 2.13 65.46 45.23
C PHE C 54 2.75 66.77 45.74
N SER C 55 3.51 66.70 46.82
CA SER C 55 4.16 67.88 47.36
C SER C 55 5.51 68.17 46.70
N SER C 56 6.18 67.14 46.20
CA SER C 56 7.48 67.32 45.57
C SER C 56 7.38 67.87 44.16
N GLY C 57 6.25 67.70 43.49
CA GLY C 57 6.07 68.17 42.13
C GLY C 57 5.58 67.12 41.15
N LEU C 58 5.50 65.86 41.57
CA LEU C 58 4.96 64.82 40.69
C LEU C 58 3.43 64.91 40.65
N LYS C 59 2.83 64.05 39.84
CA LYS C 59 1.39 63.99 39.69
C LYS C 59 0.93 62.54 39.77
N GLY C 60 -0.24 62.34 40.38
CA GLY C 60 -0.77 61.01 40.57
C GLY C 60 -2.11 60.79 39.92
N MET C 61 -2.72 59.62 40.14
CA MET C 61 -4.04 59.30 39.60
C MET C 61 -4.65 58.21 40.46
N SER C 62 -5.72 58.54 41.18
CA SER C 62 -6.31 57.63 42.15
C SER C 62 -7.14 56.57 41.44
N LEU C 63 -6.67 55.32 41.45
CA LEU C 63 -7.40 54.22 40.82
C LEU C 63 -8.27 53.47 41.82
N ASN C 64 -7.66 52.88 42.85
CA ASN C 64 -8.39 52.13 43.86
C ASN C 64 -8.94 53.08 44.91
N LEU C 65 -10.19 52.86 45.30
CA LEU C 65 -10.80 53.57 46.42
C LEU C 65 -11.22 52.52 47.43
N GLU C 66 -10.59 52.55 48.60
CA GLU C 66 -10.82 51.62 49.68
C GLU C 66 -11.31 52.40 50.91
N PRO C 67 -11.96 51.74 51.87
CA PRO C 67 -12.54 52.49 53.01
C PRO C 67 -11.52 53.11 53.96
N ASP C 68 -10.24 52.85 53.81
CA ASP C 68 -9.23 53.50 54.64
C ASP C 68 -8.14 54.22 53.85
N ASN C 69 -7.71 53.67 52.72
CA ASN C 69 -6.63 54.27 51.95
C ASN C 69 -7.09 54.47 50.51
N VAL C 70 -6.22 55.07 49.70
CA VAL C 70 -6.50 55.41 48.31
C VAL C 70 -5.31 54.98 47.47
N GLY C 71 -5.54 54.09 46.52
CA GLY C 71 -4.46 53.64 45.66
C GLY C 71 -4.09 54.65 44.60
N VAL C 72 -2.86 55.16 44.66
CA VAL C 72 -2.42 56.24 43.77
C VAL C 72 -1.16 55.79 43.05
N VAL C 73 -1.24 55.72 41.73
CA VAL C 73 -0.07 55.46 40.89
C VAL C 73 0.62 56.80 40.65
N VAL C 74 1.90 56.77 40.30
CA VAL C 74 2.72 57.97 40.22
C VAL C 74 3.20 58.14 38.79
N PHE C 75 2.80 59.26 38.16
CA PHE C 75 3.22 59.58 36.79
C PHE C 75 4.66 60.09 36.83
N GLY C 76 5.59 59.15 36.80
CA GLY C 76 6.99 59.49 36.83
C GLY C 76 7.77 58.69 37.86
N ASN C 77 8.90 59.22 38.29
CA ASN C 77 9.77 58.53 39.25
C ASN C 77 9.32 58.83 40.68
N ASP C 78 9.61 57.89 41.58
CA ASP C 78 9.13 57.98 42.95
C ASP C 78 10.24 57.96 43.99
N LYS C 79 11.50 58.13 43.60
CA LYS C 79 12.56 58.22 44.59
C LYS C 79 12.60 59.56 45.31
N LEU C 80 11.77 60.52 44.90
CA LEU C 80 11.60 61.78 45.63
C LEU C 80 10.37 61.78 46.50
N ILE C 81 9.52 60.76 46.41
CA ILE C 81 8.41 60.59 47.33
C ILE C 81 8.89 59.82 48.55
N LYS C 82 8.37 60.17 49.71
CA LYS C 82 8.66 59.44 50.94
C LYS C 82 7.47 59.55 51.86
N GLU C 83 7.50 58.78 52.93
CA GLU C 83 6.35 58.68 53.83
C GLU C 83 6.19 59.94 54.65
N GLY C 84 4.99 60.50 54.63
CA GLY C 84 4.69 61.72 55.35
C GLY C 84 4.47 62.94 54.50
N ASP C 85 4.58 62.82 53.17
CA ASP C 85 4.37 63.95 52.28
C ASP C 85 2.88 64.31 52.23
N ILE C 86 2.59 65.44 51.60
CA ILE C 86 1.24 65.98 51.51
C ILE C 86 0.76 65.85 50.07
N VAL C 87 -0.45 65.34 49.90
CA VAL C 87 -1.06 65.13 48.59
C VAL C 87 -2.25 66.08 48.47
N LYS C 88 -2.31 66.82 47.37
CA LYS C 88 -3.36 67.80 47.13
C LYS C 88 -4.19 67.39 45.92
N ARG C 89 -5.48 67.69 45.99
CA ARG C 89 -6.38 67.44 44.88
C ARG C 89 -6.19 68.48 43.79
N THR C 90 -6.78 68.20 42.62
CA THR C 90 -6.89 69.16 41.55
C THR C 90 -8.31 69.33 41.04
N GLY C 91 -9.18 68.33 41.25
CA GLY C 91 -10.57 68.42 40.85
C GLY C 91 -10.85 68.02 39.42
N ALA C 92 -9.82 67.77 38.62
CA ALA C 92 -9.97 67.44 37.21
C ALA C 92 -9.65 65.98 36.99
N ILE C 93 -10.60 65.23 36.45
CA ILE C 93 -10.31 63.92 35.89
C ILE C 93 -9.34 64.12 34.74
N VAL C 94 -8.44 63.14 34.55
CA VAL C 94 -7.22 63.33 33.77
C VAL C 94 -7.52 63.68 32.32
N ASP C 95 -7.06 64.87 31.91
CA ASP C 95 -7.38 65.43 30.62
C ASP C 95 -6.11 65.97 29.99
N VAL C 96 -6.11 66.01 28.67
CA VAL C 96 -4.92 66.35 27.89
C VAL C 96 -5.22 67.60 27.08
N PRO C 97 -4.33 68.59 27.04
CA PRO C 97 -4.55 69.79 26.22
C PRO C 97 -4.54 69.46 24.73
N VAL C 98 -5.62 69.83 24.05
CA VAL C 98 -5.86 69.42 22.68
C VAL C 98 -6.05 70.67 21.82
N GLY C 99 -5.67 70.55 20.55
CA GLY C 99 -5.79 71.65 19.61
C GLY C 99 -5.11 71.30 18.31
N GLU C 100 -4.79 72.33 17.54
CA GLU C 100 -4.04 72.20 16.30
C GLU C 100 -2.62 72.72 16.42
N GLU C 101 -2.27 73.31 17.56
CA GLU C 101 -0.92 73.83 17.78
C GLU C 101 0.10 72.75 18.03
N LEU C 102 -0.32 71.50 18.22
CA LEU C 102 0.61 70.40 18.46
C LEU C 102 1.24 69.85 17.20
N LEU C 103 0.95 70.43 16.04
CA LEU C 103 1.54 69.95 14.79
C LEU C 103 3.01 70.35 14.73
N GLY C 104 3.88 69.36 14.59
CA GLY C 104 5.31 69.59 14.62
C GLY C 104 5.97 69.40 15.97
N ARG C 105 5.18 69.29 17.04
CA ARG C 105 5.71 69.20 18.39
C ARG C 105 5.76 67.74 18.84
N VAL C 106 6.85 67.36 19.50
CA VAL C 106 6.97 66.07 20.16
C VAL C 106 6.49 66.23 21.59
N VAL C 107 5.61 65.34 22.03
CA VAL C 107 4.84 65.49 23.26
C VAL C 107 4.98 64.20 24.05
N ASP C 108 5.05 64.29 25.38
CA ASP C 108 5.03 63.10 26.22
C ASP C 108 3.58 62.64 26.42
N ALA C 109 3.35 61.75 27.38
CA ALA C 109 2.03 61.15 27.53
C ALA C 109 1.04 62.11 28.18
N LEU C 110 1.53 63.17 28.81
CA LEU C 110 0.67 64.03 29.62
C LEU C 110 0.39 65.39 28.99
N GLY C 111 0.97 65.70 27.84
CA GLY C 111 0.74 66.97 27.20
C GLY C 111 1.93 67.90 27.15
N ASN C 112 2.99 67.62 27.88
CA ASN C 112 4.15 68.51 27.91
C ASN C 112 5.06 68.24 26.73
N ALA C 113 5.89 69.23 26.40
CA ALA C 113 6.75 69.17 25.22
C ALA C 113 8.16 68.73 25.64
N ILE C 114 8.74 67.81 24.87
CA ILE C 114 10.07 67.30 25.15
C ILE C 114 11.06 67.58 24.04
N ASP C 115 10.75 68.51 23.14
CA ASP C 115 11.67 68.86 22.06
C ASP C 115 12.44 70.14 22.35
N GLY C 116 12.14 70.83 23.44
CA GLY C 116 12.83 72.07 23.77
C GLY C 116 12.52 73.22 22.83
N LYS C 117 11.24 73.47 22.58
CA LYS C 117 10.83 74.51 21.65
C LYS C 117 9.88 75.51 22.29
N GLY C 118 9.70 75.44 23.60
CA GLY C 118 8.76 76.32 24.28
C GLY C 118 7.49 75.58 24.65
N PRO C 119 6.57 76.26 25.31
CA PRO C 119 5.34 75.59 25.75
C PRO C 119 4.36 75.39 24.61
N ILE C 120 3.31 74.62 24.88
CA ILE C 120 2.23 74.44 23.93
C ILE C 120 1.17 75.51 24.17
N GLY C 121 0.83 76.24 23.12
CA GLY C 121 -0.14 77.31 23.20
C GLY C 121 -1.58 76.90 22.93
N SER C 122 -1.97 75.69 23.30
CA SER C 122 -3.33 75.25 23.08
C SER C 122 -4.27 75.93 24.08
N LYS C 123 -5.54 76.07 23.69
CA LYS C 123 -6.53 76.77 24.49
C LYS C 123 -7.58 75.84 25.09
N THR C 124 -7.76 74.65 24.54
CA THR C 124 -8.81 73.73 24.96
C THR C 124 -8.23 72.49 25.63
N ARG C 125 -9.03 71.89 26.51
CA ARG C 125 -8.69 70.66 27.21
C ARG C 125 -9.85 69.68 27.08
N ARG C 126 -9.53 68.39 27.20
CA ARG C 126 -10.49 67.34 26.89
C ARG C 126 -10.06 66.05 27.57
N ARG C 127 -11.01 65.34 28.19
CA ARG C 127 -10.72 64.13 28.94
C ARG C 127 -10.25 62.99 28.02
N VAL C 128 -9.75 61.93 28.65
CA VAL C 128 -9.23 60.78 27.92
C VAL C 128 -10.09 59.54 28.10
N GLY C 129 -11.09 59.59 28.96
CA GLY C 129 -11.94 58.43 29.20
C GLY C 129 -13.33 58.59 28.62
N LEU C 130 -13.41 59.13 27.40
CA LEU C 130 -14.70 59.44 26.81
C LEU C 130 -15.25 58.24 26.03
N LYS C 131 -16.58 58.24 25.87
CA LYS C 131 -17.31 57.16 25.23
C LYS C 131 -17.31 57.33 23.72
N ALA C 132 -17.43 56.21 23.01
CA ALA C 132 -17.36 56.20 21.56
C ALA C 132 -18.69 56.65 20.97
N PRO C 133 -18.69 57.14 19.72
CA PRO C 133 -19.96 57.43 19.04
C PRO C 133 -20.78 56.19 18.79
N GLY C 134 -22.09 56.33 18.99
CA GLY C 134 -23.01 55.20 18.95
C GLY C 134 -23.37 54.75 17.55
N ILE C 135 -24.63 54.33 17.40
CA ILE C 135 -25.09 53.81 16.13
C ILE C 135 -25.50 54.91 15.17
N ILE C 136 -26.27 55.89 15.64
CA ILE C 136 -26.80 56.98 14.82
C ILE C 136 -25.73 57.88 14.21
N PRO C 137 -24.77 58.48 14.93
CA PRO C 137 -23.90 59.46 14.28
C PRO C 137 -22.80 58.88 13.40
N ARG C 138 -22.85 57.61 13.01
CA ARG C 138 -21.87 57.11 12.06
C ARG C 138 -22.46 57.04 10.66
N ILE C 139 -21.63 56.67 9.70
CA ILE C 139 -22.01 56.47 8.31
C ILE C 139 -20.99 55.53 7.69
N SER C 140 -21.35 54.92 6.56
CA SER C 140 -20.49 53.92 5.93
C SER C 140 -19.24 54.57 5.34
N VAL C 141 -18.22 53.75 5.14
CA VAL C 141 -16.93 54.19 4.62
C VAL C 141 -17.09 54.49 3.14
N ARG C 142 -16.72 55.70 2.73
CA ARG C 142 -16.92 56.16 1.35
C ARG C 142 -15.64 56.63 0.66
N GLU C 143 -14.70 57.20 1.41
CA GLU C 143 -13.50 57.75 0.80
C GLU C 143 -12.42 56.67 0.67
N PRO C 144 -11.40 56.91 -0.16
CA PRO C 144 -10.21 56.06 -0.11
C PRO C 144 -9.17 56.59 0.86
N MET C 145 -8.06 55.88 1.01
CA MET C 145 -6.94 56.33 1.83
C MET C 145 -5.69 55.67 1.27
N GLN C 146 -4.92 56.41 0.49
CA GLN C 146 -3.78 55.84 -0.23
C GLN C 146 -2.57 55.71 0.69
N THR C 147 -1.95 54.53 0.67
CA THR C 147 -0.83 54.24 1.55
C THR C 147 0.49 54.06 0.82
N GLY C 148 0.58 54.35 -0.47
CA GLY C 148 1.84 54.35 -1.18
C GLY C 148 2.39 52.99 -1.55
N ILE C 149 2.12 51.95 -0.77
CA ILE C 149 2.67 50.63 -1.07
C ILE C 149 1.86 50.02 -2.21
N LYS C 150 2.56 49.36 -3.13
CA LYS C 150 1.91 48.77 -4.30
C LYS C 150 0.99 47.62 -3.92
N ALA C 151 1.45 46.74 -3.03
CA ALA C 151 0.69 45.55 -2.67
C ALA C 151 -0.51 45.86 -1.77
N VAL C 152 -0.50 46.99 -1.07
CA VAL C 152 -1.61 47.29 -0.18
C VAL C 152 -2.70 48.05 -0.92
N ASP C 153 -2.35 48.91 -1.87
CA ASP C 153 -3.37 49.70 -2.53
C ASP C 153 -4.11 48.92 -3.61
N SER C 154 -3.51 47.88 -4.15
CA SER C 154 -4.16 47.06 -5.17
C SER C 154 -5.00 45.94 -4.57
N LEU C 155 -4.47 45.24 -3.57
CA LEU C 155 -5.10 44.02 -3.10
C LEU C 155 -5.81 44.17 -1.76
N VAL C 156 -5.26 44.93 -0.82
CA VAL C 156 -5.81 45.01 0.53
C VAL C 156 -6.19 46.47 0.79
N PRO C 157 -7.24 47.00 0.19
CA PRO C 157 -7.47 48.45 0.25
C PRO C 157 -7.97 48.91 1.60
N ILE C 158 -7.53 50.09 2.00
CA ILE C 158 -7.82 50.65 3.32
C ILE C 158 -8.67 51.89 3.12
N GLY C 159 -9.85 51.90 3.73
CA GLY C 159 -10.76 53.02 3.62
C GLY C 159 -10.40 54.14 4.56
N ARG C 160 -11.35 55.03 4.81
CA ARG C 160 -11.12 56.17 5.68
C ARG C 160 -12.19 56.18 6.75
N GLY C 161 -11.83 55.73 7.95
CA GLY C 161 -12.78 55.38 8.99
C GLY C 161 -12.67 53.94 9.42
N GLN C 162 -11.83 53.16 8.76
CA GLN C 162 -11.62 51.74 9.01
C GLN C 162 -10.64 51.58 10.17
N ARG C 163 -10.19 50.35 10.39
CA ARG C 163 -9.07 50.04 11.28
C ARG C 163 -8.42 48.75 10.81
N GLU C 164 -7.17 48.84 10.39
CA GLU C 164 -6.44 47.71 9.83
C GLU C 164 -5.32 47.33 10.78
N LEU C 165 -5.17 46.04 11.03
CA LEU C 165 -4.09 45.56 11.87
C LEU C 165 -2.86 45.24 11.02
N ILE C 166 -1.69 45.62 11.54
CA ILE C 166 -0.42 45.15 11.02
C ILE C 166 0.09 44.17 12.08
N ILE C 167 0.47 42.98 11.67
CA ILE C 167 0.79 41.91 12.61
C ILE C 167 1.83 40.99 11.98
N GLY C 168 2.90 40.72 12.71
CA GLY C 168 3.94 39.83 12.26
C GLY C 168 4.97 39.67 13.34
N ASP C 169 6.12 39.13 12.94
CA ASP C 169 7.19 38.87 13.88
C ASP C 169 8.02 40.14 14.11
N ARG C 170 9.17 39.98 14.76
CA ARG C 170 10.11 41.07 14.95
C ARG C 170 11.08 41.14 13.78
N GLN C 171 11.45 42.37 13.41
CA GLN C 171 12.30 42.68 12.26
C GLN C 171 11.74 42.09 10.97
N THR C 172 10.46 42.36 10.71
CA THR C 172 9.82 41.99 9.45
C THR C 172 9.32 43.20 8.67
N GLY C 173 9.24 44.37 9.30
CA GLY C 173 8.84 45.57 8.60
C GLY C 173 7.49 46.12 9.00
N LYS C 174 7.14 46.02 10.28
CA LYS C 174 5.84 46.48 10.74
C LYS C 174 5.78 47.99 10.84
N THR C 175 6.92 48.65 11.00
CA THR C 175 6.90 50.10 11.17
C THR C 175 7.22 50.81 9.86
N SER C 176 7.98 50.16 8.98
CA SER C 176 8.24 50.73 7.66
C SER C 176 7.01 50.73 6.75
N ILE C 177 5.95 50.02 7.13
CA ILE C 177 4.67 50.15 6.43
C ILE C 177 3.93 51.37 6.96
N ALA C 178 3.98 51.61 8.26
CA ALA C 178 3.28 52.73 8.86
C ALA C 178 4.07 54.02 8.83
N ILE C 179 5.26 54.03 8.23
CA ILE C 179 6.03 55.26 8.08
C ILE C 179 5.95 55.81 6.67
N ASP C 180 5.66 54.99 5.66
CA ASP C 180 5.43 55.48 4.31
C ASP C 180 4.07 56.14 4.18
N THR C 181 3.10 55.73 4.99
CA THR C 181 1.78 56.35 4.99
C THR C 181 1.83 57.79 5.49
N ILE C 182 2.80 58.10 6.36
CA ILE C 182 2.96 59.48 6.82
C ILE C 182 3.57 60.34 5.72
N ILE C 183 4.52 59.79 4.97
CA ILE C 183 5.18 60.54 3.91
C ILE C 183 4.25 60.72 2.72
N ASN C 184 3.35 59.75 2.51
CA ASN C 184 2.50 59.72 1.32
C ASN C 184 1.47 60.84 1.28
N GLN C 185 1.09 61.40 2.42
CA GLN C 185 0.13 62.49 2.41
C GLN C 185 0.76 63.86 2.18
N LYS C 186 2.01 63.90 1.72
CA LYS C 186 2.63 65.19 1.41
C LYS C 186 1.99 65.82 0.18
N ARG C 187 1.57 64.99 -0.78
CA ARG C 187 1.00 65.52 -2.02
C ARG C 187 -0.40 66.05 -1.83
N PHE C 188 -1.10 65.61 -0.78
CA PHE C 188 -2.44 66.11 -0.51
C PHE C 188 -2.46 67.29 0.42
N ASN C 189 -1.57 67.33 1.41
CA ASN C 189 -1.53 68.43 2.37
C ASN C 189 -0.91 69.69 1.81
N ASP C 190 0.06 69.58 0.89
CA ASP C 190 0.68 70.77 0.35
C ASP C 190 -0.20 71.49 -0.66
N GLY C 191 -1.16 70.79 -1.26
CA GLY C 191 -2.04 71.38 -2.25
C GLY C 191 -3.19 72.16 -1.65
N THR C 192 -4.30 72.20 -2.37
CA THR C 192 -5.42 73.05 -1.99
C THR C 192 -6.75 72.31 -1.86
N ASP C 193 -6.80 71.00 -2.10
CA ASP C 193 -8.02 70.24 -1.89
C ASP C 193 -8.29 70.11 -0.39
N GLU C 194 -9.35 70.74 0.08
CA GLU C 194 -9.60 70.85 1.51
C GLU C 194 -10.02 69.53 2.13
N LYS C 195 -10.87 68.77 1.45
CA LYS C 195 -11.38 67.52 1.98
C LYS C 195 -10.52 66.32 1.62
N LYS C 196 -9.23 66.53 1.39
CA LYS C 196 -8.29 65.44 1.18
C LYS C 196 -7.07 65.57 2.08
N LYS C 197 -7.13 66.38 3.13
CA LYS C 197 -6.01 66.57 4.03
C LYS C 197 -6.08 65.57 5.17
N LEU C 198 -4.98 64.84 5.40
CA LEU C 198 -4.88 63.83 6.43
C LEU C 198 -3.79 64.22 7.41
N TYR C 199 -4.17 64.52 8.66
CA TYR C 199 -3.23 64.90 9.69
C TYR C 199 -2.82 63.67 10.50
N CYS C 200 -1.59 63.21 10.28
CA CYS C 200 -1.08 62.00 10.91
C CYS C 200 -0.79 62.22 12.39
N ILE C 201 -0.90 61.14 13.18
CA ILE C 201 -0.54 61.10 14.59
C ILE C 201 0.26 59.82 14.80
N TYR C 202 1.28 59.88 15.65
CA TYR C 202 2.16 58.74 15.89
C TYR C 202 2.36 58.56 17.40
N VAL C 203 1.96 57.40 17.91
CA VAL C 203 2.21 57.04 19.30
C VAL C 203 3.31 55.99 19.33
N ALA C 204 4.30 56.19 20.21
CA ALA C 204 5.46 55.29 20.30
C ALA C 204 5.55 54.76 21.72
N ILE C 205 5.17 53.51 21.91
CA ILE C 205 5.14 52.86 23.22
C ILE C 205 6.24 51.81 23.26
N GLY C 206 6.96 51.74 24.37
CA GLY C 206 7.90 50.66 24.61
C GLY C 206 9.12 50.65 23.74
N GLN C 207 9.41 51.73 23.03
CA GLN C 207 10.63 51.85 22.26
C GLN C 207 11.67 52.63 23.05
N LYS C 208 12.91 52.57 22.58
CA LYS C 208 13.93 53.38 23.21
C LYS C 208 14.00 54.75 22.56
N ARG C 209 14.66 55.68 23.24
CA ARG C 209 14.77 57.07 22.79
C ARG C 209 15.68 57.22 21.59
N SER C 210 16.48 56.21 21.25
CA SER C 210 17.33 56.24 20.07
C SER C 210 16.65 55.59 18.87
N THR C 211 15.33 55.51 18.87
CA THR C 211 14.58 55.03 17.72
C THR C 211 13.45 56.01 17.44
N VAL C 212 12.95 56.66 18.49
CA VAL C 212 12.02 57.77 18.29
C VAL C 212 12.75 58.97 17.70
N ALA C 213 13.98 59.22 18.14
CA ALA C 213 14.76 60.33 17.61
C ALA C 213 15.23 60.09 16.19
N GLN C 214 15.56 58.84 15.86
CA GLN C 214 15.98 58.52 14.50
C GLN C 214 14.79 58.52 13.53
N LEU C 215 13.58 58.31 14.06
CA LEU C 215 12.40 58.36 13.21
C LEU C 215 12.09 59.78 12.77
N VAL C 216 12.14 60.74 13.71
CA VAL C 216 11.83 62.13 13.35
C VAL C 216 12.94 62.82 12.57
N LYS C 217 14.05 62.13 12.33
CA LYS C 217 14.98 62.58 11.30
C LYS C 217 14.50 62.19 9.90
N ARG C 218 13.77 61.07 9.79
CA ARG C 218 13.17 60.72 8.50
C ARG C 218 11.96 61.57 8.19
N LEU C 219 11.20 61.97 9.20
CA LEU C 219 10.03 62.81 9.01
C LEU C 219 10.38 64.28 8.85
N THR C 220 11.66 64.65 8.93
CA THR C 220 12.08 66.00 8.65
C THR C 220 12.99 66.08 7.44
N ASP C 221 13.63 64.97 7.05
CA ASP C 221 14.37 64.91 5.80
C ASP C 221 13.44 64.99 4.60
N ALA C 222 12.29 64.32 4.64
CA ALA C 222 11.32 64.36 3.57
C ALA C 222 10.22 65.37 3.82
N ASP C 223 10.42 66.29 4.77
CA ASP C 223 9.57 67.45 5.04
C ASP C 223 8.15 67.02 5.40
N ALA C 224 8.06 66.07 6.33
CA ALA C 224 6.79 65.51 6.75
C ALA C 224 6.44 65.81 8.20
N MET C 225 7.27 66.56 8.91
CA MET C 225 7.00 66.84 10.31
C MET C 225 6.04 68.01 10.52
N LYS C 226 5.66 68.69 9.45
CA LYS C 226 4.89 69.92 9.60
C LYS C 226 3.40 69.70 9.73
N TYR C 227 2.93 68.44 9.66
CA TYR C 227 1.50 68.17 9.83
C TYR C 227 1.24 66.98 10.74
N THR C 228 2.24 66.52 11.48
CA THR C 228 2.10 65.33 12.30
C THR C 228 2.48 65.61 13.75
N ILE C 229 1.93 64.81 14.65
CA ILE C 229 2.25 64.84 16.07
C ILE C 229 2.92 63.53 16.42
N VAL C 230 3.90 63.58 17.32
CA VAL C 230 4.54 62.38 17.84
C VAL C 230 4.37 62.37 19.35
N VAL C 231 3.63 61.39 19.87
CA VAL C 231 3.43 61.20 21.29
C VAL C 231 4.30 60.03 21.72
N SER C 232 5.27 60.27 22.59
CA SER C 232 6.27 59.27 22.91
C SER C 232 6.31 59.02 24.41
N ALA C 233 6.18 57.74 24.78
CA ALA C 233 6.35 57.28 26.15
C ALA C 233 7.34 56.12 26.10
N THR C 234 8.63 56.43 26.21
CA THR C 234 9.69 55.45 26.08
C THR C 234 9.78 54.58 27.33
N ALA C 235 10.74 53.64 27.33
CA ALA C 235 10.75 52.58 28.34
C ALA C 235 11.20 53.08 29.70
N SER C 236 11.97 54.17 29.75
CA SER C 236 12.37 54.72 31.04
C SER C 236 11.23 55.42 31.76
N ASP C 237 10.14 55.73 31.05
CA ASP C 237 8.97 56.27 31.72
C ASP C 237 8.31 55.18 32.55
N ALA C 238 7.57 55.62 33.57
CA ALA C 238 6.85 54.70 34.43
C ALA C 238 5.74 54.01 33.65
N ALA C 239 5.39 52.81 34.11
CA ALA C 239 4.27 52.08 33.53
C ALA C 239 2.92 52.80 33.59
N PRO C 240 2.64 53.74 34.49
CA PRO C 240 1.49 54.63 34.27
C PRO C 240 1.63 55.61 33.12
N LEU C 241 2.77 55.71 32.44
CA LEU C 241 2.87 56.56 31.25
C LEU C 241 2.83 55.75 29.97
N GLN C 242 3.30 54.51 29.98
CA GLN C 242 3.15 53.66 28.79
C GLN C 242 1.73 53.15 28.64
N TYR C 243 0.94 53.22 29.69
CA TYR C 243 -0.43 52.73 29.62
C TYR C 243 -1.40 53.81 29.14
N LEU C 244 -1.06 55.08 29.35
CA LEU C 244 -1.97 56.18 29.06
C LEU C 244 -1.66 56.86 27.73
N ALA C 245 -0.57 56.50 27.07
CA ALA C 245 -0.19 57.18 25.83
C ALA C 245 -1.11 56.87 24.64
N PRO C 246 -1.69 55.65 24.46
CA PRO C 246 -2.73 55.52 23.43
C PRO C 246 -4.03 56.22 23.77
N TYR C 247 -4.34 56.35 25.05
CA TYR C 247 -5.54 57.06 25.44
C TYR C 247 -5.34 58.56 25.41
N SER C 248 -4.11 59.02 25.23
CA SER C 248 -3.79 60.42 25.08
C SER C 248 -3.71 60.86 23.64
N GLY C 249 -3.17 60.02 22.76
CA GLY C 249 -3.05 60.37 21.35
C GLY C 249 -4.37 60.23 20.62
N CYS C 250 -5.21 59.31 21.07
CA CYS C 250 -6.53 59.16 20.46
C CYS C 250 -7.43 60.35 20.77
N SER C 251 -7.24 60.97 21.93
CA SER C 251 -8.00 62.16 22.26
C SER C 251 -7.45 63.42 21.62
N MET C 252 -6.30 63.33 20.94
CA MET C 252 -5.82 64.42 20.10
C MET C 252 -6.44 64.37 18.72
N GLY C 253 -6.74 63.17 18.22
CA GLY C 253 -7.43 63.00 16.95
C GLY C 253 -8.92 63.08 17.03
N GLU C 254 -9.49 63.26 18.22
CA GLU C 254 -10.93 63.43 18.34
C GLU C 254 -11.34 64.88 18.26
N TYR C 255 -10.39 65.82 18.35
CA TYR C 255 -10.67 67.20 18.02
C TYR C 255 -10.74 67.41 16.52
N PHE C 256 -10.10 66.54 15.76
CA PHE C 256 -10.17 66.61 14.31
C PHE C 256 -11.46 65.97 13.80
N ARG C 257 -11.90 64.90 14.45
CA ARG C 257 -13.10 64.19 13.99
C ARG C 257 -14.36 65.00 14.26
N ASP C 258 -14.41 65.72 15.36
CA ASP C 258 -15.57 66.54 15.70
C ASP C 258 -15.61 67.86 14.95
N ASN C 259 -14.56 68.20 14.19
CA ASN C 259 -14.45 69.50 13.56
C ASN C 259 -14.10 69.36 12.08
N GLY C 260 -14.73 68.43 11.40
CA GLY C 260 -14.68 68.41 9.95
C GLY C 260 -13.46 67.78 9.31
N LYS C 261 -12.29 67.98 9.88
CA LYS C 261 -11.05 67.52 9.25
C LYS C 261 -10.86 66.02 9.45
N HIS C 262 -9.80 65.49 8.85
CA HIS C 262 -9.52 64.06 8.87
C HIS C 262 -8.20 63.81 9.59
N ALA C 263 -8.03 62.59 10.12
CA ALA C 263 -6.86 62.25 10.92
C ALA C 263 -6.47 60.79 10.69
N LEU C 264 -5.36 60.39 11.29
CA LEU C 264 -4.82 59.05 11.18
C LEU C 264 -3.86 58.82 12.34
N ILE C 265 -3.99 57.69 13.03
CA ILE C 265 -3.24 57.43 14.23
C ILE C 265 -2.65 56.01 14.17
N ILE C 266 -1.40 55.86 14.62
CA ILE C 266 -0.68 54.59 14.56
C ILE C 266 -0.20 54.26 15.96
N TYR C 267 -0.57 53.07 16.44
CA TYR C 267 -0.15 52.59 17.77
C TYR C 267 0.93 51.54 17.55
N ASP C 268 2.18 51.88 17.82
CA ASP C 268 3.30 50.98 17.59
C ASP C 268 4.08 50.82 18.90
N ASP C 269 3.72 49.81 19.71
CA ASP C 269 2.70 48.81 19.40
C ASP C 269 1.78 48.57 20.58
N LEU C 270 0.76 47.74 20.38
CA LEU C 270 -0.26 47.49 21.38
C LEU C 270 0.02 46.28 22.24
N SER C 271 1.16 45.61 22.05
CA SER C 271 1.53 44.53 22.95
C SER C 271 2.20 45.06 24.20
N LYS C 272 3.11 46.02 24.04
CA LYS C 272 3.78 46.65 25.18
C LYS C 272 2.87 47.56 25.97
N GLN C 273 1.71 47.91 25.43
CA GLN C 273 0.69 48.63 26.18
C GLN C 273 -0.07 47.70 27.11
N ALA C 274 0.12 46.38 26.98
CA ALA C 274 -0.48 45.41 27.88
C ALA C 274 0.53 44.77 28.82
N VAL C 275 1.81 44.71 28.44
CA VAL C 275 2.85 44.29 29.38
C VAL C 275 3.03 45.34 30.46
N ALA C 276 2.80 46.60 30.13
CA ALA C 276 2.91 47.69 31.10
C ALA C 276 1.61 47.91 31.87
N TYR C 277 0.50 47.36 31.41
CA TYR C 277 -0.73 47.43 32.19
C TYR C 277 -0.84 46.26 33.14
N ARG C 278 -0.22 45.13 32.80
CA ARG C 278 -0.11 43.99 33.71
C ARG C 278 0.65 44.37 34.98
N GLN C 279 1.83 44.98 34.81
CA GLN C 279 2.70 45.28 35.95
C GLN C 279 2.11 46.40 36.82
N MET C 280 1.47 47.39 36.20
CA MET C 280 0.79 48.44 36.95
C MET C 280 -0.40 47.91 37.74
N SER C 281 -0.99 46.78 37.32
CA SER C 281 -2.14 46.22 38.01
C SER C 281 -1.82 45.05 38.90
N LEU C 282 -0.64 44.44 38.77
CA LEU C 282 -0.22 43.43 39.75
C LEU C 282 0.15 44.09 41.07
N LEU C 283 0.87 45.21 41.02
CA LEU C 283 1.34 45.89 42.22
C LEU C 283 0.23 46.61 42.99
N LEU C 284 -0.98 46.70 42.43
CA LEU C 284 -2.13 47.19 43.17
C LEU C 284 -2.84 46.07 43.92
N ARG C 285 -2.23 44.88 44.00
CA ARG C 285 -2.75 43.67 44.63
C ARG C 285 -4.11 43.26 44.05
N ARG C 286 -4.07 42.93 42.76
CA ARG C 286 -5.20 42.40 42.02
C ARG C 286 -4.84 41.03 41.46
N PRO C 287 -5.76 40.06 41.48
CA PRO C 287 -5.39 38.67 41.21
C PRO C 287 -5.11 38.44 39.74
N PRO C 288 -3.98 37.79 39.42
CA PRO C 288 -3.61 37.59 38.03
C PRO C 288 -4.40 36.48 37.35
N GLY C 289 -4.76 36.72 36.09
CA GLY C 289 -5.51 35.76 35.31
C GLY C 289 -4.65 34.88 34.42
N ARG C 290 -5.03 34.75 33.15
CA ARG C 290 -4.31 33.87 32.24
C ARG C 290 -3.02 34.54 31.77
N GLU C 291 -1.90 33.82 31.90
CA GLU C 291 -0.54 34.31 31.67
C GLU C 291 -0.22 35.56 32.50
N ALA C 292 -0.82 35.64 33.69
CA ALA C 292 -0.75 36.73 34.66
C ALA C 292 -1.30 38.05 34.14
N TYR C 293 -1.93 38.08 32.97
CA TYR C 293 -2.58 39.27 32.48
C TYR C 293 -3.84 39.52 33.32
N PRO C 294 -4.26 40.78 33.47
CA PRO C 294 -5.49 41.06 34.23
C PRO C 294 -6.74 40.54 33.56
N GLY C 295 -7.86 40.59 34.28
CA GLY C 295 -9.07 39.96 33.79
C GLY C 295 -9.70 40.68 32.61
N ASP C 296 -9.37 41.96 32.42
CA ASP C 296 -10.05 42.81 31.45
C ASP C 296 -9.04 43.44 30.50
N VAL C 297 -8.19 42.60 29.88
CA VAL C 297 -7.38 43.07 28.77
C VAL C 297 -8.10 42.96 27.44
N PHE C 298 -9.40 42.63 27.45
CA PHE C 298 -10.21 42.86 26.27
C PHE C 298 -10.81 44.25 26.30
N TYR C 299 -11.32 44.66 27.46
CA TYR C 299 -11.86 46.00 27.66
C TYR C 299 -10.77 47.08 27.58
N LEU C 300 -9.50 46.70 27.67
CA LEU C 300 -8.42 47.65 27.45
C LEU C 300 -8.40 48.13 26.00
N HIS C 301 -8.29 47.19 25.06
CA HIS C 301 -8.17 47.53 23.65
C HIS C 301 -9.50 47.82 22.97
N SER C 302 -10.60 47.21 23.41
CA SER C 302 -11.88 47.34 22.72
C SER C 302 -12.60 48.64 23.01
N ARG C 303 -12.03 49.51 23.84
CA ARG C 303 -12.53 50.86 23.95
C ARG C 303 -11.55 51.85 23.36
N LEU C 304 -10.36 51.40 22.97
CA LEU C 304 -9.41 52.23 22.23
C LEU C 304 -9.76 52.27 20.76
N LEU C 305 -9.90 51.10 20.13
CA LEU C 305 -10.16 50.98 18.71
C LEU C 305 -11.63 51.18 18.34
N GLU C 306 -12.51 51.38 19.31
CA GLU C 306 -13.91 51.60 19.03
C GLU C 306 -14.25 53.07 18.85
N ARG C 307 -13.28 53.97 19.05
CA ARG C 307 -13.48 55.40 18.85
C ARG C 307 -13.00 55.86 17.49
N ALA C 308 -12.40 54.98 16.69
CA ALA C 308 -11.93 55.32 15.35
C ALA C 308 -13.10 55.18 14.39
N ALA C 309 -13.97 56.19 14.37
CA ALA C 309 -15.22 56.15 13.65
C ALA C 309 -15.12 56.93 12.34
N LYS C 310 -16.27 57.11 11.71
CA LYS C 310 -16.41 57.93 10.50
C LYS C 310 -17.80 58.53 10.55
N MET C 311 -17.89 59.84 10.59
CA MET C 311 -19.15 60.49 10.91
C MET C 311 -19.87 60.96 9.65
N ASN C 312 -21.10 61.42 9.84
CA ASN C 312 -21.98 61.84 8.77
C ASN C 312 -22.11 63.36 8.75
N ASP C 313 -22.81 63.87 7.74
CA ASP C 313 -22.79 65.29 7.44
C ASP C 313 -23.63 66.12 8.40
N ALA C 314 -24.47 65.48 9.20
CA ALA C 314 -25.20 66.20 10.25
C ALA C 314 -24.38 66.37 11.52
N PHE C 315 -23.21 65.74 11.61
CA PHE C 315 -22.34 65.85 12.78
C PHE C 315 -20.96 66.37 12.44
N GLY C 316 -20.66 66.62 11.16
CA GLY C 316 -19.42 67.22 10.74
C GLY C 316 -18.76 66.55 9.55
N GLY C 317 -18.87 65.23 9.42
CA GLY C 317 -18.28 64.56 8.29
C GLY C 317 -16.83 64.17 8.45
N GLY C 318 -16.20 64.47 9.58
CA GLY C 318 -14.82 64.10 9.79
C GLY C 318 -14.67 62.66 10.23
N SER C 319 -13.47 62.13 10.10
CA SER C 319 -13.20 60.73 10.36
C SER C 319 -12.00 60.59 11.29
N LEU C 320 -11.59 59.34 11.51
CA LEU C 320 -10.42 58.99 12.31
C LEU C 320 -10.08 57.55 11.99
N THR C 321 -8.84 57.28 11.59
CA THR C 321 -8.44 55.97 11.12
C THR C 321 -7.27 55.47 11.94
N ALA C 322 -7.35 54.22 12.40
CA ALA C 322 -6.30 53.63 13.22
C ALA C 322 -5.49 52.62 12.42
N LEU C 323 -4.29 52.34 12.93
CA LEU C 323 -3.44 51.26 12.39
C LEU C 323 -2.62 50.67 13.52
N PRO C 324 -3.23 49.84 14.36
CA PRO C 324 -2.48 49.25 15.47
C PRO C 324 -1.51 48.18 15.01
N VAL C 325 -0.42 48.05 15.75
CA VAL C 325 0.62 47.06 15.48
C VAL C 325 0.64 46.05 16.62
N ILE C 326 0.81 44.77 16.27
CA ILE C 326 0.85 43.68 17.24
C ILE C 326 2.08 42.83 16.90
N GLU C 327 2.82 42.45 17.93
CA GLU C 327 4.02 41.62 17.79
C GLU C 327 3.68 40.21 18.24
N THR C 328 4.04 39.22 17.42
CA THR C 328 3.81 37.82 17.74
C THR C 328 5.12 37.10 17.98
N GLN C 329 5.07 36.06 18.82
CA GLN C 329 6.25 35.30 19.23
C GLN C 329 6.35 34.06 18.36
N ALA C 330 7.19 34.15 17.33
CA ALA C 330 7.54 33.06 16.40
C ALA C 330 6.30 32.49 15.71
N GLY C 331 5.60 33.35 14.99
CA GLY C 331 4.51 32.93 14.13
C GLY C 331 3.24 32.50 14.82
N ASP C 332 3.18 32.52 16.16
CA ASP C 332 1.99 32.09 16.88
C ASP C 332 0.95 33.21 16.81
N VAL C 333 -0.12 32.97 16.04
CA VAL C 333 -1.19 33.95 15.89
C VAL C 333 -2.37 33.36 16.66
N SER C 334 -2.07 32.55 17.67
CA SER C 334 -3.10 31.92 18.47
C SER C 334 -2.89 32.19 19.95
N ALA C 335 -2.09 33.19 20.29
CA ALA C 335 -1.78 33.50 21.68
C ALA C 335 -2.93 34.29 22.29
N TYR C 336 -2.72 34.83 23.49
CA TYR C 336 -3.82 35.46 24.20
C TYR C 336 -4.10 36.86 23.66
N ILE C 337 -3.09 37.72 23.62
CA ILE C 337 -3.24 39.09 23.13
C ILE C 337 -3.32 39.18 21.60
N PRO C 338 -2.50 38.42 20.78
CA PRO C 338 -2.74 38.46 19.33
C PRO C 338 -4.07 37.92 18.81
N THR C 339 -4.95 37.42 19.66
CA THR C 339 -6.27 37.02 19.21
C THR C 339 -7.39 37.86 19.79
N ASN C 340 -7.14 38.63 20.84
CA ASN C 340 -8.15 39.55 21.33
C ASN C 340 -8.38 40.71 20.37
N VAL C 341 -7.37 41.10 19.60
CA VAL C 341 -7.44 42.31 18.78
C VAL C 341 -7.96 41.93 17.40
N ILE C 342 -7.65 40.71 16.96
CA ILE C 342 -8.04 40.22 15.63
C ILE C 342 -9.56 40.17 15.51
N SER C 343 -10.24 39.87 16.60
CA SER C 343 -11.70 39.89 16.63
C SER C 343 -12.27 41.29 16.89
N ILE C 344 -11.46 42.34 16.80
CA ILE C 344 -11.92 43.71 16.93
C ILE C 344 -11.72 44.50 15.64
N THR C 345 -10.58 44.32 14.97
CA THR C 345 -10.24 45.11 13.80
C THR C 345 -11.07 44.68 12.59
N ASP C 346 -10.84 45.34 11.46
CA ASP C 346 -11.59 45.11 10.23
C ASP C 346 -10.81 44.38 9.16
N GLY C 347 -9.47 44.37 9.24
CA GLY C 347 -8.65 43.66 8.28
C GLY C 347 -7.41 43.16 8.96
N GLN C 348 -6.50 42.62 8.15
CA GLN C 348 -5.24 42.06 8.62
C GLN C 348 -4.20 42.19 7.52
N ILE C 349 -2.95 42.39 7.94
CA ILE C 349 -1.81 42.37 7.01
C ILE C 349 -0.78 41.45 7.64
N PHE C 350 -0.79 40.19 7.26
CA PHE C 350 0.08 39.20 7.88
C PHE C 350 1.45 39.25 7.21
N LEU C 351 2.42 39.86 7.88
CA LEU C 351 3.80 39.80 7.43
C LEU C 351 4.42 38.49 7.88
N GLU C 352 5.03 37.77 6.95
CA GLU C 352 5.63 36.48 7.25
C GLU C 352 7.14 36.57 7.07
N THR C 353 7.88 36.01 8.03
CA THR C 353 9.33 35.98 7.92
C THR C 353 9.82 34.93 6.94
N GLU C 354 8.98 33.98 6.55
CA GLU C 354 9.37 33.00 5.53
C GLU C 354 9.43 33.65 4.15
N LEU C 355 8.61 34.67 3.91
CA LEU C 355 8.64 35.41 2.66
C LEU C 355 9.74 36.45 2.61
N PHE C 356 10.26 36.87 3.76
CA PHE C 356 11.23 37.96 3.80
C PHE C 356 12.57 37.54 3.20
N TYR C 357 13.15 36.46 3.71
CA TYR C 357 14.46 36.03 3.24
C TYR C 357 14.41 35.39 1.86
N LYS C 358 13.24 35.01 1.37
CA LYS C 358 13.10 34.58 -0.01
C LYS C 358 13.21 35.74 -0.99
N GLY C 359 12.71 36.92 -0.64
CA GLY C 359 13.03 38.11 -1.41
C GLY C 359 11.90 39.07 -1.71
N ILE C 360 10.68 38.79 -1.28
CA ILE C 360 9.58 39.72 -1.52
C ILE C 360 9.50 40.67 -0.32
N ARG C 361 9.66 41.96 -0.60
CA ARG C 361 9.70 43.00 0.43
C ARG C 361 8.89 44.18 -0.08
N PRO C 362 7.82 44.61 0.64
CA PRO C 362 7.26 44.16 1.91
C PRO C 362 6.62 42.78 1.89
N ALA C 363 7.12 41.89 2.73
CA ALA C 363 6.68 40.50 2.76
C ALA C 363 5.27 40.45 3.31
N ILE C 364 4.29 40.36 2.42
CA ILE C 364 2.89 40.30 2.80
C ILE C 364 2.30 39.01 2.27
N ASN C 365 1.76 38.19 3.18
CA ASN C 365 1.09 36.95 2.81
C ASN C 365 -0.25 37.35 2.18
N VAL C 366 -0.28 37.39 0.84
CA VAL C 366 -1.45 37.90 0.14
C VAL C 366 -2.60 36.91 0.19
N GLY C 367 -2.30 35.64 0.47
CA GLY C 367 -3.35 34.66 0.63
C GLY C 367 -4.12 34.82 1.93
N LEU C 368 -3.47 35.36 2.95
CA LEU C 368 -4.07 35.48 4.28
C LEU C 368 -4.41 36.91 4.65
N SER C 369 -3.90 37.91 3.94
CA SER C 369 -4.10 39.30 4.30
C SER C 369 -5.45 39.75 3.76
N VAL C 370 -6.50 39.57 4.55
CA VAL C 370 -7.86 39.89 4.12
C VAL C 370 -8.19 41.28 4.63
N SER C 371 -9.22 41.89 4.04
CA SER C 371 -9.78 43.14 4.51
C SER C 371 -11.19 43.29 3.98
N ARG C 372 -12.09 43.77 4.83
CA ARG C 372 -13.33 44.33 4.33
C ARG C 372 -13.01 45.56 3.50
N VAL C 373 -13.55 45.60 2.29
CA VAL C 373 -13.10 46.58 1.31
C VAL C 373 -13.62 47.97 1.67
N GLY C 374 -14.76 48.03 2.35
CA GLY C 374 -15.34 49.31 2.74
C GLY C 374 -16.38 49.81 1.79
N SER C 375 -17.40 48.97 1.53
CA SER C 375 -18.47 49.22 0.55
C SER C 375 -17.90 49.47 -0.85
N ALA C 376 -16.79 48.78 -1.15
CA ALA C 376 -16.06 48.85 -2.42
C ALA C 376 -15.63 50.28 -2.75
N ALA C 377 -15.17 51.01 -1.75
CA ALA C 377 -14.66 52.36 -1.97
C ALA C 377 -13.14 52.36 -2.17
N GLN C 378 -12.65 51.49 -3.05
CA GLN C 378 -11.25 51.48 -3.43
C GLN C 378 -10.91 52.74 -4.21
N THR C 379 -11.38 52.77 -5.47
CA THR C 379 -11.36 53.88 -6.42
C THR C 379 -12.03 53.37 -7.69
N ARG C 380 -12.10 54.18 -8.74
CA ARG C 380 -12.67 53.73 -9.99
C ARG C 380 -11.64 53.18 -10.97
N ALA C 381 -10.37 53.53 -10.83
CA ALA C 381 -9.37 53.19 -11.83
C ALA C 381 -8.57 51.94 -11.50
N MET C 382 -8.22 51.73 -10.22
CA MET C 382 -7.52 50.52 -9.83
C MET C 382 -8.45 49.31 -9.84
N LYS C 383 -9.75 49.53 -9.65
CA LYS C 383 -10.73 48.45 -9.67
C LYS C 383 -10.84 47.81 -11.06
N GLN C 384 -10.52 48.55 -12.11
CA GLN C 384 -10.54 48.04 -13.47
C GLN C 384 -9.25 47.35 -13.86
N VAL C 385 -8.20 47.42 -13.04
CA VAL C 385 -6.91 46.85 -13.40
C VAL C 385 -6.37 45.89 -12.35
N ALA C 386 -6.80 45.98 -11.09
CA ALA C 386 -6.36 45.06 -10.06
C ALA C 386 -7.30 43.88 -9.87
N GLY C 387 -8.54 43.97 -10.36
CA GLY C 387 -9.46 42.86 -10.23
C GLY C 387 -9.06 41.66 -11.09
N THR C 388 -8.39 41.92 -12.21
CA THR C 388 -7.85 40.86 -13.03
C THR C 388 -6.38 40.59 -12.76
N MET C 389 -5.82 41.22 -11.73
CA MET C 389 -4.50 40.90 -11.20
C MET C 389 -4.59 39.94 -10.01
N LYS C 390 -5.58 40.13 -9.15
CA LYS C 390 -5.81 39.25 -8.02
C LYS C 390 -6.19 37.84 -8.47
N LEU C 391 -7.00 37.73 -9.52
CA LEU C 391 -7.44 36.44 -10.00
C LEU C 391 -6.37 35.70 -10.80
N GLU C 392 -5.31 36.39 -11.22
CA GLU C 392 -4.22 35.71 -11.88
C GLU C 392 -3.13 35.29 -10.90
N LEU C 393 -3.13 35.85 -9.69
CA LEU C 393 -2.25 35.37 -8.65
C LEU C 393 -2.84 34.18 -7.92
N ALA C 394 -4.17 34.17 -7.74
CA ALA C 394 -4.84 33.09 -7.02
C ALA C 394 -4.71 31.75 -7.75
N GLN C 395 -4.64 31.79 -9.08
CA GLN C 395 -4.38 30.57 -9.84
C GLN C 395 -2.91 30.24 -9.93
N TYR C 396 -2.03 31.10 -9.40
CA TYR C 396 -0.61 30.81 -9.42
C TYR C 396 -0.17 30.07 -8.18
N ARG C 397 -0.73 30.42 -7.02
CA ARG C 397 -0.35 29.78 -5.76
C ARG C 397 -0.80 28.33 -5.68
N GLU C 398 -1.86 27.96 -6.39
CA GLU C 398 -2.39 26.60 -6.31
C GLU C 398 -1.56 25.59 -7.09
N VAL C 399 -0.82 26.02 -8.10
CA VAL C 399 -0.17 25.11 -9.03
C VAL C 399 1.35 25.16 -8.91
N ALA C 400 1.89 26.06 -8.09
CA ALA C 400 3.33 26.30 -8.04
C ALA C 400 3.89 25.95 -6.68
N ALA C 401 3.46 24.81 -6.13
CA ALA C 401 3.94 24.36 -4.83
C ALA C 401 4.76 23.07 -4.93
N PHE C 402 5.27 22.74 -6.11
CA PHE C 402 5.84 21.40 -6.30
C PHE C 402 7.28 21.34 -5.84
N ALA C 403 8.15 22.17 -6.44
CA ALA C 403 9.62 22.11 -6.48
C ALA C 403 10.17 20.84 -7.13
N GLN C 404 9.31 19.95 -7.64
CA GLN C 404 9.68 18.69 -8.30
C GLN C 404 8.64 18.46 -9.38
N PHE C 405 8.93 18.88 -10.61
CA PHE C 405 8.03 18.70 -11.73
C PHE C 405 8.50 17.51 -12.57
N GLY C 406 7.54 16.70 -13.02
CA GLY C 406 7.85 15.53 -13.82
C GLY C 406 7.19 15.58 -15.18
N SER C 407 6.10 16.33 -15.29
CA SER C 407 5.38 16.50 -16.54
C SER C 407 5.66 17.90 -17.07
N ASP C 408 5.89 18.00 -18.39
CA ASP C 408 6.12 19.28 -19.04
C ASP C 408 4.82 19.68 -19.73
N LEU C 409 4.08 20.58 -19.08
CA LEU C 409 2.78 21.06 -19.55
C LEU C 409 2.91 22.40 -20.24
N ASP C 410 4.00 22.56 -21.02
CA ASP C 410 4.54 23.80 -21.58
C ASP C 410 3.53 24.75 -22.21
N ALA C 411 2.49 24.20 -22.84
CA ALA C 411 1.45 25.06 -23.37
C ALA C 411 0.24 25.14 -22.44
N ALA C 412 0.07 24.14 -21.58
CA ALA C 412 -1.14 24.06 -20.76
C ALA C 412 -1.11 25.06 -19.61
N THR C 413 -0.16 24.91 -18.69
CA THR C 413 -0.11 25.72 -17.49
C THR C 413 1.10 26.64 -17.41
N GLN C 414 2.08 26.50 -18.31
CA GLN C 414 3.25 27.36 -18.23
C GLN C 414 2.96 28.77 -18.73
N GLN C 415 1.80 28.99 -19.35
CA GLN C 415 1.32 30.35 -19.54
C GLN C 415 0.83 30.92 -18.22
N LEU C 416 0.17 30.10 -17.40
CA LEU C 416 -0.34 30.56 -16.11
C LEU C 416 0.76 30.62 -15.06
N LEU C 417 1.65 29.63 -15.05
CA LEU C 417 2.66 29.50 -14.01
C LEU C 417 3.86 30.40 -14.26
N SER C 418 4.03 30.92 -15.48
CA SER C 418 5.09 31.90 -15.73
C SER C 418 4.55 33.30 -15.98
N ARG C 419 3.26 33.54 -15.76
CA ARG C 419 2.77 34.91 -15.70
C ARG C 419 2.79 35.43 -14.27
N GLY C 420 2.40 34.58 -13.31
CA GLY C 420 2.38 34.95 -11.91
C GLY C 420 3.74 35.20 -11.30
N VAL C 421 4.81 34.71 -11.94
CA VAL C 421 6.16 35.09 -11.53
C VAL C 421 6.41 36.55 -11.85
N ARG C 422 5.95 37.01 -13.01
CA ARG C 422 6.10 38.41 -13.39
C ARG C 422 5.22 39.33 -12.57
N LEU C 423 4.00 38.91 -12.24
CA LEU C 423 3.10 39.71 -11.42
C LEU C 423 3.58 39.85 -9.98
N THR C 424 4.29 38.86 -9.46
CA THR C 424 4.83 38.93 -8.11
C THR C 424 5.96 39.93 -8.00
N GLU C 425 6.92 39.88 -8.93
CA GLU C 425 8.05 40.79 -8.93
C GLU C 425 7.65 42.21 -9.33
N LEU C 426 6.44 42.39 -9.85
CA LEU C 426 5.88 43.72 -10.05
C LEU C 426 5.43 44.35 -8.74
N LEU C 427 5.28 43.56 -7.67
CA LEU C 427 4.76 44.04 -6.41
C LEU C 427 5.84 44.39 -5.39
N LYS C 428 7.11 44.14 -5.71
CA LYS C 428 8.20 44.53 -4.83
C LYS C 428 8.37 46.05 -4.84
N GLN C 429 8.86 46.58 -3.71
CA GLN C 429 9.04 48.01 -3.55
C GLN C 429 10.24 48.25 -2.65
N GLY C 430 10.80 49.46 -2.74
CA GLY C 430 11.90 49.84 -1.88
C GLY C 430 11.43 50.37 -0.53
N GLN C 431 12.09 51.40 -0.02
CA GLN C 431 11.74 51.94 1.28
C GLN C 431 11.65 53.45 1.21
N TYR C 432 10.66 54.01 1.92
CA TYR C 432 10.38 55.45 2.00
C TYR C 432 10.10 56.06 0.62
N ALA C 433 9.50 55.27 -0.26
CA ALA C 433 9.18 55.70 -1.62
C ALA C 433 7.71 55.40 -1.91
N PRO C 434 6.80 56.27 -1.45
CA PRO C 434 5.38 56.05 -1.73
C PRO C 434 5.00 56.61 -3.09
N MET C 435 4.56 55.73 -4.00
CA MET C 435 4.16 56.15 -5.33
C MET C 435 2.78 56.79 -5.29
N ALA C 436 2.48 57.55 -6.33
CA ALA C 436 1.15 58.14 -6.45
C ALA C 436 0.17 57.10 -6.99
N ILE C 437 -1.12 57.41 -6.89
CA ILE C 437 -2.14 56.43 -7.24
C ILE C 437 -2.23 56.24 -8.75
N GLU C 438 -2.12 57.31 -9.53
CA GLU C 438 -2.18 57.21 -10.97
C GLU C 438 -0.90 56.65 -11.58
N GLU C 439 0.24 56.80 -10.90
CA GLU C 439 1.45 56.13 -11.33
C GLU C 439 1.37 54.63 -11.08
N GLN C 440 0.65 54.21 -10.03
CA GLN C 440 0.48 52.80 -9.71
C GLN C 440 -0.29 52.05 -10.79
N VAL C 441 -1.28 52.70 -11.41
CA VAL C 441 -2.04 52.06 -12.48
C VAL C 441 -1.18 51.82 -13.70
N ALA C 442 -0.27 52.75 -14.01
CA ALA C 442 0.59 52.63 -15.18
C ALA C 442 1.69 51.57 -15.03
N VAL C 443 1.83 50.97 -13.86
CA VAL C 443 2.75 49.86 -13.65
C VAL C 443 2.03 48.53 -13.69
N ILE C 444 0.84 48.46 -13.09
CA ILE C 444 0.08 47.21 -13.05
C ILE C 444 -0.50 46.89 -14.42
N TYR C 445 -1.01 47.92 -15.11
CA TYR C 445 -1.56 47.75 -16.47
C TYR C 445 -0.50 47.31 -17.47
N ALA C 446 0.76 47.62 -17.21
CA ALA C 446 1.85 47.17 -18.07
C ALA C 446 2.11 45.68 -17.97
N GLY C 447 1.55 44.99 -16.98
CA GLY C 447 1.83 43.57 -16.82
C GLY C 447 0.63 42.68 -16.77
N VAL C 448 -0.55 43.23 -16.48
CA VAL C 448 -1.74 42.39 -16.38
C VAL C 448 -2.32 42.07 -17.76
N ARG C 449 -2.19 42.97 -18.73
CA ARG C 449 -2.59 42.70 -20.11
C ARG C 449 -1.49 41.97 -20.88
N GLY C 450 -0.34 41.75 -20.27
CA GLY C 450 0.69 40.91 -20.84
C GLY C 450 1.68 41.60 -21.75
N TYR C 451 2.28 42.69 -21.30
CA TYR C 451 3.34 43.35 -22.05
C TYR C 451 4.73 43.03 -21.51
N LEU C 452 4.86 42.19 -20.48
CA LEU C 452 6.16 41.86 -19.91
C LEU C 452 6.54 40.41 -20.11
N ASP C 453 5.73 39.62 -20.85
CA ASP C 453 5.92 38.17 -20.92
C ASP C 453 7.13 37.75 -21.74
N LYS C 454 7.90 38.68 -22.30
CA LYS C 454 9.10 38.34 -23.05
C LYS C 454 10.38 38.53 -22.24
N LEU C 455 10.33 39.31 -21.16
CA LEU C 455 11.54 39.73 -20.47
C LEU C 455 12.09 38.61 -19.58
N GLU C 456 13.38 38.70 -19.30
CA GLU C 456 14.01 37.81 -18.35
C GLU C 456 13.55 38.17 -16.94
N PRO C 457 13.45 37.17 -16.04
CA PRO C 457 12.94 37.47 -14.69
C PRO C 457 13.92 38.24 -13.83
N SER C 458 15.21 38.22 -14.15
CA SER C 458 16.19 38.98 -13.40
C SER C 458 16.18 40.47 -13.73
N LYS C 459 15.49 40.88 -14.80
CA LYS C 459 15.54 42.24 -15.28
C LYS C 459 14.23 43.01 -15.14
N ILE C 460 13.23 42.45 -14.45
CA ILE C 460 11.95 43.15 -14.35
C ILE C 460 12.04 44.32 -13.39
N THR C 461 12.88 44.22 -12.37
CA THR C 461 13.09 45.37 -11.48
C THR C 461 13.95 46.44 -12.14
N LYS C 462 14.79 46.05 -13.09
CA LYS C 462 15.54 47.04 -13.86
C LYS C 462 14.66 47.70 -14.92
N PHE C 463 13.64 46.98 -15.40
CA PHE C 463 12.71 47.54 -16.37
C PHE C 463 11.87 48.65 -15.76
N GLU C 464 11.54 48.55 -14.47
CA GLU C 464 10.56 49.46 -13.92
C GLU C 464 11.18 50.80 -13.53
N ASN C 465 12.41 50.80 -13.01
CA ASN C 465 13.03 52.06 -12.64
C ASN C 465 13.61 52.80 -13.85
N ALA C 466 13.54 52.18 -15.03
CA ALA C 466 13.75 52.94 -16.27
C ALA C 466 12.42 53.40 -16.85
N PHE C 467 11.36 52.60 -16.67
CA PHE C 467 10.05 52.98 -17.17
C PHE C 467 9.38 54.02 -16.28
N LEU C 468 9.81 54.11 -15.01
CA LEU C 468 9.25 55.12 -14.12
C LEU C 468 9.71 56.52 -14.52
N SER C 469 10.89 56.63 -15.13
CA SER C 469 11.40 57.91 -15.57
C SER C 469 10.72 58.39 -16.86
N HIS C 470 10.41 57.46 -17.77
CA HIS C 470 9.89 57.81 -19.08
C HIS C 470 8.44 58.31 -19.03
N VAL C 471 7.72 58.03 -17.95
CA VAL C 471 6.33 58.46 -17.86
C VAL C 471 6.21 59.79 -17.09
N ILE C 472 7.05 59.98 -16.07
CA ILE C 472 6.92 61.15 -15.21
C ILE C 472 7.45 62.42 -15.85
N SER C 473 8.21 62.31 -16.94
CA SER C 473 8.83 63.46 -17.58
C SER C 473 8.13 63.90 -18.86
N GLN C 474 7.82 62.96 -19.75
CA GLN C 474 7.34 63.31 -21.08
C GLN C 474 5.84 63.15 -21.26
N HIS C 475 5.15 62.55 -20.30
CA HIS C 475 3.73 62.21 -20.45
C HIS C 475 2.93 62.65 -19.23
N GLN C 476 3.14 63.89 -18.82
CA GLN C 476 2.52 64.39 -17.59
C GLN C 476 1.03 64.63 -17.76
N ALA C 477 0.59 65.09 -18.92
CA ALA C 477 -0.83 65.36 -19.14
C ALA C 477 -1.64 64.08 -19.30
N LEU C 478 -0.99 62.95 -19.59
CA LEU C 478 -1.68 61.66 -19.55
C LEU C 478 -2.04 61.28 -18.13
N LEU C 479 -1.08 61.42 -17.21
CA LEU C 479 -1.32 61.12 -15.79
C LEU C 479 -2.22 62.17 -15.14
N GLY C 480 -2.32 63.36 -15.72
CA GLY C 480 -3.29 64.33 -15.25
C GLY C 480 -4.73 63.97 -15.57
N LYS C 481 -4.94 63.12 -16.58
CA LYS C 481 -6.27 62.66 -16.92
C LYS C 481 -6.70 61.47 -16.06
N ILE C 482 -5.77 60.58 -15.72
CA ILE C 482 -6.10 59.44 -14.87
C ILE C 482 -6.39 59.90 -13.45
N ARG C 483 -5.72 60.95 -12.99
CA ARG C 483 -5.95 61.44 -11.63
C ARG C 483 -7.25 62.23 -11.52
N ALA C 484 -7.47 63.19 -12.43
CA ALA C 484 -8.59 64.12 -12.29
C ALA C 484 -9.93 63.45 -12.58
N ASP C 485 -9.98 62.56 -13.56
CA ASP C 485 -11.22 61.84 -13.85
C ASP C 485 -11.50 60.84 -12.74
N GLY C 486 -10.47 60.11 -12.29
CA GLY C 486 -10.64 59.05 -11.34
C GLY C 486 -10.81 57.69 -11.96
N LYS C 487 -11.07 57.60 -13.26
CA LYS C 487 -11.22 56.34 -13.95
C LYS C 487 -10.51 56.40 -15.29
N ILE C 488 -10.19 55.23 -15.82
CA ILE C 488 -9.55 55.09 -17.11
C ILE C 488 -10.68 54.81 -18.11
N SER C 489 -10.61 55.45 -19.28
CA SER C 489 -11.66 55.32 -20.27
C SER C 489 -11.10 54.70 -21.56
N GLU C 490 -11.96 54.58 -22.57
CA GLU C 490 -11.57 53.90 -23.80
C GLU C 490 -10.65 54.75 -24.67
N GLU C 491 -10.77 56.08 -24.58
CA GLU C 491 -9.82 56.95 -25.25
C GLU C 491 -8.45 56.85 -24.60
N THR C 492 -8.43 56.68 -23.28
CA THR C 492 -7.16 56.62 -22.55
C THR C 492 -6.56 55.22 -22.63
N ASP C 493 -7.40 54.19 -22.83
CA ASP C 493 -6.91 52.81 -22.83
C ASP C 493 -6.01 52.53 -24.04
N ALA C 494 -6.43 52.92 -25.23
CA ALA C 494 -5.58 52.73 -26.40
C ALA C 494 -4.46 53.76 -26.45
N LYS C 495 -4.65 54.90 -25.78
CA LYS C 495 -3.58 55.89 -25.67
C LYS C 495 -2.47 55.38 -24.75
N LEU C 496 -2.83 54.59 -23.74
CA LEU C 496 -1.85 53.98 -22.85
C LEU C 496 -1.22 52.74 -23.47
N LYS C 497 -1.85 52.17 -24.50
CA LYS C 497 -1.36 50.94 -25.10
C LYS C 497 -0.11 51.19 -25.95
N GLU C 498 0.00 52.39 -26.54
CA GLU C 498 1.08 52.63 -27.48
C GLU C 498 2.41 52.90 -26.79
N ILE C 499 2.38 53.62 -25.66
CA ILE C 499 3.62 54.11 -25.04
C ILE C 499 4.42 52.96 -24.43
N VAL C 500 3.76 51.92 -23.94
CA VAL C 500 4.48 50.77 -23.41
C VAL C 500 5.09 49.96 -24.56
N THR C 501 4.49 50.00 -25.75
CA THR C 501 5.05 49.28 -26.88
C THR C 501 6.21 50.04 -27.52
N ASN C 502 6.16 51.38 -27.52
CA ASN C 502 7.33 52.14 -27.97
C ASN C 502 8.47 52.04 -26.97
N PHE C 503 8.16 51.87 -25.68
CA PHE C 503 9.23 51.75 -24.69
C PHE C 503 9.92 50.40 -24.81
N LEU C 504 9.14 49.31 -24.89
CA LEU C 504 9.71 47.98 -24.97
C LEU C 504 10.49 47.76 -26.27
N ALA C 505 10.09 48.42 -27.36
CA ALA C 505 10.86 48.36 -28.58
C ALA C 505 12.16 49.15 -28.49
N GLY C 506 12.28 50.05 -27.52
CA GLY C 506 13.49 50.83 -27.37
C GLY C 506 14.33 50.49 -26.15
N PHE C 507 13.71 49.86 -25.14
CA PHE C 507 14.43 49.56 -23.90
C PHE C 507 15.43 48.45 -24.07
N GLU C 508 15.07 47.41 -24.82
CA GLU C 508 15.90 46.22 -24.91
C GLU C 508 17.15 46.47 -25.75
N ALA C 509 18.25 45.86 -25.33
CA ALA C 509 19.53 45.99 -26.03
C ALA C 509 20.17 44.63 -26.21
N ALA D 1 -34.85 53.38 50.46
CA ALA D 1 -33.85 53.21 51.49
C ALA D 1 -32.47 53.59 50.97
N THR D 2 -31.92 54.70 51.46
CA THR D 2 -30.67 55.23 50.96
C THR D 2 -29.49 54.43 51.49
N GLY D 3 -28.38 54.46 50.74
CA GLY D 3 -27.15 53.82 51.14
C GLY D 3 -25.96 54.54 50.53
N ARG D 4 -24.80 54.32 51.12
CA ARG D 4 -23.58 55.04 50.73
C ARG D 4 -22.63 54.11 50.01
N ILE D 5 -21.69 54.72 49.29
CA ILE D 5 -20.65 53.99 48.57
C ILE D 5 -19.38 54.01 49.40
N VAL D 6 -18.83 52.83 49.69
CA VAL D 6 -17.65 52.75 50.54
C VAL D 6 -16.40 52.30 49.80
N ALA D 7 -16.50 51.72 48.61
CA ALA D 7 -15.31 51.29 47.88
C ALA D 7 -15.63 51.23 46.39
N VAL D 8 -14.63 51.57 45.57
CA VAL D 8 -14.72 51.44 44.12
C VAL D 8 -13.42 50.85 43.63
N ILE D 9 -13.46 49.63 43.11
CA ILE D 9 -12.31 49.02 42.45
C ILE D 9 -12.77 48.50 41.09
N GLY D 10 -12.32 49.14 40.03
CA GLY D 10 -12.68 48.74 38.69
C GLY D 10 -14.15 48.96 38.37
N ALA D 11 -14.85 47.88 38.02
CA ALA D 11 -16.28 47.93 37.74
C ALA D 11 -17.12 47.37 38.88
N VAL D 12 -16.51 47.13 40.04
CA VAL D 12 -17.19 46.50 41.17
C VAL D 12 -17.25 47.51 42.30
N VAL D 13 -18.46 47.96 42.64
CA VAL D 13 -18.69 49.02 43.60
C VAL D 13 -19.33 48.41 44.84
N ASP D 14 -18.78 48.73 46.02
CA ASP D 14 -19.29 48.24 47.29
C ASP D 14 -20.19 49.30 47.91
N VAL D 15 -21.33 48.89 48.43
CA VAL D 15 -22.35 49.81 48.95
C VAL D 15 -22.80 49.32 50.30
N GLN D 16 -22.66 50.15 51.32
CA GLN D 16 -23.05 49.81 52.69
C GLN D 16 -24.39 50.45 53.01
N PHE D 17 -25.36 49.63 53.41
CA PHE D 17 -26.66 50.11 53.84
C PHE D 17 -26.69 50.25 55.35
N ASP D 18 -27.81 50.71 55.88
CA ASP D 18 -27.91 50.90 57.32
C ASP D 18 -29.14 50.24 57.94
N GLU D 19 -30.28 50.28 57.27
CA GLU D 19 -31.52 49.81 57.87
C GLU D 19 -32.30 48.85 56.98
N GLY D 20 -32.20 48.99 55.66
CA GLY D 20 -32.93 48.11 54.78
C GLY D 20 -32.06 47.52 53.70
N LEU D 21 -31.91 46.22 53.72
CA LEU D 21 -31.01 45.57 52.76
C LEU D 21 -31.80 45.09 51.56
N PRO D 22 -31.47 45.54 50.35
CA PRO D 22 -32.14 45.03 49.16
C PRO D 22 -31.63 43.64 48.83
N PRO D 23 -32.48 42.78 48.26
CA PRO D 23 -32.05 41.42 47.93
C PRO D 23 -31.08 41.37 46.76
N ILE D 24 -30.63 40.17 46.41
CA ILE D 24 -29.74 40.02 45.28
C ILE D 24 -30.54 40.17 43.98
N LEU D 25 -29.87 40.65 42.92
CA LEU D 25 -30.44 40.95 41.61
C LEU D 25 -31.54 42.01 41.71
N ASN D 26 -31.12 43.21 42.08
CA ASN D 26 -31.98 44.38 42.09
C ASN D 26 -31.33 45.52 41.31
N ALA D 27 -31.95 46.69 41.38
CA ALA D 27 -31.48 47.87 40.67
C ALA D 27 -31.33 49.01 41.66
N LEU D 28 -30.17 49.65 41.66
CA LEU D 28 -29.88 50.76 42.53
C LEU D 28 -29.51 51.98 41.70
N GLU D 29 -30.13 53.11 42.00
CA GLU D 29 -29.97 54.33 41.21
C GLU D 29 -29.00 55.26 41.93
N VAL D 30 -27.90 55.58 41.28
CA VAL D 30 -26.90 56.48 41.85
C VAL D 30 -27.37 57.91 41.66
N GLN D 31 -27.70 58.57 42.77
CA GLN D 31 -28.07 59.98 42.73
C GLN D 31 -26.79 60.83 42.62
N GLY D 32 -26.85 61.87 41.81
CA GLY D 32 -25.71 62.77 41.71
C GLY D 32 -25.10 62.87 40.33
N ARG D 33 -25.48 61.97 39.43
CA ARG D 33 -24.97 61.99 38.07
C ARG D 33 -25.96 62.69 37.15
N GLU D 34 -25.44 63.22 36.03
CA GLU D 34 -26.31 63.75 35.00
C GLU D 34 -26.89 62.65 34.11
N THR D 35 -26.21 61.53 33.99
CA THR D 35 -26.69 60.38 33.24
C THR D 35 -27.35 59.44 34.27
N ARG D 36 -27.91 58.32 33.83
CA ARG D 36 -28.50 57.34 34.73
C ARG D 36 -27.53 56.17 34.87
N LEU D 37 -27.13 55.88 36.10
CA LEU D 37 -26.21 54.79 36.40
C LEU D 37 -26.89 53.82 37.35
N VAL D 38 -27.05 52.58 36.90
CA VAL D 38 -27.79 51.56 37.64
C VAL D 38 -26.80 50.50 38.10
N LEU D 39 -26.91 50.13 39.38
CA LEU D 39 -26.06 49.09 39.97
C LEU D 39 -26.89 47.85 40.24
N GLU D 40 -26.32 46.68 39.93
CA GLU D 40 -26.99 45.40 40.11
C GLU D 40 -26.31 44.64 41.24
N VAL D 41 -27.09 44.24 42.24
CA VAL D 41 -26.54 43.57 43.42
C VAL D 41 -26.13 42.14 43.07
N ALA D 42 -24.98 41.72 43.56
CA ALA D 42 -24.43 40.41 43.22
C ALA D 42 -24.11 39.53 44.42
N GLN D 43 -23.69 40.10 45.55
CA GLN D 43 -23.30 39.31 46.71
C GLN D 43 -23.69 40.04 47.97
N HIS D 44 -23.77 39.29 49.06
CA HIS D 44 -23.85 39.83 50.41
C HIS D 44 -22.54 39.58 51.12
N LEU D 45 -22.16 40.48 52.02
CA LEU D 45 -20.87 40.39 52.69
C LEU D 45 -20.97 40.50 54.20
N GLY D 46 -22.16 40.63 54.76
CA GLY D 46 -22.31 40.80 56.19
C GLY D 46 -22.25 42.26 56.59
N GLU D 47 -22.65 42.51 57.85
CA GLU D 47 -22.82 43.81 58.53
C GLU D 47 -23.44 44.90 57.64
N SER D 48 -24.46 44.51 56.87
CA SER D 48 -25.18 45.38 55.92
C SER D 48 -24.22 46.00 54.91
N THR D 49 -23.61 45.13 54.10
CA THR D 49 -22.68 45.57 53.06
C THR D 49 -22.89 44.65 51.85
N VAL D 50 -23.37 45.21 50.76
CA VAL D 50 -23.54 44.47 49.52
C VAL D 50 -22.40 44.80 48.59
N ARG D 51 -22.27 44.02 47.52
CA ARG D 51 -21.26 44.25 46.49
C ARG D 51 -21.94 44.15 45.14
N THR D 52 -21.84 45.23 44.36
CA THR D 52 -22.63 45.40 43.15
C THR D 52 -21.75 45.38 41.91
N ILE D 53 -22.39 45.34 40.74
CA ILE D 53 -21.75 45.50 39.43
C ILE D 53 -22.42 46.66 38.72
N ALA D 54 -21.65 47.47 38.02
CA ALA D 54 -22.12 48.70 37.43
C ALA D 54 -22.46 48.51 35.95
N MET D 55 -23.57 49.12 35.53
CA MET D 55 -24.05 49.02 34.16
C MET D 55 -23.39 50.03 33.23
N ASP D 56 -23.03 51.20 33.73
CA ASP D 56 -22.30 52.21 32.99
C ASP D 56 -20.91 52.35 33.60
N GLY D 57 -20.15 53.36 33.15
CA GLY D 57 -18.83 53.59 33.69
C GLY D 57 -18.86 54.07 35.13
N THR D 58 -17.68 54.07 35.75
CA THR D 58 -17.55 54.41 37.16
C THR D 58 -16.64 55.61 37.40
N GLU D 59 -16.26 56.33 36.36
CA GLU D 59 -15.50 57.57 36.53
C GLU D 59 -16.34 58.63 37.22
N GLY D 60 -15.69 59.41 38.08
CA GLY D 60 -16.38 60.49 38.75
C GLY D 60 -17.23 60.06 39.92
N LEU D 61 -17.01 58.86 40.46
CA LEU D 61 -17.69 58.38 41.65
C LEU D 61 -16.87 58.73 42.88
N VAL D 62 -17.54 59.17 43.93
CA VAL D 62 -16.88 59.57 45.17
C VAL D 62 -17.53 58.81 46.31
N ARG D 63 -16.75 58.55 47.37
CA ARG D 63 -17.21 57.76 48.50
C ARG D 63 -18.17 58.58 49.35
N GLY D 64 -19.46 58.31 49.18
CA GLY D 64 -20.46 59.00 49.98
C GLY D 64 -21.68 59.43 49.20
N GLN D 65 -21.76 59.06 47.93
CA GLN D 65 -22.92 59.41 47.12
C GLN D 65 -24.12 58.57 47.53
N LYS D 66 -25.24 59.23 47.83
CA LYS D 66 -26.42 58.54 48.32
C LYS D 66 -27.10 57.77 47.21
N VAL D 67 -27.37 56.49 47.45
CA VAL D 67 -27.84 55.56 46.44
C VAL D 67 -29.23 55.07 46.82
N LEU D 68 -30.18 55.23 45.91
CA LEU D 68 -31.55 54.79 46.13
C LEU D 68 -31.69 53.31 45.77
N ASP D 69 -32.86 52.74 46.06
CA ASP D 69 -33.16 51.36 45.69
C ASP D 69 -34.50 51.34 44.97
N SER D 70 -34.67 50.35 44.10
CA SER D 70 -35.87 50.24 43.28
C SER D 70 -36.91 49.29 43.85
N GLY D 71 -36.52 48.22 44.50
CA GLY D 71 -37.45 47.21 44.95
C GLY D 71 -37.78 46.16 43.92
N ALA D 72 -37.11 46.17 42.77
CA ALA D 72 -37.40 45.27 41.67
C ALA D 72 -36.20 45.25 40.74
N PRO D 73 -35.99 44.16 39.97
CA PRO D 73 -34.89 44.16 39.00
C PRO D 73 -35.11 45.08 37.81
N ILE D 74 -34.21 45.02 36.82
CA ILE D 74 -34.24 45.96 35.72
C ILE D 74 -35.46 45.70 34.85
N LYS D 75 -36.48 46.52 35.00
CA LYS D 75 -37.73 46.39 34.25
C LYS D 75 -37.67 47.29 33.02
N ILE D 76 -37.49 46.67 31.86
CA ILE D 76 -37.44 47.37 30.58
C ILE D 76 -38.87 47.57 30.10
N PRO D 77 -39.14 48.52 29.19
CA PRO D 77 -40.49 48.59 28.61
C PRO D 77 -40.66 47.54 27.53
N VAL D 78 -41.86 47.02 27.40
CA VAL D 78 -42.13 45.94 26.45
C VAL D 78 -43.56 46.09 25.94
N GLY D 79 -43.82 45.59 24.73
CA GLY D 79 -45.12 45.66 24.13
C GLY D 79 -45.05 45.66 22.62
N PRO D 80 -46.12 46.07 21.96
CA PRO D 80 -46.07 46.19 20.50
C PRO D 80 -45.41 47.46 20.03
N GLU D 81 -45.27 48.46 20.91
CA GLU D 81 -44.77 49.77 20.51
C GLU D 81 -43.26 49.78 20.33
N THR D 82 -42.57 48.73 20.79
CA THR D 82 -41.11 48.73 20.74
C THR D 82 -40.58 48.20 19.41
N LEU D 83 -41.44 48.03 18.42
CA LEU D 83 -41.02 47.49 17.14
C LEU D 83 -40.45 48.59 16.25
N GLY D 84 -39.26 48.37 15.73
CA GLY D 84 -38.59 49.36 14.92
C GLY D 84 -37.79 50.38 15.70
N ARG D 85 -37.38 50.05 16.92
CA ARG D 85 -36.65 50.96 17.80
C ARG D 85 -35.40 50.27 18.32
N ILE D 86 -34.32 51.03 18.47
CA ILE D 86 -33.16 50.51 19.18
C ILE D 86 -33.23 50.98 20.62
N MET D 87 -32.90 50.08 21.55
CA MET D 87 -33.02 50.38 22.97
C MET D 87 -31.78 49.90 23.70
N ASN D 88 -31.61 50.43 24.92
CA ASN D 88 -30.44 50.19 25.73
C ASN D 88 -30.65 48.96 26.61
N VAL D 89 -29.70 48.75 27.52
CA VAL D 89 -29.77 47.61 28.43
C VAL D 89 -30.87 47.83 29.45
N ILE D 90 -31.09 49.08 29.84
CA ILE D 90 -32.02 49.39 30.92
C ILE D 90 -33.32 49.94 30.34
N GLY D 91 -33.40 49.99 29.01
CA GLY D 91 -34.63 50.32 28.34
C GLY D 91 -34.72 51.72 27.75
N GLU D 92 -33.65 52.50 27.82
CA GLU D 92 -33.68 53.82 27.21
C GLU D 92 -33.53 53.70 25.69
N PRO D 93 -34.26 54.51 24.93
CA PRO D 93 -34.11 54.47 23.46
C PRO D 93 -32.90 55.25 22.98
N ILE D 94 -32.07 54.62 22.15
CA ILE D 94 -30.91 55.29 21.57
C ILE D 94 -31.04 55.49 20.07
N ASP D 95 -32.27 55.48 19.55
CA ASP D 95 -32.47 55.82 18.14
C ASP D 95 -32.74 57.30 17.96
N GLU D 96 -32.83 58.04 19.07
CA GLU D 96 -33.06 59.49 19.12
C GLU D 96 -34.36 59.91 18.44
N ARG D 97 -35.40 59.11 18.55
CA ARG D 97 -36.70 59.44 17.95
C ARG D 97 -37.79 59.64 19.00
N GLY D 98 -37.44 59.66 20.27
CA GLY D 98 -38.40 59.94 21.32
C GLY D 98 -38.54 58.80 22.30
N PRO D 99 -39.41 58.97 23.29
CA PRO D 99 -39.59 57.92 24.31
C PRO D 99 -40.42 56.76 23.78
N ILE D 100 -40.03 55.55 24.17
CA ILE D 100 -40.85 54.38 23.90
C ILE D 100 -42.05 54.39 24.83
N LYS D 101 -43.24 54.58 24.25
CA LYS D 101 -44.46 54.74 25.02
C LYS D 101 -45.29 53.47 24.95
N THR D 102 -45.21 52.66 26.00
CA THR D 102 -45.96 51.42 26.08
C THR D 102 -46.46 51.23 27.50
N LYS D 103 -47.18 50.13 27.73
CA LYS D 103 -47.92 49.93 28.96
C LYS D 103 -47.38 48.82 29.84
N GLN D 104 -46.53 47.95 29.31
CA GLN D 104 -46.07 46.78 30.03
C GLN D 104 -44.58 46.88 30.33
N PHE D 105 -44.22 46.71 31.59
CA PHE D 105 -42.83 46.65 32.04
C PHE D 105 -42.57 45.26 32.57
N ALA D 106 -41.41 44.71 32.23
CA ALA D 106 -41.10 43.31 32.53
C ALA D 106 -39.64 43.19 32.94
N ALA D 107 -39.41 42.51 34.08
CA ALA D 107 -38.06 42.26 34.55
C ALA D 107 -37.34 41.29 33.64
N ILE D 108 -36.02 41.35 33.65
CA ILE D 108 -35.24 40.49 32.76
C ILE D 108 -34.82 39.21 33.47
N HIS D 109 -35.04 39.13 34.77
CA HIS D 109 -34.68 37.94 35.53
C HIS D 109 -35.93 37.14 35.88
N ALA D 110 -36.11 35.99 35.24
CA ALA D 110 -37.28 35.17 35.48
C ALA D 110 -36.90 33.71 35.30
N GLU D 111 -37.80 32.82 35.69
CA GLU D 111 -37.54 31.39 35.77
C GLU D 111 -37.58 30.74 34.40
N ALA D 112 -37.40 29.43 34.39
CA ALA D 112 -37.50 28.57 33.23
C ALA D 112 -38.78 27.75 33.29
N PRO D 113 -39.38 27.42 32.13
CA PRO D 113 -40.61 26.63 32.16
C PRO D 113 -40.34 25.18 32.51
N GLU D 114 -41.37 24.52 33.06
CA GLU D 114 -41.19 23.22 33.70
C GLU D 114 -41.15 22.11 32.66
N PHE D 115 -41.18 20.86 33.13
CA PHE D 115 -41.03 19.72 32.22
C PHE D 115 -42.33 19.42 31.49
N MET D 116 -43.47 19.69 32.11
CA MET D 116 -44.76 19.51 31.48
C MET D 116 -45.27 20.79 30.81
N GLU D 117 -44.35 21.66 30.40
CA GLU D 117 -44.66 22.80 29.55
C GLU D 117 -43.80 22.79 28.30
N MET D 118 -43.22 21.64 27.97
CA MET D 118 -42.38 21.50 26.80
C MET D 118 -43.21 20.98 25.63
N SER D 119 -42.78 21.29 24.42
CA SER D 119 -43.36 20.73 23.21
C SER D 119 -42.42 19.70 22.64
N VAL D 120 -42.97 18.83 21.78
CA VAL D 120 -42.26 17.61 21.43
C VAL D 120 -42.25 17.43 19.92
N GLU D 121 -43.05 18.21 19.19
CA GLU D 121 -43.19 18.01 17.76
C GLU D 121 -42.02 18.62 17.00
N GLN D 122 -41.66 17.97 15.89
CA GLN D 122 -40.55 18.40 15.05
C GLN D 122 -41.04 18.61 13.62
N GLU D 123 -40.39 19.52 12.92
CA GLU D 123 -40.75 19.88 11.55
C GLU D 123 -39.46 20.03 10.76
N ILE D 124 -39.55 20.66 9.59
CA ILE D 124 -38.39 21.12 8.86
C ILE D 124 -38.68 22.50 8.28
N LEU D 125 -37.80 23.45 8.55
CA LEU D 125 -37.88 24.81 8.04
C LEU D 125 -36.88 24.95 6.90
N VAL D 126 -37.38 25.20 5.70
CA VAL D 126 -36.56 25.26 4.50
C VAL D 126 -35.97 26.66 4.37
N THR D 127 -34.70 26.74 3.99
CA THR D 127 -33.98 28.00 3.90
C THR D 127 -33.62 28.34 2.45
N GLY D 128 -32.95 27.43 1.76
CA GLY D 128 -32.57 27.67 0.39
C GLY D 128 -31.08 27.57 0.18
N ILE D 129 -30.35 27.18 1.21
CA ILE D 129 -28.91 26.99 1.12
C ILE D 129 -28.64 25.51 0.91
N LYS D 130 -27.71 25.21 0.01
CA LYS D 130 -27.56 23.83 -0.43
C LYS D 130 -26.83 22.97 0.59
N VAL D 131 -25.86 23.52 1.33
CA VAL D 131 -25.15 22.73 2.32
C VAL D 131 -26.01 22.49 3.54
N VAL D 132 -26.82 23.47 3.92
CA VAL D 132 -27.62 23.38 5.12
C VAL D 132 -28.80 22.42 4.96
N ASP D 133 -29.57 22.55 3.87
CA ASP D 133 -30.75 21.72 3.72
C ASP D 133 -30.44 20.28 3.40
N LEU D 134 -29.27 19.98 2.86
CA LEU D 134 -28.96 18.60 2.50
C LEU D 134 -28.48 17.79 3.70
N LEU D 135 -27.40 18.22 4.35
CA LEU D 135 -26.70 17.39 5.33
C LEU D 135 -27.06 17.69 6.77
N ALA D 136 -27.69 18.81 7.06
CA ALA D 136 -28.01 19.17 8.43
C ALA D 136 -29.23 20.08 8.48
N PRO D 137 -30.44 19.53 8.31
CA PRO D 137 -31.62 20.38 8.12
C PRO D 137 -32.03 21.08 9.41
N TYR D 138 -32.49 22.32 9.27
CA TYR D 138 -32.92 23.11 10.41
C TYR D 138 -34.37 22.76 10.72
N ALA D 139 -34.88 23.27 11.84
CA ALA D 139 -36.20 22.89 12.30
C ALA D 139 -36.97 24.08 12.87
N LYS D 140 -38.29 24.04 12.72
CA LYS D 140 -39.14 25.06 13.31
C LYS D 140 -39.17 24.90 14.82
N GLY D 141 -38.97 25.99 15.54
CA GLY D 141 -38.92 25.94 16.99
C GLY D 141 -37.72 25.22 17.55
N GLY D 142 -36.59 25.21 16.84
CA GLY D 142 -35.42 24.51 17.29
C GLY D 142 -34.20 25.41 17.33
N LYS D 143 -33.34 25.16 18.30
CA LYS D 143 -32.16 25.99 18.54
C LYS D 143 -31.03 25.60 17.60
N ILE D 144 -30.48 26.59 16.90
CA ILE D 144 -29.51 26.40 15.83
C ILE D 144 -28.23 27.12 16.19
N GLY D 145 -27.09 26.49 15.93
CA GLY D 145 -25.83 27.09 16.26
C GLY D 145 -24.88 27.24 15.09
N LEU D 146 -24.16 28.36 15.04
CA LEU D 146 -23.23 28.69 13.97
C LEU D 146 -21.84 28.84 14.55
N PHE D 147 -21.01 27.81 14.40
CA PHE D 147 -19.71 27.78 15.02
C PHE D 147 -18.66 28.37 14.08
N GLY D 148 -17.39 28.19 14.40
CA GLY D 148 -16.31 28.69 13.56
C GLY D 148 -15.48 29.77 14.20
N GLY D 149 -14.31 30.05 13.63
CA GLY D 149 -13.37 30.97 14.21
C GLY D 149 -13.67 32.43 13.99
N ALA D 150 -12.63 33.23 13.76
CA ALA D 150 -12.76 34.65 13.50
C ALA D 150 -12.48 34.94 12.03
N GLY D 151 -13.42 35.56 11.35
CA GLY D 151 -13.26 35.86 9.95
C GLY D 151 -13.48 34.69 9.02
N VAL D 152 -14.59 33.95 9.19
CA VAL D 152 -14.98 32.90 8.27
C VAL D 152 -16.39 33.07 7.75
N GLY D 153 -17.19 33.96 8.34
CA GLY D 153 -18.51 34.20 7.81
C GLY D 153 -19.69 33.95 8.72
N LYS D 154 -19.52 34.15 10.03
CA LYS D 154 -20.64 33.95 10.95
C LYS D 154 -21.64 35.11 10.90
N THR D 155 -21.18 36.32 10.62
CA THR D 155 -22.10 37.45 10.59
C THR D 155 -22.82 37.54 9.25
N VAL D 156 -22.19 37.07 8.19
CA VAL D 156 -22.83 37.08 6.88
C VAL D 156 -23.87 35.98 6.75
N LEU D 157 -23.55 34.79 7.25
CA LEU D 157 -24.51 33.70 7.23
C LEU D 157 -25.70 33.97 8.14
N ILE D 158 -25.51 34.75 9.20
CA ILE D 158 -26.64 35.17 10.02
C ILE D 158 -27.32 36.41 9.44
N MET D 159 -26.68 37.07 8.48
CA MET D 159 -27.35 38.11 7.71
C MET D 159 -28.13 37.53 6.54
N GLU D 160 -27.83 36.30 6.15
CA GLU D 160 -28.55 35.65 5.06
C GLU D 160 -29.90 35.14 5.52
N LEU D 161 -30.00 34.68 6.76
CA LEU D 161 -31.26 34.12 7.24
C LEU D 161 -32.23 35.21 7.67
N ILE D 162 -31.79 36.46 7.79
CA ILE D 162 -32.76 37.53 7.90
C ILE D 162 -33.27 37.91 6.51
N ASN D 163 -32.45 37.69 5.49
CA ASN D 163 -32.84 38.01 4.13
C ASN D 163 -33.89 37.03 3.61
N ASN D 164 -33.66 35.72 3.75
CA ASN D 164 -34.60 34.73 3.26
C ASN D 164 -35.80 34.57 4.18
N VAL D 165 -35.54 34.30 5.47
CA VAL D 165 -36.58 33.75 6.34
C VAL D 165 -37.49 34.84 6.90
N ALA D 166 -36.93 36.02 7.21
CA ALA D 166 -37.67 36.98 8.03
C ALA D 166 -38.73 37.76 7.27
N LYS D 167 -38.63 37.86 5.94
CA LYS D 167 -39.67 38.57 5.20
C LYS D 167 -40.82 37.67 4.78
N ALA D 168 -40.57 36.38 4.60
CA ALA D 168 -41.61 35.41 4.29
C ALA D 168 -42.30 34.90 5.56
N HIS D 169 -41.84 35.33 6.73
CA HIS D 169 -42.41 34.87 7.98
C HIS D 169 -43.60 35.74 8.38
N GLY D 170 -44.58 35.12 9.02
CA GLY D 170 -45.78 35.81 9.44
C GLY D 170 -45.57 36.72 10.63
N GLY D 171 -45.11 36.17 11.75
CA GLY D 171 -44.96 36.90 12.99
C GLY D 171 -43.77 37.83 13.01
N TYR D 172 -43.36 38.20 14.23
CA TYR D 172 -42.37 39.25 14.41
C TYR D 172 -40.97 38.65 14.47
N SER D 173 -39.99 39.46 14.85
CA SER D 173 -38.59 39.06 14.85
C SER D 173 -37.81 40.01 15.76
N VAL D 174 -36.80 39.47 16.44
CA VAL D 174 -36.00 40.21 17.41
C VAL D 174 -34.52 39.92 17.12
N PHE D 175 -33.71 40.97 17.09
CA PHE D 175 -32.27 40.85 16.90
C PHE D 175 -31.56 41.45 18.10
N ALA D 176 -30.86 40.61 18.87
CA ALA D 176 -30.03 41.05 19.97
C ALA D 176 -28.57 40.95 19.56
N GLY D 177 -27.86 42.05 19.61
CA GLY D 177 -26.45 42.07 19.28
C GLY D 177 -25.60 42.30 20.52
N VAL D 178 -24.78 41.32 20.87
CA VAL D 178 -24.10 41.28 22.15
C VAL D 178 -22.60 41.30 21.86
N GLY D 179 -21.94 42.40 22.16
CA GLY D 179 -20.49 42.48 22.14
C GLY D 179 -19.83 42.38 20.77
N GLU D 180 -20.34 43.12 19.79
CA GLU D 180 -19.73 43.14 18.47
C GLU D 180 -19.55 44.60 18.05
N ARG D 181 -18.98 44.80 16.87
CA ARG D 181 -18.54 46.12 16.43
C ARG D 181 -19.72 47.06 16.21
N THR D 182 -19.58 48.28 16.71
CA THR D 182 -20.63 49.29 16.65
C THR D 182 -20.89 49.78 15.23
N ARG D 183 -19.95 49.57 14.32
CA ARG D 183 -20.18 49.80 12.90
C ARG D 183 -21.30 48.91 12.37
N GLU D 184 -21.24 47.62 12.70
CA GLU D 184 -22.15 46.62 12.16
C GLU D 184 -23.56 46.68 12.75
N GLY D 185 -23.83 47.63 13.63
CA GLY D 185 -25.19 47.86 14.09
C GLY D 185 -25.77 49.03 13.34
N ASN D 186 -24.97 49.62 12.46
CA ASN D 186 -25.41 50.67 11.58
C ASN D 186 -25.59 50.18 10.15
N ASP D 187 -24.89 49.11 9.77
CA ASP D 187 -25.17 48.45 8.50
C ASP D 187 -26.35 47.51 8.60
N LEU D 188 -26.97 47.40 9.78
CA LEU D 188 -28.23 46.71 9.90
C LEU D 188 -29.39 47.70 9.94
N TYR D 189 -29.19 48.86 10.56
CA TYR D 189 -30.21 49.89 10.56
C TYR D 189 -30.35 50.56 9.19
N HIS D 190 -29.37 50.40 8.31
CA HIS D 190 -29.44 50.96 6.97
C HIS D 190 -29.61 49.90 5.88
N GLU D 191 -29.65 48.62 6.24
CA GLU D 191 -30.09 47.58 5.34
C GLU D 191 -31.44 47.02 5.74
N MET D 192 -32.17 47.72 6.62
CA MET D 192 -33.53 47.34 6.98
C MET D 192 -34.48 48.52 6.89
N ILE D 193 -34.03 49.68 6.44
CA ILE D 193 -34.93 50.75 6.03
C ILE D 193 -35.19 50.66 4.53
N GLU D 194 -34.13 50.41 3.75
CA GLU D 194 -34.25 50.32 2.31
C GLU D 194 -34.89 49.03 1.84
N SER D 195 -35.10 48.06 2.73
CA SER D 195 -35.88 46.88 2.41
C SER D 195 -37.26 46.91 3.08
N GLY D 196 -37.59 47.99 3.77
CA GLY D 196 -38.92 48.19 4.30
C GLY D 196 -39.30 47.36 5.50
N VAL D 197 -38.34 46.70 6.15
CA VAL D 197 -38.64 45.93 7.35
C VAL D 197 -38.81 46.84 8.55
N ILE D 198 -37.93 47.82 8.69
CA ILE D 198 -38.10 48.92 9.63
C ILE D 198 -38.74 50.07 8.86
N ASN D 199 -39.84 50.61 9.38
CA ASN D 199 -40.54 51.70 8.74
C ASN D 199 -40.58 52.88 9.70
N LEU D 200 -40.14 54.04 9.23
CA LEU D 200 -39.98 55.22 10.07
C LEU D 200 -41.16 56.18 9.99
N LYS D 201 -42.27 55.78 9.35
CA LYS D 201 -43.35 56.72 9.09
C LYS D 201 -44.70 56.26 9.64
N ASP D 202 -44.88 54.97 9.91
CA ASP D 202 -46.15 54.48 10.42
C ASP D 202 -45.88 53.29 11.33
N ALA D 203 -46.90 52.47 11.56
CA ALA D 203 -46.88 51.42 12.57
C ALA D 203 -46.96 50.02 11.94
N THR D 204 -46.16 49.79 10.90
CA THR D 204 -46.15 48.50 10.22
C THR D 204 -44.76 47.87 10.18
N SER D 205 -43.96 48.06 11.22
CA SER D 205 -42.65 47.42 11.28
C SER D 205 -42.76 46.05 11.93
N LYS D 206 -41.73 45.23 11.70
CA LYS D 206 -41.77 43.82 12.10
C LYS D 206 -40.52 43.38 12.86
N VAL D 207 -39.61 44.30 13.19
CA VAL D 207 -38.33 43.93 13.81
C VAL D 207 -38.05 44.90 14.97
N ALA D 208 -37.73 44.34 16.13
CA ALA D 208 -37.16 45.09 17.24
C ALA D 208 -35.66 44.82 17.30
N LEU D 209 -34.93 45.72 17.96
CA LEU D 209 -33.48 45.63 18.02
C LEU D 209 -33.01 46.00 19.43
N VAL D 210 -32.08 45.21 19.96
CA VAL D 210 -31.48 45.44 21.27
C VAL D 210 -29.98 45.33 21.10
N TYR D 211 -29.24 46.36 21.51
CA TYR D 211 -27.83 46.49 21.18
C TYR D 211 -27.02 46.83 22.42
N GLY D 212 -26.08 45.95 22.79
CA GLY D 212 -25.00 46.30 23.69
C GLY D 212 -23.68 45.83 23.11
N GLN D 213 -22.83 46.77 22.71
CA GLN D 213 -21.70 46.47 21.85
C GLN D 213 -20.41 46.43 22.66
N MET D 214 -19.27 46.36 21.95
CA MET D 214 -18.00 46.10 22.61
C MET D 214 -17.30 47.35 23.11
N ASN D 215 -18.01 48.45 23.28
CA ASN D 215 -17.46 49.63 23.94
C ASN D 215 -18.01 49.82 25.35
N GLU D 216 -18.87 48.96 25.77
CA GLU D 216 -19.57 49.04 27.04
C GLU D 216 -18.70 48.46 28.15
N PRO D 217 -18.94 48.84 29.41
CA PRO D 217 -18.25 48.18 30.53
C PRO D 217 -18.69 46.73 30.64
N PRO D 218 -17.83 45.85 31.18
CA PRO D 218 -18.12 44.40 31.15
C PRO D 218 -19.25 43.93 32.06
N GLY D 219 -19.89 44.85 32.77
CA GLY D 219 -21.10 44.50 33.48
C GLY D 219 -22.31 44.69 32.61
N ALA D 220 -22.12 45.31 31.44
CA ALA D 220 -23.21 45.59 30.52
C ALA D 220 -23.18 44.73 29.27
N ARG D 221 -22.14 43.94 29.04
CA ARG D 221 -22.16 42.94 27.99
C ARG D 221 -22.65 41.59 28.48
N ALA D 222 -23.09 41.50 29.74
CA ALA D 222 -23.56 40.25 30.30
C ALA D 222 -25.00 40.35 30.77
N ARG D 223 -25.69 41.47 30.53
CA ARG D 223 -27.11 41.59 30.80
C ARG D 223 -27.89 42.01 29.57
N VAL D 224 -27.23 42.14 28.42
CA VAL D 224 -27.93 42.46 27.18
C VAL D 224 -28.62 41.25 26.56
N ALA D 225 -28.01 40.07 26.66
CA ALA D 225 -28.65 38.88 26.10
C ALA D 225 -29.84 38.45 26.93
N LEU D 226 -29.86 38.79 28.21
CA LEU D 226 -31.06 38.61 29.03
C LEU D 226 -32.13 39.64 28.71
N THR D 227 -31.77 40.75 28.07
CA THR D 227 -32.73 41.76 27.66
C THR D 227 -33.29 41.49 26.27
N GLY D 228 -32.52 40.79 25.44
CA GLY D 228 -33.03 40.36 24.15
C GLY D 228 -34.16 39.35 24.29
N LEU D 229 -33.95 38.28 25.05
CA LEU D 229 -34.93 37.23 25.21
C LEU D 229 -35.97 37.53 26.29
N THR D 230 -36.08 38.80 26.71
CA THR D 230 -37.21 39.25 27.50
C THR D 230 -38.29 39.88 26.64
N VAL D 231 -37.90 40.63 25.61
CA VAL D 231 -38.84 41.11 24.61
C VAL D 231 -39.39 39.95 23.80
N ALA D 232 -38.52 39.01 23.43
CA ALA D 232 -38.92 37.82 22.69
C ALA D 232 -39.68 36.81 23.54
N GLU D 233 -39.75 36.99 24.85
CA GLU D 233 -40.64 36.19 25.68
C GLU D 233 -42.02 36.79 25.79
N TYR D 234 -42.17 38.09 25.54
CA TYR D 234 -43.49 38.70 25.57
C TYR D 234 -44.34 38.24 24.40
N PHE D 235 -43.75 38.13 23.21
CA PHE D 235 -44.51 37.73 22.04
C PHE D 235 -44.92 36.26 22.11
N ARG D 236 -44.07 35.40 22.67
CA ARG D 236 -44.40 33.99 22.77
C ARG D 236 -45.44 33.73 23.85
N ASP D 237 -45.42 34.47 24.94
CA ASP D 237 -46.26 34.18 26.10
C ASP D 237 -47.53 35.01 26.14
N GLN D 238 -47.41 36.34 26.18
CA GLN D 238 -48.60 37.18 26.30
C GLN D 238 -49.36 37.26 24.99
N GLU D 239 -48.68 37.07 23.86
CA GLU D 239 -49.32 36.82 22.58
C GLU D 239 -49.01 35.39 22.17
N GLY D 240 -49.41 35.02 20.95
CA GLY D 240 -49.25 33.64 20.54
C GLY D 240 -48.48 33.42 19.26
N GLN D 241 -47.83 34.47 18.75
CA GLN D 241 -47.25 34.41 17.42
C GLN D 241 -45.99 33.55 17.38
N ASP D 242 -45.55 33.26 16.16
CA ASP D 242 -44.30 32.55 15.94
C ASP D 242 -43.17 33.58 15.85
N VAL D 243 -42.20 33.46 16.75
CA VAL D 243 -41.16 34.46 16.90
C VAL D 243 -39.85 33.85 16.39
N LEU D 244 -39.01 34.69 15.82
CA LEU D 244 -37.63 34.33 15.58
C LEU D 244 -36.74 35.10 16.54
N LEU D 245 -35.46 34.75 16.55
CA LEU D 245 -34.50 35.38 17.45
C LEU D 245 -33.11 35.14 16.91
N PHE D 246 -32.37 36.21 16.66
CA PHE D 246 -31.02 36.12 16.12
C PHE D 246 -30.08 36.74 17.14
N ILE D 247 -29.01 36.04 17.48
CA ILE D 247 -28.09 36.46 18.53
C ILE D 247 -26.68 36.36 18.00
N ASP D 248 -25.95 37.48 18.00
CA ASP D 248 -24.58 37.50 17.51
C ASP D 248 -23.90 38.68 18.18
N ASN D 249 -22.90 38.43 19.03
CA ASN D 249 -22.34 37.10 19.32
C ASN D 249 -22.76 36.63 20.71
N ILE D 250 -22.60 35.34 21.00
CA ILE D 250 -22.97 34.78 22.31
C ILE D 250 -21.75 34.28 23.08
N PHE D 251 -20.57 34.23 22.46
CA PHE D 251 -19.35 34.00 23.23
C PHE D 251 -19.04 35.19 24.13
N ARG D 252 -19.51 36.38 23.78
CA ARG D 252 -19.28 37.57 24.58
C ARG D 252 -20.23 37.70 25.76
N PHE D 253 -21.02 36.68 26.04
CA PHE D 253 -21.76 36.58 27.29
C PHE D 253 -20.95 35.85 28.35
N THR D 254 -20.23 34.82 27.94
CA THR D 254 -19.33 34.08 28.81
C THR D 254 -18.09 34.90 29.15
N GLN D 255 -17.47 35.53 28.15
CA GLN D 255 -16.23 36.26 28.37
C GLN D 255 -16.44 37.48 29.25
N ALA D 256 -17.57 38.18 29.10
CA ALA D 256 -17.83 39.36 29.91
C ALA D 256 -18.17 39.04 31.35
N GLY D 257 -18.39 37.76 31.68
CA GLY D 257 -18.52 37.37 33.07
C GLY D 257 -17.25 36.81 33.66
N SER D 258 -16.27 36.53 32.82
CA SER D 258 -14.95 36.10 33.24
C SER D 258 -14.02 37.28 33.54
N GLU D 259 -14.52 38.50 33.49
CA GLU D 259 -13.73 39.68 33.76
C GLU D 259 -14.08 40.33 35.09
N VAL D 260 -15.36 40.28 35.47
CA VAL D 260 -15.81 40.79 36.76
C VAL D 260 -15.63 39.76 37.86
N SER D 261 -15.17 38.55 37.52
CA SER D 261 -15.19 37.42 38.43
C SER D 261 -14.15 37.53 39.54
N ALA D 262 -12.89 37.80 39.18
CA ALA D 262 -11.80 37.76 40.15
C ALA D 262 -11.88 38.89 41.17
N LEU D 263 -12.58 39.98 40.86
CA LEU D 263 -12.82 41.02 41.85
C LEU D 263 -13.99 40.72 42.76
N LEU D 264 -14.86 39.79 42.37
CA LEU D 264 -15.92 39.34 43.26
C LEU D 264 -15.44 38.29 44.25
N GLY D 265 -14.21 37.78 44.09
CA GLY D 265 -13.63 36.87 45.06
C GLY D 265 -13.79 35.40 44.74
N ARG D 266 -13.41 34.99 43.55
CA ARG D 266 -13.56 33.60 43.11
C ARG D 266 -12.25 33.07 42.56
N ILE D 267 -11.91 31.85 42.95
CA ILE D 267 -10.74 31.16 42.40
C ILE D 267 -11.02 30.78 40.96
N PRO D 268 -10.08 30.95 40.04
CA PRO D 268 -10.34 30.54 38.65
C PRO D 268 -10.29 29.03 38.49
N SER D 269 -11.06 28.56 37.51
CA SER D 269 -11.12 27.16 37.08
C SER D 269 -10.06 26.91 36.02
N ALA D 270 -10.31 25.93 35.16
CA ALA D 270 -9.52 25.70 33.94
C ALA D 270 -9.54 26.92 33.02
N VAL D 271 -8.89 26.87 31.86
CA VAL D 271 -7.96 27.89 31.32
C VAL D 271 -8.12 29.38 31.66
N GLY D 272 -9.17 29.77 32.39
CA GLY D 272 -9.26 31.12 32.90
C GLY D 272 -10.68 31.58 33.14
N TYR D 273 -11.64 30.71 32.91
CA TYR D 273 -13.03 31.07 33.08
C TYR D 273 -13.44 31.02 34.56
N GLN D 274 -14.64 31.50 34.83
CA GLN D 274 -15.16 31.54 36.17
C GLN D 274 -15.54 30.14 36.66
N PRO D 275 -15.65 29.94 37.98
CA PRO D 275 -16.14 28.63 38.46
C PRO D 275 -17.60 28.38 38.18
N THR D 276 -18.42 29.41 37.99
CA THR D 276 -19.85 29.24 37.72
C THR D 276 -20.15 29.32 36.24
N LEU D 277 -19.28 28.74 35.40
CA LEU D 277 -19.39 28.90 33.95
C LEU D 277 -20.61 28.18 33.39
N ALA D 278 -20.79 26.91 33.72
CA ALA D 278 -21.81 26.09 33.09
C ALA D 278 -23.13 26.14 33.82
N THR D 279 -23.30 27.06 34.77
CA THR D 279 -24.58 27.23 35.44
C THR D 279 -25.35 28.45 34.98
N ASP D 280 -24.70 29.60 34.82
CA ASP D 280 -25.38 30.77 34.29
C ASP D 280 -25.53 30.74 32.77
N MET D 281 -24.70 29.93 32.08
CA MET D 281 -24.99 29.62 30.69
C MET D 281 -26.26 28.79 30.58
N GLY D 282 -26.38 27.74 31.38
CA GLY D 282 -27.57 26.92 31.38
C GLY D 282 -28.78 27.55 32.04
N THR D 283 -28.64 28.74 32.61
CA THR D 283 -29.78 29.47 33.15
C THR D 283 -30.38 30.43 32.12
N MET D 284 -29.58 30.85 31.14
CA MET D 284 -30.11 31.64 30.04
C MET D 284 -30.65 30.76 28.93
N GLN D 285 -29.93 29.67 28.61
CA GLN D 285 -30.29 28.79 27.50
C GLN D 285 -31.46 27.86 27.81
N GLU D 286 -32.14 28.00 28.94
CA GLU D 286 -33.35 27.25 29.22
C GLU D 286 -34.60 28.11 29.13
N ARG D 287 -34.45 29.37 28.74
CA ARG D 287 -35.58 30.21 28.40
C ARG D 287 -35.81 30.30 26.91
N ILE D 288 -34.83 29.95 26.10
CA ILE D 288 -34.98 29.94 24.64
C ILE D 288 -35.48 28.55 24.28
N THR D 289 -36.79 28.36 24.42
CA THR D 289 -37.40 27.05 24.13
C THR D 289 -38.76 27.24 23.49
N THR D 290 -39.27 26.14 22.94
CA THR D 290 -40.61 26.08 22.40
C THR D 290 -41.53 25.46 23.45
N THR D 291 -42.45 26.24 23.96
CA THR D 291 -43.37 25.76 24.97
C THR D 291 -44.74 25.47 24.34
N LYS D 292 -45.74 25.23 25.17
CA LYS D 292 -47.11 25.02 24.72
C LYS D 292 -47.89 26.31 24.57
N LYS D 293 -47.22 27.46 24.60
CA LYS D 293 -47.84 28.75 24.36
C LYS D 293 -47.29 29.46 23.14
N GLY D 294 -46.23 28.97 22.54
CA GLY D 294 -45.68 29.58 21.36
C GLY D 294 -44.54 28.76 20.83
N SER D 295 -43.69 29.40 20.02
CA SER D 295 -42.54 28.73 19.44
C SER D 295 -41.51 29.78 19.08
N ILE D 296 -40.25 29.52 19.43
CA ILE D 296 -39.16 30.45 19.19
C ILE D 296 -38.11 29.73 18.35
N THR D 297 -38.03 30.04 17.07
CA THR D 297 -36.85 29.68 16.30
C THR D 297 -35.71 30.58 16.76
N SER D 298 -34.50 30.03 16.81
CA SER D 298 -33.38 30.82 17.30
C SER D 298 -32.11 30.41 16.57
N VAL D 299 -31.47 31.38 15.94
CA VAL D 299 -30.17 31.19 15.31
C VAL D 299 -29.15 31.97 16.12
N GLN D 300 -28.01 31.35 16.41
CA GLN D 300 -26.98 31.94 17.26
C GLN D 300 -25.62 31.74 16.62
N ALA D 301 -24.82 32.79 16.62
CA ALA D 301 -23.43 32.71 16.21
C ALA D 301 -22.56 32.53 17.45
N ILE D 302 -21.61 31.59 17.38
CA ILE D 302 -20.79 31.22 18.53
C ILE D 302 -19.33 31.29 18.11
N TYR D 303 -18.62 32.31 18.60
CA TYR D 303 -17.19 32.43 18.34
C TYR D 303 -16.43 31.32 19.05
N VAL D 304 -15.53 30.67 18.31
CA VAL D 304 -14.65 29.64 18.83
C VAL D 304 -13.25 30.24 18.92
N PRO D 305 -12.63 30.31 20.11
CA PRO D 305 -11.40 31.08 20.28
C PRO D 305 -10.16 30.39 19.71
N ALA D 306 -9.63 30.98 18.64
CA ALA D 306 -8.39 30.56 17.98
C ALA D 306 -8.46 29.14 17.45
N ASP D 307 -9.64 28.78 16.92
CA ASP D 307 -9.90 27.50 16.23
C ASP D 307 -9.61 26.31 17.13
N ASP D 308 -10.37 26.20 18.22
CA ASP D 308 -10.22 25.11 19.17
C ASP D 308 -11.58 24.88 19.79
N LEU D 309 -12.30 23.85 19.32
CA LEU D 309 -13.62 23.51 19.82
C LEU D 309 -13.59 22.72 21.11
N THR D 310 -12.43 22.61 21.75
CA THR D 310 -12.27 22.01 23.06
C THR D 310 -12.09 23.05 24.15
N ASP D 311 -12.16 24.33 23.79
CA ASP D 311 -12.20 25.40 24.77
C ASP D 311 -13.48 25.27 25.60
N PRO D 312 -13.44 25.58 26.90
CA PRO D 312 -14.61 25.31 27.74
C PRO D 312 -15.81 26.21 27.50
N ALA D 313 -15.67 27.30 26.76
CA ALA D 313 -16.87 28.07 26.44
C ALA D 313 -17.64 27.54 25.22
N PRO D 314 -17.03 27.19 24.07
CA PRO D 314 -17.84 26.59 23.01
C PRO D 314 -18.20 25.14 23.22
N ALA D 315 -17.42 24.38 23.98
CA ALA D 315 -17.68 22.95 24.12
C ALA D 315 -18.67 22.62 25.23
N THR D 316 -19.40 23.59 25.76
CA THR D 316 -20.51 23.32 26.67
C THR D 316 -21.83 23.85 26.12
N THR D 317 -21.79 24.60 25.02
CA THR D 317 -23.01 25.01 24.32
C THR D 317 -23.56 23.92 23.44
N PHE D 318 -22.78 22.86 23.19
CA PHE D 318 -23.21 21.76 22.35
C PHE D 318 -24.40 21.00 22.93
N ALA D 319 -24.54 21.01 24.24
CA ALA D 319 -25.66 20.33 24.89
C ALA D 319 -26.96 21.10 24.77
N HIS D 320 -26.93 22.34 24.28
CA HIS D 320 -28.13 23.17 24.17
C HIS D 320 -28.57 23.43 22.75
N LEU D 321 -27.98 22.75 21.76
CA LEU D 321 -28.23 23.03 20.36
C LEU D 321 -28.72 21.77 19.65
N ASP D 322 -29.68 21.94 18.76
CA ASP D 322 -30.20 20.82 17.98
C ASP D 322 -29.42 20.65 16.68
N ALA D 323 -29.20 21.76 15.96
CA ALA D 323 -28.49 21.73 14.70
C ALA D 323 -27.24 22.60 14.80
N THR D 324 -26.08 21.98 14.63
CA THR D 324 -24.82 22.70 14.66
C THR D 324 -24.24 22.80 13.25
N THR D 325 -23.82 24.01 12.88
CA THR D 325 -23.26 24.29 11.56
C THR D 325 -21.81 24.75 11.77
N VAL D 326 -20.88 23.81 11.81
CA VAL D 326 -19.49 24.14 12.10
C VAL D 326 -18.83 24.67 10.84
N LEU D 327 -18.46 25.94 10.87
CA LEU D 327 -17.68 26.57 9.82
C LEU D 327 -16.20 26.26 10.04
N SER D 328 -15.41 26.46 8.98
CA SER D 328 -14.02 26.04 9.06
C SER D 328 -13.14 26.91 8.18
N ARG D 329 -11.92 27.19 8.65
CA ARG D 329 -10.98 27.98 7.86
C ARG D 329 -10.24 27.13 6.84
N ALA D 330 -10.26 25.81 6.98
CA ALA D 330 -9.58 24.96 6.01
C ALA D 330 -10.38 24.79 4.73
N ILE D 331 -11.68 25.08 4.77
CA ILE D 331 -12.52 25.07 3.57
C ILE D 331 -12.54 26.45 2.93
N ALA D 332 -12.68 27.50 3.74
CA ALA D 332 -12.70 28.89 3.28
C ALA D 332 -11.44 29.33 2.56
N GLU D 333 -10.30 28.70 2.83
CA GLU D 333 -9.08 29.04 2.12
C GLU D 333 -8.92 28.26 0.82
N LEU D 334 -9.93 27.50 0.41
CA LEU D 334 -10.00 26.93 -0.92
C LEU D 334 -10.83 27.78 -1.87
N GLY D 335 -11.66 28.67 -1.34
CA GLY D 335 -12.61 29.39 -2.14
C GLY D 335 -14.02 28.83 -2.09
N ILE D 336 -14.24 27.79 -1.28
CA ILE D 336 -15.57 27.19 -1.18
C ILE D 336 -16.39 27.97 -0.17
N TYR D 337 -17.40 28.68 -0.65
CA TYR D 337 -18.17 29.59 0.19
C TYR D 337 -19.66 29.31 0.05
N PRO D 338 -20.39 29.14 1.15
CA PRO D 338 -20.06 29.16 2.59
C PRO D 338 -19.24 27.99 3.04
N ALA D 339 -18.19 28.27 3.81
CA ALA D 339 -17.31 27.21 4.30
C ALA D 339 -18.02 26.51 5.43
N VAL D 340 -18.82 25.50 5.12
CA VAL D 340 -19.47 24.66 6.11
C VAL D 340 -18.80 23.29 6.04
N ASP D 341 -18.41 22.76 7.20
CA ASP D 341 -17.81 21.44 7.24
C ASP D 341 -18.90 20.39 7.14
N PRO D 342 -18.89 19.54 6.11
CA PRO D 342 -19.94 18.52 6.02
C PRO D 342 -19.75 17.37 6.99
N LEU D 343 -18.50 17.06 7.36
CA LEU D 343 -18.24 15.94 8.24
C LEU D 343 -18.18 16.37 9.70
N ASP D 344 -18.79 17.50 10.02
CA ASP D 344 -18.80 17.97 11.40
C ASP D 344 -20.12 18.66 11.76
N SER D 345 -21.09 18.67 10.85
CA SER D 345 -22.38 19.28 11.10
C SER D 345 -23.42 18.18 11.28
N THR D 346 -24.26 18.32 12.32
CA THR D 346 -25.27 17.33 12.64
C THR D 346 -26.64 17.98 12.70
N SER D 347 -27.66 17.15 12.89
CA SER D 347 -28.99 17.60 13.23
C SER D 347 -29.74 16.47 13.92
N ARG D 348 -30.82 16.83 14.61
CA ARG D 348 -31.59 15.82 15.34
C ARG D 348 -32.68 15.23 14.47
N ILE D 349 -32.95 15.83 13.31
CA ILE D 349 -33.99 15.34 12.42
C ILE D 349 -33.44 14.71 11.16
N MET D 350 -32.13 14.45 11.09
CA MET D 350 -31.61 13.61 10.03
C MET D 350 -32.04 12.19 10.36
N ASP D 351 -33.19 11.80 9.85
CA ASP D 351 -33.97 10.66 10.34
C ASP D 351 -34.87 10.21 9.19
N PRO D 352 -34.73 8.96 8.72
CA PRO D 352 -35.48 8.55 7.52
C PRO D 352 -36.98 8.37 7.75
N ASN D 353 -37.43 8.51 9.00
CA ASN D 353 -38.85 8.58 9.30
C ASN D 353 -39.38 10.01 9.32
N ILE D 354 -38.50 11.01 9.22
CA ILE D 354 -38.91 12.41 9.24
C ILE D 354 -38.63 13.09 7.91
N VAL D 355 -37.44 12.88 7.34
CA VAL D 355 -37.09 13.48 6.06
C VAL D 355 -37.29 12.52 4.90
N GLY D 356 -37.88 11.35 5.17
CA GLY D 356 -38.10 10.37 4.12
C GLY D 356 -36.84 9.59 3.78
N SER D 357 -37.05 8.39 3.26
CA SER D 357 -35.94 7.50 2.98
C SER D 357 -35.13 7.90 1.75
N GLU D 358 -35.63 8.80 0.92
CA GLU D 358 -34.88 9.24 -0.24
C GLU D 358 -33.88 10.33 0.08
N HIS D 359 -34.22 11.25 0.99
CA HIS D 359 -33.28 12.26 1.42
C HIS D 359 -32.19 11.65 2.30
N TYR D 360 -32.53 10.61 3.06
CA TYR D 360 -31.59 10.06 4.04
C TYR D 360 -30.44 9.30 3.37
N ASP D 361 -30.73 8.49 2.36
CA ASP D 361 -29.66 7.76 1.68
C ASP D 361 -28.88 8.61 0.70
N VAL D 362 -29.25 9.87 0.51
CA VAL D 362 -28.46 10.81 -0.25
C VAL D 362 -27.47 11.56 0.63
N ALA D 363 -27.92 11.95 1.84
CA ALA D 363 -27.06 12.63 2.80
C ALA D 363 -25.88 11.76 3.21
N ARG D 364 -26.14 10.53 3.63
CA ARG D 364 -25.06 9.61 3.99
C ARG D 364 -24.25 9.14 2.79
N GLY D 365 -24.77 9.31 1.57
CA GLY D 365 -24.00 8.94 0.39
C GLY D 365 -22.98 10.00 0.04
N VAL D 366 -23.24 11.23 0.46
CA VAL D 366 -22.32 12.35 0.26
C VAL D 366 -21.20 12.31 1.29
N GLN D 367 -21.53 12.06 2.56
CA GLN D 367 -20.51 12.02 3.61
C GLN D 367 -19.59 10.81 3.46
N LYS D 368 -20.10 9.71 2.91
CA LYS D 368 -19.27 8.51 2.74
C LYS D 368 -18.23 8.69 1.64
N ILE D 369 -18.56 9.44 0.59
CA ILE D 369 -17.61 9.65 -0.49
C ILE D 369 -16.66 10.80 -0.18
N LEU D 370 -17.05 11.72 0.71
CA LEU D 370 -16.12 12.74 1.16
C LEU D 370 -15.11 12.22 2.17
N GLN D 371 -15.54 11.37 3.12
CA GLN D 371 -14.65 10.77 4.09
C GLN D 371 -13.69 9.77 3.44
N ASP D 372 -14.16 9.04 2.43
CA ASP D 372 -13.27 8.15 1.69
C ASP D 372 -12.34 8.93 0.77
N TYR D 373 -12.68 10.17 0.45
CA TYR D 373 -11.75 11.04 -0.28
C TYR D 373 -10.63 11.51 0.64
N LYS D 374 -10.90 11.64 1.95
CA LYS D 374 -9.88 12.07 2.90
C LYS D 374 -8.75 11.06 3.03
N SER D 375 -9.10 9.77 3.10
CA SER D 375 -8.08 8.74 3.25
C SER D 375 -7.28 8.52 1.98
N LEU D 376 -7.76 9.00 0.84
CA LEU D 376 -7.02 8.85 -0.41
C LEU D 376 -5.94 9.90 -0.60
N GLN D 377 -6.08 11.06 0.05
CA GLN D 377 -5.06 12.10 -0.03
C GLN D 377 -3.75 11.71 0.62
N ASP D 378 -3.77 10.75 1.54
CA ASP D 378 -2.55 10.28 2.17
C ASP D 378 -1.71 9.44 1.23
N ILE D 379 -2.31 8.86 0.18
CA ILE D 379 -1.58 8.06 -0.79
C ILE D 379 -0.96 8.94 -1.88
N ILE D 380 -1.70 9.96 -2.34
CA ILE D 380 -1.27 10.82 -3.44
C ILE D 380 -0.04 11.64 -3.05
N ALA D 381 0.18 11.86 -1.75
CA ALA D 381 1.33 12.61 -1.28
C ALA D 381 2.65 11.89 -1.50
N ILE D 382 2.65 10.56 -1.53
CA ILE D 382 3.85 9.77 -1.77
C ILE D 382 3.86 9.18 -3.17
N LEU D 383 2.74 8.61 -3.61
CA LEU D 383 2.67 7.99 -4.92
C LEU D 383 2.54 9.03 -6.03
N GLY D 384 1.47 9.82 -5.99
CA GLY D 384 1.12 10.72 -7.07
C GLY D 384 -0.30 10.45 -7.53
N MET D 385 -0.77 11.32 -8.42
CA MET D 385 -2.13 11.17 -8.90
C MET D 385 -2.26 10.12 -9.99
N ASP D 386 -1.30 10.08 -10.92
CA ASP D 386 -1.40 9.21 -12.08
C ASP D 386 -1.15 7.74 -11.77
N GLU D 387 -0.36 7.43 -10.74
CA GLU D 387 -0.05 6.04 -10.43
C GLU D 387 -1.21 5.31 -9.74
N LEU D 388 -2.32 6.00 -9.46
CA LEU D 388 -3.48 5.33 -8.89
C LEU D 388 -4.19 4.49 -9.94
N SER D 389 -5.12 3.66 -9.48
CA SER D 389 -5.90 2.84 -10.40
C SER D 389 -6.99 3.69 -11.04
N GLU D 390 -7.65 3.10 -12.03
CA GLU D 390 -8.71 3.82 -12.73
C GLU D 390 -10.01 3.82 -11.93
N GLU D 391 -10.13 2.93 -10.95
CA GLU D 391 -11.34 2.86 -10.16
C GLU D 391 -11.42 3.92 -9.08
N ASP D 392 -10.28 4.32 -8.51
CA ASP D 392 -10.26 5.41 -7.53
C ASP D 392 -9.74 6.72 -8.10
N LYS D 393 -9.47 6.78 -9.40
CA LYS D 393 -9.39 8.06 -10.08
C LYS D 393 -10.78 8.61 -10.36
N LEU D 394 -11.81 7.80 -10.17
CA LEU D 394 -13.18 8.22 -10.40
C LEU D 394 -13.86 8.67 -9.11
N THR D 395 -13.52 8.06 -7.97
CA THR D 395 -14.15 8.49 -6.72
C THR D 395 -13.53 9.78 -6.21
N VAL D 396 -12.33 10.14 -6.69
CA VAL D 396 -11.81 11.47 -6.43
C VAL D 396 -12.55 12.51 -7.26
N SER D 397 -12.72 12.24 -8.55
CA SER D 397 -13.35 13.18 -9.46
C SER D 397 -14.83 13.32 -9.22
N ARG D 398 -15.47 12.33 -8.59
CA ARG D 398 -16.83 12.50 -8.11
C ARG D 398 -16.87 13.28 -6.81
N ALA D 399 -15.83 13.18 -5.98
CA ALA D 399 -15.82 13.91 -4.72
C ALA D 399 -15.51 15.38 -4.93
N ARG D 400 -14.62 15.70 -5.87
CA ARG D 400 -14.26 17.09 -6.13
C ARG D 400 -15.41 17.86 -6.75
N LYS D 401 -16.28 17.19 -7.50
CA LYS D 401 -17.49 17.84 -7.99
C LYS D 401 -18.55 18.00 -6.91
N ILE D 402 -18.50 17.21 -5.85
CA ILE D 402 -19.44 17.38 -4.74
C ILE D 402 -18.97 18.49 -3.79
N GLN D 403 -17.65 18.66 -3.61
CA GLN D 403 -17.14 19.79 -2.86
C GLN D 403 -17.52 21.11 -3.51
N ARG D 404 -17.35 21.21 -4.83
CA ARG D 404 -17.58 22.47 -5.51
C ARG D 404 -19.06 22.76 -5.72
N PHE D 405 -19.90 21.73 -5.80
CA PHE D 405 -21.33 21.98 -5.99
C PHE D 405 -22.01 22.50 -4.73
N LEU D 406 -21.40 22.32 -3.56
CA LEU D 406 -22.02 22.78 -2.33
C LEU D 406 -21.91 24.30 -2.20
N SER D 407 -20.93 24.91 -2.84
CA SER D 407 -20.74 26.36 -2.75
C SER D 407 -21.75 27.09 -3.61
N GLN D 408 -22.46 28.02 -2.99
CA GLN D 408 -23.58 28.73 -3.59
C GLN D 408 -23.35 30.23 -3.44
N PRO D 409 -23.61 31.01 -4.51
CA PRO D 409 -23.48 32.47 -4.39
C PRO D 409 -24.59 33.11 -3.58
N PHE D 410 -24.23 33.74 -2.48
CA PHE D 410 -25.21 34.33 -1.58
C PHE D 410 -25.74 35.65 -2.13
N GLN D 411 -26.83 36.13 -1.53
CA GLN D 411 -27.45 37.36 -2.00
C GLN D 411 -26.80 38.59 -1.36
N VAL D 412 -26.55 38.55 -0.05
CA VAL D 412 -26.04 39.73 0.64
C VAL D 412 -24.54 39.86 0.45
N ALA D 413 -23.91 38.89 -0.20
CA ALA D 413 -22.51 38.98 -0.58
C ALA D 413 -22.34 39.39 -2.03
N GLU D 414 -23.21 40.26 -2.55
CA GLU D 414 -23.06 40.73 -3.92
C GLU D 414 -21.91 41.71 -4.05
N VAL D 415 -21.68 42.52 -3.01
CA VAL D 415 -20.66 43.56 -3.09
C VAL D 415 -19.26 42.95 -2.96
N PHE D 416 -19.17 41.74 -2.41
CA PHE D 416 -17.92 41.00 -2.46
C PHE D 416 -17.71 40.39 -3.84
N THR D 417 -18.78 39.83 -4.41
CA THR D 417 -18.62 38.97 -5.57
C THR D 417 -19.00 39.69 -6.87
N GLY D 418 -20.16 40.33 -6.90
CA GLY D 418 -20.74 40.77 -8.15
C GLY D 418 -21.66 39.76 -8.79
N HIS D 419 -21.63 38.50 -8.34
CA HIS D 419 -22.49 37.45 -8.84
C HIS D 419 -23.90 37.64 -8.28
N LEU D 420 -24.85 36.85 -8.76
CA LEU D 420 -26.23 37.07 -8.41
C LEU D 420 -26.66 36.09 -7.32
N GLY D 421 -27.77 36.38 -6.66
CA GLY D 421 -28.21 35.56 -5.54
C GLY D 421 -29.13 34.44 -5.97
N LYS D 422 -28.74 33.22 -5.62
CA LYS D 422 -29.48 32.01 -5.99
C LYS D 422 -30.16 31.42 -4.76
N LEU D 423 -31.24 30.68 -4.98
CA LEU D 423 -32.02 30.08 -3.91
C LEU D 423 -32.62 28.77 -4.41
N VAL D 424 -31.91 27.67 -4.17
CA VAL D 424 -32.27 26.36 -4.70
C VAL D 424 -33.31 25.76 -3.78
N PRO D 425 -34.42 25.23 -4.30
CA PRO D 425 -35.42 24.61 -3.42
C PRO D 425 -34.99 23.24 -2.95
N LEU D 426 -35.81 22.64 -2.07
CA LEU D 426 -35.40 21.40 -1.41
C LEU D 426 -35.47 20.20 -2.35
N LYS D 427 -36.48 20.16 -3.23
CA LYS D 427 -36.64 19.01 -4.11
C LYS D 427 -35.57 18.98 -5.19
N GLU D 428 -34.91 20.11 -5.44
CA GLU D 428 -33.91 20.17 -6.48
C GLU D 428 -32.52 19.86 -5.91
N THR D 429 -32.31 20.08 -4.61
CA THR D 429 -31.03 19.81 -3.99
C THR D 429 -30.73 18.31 -3.97
N ILE D 430 -31.74 17.47 -3.74
CA ILE D 430 -31.54 16.03 -3.74
C ILE D 430 -31.30 15.53 -5.15
N LYS D 431 -32.08 16.01 -6.12
CA LYS D 431 -31.98 15.55 -7.49
C LYS D 431 -30.71 16.06 -8.17
N GLY D 432 -30.06 17.07 -7.62
CA GLY D 432 -28.79 17.50 -8.16
C GLY D 432 -27.68 16.56 -7.75
N PHE D 433 -27.79 16.00 -6.54
CA PHE D 433 -26.71 15.20 -5.98
C PHE D 433 -26.85 13.71 -6.28
N GLN D 434 -28.04 13.25 -6.66
CA GLN D 434 -28.18 11.87 -7.14
C GLN D 434 -27.44 11.67 -8.45
N GLN D 435 -27.40 12.69 -9.29
CA GLN D 435 -26.89 12.53 -10.65
C GLN D 435 -25.38 12.69 -10.73
N ILE D 436 -24.76 13.39 -9.78
CA ILE D 436 -23.29 13.39 -9.74
C ILE D 436 -22.79 12.08 -9.17
N LEU D 437 -23.53 11.49 -8.24
CA LEU D 437 -23.10 10.23 -7.62
C LEU D 437 -23.29 9.05 -8.57
N ALA D 438 -24.41 9.03 -9.29
CA ALA D 438 -24.69 7.93 -10.20
C ALA D 438 -23.83 7.97 -11.45
N GLY D 439 -23.27 9.13 -11.78
CA GLY D 439 -22.34 9.24 -12.89
C GLY D 439 -22.89 9.87 -14.14
N GLU D 440 -23.95 10.67 -14.04
CA GLU D 440 -24.57 11.26 -15.21
C GLU D 440 -23.90 12.55 -15.66
N TYR D 441 -22.80 12.95 -15.01
CA TYR D 441 -22.10 14.17 -15.38
C TYR D 441 -20.60 13.95 -15.36
N ASP D 442 -20.16 12.79 -15.82
CA ASP D 442 -18.73 12.51 -15.88
C ASP D 442 -18.03 13.14 -17.07
N HIS D 443 -18.76 13.85 -17.94
CA HIS D 443 -18.20 14.44 -19.14
C HIS D 443 -17.96 15.94 -19.02
N LEU D 444 -17.98 16.48 -17.82
CA LEU D 444 -17.78 17.89 -17.57
C LEU D 444 -16.54 18.11 -16.70
N PRO D 445 -15.84 19.22 -16.85
CA PRO D 445 -14.75 19.55 -15.93
C PRO D 445 -15.30 20.04 -14.60
N GLU D 446 -14.39 20.25 -13.64
CA GLU D 446 -14.80 20.59 -12.28
C GLU D 446 -15.36 22.00 -12.18
N GLN D 447 -14.91 22.91 -13.05
CA GLN D 447 -15.26 24.32 -12.94
C GLN D 447 -16.71 24.62 -13.31
N ALA D 448 -17.44 23.66 -13.87
CA ALA D 448 -18.80 23.92 -14.30
C ALA D 448 -19.81 23.93 -13.16
N PHE D 449 -19.39 23.59 -11.94
CA PHE D 449 -20.29 23.57 -10.79
C PHE D 449 -19.98 24.65 -9.77
N TYR D 450 -18.88 25.37 -9.92
CA TYR D 450 -18.45 26.38 -8.97
C TYR D 450 -19.39 27.57 -8.99
N MET D 451 -20.02 27.85 -7.84
CA MET D 451 -20.86 29.03 -7.59
C MET D 451 -22.07 29.08 -8.54
N VAL D 452 -22.78 27.96 -8.60
CA VAL D 452 -23.99 27.88 -9.43
C VAL D 452 -25.20 27.67 -8.52
N GLY D 453 -26.39 27.78 -9.08
CA GLY D 453 -27.60 27.50 -8.37
C GLY D 453 -27.99 26.05 -8.53
N PRO D 454 -29.14 25.79 -9.16
CA PRO D 454 -29.54 24.40 -9.45
C PRO D 454 -28.66 23.74 -10.49
N ILE D 455 -28.92 22.44 -10.77
CA ILE D 455 -28.05 21.67 -11.65
C ILE D 455 -28.25 22.05 -13.11
N GLU D 456 -29.33 22.79 -13.43
CA GLU D 456 -29.55 23.25 -14.80
C GLU D 456 -28.47 24.23 -15.25
N GLU D 457 -28.01 25.11 -14.37
CA GLU D 457 -26.95 26.05 -14.72
C GLU D 457 -25.57 25.42 -14.72
N ALA D 458 -25.43 24.16 -14.35
CA ALA D 458 -24.13 23.53 -14.35
C ALA D 458 -23.69 23.09 -15.74
N VAL D 459 -24.64 22.90 -16.67
CA VAL D 459 -24.30 22.55 -18.03
C VAL D 459 -24.33 23.76 -18.95
N ALA D 460 -25.15 24.78 -18.63
CA ALA D 460 -25.11 26.03 -19.36
C ALA D 460 -23.76 26.74 -19.14
N LYS D 461 -23.23 26.67 -17.93
CA LYS D 461 -21.89 27.18 -17.67
C LYS D 461 -20.81 26.30 -18.26
N ALA D 462 -21.14 25.06 -18.65
CA ALA D 462 -20.12 24.17 -19.18
C ALA D 462 -19.81 24.49 -20.63
N ASP D 463 -20.83 24.85 -21.42
CA ASP D 463 -20.60 25.12 -22.84
C ASP D 463 -19.97 26.49 -23.05
N LYS D 464 -20.32 27.47 -22.20
CA LYS D 464 -19.81 28.82 -22.36
C LYS D 464 -18.31 28.91 -22.11
N LEU D 465 -17.76 27.97 -21.34
CA LEU D 465 -16.32 27.89 -21.18
C LEU D 465 -15.64 27.24 -22.37
N ALA D 466 -16.37 26.46 -23.16
CA ALA D 466 -15.75 25.66 -24.22
C ALA D 466 -15.35 26.51 -25.41
N GLU D 467 -16.16 27.52 -25.75
CA GLU D 467 -16.01 28.23 -27.02
C GLU D 467 -14.82 29.18 -27.06
N GLU D 468 -14.26 29.54 -25.91
CA GLU D 468 -13.16 30.49 -25.88
C GLU D 468 -11.79 29.86 -26.06
N HIS D 469 -11.73 28.61 -26.52
CA HIS D 469 -10.46 27.98 -26.82
C HIS D 469 -9.93 28.44 -28.17
N THR E 2 -8.23 13.17 76.61
CA THR E 2 -9.25 13.24 75.56
C THR E 2 -9.10 14.52 74.76
N GLY E 3 -9.82 14.59 73.64
CA GLY E 3 -9.89 15.79 72.84
C GLY E 3 -11.30 16.02 72.33
N ARG E 4 -11.46 17.12 71.59
CA ARG E 4 -12.73 17.46 70.98
C ARG E 4 -12.50 17.85 69.53
N ILE E 5 -13.49 17.56 68.69
CA ILE E 5 -13.45 17.89 67.27
C ILE E 5 -13.97 19.31 67.08
N VAL E 6 -13.17 20.15 66.44
CA VAL E 6 -13.53 21.53 66.17
C VAL E 6 -13.97 21.73 64.72
N ALA E 7 -13.28 21.13 63.77
CA ALA E 7 -13.54 21.36 62.35
C ALA E 7 -13.61 20.05 61.60
N VAL E 8 -14.64 19.93 60.74
CA VAL E 8 -14.83 18.78 59.86
C VAL E 8 -14.98 19.34 58.45
N ILE E 9 -13.98 19.13 57.60
CA ILE E 9 -14.00 19.61 56.21
C ILE E 9 -13.58 18.43 55.34
N GLY E 10 -14.56 17.74 54.78
CA GLY E 10 -14.28 16.64 53.86
C GLY E 10 -13.79 15.40 54.55
N ALA E 11 -12.56 14.99 54.26
CA ALA E 11 -11.91 13.88 54.92
C ALA E 11 -10.75 14.39 55.75
N VAL E 12 -10.90 15.57 56.34
CA VAL E 12 -9.87 16.20 57.18
C VAL E 12 -10.56 16.70 58.43
N VAL E 13 -10.18 16.15 59.59
CA VAL E 13 -10.78 16.52 60.87
C VAL E 13 -9.71 17.19 61.73
N ASP E 14 -10.09 18.25 62.43
CA ASP E 14 -9.21 18.97 63.34
C ASP E 14 -9.68 18.72 64.77
N VAL E 15 -8.73 18.37 65.65
CA VAL E 15 -9.03 17.94 67.01
C VAL E 15 -8.34 18.89 67.99
N GLN E 16 -9.09 19.37 68.98
CA GLN E 16 -8.59 20.28 70.00
C GLN E 16 -8.37 19.52 71.31
N PHE E 17 -7.15 19.53 71.81
CA PHE E 17 -6.81 18.86 73.05
C PHE E 17 -6.67 19.87 74.19
N ASP E 18 -6.43 19.37 75.39
CA ASP E 18 -6.23 20.25 76.55
C ASP E 18 -4.85 20.09 77.17
N GLU E 19 -4.48 18.87 77.59
CA GLU E 19 -3.18 18.64 78.21
C GLU E 19 -2.31 17.71 77.38
N GLY E 20 -2.78 16.52 77.09
CA GLY E 20 -1.97 15.52 76.43
C GLY E 20 -1.95 15.65 74.93
N LEU E 21 -1.19 16.61 74.42
CA LEU E 21 -1.06 16.78 72.98
C LEU E 21 -0.26 15.64 72.39
N PRO E 22 -0.83 14.84 71.49
CA PRO E 22 -0.12 13.69 70.96
C PRO E 22 0.83 14.11 69.85
N PRO E 23 1.97 13.43 69.71
CA PRO E 23 2.89 13.75 68.61
C PRO E 23 2.36 13.36 67.24
N ILE E 24 3.14 13.65 66.20
CA ILE E 24 2.75 13.31 64.85
C ILE E 24 2.82 11.80 64.67
N LEU E 25 2.04 11.28 63.72
CA LEU E 25 1.92 9.86 63.37
C LEU E 25 1.34 9.02 64.49
N ASN E 26 0.55 9.63 65.38
CA ASN E 26 -0.21 8.85 66.32
C ASN E 26 -1.54 8.42 65.71
N ALA E 27 -2.44 7.92 66.54
CA ALA E 27 -3.72 7.40 66.08
C ALA E 27 -4.76 7.66 67.14
N LEU E 28 -5.80 8.40 66.79
CA LEU E 28 -6.89 8.67 67.71
C LEU E 28 -8.07 7.75 67.39
N GLU E 29 -9.15 7.87 68.15
CA GLU E 29 -10.32 7.04 67.92
C GLU E 29 -11.57 7.77 68.41
N VAL E 30 -12.53 7.94 67.52
CA VAL E 30 -13.72 8.75 67.79
C VAL E 30 -14.68 7.94 68.65
N GLN E 31 -15.22 8.56 69.70
CA GLN E 31 -16.12 7.88 70.60
C GLN E 31 -17.58 8.23 70.28
N GLY E 32 -18.42 7.19 70.23
CA GLY E 32 -19.84 7.37 69.97
C GLY E 32 -20.33 6.83 68.66
N ARG E 33 -19.46 6.22 67.85
CA ARG E 33 -19.83 5.72 66.53
C ARG E 33 -19.83 4.20 66.51
N GLU E 34 -20.46 3.66 65.46
CA GLU E 34 -20.65 2.22 65.34
C GLU E 34 -19.34 1.51 65.02
N THR E 35 -18.73 1.86 63.91
CA THR E 35 -17.51 1.21 63.47
C THR E 35 -16.31 2.07 63.88
N ARG E 36 -15.12 1.47 63.89
CA ARG E 36 -13.91 2.18 64.26
C ARG E 36 -13.54 3.23 63.21
N LEU E 37 -13.32 4.46 63.66
CA LEU E 37 -12.89 5.55 62.81
C LEU E 37 -11.58 6.09 63.37
N VAL E 38 -10.47 5.74 62.74
CA VAL E 38 -9.14 6.06 63.21
C VAL E 38 -8.66 7.32 62.50
N LEU E 39 -8.23 8.31 63.28
CA LEU E 39 -7.67 9.55 62.75
C LEU E 39 -6.18 9.53 62.98
N GLU E 40 -5.41 10.05 62.02
CA GLU E 40 -3.95 10.04 62.11
C GLU E 40 -3.43 11.47 62.13
N VAL E 41 -2.71 11.82 63.20
CA VAL E 41 -2.24 13.18 63.39
C VAL E 41 -1.09 13.47 62.42
N ALA E 42 -1.16 14.62 61.73
CA ALA E 42 -0.18 14.97 60.71
C ALA E 42 0.46 16.34 60.86
N GLN E 43 -0.14 17.26 61.62
CA GLN E 43 0.40 18.61 61.79
C GLN E 43 -0.02 19.15 63.14
N HIS E 44 0.88 19.89 63.78
CA HIS E 44 0.57 20.65 64.99
C HIS E 44 0.25 22.08 64.57
N LEU E 45 -1.02 22.46 64.69
CA LEU E 45 -1.48 23.75 64.18
C LEU E 45 -1.35 24.88 65.18
N GLY E 46 -0.78 24.63 66.35
CA GLY E 46 -0.72 25.65 67.37
C GLY E 46 -2.02 25.74 68.15
N GLU E 47 -1.96 26.49 69.26
CA GLU E 47 -2.98 26.66 70.30
C GLU E 47 -3.70 25.36 70.67
N SER E 48 -2.92 24.27 70.80
CA SER E 48 -3.39 22.91 71.10
C SER E 48 -4.46 22.46 70.11
N THR E 49 -4.04 22.31 68.86
CA THR E 49 -4.93 21.86 67.79
C THR E 49 -4.10 21.05 66.81
N VAL E 50 -4.55 19.84 66.50
CA VAL E 50 -3.83 18.99 65.55
C VAL E 50 -4.68 18.80 64.31
N ARG E 51 -3.99 18.46 63.21
CA ARG E 51 -4.63 18.29 61.91
C ARG E 51 -4.56 16.81 61.54
N THR E 52 -5.71 16.17 61.50
CA THR E 52 -5.82 14.72 61.34
C THR E 52 -6.46 14.37 60.01
N ILE E 53 -6.04 13.27 59.41
CA ILE E 53 -6.67 12.71 58.23
C ILE E 53 -7.46 11.46 58.62
N ALA E 54 -8.71 11.37 58.17
CA ALA E 54 -9.57 10.27 58.56
C ALA E 54 -9.21 9.01 57.76
N MET E 55 -9.79 7.88 58.19
CA MET E 55 -9.55 6.60 57.54
C MET E 55 -10.84 5.88 57.15
N ASP E 56 -12.00 6.48 57.35
CA ASP E 56 -13.27 5.91 56.92
C ASP E 56 -14.19 7.08 56.63
N GLY E 57 -15.50 6.83 56.59
CA GLY E 57 -16.45 7.90 56.31
C GLY E 57 -16.49 8.91 57.44
N THR E 58 -16.73 10.16 57.07
CA THR E 58 -16.61 11.28 58.00
C THR E 58 -17.96 11.85 58.37
N GLU E 59 -19.02 11.53 57.64
CA GLU E 59 -20.34 12.08 57.89
C GLU E 59 -20.91 11.54 59.21
N GLY E 60 -21.86 12.30 59.76
CA GLY E 60 -22.36 12.01 61.09
C GLY E 60 -21.54 12.58 62.21
N LEU E 61 -20.43 13.24 61.92
CA LEU E 61 -19.58 13.80 62.97
C LEU E 61 -20.05 15.19 63.34
N VAL E 62 -20.32 15.39 64.63
CA VAL E 62 -20.78 16.66 65.17
C VAL E 62 -19.56 17.41 65.70
N ARG E 63 -19.58 18.73 65.54
CA ARG E 63 -18.56 19.57 66.17
C ARG E 63 -18.72 19.50 67.68
N GLY E 64 -17.64 19.17 68.36
CA GLY E 64 -17.68 19.02 69.80
C GLY E 64 -17.96 17.62 70.31
N GLN E 65 -17.50 16.59 69.62
CA GLN E 65 -17.61 15.24 70.15
C GLN E 65 -16.39 14.95 71.02
N LYS E 66 -16.24 13.69 71.42
CA LYS E 66 -15.14 13.30 72.28
C LYS E 66 -14.27 12.28 71.56
N VAL E 67 -12.96 12.44 71.69
CA VAL E 67 -11.96 11.66 70.95
C VAL E 67 -10.87 11.23 71.92
N LEU E 68 -10.61 9.93 71.99
CA LEU E 68 -9.58 9.39 72.87
C LEU E 68 -8.21 9.45 72.18
N ASP E 69 -7.23 8.78 72.78
CA ASP E 69 -5.89 8.74 72.22
C ASP E 69 -5.26 7.41 72.62
N SER E 70 -4.61 6.76 71.65
CA SER E 70 -3.96 5.48 71.93
C SER E 70 -2.57 5.69 72.52
N GLY E 71 -1.95 6.83 72.24
CA GLY E 71 -0.60 7.10 72.70
C GLY E 71 0.48 6.46 71.86
N ALA E 72 0.12 5.77 70.80
CA ALA E 72 1.04 5.04 69.96
C ALA E 72 0.51 5.08 68.53
N PRO E 73 1.29 4.73 67.50
CA PRO E 73 0.72 4.62 66.16
C PRO E 73 -0.27 3.48 65.98
N ILE E 74 -0.75 3.30 64.75
CA ILE E 74 -1.68 2.21 64.45
C ILE E 74 -0.99 0.87 64.63
N LYS E 75 -1.50 0.06 65.54
CA LYS E 75 -0.90 -1.21 65.91
C LYS E 75 -1.79 -2.35 65.43
N ILE E 76 -1.20 -3.28 64.69
CA ILE E 76 -1.96 -4.34 64.03
C ILE E 76 -1.71 -5.68 64.70
N PRO E 77 -2.63 -6.64 64.60
CA PRO E 77 -2.33 -8.00 65.05
C PRO E 77 -1.31 -8.67 64.13
N VAL E 78 -0.18 -9.05 64.71
CA VAL E 78 0.89 -9.70 63.97
C VAL E 78 1.20 -11.03 64.66
N GLY E 79 1.81 -11.95 63.92
CA GLY E 79 2.16 -13.25 64.46
C GLY E 79 2.25 -14.30 63.38
N PRO E 80 2.42 -15.56 63.78
CA PRO E 80 2.39 -16.64 62.78
C PRO E 80 1.00 -17.15 62.51
N GLU E 81 0.04 -16.81 63.38
CA GLU E 81 -1.33 -17.24 63.18
C GLU E 81 -2.12 -16.24 62.35
N THR E 82 -1.43 -15.32 61.68
CA THR E 82 -2.10 -14.41 60.75
C THR E 82 -2.10 -14.97 59.35
N LEU E 83 -1.42 -16.11 59.14
CA LEU E 83 -1.37 -16.73 57.83
C LEU E 83 -2.74 -17.28 57.45
N GLY E 84 -3.23 -16.86 56.29
CA GLY E 84 -4.49 -17.34 55.79
C GLY E 84 -5.70 -16.48 56.11
N ARG E 85 -5.51 -15.27 56.60
CA ARG E 85 -6.60 -14.37 56.94
C ARG E 85 -6.54 -13.13 56.07
N ILE E 86 -7.60 -12.32 56.15
CA ILE E 86 -7.73 -11.09 55.38
C ILE E 86 -7.98 -9.94 56.33
N MET E 87 -7.16 -8.90 56.25
CA MET E 87 -7.28 -7.74 57.13
C MET E 87 -7.20 -6.45 56.33
N ASN E 88 -7.75 -5.38 56.89
CA ASN E 88 -7.64 -4.06 56.31
C ASN E 88 -6.44 -3.33 56.92
N VAL E 89 -6.40 -2.00 56.75
CA VAL E 89 -5.20 -1.24 57.12
C VAL E 89 -5.08 -1.10 58.63
N ILE E 90 -6.18 -1.27 59.38
CA ILE E 90 -6.10 -1.12 60.83
C ILE E 90 -6.15 -2.44 61.57
N GLY E 91 -5.95 -3.56 60.89
CA GLY E 91 -5.82 -4.84 61.54
C GLY E 91 -7.09 -5.62 61.75
N GLU E 92 -8.26 -5.03 61.48
CA GLU E 92 -9.53 -5.71 61.65
C GLU E 92 -9.68 -6.81 60.61
N PRO E 93 -10.31 -7.93 60.97
CA PRO E 93 -10.57 -8.97 59.98
C PRO E 93 -11.83 -8.69 59.18
N ILE E 94 -11.78 -8.91 57.87
CA ILE E 94 -12.91 -8.61 56.99
C ILE E 94 -13.38 -9.81 56.21
N ASP E 95 -13.33 -11.01 56.77
CA ASP E 95 -13.85 -12.19 56.11
C ASP E 95 -14.81 -12.99 56.97
N GLU E 96 -15.23 -12.43 58.11
CA GLU E 96 -16.29 -12.98 58.98
C GLU E 96 -15.95 -14.37 59.51
N ARG E 97 -14.66 -14.63 59.72
CA ARG E 97 -14.20 -15.90 60.26
C ARG E 97 -13.73 -15.79 61.70
N GLY E 98 -14.28 -14.86 62.48
CA GLY E 98 -13.91 -14.73 63.87
C GLY E 98 -12.71 -13.84 64.05
N PRO E 99 -12.51 -13.34 65.27
CA PRO E 99 -11.41 -12.42 65.52
C PRO E 99 -10.06 -13.13 65.51
N ILE E 100 -9.07 -12.47 64.93
CA ILE E 100 -7.72 -13.00 64.94
C ILE E 100 -7.13 -12.86 66.34
N LYS E 101 -6.59 -13.96 66.86
CA LYS E 101 -6.04 -14.00 68.22
C LYS E 101 -4.56 -14.30 68.13
N THR E 102 -3.74 -13.44 68.73
CA THR E 102 -2.30 -13.58 68.71
C THR E 102 -1.72 -12.96 69.96
N LYS E 103 -0.38 -13.03 70.09
CA LYS E 103 0.26 -12.66 71.33
C LYS E 103 0.65 -11.18 71.35
N GLN E 104 1.29 -10.71 70.28
CA GLN E 104 1.91 -9.39 70.28
C GLN E 104 1.41 -8.58 69.10
N PHE E 105 1.62 -7.26 69.19
CA PHE E 105 1.28 -6.32 68.15
C PHE E 105 2.53 -5.55 67.74
N ALA E 106 2.45 -4.87 66.60
CA ALA E 106 3.55 -4.05 66.11
C ALA E 106 2.99 -2.79 65.47
N ALA E 107 3.82 -1.75 65.45
CA ALA E 107 3.45 -0.46 64.90
C ALA E 107 3.90 -0.37 63.45
N ILE E 108 3.17 0.37 62.63
CA ILE E 108 3.44 0.36 61.19
C ILE E 108 4.45 1.43 60.82
N HIS E 109 4.48 2.52 61.56
CA HIS E 109 5.44 3.60 61.31
C HIS E 109 6.72 3.27 62.08
N ALA E 110 7.65 2.61 61.40
CA ALA E 110 8.90 2.20 62.01
C ALA E 110 10.06 2.60 61.12
N GLU E 111 11.19 2.87 61.75
CA GLU E 111 12.37 3.40 61.08
C GLU E 111 13.05 2.32 60.25
N ALA E 112 13.99 2.76 59.42
CA ALA E 112 14.76 1.84 58.59
C ALA E 112 15.79 1.12 59.45
N PRO E 113 16.34 0.00 58.95
CA PRO E 113 17.54 -0.56 59.59
C PRO E 113 18.73 0.38 59.47
N GLU E 114 19.65 0.24 60.42
CA GLU E 114 20.80 1.14 60.48
C GLU E 114 21.83 0.75 59.42
N PHE E 115 22.95 1.47 59.41
CA PHE E 115 23.95 1.23 58.38
C PHE E 115 24.80 -0.01 58.67
N MET E 116 25.00 -0.34 59.94
CA MET E 116 25.83 -1.47 60.32
C MET E 116 25.10 -2.80 60.28
N GLU E 117 23.86 -2.84 59.79
CA GLU E 117 23.09 -4.07 59.74
C GLU E 117 22.83 -4.57 58.33
N MET E 118 23.22 -3.81 57.30
CA MET E 118 22.95 -4.19 55.93
C MET E 118 23.84 -5.35 55.51
N SER E 119 23.44 -6.02 54.43
CA SER E 119 24.28 -7.05 53.84
C SER E 119 25.35 -6.40 52.97
N VAL E 120 26.50 -7.03 52.94
CA VAL E 120 27.66 -6.46 52.27
C VAL E 120 27.96 -7.21 50.96
N GLU E 121 27.01 -8.01 50.48
CA GLU E 121 27.24 -8.84 49.32
C GLU E 121 25.92 -9.12 48.62
N GLN E 122 25.97 -9.23 47.30
CA GLN E 122 24.80 -9.63 46.54
C GLN E 122 24.63 -11.15 46.59
N GLU E 123 23.38 -11.59 46.49
CA GLU E 123 23.08 -13.01 46.58
C GLU E 123 21.79 -13.30 45.81
N ILE E 124 21.85 -14.33 44.96
CA ILE E 124 20.76 -14.64 44.05
C ILE E 124 19.69 -15.46 44.79
N LEU E 125 18.43 -15.08 44.61
CA LEU E 125 17.31 -15.87 45.10
C LEU E 125 16.85 -16.81 43.99
N VAL E 126 16.77 -18.11 44.29
CA VAL E 126 16.32 -19.10 43.34
C VAL E 126 14.86 -19.43 43.60
N THR E 127 14.06 -19.41 42.54
CA THR E 127 12.63 -19.66 42.65
C THR E 127 12.17 -20.88 41.86
N GLY E 128 13.06 -21.48 41.06
CA GLY E 128 12.77 -22.73 40.39
C GLY E 128 12.42 -22.58 38.92
N ILE E 129 11.87 -21.45 38.50
CA ILE E 129 11.45 -21.26 37.12
C ILE E 129 12.68 -21.11 36.24
N LYS E 130 12.62 -21.71 35.05
CA LYS E 130 13.80 -21.76 34.18
C LYS E 130 14.07 -20.42 33.51
N VAL E 131 13.02 -19.67 33.17
CA VAL E 131 13.24 -18.42 32.46
C VAL E 131 13.64 -17.30 33.44
N VAL E 132 13.13 -17.33 34.67
CA VAL E 132 13.45 -16.32 35.66
C VAL E 132 14.87 -16.50 36.18
N ASP E 133 15.19 -17.68 36.72
CA ASP E 133 16.46 -17.89 37.41
C ASP E 133 17.65 -18.06 36.47
N LEU E 134 17.51 -17.83 35.18
CA LEU E 134 18.63 -17.94 34.25
C LEU E 134 18.94 -16.61 33.56
N LEU E 135 17.92 -15.92 33.05
CA LEU E 135 18.15 -14.73 32.23
C LEU E 135 17.93 -13.43 32.99
N ALA E 136 16.95 -13.38 33.89
CA ALA E 136 16.70 -12.21 34.72
C ALA E 136 16.61 -12.63 36.18
N PRO E 137 17.75 -12.99 36.79
CA PRO E 137 17.71 -13.57 38.13
C PRO E 137 17.35 -12.56 39.20
N TYR E 138 16.94 -13.07 40.35
CA TYR E 138 16.35 -12.27 41.41
C TYR E 138 17.35 -12.14 42.55
N ALA E 139 17.72 -10.91 42.90
CA ALA E 139 18.58 -10.69 44.04
C ALA E 139 17.78 -10.81 45.34
N LYS E 140 18.46 -11.24 46.40
CA LYS E 140 17.82 -11.41 47.69
C LYS E 140 17.72 -10.06 48.38
N GLY E 141 16.50 -9.57 48.57
CA GLY E 141 16.28 -8.28 49.17
C GLY E 141 15.91 -7.20 48.19
N GLY E 142 16.16 -7.40 46.90
CA GLY E 142 15.91 -6.38 45.91
C GLY E 142 14.44 -6.21 45.59
N LYS E 143 14.17 -5.18 44.78
CA LYS E 143 12.83 -4.86 44.33
C LYS E 143 12.67 -5.27 42.88
N ILE E 144 11.54 -5.91 42.57
CA ILE E 144 11.29 -6.47 41.24
C ILE E 144 10.04 -5.81 40.66
N GLY E 145 10.12 -5.46 39.37
CA GLY E 145 9.01 -4.84 38.68
C GLY E 145 8.39 -5.79 37.67
N LEU E 146 7.08 -5.96 37.77
CA LEU E 146 6.34 -6.94 36.98
C LEU E 146 5.51 -6.20 35.94
N PHE E 147 6.02 -6.14 34.71
CA PHE E 147 5.29 -5.50 33.63
C PHE E 147 4.28 -6.47 33.01
N GLY E 148 3.12 -5.94 32.68
CA GLY E 148 2.06 -6.76 32.14
C GLY E 148 0.81 -6.70 32.98
N GLY E 149 -0.35 -6.92 32.35
CA GLY E 149 -1.61 -6.80 33.04
C GLY E 149 -2.52 -8.00 32.93
N ALA E 150 -3.77 -7.77 32.56
CA ALA E 150 -4.78 -8.82 32.51
C ALA E 150 -4.74 -9.56 31.18
N GLY E 151 -5.16 -10.82 31.23
CA GLY E 151 -5.20 -11.66 30.04
C GLY E 151 -3.88 -12.24 29.60
N VAL E 152 -2.81 -12.05 30.39
CA VAL E 152 -1.50 -12.56 30.03
C VAL E 152 -1.08 -13.74 30.89
N GLY E 153 -1.74 -13.95 32.02
CA GLY E 153 -1.37 -15.02 32.91
C GLY E 153 -0.47 -14.55 34.03
N LYS E 154 -0.87 -13.47 34.70
CA LYS E 154 -0.09 -12.87 35.77
C LYS E 154 -0.41 -13.45 37.13
N THR E 155 -1.69 -13.71 37.41
CA THR E 155 -2.09 -14.18 38.73
C THR E 155 -1.73 -15.64 38.98
N VAL E 156 -1.27 -16.38 37.96
CA VAL E 156 -0.70 -17.69 38.18
C VAL E 156 0.74 -17.57 38.65
N LEU E 157 1.52 -16.66 38.04
CA LEU E 157 2.89 -16.40 38.43
C LEU E 157 3.01 -15.86 39.85
N ILE E 158 1.99 -15.17 40.35
CA ILE E 158 1.95 -14.79 41.75
C ILE E 158 1.75 -16.03 42.62
N MET E 159 0.76 -16.86 42.28
CA MET E 159 0.41 -18.03 43.08
C MET E 159 1.46 -19.12 43.04
N GLU E 160 2.41 -19.06 42.12
CA GLU E 160 3.42 -20.11 42.03
C GLU E 160 4.72 -19.72 42.71
N LEU E 161 5.05 -18.43 42.77
CA LEU E 161 6.22 -18.01 43.52
C LEU E 161 5.98 -18.08 45.02
N ILE E 162 4.72 -18.06 45.44
CA ILE E 162 4.39 -18.35 46.83
C ILE E 162 4.72 -19.79 47.16
N ASN E 163 4.38 -20.72 46.25
CA ASN E 163 4.51 -22.14 46.53
C ASN E 163 5.96 -22.60 46.53
N ASN E 164 6.80 -22.07 45.66
CA ASN E 164 8.16 -22.59 45.52
C ASN E 164 9.11 -22.10 46.61
N VAL E 165 8.91 -20.87 47.11
CA VAL E 165 9.78 -20.38 48.18
C VAL E 165 9.47 -21.11 49.48
N ALA E 166 8.22 -21.48 49.71
CA ALA E 166 7.85 -22.28 50.87
C ALA E 166 8.30 -23.74 50.75
N LYS E 167 8.80 -24.16 49.60
CA LYS E 167 9.36 -25.49 49.41
C LYS E 167 10.88 -25.50 49.46
N ALA E 168 11.54 -24.66 48.66
CA ALA E 168 12.99 -24.67 48.60
C ALA E 168 13.65 -23.80 49.66
N HIS E 169 12.94 -22.85 50.25
CA HIS E 169 13.54 -21.92 51.20
C HIS E 169 12.82 -21.84 52.54
N GLY E 170 11.51 -22.08 52.59
CA GLY E 170 10.81 -22.03 53.86
C GLY E 170 10.53 -20.64 54.36
N GLY E 171 9.88 -19.80 53.56
CA GLY E 171 9.51 -18.45 53.96
C GLY E 171 8.15 -18.09 53.39
N TYR E 172 7.30 -17.54 54.24
CA TYR E 172 5.92 -17.24 53.87
C TYR E 172 5.86 -15.90 53.14
N SER E 173 4.65 -15.42 52.85
CA SER E 173 4.49 -14.22 52.05
C SER E 173 3.30 -13.40 52.55
N VAL E 174 3.29 -12.13 52.18
CA VAL E 174 2.19 -11.22 52.45
C VAL E 174 1.73 -10.62 51.13
N PHE E 175 0.41 -10.51 50.94
CA PHE E 175 -0.15 -9.84 49.78
C PHE E 175 -0.83 -8.56 50.24
N ALA E 176 -0.45 -7.44 49.62
CA ALA E 176 -0.97 -6.12 49.98
C ALA E 176 -1.67 -5.53 48.76
N GLY E 177 -2.99 -5.43 48.81
CA GLY E 177 -3.76 -4.85 47.73
C GLY E 177 -4.01 -3.37 47.92
N VAL E 178 -3.22 -2.54 47.22
CA VAL E 178 -3.25 -1.09 47.41
C VAL E 178 -4.30 -0.53 46.45
N GLY E 179 -5.47 -0.19 47.00
CA GLY E 179 -6.54 0.41 46.22
C GLY E 179 -7.10 -0.46 45.12
N GLU E 180 -7.28 -1.75 45.40
CA GLU E 180 -7.64 -2.73 44.38
C GLU E 180 -9.15 -2.90 44.33
N ARG E 181 -9.63 -3.38 43.19
CA ARG E 181 -11.06 -3.57 42.97
C ARG E 181 -11.61 -4.66 43.87
N THR E 182 -12.88 -4.49 44.26
CA THR E 182 -13.53 -5.50 45.09
C THR E 182 -13.85 -6.75 44.29
N ARG E 183 -14.22 -6.59 43.02
CA ARG E 183 -14.55 -7.73 42.17
C ARG E 183 -13.31 -8.54 41.83
N GLU E 184 -12.15 -7.91 41.67
CA GLU E 184 -10.91 -8.62 41.39
C GLU E 184 -10.14 -8.99 42.65
N GLY E 185 -10.51 -8.46 43.79
CA GLY E 185 -9.97 -8.88 45.05
C GLY E 185 -10.77 -9.96 45.72
N ASN E 186 -11.84 -10.40 45.07
CA ASN E 186 -12.61 -11.55 45.49
C ASN E 186 -12.23 -12.80 44.71
N ASP E 187 -11.89 -12.65 43.43
CA ASP E 187 -11.50 -13.80 42.63
C ASP E 187 -10.14 -14.34 43.03
N LEU E 188 -9.24 -13.48 43.51
CA LEU E 188 -7.94 -13.93 43.96
C LEU E 188 -8.02 -14.65 45.29
N TYR E 189 -9.06 -14.37 46.07
CA TYR E 189 -9.33 -15.16 47.27
C TYR E 189 -9.69 -16.59 46.91
N HIS E 190 -10.57 -16.76 45.93
CA HIS E 190 -11.05 -18.09 45.57
C HIS E 190 -10.15 -18.80 44.57
N GLU E 191 -9.24 -18.09 43.91
CA GLU E 191 -8.25 -18.78 43.09
C GLU E 191 -7.11 -19.36 43.90
N MET E 192 -6.82 -18.76 45.06
CA MET E 192 -5.82 -19.31 45.96
C MET E 192 -6.35 -20.49 46.76
N ILE E 193 -7.65 -20.50 47.06
CA ILE E 193 -8.27 -21.63 47.76
C ILE E 193 -8.21 -22.88 46.90
N GLU E 194 -8.52 -22.75 45.62
CA GLU E 194 -8.52 -23.86 44.68
C GLU E 194 -7.13 -24.23 44.18
N SER E 195 -6.07 -23.71 44.78
CA SER E 195 -4.72 -24.12 44.41
C SER E 195 -3.88 -24.51 45.61
N GLY E 196 -4.40 -24.41 46.84
CA GLY E 196 -3.78 -24.99 47.99
C GLY E 196 -2.96 -24.04 48.84
N VAL E 197 -2.58 -22.88 48.31
CA VAL E 197 -1.69 -21.99 49.04
C VAL E 197 -2.35 -21.31 50.22
N ILE E 198 -3.68 -21.27 50.26
CA ILE E 198 -4.43 -20.88 51.43
C ILE E 198 -5.39 -22.02 51.75
N ASN E 199 -5.70 -22.19 53.03
CA ASN E 199 -6.41 -23.39 53.46
C ASN E 199 -7.30 -23.07 54.64
N LEU E 200 -8.58 -23.44 54.52
CA LEU E 200 -9.60 -23.10 55.50
C LEU E 200 -9.77 -24.15 56.59
N LYS E 201 -8.98 -25.22 56.58
CA LYS E 201 -9.19 -26.34 57.48
C LYS E 201 -8.12 -26.51 58.55
N ASP E 202 -6.91 -26.04 58.31
CA ASP E 202 -5.80 -26.29 59.21
C ASP E 202 -4.86 -25.09 59.15
N ALA E 203 -3.63 -25.27 59.62
CA ALA E 203 -2.65 -24.18 59.74
C ALA E 203 -1.49 -24.36 58.76
N THR E 204 -1.79 -24.82 57.55
CA THR E 204 -0.78 -24.97 56.51
C THR E 204 -0.90 -23.91 55.42
N SER E 205 -1.45 -22.74 55.76
CA SER E 205 -1.53 -21.63 54.83
C SER E 205 -0.13 -21.05 54.59
N LYS E 206 0.02 -20.36 53.47
CA LYS E 206 1.31 -19.80 53.10
C LYS E 206 1.30 -18.29 52.84
N VAL E 207 0.16 -17.61 53.01
CA VAL E 207 0.07 -16.16 52.78
C VAL E 207 -0.81 -15.52 53.84
N ALA E 208 -0.70 -14.20 53.92
CA ALA E 208 -1.62 -13.36 54.71
C ALA E 208 -2.08 -12.24 53.78
N LEU E 209 -3.38 -11.98 53.75
CA LEU E 209 -3.91 -11.00 52.82
C LEU E 209 -4.20 -9.69 53.53
N VAL E 210 -3.68 -8.59 52.98
CA VAL E 210 -4.05 -7.25 53.41
C VAL E 210 -4.69 -6.55 52.22
N TYR E 211 -5.97 -6.20 52.37
CA TYR E 211 -6.76 -5.63 51.28
C TYR E 211 -7.32 -4.28 51.71
N GLY E 212 -6.71 -3.21 51.22
CA GLY E 212 -7.29 -1.89 51.30
C GLY E 212 -7.92 -1.55 49.96
N GLN E 213 -9.24 -1.65 49.88
CA GLN E 213 -9.95 -1.67 48.62
C GLN E 213 -10.13 -0.25 48.09
N MET E 214 -10.75 -0.11 46.92
CA MET E 214 -10.70 1.11 46.14
C MET E 214 -11.67 2.19 46.59
N ASN E 215 -12.77 1.83 47.26
CA ASN E 215 -13.78 2.80 47.61
C ASN E 215 -13.56 3.42 48.99
N GLU E 216 -12.34 3.38 49.49
CA GLU E 216 -11.98 3.88 50.81
C GLU E 216 -11.36 5.27 50.69
N PRO E 217 -11.42 6.08 51.76
CA PRO E 217 -10.88 7.45 51.73
C PRO E 217 -9.40 7.49 51.37
N PRO E 218 -8.93 8.60 50.78
CA PRO E 218 -7.57 8.61 50.21
C PRO E 218 -6.45 8.55 51.24
N GLY E 219 -6.74 8.73 52.53
CA GLY E 219 -5.75 8.44 53.54
C GLY E 219 -5.58 6.97 53.84
N ALA E 220 -6.64 6.17 53.61
CA ALA E 220 -6.62 4.75 53.93
C ALA E 220 -6.06 3.90 52.80
N ARG E 221 -5.86 4.48 51.61
CA ARG E 221 -5.25 3.73 50.52
C ARG E 221 -3.74 3.94 50.44
N ALA E 222 -3.18 4.79 51.28
CA ALA E 222 -1.75 5.08 51.24
C ALA E 222 -0.96 4.35 52.31
N ARG E 223 -1.62 3.96 53.40
CA ARG E 223 -0.97 3.27 54.51
C ARG E 223 -1.05 1.75 54.39
N VAL E 224 -1.71 1.23 53.36
CA VAL E 224 -1.89 -0.21 53.21
C VAL E 224 -0.54 -0.87 52.90
N ALA E 225 0.30 -0.21 52.13
CA ALA E 225 1.62 -0.74 51.84
C ALA E 225 2.57 -0.67 53.03
N LEU E 226 2.19 0.02 54.10
CA LEU E 226 2.93 0.00 55.35
C LEU E 226 2.43 -1.08 56.30
N THR E 227 1.11 -1.27 56.37
CA THR E 227 0.53 -2.35 57.16
C THR E 227 0.96 -3.71 56.62
N GLY E 228 0.98 -3.85 55.31
CA GLY E 228 1.49 -5.05 54.68
C GLY E 228 2.99 -5.18 54.60
N LEU E 229 3.73 -4.31 55.29
CA LEU E 229 5.17 -4.45 55.43
C LEU E 229 5.57 -4.72 56.87
N THR E 230 4.71 -4.36 57.82
CA THR E 230 4.92 -4.73 59.22
C THR E 230 4.86 -6.24 59.40
N VAL E 231 3.84 -6.89 58.81
CA VAL E 231 3.69 -8.34 58.88
C VAL E 231 4.89 -9.03 58.24
N ALA E 232 5.40 -8.48 57.14
CA ALA E 232 6.58 -9.06 56.49
C ALA E 232 7.85 -8.82 57.29
N GLU E 233 7.87 -7.87 58.22
CA GLU E 233 9.02 -7.67 59.07
C GLU E 233 9.03 -8.57 60.30
N TYR E 234 7.87 -9.14 60.66
CA TYR E 234 7.83 -10.09 61.76
C TYR E 234 8.55 -11.38 61.42
N PHE E 235 8.39 -11.88 60.20
CA PHE E 235 8.98 -13.15 59.81
C PHE E 235 10.46 -13.02 59.44
N ARG E 236 11.06 -11.86 59.64
CA ARG E 236 12.50 -11.66 59.49
C ARG E 236 13.16 -11.28 60.80
N ASP E 237 12.56 -10.38 61.58
CA ASP E 237 13.14 -9.93 62.83
C ASP E 237 12.96 -10.92 63.97
N GLN E 238 11.96 -11.79 63.91
CA GLN E 238 11.67 -12.71 65.01
C GLN E 238 11.96 -14.16 64.70
N GLU E 239 11.89 -14.57 63.43
CA GLU E 239 12.12 -15.95 63.05
C GLU E 239 13.25 -16.14 62.05
N GLY E 240 13.56 -15.14 61.24
CA GLY E 240 14.69 -15.25 60.33
C GLY E 240 14.42 -16.03 59.07
N GLN E 241 13.24 -15.87 58.48
CA GLN E 241 12.91 -16.55 57.24
C GLN E 241 13.41 -15.72 56.06
N ASP E 242 13.05 -16.15 54.84
CA ASP E 242 13.36 -15.43 53.61
C ASP E 242 12.03 -15.10 52.95
N VAL E 243 11.46 -13.96 53.34
CA VAL E 243 10.07 -13.63 53.06
C VAL E 243 9.95 -13.05 51.66
N LEU E 244 8.78 -13.18 51.04
CA LEU E 244 8.42 -12.44 49.85
C LEU E 244 7.38 -11.39 50.18
N LEU E 245 7.12 -10.51 49.23
CA LEU E 245 6.18 -9.41 49.44
C LEU E 245 5.62 -8.98 48.10
N PHE E 246 4.30 -8.94 47.99
CA PHE E 246 3.63 -8.60 46.75
C PHE E 246 2.81 -7.33 46.96
N ILE E 247 3.07 -6.31 46.14
CA ILE E 247 2.30 -5.09 46.11
C ILE E 247 1.67 -4.98 44.72
N ASP E 248 0.35 -4.76 44.68
CA ASP E 248 -0.37 -4.62 43.41
C ASP E 248 -1.35 -3.47 43.55
N ASN E 249 -1.04 -2.30 42.96
CA ASN E 249 0.26 -2.03 42.32
C ASN E 249 0.93 -0.85 42.99
N ILE E 250 2.05 -0.39 42.43
CA ILE E 250 2.82 0.67 43.07
C ILE E 250 2.38 2.06 42.60
N PHE E 251 1.65 2.15 41.49
CA PHE E 251 1.18 3.45 41.04
C PHE E 251 0.01 3.95 41.87
N ARG E 252 -0.80 3.05 42.41
CA ARG E 252 -1.89 3.45 43.30
C ARG E 252 -1.42 3.74 44.71
N PHE E 253 -0.12 3.55 45.00
CA PHE E 253 0.47 4.03 46.23
C PHE E 253 1.00 5.45 46.06
N THR E 254 1.56 5.73 44.87
CA THR E 254 2.02 7.08 44.54
C THR E 254 0.83 8.03 44.40
N GLN E 255 -0.15 7.64 43.58
CA GLN E 255 -1.31 8.48 43.29
C GLN E 255 -2.18 8.72 44.53
N ALA E 256 -2.22 7.78 45.46
CA ALA E 256 -2.93 8.00 46.70
C ALA E 256 -2.17 8.87 47.67
N GLY E 257 -0.87 9.07 47.42
CA GLY E 257 -0.10 10.02 48.21
C GLY E 257 -0.34 11.46 47.83
N SER E 258 -0.52 11.74 46.53
CA SER E 258 -0.74 13.09 46.03
C SER E 258 -2.18 13.55 46.15
N GLU E 259 -3.02 12.84 46.91
CA GLU E 259 -4.34 13.33 47.27
C GLU E 259 -4.48 13.59 48.76
N VAL E 260 -3.54 13.09 49.57
CA VAL E 260 -3.46 13.53 50.96
C VAL E 260 -2.71 14.84 51.05
N SER E 261 -1.63 14.98 50.28
CA SER E 261 -0.83 16.18 50.24
C SER E 261 -1.49 17.33 49.50
N ALA E 262 -2.68 17.14 48.93
CA ALA E 262 -3.45 18.23 48.37
C ALA E 262 -4.74 18.49 49.13
N LEU E 263 -5.17 17.56 49.96
CA LEU E 263 -6.25 17.84 50.89
C LEU E 263 -5.74 18.59 52.10
N LEU E 264 -4.44 18.54 52.35
CA LEU E 264 -3.81 19.21 53.47
C LEU E 264 -3.32 20.62 53.13
N GLY E 265 -3.61 21.10 51.93
CA GLY E 265 -3.24 22.45 51.56
C GLY E 265 -1.77 22.64 51.30
N ARG E 266 -1.23 22.01 50.28
CA ARG E 266 0.15 22.19 49.89
C ARG E 266 0.25 22.46 48.40
N ILE E 267 1.24 23.27 48.04
CA ILE E 267 1.46 23.62 46.64
C ILE E 267 1.99 22.40 45.89
N PRO E 268 1.37 22.00 44.79
CA PRO E 268 1.88 20.83 44.05
C PRO E 268 3.18 21.13 43.34
N SER E 269 3.94 20.07 43.13
CA SER E 269 5.22 20.03 42.43
C SER E 269 4.97 20.05 40.93
N ALA E 270 5.88 19.43 40.17
CA ALA E 270 5.64 19.12 38.76
C ALA E 270 4.43 18.20 38.59
N VAL E 271 4.13 17.73 37.38
CA VAL E 271 2.80 17.71 36.74
C VAL E 271 1.52 17.60 37.58
N GLY E 272 1.60 17.43 38.89
CA GLY E 272 0.41 17.33 39.72
C GLY E 272 0.67 16.56 40.98
N TYR E 273 1.88 16.03 41.12
CA TYR E 273 2.23 15.15 42.24
C TYR E 273 2.45 15.96 43.51
N GLN E 274 2.98 15.35 44.54
CA GLN E 274 3.21 16.04 45.79
C GLN E 274 4.63 16.60 45.81
N PRO E 275 4.93 17.54 46.72
CA PRO E 275 6.33 17.94 46.88
C PRO E 275 7.24 16.83 47.36
N THR E 276 6.71 15.88 48.13
CA THR E 276 7.48 14.87 48.85
C THR E 276 7.46 13.53 48.13
N LEU E 277 7.58 13.56 46.80
CA LEU E 277 7.49 12.34 46.01
C LEU E 277 8.71 11.45 46.16
N ALA E 278 9.83 12.00 46.62
CA ALA E 278 11.07 11.23 46.67
C ALA E 278 11.40 10.71 48.05
N THR E 279 10.68 11.13 49.08
CA THR E 279 10.86 10.61 50.43
C THR E 279 9.78 9.61 50.81
N ASP E 280 8.57 9.73 50.28
CA ASP E 280 7.55 8.72 50.52
C ASP E 280 7.89 7.42 49.81
N MET E 281 8.59 7.51 48.68
CA MET E 281 9.20 6.33 48.06
C MET E 281 10.49 5.95 48.77
N GLY E 282 11.03 6.84 49.60
CA GLY E 282 12.23 6.54 50.34
C GLY E 282 11.93 5.93 51.69
N THR E 283 10.95 6.48 52.42
CA THR E 283 10.61 5.98 53.74
C THR E 283 9.63 4.83 53.70
N MET E 284 9.51 4.15 52.57
CA MET E 284 8.85 2.86 52.47
C MET E 284 9.77 1.76 51.97
N GLN E 285 10.49 2.00 50.88
CA GLN E 285 11.21 0.95 50.19
C GLN E 285 12.63 0.75 50.71
N GLU E 286 13.00 1.43 51.79
CA GLU E 286 14.27 1.18 52.44
C GLU E 286 14.14 0.23 53.62
N ARG E 287 12.90 -0.04 54.04
CA ARG E 287 12.62 -1.10 55.01
C ARG E 287 12.61 -2.48 54.36
N ILE E 288 12.62 -2.54 53.02
CA ILE E 288 12.66 -3.79 52.28
C ILE E 288 14.14 -4.02 51.97
N THR E 289 14.81 -4.77 52.86
CA THR E 289 16.24 -4.97 52.71
C THR E 289 16.64 -6.27 53.38
N THR E 290 17.90 -6.64 53.18
CA THR E 290 18.49 -7.86 53.72
C THR E 290 19.31 -7.48 54.95
N THR E 291 18.77 -7.72 56.14
CA THR E 291 19.51 -7.49 57.37
C THR E 291 20.36 -8.72 57.68
N LYS E 292 20.92 -8.77 58.88
CA LYS E 292 21.75 -9.90 59.27
C LYS E 292 20.93 -11.11 59.69
N LYS E 293 19.68 -10.92 60.10
CA LYS E 293 18.82 -12.06 60.46
C LYS E 293 18.26 -12.74 59.21
N GLY E 294 17.50 -12.01 58.41
CA GLY E 294 16.90 -12.58 57.21
C GLY E 294 16.84 -11.61 56.05
N SER E 295 15.72 -11.56 55.34
CA SER E 295 15.57 -10.71 54.18
C SER E 295 14.08 -10.53 53.88
N ILE E 296 13.78 -9.55 53.03
CA ILE E 296 12.46 -9.35 52.45
C ILE E 296 12.66 -9.02 50.99
N THR E 297 12.04 -9.79 50.10
CA THR E 297 12.10 -9.54 48.67
C THR E 297 10.73 -9.11 48.20
N SER E 298 10.68 -8.17 47.25
CA SER E 298 9.43 -7.57 46.84
C SER E 298 9.23 -7.65 45.34
N VAL E 299 8.06 -8.13 44.93
CA VAL E 299 7.64 -8.13 43.53
C VAL E 299 6.49 -7.15 43.40
N GLN E 300 6.67 -6.13 42.58
CA GLN E 300 5.72 -5.03 42.47
C GLN E 300 5.24 -4.87 41.04
N ALA E 301 3.95 -4.62 40.89
CA ALA E 301 3.37 -4.36 39.58
C ALA E 301 3.47 -2.88 39.28
N ILE E 302 3.75 -2.55 38.02
CA ILE E 302 4.06 -1.18 37.63
C ILE E 302 3.17 -0.81 36.44
N TYR E 303 2.37 0.22 36.62
CA TYR E 303 1.53 0.77 35.56
C TYR E 303 2.04 2.14 35.16
N VAL E 304 2.33 2.32 33.89
CA VAL E 304 2.93 3.54 33.34
C VAL E 304 1.80 4.41 32.77
N PRO E 305 1.59 5.62 33.29
CA PRO E 305 0.49 6.45 32.77
C PRO E 305 0.85 7.14 31.46
N ALA E 306 -0.08 7.06 30.50
CA ALA E 306 -0.02 7.69 29.19
C ALA E 306 1.19 7.28 28.35
N ASP E 307 1.74 6.09 28.63
CA ASP E 307 2.90 5.50 27.93
C ASP E 307 4.12 6.43 27.98
N ASP E 308 4.26 7.14 29.08
CA ASP E 308 5.37 8.07 29.29
C ASP E 308 6.31 7.46 30.31
N LEU E 309 7.49 7.05 29.85
CA LEU E 309 8.45 6.40 30.75
C LEU E 309 9.19 7.41 31.62
N THR E 310 9.07 8.70 31.32
CA THR E 310 9.75 9.74 32.07
C THR E 310 8.79 10.62 32.87
N ASP E 311 7.54 10.17 33.04
CA ASP E 311 6.63 10.80 33.98
C ASP E 311 7.19 10.60 35.39
N PRO E 312 7.05 11.58 36.29
CA PRO E 312 7.66 11.43 37.62
C PRO E 312 7.10 10.31 38.51
N ALA E 313 5.94 9.73 38.20
CA ALA E 313 5.55 8.60 39.03
C ALA E 313 6.28 7.32 38.61
N PRO E 314 6.40 6.94 37.29
CA PRO E 314 7.29 5.81 36.98
C PRO E 314 8.75 6.16 36.80
N ALA E 315 9.18 7.33 37.27
CA ALA E 315 10.61 7.64 37.27
C ALA E 315 11.21 7.64 38.67
N THR E 316 10.41 7.97 39.68
CA THR E 316 10.86 7.81 41.06
C THR E 316 11.02 6.34 41.41
N THR E 317 10.07 5.51 40.96
CA THR E 317 10.06 4.08 41.27
C THR E 317 11.22 3.35 40.62
N PHE E 318 11.63 3.76 39.42
CA PHE E 318 12.63 3.04 38.64
C PHE E 318 14.02 3.10 39.24
N ALA E 319 14.28 4.03 40.15
CA ALA E 319 15.58 4.11 40.79
C ALA E 319 15.74 3.12 41.94
N HIS E 320 14.68 2.39 42.29
CA HIS E 320 14.71 1.43 43.38
C HIS E 320 14.77 -0.01 42.90
N LEU E 321 14.38 -0.29 41.66
CA LEU E 321 14.25 -1.66 41.18
C LEU E 321 15.62 -2.24 40.85
N ASP E 322 15.74 -3.56 40.98
CA ASP E 322 16.94 -4.28 40.62
C ASP E 322 16.77 -5.25 39.46
N ALA E 323 15.54 -5.62 39.10
CA ALA E 323 15.28 -6.52 37.99
C ALA E 323 13.84 -6.32 37.53
N THR E 324 13.63 -6.36 36.21
CA THR E 324 12.30 -6.24 35.63
C THR E 324 12.01 -7.45 34.77
N THR E 325 10.81 -8.01 34.94
CA THR E 325 10.30 -9.09 34.08
C THR E 325 9.01 -8.61 33.43
N VAL E 326 8.87 -8.87 32.14
CA VAL E 326 7.75 -8.37 31.35
C VAL E 326 6.98 -9.55 30.75
N LEU E 327 5.66 -9.53 30.93
CA LEU E 327 4.77 -10.57 30.41
C LEU E 327 4.21 -10.10 29.07
N SER E 328 4.73 -10.67 27.98
CA SER E 328 4.28 -10.32 26.64
C SER E 328 3.08 -11.17 26.24
N ARG E 329 2.07 -10.50 25.67
CA ARG E 329 0.90 -11.24 25.20
C ARG E 329 1.19 -11.96 23.88
N ALA E 330 2.22 -11.53 23.15
CA ALA E 330 2.57 -12.19 21.90
C ALA E 330 3.25 -13.53 22.10
N ILE E 331 3.58 -13.92 23.33
CA ILE E 331 4.15 -15.23 23.61
C ILE E 331 3.04 -16.11 24.17
N ALA E 332 1.96 -15.48 24.64
CA ALA E 332 0.81 -16.23 25.13
C ALA E 332 -0.02 -16.80 23.99
N GLU E 333 -0.01 -16.15 22.82
CA GLU E 333 -0.66 -16.69 21.63
C GLU E 333 0.25 -17.64 20.87
N LEU E 334 1.48 -17.83 21.34
CA LEU E 334 2.38 -18.81 20.79
C LEU E 334 2.33 -20.14 21.52
N GLY E 335 1.67 -20.19 22.67
CA GLY E 335 1.51 -21.42 23.41
C GLY E 335 2.41 -21.59 24.62
N ILE E 336 3.40 -20.72 24.80
CA ILE E 336 4.39 -20.85 25.87
C ILE E 336 3.78 -20.36 27.17
N TYR E 337 3.96 -21.14 28.24
CA TYR E 337 3.61 -20.73 29.60
C TYR E 337 4.76 -21.07 30.53
N PRO E 338 5.28 -20.11 31.31
CA PRO E 338 4.87 -18.72 31.52
C PRO E 338 5.27 -17.78 30.38
N ALA E 339 4.51 -16.70 30.21
CA ALA E 339 4.64 -15.85 29.03
C ALA E 339 5.62 -14.71 29.31
N VAL E 340 6.82 -15.08 29.76
CA VAL E 340 7.87 -14.12 30.10
C VAL E 340 8.74 -13.93 28.87
N ASP E 341 8.89 -12.68 28.46
CA ASP E 341 9.73 -12.35 27.31
C ASP E 341 11.18 -12.50 27.70
N PRO E 342 11.99 -13.24 26.93
CA PRO E 342 13.39 -13.41 27.32
C PRO E 342 14.30 -12.28 26.87
N LEU E 343 13.88 -11.48 25.89
CA LEU E 343 14.76 -10.45 25.35
C LEU E 343 14.55 -9.12 26.04
N ASP E 344 13.33 -8.82 26.46
CA ASP E 344 13.02 -7.52 27.05
C ASP E 344 12.99 -7.52 28.56
N SER E 345 13.62 -8.51 29.21
CA SER E 345 13.80 -8.52 30.65
C SER E 345 15.27 -8.22 30.97
N THR E 346 15.50 -7.38 31.96
CA THR E 346 16.85 -7.00 32.36
C THR E 346 17.05 -7.27 33.84
N SER E 347 18.31 -7.49 34.22
CA SER E 347 18.70 -7.67 35.60
C SER E 347 19.95 -6.84 35.90
N ARG E 348 20.01 -6.28 37.10
CA ARG E 348 21.16 -5.47 37.47
C ARG E 348 22.29 -6.33 38.03
N ILE E 349 21.94 -7.51 38.58
CA ILE E 349 22.95 -8.35 39.22
C ILE E 349 23.54 -9.33 38.21
N MET E 350 23.08 -9.28 36.97
CA MET E 350 23.67 -10.09 35.91
C MET E 350 25.07 -9.55 35.62
N ASP E 351 26.07 -10.22 36.15
CA ASP E 351 27.41 -9.67 36.25
C ASP E 351 28.38 -10.80 36.56
N PRO E 352 29.55 -10.83 35.90
CA PRO E 352 30.51 -11.92 36.17
C PRO E 352 31.12 -11.88 37.57
N ASN E 353 31.02 -10.75 38.27
CA ASN E 353 31.52 -10.65 39.63
C ASN E 353 30.40 -10.74 40.67
N ILE E 354 29.23 -11.27 40.28
CA ILE E 354 28.14 -11.47 41.23
C ILE E 354 27.66 -12.92 41.15
N VAL E 355 27.34 -13.39 39.95
CA VAL E 355 26.81 -14.74 39.77
C VAL E 355 27.85 -15.70 39.18
N GLY E 356 29.05 -15.23 38.91
CA GLY E 356 30.11 -16.09 38.44
C GLY E 356 30.11 -16.28 36.93
N SER E 357 31.20 -16.87 36.44
CA SER E 357 31.41 -16.99 35.01
C SER E 357 30.68 -18.18 34.38
N GLU E 358 30.20 -19.12 35.18
CA GLU E 358 29.47 -20.26 34.62
C GLU E 358 28.06 -19.86 34.23
N HIS E 359 27.38 -19.10 35.10
CA HIS E 359 26.07 -18.56 34.79
C HIS E 359 26.13 -17.54 33.66
N TYR E 360 27.25 -16.83 33.55
CA TYR E 360 27.32 -15.66 32.67
C TYR E 360 27.36 -16.06 31.20
N ASP E 361 28.36 -16.85 30.81
CA ASP E 361 28.56 -17.14 29.39
C ASP E 361 27.53 -18.12 28.84
N VAL E 362 26.77 -18.78 29.71
CA VAL E 362 25.62 -19.53 29.24
C VAL E 362 24.46 -18.60 28.92
N ALA E 363 24.09 -17.74 29.87
CA ALA E 363 22.96 -16.86 29.69
C ALA E 363 23.24 -15.70 28.76
N ARG E 364 24.51 -15.45 28.44
CA ARG E 364 24.83 -14.45 27.43
C ARG E 364 24.52 -14.96 26.03
N GLY E 365 24.91 -16.20 25.74
CA GLY E 365 24.70 -16.77 24.42
C GLY E 365 23.25 -17.05 24.08
N VAL E 366 22.39 -17.23 25.08
CA VAL E 366 20.98 -17.49 24.83
C VAL E 366 20.30 -16.25 24.24
N GLN E 367 20.60 -15.08 24.79
CA GLN E 367 19.98 -13.86 24.28
C GLN E 367 20.59 -13.40 22.97
N LYS E 368 21.79 -13.88 22.63
CA LYS E 368 22.36 -13.55 21.33
C LYS E 368 21.76 -14.41 20.22
N ILE E 369 21.58 -15.71 20.49
CA ILE E 369 20.96 -16.61 19.51
C ILE E 369 19.48 -16.29 19.33
N LEU E 370 18.81 -15.78 20.37
CA LEU E 370 17.42 -15.40 20.24
C LEU E 370 17.23 -14.08 19.50
N GLN E 371 18.30 -13.33 19.26
CA GLN E 371 18.24 -12.16 18.39
C GLN E 371 18.43 -12.51 16.92
N ASP E 372 19.27 -13.50 16.63
CA ASP E 372 19.53 -13.88 15.24
C ASP E 372 18.30 -14.53 14.62
N TYR E 373 17.52 -15.27 15.40
CA TYR E 373 16.25 -15.77 14.91
C TYR E 373 15.23 -14.65 14.76
N LYS E 374 15.37 -13.58 15.54
CA LYS E 374 14.48 -12.44 15.38
C LYS E 374 14.82 -11.62 14.16
N SER E 375 16.06 -11.66 13.68
CA SER E 375 16.44 -10.92 12.49
C SER E 375 16.27 -11.76 11.23
N LEU E 376 16.37 -13.08 11.34
CA LEU E 376 16.23 -13.94 10.17
C LEU E 376 14.78 -14.33 9.90
N GLN E 377 13.87 -14.04 10.82
CA GLN E 377 12.46 -14.36 10.64
C GLN E 377 11.76 -13.40 9.69
N ASP E 378 12.40 -12.29 9.33
CA ASP E 378 11.82 -11.31 8.42
C ASP E 378 12.16 -11.58 6.97
N ILE E 379 13.37 -12.06 6.69
CA ILE E 379 13.74 -12.47 5.34
C ILE E 379 12.93 -13.67 4.91
N ILE E 380 12.67 -14.60 5.85
CA ILE E 380 11.89 -15.79 5.54
C ILE E 380 10.43 -15.43 5.30
N ALA E 381 9.90 -14.43 6.01
CA ALA E 381 8.51 -14.05 5.84
C ALA E 381 8.27 -13.26 4.55
N ILE E 382 9.23 -12.42 4.14
CA ILE E 382 9.08 -11.59 2.95
C ILE E 382 9.62 -12.30 1.71
N LEU E 383 10.90 -12.70 1.73
CA LEU E 383 11.50 -13.30 0.55
C LEU E 383 11.19 -14.78 0.44
N GLY E 384 11.65 -15.58 1.40
CA GLY E 384 11.50 -17.02 1.32
C GLY E 384 12.52 -17.72 2.19
N MET E 385 12.53 -19.05 2.10
CA MET E 385 13.21 -19.87 3.08
C MET E 385 14.61 -20.34 2.68
N ASP E 386 14.78 -20.90 1.49
CA ASP E 386 15.95 -21.70 1.18
C ASP E 386 17.16 -20.90 0.73
N GLU E 387 17.04 -19.58 0.58
CA GLU E 387 18.14 -18.75 0.09
C GLU E 387 19.25 -18.59 1.11
N LEU E 388 18.95 -18.68 2.40
CA LEU E 388 19.93 -18.50 3.45
C LEU E 388 20.84 -19.73 3.56
N SER E 389 21.98 -19.53 4.21
CA SER E 389 23.07 -20.51 4.21
C SER E 389 22.72 -21.74 5.05
N GLU E 390 23.59 -22.74 4.98
CA GLU E 390 23.43 -23.94 5.78
C GLU E 390 23.86 -23.74 7.22
N GLU E 391 24.74 -22.76 7.48
CA GLU E 391 25.11 -22.43 8.84
C GLU E 391 24.00 -21.68 9.57
N ASP E 392 23.05 -21.13 8.82
CA ASP E 392 21.94 -20.40 9.43
C ASP E 392 20.71 -21.26 9.66
N LYS E 393 20.62 -22.42 8.98
CA LYS E 393 19.49 -23.30 9.19
C LYS E 393 19.51 -23.97 10.56
N LEU E 394 20.70 -24.13 11.16
CA LEU E 394 20.77 -24.68 12.51
C LEU E 394 20.37 -23.64 13.55
N THR E 395 20.69 -22.36 13.31
CA THR E 395 20.29 -21.32 14.23
C THR E 395 18.79 -21.09 14.20
N VAL E 396 18.14 -21.37 13.07
CA VAL E 396 16.69 -21.34 13.03
C VAL E 396 16.12 -22.55 13.78
N SER E 397 16.78 -23.70 13.68
CA SER E 397 16.29 -24.90 14.34
C SER E 397 16.57 -24.87 15.84
N ARG E 398 17.74 -24.36 16.24
CA ARG E 398 18.09 -24.36 17.67
C ARG E 398 17.28 -23.35 18.46
N ALA E 399 16.97 -22.21 17.86
CA ALA E 399 16.23 -21.18 18.57
C ALA E 399 14.77 -21.52 18.75
N ARG E 400 14.24 -22.49 18.00
CA ARG E 400 12.93 -23.03 18.29
C ARG E 400 12.97 -24.16 19.30
N LYS E 401 14.16 -24.71 19.57
CA LYS E 401 14.35 -25.60 20.70
C LYS E 401 14.52 -24.84 22.01
N ILE E 402 15.22 -23.70 21.97
CA ILE E 402 15.48 -22.92 23.17
C ILE E 402 14.20 -22.26 23.67
N GLN E 403 13.44 -21.63 22.78
CA GLN E 403 12.26 -20.90 23.22
C GLN E 403 11.09 -21.81 23.57
N ARG E 404 11.23 -23.13 23.40
CA ARG E 404 10.28 -24.07 23.95
C ARG E 404 10.81 -24.80 25.19
N PHE E 405 12.13 -24.80 25.37
CA PHE E 405 12.74 -25.31 26.59
C PHE E 405 12.57 -24.33 27.75
N LEU E 406 12.13 -23.10 27.48
CA LEU E 406 11.86 -22.16 28.55
C LEU E 406 10.48 -22.40 29.17
N SER E 407 9.65 -23.19 28.53
CA SER E 407 8.36 -23.55 29.11
C SER E 407 8.56 -24.53 30.25
N GLN E 408 7.59 -24.56 31.17
CA GLN E 408 7.69 -25.34 32.39
C GLN E 408 6.31 -25.49 33.00
N PRO E 409 5.90 -26.71 33.32
CA PRO E 409 4.58 -26.91 33.93
C PRO E 409 4.58 -26.60 35.42
N PHE E 410 3.58 -25.86 35.89
CA PHE E 410 3.58 -25.38 37.26
C PHE E 410 2.80 -26.30 38.18
N GLN E 411 3.16 -26.25 39.48
CA GLN E 411 2.49 -27.10 40.46
C GLN E 411 1.11 -26.57 40.82
N VAL E 412 0.81 -25.33 40.43
CA VAL E 412 -0.48 -24.73 40.79
C VAL E 412 -1.53 -25.12 39.79
N ALA E 413 -1.13 -25.70 38.66
CA ALA E 413 -2.04 -26.07 37.59
C ALA E 413 -2.13 -27.57 37.37
N GLU E 414 -1.96 -28.38 38.41
CA GLU E 414 -1.95 -29.82 38.25
C GLU E 414 -3.33 -30.36 37.92
N VAL E 415 -4.37 -29.70 38.40
CA VAL E 415 -5.73 -30.21 38.21
C VAL E 415 -6.21 -29.96 36.77
N PHE E 416 -5.81 -28.83 36.18
CA PHE E 416 -6.41 -28.43 34.91
C PHE E 416 -5.69 -29.05 33.73
N THR E 417 -4.39 -28.77 33.56
CA THR E 417 -3.71 -29.20 32.35
C THR E 417 -3.15 -30.61 32.48
N GLY E 418 -3.29 -31.22 33.66
CA GLY E 418 -3.01 -32.62 33.85
C GLY E 418 -1.54 -33.00 33.97
N HIS E 419 -0.61 -32.12 33.63
CA HIS E 419 0.80 -32.45 33.72
C HIS E 419 1.27 -32.40 35.18
N LEU E 420 2.53 -32.78 35.39
CA LEU E 420 3.14 -32.78 36.70
C LEU E 420 3.94 -31.51 36.89
N GLY E 421 3.78 -30.86 38.03
CA GLY E 421 4.51 -29.63 38.27
C GLY E 421 5.96 -29.90 38.64
N LYS E 422 6.87 -29.26 37.91
CA LYS E 422 8.30 -29.48 38.08
C LYS E 422 8.93 -28.25 38.70
N LEU E 423 9.79 -28.47 39.71
CA LEU E 423 10.58 -27.42 40.32
C LEU E 423 12.05 -27.72 40.05
N VAL E 424 12.66 -26.92 39.18
CA VAL E 424 14.02 -27.16 38.69
C VAL E 424 14.99 -26.39 39.56
N PRO E 425 16.02 -27.01 40.11
CA PRO E 425 17.06 -26.26 40.81
C PRO E 425 17.96 -25.51 39.83
N LEU E 426 18.93 -24.80 40.38
CA LEU E 426 19.73 -23.87 39.58
C LEU E 426 20.74 -24.62 38.72
N LYS E 427 21.31 -25.70 39.24
CA LYS E 427 22.43 -26.34 38.54
C LYS E 427 21.96 -27.20 37.38
N GLU E 428 20.65 -27.46 37.29
CA GLU E 428 20.13 -28.17 36.12
C GLU E 428 19.87 -27.23 34.96
N THR E 429 19.45 -26.00 35.26
CA THR E 429 19.09 -25.06 34.20
C THR E 429 20.32 -24.54 33.48
N ILE E 430 21.45 -24.40 34.20
CA ILE E 430 22.69 -23.98 33.57
C ILE E 430 23.30 -25.12 32.78
N LYS E 431 23.17 -26.35 33.28
CA LYS E 431 23.70 -27.52 32.58
C LYS E 431 22.92 -27.80 31.31
N GLY E 432 21.61 -27.57 31.33
CA GLY E 432 20.76 -27.80 30.18
C GLY E 432 21.09 -26.93 28.99
N PHE E 433 21.07 -25.61 29.18
CA PHE E 433 21.31 -24.69 28.08
C PHE E 433 22.78 -24.65 27.65
N GLN E 434 23.69 -25.22 28.43
CA GLN E 434 25.08 -25.33 28.00
C GLN E 434 25.26 -26.38 26.93
N GLN E 435 24.30 -27.28 26.77
CA GLN E 435 24.38 -28.35 25.78
C GLN E 435 23.53 -28.08 24.55
N ILE E 436 22.44 -27.33 24.68
CA ILE E 436 21.61 -26.98 23.53
C ILE E 436 22.36 -26.06 22.58
N LEU E 437 23.23 -25.19 23.12
CA LEU E 437 23.98 -24.25 22.30
C LEU E 437 25.03 -24.95 21.45
N ALA E 438 25.63 -26.03 21.97
CA ALA E 438 26.73 -26.68 21.27
C ALA E 438 26.27 -27.68 20.22
N GLY E 439 24.97 -27.79 19.97
CA GLY E 439 24.48 -28.78 19.04
C GLY E 439 24.54 -30.20 19.55
N GLU E 440 24.48 -30.39 20.87
CA GLU E 440 24.64 -31.71 21.45
C GLU E 440 23.35 -32.52 21.44
N TYR E 441 22.19 -31.87 21.52
CA TYR E 441 20.89 -32.52 21.48
C TYR E 441 20.04 -31.97 20.35
N ASP E 442 20.64 -31.78 19.18
CA ASP E 442 19.94 -31.13 18.08
C ASP E 442 19.17 -32.08 17.19
N HIS E 443 19.54 -33.37 17.16
CA HIS E 443 18.88 -34.30 16.25
C HIS E 443 17.50 -34.73 16.74
N LEU E 444 17.20 -34.50 18.01
CA LEU E 444 15.88 -34.80 18.53
C LEU E 444 14.87 -33.77 18.02
N PRO E 445 13.59 -34.14 17.88
CA PRO E 445 12.61 -33.17 17.35
C PRO E 445 12.19 -32.11 18.35
N GLU E 446 11.25 -31.25 17.94
CA GLU E 446 10.94 -30.05 18.71
C GLU E 446 10.09 -30.37 19.93
N GLN E 447 9.10 -31.26 19.77
CA GLN E 447 8.12 -31.49 20.83
C GLN E 447 8.64 -32.33 21.98
N ALA E 448 9.90 -32.79 21.92
CA ALA E 448 10.51 -33.41 23.09
C ALA E 448 10.86 -32.36 24.15
N PHE E 449 11.01 -31.10 23.74
CA PHE E 449 11.41 -30.03 24.63
C PHE E 449 10.23 -29.23 25.18
N TYR E 450 9.04 -29.38 24.60
CA TYR E 450 7.88 -28.64 25.07
C TYR E 450 7.38 -29.21 26.38
N MET E 451 7.35 -28.36 27.42
CA MET E 451 6.70 -28.60 28.70
C MET E 451 7.32 -29.81 29.42
N VAL E 452 8.61 -29.70 29.69
CA VAL E 452 9.32 -30.72 30.47
C VAL E 452 9.93 -30.06 31.70
N GLY E 453 10.60 -30.86 32.53
CA GLY E 453 11.34 -30.33 33.65
C GLY E 453 12.78 -30.11 33.24
N PRO E 454 13.69 -30.91 33.81
CA PRO E 454 15.12 -30.78 33.42
C PRO E 454 15.42 -31.34 32.04
N ILE E 455 16.70 -31.38 31.68
CA ILE E 455 17.13 -31.93 30.40
C ILE E 455 17.05 -33.46 30.40
N GLU E 456 16.96 -34.08 31.57
CA GLU E 456 16.87 -35.54 31.65
C GLU E 456 15.53 -36.05 31.13
N GLU E 457 14.45 -35.33 31.42
CA GLU E 457 13.13 -35.72 30.96
C GLU E 457 12.86 -35.37 29.51
N ALA E 458 13.80 -34.69 28.84
CA ALA E 458 13.63 -34.37 27.43
C ALA E 458 13.84 -35.59 26.56
N VAL E 459 14.90 -36.36 26.80
CA VAL E 459 15.19 -37.52 25.97
C VAL E 459 14.28 -38.69 26.33
N ALA E 460 13.65 -38.66 27.50
CA ALA E 460 12.64 -39.65 27.84
C ALA E 460 11.30 -39.40 27.17
N LYS E 461 11.15 -38.26 26.49
CA LYS E 461 9.95 -37.95 25.73
C LYS E 461 10.12 -38.11 24.23
N ALA E 462 11.36 -38.26 23.75
CA ALA E 462 11.57 -38.55 22.34
C ALA E 462 11.26 -40.00 22.01
N ASP E 463 11.30 -40.87 23.02
CA ASP E 463 11.02 -42.29 22.79
C ASP E 463 9.54 -42.55 22.57
N LYS E 464 8.67 -41.75 23.18
CA LYS E 464 7.23 -41.96 23.09
C LYS E 464 6.66 -41.48 21.77
N LEU E 465 7.38 -40.66 21.02
CA LEU E 465 6.92 -40.24 19.71
C LEU E 465 7.07 -41.37 18.71
N ALA E 466 5.97 -41.68 18.02
CA ALA E 466 5.82 -42.83 17.11
C ALA E 466 6.20 -44.16 17.76
N ALA F 1 21.10 59.71 61.96
CA ALA F 1 19.98 58.81 62.22
C ALA F 1 20.46 57.38 62.40
N THR F 2 19.99 56.72 63.45
CA THR F 2 20.34 55.34 63.74
C THR F 2 19.08 54.49 63.81
N GLY F 3 19.19 53.24 63.39
CA GLY F 3 18.06 52.34 63.35
C GLY F 3 18.37 50.99 63.95
N ARG F 4 17.33 50.19 64.10
CA ARG F 4 17.41 48.86 64.67
C ARG F 4 16.91 47.83 63.67
N ILE F 5 17.74 46.81 63.42
CA ILE F 5 17.33 45.71 62.56
C ILE F 5 16.19 44.94 63.21
N VAL F 6 15.11 44.75 62.46
CA VAL F 6 13.89 44.18 63.03
C VAL F 6 13.66 42.77 62.48
N ALA F 7 13.94 42.57 61.19
CA ALA F 7 13.67 41.27 60.59
C ALA F 7 14.71 40.97 59.53
N VAL F 8 15.24 39.76 59.54
CA VAL F 8 16.23 39.29 58.56
C VAL F 8 15.66 38.05 57.90
N ILE F 9 15.27 38.17 56.63
CA ILE F 9 14.71 37.05 55.87
C ILE F 9 15.59 36.87 54.64
N GLY F 10 16.55 35.96 54.72
CA GLY F 10 17.42 35.69 53.59
C GLY F 10 18.39 36.82 53.31
N ALA F 11 18.32 37.38 52.11
CA ALA F 11 19.15 38.50 51.71
C ALA F 11 18.35 39.79 51.64
N VAL F 12 17.34 39.92 52.51
CA VAL F 12 16.51 41.12 52.61
C VAL F 12 16.39 41.45 54.09
N VAL F 13 16.97 42.58 54.50
CA VAL F 13 16.99 42.99 55.90
C VAL F 13 16.00 44.11 56.10
N ASP F 14 15.23 44.03 57.16
CA ASP F 14 14.28 45.09 57.54
C ASP F 14 14.88 45.94 58.64
N VAL F 15 14.58 47.23 58.61
CA VAL F 15 15.16 48.23 59.52
C VAL F 15 14.06 49.19 59.94
N GLN F 16 13.95 49.45 61.24
CA GLN F 16 13.05 50.47 61.76
C GLN F 16 13.86 51.64 62.29
N PHE F 17 13.53 52.85 61.81
CA PHE F 17 14.14 54.08 62.30
C PHE F 17 13.25 54.71 63.35
N ASP F 18 13.82 55.69 64.07
CA ASP F 18 13.09 56.41 65.10
C ASP F 18 12.93 57.89 64.76
N GLU F 19 13.91 58.47 64.07
CA GLU F 19 13.77 59.79 63.48
C GLU F 19 14.62 59.85 62.22
N GLY F 20 14.18 60.67 61.27
CA GLY F 20 14.93 60.84 60.04
C GLY F 20 14.84 59.65 59.09
N LEU F 21 13.65 59.42 58.53
CA LEU F 21 13.44 58.37 57.55
C LEU F 21 14.27 58.63 56.30
N PRO F 22 15.22 57.77 55.95
CA PRO F 22 16.04 58.01 54.78
C PRO F 22 15.26 57.73 53.51
N PRO F 23 15.43 58.55 52.48
CA PRO F 23 14.73 58.31 51.21
C PRO F 23 15.27 57.07 50.50
N ILE F 24 14.53 56.69 49.44
CA ILE F 24 14.83 55.48 48.68
C ILE F 24 16.15 55.66 47.94
N LEU F 25 16.84 54.53 47.71
CA LEU F 25 18.15 54.37 47.07
C LEU F 25 19.30 54.90 47.91
N ASN F 26 19.06 55.24 49.18
CA ASN F 26 20.15 55.59 50.08
C ASN F 26 20.86 54.34 50.58
N ALA F 27 22.13 54.50 50.90
CA ALA F 27 22.93 53.44 51.49
C ALA F 27 23.00 53.59 53.00
N LEU F 28 22.98 52.47 53.71
CA LEU F 28 23.10 52.43 55.16
C LEU F 28 24.35 51.63 55.53
N GLU F 29 24.83 51.84 56.76
CA GLU F 29 26.02 51.15 57.24
C GLU F 29 25.68 50.45 58.54
N VAL F 30 25.96 49.15 58.60
CA VAL F 30 25.65 48.34 59.78
C VAL F 30 26.83 48.43 60.75
N GLN F 31 26.52 48.67 62.02
CA GLN F 31 27.54 48.85 63.05
C GLN F 31 27.80 47.54 63.77
N GLY F 32 29.07 47.15 63.87
CA GLY F 32 29.43 46.00 64.66
C GLY F 32 29.79 44.76 63.87
N ARG F 33 30.47 44.94 62.74
CA ARG F 33 30.89 43.82 61.91
C ARG F 33 32.36 43.98 61.54
N GLU F 34 33.00 42.85 61.25
CA GLU F 34 34.42 42.88 60.89
C GLU F 34 34.61 43.47 59.50
N THR F 35 33.82 42.99 58.54
CA THR F 35 33.83 43.59 57.21
C THR F 35 32.76 44.68 57.14
N ARG F 36 32.49 45.15 55.92
CA ARG F 36 31.61 46.30 55.71
C ARG F 36 30.32 45.83 55.04
N LEU F 37 29.25 45.73 55.82
CA LEU F 37 27.93 45.43 55.30
C LEU F 37 27.20 46.73 55.02
N VAL F 38 26.78 46.91 53.77
CA VAL F 38 26.09 48.11 53.33
C VAL F 38 24.74 47.71 52.74
N LEU F 39 23.69 48.40 53.16
CA LEU F 39 22.35 48.11 52.69
C LEU F 39 21.95 49.06 51.57
N GLU F 40 20.68 49.02 51.18
CA GLU F 40 20.16 49.82 50.09
C GLU F 40 18.66 49.91 50.27
N VAL F 41 18.16 51.10 50.61
CA VAL F 41 16.74 51.27 50.92
C VAL F 41 15.90 51.06 49.66
N ALA F 42 14.89 50.19 49.75
CA ALA F 42 14.09 49.84 48.59
C ALA F 42 12.61 50.17 48.73
N GLN F 43 12.03 50.15 49.93
CA GLN F 43 10.63 50.51 50.09
C GLN F 43 10.45 51.31 51.35
N HIS F 44 9.25 51.88 51.49
CA HIS F 44 8.75 52.43 52.74
C HIS F 44 7.48 51.70 53.09
N LEU F 45 7.42 51.09 54.27
CA LEU F 45 6.30 50.26 54.66
C LEU F 45 5.34 50.96 55.61
N GLY F 46 5.61 52.19 56.01
CA GLY F 46 4.83 52.83 57.03
C GLY F 46 5.26 52.42 58.42
N GLU F 47 4.68 53.11 59.42
CA GLU F 47 5.05 52.98 60.84
C GLU F 47 6.54 53.22 61.07
N SER F 48 7.09 54.17 60.32
CA SER F 48 8.51 54.55 60.30
C SER F 48 9.42 53.34 60.12
N THR F 49 9.28 52.68 58.99
CA THR F 49 9.97 51.42 58.71
C THR F 49 10.34 51.35 57.25
N VAL F 50 11.59 51.03 56.96
CA VAL F 50 12.05 50.83 55.60
C VAL F 50 12.26 49.35 55.36
N ARG F 51 12.56 48.98 54.12
CA ARG F 51 12.90 47.61 53.78
C ARG F 51 14.06 47.65 52.80
N THR F 52 15.19 47.08 53.20
CA THR F 52 16.44 47.22 52.49
C THR F 52 16.77 45.95 51.72
N ILE F 53 17.90 45.97 51.02
CA ILE F 53 18.44 44.84 50.29
C ILE F 53 19.95 44.83 50.53
N ALA F 54 20.47 43.74 51.08
CA ALA F 54 21.86 43.71 51.52
C ALA F 54 22.81 43.37 50.39
N MET F 55 24.02 43.93 50.47
CA MET F 55 25.03 43.77 49.43
C MET F 55 26.10 42.76 49.79
N ASP F 56 25.92 41.99 50.86
CA ASP F 56 26.81 40.91 51.22
C ASP F 56 26.02 39.89 52.03
N GLY F 57 26.71 38.91 52.59
CA GLY F 57 26.03 37.88 53.36
C GLY F 57 25.53 38.41 54.69
N THR F 58 24.29 38.04 55.02
CA THR F 58 23.65 38.47 56.26
C THR F 58 23.71 37.40 57.33
N GLU F 59 24.80 36.64 57.40
CA GLU F 59 24.98 35.65 58.46
C GLU F 59 25.55 36.30 59.71
N GLY F 60 24.79 36.24 60.80
CA GLY F 60 25.24 36.79 62.05
C GLY F 60 24.63 38.12 62.43
N LEU F 61 23.37 38.36 62.08
CA LEU F 61 22.71 39.61 62.42
C LEU F 61 21.70 39.39 63.54
N VAL F 62 21.86 40.16 64.62
CA VAL F 62 21.00 40.05 65.78
C VAL F 62 19.90 41.10 65.65
N ARG F 63 18.69 40.70 66.03
CA ARG F 63 17.51 41.58 65.97
C ARG F 63 17.65 42.65 67.04
N GLY F 64 18.17 43.81 66.65
CA GLY F 64 18.39 44.88 67.59
C GLY F 64 19.73 45.55 67.34
N GLN F 65 20.42 45.10 66.30
CA GLN F 65 21.71 45.67 65.92
C GLN F 65 21.52 47.10 65.44
N LYS F 66 22.57 47.90 65.54
CA LYS F 66 22.49 49.30 65.17
C LYS F 66 23.01 49.50 63.75
N VAL F 67 22.33 50.37 63.01
CA VAL F 67 22.66 50.66 61.62
C VAL F 67 22.70 52.18 61.48
N LEU F 68 23.66 52.68 60.69
CA LEU F 68 23.92 54.10 60.59
C LEU F 68 23.67 54.57 59.17
N ASP F 69 22.88 55.63 59.03
CA ASP F 69 22.56 56.17 57.72
C ASP F 69 23.75 56.95 57.16
N SER F 70 24.05 56.71 55.88
CA SER F 70 25.14 57.42 55.21
C SER F 70 24.72 58.78 54.67
N GLY F 71 23.44 58.97 54.36
CA GLY F 71 22.95 60.24 53.90
C GLY F 71 22.97 60.45 52.40
N ALA F 72 23.45 59.48 51.63
CA ALA F 72 23.62 59.64 50.19
C ALA F 72 23.65 58.26 49.57
N PRO F 73 23.36 58.13 48.26
CA PRO F 73 23.50 56.83 47.58
C PRO F 73 24.94 56.33 47.49
N ILE F 74 25.10 55.13 46.92
CA ILE F 74 26.40 54.48 46.85
C ILE F 74 27.28 55.24 45.86
N LYS F 75 28.41 55.76 46.33
CA LYS F 75 29.33 56.52 45.51
C LYS F 75 30.64 55.75 45.39
N ILE F 76 31.11 55.59 44.15
CA ILE F 76 32.31 54.81 43.89
C ILE F 76 33.41 55.74 43.41
N PRO F 77 34.69 55.39 43.57
CA PRO F 77 35.77 56.21 43.00
C PRO F 77 35.76 56.11 41.49
N VAL F 78 35.77 57.27 40.82
CA VAL F 78 35.70 57.33 39.37
C VAL F 78 36.74 58.33 38.89
N GLY F 79 37.24 58.14 37.67
CA GLY F 79 38.27 58.99 37.12
C GLY F 79 39.22 58.19 36.26
N PRO F 80 40.35 58.80 35.87
CA PRO F 80 41.35 58.02 35.13
C PRO F 80 42.27 57.21 36.03
N GLU F 81 42.12 57.36 37.34
CA GLU F 81 42.93 56.57 38.27
C GLU F 81 42.37 55.18 38.46
N THR F 82 41.12 54.96 38.05
CA THR F 82 40.52 53.63 38.17
C THR F 82 40.91 52.72 37.00
N LEU F 83 41.68 53.23 36.05
CA LEU F 83 42.15 52.40 34.95
C LEU F 83 43.21 51.44 35.45
N GLY F 84 43.20 50.22 34.92
CA GLY F 84 44.16 49.22 35.33
C GLY F 84 43.93 48.62 36.69
N ARG F 85 42.75 48.81 37.29
CA ARG F 85 42.44 48.30 38.60
C ARG F 85 41.20 47.42 38.53
N ILE F 86 40.90 46.75 39.64
CA ILE F 86 39.69 45.93 39.77
C ILE F 86 38.86 46.51 40.89
N MET F 87 37.54 46.62 40.68
CA MET F 87 36.62 47.15 41.66
C MET F 87 35.46 46.18 41.86
N ASN F 88 34.95 46.11 43.09
CA ASN F 88 33.79 45.32 43.40
C ASN F 88 32.54 46.20 43.28
N VAL F 89 31.43 45.74 43.87
CA VAL F 89 30.12 46.38 43.71
C VAL F 89 30.12 47.78 44.34
N ILE F 90 30.77 47.93 45.49
CA ILE F 90 30.74 49.20 46.20
C ILE F 90 32.07 49.93 46.06
N GLY F 91 32.85 49.54 45.06
CA GLY F 91 34.01 50.32 44.68
C GLY F 91 35.20 50.22 45.61
N GLU F 92 35.46 49.04 46.14
CA GLU F 92 36.65 48.83 46.94
C GLU F 92 37.66 48.03 46.12
N PRO F 93 38.96 48.28 46.28
CA PRO F 93 39.94 47.51 45.52
C PRO F 93 40.03 46.07 46.00
N ILE F 94 39.84 45.14 45.07
CA ILE F 94 39.96 43.72 45.35
C ILE F 94 41.15 43.12 44.63
N ASP F 95 42.21 43.88 44.40
CA ASP F 95 43.39 43.40 43.72
C ASP F 95 44.66 43.51 44.56
N GLU F 96 44.52 43.81 45.87
CA GLU F 96 45.59 43.88 46.87
C GLU F 96 46.77 44.78 46.45
N ARG F 97 46.46 45.89 45.77
CA ARG F 97 47.48 46.86 45.38
C ARG F 97 47.26 48.23 46.01
N GLY F 98 46.45 48.33 47.06
CA GLY F 98 46.26 49.58 47.73
C GLY F 98 44.98 50.28 47.33
N PRO F 99 44.68 51.41 47.98
CA PRO F 99 43.40 52.08 47.73
C PRO F 99 43.43 52.87 46.43
N ILE F 100 42.23 53.07 45.86
CA ILE F 100 42.09 53.86 44.66
C ILE F 100 41.94 55.33 45.03
N LYS F 101 42.88 56.15 44.58
CA LYS F 101 42.96 57.56 44.96
C LYS F 101 42.41 58.42 43.83
N THR F 102 41.21 58.95 44.01
CA THR F 102 40.60 59.87 43.04
C THR F 102 40.21 61.14 43.76
N LYS F 103 39.58 62.06 43.01
CA LYS F 103 39.27 63.37 43.57
C LYS F 103 37.76 63.56 43.70
N GLN F 104 36.98 62.93 42.84
CA GLN F 104 35.53 63.13 42.83
C GLN F 104 34.83 61.77 42.88
N PHE F 105 33.60 61.80 43.38
CA PHE F 105 32.81 60.60 43.59
C PHE F 105 31.46 60.75 42.92
N ALA F 106 30.98 59.66 42.32
CA ALA F 106 29.76 59.67 41.51
C ALA F 106 28.79 58.62 42.04
N ALA F 107 27.51 59.00 42.12
CA ALA F 107 26.50 58.08 42.62
C ALA F 107 26.20 57.00 41.60
N ILE F 108 25.57 55.91 42.06
CA ILE F 108 25.29 54.77 41.18
C ILE F 108 24.01 55.01 40.39
N HIS F 109 22.96 55.47 41.05
CA HIS F 109 21.65 55.64 40.42
C HIS F 109 21.56 57.04 39.82
N ALA F 110 21.87 57.14 38.54
CA ALA F 110 21.75 58.38 37.79
C ALA F 110 20.68 58.22 36.71
N GLU F 111 20.14 59.34 36.26
CA GLU F 111 19.03 59.31 35.32
C GLU F 111 19.52 59.23 33.88
N ALA F 112 18.58 58.99 32.97
CA ALA F 112 18.89 58.74 31.58
C ALA F 112 19.11 60.06 30.84
N PRO F 113 19.85 60.03 29.72
CA PRO F 113 19.94 61.23 28.87
C PRO F 113 18.59 61.59 28.25
N GLU F 114 18.40 62.88 28.01
CA GLU F 114 17.13 63.39 27.54
C GLU F 114 16.96 63.17 26.04
N PHE F 115 15.86 63.72 25.51
CA PHE F 115 15.54 63.53 24.11
C PHE F 115 16.45 64.34 23.20
N MET F 116 16.84 65.54 23.63
CA MET F 116 17.61 66.46 22.81
C MET F 116 19.11 66.21 22.89
N GLU F 117 19.55 65.07 23.42
CA GLU F 117 20.96 64.74 23.48
C GLU F 117 21.31 63.54 22.62
N MET F 118 20.34 62.93 21.95
CA MET F 118 20.58 61.71 21.19
C MET F 118 21.17 62.04 19.83
N SER F 119 22.31 61.43 19.53
CA SER F 119 22.94 61.57 18.22
C SER F 119 22.43 60.49 17.29
N VAL F 120 22.35 60.82 16.01
CA VAL F 120 21.76 59.94 15.00
C VAL F 120 22.79 59.50 13.96
N GLU F 121 24.07 59.47 14.35
CA GLU F 121 25.10 59.03 13.41
C GLU F 121 25.12 57.51 13.32
N GLN F 122 25.35 57.01 12.10
CA GLN F 122 25.46 55.58 11.85
C GLN F 122 26.71 55.32 11.00
N GLU F 123 27.51 54.36 11.44
CA GLU F 123 28.73 53.99 10.73
C GLU F 123 28.77 52.46 10.68
N ILE F 124 29.91 51.90 10.32
CA ILE F 124 30.10 50.46 10.30
C ILE F 124 31.38 50.12 11.03
N LEU F 125 31.31 49.15 11.95
CA LEU F 125 32.45 48.68 12.72
C LEU F 125 32.86 47.32 12.16
N VAL F 126 33.85 47.31 11.27
CA VAL F 126 34.34 46.08 10.67
C VAL F 126 35.13 45.28 11.71
N THR F 127 34.78 44.01 11.86
CA THR F 127 35.37 43.16 12.88
C THR F 127 36.44 42.22 12.30
N GLY F 128 36.06 41.38 11.34
CA GLY F 128 36.98 40.41 10.79
C GLY F 128 36.41 39.01 10.76
N ILE F 129 35.14 38.87 11.13
CA ILE F 129 34.46 37.59 11.12
C ILE F 129 33.49 37.58 9.95
N LYS F 130 33.52 36.49 9.16
CA LYS F 130 32.80 36.43 7.90
C LYS F 130 31.29 36.43 8.06
N VAL F 131 30.77 35.90 9.17
CA VAL F 131 29.33 35.76 9.29
C VAL F 131 28.71 37.08 9.74
N VAL F 132 29.43 37.83 10.57
CA VAL F 132 28.88 39.04 11.15
C VAL F 132 29.28 40.28 10.35
N ASP F 133 30.21 40.15 9.42
CA ASP F 133 30.45 41.23 8.45
C ASP F 133 29.36 41.26 7.40
N LEU F 134 28.99 40.09 6.88
CA LEU F 134 28.10 40.03 5.72
C LEU F 134 26.64 40.22 6.12
N LEU F 135 26.10 39.33 6.95
CA LEU F 135 24.66 39.24 7.15
C LEU F 135 24.12 40.15 8.23
N ALA F 136 24.96 40.61 9.15
CA ALA F 136 24.50 41.48 10.23
C ALA F 136 25.62 42.39 10.70
N PRO F 137 25.94 43.46 9.97
CA PRO F 137 27.12 44.27 10.28
C PRO F 137 26.94 45.13 11.53
N TYR F 138 28.07 45.46 12.14
CA TYR F 138 28.12 46.14 13.42
C TYR F 138 28.30 47.64 13.22
N ALA F 139 27.56 48.42 13.98
CA ALA F 139 27.63 49.87 13.92
C ALA F 139 28.43 50.42 15.09
N LYS F 140 29.27 51.41 14.81
CA LYS F 140 29.95 52.12 15.87
C LYS F 140 28.96 52.97 16.65
N GLY F 141 29.04 52.89 17.98
CA GLY F 141 28.19 53.70 18.81
C GLY F 141 26.81 53.15 19.06
N GLY F 142 26.59 51.87 18.79
CA GLY F 142 25.29 51.27 19.02
C GLY F 142 25.43 49.97 19.78
N LYS F 143 24.32 49.52 20.34
CA LYS F 143 24.31 48.31 21.16
C LYS F 143 24.37 47.07 20.28
N ILE F 144 24.92 45.99 20.83
CA ILE F 144 25.12 44.74 20.11
C ILE F 144 24.77 43.60 21.06
N GLY F 145 23.90 42.69 20.62
CA GLY F 145 23.55 41.52 21.40
C GLY F 145 24.28 40.27 20.98
N LEU F 146 24.32 39.29 21.87
CA LEU F 146 24.90 37.97 21.60
C LEU F 146 24.06 36.94 22.35
N PHE F 147 23.09 36.36 21.65
CA PHE F 147 22.19 35.39 22.25
C PHE F 147 22.76 33.99 22.07
N GLY F 148 22.32 33.06 22.90
CA GLY F 148 22.77 31.68 22.82
C GLY F 148 22.47 30.91 24.08
N GLY F 149 22.57 29.59 23.99
CA GLY F 149 22.29 28.70 25.09
C GLY F 149 23.44 28.59 26.05
N ALA F 150 23.64 27.38 26.57
CA ALA F 150 24.71 27.10 27.52
C ALA F 150 25.69 26.13 26.89
N GLY F 151 26.77 26.67 26.32
CA GLY F 151 27.79 25.85 25.70
C GLY F 151 27.95 26.04 24.20
N VAL F 152 27.56 27.20 23.67
CA VAL F 152 27.64 27.42 22.22
C VAL F 152 28.80 28.32 21.82
N GLY F 153 29.30 29.17 22.71
CA GLY F 153 30.39 30.07 22.34
C GLY F 153 30.15 31.54 22.58
N LYS F 154 29.32 31.90 23.56
CA LYS F 154 29.09 33.31 23.87
C LYS F 154 30.28 33.99 24.54
N THR F 155 31.33 33.25 24.90
CA THR F 155 32.51 33.83 25.52
C THR F 155 33.77 33.61 24.70
N VAL F 156 33.85 32.55 23.90
CA VAL F 156 34.92 32.43 22.91
C VAL F 156 34.75 33.50 21.83
N LEU F 157 33.52 33.92 21.56
CA LEU F 157 33.27 35.00 20.62
C LEU F 157 33.52 36.37 21.23
N ILE F 158 33.14 36.59 22.49
CA ILE F 158 33.34 37.90 23.11
C ILE F 158 34.80 38.15 23.49
N MET F 159 35.62 37.11 23.58
CA MET F 159 37.04 37.29 23.77
C MET F 159 37.78 37.38 22.45
N GLU F 160 37.10 37.12 21.34
CA GLU F 160 37.65 37.39 20.01
C GLU F 160 37.42 38.84 19.61
N LEU F 161 36.23 39.37 19.93
CA LEU F 161 35.94 40.79 19.70
C LEU F 161 36.82 41.71 20.52
N ILE F 162 37.27 41.27 21.71
CA ILE F 162 38.26 42.04 22.45
C ILE F 162 39.61 41.98 21.75
N ASN F 163 39.93 40.82 21.17
CA ASN F 163 41.23 40.63 20.53
C ASN F 163 41.35 41.43 19.24
N ASN F 164 40.25 41.64 18.52
CA ASN F 164 40.29 42.35 17.25
C ASN F 164 40.01 43.83 17.40
N VAL F 165 38.84 44.18 17.95
CA VAL F 165 38.39 45.56 18.00
C VAL F 165 39.11 46.36 19.08
N ALA F 166 39.11 45.87 20.32
CA ALA F 166 39.53 46.67 21.46
C ALA F 166 41.03 46.85 21.56
N LYS F 167 41.82 45.97 20.93
CA LYS F 167 43.27 46.09 21.05
C LYS F 167 43.79 47.22 20.16
N ALA F 168 43.22 47.39 18.98
CA ALA F 168 43.63 48.46 18.07
C ALA F 168 42.87 49.76 18.29
N HIS F 169 41.98 49.81 19.28
CA HIS F 169 41.21 51.01 19.60
C HIS F 169 42.12 52.10 20.15
N GLY F 170 41.66 53.34 20.03
CA GLY F 170 42.41 54.47 20.54
C GLY F 170 41.89 54.99 21.86
N GLY F 171 40.63 54.67 22.16
CA GLY F 171 39.98 55.17 23.36
C GLY F 171 40.20 54.28 24.57
N TYR F 172 39.18 54.23 25.42
CA TYR F 172 39.22 53.48 26.67
C TYR F 172 38.31 52.27 26.59
N SER F 173 38.46 51.37 27.56
CA SER F 173 37.67 50.15 27.60
C SER F 173 37.22 49.88 29.03
N VAL F 174 36.05 49.25 29.17
CA VAL F 174 35.51 48.87 30.47
C VAL F 174 34.94 47.46 30.34
N PHE F 175 35.45 46.52 31.13
CA PHE F 175 34.85 45.19 31.24
C PHE F 175 34.07 45.10 32.54
N ALA F 176 32.90 44.50 32.48
CA ALA F 176 32.04 44.32 33.65
C ALA F 176 31.57 42.87 33.66
N GLY F 177 32.07 42.08 34.61
CA GLY F 177 31.68 40.69 34.71
C GLY F 177 30.54 40.52 35.68
N VAL F 178 29.36 40.19 35.17
CA VAL F 178 28.17 39.97 35.99
C VAL F 178 27.83 38.49 35.91
N GLY F 179 28.15 37.74 36.96
CA GLY F 179 27.74 36.36 37.07
C GLY F 179 28.41 35.39 36.11
N GLU F 180 29.74 35.33 36.13
CA GLU F 180 30.44 34.31 35.34
C GLU F 180 31.43 33.58 36.23
N ARG F 181 32.25 32.72 35.62
CA ARG F 181 33.20 31.93 36.38
C ARG F 181 34.33 32.80 36.90
N THR F 182 34.67 32.60 38.18
CA THR F 182 35.72 33.41 38.80
C THR F 182 37.09 33.00 38.30
N ARG F 183 37.23 31.76 37.82
CA ARG F 183 38.49 31.37 37.19
C ARG F 183 38.65 31.99 35.82
N GLU F 184 37.56 32.42 35.19
CA GLU F 184 37.66 33.14 33.92
C GLU F 184 38.07 34.59 34.15
N GLY F 185 37.63 35.18 35.25
CA GLY F 185 38.02 36.54 35.56
C GLY F 185 39.46 36.66 36.00
N ASN F 186 40.03 35.58 36.51
CA ASN F 186 41.45 35.57 36.79
C ASN F 186 42.27 35.48 35.51
N ASP F 187 41.75 34.80 34.50
CA ASP F 187 42.50 34.64 33.26
C ASP F 187 42.52 35.92 32.45
N LEU F 188 41.45 36.71 32.51
CA LEU F 188 41.41 37.97 31.79
C LEU F 188 42.37 38.99 32.40
N TYR F 189 42.49 38.99 33.73
CA TYR F 189 43.45 39.87 34.38
C TYR F 189 44.88 39.43 34.11
N HIS F 190 45.10 38.14 33.88
CA HIS F 190 46.43 37.62 33.64
C HIS F 190 46.75 37.43 32.16
N GLU F 191 45.87 37.86 31.26
CA GLU F 191 46.25 37.97 29.86
C GLU F 191 46.48 39.41 29.44
N MET F 192 45.84 40.36 30.13
CA MET F 192 46.06 41.77 29.82
C MET F 192 47.36 42.27 30.40
N ILE F 193 47.94 41.54 31.36
CA ILE F 193 49.24 41.92 31.90
C ILE F 193 50.35 41.53 30.93
N GLU F 194 50.26 40.33 30.36
CA GLU F 194 51.29 39.88 29.42
C GLU F 194 51.19 40.61 28.08
N SER F 195 49.98 40.95 27.64
CA SER F 195 49.82 41.67 26.39
C SER F 195 49.97 43.18 26.54
N GLY F 196 50.23 43.67 27.74
CA GLY F 196 50.56 45.06 27.96
C GLY F 196 49.40 46.02 28.03
N VAL F 197 48.17 45.54 28.13
CA VAL F 197 47.02 46.44 28.21
C VAL F 197 46.91 47.05 29.59
N ILE F 198 47.05 46.23 30.63
CA ILE F 198 47.17 46.74 32.00
C ILE F 198 48.64 46.74 32.38
N ASN F 199 49.11 47.86 32.92
CA ASN F 199 50.50 47.99 33.34
C ASN F 199 50.56 48.38 34.80
N LEU F 200 51.44 47.71 35.55
CA LEU F 200 51.51 47.86 37.00
C LEU F 200 52.73 48.65 37.45
N LYS F 201 53.45 49.30 36.54
CA LYS F 201 54.62 50.09 36.88
C LYS F 201 54.42 51.58 36.61
N ASP F 202 53.69 51.93 35.56
CA ASP F 202 53.45 53.29 35.11
C ASP F 202 51.95 53.52 34.92
N ALA F 203 51.62 54.64 34.29
CA ALA F 203 50.23 55.11 34.18
C ALA F 203 49.76 55.15 32.74
N THR F 204 49.99 54.08 31.99
CA THR F 204 49.51 53.95 30.62
C THR F 204 48.59 52.76 30.42
N SER F 205 47.72 52.48 31.39
CA SER F 205 46.76 51.39 31.27
C SER F 205 45.49 51.89 30.60
N LYS F 206 44.78 50.96 29.96
CA LYS F 206 43.68 51.35 29.08
C LYS F 206 42.33 50.76 29.44
N VAL F 207 42.24 49.85 30.41
CA VAL F 207 40.98 49.17 30.70
C VAL F 207 40.81 49.04 32.21
N ALA F 208 39.59 49.31 32.67
CA ALA F 208 39.18 49.05 34.04
C ALA F 208 38.38 47.77 34.09
N LEU F 209 38.35 47.12 35.24
CA LEU F 209 37.58 45.90 35.43
C LEU F 209 36.67 46.02 36.64
N VAL F 210 35.41 45.59 36.48
CA VAL F 210 34.43 45.54 37.56
C VAL F 210 33.94 44.09 37.63
N TYR F 211 33.80 43.55 38.83
CA TYR F 211 33.51 42.13 38.99
C TYR F 211 32.56 41.87 40.15
N GLY F 212 31.38 41.34 39.83
CA GLY F 212 30.57 40.64 40.80
C GLY F 212 30.15 39.31 40.22
N GLN F 213 30.65 38.22 40.78
CA GLN F 213 30.60 36.92 40.13
C GLN F 213 29.45 36.07 40.66
N MET F 214 29.48 34.78 40.33
CA MET F 214 28.36 33.88 40.62
C MET F 214 28.33 33.41 42.07
N ASN F 215 29.39 33.60 42.85
CA ASN F 215 29.38 33.22 44.25
C ASN F 215 28.93 34.34 45.16
N GLU F 216 28.47 35.44 44.61
CA GLU F 216 27.99 36.60 45.33
C GLU F 216 26.51 36.46 45.65
N PRO F 217 26.03 37.13 46.70
CA PRO F 217 24.60 37.10 47.03
C PRO F 217 23.76 37.76 45.95
N PRO F 218 22.44 37.51 45.92
CA PRO F 218 21.61 38.12 44.87
C PRO F 218 21.52 39.63 44.93
N GLY F 219 21.70 40.24 46.10
CA GLY F 219 21.70 41.69 46.17
C GLY F 219 22.93 42.36 45.56
N ALA F 220 23.99 41.59 45.31
CA ALA F 220 25.22 42.15 44.76
C ALA F 220 25.42 41.81 43.30
N ARG F 221 24.57 40.97 42.71
CA ARG F 221 24.60 40.78 41.27
C ARG F 221 23.57 41.66 40.58
N ALA F 222 22.60 42.16 41.32
CA ALA F 222 21.58 43.03 40.77
C ALA F 222 22.01 44.49 40.71
N ARG F 223 23.21 44.82 41.17
CA ARG F 223 23.68 46.20 41.21
C ARG F 223 25.09 46.37 40.70
N VAL F 224 25.74 45.32 40.18
CA VAL F 224 27.10 45.46 39.69
C VAL F 224 27.12 45.86 38.22
N ALA F 225 26.01 45.71 37.51
CA ALA F 225 25.96 46.21 36.13
C ALA F 225 25.72 47.71 36.11
N LEU F 226 25.24 48.28 37.21
CA LEU F 226 25.17 49.73 37.32
C LEU F 226 26.51 50.34 37.69
N THR F 227 27.43 49.53 38.21
CA THR F 227 28.71 50.05 38.64
C THR F 227 29.70 50.12 37.48
N GLY F 228 29.75 49.06 36.66
CA GLY F 228 30.52 49.09 35.44
C GLY F 228 29.98 50.03 34.38
N LEU F 229 28.75 50.47 34.53
CA LEU F 229 28.14 51.52 33.73
C LEU F 229 28.51 52.92 34.19
N THR F 230 28.55 53.15 35.50
CA THR F 230 28.85 54.47 36.02
C THR F 230 30.32 54.83 35.85
N VAL F 231 31.21 53.84 35.82
CA VAL F 231 32.60 54.08 35.47
C VAL F 231 32.73 54.57 34.03
N ALA F 232 31.95 54.01 33.10
CA ALA F 232 32.03 54.40 31.69
C ALA F 232 31.15 55.59 31.36
N GLU F 233 30.57 56.28 32.33
CA GLU F 233 29.93 57.55 32.06
C GLU F 233 30.85 58.73 32.27
N TYR F 234 31.87 58.58 33.13
CA TYR F 234 32.86 59.63 33.28
C TYR F 234 33.72 59.75 32.03
N PHE F 235 34.10 58.61 31.44
CA PHE F 235 34.97 58.60 30.27
C PHE F 235 34.27 59.11 29.02
N ARG F 236 32.93 59.22 29.05
CA ARG F 236 32.17 59.79 27.94
C ARG F 236 31.82 61.25 28.20
N ASP F 237 31.21 61.54 29.35
CA ASP F 237 30.70 62.89 29.59
C ASP F 237 31.82 63.86 29.95
N GLN F 238 32.54 63.60 31.04
CA GLN F 238 33.49 64.55 31.59
C GLN F 238 34.87 64.46 30.96
N GLU F 239 35.03 63.68 29.90
CA GLU F 239 36.31 63.65 29.19
C GLU F 239 36.12 63.75 27.69
N GLY F 240 34.97 63.29 27.18
CA GLY F 240 34.72 63.32 25.76
C GLY F 240 35.60 62.36 24.97
N GLN F 241 35.39 61.07 25.16
CA GLN F 241 36.19 60.05 24.48
C GLN F 241 35.27 58.95 23.97
N ASP F 242 35.81 58.09 23.12
CA ASP F 242 35.08 56.95 22.57
C ASP F 242 35.47 55.72 23.37
N VAL F 243 34.50 55.14 24.07
CA VAL F 243 34.74 54.06 24.99
C VAL F 243 34.20 52.76 24.39
N LEU F 244 34.56 51.64 25.03
CA LEU F 244 33.95 50.35 24.79
C LEU F 244 33.42 49.83 26.11
N LEU F 245 32.35 49.03 26.05
CA LEU F 245 31.68 48.57 27.27
C LEU F 245 31.25 47.11 27.07
N PHE F 246 32.09 46.18 27.49
CA PHE F 246 31.78 44.77 27.40
C PHE F 246 31.13 44.32 28.70
N ILE F 247 29.89 43.83 28.61
CA ILE F 247 29.17 43.29 29.76
C ILE F 247 28.91 41.81 29.48
N ASP F 248 29.17 40.97 30.47
CA ASP F 248 28.99 39.53 30.34
C ASP F 248 28.93 38.95 31.74
N ASN F 249 27.78 38.40 32.15
CA ASN F 249 26.60 38.17 31.34
C ASN F 249 25.46 39.02 31.86
N ILE F 250 24.59 39.53 30.98
CA ILE F 250 23.57 40.48 31.40
C ILE F 250 22.26 39.79 31.83
N PHE F 251 22.13 38.49 31.60
CA PHE F 251 20.95 37.77 32.09
C PHE F 251 20.98 37.65 33.61
N ARG F 252 22.17 37.61 34.21
CA ARG F 252 22.28 37.49 35.66
C ARG F 252 21.79 38.73 36.39
N PHE F 253 21.73 39.87 35.71
CA PHE F 253 21.07 41.03 36.30
C PHE F 253 19.57 40.82 36.40
N THR F 254 18.98 40.11 35.44
CA THR F 254 17.55 39.85 35.42
C THR F 254 17.17 38.69 36.33
N GLN F 255 18.01 37.64 36.38
CA GLN F 255 17.75 36.49 37.22
C GLN F 255 17.81 36.85 38.70
N ALA F 256 18.80 37.65 39.09
CA ALA F 256 19.00 38.02 40.49
C ALA F 256 18.04 39.08 40.98
N GLY F 257 17.12 39.54 40.14
CA GLY F 257 16.07 40.42 40.62
C GLY F 257 14.84 39.62 40.97
N SER F 258 14.71 38.42 40.38
CA SER F 258 13.60 37.54 40.70
C SER F 258 13.84 36.74 41.97
N GLU F 259 15.10 36.53 42.35
CA GLU F 259 15.40 35.85 43.61
C GLU F 259 15.00 36.71 44.80
N VAL F 260 15.13 38.03 44.67
CA VAL F 260 14.82 38.93 45.77
C VAL F 260 13.41 39.50 45.69
N SER F 261 12.71 39.30 44.57
CA SER F 261 11.37 39.87 44.44
C SER F 261 10.32 39.06 45.17
N ALA F 262 10.61 37.79 45.48
CA ALA F 262 9.69 37.00 46.28
C ALA F 262 9.73 37.42 47.74
N LEU F 263 10.92 37.82 48.23
CA LEU F 263 11.07 38.17 49.63
C LEU F 263 10.52 39.56 49.92
N LEU F 264 10.38 40.40 48.91
CA LEU F 264 9.83 41.74 49.07
C LEU F 264 8.31 41.75 49.12
N GLY F 265 7.65 40.61 48.96
CA GLY F 265 6.21 40.54 49.05
C GLY F 265 5.47 41.01 47.82
N ARG F 266 5.65 40.34 46.69
CA ARG F 266 5.00 40.71 45.44
C ARG F 266 4.21 39.54 44.87
N ILE F 267 3.25 39.84 44.02
CA ILE F 267 2.58 38.80 43.24
C ILE F 267 3.41 38.53 42.00
N PRO F 268 3.75 37.27 41.70
CA PRO F 268 4.63 37.02 40.56
C PRO F 268 3.86 36.89 39.26
N SER F 269 4.49 37.39 38.20
CA SER F 269 3.94 37.43 36.85
C SER F 269 4.09 36.08 36.18
N ALA F 270 4.21 36.07 34.84
CA ALA F 270 4.49 34.87 34.04
C ALA F 270 5.83 34.26 34.41
N VAL F 271 6.33 33.26 33.66
CA VAL F 271 6.93 31.98 34.09
C VAL F 271 7.66 31.91 35.46
N GLY F 272 7.84 33.02 36.16
CA GLY F 272 8.33 33.01 37.52
C GLY F 272 9.07 34.26 37.88
N TYR F 273 9.15 35.19 36.93
CA TYR F 273 9.90 36.41 37.11
C TYR F 273 9.15 37.42 37.95
N GLN F 274 9.80 38.55 38.19
CA GLN F 274 9.21 39.64 38.93
C GLN F 274 8.13 40.32 38.09
N PRO F 275 7.19 41.03 38.73
CA PRO F 275 6.23 41.80 37.92
C PRO F 275 6.87 42.98 37.22
N THR F 276 7.76 43.70 37.89
CA THR F 276 8.48 44.81 37.27
C THR F 276 9.72 44.28 36.56
N LEU F 277 9.48 43.59 35.46
CA LEU F 277 10.56 42.98 34.70
C LEU F 277 11.07 43.89 33.60
N ALA F 278 10.16 44.52 32.85
CA ALA F 278 10.53 45.37 31.73
C ALA F 278 10.53 46.85 32.08
N THR F 279 10.20 47.19 33.32
CA THR F 279 10.29 48.57 33.77
C THR F 279 11.71 48.91 34.22
N ASP F 280 12.38 47.96 34.86
CA ASP F 280 13.71 48.21 35.41
C ASP F 280 14.83 47.74 34.50
N MET F 281 14.52 47.02 33.42
CA MET F 281 15.52 46.83 32.38
C MET F 281 15.63 48.04 31.47
N GLY F 282 14.51 48.68 31.14
CA GLY F 282 14.55 49.89 30.35
C GLY F 282 15.14 51.06 31.11
N THR F 283 15.04 51.04 32.43
CA THR F 283 15.70 52.07 33.24
C THR F 283 17.21 51.88 33.26
N MET F 284 17.67 50.63 33.20
CA MET F 284 19.10 50.38 33.11
C MET F 284 19.62 50.57 31.70
N GLN F 285 18.90 50.05 30.70
CA GLN F 285 19.46 49.98 29.37
C GLN F 285 19.43 51.30 28.62
N GLU F 286 18.62 52.27 29.06
CA GLU F 286 18.63 53.58 28.45
C GLU F 286 19.62 54.53 29.12
N ARG F 287 20.62 53.99 29.82
CA ARG F 287 21.79 54.76 30.21
C ARG F 287 23.03 54.36 29.42
N ILE F 288 22.91 53.41 28.50
CA ILE F 288 24.04 53.04 27.64
C ILE F 288 23.69 53.56 26.25
N THR F 289 24.02 54.82 26.00
CA THR F 289 23.68 55.46 24.74
C THR F 289 24.85 56.27 24.23
N THR F 290 24.85 56.52 22.93
CA THR F 290 25.75 57.46 22.31
C THR F 290 25.07 58.82 22.28
N THR F 291 25.55 59.74 23.10
CA THR F 291 24.95 61.05 23.22
C THR F 291 25.75 62.05 22.41
N LYS F 292 25.46 63.34 22.61
CA LYS F 292 26.10 64.42 21.88
C LYS F 292 27.46 64.82 22.45
N LYS F 293 28.08 63.96 23.28
CA LYS F 293 29.39 64.26 23.86
C LYS F 293 30.38 63.14 23.56
N GLY F 294 29.91 61.89 23.53
CA GLY F 294 30.81 60.78 23.32
C GLY F 294 30.05 59.55 22.84
N SER F 295 30.79 58.49 22.58
CA SER F 295 30.24 57.28 22.00
C SER F 295 30.52 56.09 22.90
N ILE F 296 29.46 55.45 23.39
CA ILE F 296 29.55 54.19 24.12
C ILE F 296 29.16 53.08 23.16
N THR F 297 30.05 52.11 22.98
CA THR F 297 29.84 51.00 22.07
C THR F 297 29.72 49.73 22.90
N SER F 298 28.49 49.37 23.28
CA SER F 298 28.28 48.26 24.20
C SER F 298 28.14 46.95 23.45
N VAL F 299 28.91 45.96 23.86
CA VAL F 299 28.87 44.62 23.30
C VAL F 299 28.46 43.67 24.42
N GLN F 300 27.17 43.37 24.50
CA GLN F 300 26.63 42.55 25.56
C GLN F 300 26.64 41.09 25.16
N ALA F 301 26.32 40.22 26.11
CA ALA F 301 26.31 38.77 25.91
C ALA F 301 25.15 38.23 26.75
N ILE F 302 24.12 37.75 26.08
CA ILE F 302 22.88 37.41 26.75
C ILE F 302 22.68 35.89 26.72
N TYR F 303 22.14 35.36 27.81
CA TYR F 303 21.94 33.93 27.99
C TYR F 303 20.49 33.57 27.75
N VAL F 304 20.27 32.47 27.03
CA VAL F 304 18.94 31.97 26.71
C VAL F 304 18.71 30.72 27.54
N PRO F 305 17.76 30.72 28.47
CA PRO F 305 17.61 29.56 29.37
C PRO F 305 16.76 28.47 28.75
N ALA F 306 17.29 27.24 28.81
CA ALA F 306 16.67 26.03 28.23
C ALA F 306 16.39 26.15 26.74
N ASP F 307 17.23 26.95 26.05
CA ASP F 307 17.19 27.15 24.60
C ASP F 307 15.84 27.63 24.10
N ASP F 308 15.18 28.47 24.89
CA ASP F 308 13.83 28.96 24.60
C ASP F 308 13.90 30.46 24.36
N LEU F 309 13.77 30.88 23.10
CA LEU F 309 13.79 32.29 22.77
C LEU F 309 12.45 32.99 23.00
N THR F 310 11.45 32.31 23.57
CA THR F 310 10.18 32.92 23.92
C THR F 310 10.06 33.18 25.41
N ASP F 311 11.11 32.89 26.17
CA ASP F 311 11.15 33.18 27.59
C ASP F 311 11.18 34.70 27.77
N PRO F 312 10.42 35.26 28.73
CA PRO F 312 10.37 36.73 28.89
C PRO F 312 11.69 37.42 29.16
N ALA F 313 12.71 36.74 29.65
CA ALA F 313 13.94 37.46 29.89
C ALA F 313 14.80 37.66 28.62
N PRO F 314 14.99 36.69 27.72
CA PRO F 314 15.64 37.05 26.44
C PRO F 314 14.69 37.49 25.35
N ALA F 315 13.44 37.84 25.65
CA ALA F 315 12.51 38.34 24.64
C ALA F 315 12.00 39.73 24.98
N THR F 316 12.53 40.35 26.03
CA THR F 316 12.29 41.76 26.29
C THR F 316 13.54 42.59 26.09
N THR F 317 14.68 41.95 25.87
CA THR F 317 15.90 42.64 25.50
C THR F 317 16.09 42.75 24.00
N PHE F 318 15.11 42.33 23.20
CA PHE F 318 15.20 42.46 21.75
C PHE F 318 14.83 43.85 21.28
N ALA F 319 14.13 44.61 22.11
CA ALA F 319 13.73 45.97 21.76
C ALA F 319 14.78 47.00 22.12
N HIS F 320 15.96 46.57 22.58
CA HIS F 320 16.99 47.49 23.04
C HIS F 320 18.28 47.38 22.24
N LEU F 321 18.27 46.70 21.10
CA LEU F 321 19.50 46.39 20.39
C LEU F 321 19.46 46.94 18.98
N ASP F 322 20.66 47.14 18.41
CA ASP F 322 20.80 47.47 17.01
C ASP F 322 21.17 46.25 16.18
N ALA F 323 22.27 45.58 16.53
CA ALA F 323 22.59 44.31 15.90
C ALA F 323 22.09 43.17 16.79
N THR F 324 22.21 41.95 16.27
CA THR F 324 21.73 40.75 16.96
C THR F 324 22.43 39.56 16.34
N THR F 325 23.04 38.72 17.17
CA THR F 325 23.72 37.51 16.71
C THR F 325 23.20 36.33 17.52
N VAL F 326 22.22 35.61 16.97
CA VAL F 326 21.59 34.49 17.66
C VAL F 326 22.42 33.25 17.37
N LEU F 327 23.09 32.73 18.40
CA LEU F 327 23.80 31.48 18.30
C LEU F 327 22.84 30.32 18.52
N SER F 328 23.18 29.16 17.97
CA SER F 328 22.33 27.98 18.12
C SER F 328 23.21 26.75 18.31
N ARG F 329 22.63 25.73 18.94
CA ARG F 329 23.39 24.51 19.22
C ARG F 329 23.32 23.52 18.06
N ALA F 330 22.22 23.52 17.31
CA ALA F 330 22.04 22.56 16.23
C ALA F 330 23.00 22.80 15.08
N ILE F 331 23.50 24.03 14.94
CA ILE F 331 24.59 24.28 14.01
C ILE F 331 25.92 23.87 14.64
N ALA F 332 26.05 24.01 15.96
CA ALA F 332 27.29 23.67 16.64
C ALA F 332 27.52 22.17 16.75
N GLU F 333 26.48 21.36 16.59
CA GLU F 333 26.69 19.91 16.57
C GLU F 333 27.38 19.46 15.30
N LEU F 334 27.12 20.14 14.18
CA LEU F 334 27.72 19.74 12.92
C LEU F 334 29.19 20.15 12.82
N GLY F 335 29.67 21.00 13.72
CA GLY F 335 31.04 21.46 13.67
C GLY F 335 31.25 22.77 12.94
N ILE F 336 30.26 23.64 12.92
CA ILE F 336 30.37 24.93 12.25
C ILE F 336 30.54 26.01 13.31
N TYR F 337 31.77 26.48 13.49
CA TYR F 337 32.09 27.45 14.51
C TYR F 337 32.57 28.75 13.88
N PRO F 338 32.00 29.91 14.22
CA PRO F 338 30.92 30.17 15.19
C PRO F 338 29.54 29.77 14.69
N ALA F 339 28.75 29.17 15.59
CA ALA F 339 27.46 28.62 15.22
C ALA F 339 26.41 29.74 15.22
N VAL F 340 26.54 30.63 14.25
CA VAL F 340 25.64 31.76 14.11
C VAL F 340 24.50 31.35 13.18
N ASP F 341 23.27 31.56 13.62
CA ASP F 341 22.11 31.36 12.78
C ASP F 341 22.09 32.42 11.69
N PRO F 342 22.16 32.05 10.41
CA PRO F 342 22.16 33.09 9.37
C PRO F 342 20.80 33.73 9.16
N LEU F 343 19.72 32.98 9.37
CA LEU F 343 18.39 33.49 9.05
C LEU F 343 17.74 34.16 10.25
N ASP F 344 18.43 34.22 11.38
CA ASP F 344 17.88 34.85 12.57
C ASP F 344 18.68 36.07 13.00
N SER F 345 19.89 36.23 12.47
CA SER F 345 20.72 37.40 12.75
C SER F 345 20.17 38.59 11.99
N THR F 346 19.88 39.68 12.70
CA THR F 346 19.36 40.89 12.10
C THR F 346 20.37 42.01 12.29
N SER F 347 20.11 43.15 11.64
CA SER F 347 20.92 44.36 11.80
C SER F 347 20.08 45.57 11.44
N ARG F 348 20.48 46.73 11.95
CA ARG F 348 19.72 47.95 11.68
C ARG F 348 20.34 48.72 10.52
N ILE F 349 21.66 48.66 10.36
CA ILE F 349 22.32 49.44 9.31
C ILE F 349 22.27 48.72 7.98
N MET F 350 21.68 47.52 7.95
CA MET F 350 21.49 46.85 6.67
C MET F 350 20.42 47.58 5.86
N ASP F 351 20.89 48.38 4.90
CA ASP F 351 20.12 49.33 4.15
C ASP F 351 21.00 49.55 2.94
N PRO F 352 20.43 49.68 1.73
CA PRO F 352 21.27 49.86 0.54
C PRO F 352 21.98 51.20 0.47
N ASN F 353 21.60 52.18 1.28
CA ASN F 353 22.28 53.47 1.25
C ASN F 353 23.61 53.44 1.99
N ILE F 354 23.64 52.85 3.18
CA ILE F 354 24.76 53.01 4.10
C ILE F 354 25.88 52.02 3.79
N VAL F 355 25.54 50.76 3.55
CA VAL F 355 26.56 49.74 3.29
C VAL F 355 26.82 49.57 1.81
N GLY F 356 26.00 50.16 0.95
CA GLY F 356 26.21 50.15 -0.48
C GLY F 356 25.15 49.34 -1.20
N SER F 357 25.26 49.32 -2.52
CA SER F 357 24.36 48.57 -3.37
C SER F 357 24.97 47.27 -3.86
N GLU F 358 26.25 47.05 -3.61
CA GLU F 358 26.90 45.79 -3.94
C GLU F 358 27.02 44.87 -2.73
N HIS F 359 27.25 45.44 -1.54
CA HIS F 359 27.20 44.66 -0.31
C HIS F 359 25.79 44.18 -0.04
N TYR F 360 24.79 45.01 -0.34
CA TYR F 360 23.41 44.66 -0.01
C TYR F 360 22.84 43.59 -0.94
N ASP F 361 23.40 43.45 -2.13
CA ASP F 361 22.84 42.50 -3.09
C ASP F 361 23.44 41.10 -2.95
N VAL F 362 24.69 40.98 -2.54
CA VAL F 362 25.27 39.67 -2.29
C VAL F 362 24.77 39.11 -0.96
N ALA F 363 24.52 40.00 0.01
CA ALA F 363 24.05 39.55 1.33
C ALA F 363 22.61 39.08 1.29
N ARG F 364 21.82 39.52 0.32
CA ARG F 364 20.46 39.03 0.18
C ARG F 364 20.36 37.80 -0.70
N GLY F 365 21.36 37.54 -1.53
CA GLY F 365 21.38 36.29 -2.27
C GLY F 365 21.77 35.12 -1.40
N VAL F 366 22.51 35.37 -0.32
CA VAL F 366 22.89 34.29 0.59
C VAL F 366 21.71 33.86 1.44
N GLN F 367 20.91 34.82 1.90
CA GLN F 367 19.70 34.48 2.65
C GLN F 367 18.59 33.92 1.79
N LYS F 368 18.71 33.96 0.46
CA LYS F 368 17.73 33.35 -0.42
C LYS F 368 18.03 31.90 -0.72
N ILE F 369 19.29 31.54 -0.91
CA ILE F 369 19.61 30.15 -1.19
C ILE F 369 19.65 29.31 0.08
N LEU F 370 19.69 29.94 1.25
CA LEU F 370 19.69 29.19 2.50
C LEU F 370 18.28 29.01 3.05
N GLN F 371 17.31 29.77 2.52
CA GLN F 371 15.93 29.59 2.93
C GLN F 371 15.23 28.54 2.09
N ASP F 372 15.57 28.46 0.80
CA ASP F 372 15.01 27.43 -0.06
C ASP F 372 15.54 26.04 0.28
N TYR F 373 16.78 25.95 0.76
CA TYR F 373 17.29 24.69 1.29
C TYR F 373 16.56 24.29 2.56
N LYS F 374 16.12 25.26 3.35
CA LYS F 374 15.41 24.96 4.58
C LYS F 374 13.99 24.47 4.34
N SER F 375 13.43 24.72 3.17
CA SER F 375 12.09 24.24 2.86
C SER F 375 12.09 22.87 2.18
N LEU F 376 13.26 22.31 1.89
CA LEU F 376 13.36 20.98 1.30
C LEU F 376 13.86 19.93 2.28
N GLN F 377 14.11 20.29 3.54
CA GLN F 377 14.63 19.33 4.49
C GLN F 377 13.56 18.36 4.98
N ASP F 378 12.28 18.67 4.74
CA ASP F 378 11.22 17.74 5.13
C ASP F 378 11.03 16.64 4.09
N ILE F 379 11.61 16.79 2.91
CA ILE F 379 11.44 15.84 1.82
C ILE F 379 12.71 15.00 1.61
N ILE F 380 13.87 15.64 1.71
CA ILE F 380 15.16 14.94 1.62
C ILE F 380 15.31 13.93 2.75
N ALA F 381 14.74 14.23 3.93
CA ALA F 381 14.82 13.30 5.04
C ALA F 381 13.93 12.07 4.85
N ILE F 382 12.87 12.16 4.05
CA ILE F 382 12.00 11.00 3.84
C ILE F 382 12.33 10.31 2.53
N LEU F 383 12.18 11.03 1.41
CA LEU F 383 12.31 10.43 0.09
C LEU F 383 13.74 10.48 -0.45
N GLY F 384 14.69 10.95 0.35
CA GLY F 384 16.07 10.95 -0.11
C GLY F 384 16.37 12.04 -1.13
N MET F 385 17.58 11.95 -1.68
CA MET F 385 18.09 12.94 -2.63
C MET F 385 17.62 12.71 -4.07
N ASP F 386 17.32 11.47 -4.44
CA ASP F 386 17.01 11.12 -5.82
C ASP F 386 15.58 11.43 -6.22
N GLU F 387 14.83 12.20 -5.44
CA GLU F 387 13.47 12.56 -5.77
C GLU F 387 13.31 14.04 -6.07
N LEU F 388 14.39 14.80 -6.09
CA LEU F 388 14.31 16.22 -6.38
C LEU F 388 14.35 16.46 -7.89
N SER F 389 14.36 17.73 -8.26
CA SER F 389 14.51 18.09 -9.66
C SER F 389 15.98 18.05 -10.07
N GLU F 390 16.28 18.60 -11.24
CA GLU F 390 17.67 18.76 -11.62
C GLU F 390 18.18 20.15 -11.26
N GLU F 391 17.31 21.16 -11.29
CA GLU F 391 17.70 22.48 -10.84
C GLU F 391 17.68 22.60 -9.33
N ASP F 392 17.03 21.68 -8.63
CA ASP F 392 17.01 21.67 -7.18
C ASP F 392 18.02 20.70 -6.59
N LYS F 393 18.82 20.04 -7.43
CA LYS F 393 20.07 19.45 -6.99
C LYS F 393 21.22 20.42 -7.13
N LEU F 394 20.92 21.70 -7.35
CA LEU F 394 21.91 22.76 -7.39
C LEU F 394 21.73 23.79 -6.28
N THR F 395 20.49 23.98 -5.80
CA THR F 395 20.31 24.76 -4.57
C THR F 395 20.86 24.02 -3.37
N VAL F 396 20.66 22.71 -3.31
CA VAL F 396 21.23 21.90 -2.24
C VAL F 396 22.75 21.85 -2.36
N SER F 397 23.26 21.64 -3.57
CA SER F 397 24.71 21.48 -3.76
C SER F 397 25.47 22.79 -3.62
N ARG F 398 24.78 23.93 -3.57
CA ARG F 398 25.44 25.20 -3.33
C ARG F 398 25.23 25.73 -1.93
N ALA F 399 24.10 25.42 -1.29
CA ALA F 399 23.89 25.87 0.08
C ALA F 399 24.71 25.05 1.06
N ARG F 400 25.15 23.86 0.67
CA ARG F 400 26.01 23.06 1.52
C ARG F 400 27.48 23.44 1.41
N LYS F 401 27.81 24.50 0.66
CA LYS F 401 29.14 25.07 0.72
C LYS F 401 29.14 26.47 1.31
N ILE F 402 28.03 27.20 1.21
CA ILE F 402 27.92 28.49 1.89
C ILE F 402 27.79 28.29 3.39
N GLN F 403 27.10 27.23 3.81
CA GLN F 403 27.06 26.85 5.23
C GLN F 403 28.45 26.54 5.78
N ARG F 404 29.27 25.82 5.02
CA ARG F 404 30.61 25.53 5.48
C ARG F 404 31.56 26.71 5.27
N PHE F 405 31.18 27.69 4.46
CA PHE F 405 32.03 28.86 4.30
C PHE F 405 31.71 29.92 5.34
N LEU F 406 30.66 29.72 6.14
CA LEU F 406 30.43 30.57 7.30
C LEU F 406 31.12 30.02 8.54
N SER F 407 32.04 29.07 8.35
CA SER F 407 32.91 28.67 9.45
C SER F 407 34.26 29.35 9.33
N GLN F 408 34.88 29.65 10.47
CA GLN F 408 36.13 30.38 10.49
C GLN F 408 36.92 29.95 11.71
N PRO F 409 38.22 29.74 11.58
CA PRO F 409 39.04 29.44 12.77
C PRO F 409 39.39 30.69 13.55
N PHE F 410 38.96 30.74 14.82
CA PHE F 410 39.15 31.93 15.62
C PHE F 410 40.58 32.04 16.13
N GLN F 411 40.89 33.19 16.74
CA GLN F 411 42.24 33.44 17.22
C GLN F 411 42.42 32.97 18.65
N VAL F 412 41.35 33.03 19.45
CA VAL F 412 41.45 32.64 20.85
C VAL F 412 41.30 31.13 20.99
N ALA F 413 40.81 30.47 19.95
CA ALA F 413 40.66 29.02 19.95
C ALA F 413 41.84 28.31 19.32
N GLU F 414 43.05 28.88 19.43
CA GLU F 414 44.24 28.18 18.98
C GLU F 414 44.57 27.00 19.89
N VAL F 415 44.18 27.09 21.16
CA VAL F 415 44.53 26.06 22.12
C VAL F 415 43.47 24.95 22.13
N PHE F 416 42.45 25.08 21.30
CA PHE F 416 41.48 24.00 21.16
C PHE F 416 41.93 22.99 20.12
N THR F 417 42.11 23.45 18.87
CA THR F 417 42.40 22.55 17.76
C THR F 417 43.82 22.67 17.23
N GLY F 418 44.54 23.75 17.56
CA GLY F 418 45.90 23.90 17.04
C GLY F 418 45.97 24.44 15.64
N HIS F 419 44.90 25.09 15.17
CA HIS F 419 44.86 25.74 13.87
C HIS F 419 45.16 27.22 14.04
N LEU F 420 45.63 27.86 12.99
CA LEU F 420 45.99 29.26 13.07
C LEU F 420 44.74 30.15 13.00
N GLY F 421 44.76 31.23 13.76
CA GLY F 421 43.67 32.19 13.70
C GLY F 421 43.76 33.06 12.46
N LYS F 422 42.66 33.14 11.73
CA LYS F 422 42.61 33.84 10.45
C LYS F 422 41.70 35.05 10.56
N LEU F 423 42.07 36.14 9.90
CA LEU F 423 41.28 37.36 9.84
C LEU F 423 41.12 37.75 8.38
N VAL F 424 39.93 38.19 8.00
CA VAL F 424 39.62 38.55 6.62
C VAL F 424 39.24 40.03 6.58
N PRO F 425 39.44 40.71 5.46
CA PRO F 425 38.92 42.08 5.34
C PRO F 425 37.49 42.06 4.82
N LEU F 426 36.82 43.22 4.92
CA LEU F 426 35.42 43.32 4.52
C LEU F 426 35.27 43.27 3.00
N LYS F 427 36.29 43.71 2.27
CA LYS F 427 36.18 43.73 0.81
C LYS F 427 36.41 42.35 0.23
N GLU F 428 36.88 41.39 1.04
CA GLU F 428 37.20 40.07 0.50
C GLU F 428 36.14 39.05 0.93
N THR F 429 35.25 39.43 1.85
CA THR F 429 34.10 38.57 2.15
C THR F 429 32.91 38.96 1.29
N ILE F 430 33.09 39.92 0.38
CA ILE F 430 32.10 40.13 -0.66
C ILE F 430 32.47 39.32 -1.90
N LYS F 431 33.77 39.20 -2.15
CA LYS F 431 34.23 38.45 -3.32
C LYS F 431 34.08 36.95 -3.13
N GLY F 432 34.11 36.48 -1.89
CA GLY F 432 33.95 35.05 -1.64
C GLY F 432 32.55 34.54 -1.84
N PHE F 433 31.55 35.39 -1.67
CA PHE F 433 30.16 34.97 -1.84
C PHE F 433 29.59 35.36 -3.19
N GLN F 434 30.41 35.88 -4.09
CA GLN F 434 30.02 36.04 -5.48
C GLN F 434 30.50 34.87 -6.33
N GLN F 435 31.71 34.39 -6.08
CA GLN F 435 32.26 33.24 -6.79
C GLN F 435 31.72 31.90 -6.29
N ILE F 436 30.70 31.92 -5.43
CA ILE F 436 29.95 30.71 -5.07
C ILE F 436 28.52 30.80 -5.57
N LEU F 437 27.89 31.97 -5.42
CA LEU F 437 26.53 32.18 -5.90
C LEU F 437 26.45 32.21 -7.42
N ALA F 438 27.56 32.50 -8.11
CA ALA F 438 27.54 32.50 -9.57
C ALA F 438 27.72 31.09 -10.12
N GLY F 439 28.60 30.31 -9.53
CA GLY F 439 28.84 28.97 -9.99
C GLY F 439 30.26 28.76 -10.48
N GLU F 440 31.19 29.58 -9.97
CA GLU F 440 32.58 29.44 -10.37
C GLU F 440 33.25 28.23 -9.75
N TYR F 441 32.74 27.73 -8.63
CA TYR F 441 33.44 26.68 -7.89
C TYR F 441 32.57 25.44 -7.77
N ASP F 442 31.97 25.01 -8.89
CA ASP F 442 31.14 23.81 -8.92
C ASP F 442 31.92 22.56 -9.27
N HIS F 443 33.22 22.55 -9.01
CA HIS F 443 34.06 21.38 -9.26
C HIS F 443 34.91 21.06 -8.03
N LEU F 444 34.45 21.48 -6.86
CA LEU F 444 35.12 21.24 -5.59
C LEU F 444 34.17 20.58 -4.61
N PRO F 445 34.67 19.73 -3.72
CA PRO F 445 33.82 19.15 -2.68
C PRO F 445 33.51 20.16 -1.58
N GLU F 446 32.55 19.79 -0.74
CA GLU F 446 32.12 20.68 0.33
C GLU F 446 33.16 20.79 1.44
N GLN F 447 33.88 19.69 1.71
CA GLN F 447 34.83 19.68 2.82
C GLN F 447 36.09 20.47 2.53
N ALA F 448 36.31 20.88 1.28
CA ALA F 448 37.41 21.79 0.99
C ALA F 448 37.10 23.21 1.42
N PHE F 449 35.83 23.55 1.62
CA PHE F 449 35.41 24.86 2.08
C PHE F 449 35.38 24.97 3.59
N TYR F 450 35.92 24.00 4.31
CA TYR F 450 35.71 23.85 5.74
C TYR F 450 36.86 24.47 6.52
N MET F 451 36.53 25.46 7.36
CA MET F 451 37.46 26.10 8.31
C MET F 451 38.67 26.72 7.61
N VAL F 452 38.41 27.73 6.78
CA VAL F 452 39.46 28.48 6.12
C VAL F 452 39.17 29.97 6.27
N GLY F 453 40.07 30.78 5.72
CA GLY F 453 39.94 32.21 5.78
C GLY F 453 39.25 32.76 4.56
N PRO F 454 39.99 33.41 3.67
CA PRO F 454 39.39 33.91 2.43
C PRO F 454 39.23 32.81 1.38
N ILE F 455 38.79 33.20 0.18
CA ILE F 455 38.41 32.22 -0.85
C ILE F 455 39.63 31.56 -1.50
N GLU F 456 40.83 32.13 -1.35
CA GLU F 456 42.00 31.57 -2.02
C GLU F 456 42.51 30.31 -1.35
N GLU F 457 42.24 30.12 -0.06
CA GLU F 457 42.67 28.89 0.61
C GLU F 457 41.73 27.72 0.35
N ALA F 458 40.55 27.98 -0.20
CA ALA F 458 39.63 26.89 -0.53
C ALA F 458 40.14 26.09 -1.71
N VAL F 459 40.73 26.75 -2.70
CA VAL F 459 41.32 26.05 -3.83
C VAL F 459 42.71 25.53 -3.49
N ALA F 460 43.33 26.05 -2.41
CA ALA F 460 44.59 25.50 -1.95
C ALA F 460 44.39 24.35 -0.98
N LYS F 461 43.15 23.93 -0.74
CA LYS F 461 42.84 22.77 0.06
C LYS F 461 42.29 21.62 -0.75
N ALA F 462 41.61 21.92 -1.86
CA ALA F 462 41.03 20.87 -2.69
C ALA F 462 42.07 20.13 -3.52
N ASP F 463 43.28 20.68 -3.64
CA ASP F 463 44.35 19.96 -4.31
C ASP F 463 44.96 18.89 -3.44
N LYS F 464 44.74 18.95 -2.12
CA LYS F 464 45.27 17.94 -1.22
C LYS F 464 44.50 16.62 -1.37
N LEU F 465 43.17 16.67 -1.28
CA LEU F 465 42.32 15.51 -1.52
C LEU F 465 42.11 15.34 -3.03
N ALA F 466 43.18 14.91 -3.69
CA ALA F 466 43.17 14.72 -5.14
C ALA F 466 43.09 13.23 -5.47
N SER G 1 3.67 4.25 22.29
CA SER G 1 2.55 5.13 22.54
C SER G 1 1.24 4.52 22.04
N SER G 2 1.22 4.19 20.74
CA SER G 2 -0.01 3.78 20.08
C SER G 2 -0.50 2.40 20.48
N ASP G 3 0.32 1.58 21.14
CA ASP G 3 -0.08 0.22 21.48
C ASP G 3 -0.77 0.16 22.84
N THR G 4 -1.74 1.06 23.01
CA THR G 4 -2.61 1.21 24.17
C THR G 4 -3.67 2.24 23.80
N PRO G 5 -4.84 2.23 24.48
CA PRO G 5 -5.82 3.28 24.22
C PRO G 5 -5.37 4.68 24.64
N GLU G 6 -4.40 4.77 25.56
CA GLU G 6 -4.02 6.07 26.13
C GLU G 6 -3.22 6.91 25.14
N GLY G 7 -2.27 6.29 24.44
CA GLY G 7 -1.32 7.05 23.63
C GLY G 7 -1.93 7.62 22.37
N VAL G 8 -1.15 8.50 21.74
CA VAL G 8 -1.62 9.23 20.56
C VAL G 8 -1.62 8.30 19.35
N ARG G 9 -2.72 8.33 18.59
CA ARG G 9 -2.85 7.57 17.37
C ARG G 9 -3.32 8.50 16.25
N SER G 10 -2.88 8.21 15.04
CA SER G 10 -3.14 9.06 13.90
C SER G 10 -4.36 8.58 13.13
N GLY G 11 -5.15 9.53 12.65
CA GLY G 11 -6.35 9.25 11.89
C GLY G 11 -6.15 9.43 10.40
N ALA G 12 -7.27 9.43 9.69
CA ALA G 12 -7.27 9.58 8.25
C ALA G 12 -7.41 11.05 7.88
N GLY G 13 -6.50 11.54 7.04
CA GLY G 13 -6.54 12.92 6.63
C GLY G 13 -5.65 13.78 7.50
N ALA G 14 -4.45 13.31 7.78
CA ALA G 14 -3.53 13.99 8.68
C ALA G 14 -2.32 14.57 7.96
N VAL G 15 -2.14 14.27 6.68
CA VAL G 15 -1.07 14.91 5.92
C VAL G 15 -1.48 16.30 5.44
N ARG G 16 -2.75 16.50 5.10
CA ARG G 16 -3.22 17.80 4.67
C ARG G 16 -3.47 18.77 5.81
N ASP G 17 -3.88 18.27 6.98
CA ASP G 17 -4.12 19.15 8.12
C ASP G 17 -2.82 19.66 8.73
N ALA G 18 -1.71 18.95 8.53
CA ALA G 18 -0.42 19.44 9.01
C ALA G 18 0.01 20.68 8.25
N GLY G 19 -0.13 20.65 6.92
CA GLY G 19 0.24 21.79 6.11
C GLY G 19 1.74 22.04 6.02
N GLY G 20 2.51 21.03 5.62
CA GLY G 20 3.94 21.14 5.55
C GLY G 20 4.45 21.08 4.12
N ALA G 21 5.43 20.20 3.93
CA ALA G 21 5.96 19.99 2.59
C ALA G 21 5.12 18.97 1.81
N PHE G 22 4.76 17.86 2.47
CA PHE G 22 3.94 16.86 1.79
C PHE G 22 2.49 17.32 1.69
N GLY G 23 2.07 18.25 2.55
CA GLY G 23 0.72 18.77 2.45
C GLY G 23 0.56 19.79 1.34
N LYS G 24 1.67 20.41 0.92
CA LYS G 24 1.62 21.32 -0.22
C LYS G 24 1.94 20.61 -1.52
N LYS G 25 2.70 19.52 -1.44
CA LYS G 25 3.02 18.72 -2.63
C LYS G 25 1.80 17.94 -3.10
N GLU G 26 0.81 17.75 -2.23
CA GLU G 26 -0.37 17.01 -2.60
C GLU G 26 -1.42 17.91 -3.25
N GLN G 27 -1.46 19.18 -2.86
CA GLN G 27 -2.48 20.07 -3.41
C GLN G 27 -2.11 20.54 -4.81
N ALA G 28 -0.81 20.67 -5.09
CA ALA G 28 -0.39 21.13 -6.41
C ALA G 28 -0.25 19.95 -7.38
N ASP G 29 -0.51 18.73 -6.92
CA ASP G 29 -0.51 17.60 -7.83
C ASP G 29 -1.92 17.18 -8.19
N GLU G 30 -2.89 17.49 -7.33
CA GLU G 30 -4.29 17.29 -7.69
C GLU G 30 -4.78 18.38 -8.64
N GLU G 31 -4.05 19.50 -8.70
CA GLU G 31 -4.50 20.60 -9.55
C GLU G 31 -3.81 20.57 -10.90
N ARG G 32 -2.53 20.18 -10.93
CA ARG G 32 -1.82 20.12 -12.21
C ARG G 32 -2.20 18.89 -13.01
N TYR G 33 -2.91 17.93 -12.38
CA TYR G 33 -3.41 16.79 -13.13
C TYR G 33 -4.84 17.04 -13.60
N PHE G 34 -5.68 17.66 -12.77
CA PHE G 34 -7.05 17.92 -13.17
C PHE G 34 -7.18 19.26 -13.90
N ARG G 35 -6.06 19.85 -14.28
CA ARG G 35 -6.09 20.97 -15.22
C ARG G 35 -6.09 20.46 -16.65
N ALA G 36 -5.39 19.36 -16.90
CA ALA G 36 -5.38 18.77 -18.24
C ALA G 36 -6.70 18.08 -18.55
N ARG G 37 -7.44 17.66 -17.50
CA ARG G 37 -8.72 17.03 -17.75
C ARG G 37 -9.82 18.07 -17.93
N ALA G 38 -9.51 19.34 -17.69
CA ALA G 38 -10.41 20.40 -18.11
C ALA G 38 -10.08 20.87 -19.51
N ARG G 39 -9.02 20.29 -20.09
CA ARG G 39 -8.69 20.56 -21.49
C ARG G 39 -9.33 19.52 -22.41
N GLU G 40 -9.15 18.24 -22.08
CA GLU G 40 -9.64 17.18 -22.96
C GLU G 40 -11.15 17.04 -22.89
N GLN G 41 -11.75 17.44 -21.78
CA GLN G 41 -13.20 17.35 -21.67
C GLN G 41 -13.87 18.60 -22.22
N LEU G 42 -13.10 19.66 -22.44
CA LEU G 42 -13.67 20.86 -23.03
C LEU G 42 -13.42 20.93 -24.52
N ALA G 43 -12.32 20.33 -24.99
CA ALA G 43 -12.05 20.30 -26.42
C ALA G 43 -13.00 19.33 -27.12
N ALA G 44 -13.35 18.23 -26.46
CA ALA G 44 -14.27 17.27 -27.05
C ALA G 44 -15.72 17.69 -26.83
N LEU G 45 -15.94 18.73 -26.04
CA LEU G 45 -17.29 19.22 -25.83
C LEU G 45 -17.69 20.20 -26.94
N LYS G 46 -16.69 20.66 -27.70
CA LYS G 46 -16.95 21.50 -28.86
C LYS G 46 -17.33 20.68 -30.08
N LYS G 47 -17.28 19.34 -29.98
CA LYS G 47 -17.59 18.48 -31.11
C LYS G 47 -19.07 18.13 -31.17
N HIS G 48 -19.95 19.01 -30.69
CA HIS G 48 -21.37 18.84 -30.91
C HIS G 48 -21.75 19.38 -32.30
N HIS G 49 -22.40 18.54 -33.09
CA HIS G 49 -22.59 18.84 -34.51
C HIS G 49 -23.64 19.91 -34.73
N GLU G 50 -24.64 19.96 -33.85
CA GLU G 50 -25.72 20.94 -33.92
C GLU G 50 -25.21 22.36 -33.70
N ASN G 51 -24.16 22.50 -32.89
CA ASN G 51 -23.53 23.82 -32.70
C ASN G 51 -22.78 24.24 -33.96
N GLU G 52 -22.22 23.28 -34.68
CA GLU G 52 -21.46 23.59 -35.89
C GLU G 52 -22.37 24.04 -37.01
N ILE G 53 -23.59 23.50 -37.06
CA ILE G 53 -24.57 23.95 -38.05
C ILE G 53 -25.01 25.37 -37.73
N SER G 54 -25.08 25.70 -36.44
CA SER G 54 -25.33 27.07 -36.03
C SER G 54 -24.13 27.97 -36.35
N HIS G 55 -22.93 27.38 -36.37
CA HIS G 55 -21.73 28.11 -36.77
C HIS G 55 -21.66 28.25 -38.29
N ALA H 1 7.78 24.41 19.85
CA ALA H 1 6.51 24.79 19.25
C ALA H 1 5.36 24.65 20.25
N THR H 2 4.14 24.90 19.79
CA THR H 2 2.99 24.78 20.65
C THR H 2 2.55 23.31 20.69
N LEU H 3 1.71 22.96 21.65
CA LEU H 3 1.25 21.58 21.76
C LEU H 3 0.38 21.18 20.57
N LYS H 4 -0.36 22.14 20.00
CA LYS H 4 -1.17 21.83 18.84
C LYS H 4 -0.30 21.65 17.59
N ASP H 5 0.90 22.23 17.60
CA ASP H 5 1.77 22.13 16.44
C ASP H 5 2.55 20.82 16.46
N ILE H 6 2.89 20.35 17.66
CA ILE H 6 3.67 19.11 17.79
C ILE H 6 2.81 17.90 17.44
N THR H 7 1.55 17.89 17.89
CA THR H 7 0.68 16.74 17.66
C THR H 7 0.33 16.56 16.19
N ARG H 8 0.12 17.66 15.47
CA ARG H 8 -0.29 17.55 14.07
C ARG H 8 0.85 17.09 13.19
N ARG H 9 2.08 17.52 13.49
CA ARG H 9 3.22 17.05 12.72
C ARG H 9 3.56 15.61 13.08
N LEU H 10 3.23 15.18 14.30
CA LEU H 10 3.54 13.82 14.70
C LEU H 10 2.62 12.81 14.03
N LYS H 11 1.33 13.16 13.90
CA LYS H 11 0.38 12.25 13.26
C LYS H 11 0.66 12.10 11.77
N SER H 12 1.26 13.12 11.15
CA SER H 12 1.43 13.09 9.69
C SER H 12 2.57 12.17 9.29
N ILE H 13 3.51 11.91 10.20
CA ILE H 13 4.59 11.00 9.88
C ILE H 13 4.27 9.60 10.38
N LYS H 14 3.08 9.42 10.96
CA LYS H 14 2.57 8.08 11.17
C LYS H 14 1.96 7.53 9.89
N ASN H 15 1.23 8.36 9.15
CA ASN H 15 0.60 7.90 7.91
C ASN H 15 1.62 7.68 6.82
N ILE H 16 2.67 8.51 6.77
CA ILE H 16 3.72 8.33 5.78
C ILE H 16 4.53 7.08 6.10
N GLN H 17 4.64 6.74 7.39
CA GLN H 17 5.38 5.54 7.77
C GLN H 17 4.58 4.28 7.50
N LYS H 18 3.26 4.33 7.71
CA LYS H 18 2.44 3.14 7.51
C LYS H 18 2.25 2.82 6.03
N ILE H 19 2.29 3.85 5.19
CA ILE H 19 2.05 3.66 3.76
C ILE H 19 3.30 3.11 3.08
N THR H 20 4.48 3.52 3.53
CA THR H 20 5.71 3.01 2.93
C THR H 20 6.03 1.60 3.44
N LYS H 21 5.38 1.17 4.53
CA LYS H 21 5.45 -0.23 4.90
C LYS H 21 4.53 -1.07 4.01
N SER H 22 3.36 -0.53 3.70
CA SER H 22 2.43 -1.22 2.81
C SER H 22 2.97 -1.27 1.38
N MET H 23 3.73 -0.25 0.98
CA MET H 23 4.28 -0.23 -0.38
C MET H 23 5.64 -0.91 -0.44
N LYS H 24 6.05 -1.55 0.66
CA LYS H 24 7.22 -2.41 0.59
C LYS H 24 6.81 -3.85 0.34
N MET H 25 5.72 -4.29 0.96
CA MET H 25 5.27 -5.67 0.77
C MET H 25 4.58 -5.85 -0.57
N VAL H 26 4.03 -4.78 -1.14
CA VAL H 26 3.42 -4.85 -2.46
C VAL H 26 4.49 -5.01 -3.53
N ALA H 27 5.54 -4.21 -3.47
CA ALA H 27 6.54 -4.23 -4.53
C ALA H 27 7.62 -5.27 -4.26
N ALA H 28 7.45 -6.09 -3.22
CA ALA H 28 8.33 -7.23 -3.03
C ALA H 28 7.68 -8.51 -3.56
N ALA H 29 6.35 -8.55 -3.57
CA ALA H 29 5.66 -9.68 -4.18
C ALA H 29 5.62 -9.53 -5.69
N LYS H 30 5.80 -8.30 -6.19
CA LYS H 30 6.01 -8.09 -7.61
C LYS H 30 7.44 -8.44 -8.01
N TYR H 31 8.34 -8.56 -7.02
CA TYR H 31 9.72 -8.89 -7.34
C TYR H 31 9.92 -10.39 -7.45
N ALA H 32 9.24 -11.16 -6.60
CA ALA H 32 9.40 -12.61 -6.65
C ALA H 32 8.77 -13.20 -7.90
N ARG H 33 7.72 -12.56 -8.42
CA ARG H 33 7.14 -12.99 -9.69
C ARG H 33 8.10 -12.71 -10.84
N ALA H 34 8.79 -11.56 -10.81
CA ALA H 34 9.65 -11.19 -11.92
C ALA H 34 10.99 -11.92 -11.85
N GLU H 35 11.24 -12.64 -10.76
CA GLU H 35 12.45 -13.46 -10.69
C GLU H 35 12.20 -14.86 -11.27
N ARG H 36 10.98 -15.37 -11.10
CA ARG H 36 10.64 -16.66 -11.67
C ARG H 36 10.47 -16.59 -13.18
N ASP H 37 9.92 -15.48 -13.68
CA ASP H 37 9.60 -15.38 -15.10
C ASP H 37 10.81 -14.97 -15.91
N LEU H 38 11.95 -14.75 -15.26
CA LEU H 38 13.14 -14.32 -15.98
C LEU H 38 13.92 -15.51 -16.53
N LYS H 39 13.94 -16.61 -15.79
CA LYS H 39 14.77 -17.76 -16.16
C LYS H 39 14.32 -18.48 -17.43
N PRO H 40 13.02 -18.62 -17.75
CA PRO H 40 12.69 -19.01 -19.12
C PRO H 40 13.02 -17.94 -20.15
N ALA H 41 12.90 -16.67 -19.78
CA ALA H 41 13.19 -15.60 -20.72
C ALA H 41 14.68 -15.25 -20.74
N ARG H 42 15.50 -15.99 -20.00
CA ARG H 42 16.94 -15.74 -20.04
C ARG H 42 17.60 -16.50 -21.16
N VAL H 43 17.35 -17.82 -21.23
CA VAL H 43 17.99 -18.66 -22.24
C VAL H 43 17.43 -18.35 -23.63
N TYR H 44 16.13 -18.07 -23.71
CA TYR H 44 15.53 -17.58 -24.94
C TYR H 44 16.08 -16.21 -25.31
N GLY H 45 16.49 -15.42 -24.32
CA GLY H 45 17.18 -14.18 -24.60
C GLY H 45 18.64 -14.39 -24.93
N ILE H 46 19.27 -15.38 -24.30
CA ILE H 46 20.67 -15.68 -24.58
C ILE H 46 20.82 -16.33 -25.94
N GLY H 47 19.88 -17.22 -26.30
CA GLY H 47 19.99 -17.96 -27.55
C GLY H 47 19.79 -17.10 -28.79
N SER H 48 18.94 -16.07 -28.68
CA SER H 48 18.74 -15.17 -29.81
C SER H 48 19.93 -14.24 -29.99
N LEU H 49 20.69 -14.01 -28.91
CA LEU H 49 21.90 -13.20 -29.02
C LEU H 49 23.07 -14.04 -29.51
N ALA H 50 22.95 -15.37 -29.42
CA ALA H 50 24.12 -16.24 -29.45
C ALA H 50 24.69 -16.40 -30.86
N LEU H 51 23.98 -15.94 -31.89
CA LEU H 51 24.49 -16.04 -33.25
C LEU H 51 25.62 -15.03 -33.48
N TYR H 52 25.52 -13.86 -32.86
CA TYR H 52 26.44 -12.77 -33.19
C TYR H 52 27.79 -12.93 -32.51
N GLU H 53 27.87 -13.70 -31.41
CA GLU H 53 29.17 -13.91 -30.78
C GLU H 53 30.00 -14.92 -31.56
N LYS H 54 29.35 -15.85 -32.28
CA LYS H 54 30.08 -16.82 -33.08
C LYS H 54 30.23 -16.30 -34.51
N ALA H 55 30.65 -15.03 -34.60
CA ALA H 55 30.91 -14.29 -35.83
C ALA H 55 31.60 -12.98 -35.48
N ASP H 56 32.66 -12.61 -36.19
CA ASP H 56 33.32 -11.33 -35.95
C ASP H 56 32.57 -10.24 -36.72
N ILE H 57 31.61 -9.62 -36.04
CA ILE H 57 30.76 -8.58 -36.62
C ILE H 57 31.01 -7.28 -35.87
N LYS H 58 31.20 -6.19 -36.62
CA LYS H 58 31.33 -4.86 -36.09
C LYS H 58 31.00 -3.87 -37.19
N VAL H 59 30.41 -2.74 -36.83
CA VAL H 59 30.08 -1.68 -37.79
C VAL H 59 31.38 -0.95 -38.15
N PRO H 60 31.96 -1.21 -39.35
CA PRO H 60 33.40 -1.02 -39.56
C PRO H 60 33.98 0.39 -39.44
N GLU H 61 33.58 1.33 -40.29
CA GLU H 61 34.25 2.63 -40.32
C GLU H 61 33.32 3.81 -40.04
N ASP H 62 32.21 3.94 -40.77
CA ASP H 62 31.33 5.10 -40.64
C ASP H 62 30.01 4.79 -41.32
N LYS H 63 28.90 5.09 -40.64
CA LYS H 63 27.57 4.94 -41.20
C LYS H 63 26.77 6.20 -40.89
N LYS H 64 25.75 6.46 -41.71
CA LYS H 64 25.22 7.82 -41.80
C LYS H 64 24.15 8.09 -40.75
N LYS H 65 23.42 7.07 -40.31
CA LYS H 65 22.33 7.25 -39.37
C LYS H 65 22.57 6.40 -38.12
N HIS H 66 21.68 6.50 -37.15
CA HIS H 66 21.84 5.82 -35.87
C HIS H 66 20.50 5.71 -35.14
N LEU H 67 20.39 4.74 -34.24
CA LEU H 67 19.30 4.68 -33.27
C LEU H 67 19.83 4.37 -31.88
N ILE H 68 19.35 5.11 -30.89
CA ILE H 68 19.49 4.76 -29.49
C ILE H 68 18.10 4.45 -28.95
N ILE H 69 17.95 3.30 -28.32
CA ILE H 69 16.69 2.90 -27.71
C ILE H 69 16.85 2.95 -26.20
N GLY H 70 16.18 3.92 -25.58
CA GLY H 70 16.23 4.11 -24.14
C GLY H 70 15.11 3.34 -23.47
N VAL H 71 15.49 2.44 -22.56
CA VAL H 71 14.56 1.52 -21.93
C VAL H 71 14.43 1.87 -20.46
N SER H 72 13.22 2.26 -20.05
CA SER H 72 12.91 2.54 -18.66
C SER H 72 11.42 2.28 -18.44
N SER H 73 10.91 2.77 -17.31
CA SER H 73 9.55 2.52 -16.87
C SER H 73 8.71 3.79 -17.01
N ASP H 74 7.46 3.68 -16.56
CA ASP H 74 6.57 4.83 -16.43
C ASP H 74 6.27 5.16 -14.98
N ARG H 75 7.17 4.79 -14.07
CA ARG H 75 6.96 4.92 -12.65
C ARG H 75 8.19 5.54 -12.00
N GLY H 76 7.99 6.15 -10.84
CA GLY H 76 9.07 6.71 -10.06
C GLY H 76 9.41 5.84 -8.87
N LEU H 77 9.88 6.51 -7.80
CA LEU H 77 10.15 5.94 -6.48
C LEU H 77 11.18 4.82 -6.52
N CYS H 78 12.04 4.80 -7.53
CA CYS H 78 12.96 3.70 -7.76
C CYS H 78 14.43 4.10 -7.67
N GLY H 79 14.72 5.26 -7.09
CA GLY H 79 16.11 5.62 -6.85
C GLY H 79 16.77 6.13 -8.11
N ALA H 80 17.95 5.59 -8.40
CA ALA H 80 18.77 6.07 -9.50
C ALA H 80 18.72 5.17 -10.73
N ILE H 81 17.56 4.58 -11.03
CA ILE H 81 17.44 3.74 -12.21
C ILE H 81 17.36 4.60 -13.48
N HIS H 82 16.44 5.58 -13.47
CA HIS H 82 16.22 6.41 -14.65
C HIS H 82 17.36 7.39 -14.86
N SER H 83 18.04 7.78 -13.78
CA SER H 83 19.11 8.76 -13.90
C SER H 83 20.36 8.15 -14.51
N SER H 84 20.54 6.84 -14.36
CA SER H 84 21.74 6.19 -14.88
C SER H 84 21.65 6.02 -16.39
N VAL H 85 20.49 5.62 -16.89
CA VAL H 85 20.34 5.38 -18.33
C VAL H 85 20.21 6.71 -19.07
N ALA H 86 19.75 7.75 -18.38
CA ALA H 86 19.76 9.09 -18.99
C ALA H 86 21.17 9.65 -19.02
N LYS H 87 22.04 9.14 -18.15
CA LYS H 87 23.43 9.56 -18.15
C LYS H 87 24.22 8.85 -19.24
N GLN H 88 23.83 7.62 -19.56
CA GLN H 88 24.57 6.85 -20.56
C GLN H 88 24.16 7.26 -21.97
N ILE H 89 22.92 7.74 -22.15
CA ILE H 89 22.47 8.12 -23.48
C ILE H 89 23.09 9.45 -23.89
N LYS H 90 23.38 10.32 -22.92
CA LYS H 90 23.98 11.61 -23.25
C LYS H 90 25.47 11.47 -23.51
N SER H 91 26.09 10.42 -22.97
CA SER H 91 27.51 10.21 -23.19
C SER H 91 27.78 9.70 -24.60
N GLU H 92 26.88 8.89 -25.14
CA GLU H 92 27.12 8.27 -26.43
C GLU H 92 26.80 9.23 -27.58
N VAL H 93 25.75 10.04 -27.43
CA VAL H 93 25.37 10.98 -28.48
C VAL H 93 26.42 12.08 -28.63
N ALA H 94 27.00 12.52 -27.52
CA ALA H 94 28.03 13.55 -27.58
C ALA H 94 29.35 12.99 -28.12
N ASN H 95 29.50 11.67 -28.12
CA ASN H 95 30.72 11.07 -28.65
C ASN H 95 30.58 10.74 -30.14
N LEU H 96 29.38 10.36 -30.58
CA LEU H 96 29.21 9.98 -31.98
C LEU H 96 29.08 11.20 -32.87
N THR H 97 28.74 12.36 -32.31
CA THR H 97 28.61 13.57 -33.10
C THR H 97 29.97 14.11 -33.53
N ALA H 98 31.05 13.59 -32.92
CA ALA H 98 32.40 13.94 -33.39
C ALA H 98 32.69 13.29 -34.73
N ALA H 99 32.00 12.18 -35.05
CA ALA H 99 32.16 11.52 -36.33
C ALA H 99 31.14 11.98 -37.36
N GLY H 100 30.30 12.96 -37.05
CA GLY H 100 29.39 13.52 -38.03
C GLY H 100 28.16 12.68 -38.33
N LYS H 101 27.83 11.72 -37.48
CA LYS H 101 26.66 10.89 -37.73
C LYS H 101 25.39 11.54 -37.18
N GLU H 102 24.31 11.41 -37.94
CA GLU H 102 23.00 11.89 -37.53
C GLU H 102 22.37 10.83 -36.63
N VAL H 103 21.86 11.25 -35.48
CA VAL H 103 21.35 10.33 -34.47
C VAL H 103 19.88 10.65 -34.20
N LYS H 104 19.07 9.62 -34.18
CA LYS H 104 17.66 9.68 -33.81
C LYS H 104 17.46 8.72 -32.66
N ILE H 105 16.79 9.15 -31.59
CA ILE H 105 16.62 8.32 -30.41
C ILE H 105 15.13 8.05 -30.19
N VAL H 106 14.84 6.98 -29.46
CA VAL H 106 13.47 6.55 -29.18
C VAL H 106 13.41 6.05 -27.74
N GLY H 107 12.40 6.51 -27.00
CA GLY H 107 12.23 6.13 -25.62
C GLY H 107 10.97 5.30 -25.44
N VAL H 108 11.11 4.19 -24.73
CA VAL H 108 9.97 3.28 -24.53
C VAL H 108 9.39 3.51 -23.14
N GLY H 109 9.71 4.63 -22.54
CA GLY H 109 9.12 5.01 -21.26
C GLY H 109 8.74 6.48 -21.21
N ASP H 110 7.89 6.85 -20.25
CA ASP H 110 7.50 8.23 -20.03
C ASP H 110 8.70 9.00 -19.50
N LYS H 111 9.37 8.45 -18.49
CA LYS H 111 10.33 9.23 -17.73
C LYS H 111 11.67 9.38 -18.46
N ILE H 112 11.83 8.67 -19.58
CA ILE H 112 12.92 8.98 -20.49
C ILE H 112 12.58 10.23 -21.31
N ARG H 113 11.34 10.31 -21.79
CA ARG H 113 10.91 11.44 -22.59
C ARG H 113 10.77 12.70 -21.75
N GLY H 114 10.38 12.55 -20.48
CA GLY H 114 10.18 13.72 -19.63
C GLY H 114 11.49 14.37 -19.23
N ILE H 115 12.54 13.58 -19.05
CA ILE H 115 13.86 14.12 -18.74
C ILE H 115 14.45 14.81 -19.97
N LEU H 116 14.43 14.13 -21.11
CA LEU H 116 15.05 14.62 -22.34
C LEU H 116 14.14 15.55 -23.14
N HIS H 117 13.09 16.11 -22.53
CA HIS H 117 12.18 16.99 -23.25
C HIS H 117 12.78 18.36 -23.52
N ARG H 118 13.87 18.72 -22.83
CA ARG H 118 14.47 20.04 -22.95
C ARG H 118 15.61 20.07 -23.96
N THR H 119 16.60 19.21 -23.76
CA THR H 119 17.83 19.25 -24.55
C THR H 119 17.67 18.59 -25.92
N HIS H 120 16.86 17.53 -26.01
CA HIS H 120 16.76 16.73 -27.22
C HIS H 120 15.30 16.50 -27.64
N SER H 121 14.51 17.56 -27.71
CA SER H 121 13.11 17.44 -28.11
C SER H 121 12.93 17.26 -29.61
N ASP H 122 13.97 17.49 -30.42
CA ASP H 122 13.87 17.37 -31.86
C ASP H 122 14.58 16.13 -32.42
N GLN H 123 15.15 15.30 -31.56
CA GLN H 123 15.80 14.07 -32.00
C GLN H 123 15.02 12.82 -31.61
N PHE H 124 13.76 12.98 -31.23
CA PHE H 124 12.89 11.86 -30.91
C PHE H 124 12.30 11.29 -32.19
N LEU H 125 12.13 9.96 -32.23
CA LEU H 125 11.38 9.37 -33.33
C LEU H 125 9.93 9.12 -32.92
N VAL H 126 9.71 8.20 -31.98
CA VAL H 126 8.40 7.87 -31.44
C VAL H 126 8.66 7.72 -29.94
N THR H 127 7.61 7.77 -29.12
CA THR H 127 7.74 7.49 -27.69
C THR H 127 6.61 6.55 -27.31
N PHE H 128 6.93 5.57 -26.46
CA PHE H 128 5.96 4.54 -26.08
C PHE H 128 5.65 4.66 -24.60
N LYS H 129 4.41 5.02 -24.27
CA LYS H 129 4.02 5.15 -22.88
C LYS H 129 3.15 3.96 -22.45
N GLU H 130 2.67 4.03 -21.20
CA GLU H 130 1.95 2.95 -20.51
C GLU H 130 2.76 1.65 -20.49
N VAL H 131 3.95 1.75 -19.91
CA VAL H 131 4.90 0.64 -19.83
C VAL H 131 5.31 0.46 -18.37
N GLY H 132 5.10 -0.73 -17.84
CA GLY H 132 5.55 -1.06 -16.49
C GLY H 132 4.43 -1.26 -15.49
N ARG H 133 3.19 -0.92 -15.83
CA ARG H 133 2.07 -1.16 -14.93
C ARG H 133 1.78 -2.66 -14.82
N LYS H 134 1.42 -3.26 -15.93
CA LYS H 134 1.30 -4.70 -16.09
C LYS H 134 2.65 -5.28 -16.51
N PRO H 135 2.90 -6.56 -16.24
CA PRO H 135 4.19 -7.17 -16.62
C PRO H 135 4.36 -7.21 -18.13
N PRO H 136 5.59 -7.05 -18.63
CA PRO H 136 5.80 -7.03 -20.08
C PRO H 136 5.72 -8.42 -20.68
N THR H 137 5.25 -8.50 -21.92
CA THR H 137 5.08 -9.74 -22.65
C THR H 137 5.72 -9.63 -24.03
N PHE H 138 5.60 -10.71 -24.82
CA PHE H 138 6.27 -10.74 -26.12
C PHE H 138 5.48 -9.99 -27.17
N GLY H 139 4.17 -9.84 -26.98
CA GLY H 139 3.38 -9.08 -27.93
C GLY H 139 3.74 -7.61 -27.92
N ASP H 140 4.13 -7.08 -26.77
CA ASP H 140 4.54 -5.68 -26.69
C ASP H 140 5.94 -5.48 -27.28
N ALA H 141 6.75 -6.55 -27.30
CA ALA H 141 8.03 -6.48 -28.00
C ALA H 141 7.84 -6.56 -29.50
N SER H 142 6.65 -6.97 -29.96
CA SER H 142 6.38 -7.01 -31.39
C SER H 142 5.69 -5.73 -31.85
N VAL H 143 4.93 -5.08 -30.95
CA VAL H 143 4.28 -3.82 -31.28
C VAL H 143 5.33 -2.72 -31.47
N ILE H 144 6.35 -2.71 -30.60
CA ILE H 144 7.39 -1.70 -30.69
C ILE H 144 8.28 -1.93 -31.90
N ALA H 145 8.66 -3.19 -32.14
CA ALA H 145 9.61 -3.49 -33.21
C ALA H 145 8.96 -3.35 -34.59
N LEU H 146 7.64 -3.48 -34.67
CA LEU H 146 6.95 -3.26 -35.94
C LEU H 146 6.95 -1.79 -36.31
N GLU H 147 6.76 -0.90 -35.33
CA GLU H 147 6.63 0.51 -35.62
C GLU H 147 8.00 1.17 -35.76
N LEU H 148 9.05 0.46 -35.39
CA LEU H 148 10.40 0.95 -35.64
C LEU H 148 10.77 0.79 -37.11
N LEU H 149 10.10 -0.13 -37.81
CA LEU H 149 10.36 -0.31 -39.23
C LEU H 149 9.52 0.63 -40.08
N ASN H 150 8.19 0.57 -39.91
CA ASN H 150 7.26 1.29 -40.77
C ASN H 150 7.04 2.69 -40.21
N SER H 151 8.10 3.49 -40.24
CA SER H 151 8.04 4.87 -39.80
C SER H 151 8.48 5.79 -40.92
N GLY H 152 9.42 5.32 -41.74
CA GLY H 152 10.03 6.11 -42.78
C GLY H 152 11.49 6.42 -42.53
N TYR H 153 12.05 5.93 -41.42
CA TYR H 153 13.44 6.19 -41.06
C TYR H 153 14.24 4.93 -41.31
N GLU H 154 15.04 4.93 -42.36
CA GLU H 154 15.84 3.78 -42.75
C GLU H 154 17.28 3.97 -42.24
N PHE H 155 17.63 3.23 -41.21
CA PHE H 155 18.86 3.41 -40.46
C PHE H 155 19.79 2.24 -40.72
N ASP H 156 20.99 2.32 -40.18
CA ASP H 156 21.98 1.33 -40.57
C ASP H 156 22.83 0.77 -39.43
N GLU H 157 22.89 1.47 -38.29
CA GLU H 157 23.44 0.86 -37.08
C GLU H 157 22.55 1.26 -35.91
N GLY H 158 23.00 0.95 -34.71
CA GLY H 158 22.23 1.28 -33.52
C GLY H 158 22.74 0.53 -32.32
N SER H 159 22.11 0.81 -31.18
CA SER H 159 22.48 0.24 -29.90
C SER H 159 21.33 0.42 -28.91
N ILE H 160 21.29 -0.44 -27.90
CA ILE H 160 20.25 -0.40 -26.88
C ILE H 160 20.91 -0.32 -25.51
N ILE H 161 20.32 0.47 -24.61
CA ILE H 161 20.83 0.70 -23.26
C ILE H 161 19.76 0.30 -22.26
N PHE H 162 20.15 -0.48 -21.26
CA PHE H 162 19.21 -0.99 -20.26
C PHE H 162 19.97 -1.40 -19.01
N ASN H 163 19.21 -1.85 -18.01
CA ASN H 163 19.72 -2.14 -16.67
C ASN H 163 19.67 -3.63 -16.39
N ARG H 164 20.72 -4.36 -16.75
CA ARG H 164 20.84 -5.77 -16.42
C ARG H 164 21.34 -5.90 -15.00
N PHE H 165 20.58 -6.60 -14.17
CA PHE H 165 20.85 -6.63 -12.73
C PHE H 165 21.73 -7.82 -12.39
N ARG H 166 22.57 -7.65 -11.37
CA ARG H 166 23.41 -8.75 -10.91
C ARG H 166 22.79 -9.46 -9.72
N SER H 167 22.20 -8.70 -8.80
CA SER H 167 21.64 -9.27 -7.58
C SER H 167 20.47 -8.42 -7.10
N VAL H 168 20.00 -8.74 -5.90
CA VAL H 168 18.95 -7.94 -5.26
C VAL H 168 19.46 -6.53 -4.97
N ILE H 169 20.73 -6.41 -4.58
CA ILE H 169 21.26 -5.12 -4.16
C ILE H 169 21.77 -4.33 -5.36
N SER H 170 22.64 -4.94 -6.17
CA SER H 170 23.38 -4.21 -7.19
C SER H 170 22.91 -4.60 -8.58
N TYR H 171 22.57 -3.59 -9.38
CA TYR H 171 22.27 -3.72 -10.79
C TYR H 171 23.42 -3.12 -11.58
N LYS H 172 23.26 -3.02 -12.89
CA LYS H 172 24.22 -2.33 -13.75
C LYS H 172 23.55 -1.89 -15.04
N THR H 173 23.77 -0.63 -15.42
CA THR H 173 23.35 -0.15 -16.73
C THR H 173 24.34 -0.63 -17.78
N GLU H 174 23.82 -1.23 -18.85
CA GLU H 174 24.67 -1.94 -19.81
C GLU H 174 24.40 -1.44 -21.22
N GLU H 175 25.19 -1.99 -22.16
CA GLU H 175 25.19 -1.55 -23.54
C GLU H 175 25.27 -2.77 -24.47
N LYS H 176 24.39 -2.82 -25.47
CA LYS H 176 24.37 -3.91 -26.44
C LYS H 176 24.05 -3.36 -27.83
N PRO H 177 24.75 -3.79 -28.87
CA PRO H 177 24.52 -3.23 -30.20
C PRO H 177 23.48 -3.99 -31.00
N ILE H 178 22.94 -3.32 -32.02
CA ILE H 178 21.90 -3.86 -32.89
C ILE H 178 22.37 -3.74 -34.33
N PHE H 179 22.81 -4.86 -34.92
CA PHE H 179 23.15 -4.90 -36.35
C PHE H 179 21.85 -5.05 -37.12
N SER H 180 21.21 -3.93 -37.44
CA SER H 180 19.91 -4.00 -38.12
C SER H 180 20.07 -4.06 -39.63
N LEU H 181 21.15 -3.49 -40.16
CA LEU H 181 21.32 -3.42 -41.61
C LEU H 181 21.76 -4.77 -42.14
N ASP H 182 21.20 -5.16 -43.30
CA ASP H 182 21.51 -6.44 -43.91
C ASP H 182 22.93 -6.52 -44.43
N THR H 183 23.50 -5.40 -44.89
CA THR H 183 24.79 -5.47 -45.58
C THR H 183 25.95 -5.37 -44.60
N VAL H 184 25.74 -4.78 -43.43
CA VAL H 184 26.76 -4.87 -42.39
C VAL H 184 26.73 -6.27 -41.79
N ALA H 185 25.58 -6.94 -41.88
CA ALA H 185 25.50 -8.37 -41.58
C ALA H 185 25.88 -9.22 -42.79
N SER H 186 26.44 -8.61 -43.83
CA SER H 186 26.98 -9.33 -44.98
C SER H 186 28.48 -9.08 -45.01
N ALA H 187 29.22 -9.96 -44.34
CA ALA H 187 30.66 -9.81 -44.19
C ALA H 187 31.35 -11.14 -44.46
N GLU H 188 32.62 -11.24 -44.06
CA GLU H 188 33.38 -12.47 -44.27
C GLU H 188 32.85 -13.64 -43.47
N SER H 189 32.21 -13.39 -42.32
CA SER H 189 31.78 -14.49 -41.45
C SER H 189 30.45 -15.09 -41.87
N MET H 190 29.80 -14.56 -42.91
CA MET H 190 28.57 -15.14 -43.42
C MET H 190 28.76 -15.87 -44.74
N SER H 191 29.92 -15.72 -45.40
CA SER H 191 30.17 -16.44 -46.64
C SER H 191 30.45 -17.92 -46.37
N ILE H 192 30.89 -18.25 -45.16
CA ILE H 192 30.99 -19.65 -44.75
C ILE H 192 29.61 -20.28 -44.64
N TYR H 193 28.59 -19.51 -44.27
CA TYR H 193 27.25 -20.02 -44.07
C TYR H 193 26.58 -20.40 -45.39
N ASP H 194 25.38 -20.96 -45.27
CA ASP H 194 24.66 -21.61 -46.35
C ASP H 194 23.85 -20.65 -47.20
N ASP H 195 22.83 -21.18 -47.88
CA ASP H 195 22.05 -20.60 -48.96
C ASP H 195 21.20 -19.37 -48.62
N ILE H 196 21.38 -18.77 -47.44
CA ILE H 196 20.71 -17.53 -47.06
C ILE H 196 20.96 -16.43 -48.08
N ASP H 197 19.88 -15.86 -48.60
CA ASP H 197 19.95 -14.75 -49.54
C ASP H 197 19.70 -13.44 -48.81
N ALA H 198 19.54 -12.35 -49.57
CA ALA H 198 19.21 -11.07 -48.96
C ALA H 198 17.73 -10.94 -48.65
N ASP H 199 16.91 -11.93 -48.99
CA ASP H 199 15.51 -11.91 -48.58
C ASP H 199 15.32 -12.71 -47.30
N VAL H 200 16.05 -13.82 -47.16
CA VAL H 200 15.97 -14.61 -45.94
C VAL H 200 16.65 -13.87 -44.79
N LEU H 201 17.77 -13.21 -45.06
CA LEU H 201 18.45 -12.44 -44.04
C LEU H 201 17.69 -11.15 -43.70
N ARG H 202 16.84 -10.71 -44.62
CA ARG H 202 15.96 -9.58 -44.32
C ARG H 202 14.91 -9.97 -43.30
N ASN H 203 14.32 -11.16 -43.45
CA ASN H 203 13.31 -11.62 -42.52
C ASN H 203 13.92 -12.00 -41.18
N TYR H 204 15.13 -12.55 -41.20
CA TYR H 204 15.75 -13.03 -39.97
C TYR H 204 16.27 -11.89 -39.10
N GLN H 205 16.90 -10.88 -39.72
CA GLN H 205 17.50 -9.78 -38.96
C GLN H 205 16.43 -8.88 -38.35
N GLU H 206 15.22 -8.91 -38.93
CA GLU H 206 14.11 -8.21 -38.29
C GLU H 206 13.67 -8.92 -37.02
N TYR H 207 13.65 -10.26 -37.04
CA TYR H 207 13.11 -10.99 -35.90
C TYR H 207 14.02 -10.90 -34.69
N SER H 208 15.32 -10.68 -34.91
CA SER H 208 16.23 -10.53 -33.79
C SER H 208 16.13 -9.13 -33.18
N LEU H 209 15.46 -8.20 -33.87
CA LEU H 209 15.16 -6.91 -33.26
C LEU H 209 14.04 -7.06 -32.23
N ALA H 210 13.12 -7.99 -32.45
CA ALA H 210 12.06 -8.21 -31.48
C ALA H 210 12.53 -9.09 -30.33
N ASN H 211 13.70 -9.73 -30.49
CA ASN H 211 14.20 -10.59 -29.44
C ASN H 211 15.21 -9.88 -28.55
N ILE H 212 15.72 -8.72 -29.01
CA ILE H 212 16.58 -7.92 -28.15
C ILE H 212 15.74 -6.96 -27.31
N ILE H 213 14.55 -6.61 -27.79
CA ILE H 213 13.66 -5.76 -27.01
C ILE H 213 13.02 -6.55 -25.88
N TYR H 214 12.62 -7.80 -26.16
CA TYR H 214 12.03 -8.64 -25.13
C TYR H 214 13.07 -9.06 -24.10
N TYR H 215 14.32 -9.19 -24.51
CA TYR H 215 15.41 -9.39 -23.55
C TYR H 215 15.59 -8.16 -22.69
N SER H 216 15.53 -6.98 -23.31
CA SER H 216 15.71 -5.73 -22.58
C SER H 216 14.55 -5.43 -21.66
N LEU H 217 13.35 -5.88 -22.02
CA LEU H 217 12.17 -5.52 -21.24
C LEU H 217 12.05 -6.39 -19.99
N LYS H 218 12.72 -7.54 -19.98
CA LYS H 218 12.58 -8.45 -18.84
C LYS H 218 13.61 -8.16 -17.76
N GLU H 219 14.81 -7.74 -18.16
CA GLU H 219 15.84 -7.40 -17.18
C GLU H 219 15.52 -6.06 -16.52
N SER H 220 14.94 -5.13 -17.27
CA SER H 220 14.72 -3.79 -16.75
C SER H 220 13.53 -3.73 -15.80
N THR H 221 12.59 -4.66 -15.92
CA THR H 221 11.47 -4.67 -15.00
C THR H 221 11.81 -5.44 -13.74
N THR H 222 12.97 -6.10 -13.71
CA THR H 222 13.46 -6.70 -12.47
C THR H 222 14.40 -5.73 -11.76
N SER H 223 15.21 -5.00 -12.52
CA SER H 223 16.06 -3.95 -11.95
C SER H 223 15.23 -2.87 -11.31
N GLU H 224 14.09 -2.53 -11.91
CA GLU H 224 13.25 -1.46 -11.35
C GLU H 224 12.48 -1.95 -10.14
N GLN H 225 12.03 -3.20 -10.15
CA GLN H 225 11.14 -3.66 -9.10
C GLN H 225 11.91 -4.04 -7.84
N SER H 226 13.23 -4.17 -7.95
CA SER H 226 14.04 -4.42 -6.77
C SER H 226 14.46 -3.10 -6.12
N ALA H 227 14.62 -2.05 -6.91
CA ALA H 227 14.99 -0.76 -6.35
C ALA H 227 13.78 -0.04 -5.75
N ARG H 228 12.57 -0.46 -6.15
CA ARG H 228 11.39 0.02 -5.46
C ARG H 228 11.25 -0.64 -4.10
N MET H 229 11.86 -1.82 -3.94
CA MET H 229 11.82 -2.51 -2.65
C MET H 229 12.77 -1.88 -1.65
N THR H 230 13.94 -1.43 -2.12
CA THR H 230 14.92 -0.83 -1.22
C THR H 230 14.56 0.62 -0.90
N ALA H 231 14.13 1.38 -1.90
CA ALA H 231 13.88 2.81 -1.69
C ALA H 231 12.60 3.04 -0.92
N MET H 232 11.74 2.03 -0.79
CA MET H 232 10.58 2.16 0.08
C MET H 232 10.90 1.59 1.46
N ASP H 233 12.09 1.01 1.62
CA ASP H 233 12.50 0.49 2.91
C ASP H 233 13.25 1.54 3.72
N ASN H 234 14.06 2.35 3.05
CA ASN H 234 14.76 3.43 3.75
C ASN H 234 13.85 4.62 3.99
N ALA H 235 12.69 4.65 3.34
CA ALA H 235 11.72 5.71 3.60
C ALA H 235 10.79 5.33 4.74
N SER H 236 10.99 4.15 5.33
CA SER H 236 10.25 3.78 6.52
C SER H 236 11.17 3.67 7.72
N LYS H 237 12.47 3.56 7.47
CA LYS H 237 13.44 3.67 8.56
C LYS H 237 13.64 5.13 8.95
N ASN H 238 13.72 6.01 7.95
CA ASN H 238 13.92 7.43 8.24
C ASN H 238 12.65 8.08 8.77
N ALA H 239 11.49 7.46 8.52
CA ALA H 239 10.25 8.00 9.05
C ALA H 239 9.92 7.39 10.40
N SER H 240 10.65 6.35 10.80
CA SER H 240 10.49 5.80 12.14
C SER H 240 11.61 6.29 13.06
N GLU H 241 12.74 6.69 12.48
CA GLU H 241 13.77 7.39 13.24
C GLU H 241 13.29 8.79 13.61
N MET H 242 12.52 9.41 12.73
CA MET H 242 11.99 10.74 12.99
C MET H 242 10.80 10.68 13.95
N ILE H 243 10.19 9.51 14.11
CA ILE H 243 8.93 9.44 14.84
C ILE H 243 9.18 9.21 16.33
N ASP H 244 10.42 8.86 16.70
CA ASP H 244 10.73 8.74 18.12
C ASP H 244 11.23 10.07 18.68
N LYS H 245 11.89 10.88 17.84
CA LYS H 245 12.41 12.16 18.30
C LYS H 245 11.29 13.16 18.53
N LEU H 246 10.16 13.00 17.83
CA LEU H 246 9.02 13.87 18.06
C LEU H 246 8.14 13.33 19.17
N THR H 247 8.39 12.09 19.61
CA THR H 247 7.61 11.54 20.70
C THR H 247 8.16 12.01 22.04
N LEU H 248 9.47 12.23 22.12
CA LEU H 248 10.05 12.79 23.33
C LEU H 248 9.68 14.25 23.48
N THR H 249 9.69 15.01 22.38
CA THR H 249 9.32 16.42 22.44
C THR H 249 7.83 16.59 22.71
N PHE H 250 7.02 15.62 22.28
CA PHE H 250 5.60 15.65 22.63
C PHE H 250 5.40 15.37 24.11
N ASN H 251 6.30 14.59 24.71
CA ASN H 251 6.11 14.20 26.11
C ASN H 251 6.71 15.23 27.06
N ARG H 252 7.75 15.94 26.64
CA ARG H 252 8.22 17.08 27.42
C ARG H 252 7.19 18.20 27.41
N THR H 253 6.51 18.38 26.28
CA THR H 253 5.59 19.51 26.14
C THR H 253 4.24 19.17 26.76
N ARG H 254 3.90 17.89 26.85
CA ARG H 254 2.66 17.50 27.50
C ARG H 254 2.74 17.71 29.00
N GLN H 255 3.90 17.42 29.58
CA GLN H 255 4.08 17.63 31.02
C GLN H 255 4.20 19.11 31.35
N ALA H 256 4.74 19.91 30.41
CA ALA H 256 5.03 21.30 30.71
C ALA H 256 3.77 22.16 30.68
N VAL H 257 2.69 21.64 30.11
CA VAL H 257 1.44 22.41 30.04
C VAL H 257 0.58 22.11 31.26
N ILE H 258 0.65 20.89 31.79
CA ILE H 258 0.00 20.59 33.06
C ILE H 258 0.70 21.31 34.19
N THR H 259 2.02 21.46 34.09
CA THR H 259 2.77 22.20 35.11
C THR H 259 2.48 23.69 35.05
N LYS H 260 2.35 24.24 33.85
CA LYS H 260 2.22 25.70 33.68
C LYS H 260 0.85 26.18 34.12
N GLU H 261 -0.20 25.47 33.75
CA GLU H 261 -1.55 25.93 34.09
C GLU H 261 -1.94 25.51 35.50
N LEU H 262 -1.05 24.80 36.19
CA LEU H 262 -1.26 24.54 37.61
C LEU H 262 -0.77 25.71 38.45
N ILE H 263 0.27 26.39 37.98
CA ILE H 263 0.83 27.53 38.70
C ILE H 263 -0.11 28.73 38.62
N GLU H 264 -0.83 28.86 37.51
CA GLU H 264 -1.74 29.99 37.34
C GLU H 264 -2.95 29.89 38.26
N ILE H 265 -3.36 28.68 38.61
CA ILE H 265 -4.49 28.54 39.52
C ILE H 265 -4.04 28.79 40.96
N ILE H 266 -2.84 28.33 41.30
CA ILE H 266 -2.30 28.53 42.65
C ILE H 266 -2.00 30.00 42.91
N SER H 267 -1.42 30.68 41.91
CA SER H 267 -1.12 32.10 42.05
C SER H 267 -2.39 32.94 42.02
N GLY H 268 -3.44 32.45 41.37
CA GLY H 268 -4.69 33.17 41.38
C GLY H 268 -5.42 33.06 42.71
N ALA H 269 -5.22 31.95 43.42
CA ALA H 269 -5.90 31.76 44.69
C ALA H 269 -5.12 32.38 45.84
N ALA H 270 -3.78 32.42 45.72
CA ALA H 270 -2.96 32.96 46.79
C ALA H 270 -3.07 34.47 46.88
N ALA H 271 -3.22 35.13 45.73
CA ALA H 271 -3.33 36.59 45.71
C ALA H 271 -4.75 37.06 46.07
N LEU H 272 -5.66 36.12 46.28
CA LEU H 272 -7.05 36.44 46.55
C LEU H 272 -7.31 36.35 48.04
N GLY I 1 25.59 -37.03 -33.17
CA GLY I 1 26.51 -37.13 -32.05
C GLY I 1 27.23 -35.83 -31.76
N GLN I 2 27.40 -35.54 -30.47
CA GLN I 2 27.99 -34.31 -29.95
C GLN I 2 27.27 -33.07 -30.50
N MET I 3 25.97 -33.02 -30.22
CA MET I 3 25.08 -31.97 -30.71
C MET I 3 24.52 -31.25 -29.49
N SER I 4 23.83 -30.13 -29.71
CA SER I 4 23.12 -29.41 -28.66
C SER I 4 21.83 -28.84 -29.25
N PHE I 5 20.70 -29.23 -28.69
CA PHE I 5 19.40 -28.81 -29.17
C PHE I 5 18.70 -28.00 -28.09
N THR I 6 18.32 -26.77 -28.43
CA THR I 6 17.67 -25.85 -27.51
C THR I 6 16.35 -25.42 -28.11
N PHE I 7 15.27 -25.55 -27.33
CA PHE I 7 13.91 -25.30 -27.80
C PHE I 7 13.17 -24.52 -26.71
N ALA I 8 12.94 -23.23 -26.96
CA ALA I 8 12.42 -22.33 -25.95
C ALA I 8 11.29 -21.48 -26.52
N SER I 9 10.17 -21.46 -25.82
CA SER I 9 9.14 -20.47 -26.01
C SER I 9 9.55 -19.21 -25.25
N PRO I 10 8.88 -18.07 -25.47
CA PRO I 10 9.10 -16.91 -24.58
C PRO I 10 8.80 -17.18 -23.12
N THR I 11 7.80 -18.01 -22.81
CA THR I 11 7.39 -18.17 -21.43
C THR I 11 7.85 -19.50 -20.84
N GLN I 12 8.22 -20.46 -21.68
CA GLN I 12 8.60 -21.77 -21.17
C GLN I 12 9.73 -22.35 -22.00
N VAL I 13 10.36 -23.40 -21.46
CA VAL I 13 11.55 -24.01 -22.03
C VAL I 13 11.31 -25.52 -22.14
N PHE I 14 11.55 -26.06 -23.33
CA PHE I 14 11.39 -27.50 -23.54
C PHE I 14 12.73 -28.22 -23.42
N PHE I 15 13.72 -27.81 -24.20
CA PHE I 15 15.00 -28.49 -24.23
C PHE I 15 16.12 -27.49 -23.96
N ASN I 16 17.07 -27.87 -23.10
CA ASN I 16 18.24 -27.07 -22.78
C ASN I 16 19.46 -27.98 -22.76
N GLY I 17 20.26 -27.91 -23.81
CA GLY I 17 21.51 -28.67 -23.85
C GLY I 17 21.34 -30.17 -23.98
N ALA I 18 20.15 -30.62 -24.36
CA ALA I 18 19.87 -32.04 -24.53
C ALA I 18 19.49 -32.28 -25.98
N ASN I 19 20.37 -32.98 -26.70
CA ASN I 19 20.20 -33.22 -28.12
C ASN I 19 19.82 -34.67 -28.35
N VAL I 20 18.92 -34.90 -29.30
CA VAL I 20 18.62 -36.26 -29.74
C VAL I 20 18.64 -36.33 -31.27
N ARG I 21 19.84 -36.35 -31.85
CA ARG I 21 20.23 -37.01 -33.10
C ARG I 21 19.50 -36.65 -34.39
N GLN I 22 18.35 -35.96 -34.33
CA GLN I 22 17.54 -35.69 -35.51
C GLN I 22 16.45 -34.68 -35.14
N VAL I 23 16.38 -33.57 -35.88
CA VAL I 23 15.38 -32.53 -35.69
C VAL I 23 14.75 -32.22 -37.04
N ASP I 24 13.42 -32.19 -37.09
CA ASP I 24 12.69 -31.88 -38.32
C ASP I 24 11.96 -30.55 -38.17
N VAL I 25 12.32 -29.57 -38.98
CA VAL I 25 11.84 -28.20 -38.84
C VAL I 25 11.19 -27.78 -40.14
N PRO I 26 10.00 -27.18 -40.12
CA PRO I 26 9.41 -26.62 -41.34
C PRO I 26 9.91 -25.22 -41.66
N THR I 27 10.79 -25.11 -42.66
CA THR I 27 11.46 -23.88 -43.03
C THR I 27 10.50 -23.05 -43.91
N GLN I 28 10.73 -21.74 -43.94
CA GLN I 28 9.95 -20.87 -44.82
C GLN I 28 10.14 -21.21 -46.29
N THR I 29 11.34 -21.64 -46.67
CA THR I 29 11.69 -21.85 -48.07
C THR I 29 11.92 -23.35 -48.34
N GLY I 30 11.18 -24.18 -47.64
CA GLY I 30 11.24 -25.61 -47.85
C GLY I 30 11.20 -26.36 -46.53
N ALA I 31 11.97 -27.44 -46.46
CA ALA I 31 12.12 -28.21 -45.24
C ALA I 31 13.52 -28.81 -45.24
N PHE I 32 13.96 -29.28 -44.08
CA PHE I 32 15.29 -29.84 -43.92
C PHE I 32 15.29 -30.88 -42.81
N GLY I 33 16.41 -31.57 -42.68
CA GLY I 33 16.62 -32.57 -41.65
C GLY I 33 17.96 -32.29 -41.00
N ILE I 34 18.05 -32.45 -39.69
CA ILE I 34 19.30 -32.23 -39.00
C ILE I 34 19.84 -33.60 -38.64
N LEU I 35 21.04 -33.92 -39.11
CA LEU I 35 21.59 -35.24 -38.82
C LEU I 35 23.02 -35.22 -38.32
N ALA I 36 23.20 -34.68 -37.12
CA ALA I 36 24.49 -34.64 -36.43
C ALA I 36 25.70 -33.96 -37.10
N SER I 37 25.50 -32.92 -37.89
CA SER I 37 26.64 -32.20 -38.43
C SER I 37 26.27 -31.46 -39.71
N HIS I 38 25.03 -30.99 -39.78
CA HIS I 38 24.48 -30.33 -40.96
C HIS I 38 25.24 -29.05 -41.27
N VAL I 39 25.31 -28.71 -42.56
CA VAL I 39 26.01 -27.49 -42.99
C VAL I 39 25.22 -26.26 -42.54
N PRO I 40 25.82 -25.35 -41.78
CA PRO I 40 25.02 -24.41 -40.96
C PRO I 40 24.34 -23.33 -41.78
N THR I 41 23.12 -22.99 -41.37
CA THR I 41 22.29 -22.00 -42.06
C THR I 41 21.56 -21.17 -41.03
N LEU I 42 20.87 -20.13 -41.53
CA LEU I 42 20.14 -19.17 -40.71
C LEU I 42 18.72 -19.06 -41.25
N GLN I 43 17.84 -19.98 -40.84
CA GLN I 43 16.56 -19.97 -41.51
C GLN I 43 15.44 -19.54 -40.57
N VAL I 44 14.29 -19.25 -41.17
CA VAL I 44 13.14 -18.72 -40.47
C VAL I 44 11.96 -19.64 -40.80
N LEU I 45 10.88 -19.55 -40.01
CA LEU I 45 9.89 -20.62 -40.04
C LEU I 45 8.59 -20.18 -40.69
N ARG I 46 7.86 -21.19 -41.20
CA ARG I 46 6.48 -21.29 -41.70
C ARG I 46 5.64 -22.06 -40.69
N PRO I 47 4.31 -21.90 -40.70
CA PRO I 47 3.48 -22.70 -39.79
C PRO I 47 3.52 -24.18 -40.15
N GLY I 48 3.93 -24.99 -39.19
CA GLY I 48 4.07 -26.42 -39.39
C GLY I 48 4.64 -27.07 -38.16
N LEU I 49 4.50 -28.40 -38.10
CA LEU I 49 4.84 -29.14 -36.90
C LEU I 49 6.32 -29.51 -36.87
N VAL I 50 6.88 -29.50 -35.66
CA VAL I 50 8.25 -29.94 -35.42
C VAL I 50 8.20 -31.28 -34.72
N VAL I 51 8.73 -32.31 -35.36
CA VAL I 51 8.73 -33.65 -34.79
C VAL I 51 10.17 -33.99 -34.40
N VAL I 52 10.51 -33.71 -33.14
CA VAL I 52 11.83 -34.03 -32.62
C VAL I 52 11.83 -35.51 -32.23
N HIS I 53 12.77 -36.26 -32.79
CA HIS I 53 12.88 -37.69 -32.51
C HIS I 53 13.79 -37.85 -31.29
N ALA I 54 13.20 -38.18 -30.15
CA ALA I 54 13.98 -38.46 -28.96
C ALA I 54 14.71 -39.79 -29.11
N GLU I 55 15.72 -39.99 -28.26
CA GLU I 55 16.50 -41.21 -28.38
C GLU I 55 15.66 -42.35 -27.83
N ASP I 56 15.49 -42.42 -26.50
CA ASP I 56 14.25 -42.58 -25.74
C ASP I 56 13.08 -43.28 -26.44
N GLY I 57 13.34 -44.28 -27.28
CA GLY I 57 12.26 -44.97 -27.98
C GLY I 57 11.53 -44.19 -29.05
N THR I 58 10.90 -43.07 -28.69
CA THR I 58 9.85 -42.43 -29.46
C THR I 58 10.24 -41.00 -29.87
N THR I 59 9.27 -40.31 -30.46
CA THR I 59 9.41 -38.96 -31.00
C THR I 59 8.75 -37.95 -30.08
N SER I 60 8.71 -36.70 -30.54
CA SER I 60 8.06 -35.62 -29.81
C SER I 60 7.45 -34.65 -30.81
N LYS I 61 6.11 -34.63 -30.88
CA LYS I 61 5.38 -33.94 -31.92
C LYS I 61 4.92 -32.57 -31.42
N TYR I 62 5.78 -31.56 -31.58
CA TYR I 62 5.47 -30.18 -31.29
C TYR I 62 4.94 -29.51 -32.56
N PHE I 63 4.39 -28.31 -32.39
CA PHE I 63 3.84 -27.55 -33.51
C PHE I 63 4.15 -26.07 -33.29
N VAL I 64 5.15 -25.55 -33.99
CA VAL I 64 5.55 -24.15 -33.88
C VAL I 64 4.65 -23.30 -34.77
N SER I 65 4.71 -21.98 -34.61
CA SER I 65 3.98 -21.07 -35.47
C SER I 65 4.89 -20.19 -36.31
N SER I 66 5.81 -19.46 -35.69
CA SER I 66 6.80 -18.65 -36.41
C SER I 66 7.97 -18.42 -35.48
N GLY I 67 9.17 -18.82 -35.90
CA GLY I 67 10.35 -18.72 -35.05
C GLY I 67 11.60 -18.53 -35.86
N SER I 68 12.69 -19.18 -35.45
CA SER I 68 13.97 -19.05 -36.14
C SER I 68 14.87 -20.23 -35.80
N VAL I 69 15.41 -20.88 -36.82
CA VAL I 69 16.34 -21.99 -36.63
C VAL I 69 17.75 -21.51 -36.99
N THR I 70 18.65 -21.58 -36.01
CA THR I 70 20.05 -21.22 -36.21
C THR I 70 20.91 -22.43 -35.87
N VAL I 71 21.26 -23.22 -36.88
CA VAL I 71 22.31 -24.22 -36.74
C VAL I 71 23.64 -23.53 -37.06
N ASN I 72 24.66 -23.78 -36.26
CA ASN I 72 25.86 -22.96 -36.28
C ASN I 72 27.09 -23.81 -36.59
N ALA I 73 28.27 -23.21 -36.44
CA ALA I 73 29.52 -23.79 -36.94
C ALA I 73 29.90 -25.05 -36.16
N ASP I 74 30.03 -24.93 -34.85
CA ASP I 74 30.06 -26.14 -34.02
C ASP I 74 28.70 -26.83 -34.07
N SER I 75 28.70 -28.12 -33.79
CA SER I 75 27.48 -28.91 -33.89
C SER I 75 26.53 -28.55 -32.74
N SER I 76 25.75 -27.50 -32.93
CA SER I 76 24.82 -27.02 -31.93
C SER I 76 23.79 -26.14 -32.61
N VAL I 77 22.52 -26.38 -32.31
CA VAL I 77 21.42 -25.64 -32.90
C VAL I 77 20.74 -24.83 -31.81
N GLN I 78 19.97 -23.83 -32.21
CA GLN I 78 19.19 -22.99 -31.30
C GLN I 78 17.85 -22.71 -31.99
N LEU I 79 16.84 -23.51 -31.69
CA LEU I 79 15.53 -23.35 -32.28
C LEU I 79 14.64 -22.60 -31.29
N LEU I 80 14.35 -21.35 -31.60
CA LEU I 80 13.50 -20.52 -30.76
C LEU I 80 12.21 -20.24 -31.51
N ALA I 81 11.09 -20.36 -30.81
CA ALA I 81 9.79 -20.24 -31.45
C ALA I 81 8.87 -19.43 -30.57
N GLU I 82 7.87 -18.80 -31.19
CA GLU I 82 6.96 -17.95 -30.44
C GLU I 82 5.82 -18.75 -29.81
N GLU I 83 5.03 -19.46 -30.61
CA GLU I 83 3.91 -20.24 -30.12
C GLU I 83 4.20 -21.71 -30.38
N ALA I 84 4.88 -22.36 -29.45
CA ALA I 84 5.28 -23.75 -29.58
C ALA I 84 4.43 -24.58 -28.62
N VAL I 85 3.30 -25.06 -29.12
CA VAL I 85 2.40 -25.87 -28.33
C VAL I 85 2.44 -27.31 -28.84
N THR I 86 1.91 -28.23 -28.04
CA THR I 86 1.79 -29.62 -28.47
C THR I 86 0.49 -29.82 -29.23
N LEU I 87 0.11 -31.08 -29.44
CA LEU I 87 -1.05 -31.39 -30.25
C LEU I 87 -2.35 -31.41 -29.44
N ASP I 88 -2.30 -31.88 -28.20
CA ASP I 88 -3.53 -32.12 -27.46
C ASP I 88 -4.17 -30.85 -26.91
N MET I 89 -3.46 -29.72 -26.91
CA MET I 89 -4.09 -28.47 -26.52
C MET I 89 -4.94 -27.88 -27.63
N LEU I 90 -4.78 -28.35 -28.86
CA LEU I 90 -5.55 -27.88 -30.00
C LEU I 90 -6.79 -28.74 -30.20
N ASP I 91 -7.84 -28.10 -30.72
CA ASP I 91 -9.04 -28.81 -31.11
C ASP I 91 -9.14 -28.86 -32.63
N PRO I 92 -9.37 -30.04 -33.20
CA PRO I 92 -9.55 -30.12 -34.66
C PRO I 92 -10.86 -29.52 -35.11
N GLY I 93 -11.89 -29.55 -34.25
CA GLY I 93 -13.23 -29.16 -34.68
C GLY I 93 -13.36 -27.67 -34.97
N VAL I 94 -12.61 -26.84 -34.26
CA VAL I 94 -12.67 -25.40 -34.53
C VAL I 94 -11.75 -25.07 -35.71
N ALA I 95 -10.78 -25.94 -35.97
CA ALA I 95 -9.83 -25.70 -37.07
C ALA I 95 -10.45 -26.00 -38.42
N LYS I 96 -11.49 -26.85 -38.46
CA LYS I 96 -12.18 -27.09 -39.73
C LYS I 96 -13.01 -25.87 -40.14
N ALA I 97 -13.64 -25.22 -39.16
CA ALA I 97 -14.57 -24.14 -39.47
C ALA I 97 -13.83 -22.86 -39.87
N ASN I 98 -12.59 -22.70 -39.39
CA ASN I 98 -11.90 -21.43 -39.59
C ASN I 98 -11.33 -21.32 -41.00
N LEU I 99 -11.30 -22.42 -41.75
CA LEU I 99 -10.70 -22.41 -43.08
C LEU I 99 -11.58 -21.66 -44.09
N GLU I 100 -12.81 -22.13 -44.29
CA GLU I 100 -13.61 -21.66 -45.42
C GLU I 100 -14.17 -20.27 -45.18
N LYS I 101 -14.24 -19.84 -43.91
CA LYS I 101 -14.68 -18.47 -43.62
C LYS I 101 -13.64 -17.45 -44.09
N ALA I 102 -12.36 -17.81 -43.98
CA ALA I 102 -11.31 -16.94 -44.48
C ALA I 102 -11.19 -17.04 -46.00
N GLN I 103 -11.73 -18.11 -46.59
CA GLN I 103 -11.83 -18.18 -48.04
C GLN I 103 -12.99 -17.33 -48.54
N SER I 104 -14.01 -17.13 -47.70
CA SER I 104 -15.17 -16.35 -48.10
C SER I 104 -14.85 -14.86 -48.14
N GLU I 105 -13.92 -14.42 -47.28
CA GLU I 105 -13.54 -13.02 -47.29
C GLU I 105 -12.49 -12.73 -48.35
N LEU I 106 -11.94 -13.79 -48.96
CA LEU I 106 -10.86 -13.63 -49.93
C LEU I 106 -11.37 -12.99 -51.21
N LEU I 107 -12.58 -13.36 -51.66
CA LEU I 107 -13.18 -12.71 -52.81
C LEU I 107 -13.70 -11.32 -52.44
N GLY I 108 -14.05 -11.12 -51.17
CA GLY I 108 -14.62 -9.86 -50.72
C GLY I 108 -13.60 -8.84 -50.29
N ALA I 109 -12.36 -8.98 -50.74
CA ALA I 109 -11.30 -8.05 -50.38
C ALA I 109 -11.04 -7.11 -51.54
N ALA I 110 -11.32 -5.82 -51.34
CA ALA I 110 -11.18 -4.85 -52.42
C ALA I 110 -9.74 -4.43 -52.65
N ASP I 111 -8.96 -4.26 -51.58
CA ASP I 111 -7.59 -3.79 -51.71
C ASP I 111 -6.66 -4.91 -52.14
N GLU I 112 -5.40 -4.54 -52.39
CA GLU I 112 -4.39 -5.47 -52.87
C GLU I 112 -3.53 -6.02 -51.74
N ALA I 113 -3.35 -5.25 -50.67
CA ALA I 113 -2.55 -5.72 -49.54
C ALA I 113 -3.44 -6.30 -48.45
N SER I 114 -4.68 -5.81 -48.35
CA SER I 114 -5.65 -6.42 -47.45
C SER I 114 -6.02 -7.82 -47.92
N ARG I 115 -6.07 -8.04 -49.24
CA ARG I 115 -6.24 -9.38 -49.76
C ARG I 115 -4.99 -10.23 -49.52
N ALA I 116 -3.82 -9.59 -49.49
CA ALA I 116 -2.59 -10.32 -49.21
C ALA I 116 -2.53 -10.74 -47.75
N GLU I 117 -3.19 -10.00 -46.86
CA GLU I 117 -3.32 -10.41 -45.47
C GLU I 117 -4.18 -11.67 -45.35
N ILE I 118 -5.20 -11.78 -46.19
CA ILE I 118 -6.09 -12.94 -46.16
C ILE I 118 -5.37 -14.18 -46.65
N GLN I 119 -4.41 -14.01 -47.56
CA GLN I 119 -3.64 -15.15 -48.06
C GLN I 119 -2.70 -15.70 -47.00
N ILE I 120 -2.28 -14.87 -46.04
CA ILE I 120 -1.49 -15.35 -44.92
C ILE I 120 -2.34 -16.21 -44.00
N ARG I 121 -3.60 -15.82 -43.80
CA ARG I 121 -4.45 -16.46 -42.81
C ARG I 121 -4.89 -17.85 -43.26
N ILE I 122 -5.11 -18.03 -44.56
CA ILE I 122 -5.59 -19.32 -45.05
C ILE I 122 -4.46 -20.35 -45.07
N GLU I 123 -3.22 -19.88 -45.16
CA GLU I 123 -2.09 -20.81 -45.20
C GLU I 123 -1.85 -21.44 -43.83
N ALA I 124 -2.03 -20.66 -42.76
CA ALA I 124 -1.77 -21.18 -41.42
C ALA I 124 -2.83 -22.19 -41.00
N ASN I 125 -4.08 -21.97 -41.39
CA ASN I 125 -5.13 -22.93 -41.05
C ASN I 125 -5.06 -24.16 -41.94
N GLU I 126 -4.42 -24.04 -43.11
CA GLU I 126 -4.25 -25.21 -43.97
C GLU I 126 -3.23 -26.17 -43.38
N ALA I 127 -2.17 -25.66 -42.77
CA ALA I 127 -1.21 -26.54 -42.10
C ALA I 127 -1.74 -26.98 -40.75
N LEU I 128 -2.79 -26.33 -40.25
CA LEU I 128 -3.42 -26.73 -39.00
C LEU I 128 -4.15 -28.06 -39.14
N VAL I 129 -4.94 -28.20 -40.20
CA VAL I 129 -5.78 -29.39 -40.37
C VAL I 129 -4.93 -30.59 -40.77
N LYS I 130 -4.00 -30.41 -41.71
CA LYS I 130 -3.23 -31.53 -42.25
C LYS I 130 -2.23 -32.07 -41.23
N ALA I 131 -1.87 -31.27 -40.23
CA ALA I 131 -1.05 -31.79 -39.14
C ALA I 131 -1.89 -32.64 -38.19
N LEU I 132 -3.21 -32.43 -38.20
CA LEU I 132 -4.11 -33.19 -37.35
C LEU I 132 -4.63 -34.43 -38.06
N VAL J 1 10.87 -14.61 -51.27
CA VAL J 1 9.79 -13.76 -51.73
C VAL J 1 8.50 -14.58 -51.75
N ALA J 2 7.39 -13.96 -51.32
CA ALA J 2 6.08 -14.60 -51.34
C ALA J 2 5.05 -13.52 -51.58
N TYR J 3 3.78 -13.83 -51.27
CA TYR J 3 2.72 -12.85 -51.44
C TYR J 3 2.74 -11.78 -50.35
N TRP J 4 3.26 -12.11 -49.16
CA TRP J 4 3.43 -11.09 -48.14
C TRP J 4 4.63 -10.20 -48.45
N ARG J 5 5.62 -10.73 -49.17
CA ARG J 5 6.59 -9.88 -49.83
C ARG J 5 5.95 -9.28 -51.08
N GLN J 6 6.60 -8.24 -51.64
CA GLN J 6 6.30 -7.50 -52.87
C GLN J 6 4.93 -6.81 -52.85
N ALA J 7 4.22 -6.86 -51.71
CA ALA J 7 3.00 -6.11 -51.49
C ALA J 7 3.13 -5.07 -50.40
N GLY J 8 4.26 -5.03 -49.70
CA GLY J 8 4.48 -4.03 -48.67
C GLY J 8 4.11 -4.47 -47.26
N LEU J 9 4.64 -5.61 -46.81
CA LEU J 9 4.42 -6.09 -45.46
C LEU J 9 5.77 -6.37 -44.79
N SER J 10 5.70 -6.67 -43.49
CA SER J 10 6.89 -6.99 -42.70
C SER J 10 6.69 -8.37 -42.08
N TYR J 11 7.81 -8.97 -41.64
CA TYR J 11 7.75 -10.34 -41.14
C TYR J 11 7.07 -10.42 -39.79
N ILE J 12 7.10 -9.33 -39.00
CA ILE J 12 6.30 -9.25 -37.79
C ILE J 12 4.82 -9.25 -38.14
N ARG J 13 4.45 -8.53 -39.21
CA ARG J 13 3.06 -8.51 -39.65
C ARG J 13 2.65 -9.87 -40.21
N TYR J 14 3.61 -10.64 -40.73
CA TYR J 14 3.36 -12.04 -41.01
C TYR J 14 3.18 -12.83 -39.72
N SER J 15 4.09 -12.62 -38.75
CA SER J 15 4.15 -13.48 -37.58
C SER J 15 3.03 -13.17 -36.59
N GLN J 16 2.39 -12.00 -36.73
CA GLN J 16 1.27 -11.68 -35.87
C GLN J 16 0.04 -12.50 -36.25
N ILE J 17 -0.18 -12.71 -37.55
CA ILE J 17 -1.42 -13.33 -38.00
C ILE J 17 -1.38 -14.85 -37.83
N CYS J 18 -0.24 -15.47 -38.15
CA CYS J 18 -0.17 -16.93 -38.09
C CYS J 18 -0.06 -17.42 -36.66
N ALA J 19 0.35 -16.56 -35.74
CA ALA J 19 0.35 -16.94 -34.32
C ALA J 19 -0.99 -16.64 -33.68
N LYS J 20 -1.76 -15.73 -34.28
CA LYS J 20 -3.08 -15.42 -33.75
C LYS J 20 -4.06 -16.55 -34.07
N ALA J 21 -3.83 -17.27 -35.16
CA ALA J 21 -4.72 -18.35 -35.53
C ALA J 21 -4.54 -19.57 -34.63
N VAL J 22 -3.34 -19.75 -34.07
CA VAL J 22 -3.10 -20.85 -33.14
C VAL J 22 -3.81 -20.57 -31.82
N ARG J 23 -3.98 -19.29 -31.47
CA ARG J 23 -4.65 -18.95 -30.23
C ARG J 23 -6.16 -18.99 -30.37
N ASP J 24 -6.65 -19.18 -31.61
CA ASP J 24 -8.09 -19.34 -31.80
C ASP J 24 -8.48 -20.81 -31.92
N ALA J 25 -7.51 -21.67 -32.21
CA ALA J 25 -7.81 -23.10 -32.35
C ALA J 25 -7.63 -23.83 -31.02
N LEU J 26 -7.27 -23.10 -29.96
CA LEU J 26 -7.11 -23.72 -28.66
C LEU J 26 -8.47 -24.00 -28.02
N LYS J 27 -8.46 -24.83 -26.98
CA LYS J 27 -9.69 -25.19 -26.30
C LYS J 27 -10.10 -24.12 -25.29
N ALA J 28 -11.08 -24.47 -24.46
CA ALA J 28 -11.54 -23.54 -23.43
C ALA J 28 -10.60 -23.55 -22.24
N GLU J 29 -9.88 -24.65 -22.03
CA GLU J 29 -8.96 -24.73 -20.89
C GLU J 29 -7.72 -23.87 -21.12
N PHE J 30 -7.09 -24.00 -22.28
CA PHE J 30 -5.87 -23.26 -22.59
C PHE J 30 -6.16 -21.95 -23.32
N LYS J 31 -7.31 -21.32 -23.06
CA LYS J 31 -7.60 -20.02 -23.64
C LYS J 31 -7.04 -18.89 -22.77
N ALA J 32 -6.84 -19.18 -21.48
CA ALA J 32 -6.31 -18.15 -20.58
C ALA J 32 -4.83 -17.89 -20.84
N ASN J 33 -4.10 -18.90 -21.31
CA ASN J 33 -2.70 -18.71 -21.65
C ASN J 33 -2.54 -17.98 -22.97
N ALA J 34 -3.61 -17.96 -23.77
CA ALA J 34 -3.65 -17.06 -24.94
C ALA J 34 -4.04 -15.66 -24.51
N GLU J 35 -4.81 -15.55 -23.43
CA GLU J 35 -5.10 -14.25 -22.84
C GLU J 35 -3.90 -13.73 -22.05
N LYS J 36 -2.99 -14.62 -21.64
CA LYS J 36 -1.88 -14.20 -20.80
C LYS J 36 -0.86 -13.37 -21.57
N THR J 37 -0.46 -13.83 -22.76
CA THR J 37 0.57 -13.14 -23.51
C THR J 37 0.04 -11.82 -24.08
N SER J 38 -0.88 -11.91 -25.05
CA SER J 38 -1.85 -10.87 -25.47
C SER J 38 -1.30 -9.44 -25.47
N GLY J 39 -0.09 -9.29 -25.96
CA GLY J 39 0.69 -8.09 -25.69
C GLY J 39 0.26 -6.82 -26.40
N SER J 40 -0.98 -6.40 -26.21
CA SER J 40 -1.46 -5.10 -26.69
C SER J 40 -1.73 -4.24 -25.45
N ASN J 41 -0.66 -3.62 -24.95
CA ASN J 41 -0.76 -2.65 -23.87
C ASN J 41 0.09 -1.41 -24.06
N VAL J 42 1.10 -1.44 -24.92
CA VAL J 42 1.96 -0.29 -25.17
C VAL J 42 1.22 0.73 -26.01
N LYS J 43 1.15 1.97 -25.51
CA LYS J 43 0.55 3.06 -26.26
C LYS J 43 1.55 3.66 -27.23
N ILE J 44 1.03 4.45 -28.16
CA ILE J 44 1.84 5.10 -29.20
C ILE J 44 1.76 6.61 -29.01
N VAL J 45 2.93 7.23 -28.85
CA VAL J 45 3.03 8.69 -28.77
C VAL J 45 4.08 9.14 -29.76
N LYS J 46 3.64 9.77 -30.85
CA LYS J 46 4.50 10.55 -31.71
C LYS J 46 4.11 12.01 -31.56
N VAL J 47 5.11 12.89 -31.55
CA VAL J 47 4.86 14.29 -31.21
C VAL J 47 4.13 15.01 -32.34
N LYS J 48 4.20 14.49 -33.56
CA LYS J 48 3.39 15.01 -34.66
C LYS J 48 2.61 13.88 -35.33
N PHE K 1 4.10 25.16 77.79
CA PHE K 1 3.11 26.16 78.15
C PHE K 1 2.24 25.67 79.31
N ALA K 2 1.50 26.60 79.90
CA ALA K 2 0.52 26.24 80.92
C ALA K 2 -0.88 26.17 80.32
N LYS K 3 -1.80 25.57 81.06
CA LYS K 3 -3.17 25.44 80.59
C LYS K 3 -3.96 26.70 80.94
N LEU K 4 -5.06 26.90 80.23
CA LEU K 4 -5.91 28.07 80.42
C LEU K 4 -7.36 27.64 80.49
N VAL K 5 -8.11 28.34 81.33
CA VAL K 5 -9.52 28.04 81.59
C VAL K 5 -10.35 28.43 80.37
N ARG K 6 -11.37 27.65 80.06
CA ARG K 6 -12.17 27.87 78.87
C ARG K 6 -13.40 28.70 79.21
N PRO K 7 -13.74 29.70 78.39
CA PRO K 7 -14.94 30.47 78.65
C PRO K 7 -16.17 29.71 78.22
N PRO K 8 -17.34 29.99 78.80
CA PRO K 8 -18.54 29.21 78.46
C PRO K 8 -19.21 29.61 77.15
N VAL K 9 -18.69 30.61 76.44
CA VAL K 9 -19.27 31.00 75.16
C VAL K 9 -18.36 30.61 74.00
N GLN K 10 -17.06 30.92 74.12
CA GLN K 10 -16.01 30.59 73.14
C GLN K 10 -16.32 31.23 71.77
N ILE K 11 -16.27 32.55 71.75
CA ILE K 11 -16.38 33.30 70.49
C ILE K 11 -15.03 33.30 69.80
N TYR K 12 -15.04 33.75 68.54
CA TYR K 12 -13.88 33.72 67.67
C TYR K 12 -13.64 35.08 67.05
N GLY K 13 -12.41 35.30 66.60
CA GLY K 13 -11.99 36.52 65.93
C GLY K 13 -10.78 37.12 66.61
N ILE K 14 -10.33 38.27 66.10
CA ILE K 14 -9.22 38.97 66.72
C ILE K 14 -9.63 39.67 68.02
N GLU K 15 -10.93 39.82 68.26
CA GLU K 15 -11.42 40.39 69.50
C GLU K 15 -11.77 39.31 70.52
N GLY K 16 -12.05 38.09 70.05
CA GLY K 16 -12.27 36.98 70.96
C GLY K 16 -10.99 36.41 71.53
N ARG K 17 -9.86 36.62 70.84
CA ARG K 17 -8.58 36.18 71.37
C ARG K 17 -8.11 37.03 72.54
N TYR K 18 -8.62 38.26 72.66
CA TYR K 18 -8.27 39.13 73.77
C TYR K 18 -9.30 39.12 74.88
N ALA K 19 -10.53 38.68 74.60
CA ALA K 19 -11.50 38.47 75.67
C ALA K 19 -11.40 37.09 76.29
N THR K 20 -10.66 36.18 75.67
CA THR K 20 -10.38 34.87 76.24
C THR K 20 -9.11 34.88 77.08
N ALA K 21 -8.08 35.58 76.62
CA ALA K 21 -6.83 35.66 77.36
C ALA K 21 -6.96 36.46 78.64
N LEU K 22 -7.96 37.35 78.73
CA LEU K 22 -8.24 38.03 79.99
C LEU K 22 -9.10 37.17 80.90
N TYR K 23 -9.99 36.36 80.31
CA TYR K 23 -10.82 35.46 81.09
C TYR K 23 -10.02 34.30 81.66
N SER K 24 -8.87 33.98 81.05
CA SER K 24 -8.00 32.93 81.55
C SER K 24 -7.03 33.43 82.61
N ALA K 25 -7.02 34.73 82.86
CA ALA K 25 -6.17 35.32 83.89
C ALA K 25 -6.97 35.96 85.02
N ALA K 26 -8.25 36.25 84.79
CA ALA K 26 -9.08 36.84 85.83
C ALA K 26 -9.99 35.82 86.48
N SER K 27 -10.22 34.66 85.85
CA SER K 27 -10.81 33.54 86.57
C SER K 27 -9.80 32.93 87.54
N LYS K 28 -8.53 32.90 87.16
CA LYS K 28 -7.47 32.76 88.14
C LYS K 28 -7.41 34.01 88.99
N GLN K 29 -7.04 33.84 90.27
CA GLN K 29 -6.93 34.87 91.31
C GLN K 29 -8.26 35.52 91.68
N ASN K 30 -9.38 35.02 91.13
CA ASN K 30 -10.75 35.34 91.55
C ASN K 30 -11.06 36.83 91.44
N LYS K 31 -10.71 37.40 90.29
CA LYS K 31 -10.87 38.83 90.06
C LYS K 31 -11.80 39.13 88.88
N LEU K 32 -12.77 38.25 88.61
CA LEU K 32 -13.63 38.39 87.45
C LEU K 32 -14.63 39.52 87.57
N GLU K 33 -14.90 40.01 88.78
CA GLU K 33 -15.84 41.09 88.98
C GLU K 33 -15.16 42.44 89.13
N GLN K 34 -13.87 42.46 89.48
CA GLN K 34 -13.11 43.70 89.61
C GLN K 34 -12.74 44.26 88.23
N VAL K 35 -12.42 43.39 87.28
CA VAL K 35 -12.08 43.82 85.93
C VAL K 35 -13.33 44.33 85.21
N GLU K 36 -14.49 43.75 85.49
CA GLU K 36 -15.71 44.11 84.78
C GLU K 36 -16.16 45.53 85.15
N LYS K 37 -16.02 45.90 86.42
CA LYS K 37 -16.32 47.26 86.84
C LYS K 37 -15.31 48.27 86.32
N GLU K 38 -14.06 47.84 86.14
CA GLU K 38 -13.05 48.71 85.54
C GLU K 38 -13.25 48.86 84.04
N LEU K 39 -13.67 47.79 83.36
CA LEU K 39 -13.79 47.83 81.91
C LEU K 39 -15.00 48.62 81.46
N LEU K 40 -16.02 48.76 82.32
CA LEU K 40 -17.17 49.59 81.95
C LEU K 40 -16.92 51.06 82.20
N ARG K 41 -15.75 51.44 82.73
CA ARG K 41 -15.37 52.83 82.86
C ARG K 41 -14.20 53.21 81.96
N VAL K 42 -13.46 52.23 81.42
CA VAL K 42 -12.42 52.55 80.45
C VAL K 42 -13.07 52.77 79.08
N ALA K 43 -14.30 52.26 78.90
CA ALA K 43 -15.06 52.59 77.70
C ALA K 43 -15.47 54.06 77.69
N GLN K 44 -15.73 54.63 78.87
CA GLN K 44 -16.11 56.05 78.94
C GLN K 44 -14.92 56.97 78.70
N ILE K 45 -13.75 56.63 79.26
CA ILE K 45 -12.61 57.55 79.23
C ILE K 45 -11.76 57.40 77.97
N LEU K 46 -12.23 56.67 76.97
CA LEU K 46 -11.55 56.64 75.68
C LEU K 46 -12.21 57.55 74.67
N LYS K 47 -13.54 57.70 74.74
CA LYS K 47 -14.30 58.41 73.71
C LYS K 47 -14.45 59.90 74.06
N GLU K 48 -13.31 60.53 74.34
CA GLU K 48 -13.24 61.97 74.52
C GLU K 48 -12.41 62.52 73.36
N PRO K 49 -12.77 63.68 72.81
CA PRO K 49 -12.07 64.19 71.61
C PRO K 49 -10.60 64.54 71.82
N LYS K 50 -10.15 64.66 73.07
CA LYS K 50 -8.72 64.73 73.32
C LYS K 50 -8.08 63.35 73.20
N VAL K 51 -8.79 62.30 73.61
CA VAL K 51 -8.21 60.97 73.70
C VAL K 51 -8.66 60.06 72.55
N ALA K 52 -9.85 60.28 71.98
CA ALA K 52 -10.23 59.55 70.77
C ALA K 52 -9.38 59.97 69.58
N ALA K 53 -8.94 61.22 69.57
CA ALA K 53 -7.90 61.62 68.64
C ALA K 53 -6.55 61.10 69.11
N SER K 54 -5.62 60.97 68.15
CA SER K 54 -4.22 60.55 68.37
C SER K 54 -4.10 59.14 68.95
N ILE K 55 -5.13 58.31 68.81
CA ILE K 55 -5.03 56.87 68.97
C ILE K 55 -5.31 56.14 67.66
N MET K 56 -6.21 56.69 66.86
CA MET K 56 -6.42 56.22 65.49
C MET K 56 -5.61 57.02 64.48
N ASN K 57 -5.03 58.14 64.88
CA ASN K 57 -4.16 58.92 64.02
C ASN K 57 -2.85 58.17 63.81
N PRO K 58 -2.53 57.72 62.59
CA PRO K 58 -1.38 56.83 62.42
C PRO K 58 -0.04 57.52 62.47
N TYR K 59 0.00 58.85 62.33
CA TYR K 59 1.26 59.57 62.26
C TYR K 59 1.68 60.14 63.61
N VAL K 60 1.76 59.33 64.67
CA VAL K 60 2.35 59.86 65.88
C VAL K 60 3.65 59.12 66.16
N LYS K 61 3.55 57.89 66.67
CA LYS K 61 4.55 56.84 66.85
C LYS K 61 3.87 55.69 67.57
N ARG K 62 4.58 54.59 67.79
CA ARG K 62 4.07 53.57 68.70
C ARG K 62 4.37 53.90 70.15
N SER K 63 5.58 54.39 70.43
CA SER K 63 6.04 54.48 71.81
C SER K 63 5.44 55.65 72.56
N VAL K 64 5.25 56.80 71.90
CA VAL K 64 4.67 57.95 72.61
C VAL K 64 3.17 57.85 72.73
N LYS K 65 2.53 56.94 71.99
CA LYS K 65 1.14 56.61 72.24
C LYS K 65 0.98 55.64 73.39
N VAL K 66 2.06 54.97 73.78
CA VAL K 66 2.07 54.14 74.98
C VAL K 66 2.26 55.01 76.23
N LYS K 67 3.22 55.93 76.19
CA LYS K 67 3.51 56.77 77.34
C LYS K 67 2.39 57.75 77.65
N SER K 68 1.64 58.17 76.62
CA SER K 68 0.44 58.97 76.86
C SER K 68 -0.72 58.13 77.38
N LEU K 69 -0.56 56.82 77.42
CA LEU K 69 -1.56 55.90 77.95
C LEU K 69 -1.06 55.11 79.15
N SER K 70 0.27 55.05 79.35
CA SER K 70 0.81 54.33 80.50
C SER K 70 0.68 55.13 81.78
N ASP K 71 0.59 56.47 81.69
CA ASP K 71 0.33 57.27 82.88
C ASP K 71 -1.16 57.55 83.06
N MET K 72 -1.94 57.48 81.98
CA MET K 72 -3.37 57.74 82.06
C MET K 72 -4.08 56.60 82.79
N THR K 73 -3.62 55.36 82.58
CA THR K 73 -4.17 54.23 83.30
C THR K 73 -3.52 54.03 84.67
N ALA K 74 -2.45 54.77 84.98
CA ALA K 74 -1.76 54.59 86.26
C ALA K 74 -2.24 55.58 87.31
N LYS K 75 -2.61 56.79 86.91
CA LYS K 75 -2.88 57.83 87.90
C LYS K 75 -4.29 57.75 88.49
N GLU K 76 -5.29 57.28 87.74
CA GLU K 76 -6.67 57.48 88.16
C GLU K 76 -7.13 56.43 89.16
N LYS K 77 -7.21 55.17 88.73
CA LYS K 77 -7.69 54.11 89.60
C LYS K 77 -6.89 52.81 89.54
N PHE K 78 -6.25 52.50 88.42
CA PHE K 78 -5.86 51.13 88.10
C PHE K 78 -4.38 50.89 88.36
N SER K 79 -4.08 49.86 89.15
CA SER K 79 -2.84 49.11 88.94
C SER K 79 -3.01 47.59 89.01
N PRO K 80 -4.05 46.96 88.35
CA PRO K 80 -4.11 45.50 88.39
C PRO K 80 -3.34 44.91 87.23
N LEU K 81 -3.58 43.62 86.95
CA LEU K 81 -3.16 43.01 85.70
C LEU K 81 -3.74 43.71 84.46
N THR K 82 -4.87 44.42 84.60
CA THR K 82 -5.53 45.04 83.44
C THR K 82 -4.73 46.21 82.87
N SER K 83 -3.81 46.77 83.66
CA SER K 83 -2.95 47.82 83.13
C SER K 83 -1.95 47.27 82.12
N ASN K 84 -1.61 45.98 82.22
CA ASN K 84 -0.80 45.35 81.19
C ASN K 84 -1.60 45.11 79.92
N LEU K 85 -2.92 44.99 80.04
CA LEU K 85 -3.76 44.73 78.86
C LEU K 85 -3.82 45.95 77.95
N ILE K 86 -4.02 47.14 78.53
CA ILE K 86 -3.96 48.36 77.75
C ILE K 86 -2.55 48.61 77.24
N ASN K 87 -1.54 48.18 78.02
CA ASN K 87 -0.15 48.27 77.57
C ASN K 87 0.12 47.30 76.42
N LEU K 88 -0.61 46.19 76.35
CA LEU K 88 -0.37 45.21 75.30
C LEU K 88 -1.18 45.54 74.04
N LEU K 89 -2.34 46.16 74.21
CA LEU K 89 -3.14 46.58 73.06
C LEU K 89 -2.47 47.69 72.28
N ALA K 90 -1.75 48.58 72.96
CA ALA K 90 -1.07 49.68 72.29
C ALA K 90 0.23 49.25 71.64
N GLU K 91 0.82 48.13 72.05
CA GLU K 91 2.02 47.65 71.40
C GLU K 91 1.71 46.96 70.08
N ASN K 92 0.61 46.21 70.04
CA ASN K 92 0.25 45.43 68.86
C ASN K 92 -0.54 46.23 67.84
N GLY K 93 -0.74 47.52 68.07
CA GLY K 93 -1.52 48.34 67.16
C GLY K 93 -3.01 48.08 67.20
N ARG K 94 -3.48 47.29 68.16
CA ARG K 94 -4.88 46.89 68.23
C ARG K 94 -5.68 47.82 69.14
N LEU K 95 -5.24 49.06 69.30
CA LEU K 95 -5.95 50.01 70.16
C LEU K 95 -7.27 50.47 69.55
N SER K 96 -7.45 50.28 68.25
CA SER K 96 -8.72 50.63 67.62
C SER K 96 -9.82 49.66 68.01
N SER K 97 -9.48 48.39 68.25
CA SER K 97 -10.46 47.34 68.51
C SER K 97 -10.78 47.19 69.99
N THR K 98 -10.45 48.19 70.80
CA THR K 98 -10.76 48.16 72.23
C THR K 98 -12.25 48.18 72.59
N PRO K 99 -13.17 48.81 71.84
CA PRO K 99 -14.59 48.52 72.12
C PRO K 99 -15.01 47.12 71.75
N GLY K 100 -14.33 46.48 70.81
CA GLY K 100 -14.64 45.10 70.48
C GLY K 100 -14.27 44.11 71.57
N VAL K 101 -13.18 44.36 72.29
CA VAL K 101 -12.77 43.48 73.37
C VAL K 101 -13.66 43.68 74.59
N ILE K 102 -14.07 44.93 74.85
CA ILE K 102 -14.90 45.23 76.01
C ILE K 102 -16.30 44.67 75.84
N SER K 103 -16.91 44.89 74.67
CA SER K 103 -18.26 44.40 74.42
C SER K 103 -18.32 42.88 74.34
N ALA K 104 -17.23 42.22 73.96
CA ALA K 104 -17.20 40.77 74.00
C ALA K 104 -17.12 40.25 75.43
N PHE K 105 -16.44 41.01 76.31
CA PHE K 105 -16.19 40.53 77.66
C PHE K 105 -17.45 40.58 78.51
N SER K 106 -18.36 41.51 78.21
CA SER K 106 -19.60 41.61 78.98
C SER K 106 -20.53 40.43 78.75
N THR K 107 -20.64 39.95 77.52
CA THR K 107 -21.45 38.76 77.24
C THR K 107 -20.77 37.49 77.68
N MET K 108 -19.43 37.46 77.68
CA MET K 108 -18.69 36.33 78.23
C MET K 108 -18.82 36.26 79.74
N MET K 109 -18.97 37.41 80.39
CA MET K 109 -19.24 37.48 81.83
C MET K 109 -20.73 37.44 82.13
N SER K 110 -21.59 37.71 81.14
CA SER K 110 -23.04 37.61 81.32
C SER K 110 -23.43 36.17 81.59
N VAL K 111 -22.93 35.24 80.76
CA VAL K 111 -23.31 33.83 80.77
C VAL K 111 -22.93 33.14 82.09
N HIS K 112 -22.08 33.79 82.89
CA HIS K 112 -21.81 33.32 84.23
C HIS K 112 -23.03 33.48 85.13
N ARG K 113 -23.96 34.37 84.75
CA ARG K 113 -25.26 34.45 85.40
C ARG K 113 -26.42 34.65 84.42
N GLY K 114 -26.15 34.78 83.12
CA GLY K 114 -27.15 35.15 82.15
C GLY K 114 -27.77 33.96 81.42
N GLU K 115 -28.74 34.30 80.56
CA GLU K 115 -29.72 33.33 80.08
C GLU K 115 -29.98 33.38 78.59
N VAL K 116 -29.27 34.21 77.82
CA VAL K 116 -29.43 34.40 76.38
C VAL K 116 -30.87 34.76 76.04
N PRO K 117 -31.26 36.03 76.18
CA PRO K 117 -32.68 36.44 76.29
C PRO K 117 -33.53 36.11 75.07
N CYS K 118 -34.83 36.28 75.27
CA CYS K 118 -35.85 35.83 74.33
C CYS K 118 -36.18 36.92 73.32
N SER K 119 -37.12 36.62 72.43
CA SER K 119 -37.60 37.57 71.43
C SER K 119 -39.04 37.21 71.08
N VAL K 120 -39.99 38.01 71.56
CA VAL K 120 -41.39 37.87 71.20
C VAL K 120 -41.77 39.02 70.30
N THR K 121 -41.98 38.74 69.01
CA THR K 121 -42.20 39.77 68.00
C THR K 121 -43.55 39.51 67.33
N THR K 122 -44.62 40.05 67.91
CA THR K 122 -45.95 39.84 67.36
C THR K 122 -46.68 41.12 66.99
N ALA K 123 -46.82 42.09 67.90
CA ALA K 123 -47.75 43.20 67.75
C ALA K 123 -47.49 44.28 68.80
N SER K 124 -48.44 45.19 68.96
CA SER K 124 -48.51 46.19 70.02
C SER K 124 -48.40 45.56 71.40
N PRO K 125 -47.87 46.26 72.40
CA PRO K 125 -47.76 45.67 73.74
C PRO K 125 -49.11 45.48 74.40
N LEU K 126 -49.28 44.31 75.01
CA LEU K 126 -50.53 43.88 75.60
C LEU K 126 -50.53 44.15 77.10
N ASP K 127 -51.55 43.60 77.77
CA ASP K 127 -51.76 43.88 79.19
C ASP K 127 -50.75 43.14 80.05
N GLU K 128 -50.84 43.37 81.36
CA GLU K 128 -49.81 42.88 82.27
C GLU K 128 -49.95 41.39 82.55
N ALA K 129 -51.17 40.86 82.50
CA ALA K 129 -51.40 39.46 82.85
C ALA K 129 -50.82 38.51 81.81
N THR K 130 -50.80 38.93 80.55
CA THR K 130 -50.17 38.11 79.52
C THR K 130 -48.65 38.14 79.62
N LEU K 131 -48.07 39.23 80.13
CA LEU K 131 -46.62 39.31 80.25
C LEU K 131 -46.11 38.51 81.43
N THR K 132 -46.79 38.58 82.58
CA THR K 132 -46.34 37.83 83.74
C THR K 132 -46.55 36.33 83.60
N GLU K 133 -47.47 35.90 82.73
CA GLU K 133 -47.68 34.47 82.56
C GLU K 133 -46.57 33.85 81.72
N LEU K 134 -46.10 34.56 80.69
CA LEU K 134 -44.98 34.05 79.91
C LEU K 134 -43.67 34.16 80.68
N LYS K 135 -43.53 35.15 81.56
CA LYS K 135 -42.34 35.24 82.39
C LYS K 135 -42.30 34.20 83.49
N THR K 136 -43.42 33.56 83.81
CA THR K 136 -43.45 32.52 84.82
C THR K 136 -43.61 31.11 84.28
N VAL K 137 -43.73 30.95 82.96
CA VAL K 137 -43.57 29.62 82.37
C VAL K 137 -42.17 29.46 81.77
N LEU K 138 -41.56 30.55 81.29
CA LEU K 138 -40.20 30.47 80.78
C LEU K 138 -39.19 30.30 81.90
N LYS K 139 -39.55 30.70 83.12
CA LYS K 139 -38.72 30.40 84.28
C LYS K 139 -38.68 28.91 84.58
N SER K 140 -39.76 28.20 84.24
CA SER K 140 -39.80 26.75 84.40
C SER K 140 -39.01 26.01 83.33
N PHE K 141 -38.61 26.70 82.25
CA PHE K 141 -37.90 26.06 81.15
C PHE K 141 -36.39 26.13 81.29
N LEU K 142 -35.86 27.14 81.98
CA LEU K 142 -34.42 27.30 82.06
C LEU K 142 -33.78 26.23 82.95
N SER K 143 -34.35 26.01 84.14
CA SER K 143 -33.92 24.99 85.10
C SER K 143 -32.46 25.17 85.52
N LYS K 144 -32.03 26.43 85.63
CA LYS K 144 -30.64 26.75 85.94
C LYS K 144 -30.46 27.76 87.05
N GLY K 145 -31.54 28.24 87.67
CA GLY K 145 -31.44 29.14 88.81
C GLY K 145 -30.96 30.53 88.44
N GLN K 146 -31.37 31.02 87.27
CA GLN K 146 -30.89 32.29 86.75
C GLN K 146 -32.07 33.12 86.27
N ILE K 147 -32.10 34.40 86.66
CA ILE K 147 -33.26 35.26 86.46
C ILE K 147 -33.24 35.78 85.02
N LEU K 148 -34.14 35.24 84.19
CA LEU K 148 -34.09 35.48 82.75
C LEU K 148 -34.45 36.92 82.40
N LYS K 149 -33.73 37.46 81.43
CA LYS K 149 -34.06 38.73 80.81
C LYS K 149 -34.76 38.49 79.48
N LEU K 150 -35.40 39.52 78.96
CA LEU K 150 -36.27 39.36 77.80
C LEU K 150 -36.40 40.68 77.08
N GLU K 151 -36.60 40.61 75.76
CA GLU K 151 -36.88 41.78 74.94
C GLU K 151 -38.15 41.53 74.14
N VAL K 152 -38.88 42.60 73.89
CA VAL K 152 -40.10 42.56 73.08
C VAL K 152 -39.92 43.51 71.89
N LYS K 153 -40.21 43.01 70.69
CA LYS K 153 -40.14 43.82 69.48
C LYS K 153 -41.51 43.83 68.82
N VAL K 154 -41.76 44.87 68.02
CA VAL K 154 -43.03 45.03 67.31
C VAL K 154 -42.79 44.79 65.84
N ASP K 155 -43.49 43.80 65.29
CA ASP K 155 -43.42 43.53 63.85
C ASP K 155 -44.80 43.14 63.35
N PRO K 156 -45.47 44.02 62.58
CA PRO K 156 -46.85 43.75 62.16
C PRO K 156 -47.00 42.84 60.95
N SER K 157 -45.88 42.38 60.35
CA SER K 157 -45.97 41.55 59.16
C SER K 157 -46.49 40.16 59.50
N ILE K 158 -46.27 39.69 60.73
CA ILE K 158 -46.92 38.47 61.18
C ILE K 158 -48.38 38.77 61.48
N MET K 159 -49.28 37.94 60.93
CA MET K 159 -50.71 38.24 60.91
C MET K 159 -51.36 38.26 62.28
N GLY K 160 -51.36 37.14 62.97
CA GLY K 160 -52.00 37.08 64.27
C GLY K 160 -51.25 36.26 65.30
N GLY K 161 -50.11 35.69 64.91
CA GLY K 161 -49.35 34.81 65.77
C GLY K 161 -48.11 35.47 66.34
N MET K 162 -47.29 34.65 66.98
CA MET K 162 -46.07 35.11 67.64
C MET K 162 -44.97 34.05 67.50
N ILE K 163 -43.73 34.51 67.37
CA ILE K 163 -42.58 33.61 67.41
C ILE K 163 -41.81 33.86 68.69
N VAL K 164 -41.31 32.80 69.29
CA VAL K 164 -40.63 32.84 70.58
C VAL K 164 -39.33 32.06 70.44
N ARG K 165 -38.23 32.65 70.88
CA ARG K 165 -36.94 32.00 70.90
C ARG K 165 -36.46 31.93 72.35
N ILE K 166 -35.91 30.79 72.75
CA ILE K 166 -35.31 30.64 74.08
C ILE K 166 -33.86 30.26 73.84
N GLY K 167 -32.98 31.24 73.72
CA GLY K 167 -31.60 30.90 73.46
C GLY K 167 -31.43 30.56 71.99
N GLU K 168 -31.42 29.26 71.70
CA GLU K 168 -31.31 28.75 70.34
C GLU K 168 -32.37 27.66 70.13
N LYS K 169 -33.63 27.97 70.44
CA LYS K 169 -34.70 26.99 70.36
C LYS K 169 -35.73 27.31 69.28
N TYR K 170 -36.34 28.50 69.34
CA TYR K 170 -37.16 29.07 68.26
C TYR K 170 -38.38 28.20 67.93
N VAL K 171 -39.34 28.18 68.87
CA VAL K 171 -40.68 27.70 68.52
C VAL K 171 -41.34 28.71 67.58
N ASP K 172 -42.42 28.27 66.95
CA ASP K 172 -43.01 29.07 65.87
C ASP K 172 -44.51 28.87 65.79
N MET K 173 -45.26 29.95 65.96
CA MET K 173 -46.70 29.94 65.78
C MET K 173 -47.11 31.25 65.12
N SER K 174 -47.09 31.28 63.79
CA SER K 174 -47.15 32.56 63.08
C SER K 174 -47.88 32.36 61.75
N ALA K 175 -47.67 33.29 60.82
CA ALA K 175 -48.25 33.26 59.49
C ALA K 175 -47.72 32.14 58.60
N LYS K 176 -46.73 31.36 59.05
CA LYS K 176 -46.28 30.19 58.32
C LYS K 176 -47.27 29.03 58.36
N THR K 177 -48.33 29.14 59.17
CA THR K 177 -49.43 28.20 59.08
C THR K 177 -50.36 28.54 57.91
N LYS K 178 -50.17 29.71 57.30
CA LYS K 178 -50.82 29.97 56.02
C LYS K 178 -50.00 29.44 54.86
N ILE K 179 -48.68 29.38 55.02
CA ILE K 179 -47.82 28.82 53.97
C ILE K 179 -47.88 27.30 53.99
N GLN K 180 -48.37 26.70 55.08
CA GLN K 180 -48.62 25.26 55.13
C GLN K 180 -49.90 24.85 54.40
N LYS K 181 -50.55 25.75 53.68
CA LYS K 181 -51.69 25.43 52.83
C LYS K 181 -51.28 25.04 51.42
N LEU K 182 -50.01 24.70 51.20
CA LEU K 182 -49.60 24.12 49.92
C LEU K 182 -50.01 22.66 49.81
N SER K 183 -50.48 22.06 50.90
CA SER K 183 -51.04 20.71 50.84
C SER K 183 -52.36 20.67 50.09
N ARG K 184 -53.03 21.81 49.91
CA ARG K 184 -54.15 21.92 48.99
C ARG K 184 -53.71 21.95 47.54
N ALA K 185 -52.44 22.24 47.27
CA ALA K 185 -51.90 22.33 45.92
C ALA K 185 -50.90 21.22 45.61
N MET K 186 -49.84 21.11 46.42
CA MET K 186 -48.82 20.09 46.17
C MET K 186 -49.32 18.70 46.54
N ARG K 187 -50.24 18.64 47.51
CA ARG K 187 -50.93 17.42 47.96
C ARG K 187 -49.99 16.31 48.41
N PRO L 1 34.37 -57.30 -52.19
CA PRO L 1 33.88 -57.64 -50.86
C PRO L 1 34.47 -58.94 -50.33
N PRO L 2 35.42 -58.84 -49.40
CA PRO L 2 36.00 -60.07 -48.84
C PRO L 2 35.07 -60.79 -47.88
N LEU L 3 34.39 -60.04 -47.01
CA LEU L 3 33.48 -60.66 -46.05
C LEU L 3 32.22 -61.24 -46.68
N PRO L 4 31.73 -60.73 -47.82
CA PRO L 4 30.44 -61.23 -48.34
C PRO L 4 30.56 -62.55 -49.09
N GLU L 5 31.70 -62.82 -49.72
CA GLU L 5 31.87 -64.07 -50.46
C GLU L 5 31.96 -65.25 -49.52
N HIS L 6 32.56 -65.06 -48.34
CA HIS L 6 32.55 -66.10 -47.33
C HIS L 6 31.18 -66.24 -46.69
N GLY L 7 30.38 -65.17 -46.72
CA GLY L 7 29.07 -65.20 -46.11
C GLY L 7 28.09 -66.11 -46.84
N GLY L 8 28.26 -66.23 -48.16
CA GLY L 8 27.59 -67.30 -48.88
C GLY L 8 28.32 -68.63 -48.76
N LYS L 9 29.65 -68.57 -48.60
CA LYS L 9 30.43 -69.80 -48.44
C LYS L 9 30.22 -70.41 -47.06
N VAL L 10 29.95 -69.58 -46.05
CA VAL L 10 29.52 -70.11 -44.76
C VAL L 10 28.10 -70.64 -44.87
N ARG L 11 27.31 -70.07 -45.77
CA ARG L 11 26.01 -70.65 -46.09
C ARG L 11 26.18 -71.92 -46.93
N LEU L 12 27.28 -72.00 -47.68
CA LEU L 12 27.58 -73.23 -48.41
C LEU L 12 28.00 -74.35 -47.46
N GLY L 13 28.66 -74.01 -46.36
CA GLY L 13 28.87 -74.98 -45.31
C GLY L 13 27.63 -75.21 -44.48
N LEU L 14 26.70 -74.24 -44.49
CA LEU L 14 25.45 -74.41 -43.75
C LEU L 14 24.45 -75.26 -44.53
N ILE L 15 24.31 -74.98 -45.83
CA ILE L 15 23.37 -75.75 -46.65
C ILE L 15 23.83 -77.18 -46.86
N PRO L 16 25.14 -77.48 -46.85
CA PRO L 16 25.55 -78.90 -46.99
C PRO L 16 25.24 -79.73 -45.76
N GLU L 17 25.16 -79.12 -44.59
CA GLU L 17 24.79 -79.85 -43.38
C GLU L 17 23.27 -79.92 -43.23
N GLU L 18 22.55 -78.88 -43.65
CA GLU L 18 21.10 -78.90 -43.59
C GLU L 18 20.53 -79.87 -44.63
N PHE L 19 21.22 -80.02 -45.75
CA PHE L 19 20.85 -81.07 -46.70
C PHE L 19 21.23 -82.44 -46.16
N PHE L 20 22.24 -82.49 -45.30
CA PHE L 20 22.62 -83.76 -44.69
C PHE L 20 21.62 -84.17 -43.62
N GLN L 21 21.11 -83.20 -42.85
CA GLN L 21 20.08 -83.52 -41.87
C GLN L 21 18.75 -83.82 -42.55
N PHE L 22 18.49 -83.19 -43.70
CA PHE L 22 17.33 -83.56 -44.50
C PHE L 22 17.52 -84.93 -45.12
N LEU L 23 18.77 -85.32 -45.41
CA LEU L 23 19.04 -86.67 -45.88
C LEU L 23 18.85 -87.68 -44.76
N TYR L 24 19.00 -87.24 -43.50
CA TYR L 24 18.63 -88.10 -42.39
C TYR L 24 17.12 -88.31 -42.30
N PRO L 25 16.28 -87.38 -42.76
CA PRO L 25 14.83 -87.67 -42.76
C PRO L 25 14.43 -88.73 -43.77
N LYS L 26 15.13 -88.79 -44.91
CA LYS L 26 14.89 -89.86 -45.86
C LYS L 26 15.45 -91.19 -45.36
N THR L 27 16.48 -91.14 -44.52
CA THR L 27 16.98 -92.36 -43.90
C THR L 27 15.98 -92.92 -42.90
N GLY L 28 15.10 -92.06 -42.36
CA GLY L 28 13.98 -92.55 -41.59
C GLY L 28 12.87 -93.10 -42.46
N VAL L 29 12.92 -92.80 -43.75
CA VAL L 29 11.96 -93.39 -44.69
C VAL L 29 12.63 -94.50 -45.50
N THR L 30 13.64 -95.15 -44.92
CA THR L 30 14.30 -96.26 -45.62
C THR L 30 13.38 -97.47 -45.74
N GLY L 31 12.52 -97.68 -44.73
CA GLY L 31 11.56 -98.75 -44.79
C GLY L 31 10.13 -98.34 -45.07
N PRO L 32 9.62 -97.28 -44.46
CA PRO L 32 8.17 -97.09 -44.37
C PRO L 32 7.52 -96.25 -45.47
N TYR L 33 8.23 -95.92 -46.55
CA TYR L 33 7.72 -95.01 -47.57
C TYR L 33 7.16 -95.77 -48.78
N VAL L 34 5.87 -95.61 -49.04
CA VAL L 34 5.21 -96.31 -50.13
C VAL L 34 4.42 -95.35 -51.00
N LEU L 35 4.72 -94.04 -50.90
CA LEU L 35 3.98 -93.01 -51.62
C LEU L 35 4.64 -92.56 -52.91
N GLY L 36 5.89 -92.10 -52.82
CA GLY L 36 6.52 -91.48 -53.97
C GLY L 36 6.85 -92.46 -55.08
N THR L 37 7.22 -93.69 -54.70
CA THR L 37 7.69 -94.66 -55.70
C THR L 37 6.52 -95.24 -56.50
N GLY L 38 5.28 -94.93 -56.12
CA GLY L 38 4.17 -95.23 -56.99
C GLY L 38 4.03 -94.21 -58.12
N LEU L 39 4.40 -92.96 -57.86
CA LEU L 39 4.15 -91.90 -58.82
C LEU L 39 5.42 -91.34 -59.42
N ILE L 40 6.59 -91.87 -59.03
CA ILE L 40 7.84 -91.37 -59.58
C ILE L 40 8.08 -91.94 -60.98
N LEU L 41 7.22 -92.85 -61.42
CA LEU L 41 7.40 -93.46 -62.73
C LEU L 41 6.72 -92.65 -63.83
N TYR L 42 5.54 -92.09 -63.54
CA TYR L 42 4.83 -91.31 -64.54
C TYR L 42 5.58 -90.02 -64.84
N LEU L 43 6.32 -89.50 -63.86
CA LEU L 43 7.22 -88.38 -64.12
C LEU L 43 8.55 -88.88 -64.66
N LEU L 44 8.74 -90.19 -64.75
CA LEU L 44 9.92 -90.72 -65.42
C LEU L 44 9.57 -91.26 -66.81
N SER L 45 8.31 -91.60 -67.03
CA SER L 45 7.89 -92.07 -68.34
C SER L 45 7.50 -90.92 -69.26
N LYS L 46 6.75 -89.94 -68.73
CA LYS L 46 6.37 -88.78 -69.53
C LYS L 46 7.58 -87.91 -69.80
N GLU L 47 8.56 -87.90 -68.90
CA GLU L 47 9.81 -87.22 -69.16
C GLU L 47 10.63 -87.97 -70.19
N ILE L 48 10.29 -89.24 -70.44
CA ILE L 48 10.85 -89.95 -71.58
C ILE L 48 10.00 -89.75 -72.82
N TYR L 49 8.90 -89.00 -72.73
CA TYR L 49 8.11 -88.75 -73.94
C TYR L 49 8.41 -87.40 -74.57
N VAL L 50 7.98 -86.30 -73.94
CA VAL L 50 7.92 -85.05 -74.69
C VAL L 50 8.32 -83.76 -73.97
N ILE L 51 8.58 -83.83 -72.66
CA ILE L 51 8.36 -82.64 -71.83
C ILE L 51 9.57 -81.71 -71.85
N THR L 52 10.57 -81.97 -72.69
CA THR L 52 11.73 -81.09 -72.74
C THR L 52 11.57 -80.05 -73.84
N ALA L 53 11.80 -78.78 -73.49
CA ALA L 53 11.68 -77.65 -74.41
C ALA L 53 12.46 -76.48 -73.85
N GLU L 54 12.16 -75.28 -74.36
CA GLU L 54 12.65 -74.03 -73.77
C GLU L 54 11.72 -73.59 -72.62
N THR L 55 11.75 -74.40 -71.56
CA THR L 55 10.96 -74.13 -70.37
C THR L 55 11.77 -74.44 -69.12
N PHE L 56 13.01 -73.95 -69.07
CA PHE L 56 13.69 -73.82 -67.78
C PHE L 56 13.21 -72.57 -67.06
N SER L 57 12.46 -71.71 -67.75
CA SER L 57 11.75 -70.62 -67.09
C SER L 57 10.41 -71.06 -66.55
N ALA L 58 10.14 -72.36 -66.63
CA ALA L 58 9.00 -72.92 -65.93
C ALA L 58 9.30 -73.07 -64.44
N ILE L 59 10.55 -73.40 -64.12
CA ILE L 59 10.92 -73.62 -62.72
C ILE L 59 11.09 -72.29 -62.00
N SER L 60 11.63 -71.28 -62.71
CA SER L 60 11.94 -70.02 -62.05
C SER L 60 10.70 -69.18 -61.81
N THR L 61 9.61 -69.46 -62.54
CA THR L 61 8.33 -68.85 -62.20
C THR L 61 7.60 -69.70 -61.18
N ILE L 62 8.13 -70.89 -60.87
CA ILE L 62 7.61 -71.69 -59.78
C ILE L 62 8.56 -71.61 -58.58
N GLY L 63 9.80 -71.17 -58.81
CA GLY L 63 10.72 -70.96 -57.70
C GLY L 63 10.44 -69.68 -56.94
N VAL L 64 10.07 -68.62 -57.66
CA VAL L 64 9.73 -67.35 -57.02
C VAL L 64 8.41 -67.48 -56.26
N LEU L 65 7.51 -68.35 -56.72
CA LEU L 65 6.27 -68.56 -55.99
C LEU L 65 6.47 -69.44 -54.76
N VAL L 66 7.68 -69.94 -54.53
CA VAL L 66 7.95 -70.62 -53.26
C VAL L 66 8.38 -69.61 -52.19
N TYR L 67 9.14 -68.58 -52.58
CA TYR L 67 9.56 -67.55 -51.64
C TYR L 67 8.41 -66.73 -51.09
N ILE L 68 7.27 -66.72 -51.77
CA ILE L 68 6.14 -65.95 -51.28
C ILE L 68 5.33 -66.77 -50.30
N VAL L 69 5.57 -68.08 -50.25
CA VAL L 69 4.96 -68.91 -49.22
C VAL L 69 5.58 -68.63 -47.85
N LYS L 70 6.85 -68.18 -47.85
CA LYS L 70 7.49 -67.67 -46.63
C LYS L 70 6.71 -66.49 -46.03
N LYS L 71 6.43 -65.47 -46.83
CA LYS L 71 5.71 -64.31 -46.32
C LYS L 71 4.21 -64.60 -46.19
N TYR L 72 3.76 -65.74 -46.72
CA TYR L 72 2.35 -66.09 -46.59
C TYR L 72 2.02 -66.50 -45.16
N GLY L 73 3.02 -66.99 -44.43
CA GLY L 73 2.83 -67.26 -43.02
C GLY L 73 2.77 -66.00 -42.19
N ALA L 74 3.10 -64.86 -42.80
CA ALA L 74 2.80 -63.57 -42.18
C ALA L 74 1.56 -62.94 -42.79
N SER L 75 1.11 -63.49 -43.93
CA SER L 75 -0.11 -62.97 -44.54
C SER L 75 -1.34 -63.47 -43.80
N ILE L 76 -1.16 -64.47 -42.94
CA ILE L 76 -2.28 -64.96 -42.15
C ILE L 76 -2.65 -63.94 -41.09
N GLY L 77 -1.67 -63.19 -40.61
CA GLY L 77 -1.96 -62.14 -39.64
C GLY L 77 -2.65 -60.96 -40.27
N ALA L 78 -2.16 -60.56 -41.43
CA ALA L 78 -2.78 -59.43 -42.13
C ALA L 78 -4.19 -59.83 -42.51
N PHE L 79 -4.33 -61.04 -43.06
CA PHE L 79 -5.64 -61.54 -43.41
C PHE L 79 -6.40 -61.76 -42.12
N ALA L 80 -5.72 -62.35 -41.16
CA ALA L 80 -6.28 -62.60 -39.83
C ALA L 80 -6.53 -61.28 -39.13
N ASP L 81 -5.59 -60.36 -39.31
CA ASP L 81 -5.68 -59.04 -38.71
C ASP L 81 -6.89 -58.28 -39.24
N LYS L 82 -7.14 -58.41 -40.53
CA LYS L 82 -8.28 -57.72 -41.13
C LYS L 82 -9.58 -58.22 -40.51
N LEU L 83 -9.67 -59.53 -40.32
CA LEU L 83 -10.88 -60.10 -39.72
C LEU L 83 -11.07 -59.62 -38.28
N ASN L 84 -9.99 -59.61 -37.51
CA ASN L 84 -10.09 -59.15 -36.12
C ASN L 84 -10.45 -57.66 -36.04
N GLU L 85 -9.82 -56.86 -36.89
CA GLU L 85 -10.07 -55.43 -36.92
C GLU L 85 -11.53 -55.23 -37.30
N GLN L 86 -12.00 -56.04 -38.25
CA GLN L 86 -13.39 -55.96 -38.68
C GLN L 86 -14.30 -56.33 -37.52
N LYS L 87 -13.92 -57.36 -36.77
CA LYS L 87 -14.68 -57.84 -35.62
C LYS L 87 -14.82 -56.83 -34.49
N ILE L 88 -13.77 -56.08 -34.21
CA ILE L 88 -13.84 -55.11 -33.11
C ILE L 88 -14.89 -54.02 -33.34
N ALA L 89 -15.06 -53.57 -34.58
CA ALA L 89 -16.01 -52.51 -34.87
C ALA L 89 -17.46 -52.87 -34.54
N GLN L 90 -17.91 -54.07 -34.89
CA GLN L 90 -19.27 -54.45 -34.56
C GLN L 90 -19.46 -54.54 -33.05
N LEU L 91 -18.44 -55.07 -32.35
CA LEU L 91 -18.50 -55.21 -30.91
C LEU L 91 -18.63 -53.83 -30.25
N GLU L 92 -17.89 -52.86 -30.76
CA GLU L 92 -17.98 -51.51 -30.23
C GLU L 92 -19.38 -50.96 -30.51
N GLU L 93 -19.87 -51.22 -31.72
CA GLU L 93 -21.18 -50.73 -32.13
C GLU L 93 -22.35 -51.28 -31.33
N VAL L 94 -22.35 -52.59 -31.06
CA VAL L 94 -23.46 -53.17 -30.30
C VAL L 94 -23.48 -52.61 -28.87
N LYS L 95 -22.31 -52.49 -28.26
CA LYS L 95 -22.21 -51.97 -26.91
C LYS L 95 -22.66 -50.51 -26.90
N GLN L 96 -22.22 -49.77 -27.91
CA GLN L 96 -22.58 -48.36 -28.02
C GLN L 96 -24.08 -48.22 -28.23
N ALA L 97 -24.64 -49.09 -29.07
CA ALA L 97 -26.06 -49.07 -29.34
C ALA L 97 -26.86 -49.43 -28.10
N SER L 98 -26.39 -50.43 -27.36
CA SER L 98 -27.08 -50.90 -26.16
C SER L 98 -27.18 -49.87 -25.03
N ILE L 99 -26.10 -49.17 -24.75
CA ILE L 99 -26.12 -48.19 -23.68
C ILE L 99 -27.07 -47.02 -23.94
N LYS L 100 -27.09 -46.54 -25.17
CA LYS L 100 -27.96 -45.42 -25.53
C LYS L 100 -29.44 -45.75 -25.39
N GLN L 101 -29.83 -46.92 -25.86
CA GLN L 101 -31.23 -47.33 -25.78
C GLN L 101 -31.77 -47.52 -24.37
N ILE L 102 -30.98 -48.17 -23.52
CA ILE L 102 -31.38 -48.42 -22.14
C ILE L 102 -31.52 -47.17 -21.27
N GLN L 103 -30.59 -46.24 -21.45
CA GLN L 103 -30.58 -45.01 -20.65
C GLN L 103 -31.63 -44.01 -21.11
N ASP L 104 -32.05 -44.06 -22.37
CA ASP L 104 -33.13 -43.21 -22.85
C ASP L 104 -34.46 -43.64 -22.27
N ALA L 105 -34.60 -44.91 -21.89
CA ALA L 105 -35.83 -45.37 -21.25
C ALA L 105 -35.94 -44.90 -19.81
N ILE L 106 -34.84 -44.96 -19.05
CA ILE L 106 -34.89 -44.69 -17.62
C ILE L 106 -35.07 -43.20 -17.35
N ASP L 107 -34.31 -42.35 -18.04
CA ASP L 107 -34.34 -40.92 -17.73
C ASP L 107 -35.63 -40.27 -18.21
N LEU L 108 -36.30 -40.88 -19.19
CA LEU L 108 -37.57 -40.35 -19.66
C LEU L 108 -38.77 -41.03 -19.02
N GLU L 109 -38.55 -42.12 -18.27
CA GLU L 109 -39.61 -42.65 -17.43
C GLU L 109 -39.81 -41.80 -16.19
N LYS L 110 -38.70 -41.39 -15.56
CA LYS L 110 -38.78 -40.49 -14.41
C LYS L 110 -39.19 -39.08 -14.81
N SER L 111 -39.01 -38.72 -16.08
CA SER L 111 -39.48 -37.43 -16.58
C SER L 111 -41.00 -37.37 -16.65
N GLN L 112 -41.67 -38.52 -16.73
CA GLN L 112 -43.12 -38.56 -16.55
C GLN L 112 -43.50 -38.25 -15.11
N GLN L 113 -42.91 -38.98 -14.16
CA GLN L 113 -43.30 -38.89 -12.76
C GLN L 113 -42.82 -37.60 -12.10
N ALA L 114 -41.85 -36.91 -12.69
CA ALA L 114 -41.34 -35.69 -12.07
C ALA L 114 -42.35 -34.56 -12.14
N LEU L 115 -43.13 -34.51 -13.22
CA LEU L 115 -44.08 -33.42 -13.44
C LEU L 115 -45.43 -33.67 -12.76
N VAL L 116 -45.63 -34.83 -12.12
CA VAL L 116 -46.92 -35.12 -11.51
C VAL L 116 -46.81 -35.02 -9.99
N GLN L 117 -45.58 -35.00 -9.46
CA GLN L 117 -45.40 -34.56 -8.09
C GLN L 117 -45.10 -33.08 -7.99
N LYS L 118 -44.58 -32.48 -9.06
CA LYS L 118 -44.37 -31.03 -9.09
C LYS L 118 -45.69 -30.29 -9.13
N ARG L 119 -46.63 -30.76 -9.96
CA ARG L 119 -47.82 -29.97 -10.25
C ARG L 119 -48.81 -29.98 -9.10
N HIS L 120 -48.95 -31.10 -8.40
CA HIS L 120 -49.92 -31.16 -7.30
C HIS L 120 -49.43 -30.46 -6.05
N TYR L 121 -48.12 -30.28 -5.88
CA TYR L 121 -47.63 -29.45 -4.79
C TYR L 121 -47.93 -27.97 -5.03
N LEU L 122 -47.58 -27.46 -6.21
CA LEU L 122 -47.72 -26.03 -6.46
C LEU L 122 -49.16 -25.63 -6.76
N PHE L 123 -50.04 -26.58 -7.08
CA PHE L 123 -51.44 -26.23 -7.27
C PHE L 123 -52.23 -26.27 -5.97
N ASP L 124 -51.61 -26.64 -4.87
CA ASP L 124 -52.18 -26.45 -3.55
C ASP L 124 -51.50 -25.34 -2.78
N VAL L 125 -50.30 -24.93 -3.23
CA VAL L 125 -49.69 -23.70 -2.72
C VAL L 125 -50.52 -22.50 -3.15
N GLN L 126 -51.01 -22.51 -4.39
CA GLN L 126 -51.95 -21.49 -4.86
C GLN L 126 -53.30 -21.55 -4.15
N ARG L 127 -53.64 -22.68 -3.54
CA ARG L 127 -54.82 -22.72 -2.68
C ARG L 127 -54.56 -21.99 -1.37
N ASN L 128 -53.39 -22.22 -0.77
CA ASN L 128 -53.11 -21.69 0.57
C ASN L 128 -52.41 -20.33 0.56
N ASN L 129 -51.83 -19.90 -0.57
CA ASN L 129 -51.32 -18.54 -0.63
C ASN L 129 -52.45 -17.52 -0.72
N ILE L 130 -53.59 -17.90 -1.28
CA ILE L 130 -54.77 -17.05 -1.27
C ILE L 130 -55.59 -17.26 0.00
N ALA L 131 -55.43 -18.43 0.66
CA ALA L 131 -56.16 -18.68 1.91
C ALA L 131 -55.66 -17.78 3.04
N MET L 132 -54.37 -17.49 3.09
CA MET L 132 -53.85 -16.56 4.08
C MET L 132 -54.28 -15.13 3.79
N ALA L 133 -54.65 -14.83 2.54
CA ALA L 133 -55.00 -13.47 2.17
C ALA L 133 -56.36 -13.06 2.72
N LEU L 134 -57.20 -14.03 3.09
CA LEU L 134 -58.52 -13.71 3.64
C LEU L 134 -58.54 -13.73 5.16
N GLU L 135 -57.63 -14.48 5.80
CA GLU L 135 -57.55 -14.47 7.25
C GLU L 135 -56.97 -13.17 7.77
N VAL L 136 -55.89 -12.69 7.14
CA VAL L 136 -55.24 -11.46 7.58
C VAL L 136 -56.02 -10.22 7.19
N THR L 137 -57.03 -10.34 6.34
CA THR L 137 -57.96 -9.25 6.09
C THR L 137 -59.27 -9.43 6.83
N TYR L 138 -59.46 -10.55 7.51
CA TYR L 138 -60.58 -10.67 8.44
C TYR L 138 -60.12 -10.40 9.87
N ARG L 139 -58.90 -10.82 10.22
CA ARG L 139 -58.35 -10.53 11.53
C ARG L 139 -58.14 -9.03 11.72
N GLU L 140 -57.73 -8.34 10.65
CA GLU L 140 -57.61 -6.89 10.69
C GLU L 140 -58.95 -6.18 10.54
N ARG L 141 -60.02 -6.90 10.19
CA ARG L 141 -61.36 -6.33 10.22
C ARG L 141 -61.96 -6.35 11.62
N LEU L 142 -61.70 -7.41 12.39
CA LEU L 142 -62.15 -7.45 13.78
C LEU L 142 -61.32 -6.51 14.65
N HIS L 143 -60.04 -6.34 14.31
CA HIS L 143 -59.16 -5.50 15.12
C HIS L 143 -59.40 -4.01 14.90
N ARG L 144 -59.69 -3.61 13.65
CA ARG L 144 -59.84 -2.18 13.36
C ARG L 144 -61.15 -1.64 13.94
N VAL L 145 -62.18 -2.48 14.04
CA VAL L 145 -63.46 -2.01 14.57
C VAL L 145 -63.37 -1.86 16.08
N TYR L 146 -62.34 -2.43 16.72
CA TYR L 146 -62.06 -2.11 18.11
C TYR L 146 -61.22 -0.85 18.23
N LYS L 147 -60.44 -0.53 17.20
CA LYS L 147 -59.52 0.62 17.27
C LYS L 147 -60.27 1.94 17.17
N GLU L 148 -61.28 2.02 16.28
CA GLU L 148 -62.01 3.26 16.11
C GLU L 148 -63.11 3.45 17.15
N ILE L 149 -63.36 2.44 17.99
CA ILE L 149 -64.20 2.65 19.17
C ILE L 149 -63.36 2.82 20.43
N LYS L 150 -62.05 2.56 20.35
CA LYS L 150 -61.13 2.91 21.43
C LYS L 150 -60.77 4.39 21.39
N ASN L 151 -60.85 5.00 20.22
CA ASN L 151 -60.59 6.44 20.09
C ASN L 151 -61.64 7.26 20.83
N ARG L 152 -62.90 6.82 20.79
CA ARG L 152 -63.95 7.50 21.53
C ARG L 152 -63.92 7.17 23.02
N LEU L 153 -63.42 5.99 23.38
CA LEU L 153 -63.14 5.65 24.77
C LEU L 153 -61.93 6.40 25.33
N ASP L 154 -61.11 6.99 24.46
CA ASP L 154 -59.96 7.76 24.89
C ASP L 154 -60.16 9.27 24.79
N TYR L 155 -61.11 9.72 23.96
CA TYR L 155 -61.26 11.15 23.71
C TYR L 155 -62.00 11.86 24.84
N HIS L 156 -63.13 11.30 25.26
CA HIS L 156 -64.01 12.03 26.17
C HIS L 156 -63.45 12.09 27.59
N ILE L 157 -62.56 11.17 27.94
CA ILE L 157 -61.83 11.29 29.19
C ILE L 157 -60.79 12.41 29.09
N SER L 158 -60.20 12.58 27.90
CA SER L 158 -59.20 13.63 27.70
C SER L 158 -59.81 15.03 27.67
N VAL L 159 -61.13 15.15 27.69
CA VAL L 159 -61.77 16.45 27.91
C VAL L 159 -62.38 16.52 29.31
N GLN L 160 -62.86 15.39 29.85
CA GLN L 160 -63.47 15.40 31.16
C GLN L 160 -62.43 15.47 32.28
N ASN L 161 -61.23 14.95 32.04
CA ASN L 161 -60.21 14.93 33.09
C ASN L 161 -59.21 16.07 32.93
N MET L 162 -59.04 16.59 31.71
CA MET L 162 -58.16 17.73 31.53
C MET L 162 -58.77 19.00 32.09
N MET L 163 -60.05 19.23 31.83
CA MET L 163 -60.70 20.46 32.26
C MET L 163 -60.95 20.49 33.77
N ARG L 164 -60.95 19.33 34.43
CA ARG L 164 -61.06 19.30 35.88
C ARG L 164 -59.83 19.91 36.56
N GLN L 165 -58.64 19.74 35.97
CA GLN L 165 -57.43 20.34 36.52
C GLN L 165 -57.38 21.84 36.29
N LYS L 166 -58.18 22.36 35.36
CA LYS L 166 -58.21 23.79 35.12
C LYS L 166 -58.91 24.54 36.23
N GLU L 167 -59.95 23.95 36.83
CA GLU L 167 -60.63 24.59 37.95
C GLU L 167 -60.11 24.08 39.29
N GLN L 168 -59.27 23.06 39.28
CA GLN L 168 -58.58 22.67 40.51
C GLN L 168 -57.55 23.73 40.90
N GLU L 169 -56.83 24.27 39.92
CA GLU L 169 -55.87 25.33 40.21
C GLU L 169 -56.55 26.68 40.37
N HIS L 170 -57.67 26.91 39.67
CA HIS L 170 -58.39 28.17 39.83
C HIS L 170 -59.17 28.21 41.13
N MET L 171 -59.36 27.07 41.78
CA MET L 171 -59.98 27.05 43.10
C MET L 171 -59.05 27.68 44.14
N ILE L 172 -57.80 27.21 44.19
CA ILE L 172 -56.86 27.73 45.17
C ILE L 172 -56.33 29.10 44.78
N ARG L 173 -56.50 29.52 43.52
CA ARG L 173 -56.10 30.85 43.11
C ARG L 173 -56.96 31.93 43.75
N TRP L 174 -58.19 31.60 44.11
CA TRP L 174 -59.08 32.55 44.77
C TRP L 174 -58.86 32.64 46.27
N VAL L 175 -58.56 31.51 46.92
CA VAL L 175 -58.65 31.45 48.38
C VAL L 175 -57.45 32.14 49.03
N GLU L 176 -56.24 31.84 48.57
CA GLU L 176 -55.04 32.33 49.25
C GLU L 176 -54.84 33.84 49.08
N LYS L 177 -55.50 34.47 48.10
CA LYS L 177 -55.54 35.92 48.06
C LYS L 177 -56.72 36.47 48.85
N HIS L 178 -57.68 35.60 49.21
CA HIS L 178 -58.86 36.04 49.95
C HIS L 178 -58.78 35.77 51.44
N VAL L 179 -57.78 35.00 51.90
CA VAL L 179 -57.62 34.79 53.34
C VAL L 179 -57.03 36.03 53.99
N VAL L 180 -56.02 36.63 53.36
CA VAL L 180 -55.28 37.74 53.96
C VAL L 180 -56.11 39.02 54.05
N GLN L 181 -57.15 39.17 53.24
CA GLN L 181 -58.04 40.31 53.38
C GLN L 181 -59.12 40.08 54.43
N SER L 182 -59.25 38.85 54.94
CA SER L 182 -60.27 38.53 55.92
C SER L 182 -59.71 38.46 57.34
N ILE L 183 -58.43 38.11 57.50
CA ILE L 183 -57.85 38.01 58.83
C ILE L 183 -57.15 39.30 59.26
N SER L 184 -57.09 40.32 58.40
CA SER L 184 -56.39 41.55 58.72
C SER L 184 -57.14 42.42 59.72
N ALA L 185 -58.45 42.24 59.87
CA ALA L 185 -59.25 43.03 60.80
C ALA L 185 -59.61 42.26 62.07
N GLN L 186 -59.12 41.04 62.22
CA GLN L 186 -59.48 40.21 63.37
C GLN L 186 -58.48 40.42 64.51
N GLN L 187 -58.40 41.68 64.96
CA GLN L 187 -57.60 42.00 66.13
C GLN L 187 -58.29 41.58 67.42
N GLU L 188 -59.62 41.41 67.38
CA GLU L 188 -60.34 40.82 68.50
C GLU L 188 -60.07 39.32 68.63
N LYS L 189 -59.61 38.67 67.56
CA LYS L 189 -59.13 37.30 67.63
C LYS L 189 -57.67 37.23 68.08
N GLU L 190 -56.95 38.36 68.07
CA GLU L 190 -55.56 38.34 68.52
C GLU L 190 -55.47 38.20 70.03
N THR L 191 -56.48 38.66 70.77
CA THR L 191 -56.40 38.61 72.23
C THR L 191 -56.63 37.20 72.76
N ILE L 192 -57.21 36.31 71.94
CA ILE L 192 -57.28 34.90 72.32
C ILE L 192 -56.14 34.12 71.67
N ALA L 193 -55.56 34.64 70.58
CA ALA L 193 -54.45 33.97 69.91
C ALA L 193 -53.20 33.94 70.78
N LYS L 194 -52.97 34.98 71.57
CA LYS L 194 -51.92 34.94 72.58
C LYS L 194 -52.29 34.03 73.74
N CYS L 195 -53.57 33.98 74.10
CA CYS L 195 -53.99 33.20 75.26
C CYS L 195 -54.09 31.72 74.95
N ILE L 196 -54.15 31.33 73.67
CA ILE L 196 -54.12 29.92 73.34
C ILE L 196 -52.71 29.44 73.04
N ALA L 197 -51.77 30.35 72.77
CA ALA L 197 -50.42 29.95 72.40
C ALA L 197 -49.64 29.45 73.61
N ASP L 198 -49.71 30.20 74.71
CA ASP L 198 -48.93 29.88 75.89
C ASP L 198 -49.39 28.62 76.59
N LEU L 199 -50.68 28.26 76.48
CA LEU L 199 -51.12 27.00 77.07
C LEU L 199 -50.56 25.81 76.30
N LYS L 200 -50.33 25.95 74.99
CA LYS L 200 -49.54 24.95 74.29
C LYS L 200 -48.09 24.99 74.71
N LEU L 201 -47.56 26.19 75.00
CA LEU L 201 -46.22 26.28 75.56
C LEU L 201 -46.16 25.75 76.98
N LEU L 202 -47.22 25.95 77.77
CA LEU L 202 -47.31 25.28 79.07
C LEU L 202 -47.37 23.77 78.91
N ALA L 203 -47.99 23.31 77.83
CA ALA L 203 -47.93 21.89 77.49
C ALA L 203 -46.56 21.51 76.95
N LYS L 204 -45.83 22.47 76.36
CA LYS L 204 -44.56 22.15 75.73
C LYS L 204 -43.39 22.19 76.71
N LYS L 205 -43.37 23.14 77.63
CA LYS L 205 -42.25 23.23 78.56
C LYS L 205 -42.28 22.13 79.61
N ALA L 206 -43.41 21.45 79.78
CA ALA L 206 -43.49 20.29 80.65
C ALA L 206 -42.91 19.04 80.00
N GLN L 207 -42.63 19.06 78.69
CA GLN L 207 -42.09 17.88 78.02
C GLN L 207 -40.61 17.71 78.32
N ALA L 208 -39.81 18.78 78.21
CA ALA L 208 -38.41 18.70 78.54
C ALA L 208 -38.16 18.64 80.04
N GLN L 209 -39.13 19.06 80.85
CA GLN L 209 -39.00 19.03 82.31
C GLN L 209 -39.77 17.85 82.89
N VAL M 1 -54.61 26.48 66.16
CA VAL M 1 -54.53 26.56 64.71
C VAL M 1 -55.78 25.96 64.07
N GLN M 2 -56.64 25.39 64.91
CA GLN M 2 -57.92 24.89 64.40
C GLN M 2 -58.88 26.04 64.08
N LYS M 3 -58.78 27.13 64.83
CA LYS M 3 -59.60 28.30 64.52
C LYS M 3 -59.14 28.97 63.23
N LEU M 4 -57.85 28.84 62.90
CA LEU M 4 -57.39 29.26 61.59
C LEU M 4 -57.81 28.24 60.53
N PHE M 5 -57.97 26.98 60.93
CA PHE M 5 -58.29 25.91 59.99
C PHE M 5 -59.72 26.04 59.46
N VAL M 6 -60.68 26.30 60.34
CA VAL M 6 -62.09 26.39 59.93
C VAL M 6 -62.33 27.67 59.14
N ASP M 7 -61.47 28.67 59.32
CA ASP M 7 -61.53 29.88 58.50
C ASP M 7 -61.19 29.55 57.03
N LYS M 8 -60.33 28.57 56.80
CA LYS M 8 -60.09 28.11 55.44
C LYS M 8 -61.30 27.34 54.90
N ILE M 9 -61.95 26.54 55.75
CA ILE M 9 -63.08 25.71 55.31
C ILE M 9 -64.27 26.59 54.97
N ARG M 10 -64.38 27.77 55.59
CA ARG M 10 -65.43 28.71 55.24
C ARG M 10 -65.24 29.24 53.82
N GLU M 11 -64.00 29.56 53.44
CA GLU M 11 -63.77 30.20 52.15
C GLU M 11 -63.75 29.19 51.02
N TYR M 12 -63.68 27.89 51.33
CA TYR M 12 -63.85 26.88 50.29
C TYR M 12 -65.31 26.72 49.94
N ARG M 13 -66.21 26.94 50.89
CA ARG M 13 -67.64 26.74 50.64
C ARG M 13 -68.25 27.96 49.96
N THR M 14 -67.66 29.15 50.14
CA THR M 14 -68.09 30.30 49.36
C THR M 14 -67.51 30.24 47.95
N LYS M 15 -66.46 29.44 47.75
CA LYS M 15 -65.98 29.17 46.40
C LYS M 15 -66.83 28.07 45.75
N ARG M 16 -67.51 27.27 46.57
CA ARG M 16 -68.44 26.28 46.03
C ARG M 16 -69.70 26.94 45.48
N GLN M 17 -70.16 28.01 46.12
CA GLN M 17 -71.33 28.73 45.64
C GLN M 17 -70.99 29.51 44.39
N THR M 18 -71.25 28.93 43.22
CA THR M 18 -70.96 29.55 41.95
C THR M 18 -72.21 29.59 41.08
N SER M 19 -72.32 30.63 40.26
CA SER M 19 -73.42 30.81 39.33
C SER M 19 -72.97 31.25 37.95
N GLY M 20 -71.76 31.79 37.83
CA GLY M 20 -71.23 32.19 36.56
C GLY M 20 -69.93 31.48 36.21
N GLY M 21 -69.51 30.56 37.09
CA GLY M 21 -68.30 29.81 36.88
C GLY M 21 -67.05 30.56 37.28
N PRO M 22 -66.12 30.74 36.33
CA PRO M 22 -64.87 31.44 36.64
C PRO M 22 -65.07 32.93 36.81
N VAL M 23 -65.02 33.39 38.05
CA VAL M 23 -65.17 34.81 38.36
C VAL M 23 -63.86 35.58 38.17
N ASP M 24 -62.73 34.98 38.56
CA ASP M 24 -61.45 35.67 38.46
C ASP M 24 -60.71 35.37 37.16
N ALA M 25 -61.16 34.36 36.41
CA ALA M 25 -60.48 34.01 35.16
C ALA M 25 -60.79 35.02 34.07
N GLY M 26 -62.08 35.26 33.80
CA GLY M 26 -62.48 36.16 32.76
C GLY M 26 -62.20 35.59 31.38
N PRO M 27 -61.83 36.47 30.44
CA PRO M 27 -61.54 35.97 29.08
C PRO M 27 -60.16 35.34 28.95
N GLU M 28 -59.31 35.48 29.98
CA GLU M 28 -57.95 34.98 29.89
C GLU M 28 -57.91 33.46 29.95
N TYR M 29 -58.67 32.87 30.88
CA TYR M 29 -58.70 31.41 30.98
C TYR M 29 -59.69 30.81 29.99
N GLN M 30 -60.60 31.63 29.46
CA GLN M 30 -61.57 31.13 28.49
C GLN M 30 -60.96 31.03 27.10
N GLN M 31 -60.10 32.00 26.74
CA GLN M 31 -59.47 31.96 25.42
C GLN M 31 -58.26 31.01 25.42
N ASP M 32 -57.76 30.67 26.60
CA ASP M 32 -56.59 29.79 26.67
C ASP M 32 -56.97 28.33 26.43
N LEU M 33 -57.84 27.78 27.29
CA LEU M 33 -58.12 26.35 27.25
C LEU M 33 -59.00 25.97 26.06
N ASP M 34 -59.70 26.94 25.49
CA ASP M 34 -60.42 26.68 24.24
C ASP M 34 -59.45 26.59 23.07
N ARG M 35 -58.39 27.41 23.10
CA ARG M 35 -57.39 27.33 22.05
C ARG M 35 -56.37 26.23 22.33
N GLU M 36 -56.23 25.84 23.60
CA GLU M 36 -55.28 24.79 23.94
C GLU M 36 -55.79 23.42 23.54
N LEU M 37 -57.08 23.17 23.77
CA LEU M 37 -57.65 21.88 23.40
C LEU M 37 -57.77 21.73 21.89
N PHE M 38 -58.10 22.83 21.19
CA PHE M 38 -58.23 22.78 19.74
C PHE M 38 -56.86 22.64 19.08
N LYS M 39 -55.81 23.12 19.75
CA LYS M 39 -54.45 22.84 19.28
C LYS M 39 -54.06 21.41 19.59
N LEU M 40 -54.67 20.81 20.62
CA LEU M 40 -54.39 19.42 20.95
C LEU M 40 -55.31 18.47 20.19
N LYS M 41 -56.54 18.90 19.90
CA LYS M 41 -57.44 18.06 19.11
C LYS M 41 -57.02 18.02 17.65
N GLN M 42 -56.31 19.05 17.19
CA GLN M 42 -55.72 19.00 15.85
C GLN M 42 -54.59 17.99 15.78
N MET M 43 -53.95 17.72 16.92
CA MET M 43 -52.96 16.65 16.98
C MET M 43 -53.61 15.33 17.36
N TYR M 44 -54.83 15.37 17.90
CA TYR M 44 -55.50 14.15 18.34
C TYR M 44 -56.20 13.44 17.18
N GLY M 45 -57.16 14.11 16.55
CA GLY M 45 -57.91 13.51 15.46
C GLY M 45 -59.31 14.08 15.31
N LYS M 46 -59.82 14.07 14.08
CA LYS M 46 -61.13 14.64 13.75
C LYS M 46 -62.18 13.54 13.88
N ALA M 47 -62.70 13.37 15.10
CA ALA M 47 -63.71 12.36 15.39
C ALA M 47 -64.91 13.02 16.05
N ASP M 48 -66.10 12.59 15.67
CA ASP M 48 -67.32 13.17 16.20
C ASP M 48 -67.63 12.62 17.59
N MET M 49 -68.68 13.16 18.20
CA MET M 49 -69.06 12.78 19.55
C MET M 49 -69.88 11.50 19.61
N ASN M 50 -70.63 11.17 18.55
CA ASN M 50 -71.47 9.98 18.56
C ASN M 50 -71.47 9.21 17.26
N THR M 51 -70.67 9.59 16.27
CA THR M 51 -70.66 8.90 14.97
C THR M 51 -69.77 7.66 15.08
N PHE M 52 -70.41 6.50 15.10
CA PHE M 52 -69.66 5.26 15.13
C PHE M 52 -69.12 4.94 13.74
N PRO M 53 -67.87 4.49 13.63
CA PRO M 53 -67.28 4.23 12.32
C PRO M 53 -67.65 2.86 11.77
N ASN M 54 -67.83 2.81 10.45
CA ASN M 54 -68.11 1.58 9.75
C ASN M 54 -67.66 1.73 8.31
N PHE M 55 -66.95 0.73 7.80
CA PHE M 55 -66.41 0.78 6.45
C PHE M 55 -66.12 -0.64 5.97
N THR M 56 -65.58 -0.72 4.76
CA THR M 56 -65.21 -2.00 4.15
C THR M 56 -63.89 -1.83 3.41
N PHE M 57 -63.27 -2.97 3.11
CA PHE M 57 -61.98 -2.98 2.43
C PHE M 57 -62.03 -3.95 1.26
N GLU M 58 -61.23 -3.67 0.24
CA GLU M 58 -61.15 -4.51 -0.95
C GLU M 58 -59.86 -5.32 -0.95
N ASP M 59 -60.02 -6.63 -1.05
CA ASP M 59 -58.89 -7.55 -1.10
C ASP M 59 -58.32 -7.61 -2.50
N PRO M 60 -57.13 -8.17 -2.67
CA PRO M 60 -56.49 -8.19 -4.00
C PRO M 60 -57.11 -9.22 -4.91
N LYS M 61 -57.29 -8.87 -6.17
CA LYS M 61 -57.83 -9.79 -7.15
C LYS M 61 -56.82 -10.87 -7.47
N PHE M 62 -57.10 -12.10 -7.02
CA PHE M 62 -56.19 -13.22 -7.22
C PHE M 62 -56.24 -13.66 -8.68
N GLU M 63 -55.35 -13.11 -9.50
CA GLU M 63 -55.32 -13.42 -10.92
C GLU M 63 -54.51 -14.69 -11.17
N ALA M 64 -54.50 -15.11 -12.44
CA ALA M 64 -53.77 -16.30 -12.86
C ALA M 64 -53.04 -16.01 -14.15
N VAL M 65 -52.13 -16.92 -14.53
CA VAL M 65 -51.37 -16.83 -15.76
C VAL M 65 -51.36 -18.18 -16.44
N GLU M 66 -50.75 -18.24 -17.62
CA GLU M 66 -50.66 -19.45 -18.40
C GLU M 66 -49.20 -19.89 -18.53
N LYS M 67 -49.00 -21.20 -18.58
CA LYS M 67 -47.69 -21.80 -18.75
C LYS M 67 -47.83 -23.17 -19.41
N PRO M 68 -47.47 -23.29 -20.69
CA PRO M 68 -47.68 -24.56 -21.39
C PRO M 68 -46.59 -25.58 -21.09
N GLN M 69 -46.98 -26.60 -20.32
CA GLN M 69 -46.12 -27.72 -19.99
C GLN M 69 -46.94 -29.00 -20.05
N SER M 70 -46.43 -29.96 -20.83
CA SER M 70 -47.10 -31.23 -21.13
C SER M 70 -48.49 -31.05 -21.71
N ARG N 1 -61.40 -18.44 15.67
CA ARG N 1 -61.14 -18.18 14.26
C ARG N 1 -60.96 -19.49 13.49
N LYS N 2 -60.39 -19.39 12.29
CA LYS N 2 -60.16 -20.56 11.45
C LYS N 2 -58.80 -20.41 10.79
N LEU N 3 -58.08 -21.53 10.68
CA LEU N 3 -56.74 -21.52 10.09
C LEU N 3 -56.42 -22.94 9.63
N ALA N 4 -56.21 -23.10 8.33
CA ALA N 4 -55.86 -24.39 7.74
C ALA N 4 -54.38 -24.43 7.38
N LEU N 5 -53.82 -25.63 7.39
CA LEU N 5 -52.41 -25.82 7.10
C LEU N 5 -52.19 -25.92 5.59
N LYS N 6 -50.95 -26.23 5.21
CA LYS N 6 -50.57 -26.32 3.80
C LYS N 6 -49.57 -27.47 3.66
N ALA N 7 -48.93 -27.53 2.50
CA ALA N 7 -47.92 -28.54 2.20
C ALA N 7 -46.53 -27.91 2.27
N ILE N 8 -45.52 -28.71 1.91
CA ILE N 8 -44.14 -28.28 1.99
C ILE N 8 -43.80 -27.42 0.78
N ASP N 9 -43.31 -26.22 1.04
CA ASP N 9 -42.80 -25.33 -0.01
C ASP N 9 -41.27 -25.43 -0.09
N TRP N 10 -40.80 -26.61 -0.49
CA TRP N 10 -39.39 -26.96 -0.39
C TRP N 10 -38.70 -27.09 -1.74
N VAL N 11 -39.19 -27.95 -2.63
CA VAL N 11 -38.46 -28.29 -3.84
C VAL N 11 -39.30 -28.01 -5.08
N ALA N 12 -40.52 -28.55 -5.09
CA ALA N 12 -41.37 -28.47 -6.27
C ALA N 12 -41.98 -27.08 -6.44
N PHE N 13 -42.49 -26.50 -5.36
CA PHE N 13 -43.31 -25.28 -5.41
C PHE N 13 -42.53 -24.02 -5.79
N GLY N 14 -41.21 -24.11 -5.94
CA GLY N 14 -40.44 -22.97 -6.41
C GLY N 14 -39.74 -23.29 -7.71
N GLU N 15 -40.08 -24.45 -8.27
CA GLU N 15 -39.50 -24.94 -9.52
C GLU N 15 -40.61 -25.26 -10.53
N ILE N 16 -41.54 -24.32 -10.68
CA ILE N 16 -42.69 -24.50 -11.57
C ILE N 16 -42.31 -24.59 -13.05
N ILE N 17 -41.14 -24.05 -13.41
CA ILE N 17 -40.53 -24.16 -14.73
C ILE N 17 -41.41 -23.58 -15.83
N PRO N 18 -41.60 -22.26 -15.88
CA PRO N 18 -42.21 -21.66 -17.07
C PRO N 18 -41.16 -21.44 -18.16
N ARG N 19 -41.52 -20.70 -19.21
CA ARG N 19 -40.59 -20.42 -20.31
C ARG N 19 -39.53 -19.44 -19.79
N ASN N 20 -38.51 -20.01 -19.13
CA ASN N 20 -37.49 -19.29 -18.35
C ASN N 20 -38.13 -18.37 -17.29
N GLN N 21 -39.29 -18.76 -16.78
CA GLN N 21 -40.02 -17.95 -15.81
C GLN N 21 -39.79 -18.48 -14.40
N LYS N 22 -38.54 -18.39 -13.97
CA LYS N 22 -38.22 -18.66 -12.57
C LYS N 22 -38.54 -17.46 -11.70
N ALA N 23 -38.75 -16.30 -12.31
CA ALA N 23 -39.09 -15.10 -11.54
C ALA N 23 -40.53 -15.15 -11.04
N ILE N 24 -41.43 -15.76 -11.82
CA ILE N 24 -42.82 -15.86 -11.42
C ILE N 24 -42.98 -16.89 -10.31
N ALA N 25 -42.16 -17.94 -10.34
CA ALA N 25 -42.19 -18.93 -9.26
C ALA N 25 -41.52 -18.38 -8.00
N ASN N 26 -40.53 -17.50 -8.16
CA ASN N 26 -39.91 -16.87 -7.01
C ASN N 26 -40.85 -15.89 -6.34
N SER N 27 -41.72 -15.25 -7.13
CA SER N 27 -42.72 -14.35 -6.56
C SER N 27 -43.82 -15.14 -5.85
N LEU N 28 -44.02 -16.40 -6.24
CA LEU N 28 -45.05 -17.23 -5.61
C LEU N 28 -44.68 -17.59 -4.19
N LYS N 29 -43.39 -17.83 -3.92
CA LYS N 29 -42.96 -18.12 -2.56
C LYS N 29 -42.85 -16.85 -1.73
N SER N 30 -42.73 -15.70 -2.41
CA SER N 30 -42.54 -14.44 -1.69
C SER N 30 -43.84 -13.94 -1.08
N TRP N 31 -44.98 -14.42 -1.58
CA TRP N 31 -46.26 -14.03 -1.00
C TRP N 31 -46.60 -14.86 0.22
N ASN N 32 -46.07 -16.08 0.28
CA ASN N 32 -46.35 -16.94 1.43
C ASN N 32 -45.55 -16.50 2.66
N GLU N 33 -44.34 -15.97 2.44
CA GLU N 33 -43.54 -15.51 3.57
C GLU N 33 -44.05 -14.16 4.09
N THR N 34 -44.67 -13.37 3.22
CA THR N 34 -45.17 -12.07 3.64
C THR N 34 -46.47 -12.19 4.42
N LEU N 35 -47.36 -13.07 3.99
CA LEU N 35 -48.67 -13.17 4.63
C LEU N 35 -48.59 -13.95 5.94
N SER N 36 -47.60 -14.84 6.06
CA SER N 36 -47.45 -15.59 7.31
C SER N 36 -46.90 -14.72 8.42
N THR N 37 -46.14 -13.68 8.08
CA THR N 37 -45.67 -12.73 9.08
C THR N 37 -46.76 -11.73 9.43
N ARG N 38 -47.59 -11.38 8.46
CA ARG N 38 -48.74 -10.51 8.74
C ARG N 38 -49.79 -11.24 9.56
N LEU N 39 -49.86 -12.57 9.41
CA LEU N 39 -50.70 -13.37 10.31
C LEU N 39 -50.03 -13.55 11.66
N ALA N 40 -48.71 -13.38 11.71
CA ALA N 40 -48.01 -13.47 13.00
C ALA N 40 -47.97 -12.11 13.69
N ALA N 41 -48.36 -11.05 12.98
CA ALA N 41 -48.38 -9.73 13.60
C ALA N 41 -49.61 -9.55 14.48
N LEU N 42 -50.76 -10.04 14.02
CA LEU N 42 -52.01 -9.91 14.75
C LEU N 42 -52.51 -11.28 15.18
N PRO N 43 -53.12 -11.40 16.35
CA PRO N 43 -53.63 -12.70 16.79
C PRO N 43 -55.00 -13.00 16.19
N GLU N 44 -55.51 -14.18 16.56
CA GLU N 44 -56.83 -14.59 16.09
C GLU N 44 -57.93 -13.85 16.83
N LYS N 45 -57.72 -13.54 18.10
CA LYS N 45 -58.71 -12.82 18.87
C LYS N 45 -58.24 -11.39 19.14
N PRO N 46 -59.12 -10.40 18.98
CA PRO N 46 -58.76 -9.01 19.29
C PRO N 46 -58.96 -8.73 20.76
N PRO N 47 -58.78 -7.48 21.20
CA PRO N 47 -59.00 -7.14 22.60
C PRO N 47 -60.47 -7.07 22.95
N ALA N 48 -60.74 -7.15 24.26
CA ALA N 48 -62.10 -7.13 24.75
C ALA N 48 -62.57 -5.71 25.03
N ILE N 49 -63.88 -5.49 24.92
CA ILE N 49 -64.45 -4.16 25.11
C ILE N 49 -65.11 -4.06 26.48
N ASP N 50 -64.46 -3.37 27.41
CA ASP N 50 -65.00 -3.12 28.74
C ASP N 50 -66.12 -2.09 28.61
N TRP N 51 -67.32 -2.50 29.06
CA TRP N 51 -68.49 -1.66 28.88
C TRP N 51 -68.82 -0.87 30.15
N ALA N 52 -68.51 -1.45 31.32
CA ALA N 52 -68.95 -0.85 32.58
C ALA N 52 -68.12 0.39 32.93
N TYR N 53 -66.84 0.39 32.59
CA TYR N 53 -66.00 1.54 32.90
C TYR N 53 -66.24 2.67 31.90
N TYR N 54 -66.87 2.36 30.77
CA TYR N 54 -67.18 3.39 29.78
C TYR N 54 -68.26 4.34 30.27
N LYS N 55 -69.15 3.85 31.14
CA LYS N 55 -70.28 4.67 31.58
C LYS N 55 -69.86 5.68 32.64
N ALA N 56 -68.85 5.34 33.45
CA ALA N 56 -68.47 6.22 34.55
C ALA N 56 -67.39 7.20 34.13
N THR N 57 -66.45 6.77 33.30
CA THR N 57 -65.34 7.64 32.92
C THR N 57 -65.76 8.65 31.85
N VAL N 58 -66.80 8.33 31.09
CA VAL N 58 -67.31 9.15 30.00
C VAL N 58 -68.70 9.63 30.39
N ALA N 59 -68.86 9.98 31.68
CA ALA N 59 -70.18 10.10 32.32
C ALA N 59 -71.05 11.21 31.75
N LYS N 60 -70.52 12.04 30.85
CA LYS N 60 -71.40 12.86 30.03
C LYS N 60 -72.16 11.92 29.10
N ALA N 61 -73.40 11.60 29.46
CA ALA N 61 -74.10 10.45 28.88
C ALA N 61 -74.84 10.87 27.62
N GLY N 62 -75.44 9.88 26.97
CA GLY N 62 -76.16 10.11 25.73
C GLY N 62 -75.29 9.95 24.50
N LEU N 63 -74.40 10.93 24.26
CA LEU N 63 -73.60 10.92 23.05
C LEU N 63 -72.49 9.87 23.14
N VAL N 64 -72.08 9.51 24.35
CA VAL N 64 -71.04 8.50 24.52
C VAL N 64 -71.61 7.10 24.33
N ASP N 65 -72.80 6.86 24.86
CA ASP N 65 -73.34 5.50 24.87
C ASP N 65 -74.05 5.17 23.55
N ASP N 66 -74.50 6.20 22.82
CA ASP N 66 -75.22 5.94 21.57
C ASP N 66 -74.27 5.44 20.49
N PHE N 67 -73.04 5.94 20.46
CA PHE N 67 -72.02 5.37 19.60
C PHE N 67 -71.62 3.98 20.10
N GLU N 68 -71.63 3.79 21.42
CA GLU N 68 -71.26 2.49 21.98
C GLU N 68 -72.41 1.48 21.86
N LYS N 69 -73.62 1.96 21.54
CA LYS N 69 -74.73 1.04 21.30
C LYS N 69 -74.81 0.68 19.82
N LYS N 70 -74.36 1.57 18.94
CA LYS N 70 -74.45 1.30 17.51
C LYS N 70 -73.23 0.52 17.01
N PHE N 71 -72.06 0.77 17.61
CA PHE N 71 -70.85 0.09 17.16
C PHE N 71 -70.70 -1.28 17.83
N ASN N 72 -71.54 -1.58 18.81
CA ASN N 72 -71.45 -2.87 19.48
C ASN N 72 -72.15 -3.97 18.68
N ALA N 73 -73.30 -3.65 18.10
CA ALA N 73 -74.11 -4.61 17.35
C ALA N 73 -73.90 -4.49 15.86
N LEU N 74 -72.69 -4.10 15.45
CA LEU N 74 -72.32 -3.99 14.06
C LEU N 74 -71.78 -5.34 13.57
N LYS N 75 -71.54 -5.42 12.27
CA LYS N 75 -71.01 -6.62 11.65
C LYS N 75 -69.94 -6.23 10.63
N VAL N 76 -68.94 -7.09 10.48
CA VAL N 76 -67.83 -6.83 9.58
C VAL N 76 -67.85 -7.85 8.45
N PRO N 77 -68.39 -7.49 7.28
CA PRO N 77 -68.39 -8.43 6.15
C PRO N 77 -67.02 -8.44 5.47
N VAL N 78 -66.42 -9.62 5.40
CA VAL N 78 -65.09 -9.78 4.79
C VAL N 78 -65.23 -9.70 3.27
N PRO N 79 -64.12 -9.65 2.53
CA PRO N 79 -64.22 -9.51 1.08
C PRO N 79 -64.69 -10.78 0.40
N GLU N 80 -65.03 -10.65 -0.87
CA GLU N 80 -65.62 -11.74 -1.63
C GLU N 80 -64.57 -12.77 -2.02
N ASP N 81 -65.04 -13.96 -2.39
CA ASP N 81 -64.21 -15.05 -2.84
C ASP N 81 -64.45 -15.37 -4.32
N LYS N 82 -64.63 -14.33 -5.14
CA LYS N 82 -64.89 -14.54 -6.56
C LYS N 82 -63.63 -14.94 -7.30
N TYR N 83 -62.49 -14.36 -6.92
CA TYR N 83 -61.23 -14.71 -7.57
C TYR N 83 -60.62 -15.97 -6.96
N THR N 84 -61.26 -16.51 -5.90
CA THR N 84 -60.73 -17.69 -5.25
C THR N 84 -61.00 -18.96 -6.06
N ALA N 85 -62.04 -18.93 -6.90
CA ALA N 85 -62.44 -20.14 -7.60
C ALA N 85 -61.79 -20.23 -8.99
N LEU N 86 -61.61 -19.08 -9.65
CA LEU N 86 -61.11 -19.09 -11.02
C LEU N 86 -59.62 -19.40 -11.06
N VAL N 87 -58.87 -19.00 -10.04
CA VAL N 87 -57.47 -19.37 -9.94
C VAL N 87 -57.35 -20.86 -9.63
N ASP N 88 -58.29 -21.40 -8.87
CA ASP N 88 -58.32 -22.84 -8.61
C ASP N 88 -58.91 -23.60 -9.78
N ALA N 89 -59.55 -22.90 -10.72
CA ALA N 89 -60.14 -23.55 -11.87
C ALA N 89 -59.08 -23.93 -12.89
N GLU N 90 -58.07 -23.06 -13.07
CA GLU N 90 -57.03 -23.33 -14.07
C GLU N 90 -56.08 -24.43 -13.60
N GLU N 91 -56.09 -24.73 -12.31
CA GLU N 91 -55.31 -25.86 -11.81
C GLU N 91 -55.94 -27.19 -12.22
N GLN N 92 -57.25 -27.20 -12.43
CA GLN N 92 -57.94 -28.44 -12.81
C GLN N 92 -57.70 -28.76 -14.29
N GLU N 93 -57.54 -27.73 -15.12
CA GLU N 93 -57.31 -27.97 -16.55
C GLU N 93 -55.86 -28.33 -16.82
N ASP N 94 -54.92 -27.72 -16.07
CA ASP N 94 -53.51 -27.99 -16.30
C ASP N 94 -53.10 -29.34 -15.75
N VAL N 95 -53.77 -29.81 -14.70
CA VAL N 95 -53.47 -31.13 -14.14
C VAL N 95 -53.93 -32.23 -15.08
N LYS N 96 -54.98 -31.95 -15.87
CA LYS N 96 -55.38 -32.90 -16.91
C LYS N 96 -54.43 -32.85 -18.10
N ARG N 97 -53.72 -31.72 -18.27
CA ARG N 97 -52.77 -31.61 -19.37
C ARG N 97 -51.39 -32.10 -18.97
N CYS N 98 -51.11 -32.15 -17.66
CA CYS N 98 -49.78 -32.55 -17.19
C CYS N 98 -49.58 -34.06 -17.29
N ALA N 99 -50.68 -34.81 -17.41
CA ALA N 99 -50.57 -36.26 -17.52
C ALA N 99 -50.42 -36.72 -18.96
N GLU N 100 -50.30 -35.76 -19.89
CA GLU N 100 -50.11 -36.10 -21.30
C GLU N 100 -48.73 -36.71 -21.54
N PHE N 101 -47.74 -36.31 -20.75
CA PHE N 101 -46.45 -37.00 -20.76
C PHE N 101 -46.61 -38.41 -20.21
N LEU N 102 -47.47 -38.59 -19.20
CA LEU N 102 -47.73 -39.92 -18.67
C LEU N 102 -48.64 -40.72 -19.59
N SER N 103 -49.30 -40.04 -20.54
CA SER N 103 -50.15 -40.75 -21.49
C SER N 103 -49.39 -41.09 -22.77
N LEU N 104 -48.69 -40.11 -23.36
CA LEU N 104 -48.11 -40.31 -24.68
C LEU N 104 -46.77 -41.02 -24.61
N SER N 105 -45.93 -40.65 -23.64
CA SER N 105 -44.57 -41.19 -23.60
C SER N 105 -44.53 -42.56 -22.94
N LYS N 106 -45.67 -43.05 -22.44
CA LYS N 106 -45.71 -44.39 -21.88
C LYS N 106 -45.59 -45.44 -22.98
N ALA N 107 -46.21 -45.21 -24.13
CA ALA N 107 -46.01 -46.07 -25.28
C ALA N 107 -44.61 -45.87 -25.86
N ARG N 108 -44.06 -44.67 -25.73
CA ARG N 108 -42.70 -44.41 -26.18
C ARG N 108 -41.67 -45.12 -25.29
N ILE N 109 -42.05 -45.38 -24.04
CA ILE N 109 -41.17 -46.16 -23.17
C ILE N 109 -41.18 -47.63 -23.56
N GLU N 110 -42.37 -48.17 -23.83
CA GLU N 110 -42.49 -49.60 -24.15
C GLU N 110 -41.98 -49.90 -25.55
N ALA N 111 -42.11 -48.93 -26.47
CA ALA N 111 -41.53 -49.12 -27.81
C ALA N 111 -40.01 -49.06 -27.76
N TYR N 112 -39.46 -48.25 -26.85
CA TYR N 112 -38.03 -48.27 -26.63
C TYR N 112 -37.62 -49.51 -25.86
N GLU N 113 -38.50 -50.01 -24.99
CA GLU N 113 -38.22 -51.24 -24.27
C GLU N 113 -38.30 -52.45 -25.20
N LYS N 114 -39.22 -52.41 -26.17
CA LYS N 114 -39.29 -53.49 -27.15
C LYS N 114 -38.16 -53.38 -28.16
N GLU N 115 -37.60 -52.18 -28.33
CA GLU N 115 -36.45 -52.01 -29.21
C GLU N 115 -35.21 -52.64 -28.61
N LEU N 116 -35.14 -52.71 -27.28
CA LEU N 116 -34.01 -53.37 -26.64
C LEU N 116 -34.12 -54.88 -26.74
N GLU N 117 -35.33 -55.38 -26.98
CA GLU N 117 -35.52 -56.82 -27.17
C GLU N 117 -35.04 -57.26 -28.54
N LYS N 118 -35.39 -56.51 -29.58
CA LYS N 118 -34.99 -56.88 -30.94
C LYS N 118 -33.52 -56.58 -31.18
N MET N 119 -32.93 -55.65 -30.42
CA MET N 119 -31.52 -55.33 -30.58
C MET N 119 -30.64 -56.45 -30.07
N LYS N 120 -31.15 -57.23 -29.12
CA LYS N 120 -30.43 -58.44 -28.70
C LYS N 120 -30.47 -59.50 -29.79
N ASN N 121 -31.59 -59.58 -30.50
CA ASN N 121 -31.76 -60.56 -31.57
C ASN N 121 -30.84 -60.41 -32.78
N ILE N 122 -30.61 -59.18 -33.20
CA ILE N 122 -29.80 -58.88 -34.38
C ILE N 122 -28.30 -59.27 -34.36
N ILE N 123 -27.63 -59.04 -33.25
CA ILE N 123 -26.19 -59.32 -33.17
C ILE N 123 -25.77 -60.79 -33.34
N PRO N 124 -26.48 -61.71 -32.68
CA PRO N 124 -26.46 -63.15 -33.00
C PRO N 124 -25.05 -63.72 -33.03
N PHE N 125 -24.76 -64.51 -34.06
CA PHE N 125 -23.45 -65.12 -34.25
C PHE N 125 -22.51 -64.11 -34.92
N ASP N 126 -21.21 -64.28 -34.74
CA ASP N 126 -20.27 -63.36 -35.37
C ASP N 126 -20.44 -63.34 -36.88
N GLN N 127 -20.59 -64.51 -37.49
CA GLN N 127 -20.65 -64.68 -38.93
C GLN N 127 -22.08 -64.78 -39.45
N MET N 128 -22.98 -63.95 -38.92
CA MET N 128 -24.41 -64.26 -39.01
C MET N 128 -24.99 -64.00 -40.40
N THR N 129 -25.04 -62.75 -40.83
CA THR N 129 -25.91 -62.45 -41.98
C THR N 129 -25.45 -61.15 -42.63
N ILE N 130 -25.77 -61.01 -43.91
CA ILE N 130 -25.40 -59.79 -44.63
C ILE N 130 -26.62 -58.90 -44.82
N GLU N 131 -27.78 -59.35 -44.37
CA GLU N 131 -28.98 -58.52 -44.46
C GLU N 131 -29.53 -58.17 -43.08
N ASP N 132 -29.28 -59.03 -42.09
CA ASP N 132 -29.72 -58.72 -40.73
C ASP N 132 -28.82 -57.66 -40.12
N LEU N 133 -27.57 -57.56 -40.59
CA LEU N 133 -26.73 -56.43 -40.21
C LEU N 133 -27.04 -55.22 -41.08
N ASN N 134 -27.95 -55.36 -42.03
CA ASN N 134 -28.32 -54.24 -42.88
C ASN N 134 -29.57 -53.53 -42.35
N GLU N 135 -29.78 -53.55 -41.03
CA GLU N 135 -30.82 -52.73 -40.46
C GLU N 135 -30.23 -51.53 -39.70
N VAL N 136 -29.28 -51.79 -38.80
CA VAL N 136 -28.68 -50.71 -38.02
C VAL N 136 -27.76 -49.87 -38.88
N PHE N 137 -26.69 -50.46 -39.37
CA PHE N 137 -25.82 -49.80 -40.34
C PHE N 137 -26.55 -49.64 -41.66
N PRO N 138 -26.46 -48.48 -42.26
CA PRO N 138 -27.44 -48.15 -43.30
C PRO N 138 -27.02 -48.47 -44.72
N GLU N 139 -28.01 -48.45 -45.61
CA GLU N 139 -27.79 -48.42 -47.04
C GLU N 139 -28.72 -47.35 -47.60
N THR N 140 -28.47 -46.94 -48.84
CA THR N 140 -29.21 -45.82 -49.40
C THR N 140 -29.40 -46.03 -50.89
N LYS N 141 -29.77 -44.96 -51.60
CA LYS N 141 -29.92 -45.00 -53.05
C LYS N 141 -28.58 -44.69 -53.72
N LEU N 142 -28.60 -44.50 -55.03
CA LEU N 142 -27.38 -44.29 -55.82
C LEU N 142 -26.75 -42.97 -55.42
N ASP N 143 -25.42 -43.01 -55.25
CA ASP N 143 -24.56 -41.85 -54.99
C ASP N 143 -24.95 -41.13 -53.69
N LYS N 144 -24.90 -41.88 -52.60
CA LYS N 144 -25.04 -41.25 -51.30
C LYS N 144 -23.70 -41.14 -50.58
N LYS N 145 -22.98 -42.25 -50.42
CA LYS N 145 -21.71 -42.27 -49.71
C LYS N 145 -20.66 -41.58 -50.58
N LYS N 146 -20.30 -40.35 -50.20
CA LYS N 146 -19.34 -39.58 -50.96
C LYS N 146 -17.95 -40.19 -50.87
N TYR N 147 -17.43 -40.35 -49.66
CA TYR N 147 -16.12 -40.95 -49.47
C TYR N 147 -16.21 -42.45 -49.62
N UNK O 1 -10.47 -109.65 -57.87
CA UNK O 1 -9.10 -110.05 -58.15
C UNK O 1 -8.15 -109.43 -57.13
N UNK O 2 -6.89 -109.26 -57.53
CA UNK O 2 -5.85 -108.53 -56.78
C UNK O 2 -5.49 -109.08 -55.41
N UNK O 3 -4.28 -109.63 -55.31
CA UNK O 3 -3.78 -110.13 -54.03
C UNK O 3 -2.54 -109.33 -53.59
N UNK O 4 -2.22 -109.42 -52.30
CA UNK O 4 -1.09 -108.70 -51.74
C UNK O 4 0.17 -109.54 -51.79
N UNK O 5 0.08 -110.72 -52.38
CA UNK O 5 1.23 -111.59 -52.59
C UNK O 5 1.55 -111.65 -54.08
N UNK O 6 0.51 -111.60 -54.90
CA UNK O 6 0.65 -111.58 -56.35
C UNK O 6 1.23 -110.24 -56.80
N UNK O 7 0.91 -109.21 -56.03
CA UNK O 7 1.43 -107.87 -56.28
C UNK O 7 2.93 -107.83 -56.06
N UNK O 8 3.41 -108.65 -55.13
CA UNK O 8 4.84 -108.78 -54.88
C UNK O 8 5.50 -109.52 -56.04
N UNK O 9 4.72 -110.38 -56.69
CA UNK O 9 5.20 -111.09 -57.87
C UNK O 9 4.97 -110.26 -59.11
N UNK O 10 4.14 -109.24 -58.98
CA UNK O 10 3.82 -108.38 -60.12
C UNK O 10 4.96 -107.43 -60.44
N UNK O 11 5.42 -106.73 -59.41
CA UNK O 11 6.39 -105.66 -59.59
C UNK O 11 7.77 -106.18 -59.94
N UNK O 12 8.20 -107.23 -59.26
CA UNK O 12 9.57 -107.71 -59.41
C UNK O 12 9.79 -108.42 -60.74
N UNK O 13 8.73 -109.03 -61.27
CA UNK O 13 8.84 -109.75 -62.52
C UNK O 13 8.82 -108.81 -63.70
N UNK O 14 8.12 -107.69 -63.54
CA UNK O 14 8.00 -106.71 -64.61
C UNK O 14 9.34 -106.01 -64.84
N UNK O 15 10.08 -105.78 -63.77
CA UNK O 15 11.42 -105.20 -63.87
C UNK O 15 12.36 -106.24 -64.46
N UNK O 16 12.09 -107.50 -64.15
CA UNK O 16 12.81 -108.60 -64.75
C UNK O 16 12.41 -108.72 -66.23
N UNK O 17 11.16 -108.34 -66.52
CA UNK O 17 10.70 -108.28 -67.90
C UNK O 17 11.13 -106.95 -68.53
N UNK O 18 11.52 -105.99 -67.68
CA UNK O 18 12.06 -104.73 -68.18
C UNK O 18 13.49 -104.95 -68.57
N UNK O 19 14.14 -105.89 -67.89
CA UNK O 19 15.48 -106.31 -68.27
C UNK O 19 15.40 -107.02 -69.61
N UNK O 20 14.28 -107.69 -69.85
CA UNK O 20 14.00 -108.24 -71.15
C UNK O 20 13.65 -107.13 -72.12
N UNK O 21 13.02 -106.07 -71.62
CA UNK O 21 12.68 -104.93 -72.46
C UNK O 21 13.94 -104.10 -72.73
N UNK O 22 14.93 -104.24 -71.86
CA UNK O 22 16.26 -103.69 -72.09
C UNK O 22 16.93 -104.46 -73.21
N UNK O 23 16.70 -105.77 -73.23
CA UNK O 23 17.19 -106.62 -74.30
C UNK O 23 16.39 -106.37 -75.57
N UNK O 24 15.16 -105.85 -75.40
CA UNK O 24 14.35 -105.37 -76.50
C UNK O 24 14.71 -103.92 -76.85
N UNK O 25 15.71 -103.39 -76.17
CA UNK O 25 16.21 -102.08 -76.45
C UNK O 25 17.69 -102.14 -76.82
N UNK O 26 18.46 -103.01 -76.16
CA UNK O 26 19.91 -103.09 -76.39
C UNK O 26 20.21 -103.68 -77.75
N UNK O 27 19.42 -104.68 -78.13
CA UNK O 27 19.52 -105.24 -79.47
C UNK O 27 18.95 -104.22 -80.44
N UNK O 28 17.95 -103.46 -79.98
CA UNK O 28 17.37 -102.39 -80.76
C UNK O 28 18.34 -101.22 -80.83
N UNK O 29 19.17 -101.07 -79.81
CA UNK O 29 20.28 -100.11 -79.84
C UNK O 29 21.28 -100.60 -80.87
N UNK O 30 21.50 -101.92 -80.86
CA UNK O 30 22.40 -102.57 -81.81
C UNK O 30 21.77 -102.57 -83.20
N UNK O 31 20.44 -102.64 -83.26
CA UNK O 31 19.73 -102.53 -84.54
C UNK O 31 19.73 -101.08 -85.02
N UNK O 32 19.97 -100.16 -84.09
CA UNK O 32 20.13 -98.76 -84.44
C UNK O 32 21.57 -98.47 -84.82
N UNK O 33 22.50 -99.06 -84.06
CA UNK O 33 23.94 -98.87 -84.29
C UNK O 33 24.40 -99.50 -85.60
N UNK O 34 23.67 -100.52 -86.05
CA UNK O 34 23.96 -101.15 -87.32
C UNK O 34 23.23 -100.45 -88.45
N UNK O 35 22.41 -99.47 -88.11
CA UNK O 35 21.62 -98.77 -89.10
C UNK O 35 21.99 -97.30 -89.19
N UNK O 36 21.90 -96.60 -88.08
CA UNK O 36 22.07 -95.14 -88.05
C UNK O 36 23.51 -94.72 -88.34
N UNK O 37 24.45 -95.59 -88.03
CA UNK O 37 25.86 -95.34 -88.30
C UNK O 37 26.11 -95.34 -89.81
N UNK O 38 25.31 -96.11 -90.53
CA UNK O 38 25.37 -96.16 -91.98
C UNK O 38 24.13 -95.51 -92.59
N UNK O 39 23.58 -94.54 -91.87
CA UNK O 39 22.45 -93.76 -92.38
C UNK O 39 22.76 -92.28 -92.33
N UNK O 40 23.16 -91.80 -91.17
CA UNK O 40 23.51 -90.39 -91.00
C UNK O 40 24.82 -90.10 -91.70
N UNK O 41 25.70 -91.10 -91.75
CA UNK O 41 26.94 -90.97 -92.50
C UNK O 41 26.63 -91.15 -93.97
N UNK O 42 25.58 -91.92 -94.26
CA UNK O 42 25.17 -92.17 -95.63
C UNK O 42 24.50 -90.92 -96.20
N UNK O 43 23.92 -90.13 -95.32
CA UNK O 43 23.38 -88.84 -95.73
C UNK O 43 24.50 -87.81 -95.78
N UNK O 44 25.57 -88.10 -95.04
CA UNK O 44 26.72 -87.19 -94.99
C UNK O 44 27.54 -87.29 -96.27
N UNK O 45 27.44 -88.45 -96.93
CA UNK O 45 28.14 -88.67 -98.20
C UNK O 45 27.54 -87.77 -99.26
N UNK O 46 26.23 -87.59 -99.20
CA UNK O 46 25.55 -86.71 -100.13
C UNK O 46 25.70 -85.27 -99.68
N UNK O 47 25.89 -85.07 -98.38
CA UNK O 47 25.93 -83.72 -97.80
C UNK O 47 27.20 -82.97 -98.16
N UNK O 48 28.35 -83.60 -97.94
CA UNK O 48 29.65 -82.99 -98.22
C UNK O 48 29.86 -82.77 -99.71
N UNK O 49 29.29 -83.67 -100.52
CA UNK O 49 29.34 -83.55 -101.96
C UNK O 49 28.49 -82.37 -102.43
N UNK O 50 27.30 -82.24 -101.86
CA UNK O 50 26.40 -81.13 -102.21
C UNK O 50 26.93 -79.80 -101.67
N UNK O 51 27.67 -79.86 -100.56
CA UNK O 51 28.25 -78.66 -99.96
C UNK O 51 29.41 -78.16 -100.81
N UNK O 52 30.05 -79.07 -101.53
CA UNK O 52 31.12 -78.70 -102.45
C UNK O 52 30.54 -78.42 -103.83
N UNK O 53 29.38 -78.99 -104.12
CA UNK O 53 28.70 -78.74 -105.39
C UNK O 53 28.09 -77.35 -105.37
N UNK O 54 27.68 -76.90 -104.19
CA UNK O 54 27.21 -75.54 -104.01
C UNK O 54 28.42 -74.60 -103.94
N UNK O 55 29.58 -75.18 -103.59
CA UNK O 55 30.83 -74.43 -103.58
C UNK O 55 31.45 -74.44 -104.96
N UNK O 56 31.06 -75.41 -105.78
CA UNK O 56 31.50 -75.51 -107.16
C UNK O 56 30.92 -74.34 -107.95
N UNK O 57 29.65 -74.05 -107.69
CA UNK O 57 28.99 -72.89 -108.26
C UNK O 57 29.53 -71.63 -107.59
N UNK O 58 29.97 -71.75 -106.33
CA UNK O 58 30.52 -70.61 -105.60
C UNK O 58 32.00 -70.42 -105.90
N UNK O 59 32.55 -71.37 -106.66
CA UNK O 59 33.86 -71.17 -107.27
C UNK O 59 33.62 -70.61 -108.68
N UNK O 60 32.39 -70.74 -109.13
CA UNK O 60 31.98 -70.25 -110.44
C UNK O 60 31.30 -68.89 -110.31
N UNK O 61 30.78 -68.58 -109.13
CA UNK O 61 30.17 -67.28 -108.87
C UNK O 61 31.27 -66.25 -108.62
N UNK O 62 32.44 -66.71 -108.22
CA UNK O 62 33.58 -65.85 -108.00
C UNK O 62 34.11 -65.32 -109.33
N UNK O 63 34.95 -66.09 -109.99
CA UNK O 63 35.50 -65.70 -111.29
C UNK O 63 34.48 -65.91 -112.40
N ALA P 1 -26.19 -80.35 -68.93
CA ALA P 1 -24.80 -80.52 -68.53
C ALA P 1 -24.32 -79.29 -67.79
N SER P 2 -25.20 -78.28 -67.69
CA SER P 2 -24.84 -77.05 -66.98
C SER P 2 -24.86 -77.26 -65.47
N VAL P 3 -25.82 -78.06 -64.99
CA VAL P 3 -25.87 -78.37 -63.56
C VAL P 3 -24.82 -79.41 -63.21
N VAL P 4 -24.22 -80.04 -64.22
CA VAL P 4 -23.09 -80.94 -63.98
C VAL P 4 -21.82 -80.15 -63.75
N PRO P 5 -21.46 -79.19 -64.60
CA PRO P 5 -20.21 -78.45 -64.34
C PRO P 5 -20.34 -77.44 -63.22
N LEU P 6 -21.55 -76.97 -62.94
CA LEU P 6 -21.73 -76.02 -61.85
C LEU P 6 -21.60 -76.72 -60.50
N LYS P 7 -21.92 -78.01 -60.46
CA LYS P 7 -21.77 -78.76 -59.20
C LYS P 7 -20.38 -79.34 -59.08
N ASP P 8 -19.47 -79.01 -59.99
CA ASP P 8 -18.08 -79.36 -59.81
C ASP P 8 -17.34 -78.29 -59.02
N ARG P 9 -17.57 -77.02 -59.37
CA ARG P 9 -16.88 -75.93 -58.68
C ARG P 9 -17.44 -75.75 -57.28
N ARG P 10 -18.74 -75.97 -57.09
CA ARG P 10 -19.32 -75.83 -55.75
C ARG P 10 -18.97 -77.02 -54.87
N LEU P 11 -18.33 -78.05 -55.43
CA LEU P 11 -17.73 -79.09 -54.60
C LEU P 11 -16.25 -78.83 -54.39
N LEU P 12 -15.58 -78.22 -55.37
CA LEU P 12 -14.14 -77.95 -55.23
C LEU P 12 -13.89 -76.56 -54.66
N GLU P 13 -14.96 -75.88 -54.25
CA GLU P 13 -14.79 -74.69 -53.42
C GLU P 13 -15.04 -75.01 -51.95
N VAL P 14 -16.22 -75.56 -51.63
CA VAL P 14 -16.66 -75.63 -50.24
C VAL P 14 -15.88 -76.70 -49.47
N LYS P 15 -15.07 -77.49 -50.15
CA LYS P 15 -14.21 -78.44 -49.45
C LYS P 15 -12.84 -77.87 -49.19
N LEU P 16 -12.14 -77.45 -50.22
CA LEU P 16 -10.73 -77.10 -50.11
C LEU P 16 -10.49 -75.62 -50.36
N GLY P 17 -11.32 -74.76 -49.80
CA GLY P 17 -11.11 -73.32 -49.87
C GLY P 17 -12.22 -72.52 -50.52
N GLU P 18 -13.04 -71.82 -49.73
CA GLU P 18 -12.78 -71.67 -48.30
C GLU P 18 -14.00 -71.77 -47.39
N LEU P 19 -15.15 -72.19 -47.92
CA LEU P 19 -16.39 -72.42 -47.17
C LEU P 19 -16.89 -71.21 -46.38
N PRO P 20 -17.57 -70.27 -47.04
CA PRO P 20 -17.96 -69.02 -46.38
C PRO P 20 -19.07 -69.09 -45.34
N SER P 21 -19.45 -67.92 -44.84
CA SER P 21 -20.43 -67.65 -43.79
C SER P 21 -21.83 -67.52 -44.36
N TRP P 22 -22.66 -66.66 -43.75
CA TRP P 22 -24.10 -66.46 -43.98
C TRP P 22 -24.93 -67.64 -43.49
N ILE P 23 -25.18 -67.63 -42.17
CA ILE P 23 -25.85 -68.65 -41.36
C ILE P 23 -27.11 -69.19 -42.04
N LEU P 24 -27.35 -70.48 -41.77
CA LEU P 24 -27.72 -71.59 -42.67
C LEU P 24 -26.43 -72.16 -43.26
N MET P 25 -25.29 -71.55 -42.92
CA MET P 25 -23.99 -72.05 -43.28
C MET P 25 -22.97 -71.71 -42.19
N ARG P 26 -23.47 -71.37 -41.00
CA ARG P 26 -22.59 -70.83 -39.95
C ARG P 26 -21.63 -71.90 -39.42
N ASP P 27 -22.16 -73.07 -39.11
CA ASP P 27 -21.28 -74.18 -38.75
C ASP P 27 -20.62 -74.76 -39.99
N PHE P 28 -21.19 -74.50 -41.17
CA PHE P 28 -20.50 -74.85 -42.40
C PHE P 28 -19.36 -73.89 -42.66
N THR P 29 -19.48 -72.66 -42.18
CA THR P 29 -18.35 -71.73 -42.24
C THR P 29 -17.20 -72.20 -41.36
N PRO P 30 -17.44 -72.64 -40.13
CA PRO P 30 -16.31 -73.11 -39.31
C PRO P 30 -15.80 -74.47 -39.76
N SER P 31 -16.53 -75.14 -40.65
CA SER P 31 -16.01 -76.37 -41.23
C SER P 31 -14.79 -76.09 -42.09
N GLY P 32 -14.73 -74.89 -42.66
CA GLY P 32 -13.52 -74.48 -43.33
C GLY P 32 -12.51 -73.85 -42.40
N ILE P 33 -12.89 -73.63 -41.13
CA ILE P 33 -11.96 -73.01 -40.20
C ILE P 33 -10.89 -74.01 -39.78
N ALA P 34 -11.28 -75.25 -39.53
CA ALA P 34 -10.27 -76.30 -39.51
C ALA P 34 -9.73 -76.52 -40.91
N GLY P 35 -10.61 -76.51 -41.90
CA GLY P 35 -10.22 -76.64 -43.29
C GLY P 35 -9.91 -78.07 -43.71
N ALA P 36 -10.06 -78.35 -45.00
CA ALA P 36 -9.52 -79.57 -45.60
C ALA P 36 -8.12 -79.35 -46.14
N PHE P 37 -7.46 -78.30 -45.67
CA PHE P 37 -6.08 -78.02 -46.09
C PHE P 37 -5.13 -79.09 -45.57
N GLN P 38 -5.46 -79.69 -44.42
CA GLN P 38 -4.71 -80.86 -43.94
C GLN P 38 -4.87 -82.03 -44.90
N ARG P 39 -6.02 -82.12 -45.56
CA ARG P 39 -6.19 -83.11 -46.60
C ARG P 39 -5.45 -82.70 -47.86
N GLY P 40 -5.39 -81.40 -48.15
CA GLY P 40 -4.75 -80.96 -49.37
C GLY P 40 -3.23 -80.92 -49.26
N TYR P 41 -2.70 -81.17 -48.06
CA TYR P 41 -1.32 -80.81 -47.78
C TYR P 41 -0.34 -81.78 -48.40
N TYR P 42 -0.68 -83.06 -48.44
CA TYR P 42 0.34 -84.10 -48.53
C TYR P 42 0.89 -84.26 -49.93
N ARG P 43 0.44 -83.45 -50.88
CA ARG P 43 0.82 -83.69 -52.25
C ARG P 43 2.21 -83.13 -52.56
N TYR P 44 2.60 -82.01 -51.95
CA TYR P 44 3.82 -81.41 -52.48
C TYR P 44 5.07 -82.07 -51.91
N TYR P 45 5.53 -81.67 -50.71
CA TYR P 45 6.17 -82.60 -49.80
C TYR P 45 5.68 -82.37 -48.38
N ASN P 46 6.04 -81.20 -47.82
CA ASN P 46 5.47 -80.63 -46.62
C ASN P 46 5.43 -79.11 -46.70
N LYS P 47 6.28 -78.55 -47.58
CA LYS P 47 6.86 -77.21 -47.45
C LYS P 47 5.90 -76.02 -47.52
N TYR P 48 4.84 -76.12 -48.32
CA TYR P 48 3.87 -75.03 -48.38
C TYR P 48 2.96 -75.07 -47.15
N VAL P 49 3.50 -74.65 -46.01
CA VAL P 49 2.84 -74.85 -44.73
C VAL P 49 1.99 -73.63 -44.37
N ASN P 50 2.13 -72.56 -45.16
CA ASN P 50 1.52 -71.29 -44.81
C ASN P 50 0.05 -71.19 -45.19
N VAL P 51 -0.59 -72.32 -45.45
CA VAL P 51 -1.94 -72.31 -46.02
C VAL P 51 -3.04 -72.02 -45.00
N LYS P 52 -2.66 -71.61 -43.78
CA LYS P 52 -3.59 -71.55 -42.65
C LYS P 52 -4.68 -70.51 -42.87
N LYS P 53 -4.29 -69.26 -43.14
CA LYS P 53 -5.27 -68.25 -43.50
C LYS P 53 -4.99 -67.60 -44.84
N GLY P 54 -3.77 -67.69 -45.37
CA GLY P 54 -3.60 -67.52 -46.79
C GLY P 54 -3.35 -68.88 -47.42
N SER P 55 -4.39 -69.50 -47.98
CA SER P 55 -4.39 -70.92 -48.30
C SER P 55 -3.77 -71.23 -49.66
N VAL P 56 -2.60 -71.86 -49.66
CA VAL P 56 -1.89 -72.12 -50.90
C VAL P 56 -2.54 -73.27 -51.65
N ALA P 57 -2.82 -74.37 -50.96
CA ALA P 57 -3.30 -75.58 -51.62
C ALA P 57 -4.73 -75.41 -52.13
N GLY P 58 -5.44 -74.42 -51.60
CA GLY P 58 -6.71 -74.04 -52.19
C GLY P 58 -6.54 -73.40 -53.56
N LEU P 59 -5.53 -72.56 -53.71
CA LEU P 59 -5.39 -71.84 -54.97
C LEU P 59 -4.45 -72.57 -55.92
N SER P 60 -3.39 -73.18 -55.40
CA SER P 60 -2.31 -73.65 -56.28
C SER P 60 -2.69 -74.95 -56.99
N MET P 61 -3.92 -75.42 -56.83
CA MET P 61 -4.37 -76.58 -57.60
C MET P 61 -5.01 -76.15 -58.91
N VAL P 62 -5.75 -75.04 -58.90
CA VAL P 62 -6.33 -74.51 -60.14
C VAL P 62 -5.23 -74.07 -61.09
N LEU P 63 -4.21 -73.38 -60.56
CA LEU P 63 -3.11 -72.91 -61.39
C LEU P 63 -2.21 -74.05 -61.82
N ALA P 64 -2.25 -75.17 -61.10
CA ALA P 64 -1.55 -76.35 -61.60
C ALA P 64 -2.40 -77.09 -62.62
N ALA P 65 -3.71 -76.85 -62.60
CA ALA P 65 -4.57 -77.44 -63.62
C ALA P 65 -4.54 -76.64 -64.91
N TYR P 66 -4.37 -75.32 -64.80
CA TYR P 66 -4.37 -74.47 -65.98
C TYR P 66 -3.04 -74.55 -66.73
N VAL P 67 -2.00 -75.07 -66.09
CA VAL P 67 -0.74 -75.27 -66.81
C VAL P 67 -0.81 -76.52 -67.66
N VAL P 68 -1.24 -77.64 -67.07
CA VAL P 68 -1.23 -78.91 -67.80
C VAL P 68 -2.35 -78.95 -68.83
N PHE P 69 -3.34 -78.06 -68.68
CA PHE P 69 -4.35 -77.91 -69.73
C PHE P 69 -3.78 -77.14 -70.91
N ASN P 70 -2.84 -76.23 -70.66
CA ASN P 70 -2.23 -75.51 -71.76
C ASN P 70 -0.97 -76.20 -72.25
N TYR P 71 -0.58 -77.31 -71.63
CA TYR P 71 0.51 -78.09 -72.20
C TYR P 71 0.02 -78.92 -73.38
N CYS P 72 -1.28 -79.13 -73.48
CA CYS P 72 -1.81 -79.98 -74.54
C CYS P 72 -1.80 -79.26 -75.89
N ARG P 73 -2.14 -77.97 -75.91
CA ARG P 73 -2.19 -77.25 -77.17
C ARG P 73 -0.80 -77.03 -77.73
N SER P 74 0.18 -76.85 -76.85
CA SER P 74 1.53 -76.58 -77.31
C SER P 74 2.23 -77.83 -77.80
N TYR P 75 1.64 -79.00 -77.55
CA TYR P 75 2.35 -80.26 -77.77
C TYR P 75 2.53 -80.54 -79.26
N LYS P 76 1.58 -80.10 -80.08
CA LYS P 76 1.65 -80.35 -81.51
C LYS P 76 2.78 -79.58 -82.16
N GLU P 77 3.12 -78.41 -81.61
CA GLU P 77 4.06 -77.53 -82.27
C GLU P 77 5.50 -77.87 -81.93
N LEU P 78 5.78 -78.18 -80.67
CA LEU P 78 7.16 -78.38 -80.21
C LEU P 78 7.52 -79.85 -80.06
N LYS P 79 7.16 -80.67 -81.04
CA LYS P 79 7.34 -82.11 -81.10
C LYS P 79 8.71 -82.65 -80.65
N HIS P 80 9.78 -82.41 -81.41
CA HIS P 80 11.19 -82.55 -81.05
C HIS P 80 11.65 -83.99 -80.73
N GLU P 81 10.72 -84.93 -80.67
CA GLU P 81 11.03 -86.25 -80.17
C GLU P 81 11.56 -87.15 -81.28
N ARG P 82 12.62 -87.88 -80.98
CA ARG P 82 13.23 -88.78 -81.94
C ARG P 82 12.47 -90.10 -81.99
N LEU P 83 13.09 -91.11 -82.59
CA LEU P 83 12.52 -92.45 -82.67
C LEU P 83 12.92 -93.28 -81.44
N ARG P 84 12.73 -92.67 -80.27
CA ARG P 84 13.19 -93.22 -79.01
C ARG P 84 12.52 -92.47 -77.88
N LYS P 85 13.07 -92.67 -76.69
CA LYS P 85 12.67 -91.94 -75.50
C LYS P 85 13.85 -91.12 -74.98
N TYR P 86 13.59 -90.21 -74.06
CA TYR P 86 14.64 -89.40 -73.49
C TYR P 86 15.35 -90.15 -72.37
N HIS P 87 16.29 -89.45 -71.73
CA HIS P 87 17.03 -90.00 -70.58
C HIS P 87 16.09 -90.29 -69.42
N UNK Q 1 22.63 -112.14 -49.88
CA UNK Q 1 23.11 -113.32 -49.16
C UNK Q 1 22.52 -114.59 -49.76
N UNK Q 2 23.05 -115.73 -49.35
CA UNK Q 2 22.50 -117.03 -49.74
C UNK Q 2 21.18 -117.25 -49.00
N UNK Q 3 21.13 -116.73 -47.78
CA UNK Q 3 19.90 -116.74 -46.99
C UNK Q 3 18.93 -115.69 -47.53
N UNK Q 4 19.47 -114.70 -48.25
CA UNK Q 4 18.66 -113.72 -48.95
C UNK Q 4 18.46 -114.16 -50.41
N UNK Q 5 18.84 -115.39 -50.72
CA UNK Q 5 18.65 -115.97 -52.05
C UNK Q 5 17.61 -117.08 -52.00
N UNK Q 6 17.72 -117.96 -51.01
CA UNK Q 6 16.80 -119.06 -50.84
C UNK Q 6 15.45 -118.58 -50.35
N UNK Q 7 15.46 -117.50 -49.57
CA UNK Q 7 14.23 -116.90 -49.05
C UNK Q 7 13.45 -116.22 -50.17
N UNK Q 8 14.16 -115.78 -51.19
CA UNK Q 8 13.53 -115.22 -52.38
C UNK Q 8 12.78 -116.31 -53.12
N UNK Q 9 13.40 -117.48 -53.23
CA UNK Q 9 12.79 -118.63 -53.88
C UNK Q 9 11.72 -119.24 -52.99
N UNK Q 10 11.88 -119.08 -51.68
CA UNK Q 10 10.89 -119.54 -50.73
C UNK Q 10 9.67 -118.64 -50.81
N UNK Q 11 9.90 -117.35 -51.01
CA UNK Q 11 8.82 -116.40 -51.20
C UNK Q 11 8.18 -116.65 -52.54
N UNK Q 12 9.00 -117.01 -53.53
CA UNK Q 12 8.53 -117.31 -54.88
C UNK Q 12 7.65 -118.55 -54.88
N UNK Q 13 7.97 -119.51 -54.02
CA UNK Q 13 7.13 -120.67 -53.83
C UNK Q 13 5.88 -120.25 -53.08
N UNK Q 14 6.06 -119.34 -52.12
CA UNK Q 14 4.95 -118.85 -51.30
C UNK Q 14 4.01 -117.98 -52.12
N UNK Q 15 4.58 -117.24 -53.06
CA UNK Q 15 3.79 -116.37 -53.92
C UNK Q 15 3.00 -117.21 -54.89
N UNK Q 16 3.70 -118.07 -55.65
CA UNK Q 16 3.10 -118.83 -56.74
C UNK Q 16 2.05 -119.83 -56.26
N UNK Q 17 2.15 -120.24 -54.99
CA UNK Q 17 1.12 -121.06 -54.38
C UNK Q 17 -0.15 -120.24 -54.23
N UNK Q 18 0.00 -118.95 -53.94
CA UNK Q 18 -1.15 -118.08 -53.75
C UNK Q 18 -1.48 -117.31 -55.02
N UNK Q 19 -0.48 -117.12 -55.88
CA UNK Q 19 -0.68 -116.38 -57.12
C UNK Q 19 -1.50 -117.19 -58.10
N UNK Q 20 -1.11 -118.45 -58.28
CA UNK Q 20 -1.82 -119.35 -59.16
C UNK Q 20 -3.17 -119.72 -58.57
N UNK Q 21 -3.28 -119.60 -57.25
CA UNK Q 21 -4.56 -119.72 -56.58
C UNK Q 21 -5.46 -118.55 -56.96
N UNK Q 22 -4.85 -117.40 -57.17
CA UNK Q 22 -5.60 -116.16 -57.41
C UNK Q 22 -5.78 -115.86 -58.88
N UNK Q 23 -4.73 -116.09 -59.68
CA UNK Q 23 -4.75 -115.78 -61.10
C UNK Q 23 -5.73 -116.68 -61.85
N UNK Q 24 -5.82 -117.93 -61.41
CA UNK Q 24 -6.76 -118.86 -62.00
C UNK Q 24 -8.17 -118.54 -61.54
N UNK Q 25 -8.30 -118.07 -60.30
CA UNK Q 25 -9.59 -117.72 -59.73
C UNK Q 25 -10.15 -116.47 -60.41
N UNK Q 26 -9.24 -115.55 -60.73
CA UNK Q 26 -9.61 -114.34 -61.45
C UNK Q 26 -9.98 -114.68 -62.89
N UNK Q 27 -9.27 -115.66 -63.44
CA UNK Q 27 -9.57 -116.19 -64.77
C UNK Q 27 -10.93 -116.87 -64.76
N UNK Q 28 -11.22 -117.57 -63.67
CA UNK Q 28 -12.50 -118.23 -63.47
C UNK Q 28 -13.59 -117.20 -63.18
N UNK Q 29 -13.20 -116.08 -62.58
CA UNK Q 29 -14.12 -114.98 -62.29
C UNK Q 29 -14.60 -114.34 -63.57
N UNK Q 30 -13.73 -114.37 -64.58
CA UNK Q 30 -14.11 -113.95 -65.91
C UNK Q 30 -14.87 -115.07 -66.61
N UNK Q 31 -14.43 -116.31 -66.38
CA UNK Q 31 -14.94 -117.46 -67.12
C UNK Q 31 -16.38 -117.79 -66.81
N UNK Q 32 -16.73 -117.84 -65.52
CA UNK Q 32 -18.08 -118.18 -65.11
C UNK Q 32 -19.06 -117.07 -65.44
N UNK Q 33 -18.54 -115.84 -65.49
CA UNK Q 33 -19.35 -114.67 -65.81
C UNK Q 33 -19.64 -114.61 -67.31
N UNK Q 34 -18.58 -114.71 -68.10
CA UNK Q 34 -18.68 -114.51 -69.54
C UNK Q 34 -18.80 -115.82 -70.33
N UNK Q 35 -19.45 -116.82 -69.74
CA UNK Q 35 -19.68 -118.07 -70.44
C UNK Q 35 -20.99 -118.02 -71.22
N UNK Q 36 -21.84 -117.07 -70.84
CA UNK Q 36 -23.16 -116.94 -71.44
C UNK Q 36 -23.11 -116.23 -72.79
N UNK Q 37 -22.48 -115.05 -72.81
CA UNK Q 37 -22.34 -114.18 -73.98
C UNK Q 37 -23.67 -113.81 -74.64
N UNK Q 38 -24.30 -112.69 -74.23
CA UNK Q 38 -23.76 -111.78 -73.21
C UNK Q 38 -24.85 -111.33 -72.23
N UNK Q 39 -24.46 -111.16 -70.97
CA UNK Q 39 -25.39 -110.71 -69.93
C UNK Q 39 -24.63 -110.02 -68.80
N UNK Q 40 -23.36 -110.39 -68.67
CA UNK Q 40 -22.38 -109.80 -67.74
C UNK Q 40 -22.76 -109.89 -66.25
N UNK Q 41 -21.87 -109.37 -65.43
CA UNK Q 41 -22.07 -109.30 -63.99
C UNK Q 41 -21.55 -107.96 -63.48
N UNK Q 42 -22.03 -106.88 -64.08
CA UNK Q 42 -21.56 -105.53 -63.79
C UNK Q 42 -22.07 -105.03 -62.45
N UNK Q 43 -21.56 -103.87 -62.04
CA UNK Q 43 -22.01 -103.23 -60.81
C UNK Q 43 -23.24 -102.37 -61.11
N UNK Q 44 -24.33 -103.03 -61.47
CA UNK Q 44 -25.62 -102.43 -61.89
C UNK Q 44 -25.46 -101.42 -63.03
N UNK Q 45 -25.09 -101.90 -64.20
CA UNK Q 45 -24.85 -101.03 -65.35
C UNK Q 45 -26.15 -100.50 -65.95
N UNK Q 46 -26.37 -99.20 -65.80
CA UNK Q 46 -27.57 -98.56 -66.33
C UNK Q 46 -27.27 -97.10 -66.62
N UNK Q 47 -26.13 -96.65 -66.08
CA UNK Q 47 -25.59 -95.31 -66.27
C UNK Q 47 -26.57 -94.20 -65.89
N UNK Q 48 -26.67 -93.90 -64.59
CA UNK Q 48 -27.44 -92.78 -64.05
C UNK Q 48 -28.91 -92.69 -64.50
N UNK Q 49 -29.70 -93.71 -64.20
CA UNK Q 49 -31.08 -93.77 -64.65
C UNK Q 49 -32.09 -93.40 -63.56
N UNK Q 50 -32.53 -94.37 -62.78
CA UNK Q 50 -33.53 -94.14 -61.75
C UNK Q 50 -32.99 -94.39 -60.34
N UNK Q 51 -32.01 -95.28 -60.24
CA UNK Q 51 -31.35 -95.51 -58.97
C UNK Q 51 -30.32 -94.41 -58.72
N UNK Q 52 -30.30 -93.90 -57.49
CA UNK Q 52 -29.36 -92.85 -57.12
C UNK Q 52 -28.07 -93.44 -56.58
N UNK Q 53 -27.96 -94.76 -56.62
CA UNK Q 53 -26.76 -95.45 -56.16
C UNK Q 53 -25.79 -95.68 -57.31
N UNK Q 54 -25.89 -94.86 -58.35
CA UNK Q 54 -24.97 -94.90 -59.47
C UNK Q 54 -23.94 -93.78 -59.33
N UNK Q 55 -23.80 -93.30 -58.10
CA UNK Q 55 -22.72 -92.38 -57.76
C UNK Q 55 -21.82 -93.14 -56.82
N UNK Q 56 -22.45 -93.91 -55.94
CA UNK Q 56 -21.73 -94.79 -55.03
C UNK Q 56 -21.10 -95.92 -55.82
N UNK Q 57 -21.82 -96.41 -56.83
CA UNK Q 57 -21.26 -97.40 -57.74
C UNK Q 57 -20.27 -96.74 -58.68
N UNK Q 58 -20.37 -95.42 -58.82
CA UNK Q 58 -19.39 -94.64 -59.58
C UNK Q 58 -18.20 -94.34 -58.69
N UNK Q 59 -18.30 -94.72 -57.42
CA UNK Q 59 -17.14 -94.73 -56.54
C UNK Q 59 -16.78 -96.16 -56.19
N UNK Q 60 -17.60 -97.11 -56.63
CA UNK Q 60 -17.33 -98.53 -56.37
C UNK Q 60 -16.73 -99.19 -57.61
N UNK Q 61 -16.90 -98.56 -58.76
CA UNK Q 61 -16.32 -99.05 -59.99
C UNK Q 61 -14.82 -98.81 -59.98
N UNK Q 62 -14.44 -97.55 -59.80
CA UNK Q 62 -13.05 -97.14 -59.84
C UNK Q 62 -12.28 -97.55 -58.58
N UNK Q 63 -12.99 -97.96 -57.54
CA UNK Q 63 -12.34 -98.51 -56.36
C UNK Q 63 -12.19 -100.01 -56.54
N UNK Q 64 -13.01 -100.57 -57.44
CA UNK Q 64 -12.78 -101.92 -57.87
C UNK Q 64 -11.71 -101.86 -58.94
N UNK Q 65 -11.61 -100.71 -59.59
CA UNK Q 65 -10.55 -100.46 -60.56
C UNK Q 65 -9.40 -99.70 -59.91
N UNK Q 66 -9.35 -99.75 -58.57
CA UNK Q 66 -8.23 -99.18 -57.83
C UNK Q 66 -7.05 -100.11 -57.93
N UNK Q 67 -7.36 -101.36 -58.25
CA UNK Q 67 -6.35 -102.35 -58.56
C UNK Q 67 -5.66 -101.96 -59.86
N UNK Q 68 -6.45 -101.41 -60.79
CA UNK Q 68 -5.96 -101.10 -62.13
C UNK Q 68 -4.94 -99.97 -62.12
N UNK Q 69 -5.15 -99.01 -61.22
CA UNK Q 69 -4.20 -97.92 -61.04
C UNK Q 69 -2.93 -98.52 -60.45
N UNK Q 70 -3.12 -99.43 -59.51
CA UNK Q 70 -2.01 -100.16 -58.91
C UNK Q 70 -1.44 -101.17 -59.90
N UNK Q 71 -2.24 -101.60 -60.86
CA UNK Q 71 -1.74 -102.46 -61.93
C UNK Q 71 -0.86 -101.63 -62.85
N UNK Q 72 -1.24 -100.37 -63.01
CA UNK Q 72 -0.45 -99.45 -63.81
C UNK Q 72 0.78 -99.01 -63.02
N UNK Q 73 0.74 -99.19 -61.71
CA UNK Q 73 1.87 -98.86 -60.84
C UNK Q 73 2.99 -99.89 -60.95
N UNK Q 74 2.71 -100.99 -61.63
CA UNK Q 74 3.74 -101.96 -61.94
C UNK Q 74 4.26 -101.68 -63.33
N UNK Q 75 3.32 -101.49 -64.26
CA UNK Q 75 3.61 -101.38 -65.68
C UNK Q 75 4.42 -100.14 -66.03
N UNK Q 76 4.27 -99.11 -65.19
CA UNK Q 76 4.98 -97.86 -65.40
C UNK Q 76 6.46 -98.02 -65.05
N UNK Q 77 6.75 -99.00 -64.21
CA UNK Q 77 8.12 -99.28 -63.82
C UNK Q 77 8.84 -100.05 -64.91
N UNK Q 78 8.05 -100.72 -65.76
CA UNK Q 78 8.59 -101.54 -66.84
C UNK Q 78 9.32 -100.68 -67.86
N UNK Q 79 8.61 -99.74 -68.47
CA UNK Q 79 9.19 -98.85 -69.47
C UNK Q 79 10.19 -97.89 -68.86
N UNK Q 80 10.12 -97.73 -67.54
CA UNK Q 80 11.06 -96.91 -66.78
C UNK Q 80 12.48 -97.44 -66.87
N UNK Q 81 12.70 -98.62 -66.31
CA UNK Q 81 14.05 -99.16 -66.22
C UNK Q 81 14.50 -99.78 -67.54
N UNK Q 82 13.57 -99.90 -68.48
CA UNK Q 82 13.83 -100.56 -69.77
C UNK Q 82 14.91 -99.88 -70.61
N UNK Q 83 14.81 -98.57 -70.79
CA UNK Q 83 15.78 -97.86 -71.61
C UNK Q 83 17.11 -97.78 -70.88
N UNK Q 84 17.03 -97.74 -69.55
CA UNK Q 84 18.17 -97.69 -68.64
C UNK Q 84 19.10 -96.51 -68.93
N PHE R 2 -30.57 -62.45 -65.93
CA PHE R 2 -30.34 -61.57 -64.80
C PHE R 2 -28.91 -61.04 -64.79
N GLN R 3 -28.26 -61.06 -65.94
CA GLN R 3 -27.01 -60.35 -66.16
C GLN R 3 -27.31 -58.95 -66.69
N PHE R 4 -28.57 -58.53 -66.56
CA PHE R 4 -29.00 -57.20 -67.00
C PHE R 4 -29.43 -56.31 -65.84
N THR R 5 -30.40 -56.74 -65.04
CA THR R 5 -31.04 -55.80 -64.11
C THR R 5 -30.19 -55.56 -62.87
N GLY R 6 -29.11 -56.32 -62.71
CA GLY R 6 -28.13 -55.96 -61.71
C GLY R 6 -27.33 -54.74 -62.12
N ILE R 7 -27.08 -54.60 -63.43
CA ILE R 7 -26.28 -53.49 -63.94
C ILE R 7 -27.05 -52.68 -64.98
N LYS R 8 -28.38 -52.62 -64.88
CA LYS R 8 -29.13 -51.86 -65.87
C LYS R 8 -29.22 -50.40 -65.48
N LYS R 9 -29.14 -50.12 -64.18
CA LYS R 9 -29.09 -48.73 -63.74
C LYS R 9 -27.76 -48.09 -64.14
N TYR R 10 -26.73 -48.91 -64.33
CA TYR R 10 -25.41 -48.40 -64.68
C TYR R 10 -25.35 -48.07 -66.17
N PHE R 11 -26.08 -48.82 -66.99
CA PHE R 11 -25.85 -48.76 -68.44
C PHE R 11 -26.30 -47.44 -69.03
N ASN R 12 -27.59 -47.10 -68.91
CA ASN R 12 -28.10 -45.87 -69.52
C ASN R 12 -27.58 -44.62 -68.81
N SER R 13 -26.88 -44.78 -67.69
CA SER R 13 -26.09 -43.68 -67.14
C SER R 13 -24.91 -43.34 -68.04
N TYR R 14 -24.00 -44.29 -68.26
CA TYR R 14 -22.75 -43.98 -68.93
C TYR R 14 -22.61 -44.54 -70.34
N THR R 15 -23.56 -45.36 -70.82
CA THR R 15 -23.43 -45.85 -72.20
C THR R 15 -23.87 -44.78 -73.18
N LEU R 16 -24.37 -43.64 -72.68
CA LEU R 16 -24.64 -42.50 -73.53
C LEU R 16 -23.36 -42.01 -74.20
N THR R 17 -22.23 -42.15 -73.51
CA THR R 17 -20.96 -41.80 -74.13
C THR R 17 -20.08 -43.02 -74.27
N GLY R 18 -20.29 -44.03 -73.42
CA GLY R 18 -19.39 -45.16 -73.38
C GLY R 18 -19.67 -46.16 -74.48
N ARG R 19 -20.91 -46.23 -74.95
CA ARG R 19 -21.31 -47.17 -75.99
C ARG R 19 -21.25 -46.51 -77.36
N MET R 20 -20.05 -46.01 -77.67
CA MET R 20 -19.74 -45.43 -78.97
C MET R 20 -18.73 -46.30 -79.70
N ASN R 21 -18.97 -47.61 -79.71
CA ASN R 21 -18.07 -48.54 -80.40
C ASN R 21 -18.21 -48.44 -81.92
N CYS R 22 -19.12 -47.59 -82.40
CA CYS R 22 -19.26 -47.38 -83.84
C CYS R 22 -17.98 -46.81 -84.45
N VAL R 23 -17.31 -45.91 -83.73
CA VAL R 23 -16.02 -45.41 -84.19
C VAL R 23 -14.99 -46.53 -84.18
N LEU R 24 -15.08 -47.41 -83.18
CA LEU R 24 -14.29 -48.63 -83.19
C LEU R 24 -14.75 -49.56 -84.32
N ALA R 25 -16.05 -49.58 -84.60
CA ALA R 25 -16.56 -50.42 -85.69
C ALA R 25 -16.15 -49.87 -87.04
N THR R 26 -16.15 -48.54 -87.18
CA THR R 26 -15.73 -47.96 -88.45
C THR R 26 -14.22 -48.06 -88.62
N TYR R 27 -13.46 -47.79 -87.55
CA TYR R 27 -12.01 -47.96 -87.65
C TYR R 27 -11.63 -49.42 -87.68
N GLY R 28 -12.52 -50.31 -87.23
CA GLY R 28 -12.28 -51.72 -87.42
C GLY R 28 -12.66 -52.20 -88.80
N GLY R 29 -13.82 -51.77 -89.30
CA GLY R 29 -14.31 -52.27 -90.58
C GLY R 29 -13.48 -51.80 -91.74
N ILE R 30 -12.93 -50.58 -91.66
CA ILE R 30 -11.99 -50.10 -92.67
C ILE R 30 -10.69 -50.88 -92.56
N ALA R 31 -10.31 -51.27 -91.34
CA ALA R 31 -9.08 -52.04 -91.15
C ALA R 31 -9.23 -53.45 -91.69
N LEU R 32 -10.47 -53.90 -91.92
CA LEU R 32 -10.69 -55.16 -92.61
C LEU R 32 -10.37 -55.03 -94.09
N LEU R 33 -10.51 -53.83 -94.63
CA LEU R 33 -10.56 -53.68 -96.08
C LEU R 33 -9.16 -53.72 -96.69
N VAL R 34 -8.15 -53.22 -95.98
CA VAL R 34 -6.83 -53.12 -96.58
C VAL R 34 -6.15 -54.48 -96.59
N LEU R 35 -6.57 -55.39 -95.71
CA LEU R 35 -5.89 -56.67 -95.62
C LEU R 35 -6.47 -57.69 -96.59
N TYR R 36 -7.76 -57.57 -96.90
CA TYR R 36 -8.31 -58.38 -97.97
C TYR R 36 -7.84 -57.88 -99.32
N PHE R 37 -7.43 -56.61 -99.39
CA PHE R 37 -7.03 -56.02 -100.67
C PHE R 37 -5.60 -56.37 -101.01
N LYS R 38 -4.73 -56.46 -100.01
CA LYS R 38 -3.34 -56.78 -100.28
C LYS R 38 -3.16 -58.25 -100.62
N LEU R 39 -4.03 -59.11 -100.10
CA LEU R 39 -3.97 -60.53 -100.47
C LEU R 39 -4.66 -60.77 -101.80
N ARG R 40 -5.52 -59.83 -102.22
CA ARG R 40 -6.09 -59.90 -103.56
C ARG R 40 -5.04 -59.59 -104.61
N SER R 41 -4.18 -58.61 -104.34
CA SER R 41 -3.09 -58.29 -105.27
C SER R 41 -1.84 -59.12 -104.95
N LYS R 42 -1.90 -59.91 -103.87
CA LYS R 42 -0.82 -60.82 -103.43
C LYS R 42 0.52 -60.14 -103.22
N UNK S 1 -2.91 -5.68 -83.08
CA UNK S 1 -4.30 -5.95 -82.75
C UNK S 1 -4.42 -7.02 -81.65
N UNK S 2 -3.75 -6.79 -80.53
CA UNK S 2 -3.93 -7.63 -79.35
C UNK S 2 -5.29 -7.27 -78.75
N UNK S 3 -6.05 -8.29 -78.34
CA UNK S 3 -7.40 -8.16 -77.81
C UNK S 3 -8.38 -7.42 -78.73
N UNK S 4 -8.16 -7.50 -80.03
CA UNK S 4 -9.12 -7.03 -81.03
C UNK S 4 -10.14 -8.13 -81.27
N UNK S 5 -9.63 -9.26 -81.77
CA UNK S 5 -10.31 -10.55 -81.62
C UNK S 5 -9.86 -11.06 -80.28
N UNK S 6 -10.60 -10.69 -79.25
CA UNK S 6 -10.13 -10.75 -77.86
C UNK S 6 -10.06 -12.16 -77.29
N UNK S 7 -9.92 -12.23 -75.96
CA UNK S 7 -9.84 -13.50 -75.26
C UNK S 7 -11.21 -14.18 -75.24
N UNK S 8 -11.90 -14.12 -74.10
CA UNK S 8 -13.29 -14.60 -73.91
C UNK S 8 -13.59 -16.03 -74.37
N UNK S 9 -12.56 -16.87 -74.47
CA UNK S 9 -12.61 -18.25 -74.95
C UNK S 9 -13.17 -18.42 -76.37
N UNK S 10 -13.21 -19.67 -76.82
CA UNK S 10 -13.83 -20.11 -78.09
C UNK S 10 -13.42 -19.36 -79.35
N UNK S 11 -13.78 -18.09 -79.42
CA UNK S 11 -13.60 -17.23 -80.59
C UNK S 11 -12.15 -17.03 -81.03
N UNK S 12 -11.19 -17.34 -80.17
CA UNK S 12 -9.79 -17.25 -80.55
C UNK S 12 -9.42 -18.41 -81.46
N UNK S 13 -9.81 -19.62 -81.08
CA UNK S 13 -9.37 -20.83 -81.76
C UNK S 13 -10.35 -21.37 -82.78
N UNK S 14 -11.63 -20.97 -82.67
CA UNK S 14 -12.68 -21.44 -83.58
C UNK S 14 -12.41 -20.94 -84.97
N UNK S 15 -11.89 -19.74 -85.05
CA UNK S 15 -11.47 -19.17 -86.32
C UNK S 15 -10.22 -19.86 -86.82
N UNK S 16 -9.37 -20.32 -85.90
CA UNK S 16 -8.07 -20.86 -86.25
C UNK S 16 -8.15 -22.22 -86.93
N UNK S 17 -9.27 -22.91 -86.71
CA UNK S 17 -9.53 -24.17 -87.38
C UNK S 17 -10.48 -23.95 -88.54
N UNK S 18 -11.14 -22.79 -88.57
CA UNK S 18 -12.05 -22.46 -89.66
C UNK S 18 -11.32 -21.74 -90.78
N UNK S 19 -10.31 -20.94 -90.44
CA UNK S 19 -9.50 -20.28 -91.45
C UNK S 19 -8.53 -21.28 -92.06
N UNK S 20 -8.28 -22.37 -91.32
CA UNK S 20 -7.53 -23.49 -91.85
C UNK S 20 -8.48 -24.40 -92.62
N UNK S 21 -9.78 -24.13 -92.49
CA UNK S 21 -10.80 -24.83 -93.26
C UNK S 21 -11.21 -24.00 -94.47
N UNK S 22 -10.20 -23.47 -95.16
CA UNK S 22 -10.38 -22.71 -96.37
C UNK S 22 -9.07 -22.78 -97.14
N UNK S 23 -7.99 -22.90 -96.39
CA UNK S 23 -6.66 -23.08 -96.97
C UNK S 23 -6.48 -24.53 -97.38
N UNK S 24 -7.36 -25.40 -96.88
CA UNK S 24 -7.43 -26.77 -97.33
C UNK S 24 -8.36 -26.83 -98.54
N UNK S 25 -9.29 -25.88 -98.60
CA UNK S 25 -10.27 -25.83 -99.67
C UNK S 25 -9.66 -25.33 -100.97
N UNK S 26 -8.58 -24.56 -100.85
CA UNK S 26 -7.86 -24.07 -102.02
C UNK S 26 -6.66 -24.97 -102.27
N UNK S 27 -6.56 -26.03 -101.48
CA UNK S 27 -5.46 -26.99 -101.62
C UNK S 27 -5.91 -28.18 -102.46
N UNK S 28 -7.22 -28.38 -102.51
CA UNK S 28 -7.80 -29.45 -103.32
C UNK S 28 -7.98 -28.99 -104.76
N UNK S 29 -7.84 -27.67 -104.98
CA UNK S 29 -7.97 -26.99 -106.28
C UNK S 29 -9.30 -27.26 -106.97
N ASP T 5 1.80 -63.98 -85.33
CA ASP T 5 2.77 -63.09 -84.71
C ASP T 5 2.35 -61.67 -85.00
N THR T 6 2.86 -61.11 -86.10
CA THR T 6 2.39 -59.84 -86.63
C THR T 6 1.02 -60.12 -87.24
N SER T 7 0.01 -60.12 -86.36
CA SER T 7 -0.96 -61.21 -86.36
C SER T 7 -1.84 -61.36 -87.62
N THR T 8 -2.99 -60.66 -87.70
CA THR T 8 -3.67 -59.99 -88.81
C THR T 8 -5.15 -59.79 -88.46
N TRP T 9 -5.86 -58.96 -89.22
CA TRP T 9 -7.24 -59.20 -89.63
C TRP T 9 -8.34 -59.05 -88.58
N PHE T 10 -8.00 -59.12 -87.28
CA PHE T 10 -8.72 -58.50 -86.15
C PHE T 10 -10.20 -58.82 -85.88
N ILE T 11 -10.87 -59.71 -86.62
CA ILE T 11 -12.32 -59.91 -86.43
C ILE T 11 -12.59 -60.65 -85.13
N THR T 12 -11.55 -61.24 -84.58
CA THR T 12 -11.48 -61.98 -83.33
C THR T 12 -11.54 -61.00 -82.16
N ILE T 13 -10.76 -61.27 -81.13
CA ILE T 13 -10.94 -61.05 -79.69
C ILE T 13 -11.88 -59.93 -79.24
N THR T 14 -11.99 -58.83 -79.98
CA THR T 14 -12.58 -57.60 -79.44
C THR T 14 -14.08 -57.73 -79.20
N SER T 15 -14.74 -58.71 -79.82
CA SER T 15 -16.13 -58.94 -79.50
C SER T 15 -16.26 -59.83 -78.29
N MET T 16 -15.15 -60.45 -77.88
CA MET T 16 -15.17 -61.31 -76.71
C MET T 16 -14.58 -60.60 -75.50
N ILE T 17 -14.40 -59.27 -75.61
CA ILE T 17 -13.92 -58.50 -74.46
C ILE T 17 -15.08 -57.80 -73.76
N MET T 18 -16.16 -57.50 -74.48
CA MET T 18 -17.22 -56.72 -73.86
C MET T 18 -18.22 -57.64 -73.20
N THR T 19 -18.20 -58.92 -73.56
CA THR T 19 -18.91 -59.90 -72.76
C THR T 19 -18.24 -60.06 -71.41
N LEU T 20 -16.93 -59.81 -71.34
CA LEU T 20 -16.24 -59.93 -70.07
C LEU T 20 -16.60 -58.79 -69.13
N PHE T 21 -16.94 -57.64 -69.69
CA PHE T 21 -17.30 -56.51 -68.82
C PHE T 21 -18.79 -56.53 -68.52
N ILE T 22 -19.44 -57.69 -68.68
CA ILE T 22 -20.67 -57.99 -67.97
C ILE T 22 -20.36 -58.85 -66.76
N LEU T 23 -19.24 -59.58 -66.81
CA LEU T 23 -18.86 -60.38 -65.64
C LEU T 23 -18.28 -59.51 -64.54
N PHE T 24 -17.29 -58.69 -64.87
CA PHE T 24 -16.55 -57.97 -63.84
C PHE T 24 -17.39 -56.90 -63.19
N GLN T 25 -18.43 -56.44 -63.86
CA GLN T 25 -19.35 -55.50 -63.24
C GLN T 25 -20.42 -56.24 -62.47
N LEU T 26 -20.36 -57.57 -62.45
CA LEU T 26 -21.30 -58.32 -61.63
C LEU T 26 -20.66 -58.72 -60.31
N LYS T 27 -19.38 -59.14 -60.35
CA LYS T 27 -18.71 -59.59 -59.14
C LYS T 27 -18.40 -58.41 -58.24
N ILE T 28 -17.75 -57.39 -58.79
CA ILE T 28 -17.13 -56.32 -58.02
C ILE T 28 -18.20 -55.37 -57.53
N SER T 29 -19.40 -55.47 -58.11
CA SER T 29 -20.50 -54.63 -57.68
C SER T 29 -21.01 -55.04 -56.30
N ASN T 30 -20.83 -56.30 -55.93
CA ASN T 30 -21.25 -56.76 -54.61
C ASN T 30 -20.05 -56.75 -53.67
N TYR T 31 -19.58 -55.56 -53.32
CA TYR T 31 -18.51 -55.44 -52.34
C TYR T 31 -19.05 -54.60 -51.18
N SER T 32 -18.25 -54.53 -50.13
CA SER T 32 -18.64 -53.81 -48.92
C SER T 32 -17.59 -52.78 -48.56
N TYR T 33 -18.06 -51.60 -48.17
CA TYR T 33 -17.15 -50.53 -47.78
C TYR T 33 -17.24 -50.40 -46.27
N PRO T 34 -16.07 -50.36 -45.64
CA PRO T 34 -15.97 -50.22 -44.18
C PRO T 34 -16.55 -48.89 -43.70
N ALA T 35 -16.33 -47.85 -44.49
CA ALA T 35 -16.80 -46.51 -44.16
C ALA T 35 -18.33 -46.41 -44.06
N SER T 36 -19.08 -47.08 -44.94
CA SER T 36 -20.53 -46.93 -44.84
C SER T 36 -21.05 -47.39 -43.49
N PRO T 37 -20.30 -48.26 -42.81
CA PRO T 37 -20.75 -48.78 -41.52
C PRO T 37 -20.61 -47.76 -40.40
N GLU T 38 -19.75 -46.75 -40.60
CA GLU T 38 -19.58 -45.71 -39.59
C GLU T 38 -20.63 -44.61 -39.75
N SER T 39 -21.39 -44.64 -40.83
CA SER T 39 -22.37 -43.59 -41.09
C SER T 39 -23.72 -43.90 -40.45
N ILE T 40 -24.03 -45.19 -40.30
CA ILE T 40 -25.34 -45.57 -39.75
C ILE T 40 -25.38 -45.39 -38.24
N GLU T 41 -24.22 -45.25 -37.60
CA GLU T 41 -24.20 -45.01 -36.16
C GLU T 41 -24.47 -43.55 -35.84
N LEU T 42 -24.31 -42.66 -36.82
CA LEU T 42 -24.50 -41.23 -36.58
C LEU T 42 -25.98 -40.86 -36.55
N LYS T 43 -26.77 -41.41 -37.47
CA LYS T 43 -28.17 -41.01 -37.58
C LYS T 43 -29.02 -41.65 -36.49
N THR T 44 -28.54 -42.75 -35.89
CA THR T 44 -29.25 -43.36 -34.77
C THR T 44 -29.09 -42.52 -33.51
N GLN T 45 -28.00 -41.76 -33.41
CA GLN T 45 -27.77 -40.94 -32.23
C GLN T 45 -28.64 -39.69 -32.25
N LYS T 46 -28.81 -39.08 -33.42
CA LYS T 46 -29.55 -37.82 -33.50
C LYS T 46 -31.05 -38.06 -33.46
N HIS T 47 -31.49 -39.28 -33.81
CA HIS T 47 -32.93 -39.56 -33.84
C HIS T 47 -33.49 -39.71 -32.43
N SER T 48 -32.81 -40.48 -31.58
CA SER T 48 -33.29 -40.66 -30.21
C SER T 48 -33.04 -39.41 -29.36
N THR T 49 -32.05 -38.60 -29.75
CA THR T 49 -31.83 -37.32 -29.08
C THR T 49 -32.96 -36.34 -29.39
N PRO T 50 -33.45 -36.35 -30.63
CA PRO T 50 -34.63 -35.56 -30.95
C PRO T 50 -35.90 -36.20 -30.39
N TRP T 51 -35.89 -37.53 -30.24
CA TRP T 51 -37.01 -38.20 -29.58
C TRP T 51 -37.02 -37.89 -28.09
N GLU T 52 -35.85 -37.76 -27.47
CA GLU T 52 -35.77 -37.26 -26.10
C GLU T 52 -36.14 -35.80 -26.04
N MET T 53 -35.81 -35.04 -27.10
CA MET T 53 -36.28 -33.67 -27.20
C MET T 53 -37.79 -33.62 -27.44
N LYS T 54 -38.33 -34.63 -28.11
CA LYS T 54 -39.78 -34.77 -28.21
C LYS T 54 -40.37 -35.19 -26.86
N TRP T 55 -39.58 -35.86 -26.03
CA TRP T 55 -40.02 -36.19 -24.68
C TRP T 55 -39.77 -35.03 -23.73
N THR T 56 -38.74 -34.22 -24.00
CA THR T 56 -38.52 -33.00 -23.22
C THR T 56 -39.59 -31.97 -23.53
N LYS T 57 -40.02 -31.89 -24.79
CA LYS T 57 -41.15 -31.03 -25.14
C LYS T 57 -42.45 -31.64 -24.61
N ILE T 58 -42.48 -32.95 -24.40
CA ILE T 58 -43.61 -33.57 -23.72
C ILE T 58 -43.58 -33.24 -22.22
N TYR T 59 -42.42 -32.85 -21.71
CA TYR T 59 -42.37 -32.26 -20.37
C TYR T 59 -42.59 -30.76 -20.43
N LEU T 60 -41.79 -30.06 -21.23
CA LEU T 60 -41.92 -28.62 -21.39
C LEU T 60 -42.83 -28.28 -22.56
N ASN U 2 39.27 -65.96 -75.20
CA ASN U 2 38.40 -66.94 -75.83
C ASN U 2 38.01 -68.04 -74.85
N GLU U 3 37.41 -67.64 -73.73
CA GLU U 3 37.08 -68.58 -72.65
C GLU U 3 35.63 -69.03 -72.74
N ASN U 4 34.72 -68.07 -72.64
CA ASN U 4 33.29 -68.34 -72.51
C ASN U 4 32.58 -67.91 -73.78
N LEU U 5 32.31 -68.87 -74.64
CA LEU U 5 31.62 -68.62 -75.91
C LEU U 5 30.13 -68.83 -75.67
N PHE U 6 29.36 -67.74 -75.76
CA PHE U 6 27.91 -67.84 -75.77
C PHE U 6 27.45 -68.58 -77.02
N ALA U 7 26.26 -69.15 -76.95
CA ALA U 7 25.62 -69.76 -78.11
C ALA U 7 24.29 -69.07 -78.36
N SER U 8 23.66 -69.40 -79.47
CA SER U 8 22.29 -68.99 -79.74
C SER U 8 21.57 -70.10 -80.46
N PHE U 9 20.25 -70.08 -80.40
CA PHE U 9 19.42 -70.99 -81.17
C PHE U 9 18.48 -70.16 -82.01
N ILE U 10 18.32 -70.55 -83.28
CA ILE U 10 17.46 -69.86 -84.22
C ILE U 10 16.15 -70.62 -84.30
N ALA U 11 15.08 -70.01 -83.79
CA ALA U 11 13.79 -70.65 -83.75
C ALA U 11 12.72 -69.58 -83.81
N PRO U 12 11.60 -69.82 -84.52
CA PRO U 12 10.55 -68.80 -84.60
C PRO U 12 9.82 -68.65 -83.28
N THR U 13 9.59 -67.39 -82.91
CA THR U 13 8.93 -67.03 -81.67
C THR U 13 7.46 -66.73 -81.97
N MET U 14 6.57 -67.60 -81.51
CA MET U 14 5.23 -67.72 -82.04
C MET U 14 4.18 -67.18 -81.08
N MET U 15 3.59 -66.06 -81.44
CA MET U 15 2.37 -65.57 -80.81
C MET U 15 1.19 -66.11 -81.60
N GLY U 16 0.91 -67.39 -81.46
CA GLY U 16 -0.22 -67.99 -82.16
C GLY U 16 -1.57 -67.53 -81.66
N LEU U 17 -2.64 -68.01 -82.26
CA LEU U 17 -3.93 -67.54 -81.77
C LEU U 17 -4.84 -68.73 -81.54
N PRO U 18 -4.73 -69.43 -80.40
CA PRO U 18 -5.70 -70.47 -80.07
C PRO U 18 -7.02 -69.87 -79.58
N ILE U 19 -7.90 -70.74 -79.10
CA ILE U 19 -9.29 -70.41 -78.80
C ILE U 19 -9.37 -69.45 -77.63
N VAL U 20 -9.69 -68.19 -77.93
CA VAL U 20 -9.50 -67.10 -77.00
C VAL U 20 -10.65 -66.90 -76.03
N THR U 21 -11.89 -67.19 -76.44
CA THR U 21 -13.03 -66.77 -75.62
C THR U 21 -13.20 -67.65 -74.39
N LEU U 22 -12.42 -68.73 -74.29
CA LEU U 22 -12.26 -69.41 -73.00
C LEU U 22 -11.23 -68.71 -72.15
N ILE U 23 -10.15 -68.24 -72.78
CA ILE U 23 -9.02 -67.72 -72.03
C ILE U 23 -9.35 -66.35 -71.44
N ILE U 24 -10.27 -65.63 -72.07
CA ILE U 24 -10.69 -64.34 -71.54
C ILE U 24 -11.54 -64.53 -70.30
N MET U 25 -12.45 -65.51 -70.33
CA MET U 25 -13.38 -65.68 -69.23
C MET U 25 -12.71 -66.24 -67.99
N PHE U 26 -11.53 -66.83 -68.14
CA PHE U 26 -10.94 -67.61 -67.04
C PHE U 26 -10.45 -66.75 -65.87
N PRO U 27 -9.81 -65.57 -66.06
CA PRO U 27 -9.54 -64.75 -64.88
C PRO U 27 -10.74 -63.98 -64.35
N SER U 28 -11.97 -64.40 -64.65
CA SER U 28 -13.08 -63.92 -63.86
C SER U 28 -13.37 -64.86 -62.71
N LEU U 29 -13.19 -66.16 -62.94
CA LEU U 29 -13.55 -67.14 -61.92
C LEU U 29 -12.44 -67.32 -60.90
N LEU U 30 -11.34 -66.58 -61.00
CA LEU U 30 -10.36 -66.56 -59.93
C LEU U 30 -10.84 -65.69 -58.77
N PHE U 31 -11.77 -64.79 -59.03
CA PHE U 31 -12.25 -63.89 -57.99
C PHE U 31 -13.69 -64.27 -57.66
N PRO U 32 -13.97 -64.72 -56.46
CA PRO U 32 -15.35 -64.99 -56.06
C PRO U 32 -15.96 -63.78 -55.34
N THR U 33 -17.26 -63.87 -55.09
CA THR U 33 -17.96 -62.82 -54.37
C THR U 33 -18.89 -63.39 -53.31
N PRO U 34 -18.72 -63.02 -52.05
CA PRO U 34 -19.51 -63.68 -51.00
C PRO U 34 -20.73 -62.89 -50.60
N LYS U 35 -21.82 -63.61 -50.34
CA LYS U 35 -23.04 -63.04 -49.80
C LYS U 35 -23.12 -63.25 -48.29
N ARG U 36 -22.10 -62.83 -47.57
CA ARG U 36 -22.01 -63.04 -46.13
C ARG U 36 -21.36 -61.83 -45.49
N LEU U 37 -21.51 -61.70 -44.17
CA LEU U 37 -20.92 -60.54 -43.51
C LEU U 37 -19.43 -60.75 -43.29
N ILE U 38 -19.07 -61.73 -42.48
CA ILE U 38 -17.66 -62.10 -42.38
C ILE U 38 -17.35 -63.06 -43.51
N ASN U 39 -16.20 -62.87 -44.14
CA ASN U 39 -15.84 -63.72 -45.26
C ASN U 39 -14.71 -64.67 -44.85
N ASN U 40 -14.11 -65.33 -45.85
CA ASN U 40 -13.42 -66.58 -45.64
C ASN U 40 -11.94 -66.47 -45.95
N ARG U 41 -11.32 -65.37 -45.57
CA ARG U 41 -9.86 -65.15 -45.48
C ARG U 41 -9.09 -65.44 -46.76
N THR U 42 -9.76 -65.57 -47.91
CA THR U 42 -9.10 -65.49 -49.21
C THR U 42 -9.81 -64.52 -50.14
N ILE U 43 -11.09 -64.26 -49.93
CA ILE U 43 -11.71 -63.10 -50.53
C ILE U 43 -11.36 -61.86 -49.71
N SER U 44 -11.11 -62.04 -48.42
CA SER U 44 -10.94 -60.90 -47.52
C SER U 44 -9.65 -60.13 -47.79
N ILE U 45 -8.69 -60.73 -48.47
CA ILE U 45 -7.53 -59.95 -48.88
C ILE U 45 -7.65 -59.53 -50.33
N GLN U 46 -8.70 -59.99 -51.02
CA GLN U 46 -9.05 -59.34 -52.29
C GLN U 46 -9.93 -58.12 -52.02
N GLN U 47 -10.80 -58.22 -51.02
CA GLN U 47 -11.72 -57.13 -50.70
C GLN U 47 -10.99 -55.95 -50.09
N TRP U 48 -9.86 -56.20 -49.43
CA TRP U 48 -9.09 -55.10 -48.87
C TRP U 48 -8.28 -54.42 -49.95
N LEU U 49 -7.86 -55.17 -50.97
CA LEU U 49 -6.95 -54.65 -51.97
C LEU U 49 -7.67 -53.66 -52.89
N ILE U 50 -8.99 -53.78 -52.98
CA ILE U 50 -9.78 -52.83 -53.74
C ILE U 50 -9.98 -51.55 -52.95
N GLN U 51 -10.19 -51.68 -51.64
CA GLN U 51 -10.51 -50.50 -50.85
C GLN U 51 -9.30 -49.61 -50.60
N LEU U 52 -8.09 -50.08 -50.96
CA LEU U 52 -6.99 -49.15 -51.15
C LEU U 52 -7.15 -48.33 -52.43
N THR U 53 -7.11 -48.99 -53.58
CA THR U 53 -6.97 -48.25 -54.83
C THR U 53 -8.32 -47.79 -55.37
N SER U 54 -9.38 -47.92 -54.57
CA SER U 54 -10.56 -47.13 -54.83
C SER U 54 -10.48 -45.80 -54.12
N LYS U 55 -9.50 -45.63 -53.23
CA LYS U 55 -9.35 -44.36 -52.54
C LYS U 55 -8.23 -43.53 -53.16
N GLN U 56 -7.86 -43.82 -54.40
CA GLN U 56 -6.89 -42.96 -55.09
C GLN U 56 -7.41 -42.53 -56.45
N MET U 57 -8.32 -43.30 -57.05
CA MET U 57 -9.03 -42.81 -58.22
C MET U 57 -10.36 -42.16 -57.81
N MET U 58 -10.54 -41.95 -56.51
CA MET U 58 -11.70 -41.19 -56.04
C MET U 58 -11.30 -39.78 -55.64
N ALA U 59 -10.08 -39.64 -55.11
CA ALA U 59 -9.72 -38.43 -54.40
C ALA U 59 -9.50 -37.25 -55.33
N ILE U 60 -8.99 -37.51 -56.53
CA ILE U 60 -8.67 -36.43 -57.45
C ILE U 60 -9.94 -35.77 -57.99
N HIS U 61 -10.93 -36.59 -58.35
CA HIS U 61 -12.03 -36.10 -59.16
C HIS U 61 -12.97 -35.22 -58.35
N ASN U 62 -13.61 -35.78 -57.33
CA ASN U 62 -14.42 -35.05 -56.32
C ASN U 62 -15.51 -34.21 -56.97
N GLN U 63 -16.35 -34.86 -57.75
CA GLN U 63 -17.35 -34.17 -58.55
C GLN U 63 -18.63 -34.98 -58.53
N LYS U 64 -19.49 -34.68 -59.49
CA LYS U 64 -20.49 -35.66 -59.88
C LYS U 64 -20.03 -36.43 -61.12
N GLY U 65 -18.72 -36.52 -61.30
CA GLY U 65 -18.09 -37.46 -62.21
C GLY U 65 -17.52 -38.62 -61.43
N GLN U 66 -17.98 -38.78 -60.20
CA GLN U 66 -17.56 -39.91 -59.38
C GLN U 66 -18.35 -41.15 -59.74
N THR U 67 -19.43 -41.00 -60.50
CA THR U 67 -20.23 -42.13 -60.94
C THR U 67 -19.43 -43.02 -61.89
N TRP U 68 -18.52 -42.40 -62.63
CA TRP U 68 -17.73 -43.12 -63.62
C TRP U 68 -16.69 -44.02 -62.95
N SER U 69 -16.35 -43.76 -61.69
CA SER U 69 -15.15 -44.34 -61.10
C SER U 69 -15.40 -45.75 -60.59
N LEU U 70 -16.65 -46.16 -60.49
CA LEU U 70 -16.91 -47.53 -60.07
C LEU U 70 -16.66 -48.52 -61.20
N MET U 71 -16.53 -48.03 -62.44
CA MET U 71 -16.14 -48.87 -63.54
C MET U 71 -14.63 -48.99 -63.65
N LEU U 72 -13.91 -47.91 -63.32
CA LEU U 72 -12.48 -47.84 -63.57
C LEU U 72 -11.69 -48.80 -62.67
N MET U 73 -12.33 -49.30 -61.61
CA MET U 73 -11.69 -50.32 -60.80
C MET U 73 -11.98 -51.73 -61.33
N SER U 74 -12.89 -51.84 -62.29
CA SER U 74 -13.03 -53.12 -62.97
C SER U 74 -12.03 -53.22 -64.09
N LEU U 75 -11.65 -52.07 -64.63
CA LEU U 75 -10.68 -52.04 -65.71
C LEU U 75 -9.28 -52.37 -65.20
N ILE U 76 -9.04 -52.19 -63.90
CA ILE U 76 -7.70 -52.40 -63.38
C ILE U 76 -7.53 -53.87 -62.96
N MET U 77 -8.64 -54.56 -62.66
CA MET U 77 -8.53 -55.95 -62.23
C MET U 77 -8.43 -56.90 -63.40
N PHE U 78 -8.95 -56.50 -64.56
CA PHE U 78 -8.89 -57.37 -65.72
C PHE U 78 -7.49 -57.42 -66.30
N ILE U 79 -6.90 -56.27 -66.62
CA ILE U 79 -5.55 -56.30 -67.17
C ILE U 79 -4.52 -56.33 -66.04
N GLY U 80 -4.97 -56.23 -64.81
CA GLY U 80 -4.11 -56.60 -63.70
C GLY U 80 -3.98 -58.10 -63.58
N SER U 81 -5.02 -58.84 -63.92
CA SER U 81 -4.96 -60.29 -63.84
C SER U 81 -4.42 -60.89 -65.11
N THR U 82 -4.90 -60.43 -66.28
CA THR U 82 -4.53 -61.06 -67.54
C THR U 82 -3.13 -60.67 -67.98
N ASN U 83 -2.43 -59.86 -67.20
CA ASN U 83 -1.01 -59.68 -67.42
C ASN U 83 -0.20 -60.49 -66.41
N ILE U 84 -0.85 -60.95 -65.34
CA ILE U 84 -0.13 -61.66 -64.29
C ILE U 84 -0.30 -63.17 -64.43
N LEU U 85 -1.32 -63.60 -65.16
CA LEU U 85 -1.50 -65.04 -65.39
C LEU U 85 -0.43 -65.57 -66.32
N GLY U 86 -0.03 -64.77 -67.29
CA GLY U 86 0.82 -65.26 -68.37
C GLY U 86 2.26 -65.52 -68.03
N LEU U 87 2.66 -65.26 -66.78
CA LEU U 87 4.04 -65.50 -66.41
C LEU U 87 4.29 -66.99 -66.16
N LEU U 88 3.21 -67.78 -66.08
CA LEU U 88 3.26 -69.22 -65.91
C LEU U 88 3.96 -69.89 -67.10
N PRO U 89 4.37 -71.20 -66.96
CA PRO U 89 5.09 -71.89 -68.04
C PRO U 89 4.55 -71.81 -69.47
N HIS U 90 3.32 -72.23 -69.72
CA HIS U 90 2.82 -72.24 -71.09
C HIS U 90 1.47 -71.57 -71.21
N SER U 91 1.28 -70.42 -70.57
CA SER U 91 0.00 -69.75 -70.65
C SER U 91 -0.01 -68.69 -71.74
N PHE U 92 -1.21 -68.19 -72.03
CA PHE U 92 -1.45 -67.27 -73.13
C PHE U 92 -2.26 -66.08 -72.63
N THR U 93 -1.71 -64.86 -72.85
CA THR U 93 -2.26 -63.55 -72.47
C THR U 93 -3.06 -62.94 -73.61
N PRO U 94 -4.31 -62.56 -73.38
CA PRO U 94 -5.05 -61.85 -74.43
C PRO U 94 -4.57 -60.43 -74.68
N THR U 95 -3.93 -59.75 -73.73
CA THR U 95 -3.39 -58.42 -73.99
C THR U 95 -2.04 -58.46 -74.70
N THR U 96 -1.63 -59.60 -75.21
CA THR U 96 -0.50 -59.64 -76.12
C THR U 96 -0.88 -59.14 -77.50
N GLN U 97 -2.04 -59.56 -77.99
CA GLN U 97 -2.44 -59.21 -79.34
C GLN U 97 -2.90 -57.77 -79.36
N LEU U 98 -2.67 -57.08 -80.48
CA LEU U 98 -2.94 -55.66 -80.55
C LEU U 98 -4.40 -55.36 -80.85
N SER U 99 -5.20 -56.41 -81.00
CA SER U 99 -6.57 -56.24 -81.47
C SER U 99 -7.47 -55.67 -80.39
N MET U 100 -7.49 -56.28 -79.21
CA MET U 100 -8.45 -55.87 -78.21
C MET U 100 -8.05 -54.55 -77.56
N ASN U 101 -6.76 -54.22 -77.59
CA ASN U 101 -6.32 -52.98 -76.97
C ASN U 101 -6.76 -51.77 -77.78
N LEU U 102 -6.96 -51.96 -79.08
CA LEU U 102 -7.58 -50.91 -79.89
C LEU U 102 -9.09 -50.93 -79.71
N GLY U 103 -9.61 -51.90 -78.97
CA GLY U 103 -10.99 -51.83 -78.55
C GLY U 103 -11.13 -51.52 -77.07
N MET U 104 -10.00 -51.35 -76.38
CA MET U 104 -10.04 -50.86 -75.00
C MET U 104 -9.76 -49.36 -74.94
N ALA U 105 -8.99 -48.86 -75.89
CA ALA U 105 -8.71 -47.43 -75.90
C ALA U 105 -9.89 -46.65 -76.44
N ILE U 106 -10.31 -46.95 -77.66
CA ILE U 106 -11.20 -46.05 -78.40
C ILE U 106 -12.63 -46.00 -77.85
N PRO U 107 -13.25 -47.08 -77.37
CA PRO U 107 -14.54 -46.90 -76.68
C PRO U 107 -14.44 -46.28 -75.31
N LEU U 108 -13.23 -46.08 -74.79
CA LEU U 108 -13.11 -45.40 -73.50
C LEU U 108 -12.64 -43.97 -73.70
N TRP U 109 -11.71 -43.77 -74.63
CA TRP U 109 -11.17 -42.44 -74.88
C TRP U 109 -12.22 -41.52 -75.47
N SER U 110 -13.02 -42.03 -76.40
CA SER U 110 -14.06 -41.21 -77.00
C SER U 110 -15.30 -41.16 -76.13
N ALA U 111 -15.29 -41.90 -75.03
CA ALA U 111 -16.33 -41.71 -74.03
C ALA U 111 -16.02 -40.50 -73.15
N THR U 112 -14.82 -39.93 -73.30
CA THR U 112 -14.45 -38.80 -72.47
C THR U 112 -14.71 -37.47 -73.18
N VAL U 113 -14.39 -37.40 -74.48
CA VAL U 113 -14.58 -36.14 -75.19
C VAL U 113 -16.05 -35.88 -75.47
N PHE U 114 -16.87 -36.93 -75.39
CA PHE U 114 -18.30 -36.74 -75.56
C PHE U 114 -18.98 -36.59 -74.20
N THR U 115 -18.22 -36.50 -73.13
CA THR U 115 -18.83 -36.31 -71.83
C THR U 115 -19.07 -34.83 -71.55
N GLY U 116 -18.09 -33.99 -71.89
CA GLY U 116 -18.28 -32.56 -71.71
C GLY U 116 -19.04 -31.93 -72.85
N PHE U 117 -19.02 -32.57 -74.02
CA PHE U 117 -19.74 -32.04 -75.17
C PHE U 117 -21.24 -32.24 -75.07
N ARG U 118 -21.72 -33.02 -74.10
CA ARG U 118 -23.13 -33.15 -73.81
C ARG U 118 -23.55 -32.30 -72.63
N TYR U 119 -22.63 -31.60 -72.00
CA TYR U 119 -23.01 -30.74 -70.89
C TYR U 119 -22.45 -29.33 -71.01
N LYS U 120 -21.19 -29.21 -71.41
CA LYS U 120 -20.53 -27.91 -71.46
C LYS U 120 -20.72 -27.25 -72.82
N THR U 121 -20.38 -27.97 -73.89
CA THR U 121 -20.62 -27.72 -75.32
C THR U 121 -19.78 -26.57 -75.86
N LYS U 122 -19.14 -25.80 -75.01
CA LYS U 122 -18.22 -24.80 -75.54
C LYS U 122 -16.85 -24.86 -74.91
N THR U 123 -16.78 -24.99 -73.58
CA THR U 123 -15.50 -24.81 -72.91
C THR U 123 -14.75 -26.10 -72.71
N SER U 124 -15.28 -27.22 -73.21
CA SER U 124 -14.53 -28.47 -73.13
C SER U 124 -13.32 -28.42 -74.06
N LEU U 125 -13.52 -28.03 -75.32
CA LEU U 125 -12.42 -27.84 -76.25
C LEU U 125 -12.09 -26.37 -76.46
N ALA U 126 -12.64 -25.50 -75.62
CA ALA U 126 -12.00 -24.22 -75.38
C ALA U 126 -10.95 -24.33 -74.29
N HIS U 127 -10.69 -25.55 -73.79
CA HIS U 127 -9.45 -25.84 -73.08
C HIS U 127 -8.24 -25.79 -74.00
N PHE U 128 -8.45 -25.74 -75.31
CA PHE U 128 -7.40 -25.38 -76.25
C PHE U 128 -6.88 -23.96 -76.03
N LEU U 129 -7.59 -23.12 -75.29
CA LEU U 129 -7.07 -21.79 -75.02
C LEU U 129 -6.37 -21.79 -73.66
N PRO U 130 -5.05 -21.77 -73.61
CA PRO U 130 -4.35 -21.97 -72.34
C PRO U 130 -4.29 -20.75 -71.44
N GLN U 131 -4.15 -19.55 -72.01
CA GLN U 131 -3.74 -18.41 -71.20
C GLN U 131 -4.14 -17.10 -71.89
N GLY U 132 -3.57 -16.00 -71.38
CA GLY U 132 -3.88 -14.64 -71.77
C GLY U 132 -3.17 -14.28 -73.06
N THR U 133 -3.77 -14.71 -74.17
CA THR U 133 -3.25 -14.92 -75.52
C THR U 133 -2.25 -13.90 -76.05
N PRO U 134 -0.99 -14.29 -76.25
CA PRO U 134 -0.07 -13.44 -77.01
C PRO U 134 -0.35 -13.55 -78.50
N ALA U 135 0.18 -12.60 -79.24
CA ALA U 135 -0.06 -12.58 -80.67
C ALA U 135 0.76 -13.51 -81.57
N LEU U 136 2.10 -13.76 -81.38
CA LEU U 136 2.83 -14.37 -82.50
C LEU U 136 2.65 -15.89 -82.61
N LEU U 137 1.96 -16.50 -81.65
CA LEU U 137 1.86 -17.96 -81.59
C LEU U 137 0.44 -18.43 -81.30
N ILE U 138 -0.55 -17.94 -82.04
CA ILE U 138 -1.84 -18.65 -82.10
C ILE U 138 -1.83 -19.79 -83.11
N PRO U 139 -1.39 -19.63 -84.37
CA PRO U 139 -1.40 -20.81 -85.27
C PRO U 139 -0.36 -21.86 -84.94
N MET U 140 0.71 -21.49 -84.23
CA MET U 140 1.68 -22.50 -83.85
C MET U 140 1.20 -23.32 -82.66
N LEU U 141 0.12 -22.86 -82.01
CA LEU U 141 -0.34 -23.57 -80.82
C LEU U 141 -1.46 -24.54 -81.15
N VAL U 142 -2.47 -24.08 -81.87
CA VAL U 142 -3.69 -24.87 -82.03
C VAL U 142 -3.55 -25.85 -83.21
N ILE U 143 -2.35 -25.93 -83.80
CA ILE U 143 -2.04 -27.10 -84.62
C ILE U 143 -1.18 -28.08 -83.85
N ILE U 144 -0.71 -27.67 -82.65
CA ILE U 144 0.10 -28.56 -81.83
C ILE U 144 -0.76 -29.25 -80.79
N GLU U 145 -1.61 -28.49 -80.10
CA GLU U 145 -2.39 -29.05 -79.01
C GLU U 145 -3.58 -29.84 -79.52
N THR U 146 -3.78 -29.87 -80.85
CA THR U 146 -4.79 -30.79 -81.38
C THR U 146 -4.15 -32.01 -82.00
N ILE U 147 -2.87 -31.93 -82.37
CA ILE U 147 -2.19 -33.11 -82.87
C ILE U 147 -1.72 -33.95 -81.70
N SER U 148 -1.66 -33.37 -80.51
CA SER U 148 -1.39 -34.17 -79.32
C SER U 148 -2.68 -34.51 -78.59
N LEU U 149 -3.83 -34.36 -79.26
CA LEU U 149 -5.06 -34.91 -78.72
C LEU U 149 -5.40 -36.22 -79.41
N PHE U 150 -5.26 -36.27 -80.73
CA PHE U 150 -5.66 -37.47 -81.46
C PHE U 150 -4.60 -38.55 -81.34
N ILE U 151 -3.41 -38.18 -80.87
CA ILE U 151 -2.40 -39.18 -80.56
C ILE U 151 -2.83 -40.03 -79.38
N GLN U 152 -3.61 -39.46 -78.46
CA GLN U 152 -3.94 -40.10 -77.19
C GLN U 152 -4.58 -41.49 -77.26
N PRO U 153 -5.52 -41.82 -78.20
CA PRO U 153 -5.97 -43.23 -78.26
C PRO U 153 -4.89 -44.17 -78.73
N VAL U 154 -4.08 -43.73 -79.68
CA VAL U 154 -2.95 -44.53 -80.12
C VAL U 154 -1.86 -44.52 -79.05
N ALA U 155 -1.75 -43.42 -78.32
CA ALA U 155 -0.76 -43.35 -77.25
C ALA U 155 -1.16 -44.22 -76.07
N LEU U 156 -2.45 -44.56 -75.96
CA LEU U 156 -2.91 -45.29 -74.79
C LEU U 156 -2.86 -46.79 -75.02
N ALA U 157 -3.13 -47.23 -76.25
CA ALA U 157 -3.17 -48.66 -76.51
C ALA U 157 -1.80 -49.20 -76.86
N VAL U 158 -1.02 -48.48 -77.66
CA VAL U 158 0.22 -49.04 -78.17
C VAL U 158 1.28 -49.10 -77.08
N ARG U 159 1.15 -48.30 -76.03
CA ARG U 159 2.11 -48.41 -74.93
C ARG U 159 1.88 -49.66 -74.11
N LEU U 160 0.70 -50.28 -74.22
CA LEU U 160 0.42 -51.47 -73.44
C LEU U 160 0.84 -52.73 -74.17
N THR U 161 0.57 -52.81 -75.47
CA THR U 161 0.87 -54.03 -76.20
C THR U 161 2.35 -54.17 -76.46
N ALA U 162 3.07 -53.06 -76.50
CA ALA U 162 4.43 -53.12 -77.04
C ALA U 162 5.44 -53.57 -75.98
N ASN U 163 5.16 -53.31 -74.70
CA ASN U 163 6.10 -53.69 -73.66
C ASN U 163 5.70 -54.97 -72.94
N ILE U 164 4.42 -55.35 -73.02
CA ILE U 164 3.99 -56.63 -72.47
C ILE U 164 4.61 -57.76 -73.27
N THR U 165 4.55 -57.69 -74.60
CA THR U 165 5.17 -58.72 -75.42
C THR U 165 6.68 -58.62 -75.37
N ALA U 166 7.21 -57.44 -75.08
CA ALA U 166 8.65 -57.29 -74.96
C ALA U 166 9.18 -57.98 -73.72
N GLY U 167 8.31 -58.20 -72.72
CA GLY U 167 8.71 -59.01 -71.60
C GLY U 167 8.80 -60.48 -71.97
N HIS U 168 7.98 -60.92 -72.91
CA HIS U 168 7.88 -62.35 -73.16
C HIS U 168 9.04 -62.84 -74.01
N LEU U 169 9.64 -61.97 -74.81
CA LEU U 169 10.74 -62.40 -75.67
C LEU U 169 12.03 -62.58 -74.90
N LEU U 170 12.29 -61.73 -73.91
CA LEU U 170 13.47 -61.89 -73.10
C LEU U 170 13.32 -63.06 -72.13
N ILE U 171 12.08 -63.45 -71.86
CA ILE U 171 11.83 -64.68 -71.14
C ILE U 171 12.26 -65.88 -71.97
N HIS U 172 11.95 -65.85 -73.27
CA HIS U 172 12.30 -66.95 -74.14
C HIS U 172 13.80 -66.96 -74.45
N LEU U 173 14.33 -65.80 -74.87
CA LEU U 173 15.66 -65.78 -75.49
C LEU U 173 16.77 -65.96 -74.46
N ILE U 174 16.63 -65.33 -73.29
CA ILE U 174 17.55 -65.63 -72.20
C ILE U 174 17.31 -67.05 -71.70
N GLY U 175 16.06 -67.50 -71.75
CA GLY U 175 15.76 -68.86 -71.32
C GLY U 175 16.21 -69.90 -72.33
N GLY U 176 16.09 -69.58 -73.62
CA GLY U 176 16.46 -70.55 -74.63
C GLY U 176 17.96 -70.68 -74.78
N ALA U 177 18.71 -69.69 -74.32
CA ALA U 177 20.16 -69.77 -74.37
C ALA U 177 20.72 -70.65 -73.26
N THR U 178 19.89 -70.94 -72.24
CA THR U 178 20.27 -71.94 -71.26
C THR U 178 20.26 -73.34 -71.87
N LEU U 179 19.20 -73.65 -72.63
CA LEU U 179 19.03 -74.98 -73.20
C LEU U 179 20.11 -75.29 -74.21
N ALA U 180 20.56 -74.28 -74.95
CA ALA U 180 21.56 -74.48 -75.97
C ALA U 180 22.94 -74.12 -75.44
N LEU U 181 23.17 -74.39 -74.15
CA LEU U 181 24.46 -74.04 -73.56
C LEU U 181 25.17 -75.30 -73.11
N LEU U 182 25.26 -76.27 -74.03
CA LEU U 182 26.03 -77.48 -73.83
C LEU U 182 27.54 -77.27 -73.95
N ASN U 183 28.00 -76.03 -74.11
CA ASN U 183 29.37 -75.64 -73.82
C ASN U 183 29.50 -75.42 -72.32
N ILE U 184 30.58 -74.74 -71.89
CA ILE U 184 31.07 -74.65 -70.52
C ILE U 184 29.99 -74.29 -69.50
N ASN U 185 29.87 -75.11 -68.44
CA ASN U 185 28.69 -75.19 -67.59
C ASN U 185 28.68 -74.16 -66.47
N THR U 186 29.73 -73.35 -66.33
CA THR U 186 29.76 -72.33 -65.29
C THR U 186 28.83 -71.17 -65.63
N MET U 187 28.76 -70.82 -66.91
CA MET U 187 27.98 -69.67 -67.32
C MET U 187 26.49 -69.98 -67.41
N THR U 188 26.11 -71.26 -67.30
CA THR U 188 24.70 -71.62 -67.34
C THR U 188 23.94 -71.07 -66.15
N ALA U 189 24.59 -71.05 -64.98
CA ALA U 189 23.90 -70.59 -63.77
C ALA U 189 23.67 -69.08 -63.83
N PHE U 190 24.63 -68.34 -64.40
CA PHE U 190 24.54 -66.89 -64.42
C PHE U 190 23.42 -66.41 -65.33
N ILE U 191 23.18 -67.16 -66.42
CA ILE U 191 22.02 -66.87 -67.27
C ILE U 191 20.74 -67.28 -66.57
N THR U 192 20.80 -68.35 -65.77
CA THR U 192 19.62 -68.71 -64.98
C THR U 192 19.36 -67.69 -63.89
N PHE U 193 20.43 -67.16 -63.28
CA PHE U 193 20.23 -66.15 -62.25
C PHE U 193 19.78 -64.83 -62.82
N THR U 194 20.10 -64.58 -64.09
CA THR U 194 19.55 -63.42 -64.79
C THR U 194 18.05 -63.59 -65.01
N ILE U 195 17.60 -64.82 -65.25
CA ILE U 195 16.18 -65.08 -65.48
C ILE U 195 15.38 -64.80 -64.23
N LEU U 196 15.83 -65.31 -63.09
CA LEU U 196 15.02 -65.19 -61.89
C LEU U 196 15.08 -63.80 -61.29
N ILE U 197 15.97 -62.95 -61.79
CA ILE U 197 15.84 -61.52 -61.54
C ILE U 197 14.84 -60.92 -62.51
N LEU U 198 14.87 -61.35 -63.77
CA LEU U 198 14.04 -60.75 -64.80
C LEU U 198 12.57 -61.08 -64.59
N LEU U 199 12.29 -62.20 -63.95
CA LEU U 199 10.90 -62.54 -63.64
C LEU U 199 10.37 -61.71 -62.48
N THR U 200 11.27 -61.19 -61.65
CA THR U 200 10.83 -60.24 -60.64
C THR U 200 10.52 -58.89 -61.29
N ILE U 201 11.29 -58.50 -62.30
CA ILE U 201 11.00 -57.25 -63.01
C ILE U 201 9.73 -57.40 -63.81
N LEU U 202 9.39 -58.63 -64.23
CA LEU U 202 8.15 -58.82 -64.98
C LEU U 202 6.95 -58.99 -64.07
N GLU U 203 7.09 -58.67 -62.80
CA GLU U 203 5.91 -58.29 -62.03
C GLU U 203 5.76 -56.78 -61.99
N PHE U 204 6.35 -56.06 -62.96
CA PHE U 204 5.89 -54.73 -63.28
C PHE U 204 4.73 -54.76 -64.28
N ALA U 205 4.18 -55.95 -64.54
CA ALA U 205 2.94 -56.04 -65.29
C ALA U 205 1.74 -55.65 -64.43
N VAL U 206 1.95 -55.54 -63.12
CA VAL U 206 0.96 -54.87 -62.29
C VAL U 206 1.21 -53.36 -62.34
N ALA U 207 2.49 -52.96 -62.44
CA ALA U 207 2.83 -51.54 -62.41
C ALA U 207 2.38 -50.83 -63.67
N LEU U 208 2.11 -51.58 -64.73
CA LEU U 208 1.72 -50.98 -65.99
C LEU U 208 0.20 -50.94 -66.12
N ILE U 209 -0.51 -51.12 -65.01
CA ILE U 209 -1.96 -50.95 -65.06
C ILE U 209 -2.37 -49.72 -64.28
N GLN U 210 -1.53 -49.32 -63.33
CA GLN U 210 -1.61 -47.96 -62.83
C GLN U 210 -1.42 -46.96 -63.96
N ALA U 211 -0.46 -47.18 -64.87
CA ALA U 211 -0.27 -46.27 -65.99
C ALA U 211 -1.21 -46.59 -67.14
N TYR U 212 -2.37 -47.16 -66.85
CA TYR U 212 -3.44 -47.22 -67.84
C TYR U 212 -4.74 -46.70 -67.27
N VAL U 213 -5.02 -46.99 -66.01
CA VAL U 213 -6.22 -46.39 -65.45
C VAL U 213 -5.97 -44.94 -65.10
N PHE U 214 -4.74 -44.58 -64.72
CA PHE U 214 -4.49 -43.23 -64.22
C PHE U 214 -4.47 -42.21 -65.34
N THR U 215 -3.79 -42.52 -66.45
CA THR U 215 -3.83 -41.59 -67.58
C THR U 215 -5.13 -41.72 -68.34
N LEU U 216 -6.03 -42.58 -67.88
CA LEU U 216 -7.43 -42.45 -68.26
C LEU U 216 -8.18 -41.51 -67.32
N LEU U 217 -7.75 -41.41 -66.06
CA LEU U 217 -8.38 -40.42 -65.19
C LEU U 217 -7.97 -39.02 -65.55
N VAL U 218 -6.68 -38.79 -65.77
CA VAL U 218 -6.19 -37.49 -66.18
C VAL U 218 -6.79 -37.12 -67.52
N SER U 219 -6.98 -38.09 -68.39
CA SER U 219 -7.73 -37.84 -69.62
C SER U 219 -9.24 -37.83 -69.37
N LEU U 220 -9.67 -38.00 -68.12
CA LEU U 220 -11.07 -37.72 -67.79
C LEU U 220 -11.19 -36.47 -66.94
N TYR U 221 -10.29 -36.31 -65.98
CA TYR U 221 -10.33 -35.15 -65.08
C TYR U 221 -10.09 -33.85 -65.83
N LEU U 222 -9.23 -33.88 -66.85
CA LEU U 222 -8.92 -32.67 -67.59
C LEU U 222 -10.09 -32.24 -68.45
N HIS U 223 -10.73 -33.19 -69.13
CA HIS U 223 -11.91 -32.84 -69.92
C HIS U 223 -13.10 -32.56 -69.02
N ASP U 224 -13.17 -33.21 -67.88
CA ASP U 224 -14.30 -33.00 -67.00
C ASP U 224 -13.90 -33.01 -65.54
N ILE V 1 22.32 -43.26 -108.35
CA ILE V 1 23.49 -43.42 -107.50
C ILE V 1 23.89 -42.07 -106.90
N ASP V 2 23.80 -41.00 -107.70
CA ASP V 2 24.02 -39.67 -107.16
C ASP V 2 22.90 -39.28 -106.22
N THR V 3 21.68 -39.74 -106.51
CA THR V 3 20.55 -39.48 -105.63
C THR V 3 20.62 -40.35 -104.39
N ALA V 4 21.41 -41.42 -104.43
CA ALA V 4 21.51 -42.29 -103.27
C ALA V 4 22.25 -41.60 -102.13
N ALA V 5 23.35 -40.91 -102.44
CA ALA V 5 24.11 -40.26 -101.39
C ALA V 5 23.48 -38.93 -100.98
N LYS V 6 22.68 -38.33 -101.87
CA LYS V 6 22.06 -37.06 -101.54
C LYS V 6 20.94 -37.24 -100.55
N PHE V 7 20.19 -38.33 -100.67
CA PHE V 7 18.96 -38.43 -99.89
C PHE V 7 19.24 -38.98 -98.51
N ILE V 8 20.43 -39.55 -98.30
CA ILE V 8 20.78 -39.98 -96.95
C ILE V 8 21.34 -38.82 -96.14
N GLY V 9 22.21 -38.01 -96.75
CA GLY V 9 22.93 -37.01 -95.98
C GLY V 9 22.06 -35.84 -95.60
N ALA V 10 20.99 -35.60 -96.37
CA ALA V 10 20.01 -34.60 -96.00
C ALA V 10 19.23 -35.03 -94.76
N GLY V 11 18.98 -36.34 -94.62
CA GLY V 11 18.42 -36.83 -93.37
C GLY V 11 19.48 -37.00 -92.31
N ALA V 12 20.72 -37.24 -92.73
CA ALA V 12 21.79 -37.42 -91.76
C ALA V 12 22.23 -36.08 -91.18
N ALA V 13 21.91 -34.98 -91.85
CA ALA V 13 22.30 -33.68 -91.30
C ALA V 13 21.26 -33.18 -90.31
N THR V 14 19.99 -33.51 -90.53
CA THR V 14 18.92 -32.88 -89.74
C THR V 14 18.71 -33.58 -88.41
N VAL V 15 19.61 -34.47 -88.04
CA VAL V 15 19.68 -34.96 -86.66
C VAL V 15 20.47 -33.93 -85.86
N GLY V 16 21.12 -32.99 -86.55
CA GLY V 16 21.84 -31.93 -85.86
C GLY V 16 20.92 -30.93 -85.20
N VAL V 17 19.65 -30.93 -85.56
CA VAL V 17 18.72 -29.98 -84.97
C VAL V 17 18.09 -30.56 -83.72
N ALA V 18 18.35 -31.85 -83.47
CA ALA V 18 17.89 -32.50 -82.26
C ALA V 18 18.61 -31.96 -81.04
N GLY V 19 19.92 -31.70 -81.18
CA GLY V 19 20.68 -31.15 -80.07
C GLY V 19 20.29 -29.72 -79.74
N SER V 20 19.80 -28.98 -80.72
CA SER V 20 19.22 -27.68 -80.41
C SER V 20 17.89 -27.84 -79.71
N GLY V 21 17.19 -28.94 -79.95
CA GLY V 21 15.94 -29.17 -79.25
C GLY V 21 16.15 -29.49 -77.79
N ALA V 22 17.34 -29.96 -77.45
CA ALA V 22 17.64 -30.24 -76.05
C ALA V 22 18.02 -28.96 -75.31
N GLY V 23 18.92 -28.17 -75.90
CA GLY V 23 19.41 -26.99 -75.20
C GLY V 23 18.38 -25.88 -75.11
N ILE V 24 17.33 -25.96 -75.92
CA ILE V 24 16.28 -24.95 -75.86
C ILE V 24 15.31 -25.28 -74.74
N GLY V 25 15.38 -26.49 -74.21
CA GLY V 25 14.46 -26.86 -73.16
C GLY V 25 14.86 -26.31 -71.81
N THR V 26 16.17 -26.21 -71.57
CA THR V 26 16.65 -25.74 -70.28
C THR V 26 16.43 -24.24 -70.14
N VAL V 27 16.50 -23.50 -71.25
CA VAL V 27 16.42 -22.04 -71.23
C VAL V 27 15.03 -21.57 -70.86
N PHE V 28 14.01 -22.33 -71.22
CA PHE V 28 12.69 -22.03 -70.69
C PHE V 28 12.41 -22.87 -69.47
N GLY V 29 13.39 -23.66 -69.03
CA GLY V 29 13.22 -24.46 -67.84
C GLY V 29 13.89 -23.84 -66.63
N SER V 30 15.09 -23.30 -66.81
CA SER V 30 15.78 -22.69 -65.68
C SER V 30 15.20 -21.33 -65.36
N MET V 31 14.63 -20.66 -66.36
CA MET V 31 13.94 -19.40 -66.11
C MET V 31 12.68 -19.62 -65.30
N ILE V 32 12.14 -20.84 -65.31
CA ILE V 32 11.03 -21.15 -64.43
C ILE V 32 11.49 -21.16 -62.98
N ILE V 33 12.59 -21.85 -62.68
CA ILE V 33 13.08 -21.83 -61.31
C ILE V 33 13.95 -20.60 -61.06
N GLY V 34 14.23 -19.82 -62.08
CA GLY V 34 14.90 -18.56 -61.86
C GLY V 34 13.95 -17.46 -61.45
N TYR V 35 12.78 -17.43 -62.06
CA TYR V 35 11.82 -16.39 -61.74
C TYR V 35 11.02 -16.76 -60.50
N ALA V 36 11.00 -18.05 -60.16
CA ALA V 36 10.15 -18.52 -59.05
C ALA V 36 10.61 -17.96 -57.71
N ARG V 37 11.92 -17.79 -57.54
CA ARG V 37 12.42 -17.15 -56.34
C ARG V 37 12.15 -15.65 -56.35
N ASN V 38 12.45 -15.00 -57.47
CA ASN V 38 12.69 -13.58 -57.53
C ASN V 38 11.77 -12.94 -58.56
N PRO V 39 10.61 -12.43 -58.16
CA PRO V 39 9.73 -11.78 -59.15
C PRO V 39 10.15 -10.37 -59.53
N SER V 40 11.23 -10.29 -60.30
CA SER V 40 11.69 -9.08 -60.94
C SER V 40 11.68 -9.27 -62.46
N LEU V 41 10.53 -9.73 -62.97
CA LEU V 41 10.47 -10.37 -64.28
C LEU V 41 10.66 -9.40 -65.43
N LYS V 42 10.02 -8.24 -65.37
CA LYS V 42 10.05 -7.28 -66.50
C LYS V 42 11.44 -6.71 -66.74
N GLN V 43 12.32 -6.83 -65.75
CA GLN V 43 13.75 -6.57 -65.90
C GLN V 43 14.45 -7.74 -66.56
N GLN V 44 15.77 -7.81 -66.38
CA GLN V 44 16.61 -8.55 -67.31
C GLN V 44 16.51 -10.07 -67.19
N LEU V 45 15.48 -10.60 -66.52
CA LEU V 45 15.19 -12.02 -66.65
C LEU V 45 14.81 -12.38 -68.07
N PHE V 46 13.72 -11.79 -68.55
CA PHE V 46 13.18 -12.13 -69.87
C PHE V 46 14.11 -11.69 -70.98
N SER V 47 14.85 -10.61 -70.75
CA SER V 47 15.84 -10.18 -71.74
C SER V 47 17.01 -11.14 -71.79
N TYR V 48 17.27 -11.84 -70.70
CA TYR V 48 18.27 -12.91 -70.76
C TYR V 48 17.61 -14.22 -71.19
N ALA V 49 16.28 -14.26 -71.21
CA ALA V 49 15.60 -15.44 -71.71
C ALA V 49 15.56 -15.45 -73.24
N ILE V 50 15.28 -14.30 -73.85
CA ILE V 50 15.13 -14.24 -75.30
C ILE V 50 16.49 -14.35 -75.98
N LEU V 51 17.53 -13.80 -75.36
CA LEU V 51 18.88 -13.97 -75.89
C LEU V 51 19.32 -15.42 -75.81
N GLY V 52 18.93 -16.12 -74.74
CA GLY V 52 19.29 -17.52 -74.62
C GLY V 52 18.55 -18.39 -75.61
N PHE V 53 17.32 -18.01 -75.94
CA PHE V 53 16.53 -18.77 -76.92
C PHE V 53 17.10 -18.61 -78.31
N ALA V 54 17.39 -17.37 -78.71
CA ALA V 54 17.77 -17.12 -80.11
C ALA V 54 19.25 -17.38 -80.34
N LEU V 55 19.95 -17.92 -79.35
CA LEU V 55 21.34 -18.27 -79.56
C LEU V 55 21.51 -19.78 -79.71
N SER V 56 20.65 -20.56 -79.04
CA SER V 56 20.65 -22.00 -79.25
C SER V 56 20.04 -22.35 -80.60
N GLU V 57 19.14 -21.49 -81.08
CA GLU V 57 18.56 -21.64 -82.42
C GLU V 57 19.65 -21.53 -83.48
N ALA V 58 20.61 -20.65 -83.26
CA ALA V 58 21.62 -20.37 -84.28
C ALA V 58 22.71 -21.44 -84.30
N MET V 59 22.67 -22.38 -83.36
CA MET V 59 23.45 -23.61 -83.54
C MET V 59 22.58 -24.73 -84.11
N GLY V 60 21.27 -24.54 -84.13
CA GLY V 60 20.41 -25.48 -84.82
C GLY V 60 20.11 -25.04 -86.25
N LEU V 61 19.92 -23.74 -86.46
CA LEU V 61 19.60 -23.25 -87.80
C LEU V 61 20.82 -23.29 -88.69
N PHE V 62 22.02 -23.22 -88.12
CA PHE V 62 23.22 -23.11 -88.94
C PHE V 62 23.54 -24.43 -89.63
N CYS V 63 23.16 -25.55 -89.00
CA CYS V 63 23.27 -26.83 -89.68
C CYS V 63 22.21 -26.97 -90.77
N LEU V 64 21.03 -26.35 -90.56
CA LEU V 64 19.92 -26.48 -91.49
C LEU V 64 20.21 -25.78 -92.82
N MET V 65 20.88 -24.63 -92.77
CA MET V 65 21.37 -24.01 -93.99
C MET V 65 22.40 -24.90 -94.67
N VAL V 66 23.26 -25.54 -93.88
CA VAL V 66 24.21 -26.50 -94.43
C VAL V 66 23.46 -27.76 -94.88
N ALA V 67 22.32 -28.06 -94.23
CA ALA V 67 21.53 -29.22 -94.64
C ALA V 67 20.89 -29.01 -96.01
N PHE V 68 20.44 -27.79 -96.32
CA PHE V 68 19.90 -27.54 -97.65
C PHE V 68 21.01 -27.34 -98.67
N LEU V 69 22.23 -27.04 -98.19
CA LEU V 69 23.37 -26.90 -99.08
C LEU V 69 23.76 -28.23 -99.70
N ILE V 70 23.52 -29.34 -98.98
CA ILE V 70 23.84 -30.66 -99.50
C ILE V 70 22.94 -31.00 -100.68
N LEU V 71 21.66 -30.63 -100.60
CA LEU V 71 20.72 -30.95 -101.67
C LEU V 71 20.99 -30.11 -102.91
N PHE V 72 21.50 -28.90 -102.73
CA PHE V 72 21.80 -28.02 -103.86
C PHE V 72 23.23 -27.51 -103.77
N ILE W 1 16.10 -48.19 -107.15
CA ILE W 1 17.17 -47.79 -106.24
C ILE W 1 16.96 -46.32 -105.85
N ASP W 2 16.17 -45.60 -106.64
CA ASP W 2 15.85 -44.22 -106.31
C ASP W 2 14.89 -44.15 -105.12
N THR W 3 13.95 -45.09 -105.06
CA THR W 3 13.06 -45.15 -103.91
C THR W 3 13.79 -45.75 -102.71
N ALA W 4 14.89 -46.45 -102.96
CA ALA W 4 15.66 -47.05 -101.86
C ALA W 4 16.33 -45.99 -101.00
N ALA W 5 16.69 -44.85 -101.60
CA ALA W 5 17.21 -43.74 -100.80
C ALA W 5 16.09 -42.89 -100.24
N LYS W 6 14.89 -43.00 -100.82
CA LYS W 6 13.73 -42.29 -100.30
C LYS W 6 13.30 -42.85 -98.95
N PHE W 7 13.65 -44.11 -98.67
CA PHE W 7 13.18 -44.76 -97.45
C PHE W 7 14.20 -44.61 -96.33
N ILE W 8 15.49 -44.72 -96.64
CA ILE W 8 16.51 -44.66 -95.61
C ILE W 8 16.82 -43.22 -95.23
N GLY W 9 16.37 -42.27 -96.06
CA GLY W 9 16.58 -40.87 -95.75
C GLY W 9 15.65 -40.37 -94.66
N ALA W 10 14.40 -40.80 -94.70
CA ALA W 10 13.46 -40.48 -93.63
C ALA W 10 13.69 -41.39 -92.42
N GLY W 11 14.59 -42.36 -92.55
CA GLY W 11 14.90 -43.22 -91.42
C GLY W 11 15.71 -42.51 -90.35
N ALA W 12 16.63 -41.63 -90.77
CA ALA W 12 17.39 -40.89 -89.77
C ALA W 12 16.84 -39.48 -89.59
N ALA W 13 15.96 -39.04 -90.48
CA ALA W 13 15.44 -37.68 -90.40
C ALA W 13 14.41 -37.52 -89.30
N THR W 14 13.86 -38.64 -88.82
CA THR W 14 12.90 -38.55 -87.72
C THR W 14 13.57 -38.82 -86.38
N VAL W 15 14.90 -38.85 -86.36
CA VAL W 15 15.66 -38.90 -85.11
C VAL W 15 15.72 -37.50 -84.54
N GLY W 16 15.48 -36.50 -85.39
CA GLY W 16 15.47 -35.12 -84.92
C GLY W 16 14.27 -34.78 -84.06
N VAL W 17 13.28 -35.66 -84.01
CA VAL W 17 12.16 -35.42 -83.09
C VAL W 17 12.49 -35.96 -81.70
N ALA W 18 13.54 -36.78 -81.59
CA ALA W 18 13.96 -37.26 -80.28
C ALA W 18 14.61 -36.14 -79.48
N GLY W 19 15.15 -35.14 -80.18
CA GLY W 19 15.67 -33.98 -79.51
C GLY W 19 14.59 -33.16 -78.83
N SER W 20 13.37 -33.21 -79.36
CA SER W 20 12.24 -32.62 -78.65
C SER W 20 11.65 -33.60 -77.65
N GLY W 21 12.24 -34.79 -77.55
CA GLY W 21 11.84 -35.70 -76.50
C GLY W 21 12.52 -35.40 -75.18
N ALA W 22 13.85 -35.41 -75.17
CA ALA W 22 14.57 -35.20 -73.92
C ALA W 22 14.63 -33.73 -73.56
N GLY W 23 14.38 -32.85 -74.53
CA GLY W 23 14.38 -31.42 -74.23
C GLY W 23 13.08 -30.97 -73.60
N ILE W 24 12.04 -31.79 -73.70
CA ILE W 24 10.77 -31.45 -73.07
C ILE W 24 10.66 -32.14 -71.72
N GLY W 25 11.57 -33.07 -71.44
CA GLY W 25 11.53 -33.75 -70.16
C GLY W 25 12.06 -32.89 -69.03
N THR W 26 12.80 -31.84 -69.38
CA THR W 26 13.30 -30.91 -68.38
C THR W 26 12.26 -29.85 -68.07
N VAL W 27 11.70 -29.23 -69.11
CA VAL W 27 10.91 -28.03 -68.92
C VAL W 27 9.54 -28.36 -68.37
N PHE W 28 9.18 -29.63 -68.34
CA PHE W 28 8.00 -30.03 -67.59
C PHE W 28 8.38 -30.53 -66.21
N GLY W 29 9.66 -30.87 -66.03
CA GLY W 29 10.12 -31.23 -64.69
C GLY W 29 10.56 -30.02 -63.89
N SER W 30 10.86 -28.92 -64.57
CA SER W 30 11.26 -27.71 -63.88
C SER W 30 10.06 -26.92 -63.39
N MET W 31 8.86 -27.27 -63.85
CA MET W 31 7.65 -26.70 -63.28
C MET W 31 7.18 -27.54 -62.09
N ILE W 32 7.93 -28.59 -61.76
CA ILE W 32 7.69 -29.27 -60.49
C ILE W 32 8.49 -28.62 -59.38
N ILE W 33 9.82 -28.53 -59.58
CA ILE W 33 10.73 -28.09 -58.54
C ILE W 33 10.56 -26.60 -58.27
N GLY W 34 10.03 -25.86 -59.24
CA GLY W 34 9.86 -24.43 -59.06
C GLY W 34 8.42 -24.03 -58.87
N TYR W 35 7.56 -24.97 -58.49
CA TYR W 35 6.18 -24.61 -58.18
C TYR W 35 5.97 -24.56 -56.68
N ALA W 36 6.58 -25.51 -55.94
CA ALA W 36 6.34 -25.63 -54.51
C ALA W 36 6.94 -24.45 -53.75
N ARG W 37 8.05 -23.92 -54.25
CA ARG W 37 8.73 -22.81 -53.58
C ARG W 37 7.93 -21.53 -53.69
N ASN W 38 7.01 -21.46 -54.64
CA ASN W 38 6.25 -20.24 -54.89
C ASN W 38 4.94 -20.57 -55.58
N PRO W 39 3.85 -20.74 -54.84
CA PRO W 39 2.55 -20.98 -55.47
C PRO W 39 1.91 -19.75 -56.10
N SER W 40 2.29 -19.45 -57.34
CA SER W 40 1.69 -18.42 -58.17
C SER W 40 1.51 -18.89 -59.61
N LEU W 41 0.83 -20.04 -59.80
CA LEU W 41 0.88 -20.69 -61.12
C LEU W 41 -0.01 -20.00 -62.14
N LYS W 42 -1.14 -19.41 -61.70
CA LYS W 42 -2.08 -18.79 -62.61
C LYS W 42 -1.55 -17.48 -63.19
N GLN W 43 -0.48 -16.96 -62.61
CA GLN W 43 0.33 -15.88 -63.16
C GLN W 43 1.30 -16.51 -64.17
N GLN W 44 2.38 -15.81 -64.53
CA GLN W 44 3.14 -16.18 -65.72
C GLN W 44 4.02 -17.42 -65.52
N LEU W 45 3.80 -18.18 -64.44
CA LEU W 45 4.59 -19.39 -64.24
C LEU W 45 4.15 -20.50 -65.17
N PHE W 46 2.84 -20.72 -65.26
CA PHE W 46 2.35 -21.74 -66.18
C PHE W 46 2.45 -21.27 -67.62
N SER W 47 2.35 -19.95 -67.82
CA SER W 47 2.38 -19.38 -69.16
C SER W 47 3.78 -19.43 -69.75
N TYR W 48 4.81 -19.49 -68.90
CA TYR W 48 6.16 -19.60 -69.44
C TYR W 48 6.59 -21.03 -69.58
N ALA W 49 5.69 -21.97 -69.27
CA ALA W 49 5.92 -23.36 -69.64
C ALA W 49 5.25 -23.68 -70.97
N ILE W 50 4.09 -23.06 -71.24
CA ILE W 50 3.38 -23.30 -72.49
C ILE W 50 4.14 -22.69 -73.65
N LEU W 51 4.71 -21.50 -73.45
CA LEU W 51 5.71 -21.01 -74.38
C LEU W 51 6.90 -21.94 -74.41
N GLY W 52 7.28 -22.50 -73.27
CA GLY W 52 8.41 -23.41 -73.24
C GLY W 52 8.08 -24.77 -73.80
N PHE W 53 6.79 -25.13 -73.83
CA PHE W 53 6.40 -26.39 -74.45
C PHE W 53 6.25 -26.23 -75.96
N ALA W 54 5.53 -25.19 -76.39
CA ALA W 54 5.17 -25.07 -77.80
C ALA W 54 6.36 -24.73 -78.66
N LEU W 55 7.19 -23.79 -78.23
CA LEU W 55 8.32 -23.39 -79.05
C LEU W 55 9.45 -24.42 -78.95
N SER W 56 9.37 -25.31 -77.96
CA SER W 56 10.23 -26.50 -78.00
C SER W 56 9.59 -27.58 -78.85
N GLU W 57 8.27 -27.52 -79.03
CA GLU W 57 7.59 -28.48 -79.88
C GLU W 57 7.75 -28.14 -81.34
N ALA W 58 7.95 -26.86 -81.66
CA ALA W 58 8.02 -26.41 -83.03
C ALA W 58 9.27 -26.92 -83.73
N MET W 59 10.30 -27.26 -82.97
CA MET W 59 11.46 -27.88 -83.59
C MET W 59 11.31 -29.41 -83.56
N GLY W 60 10.23 -29.89 -82.97
CA GLY W 60 9.93 -31.31 -83.07
C GLY W 60 9.20 -31.66 -84.35
N LEU W 61 8.11 -30.96 -84.64
CA LEU W 61 7.30 -31.29 -85.81
C LEU W 61 7.93 -30.75 -87.08
N PHE W 62 8.91 -29.85 -86.96
CA PHE W 62 9.62 -29.41 -88.16
C PHE W 62 10.52 -30.50 -88.68
N CYS W 63 11.13 -31.27 -87.79
CA CYS W 63 11.98 -32.37 -88.24
C CYS W 63 11.16 -33.62 -88.52
N LEU W 64 9.85 -33.53 -88.31
CA LEU W 64 8.93 -34.54 -88.84
C LEU W 64 8.57 -34.23 -90.28
N MET W 65 8.40 -32.94 -90.60
CA MET W 65 7.93 -32.53 -91.91
C MET W 65 9.02 -32.64 -92.96
N VAL W 66 10.27 -32.81 -92.51
CA VAL W 66 11.33 -33.13 -93.45
C VAL W 66 11.16 -34.55 -93.97
N ALA W 67 10.73 -35.47 -93.10
CA ALA W 67 10.60 -36.87 -93.51
C ALA W 67 9.45 -37.08 -94.47
N PHE W 68 8.39 -36.25 -94.39
CA PHE W 68 7.37 -36.27 -95.44
C PHE W 68 7.91 -35.68 -96.73
N LEU W 69 8.57 -34.52 -96.66
CA LEU W 69 8.92 -33.81 -97.88
C LEU W 69 10.19 -34.36 -98.53
N ILE W 70 10.93 -35.23 -97.82
CA ILE W 70 12.01 -35.92 -98.50
C ILE W 70 11.44 -37.09 -99.31
N LEU W 71 10.32 -37.66 -98.87
CA LEU W 71 9.82 -38.89 -99.47
C LEU W 71 8.95 -38.59 -100.69
N PHE W 72 8.01 -37.67 -100.56
CA PHE W 72 7.17 -37.28 -101.67
C PHE W 72 7.87 -36.27 -102.57
N ILE X 1 15.56 -55.22 -103.41
CA ILE X 1 16.27 -54.02 -102.99
C ILE X 1 15.26 -53.08 -102.31
N ASP X 2 13.98 -53.28 -102.63
CA ASP X 2 12.92 -52.57 -101.92
C ASP X 2 12.82 -53.12 -100.50
N THR X 3 13.03 -54.42 -100.32
CA THR X 3 12.90 -55.02 -99.00
C THR X 3 14.10 -54.66 -98.12
N ALA X 4 15.30 -54.64 -98.69
CA ALA X 4 16.50 -54.50 -97.88
C ALA X 4 16.67 -53.09 -97.34
N ALA X 5 16.33 -52.08 -98.13
CA ALA X 5 16.43 -50.70 -97.66
C ALA X 5 15.35 -50.39 -96.63
N LYS X 6 14.23 -51.12 -96.67
CA LYS X 6 13.25 -51.03 -95.60
C LYS X 6 13.82 -51.58 -94.29
N PHE X 7 14.68 -52.59 -94.37
CA PHE X 7 15.20 -53.25 -93.17
C PHE X 7 16.14 -52.34 -92.40
N ILE X 8 16.93 -51.53 -93.12
CA ILE X 8 17.74 -50.52 -92.46
C ILE X 8 16.97 -49.21 -92.33
N GLY X 9 15.87 -49.09 -93.07
CA GLY X 9 15.05 -47.88 -92.99
C GLY X 9 14.34 -47.74 -91.66
N ALA X 10 13.88 -48.85 -91.10
CA ALA X 10 13.25 -48.79 -89.78
C ALA X 10 14.29 -48.91 -88.66
N GLY X 11 15.50 -49.33 -89.00
CA GLY X 11 16.53 -49.45 -87.98
C GLY X 11 17.04 -48.12 -87.48
N ALA X 12 17.15 -47.13 -88.37
CA ALA X 12 17.58 -45.80 -87.96
C ALA X 12 16.45 -45.08 -87.23
N ALA X 13 15.20 -45.37 -87.56
CA ALA X 13 14.08 -44.65 -86.97
C ALA X 13 13.62 -45.30 -85.67
N THR X 14 14.35 -46.31 -85.20
CA THR X 14 14.01 -46.92 -83.92
C THR X 14 14.35 -45.98 -82.77
N VAL X 15 15.41 -45.19 -82.96
CA VAL X 15 16.05 -44.46 -81.88
C VAL X 15 15.37 -43.13 -81.61
N GLY X 16 14.21 -42.92 -82.22
CA GLY X 16 13.42 -41.74 -81.90
C GLY X 16 12.82 -41.80 -80.50
N VAL X 17 12.75 -43.00 -79.92
CA VAL X 17 12.22 -43.11 -78.57
C VAL X 17 13.29 -42.74 -77.55
N ALA X 18 14.57 -42.74 -77.97
CA ALA X 18 15.72 -42.51 -77.10
C ALA X 18 15.75 -41.11 -76.49
N GLY X 19 15.02 -40.18 -77.12
CA GLY X 19 14.77 -38.91 -76.48
C GLY X 19 13.72 -39.00 -75.39
N SER X 20 12.63 -39.72 -75.66
CA SER X 20 11.62 -39.90 -74.63
C SER X 20 12.03 -40.97 -73.64
N GLY X 21 13.02 -41.79 -74.01
CA GLY X 21 13.45 -42.85 -73.11
C GLY X 21 14.25 -42.33 -71.93
N ALA X 22 14.71 -41.10 -72.00
CA ALA X 22 15.38 -40.49 -70.86
C ALA X 22 14.75 -39.16 -70.48
N GLY X 23 13.89 -38.62 -71.34
CA GLY X 23 13.14 -37.45 -70.97
C GLY X 23 12.05 -37.78 -69.96
N ILE X 24 11.71 -39.06 -69.84
CA ILE X 24 10.79 -39.45 -68.78
C ILE X 24 11.55 -39.75 -67.50
N GLY X 25 12.87 -39.84 -67.58
CA GLY X 25 13.65 -40.01 -66.37
C GLY X 25 13.84 -38.70 -65.62
N THR X 26 13.86 -37.58 -66.33
CA THR X 26 14.08 -36.30 -65.69
C THR X 26 12.85 -35.85 -64.91
N VAL X 27 11.68 -35.90 -65.53
CA VAL X 27 10.48 -35.36 -64.92
C VAL X 27 10.01 -36.26 -63.79
N PHE X 28 10.34 -37.55 -63.86
CA PHE X 28 10.07 -38.37 -62.68
C PHE X 28 11.28 -38.41 -61.76
N GLY X 29 12.34 -37.69 -62.13
CA GLY X 29 13.38 -37.41 -61.15
C GLY X 29 13.30 -35.99 -60.63
N SER X 30 12.21 -35.30 -60.96
CA SER X 30 12.05 -33.93 -60.45
C SER X 30 10.79 -33.83 -59.62
N MET X 31 10.13 -34.95 -59.37
CA MET X 31 9.06 -34.96 -58.39
C MET X 31 9.48 -35.75 -57.16
N ILE X 32 10.59 -36.48 -57.26
CA ILE X 32 11.25 -36.96 -56.05
C ILE X 32 11.77 -35.79 -55.22
N ILE X 33 12.13 -34.68 -55.88
CA ILE X 33 12.75 -33.58 -55.15
C ILE X 33 11.75 -32.45 -54.91
N GLY X 34 10.62 -32.45 -55.61
CA GLY X 34 9.63 -31.43 -55.35
C GLY X 34 8.59 -31.90 -54.36
N TYR X 35 8.57 -33.20 -54.07
CA TYR X 35 7.78 -33.69 -52.95
C TYR X 35 8.61 -33.72 -51.67
N ALA X 36 9.95 -33.83 -51.81
CA ALA X 36 10.82 -33.82 -50.65
C ALA X 36 10.82 -32.47 -49.94
N ARG X 37 10.83 -31.38 -50.70
CA ARG X 37 10.88 -30.05 -50.12
C ARG X 37 9.54 -29.67 -49.49
N ASN X 38 8.46 -29.84 -50.23
CA ASN X 38 7.17 -29.41 -49.75
C ASN X 38 6.20 -30.56 -49.96
N PRO X 39 5.86 -31.28 -48.94
CA PRO X 39 4.84 -32.32 -49.08
C PRO X 39 3.43 -31.77 -49.29
N SER X 40 3.16 -31.45 -50.57
CA SER X 40 1.82 -31.17 -51.07
C SER X 40 1.59 -31.83 -52.42
N LEU X 41 1.85 -33.14 -52.54
CA LEU X 41 1.84 -33.79 -53.85
C LEU X 41 0.42 -34.01 -54.35
N LYS X 42 -0.55 -34.13 -53.44
CA LYS X 42 -1.90 -34.56 -53.78
C LYS X 42 -2.65 -33.52 -54.61
N GLN X 43 -2.21 -32.27 -54.55
CA GLN X 43 -2.64 -31.20 -55.45
C GLN X 43 -1.85 -31.32 -56.74
N GLN X 44 -1.66 -30.19 -57.44
CA GLN X 44 -0.99 -30.10 -58.74
C GLN X 44 0.34 -30.87 -58.83
N LEU X 45 0.99 -31.16 -57.71
CA LEU X 45 2.39 -31.56 -57.76
C LEU X 45 2.58 -33.01 -58.18
N PHE X 46 1.50 -33.77 -58.38
CA PHE X 46 1.64 -35.07 -59.04
C PHE X 46 1.02 -35.05 -60.43
N SER X 47 -0.05 -34.29 -60.59
CA SER X 47 -0.72 -34.22 -61.89
C SER X 47 0.04 -33.35 -62.85
N TYR X 48 1.15 -32.74 -62.41
CA TYR X 48 2.01 -32.02 -63.33
C TYR X 48 3.15 -32.90 -63.79
N ALA X 49 3.22 -34.15 -63.30
CA ALA X 49 4.25 -35.06 -63.81
C ALA X 49 3.65 -36.06 -64.80
N ILE X 50 2.41 -36.49 -64.56
CA ILE X 50 1.68 -37.34 -65.51
C ILE X 50 1.31 -36.54 -66.75
N LEU X 51 0.85 -35.30 -66.56
CA LEU X 51 0.69 -34.38 -67.68
C LEU X 51 2.05 -34.05 -68.30
N GLY X 52 3.11 -34.14 -67.52
CA GLY X 52 4.44 -34.11 -68.11
C GLY X 52 4.78 -35.39 -68.83
N PHE X 53 4.17 -36.51 -68.39
CA PHE X 53 4.48 -37.79 -69.01
C PHE X 53 3.64 -38.05 -70.25
N ALA X 54 2.39 -37.57 -70.24
CA ALA X 54 1.55 -37.73 -71.42
C ALA X 54 2.10 -36.93 -72.59
N LEU X 55 2.55 -35.70 -72.34
CA LEU X 55 3.03 -34.86 -73.43
C LEU X 55 4.51 -35.10 -73.70
N SER X 56 5.09 -36.14 -73.12
CA SER X 56 6.44 -36.52 -73.50
C SER X 56 6.52 -37.97 -73.94
N GLU X 57 5.54 -38.79 -73.55
CA GLU X 57 5.44 -40.12 -74.16
C GLU X 57 4.45 -40.11 -75.32
N ALA X 58 3.95 -38.92 -75.67
CA ALA X 58 3.33 -38.77 -76.98
C ALA X 58 4.37 -38.82 -78.09
N MET X 59 5.64 -38.62 -77.77
CA MET X 59 6.67 -38.48 -78.80
C MET X 59 7.59 -39.69 -78.82
N GLY X 60 7.39 -40.64 -77.91
CA GLY X 60 8.18 -41.86 -77.97
C GLY X 60 7.64 -42.83 -79.01
N LEU X 61 6.34 -43.13 -78.93
CA LEU X 61 5.72 -44.04 -79.89
C LEU X 61 5.31 -43.29 -81.16
N PHE X 62 5.55 -41.99 -81.21
CA PHE X 62 5.21 -41.19 -82.37
C PHE X 62 6.15 -41.53 -83.52
N CYS X 63 7.40 -41.84 -83.18
CA CYS X 63 8.40 -42.10 -84.20
C CYS X 63 8.40 -43.57 -84.62
N LEU X 64 8.08 -44.48 -83.68
CA LEU X 64 7.99 -45.90 -84.03
C LEU X 64 6.78 -46.20 -84.90
N MET X 65 5.79 -45.30 -84.88
CA MET X 65 4.69 -45.40 -85.84
C MET X 65 5.19 -45.14 -87.25
N VAL X 66 6.19 -44.27 -87.40
CA VAL X 66 6.77 -44.02 -88.72
C VAL X 66 7.65 -45.18 -89.14
N ALA X 67 8.37 -45.78 -88.19
CA ALA X 67 9.22 -46.94 -88.50
C ALA X 67 8.39 -48.17 -88.84
N PHE X 68 7.12 -48.19 -88.44
CA PHE X 68 6.21 -49.21 -88.94
C PHE X 68 5.69 -48.86 -90.32
N LEU X 69 5.34 -47.59 -90.54
CA LEU X 69 4.75 -47.20 -91.82
C LEU X 69 5.79 -47.13 -92.93
N ILE X 70 7.07 -47.25 -92.59
CA ILE X 70 8.09 -47.42 -93.62
C ILE X 70 8.36 -48.91 -93.85
N LEU X 71 7.91 -49.76 -92.93
CA LEU X 71 8.17 -51.19 -93.09
C LEU X 71 7.08 -51.86 -93.90
N PHE X 72 5.82 -51.62 -93.56
CA PHE X 72 4.71 -52.24 -94.29
C PHE X 72 3.78 -51.21 -94.90
N ILE Y 1 22.04 -60.35 -99.51
CA ILE Y 1 21.96 -58.93 -99.77
C ILE Y 1 21.27 -58.21 -98.61
N ASP Y 2 20.09 -58.69 -98.22
CA ASP Y 2 19.42 -58.11 -97.07
C ASP Y 2 19.90 -58.76 -95.77
N THR Y 3 20.81 -59.73 -95.88
CA THR Y 3 21.38 -60.39 -94.71
C THR Y 3 22.19 -59.41 -93.87
N ALA Y 4 22.91 -58.49 -94.51
CA ALA Y 4 23.47 -57.37 -93.78
C ALA Y 4 22.38 -56.39 -93.35
N ALA Y 5 21.34 -56.23 -94.17
CA ALA Y 5 20.26 -55.30 -93.82
C ALA Y 5 19.40 -55.86 -92.70
N LYS Y 6 19.42 -57.19 -92.53
CA LYS Y 6 18.94 -57.78 -91.29
C LYS Y 6 19.77 -57.30 -90.10
N PHE Y 7 21.06 -57.06 -90.32
CA PHE Y 7 21.94 -56.82 -89.19
C PHE Y 7 21.90 -55.36 -88.75
N ILE Y 8 22.12 -54.42 -89.68
CA ILE Y 8 22.30 -53.02 -89.28
C ILE Y 8 20.98 -52.41 -88.86
N GLY Y 9 19.88 -52.84 -89.47
CA GLY Y 9 18.57 -52.42 -89.00
C GLY Y 9 18.29 -52.92 -87.60
N ALA Y 10 18.88 -54.07 -87.24
CA ALA Y 10 18.93 -54.47 -85.85
C ALA Y 10 20.08 -53.77 -85.13
N GLY Y 11 21.19 -53.52 -85.85
CA GLY Y 11 22.35 -52.93 -85.21
C GLY Y 11 22.17 -51.45 -84.91
N ALA Y 12 21.24 -50.80 -85.62
CA ALA Y 12 20.94 -49.41 -85.30
C ALA Y 12 19.79 -49.31 -84.33
N ALA Y 13 18.98 -50.36 -84.23
CA ALA Y 13 17.80 -50.30 -83.38
C ALA Y 13 18.17 -50.36 -81.91
N THR Y 14 19.37 -50.84 -81.60
CA THR Y 14 19.72 -51.10 -80.21
C THR Y 14 20.18 -49.83 -79.51
N VAL Y 15 20.57 -48.80 -80.25
CA VAL Y 15 21.15 -47.62 -79.61
C VAL Y 15 20.05 -46.65 -79.21
N GLY Y 16 18.81 -47.00 -79.49
CA GLY Y 16 17.71 -46.21 -78.95
C GLY Y 16 17.44 -46.50 -77.49
N VAL Y 17 18.13 -47.48 -76.92
CA VAL Y 17 17.98 -47.74 -75.49
C VAL Y 17 18.89 -46.80 -74.72
N ALA Y 18 19.82 -46.14 -75.41
CA ALA Y 18 20.90 -45.39 -74.78
C ALA Y 18 20.38 -44.13 -74.09
N GLY Y 19 19.17 -43.71 -74.43
CA GLY Y 19 18.47 -42.77 -73.57
C GLY Y 19 18.27 -43.35 -72.18
N SER Y 20 17.55 -44.47 -72.08
CA SER Y 20 17.09 -44.96 -70.79
C SER Y 20 18.23 -45.57 -69.97
N GLY Y 21 19.39 -45.76 -70.59
CA GLY Y 21 20.57 -46.05 -69.79
C GLY Y 21 21.01 -44.85 -68.98
N ALA Y 22 20.65 -43.64 -69.42
CA ALA Y 22 20.95 -42.45 -68.64
C ALA Y 22 19.71 -41.94 -67.92
N GLY Y 23 18.53 -42.27 -68.42
CA GLY Y 23 17.30 -41.76 -67.84
C GLY Y 23 17.01 -42.31 -66.46
N ILE Y 24 17.49 -43.51 -66.17
CA ILE Y 24 17.40 -44.00 -64.80
C ILE Y 24 18.58 -43.52 -63.99
N GLY Y 25 19.62 -43.01 -64.67
CA GLY Y 25 20.72 -42.40 -63.94
C GLY Y 25 20.32 -41.09 -63.32
N THR Y 26 19.37 -40.39 -63.94
CA THR Y 26 18.81 -39.19 -63.33
C THR Y 26 18.06 -39.54 -62.07
N VAL Y 27 17.16 -40.52 -62.15
CA VAL Y 27 16.15 -40.69 -61.11
C VAL Y 27 16.73 -41.35 -59.88
N PHE Y 28 17.93 -41.91 -59.97
CA PHE Y 28 18.59 -42.41 -58.76
C PHE Y 28 19.60 -41.40 -58.22
N GLY Y 29 20.22 -40.62 -59.09
CA GLY Y 29 20.99 -39.49 -58.59
C GLY Y 29 20.10 -38.39 -58.04
N SER Y 30 18.87 -38.29 -58.55
CA SER Y 30 17.99 -37.23 -58.08
C SER Y 30 17.20 -37.66 -56.86
N MET Y 31 17.44 -38.87 -56.37
CA MET Y 31 16.70 -39.30 -55.20
C MET Y 31 17.50 -39.06 -53.94
N ILE Y 32 18.82 -39.23 -54.02
CA ILE Y 32 19.68 -39.04 -52.86
C ILE Y 32 19.72 -37.57 -52.43
N ILE Y 33 19.61 -36.64 -53.39
CA ILE Y 33 19.48 -35.24 -53.02
C ILE Y 33 18.03 -34.87 -52.70
N GLY Y 34 17.11 -35.80 -52.93
CA GLY Y 34 15.79 -35.64 -52.35
C GLY Y 34 15.70 -36.30 -51.00
N TYR Y 35 16.73 -37.06 -50.64
CA TYR Y 35 16.69 -37.83 -49.41
C TYR Y 35 17.54 -37.18 -48.32
N ALA Y 36 18.70 -36.63 -48.70
CA ALA Y 36 19.58 -36.00 -47.74
C ALA Y 36 18.98 -34.73 -47.17
N ARG Y 37 18.07 -34.11 -47.91
CA ARG Y 37 17.32 -32.99 -47.36
C ARG Y 37 16.32 -33.48 -46.32
N ASN Y 38 15.63 -34.57 -46.59
CA ASN Y 38 14.48 -34.95 -45.80
C ASN Y 38 14.50 -36.46 -45.56
N PRO Y 39 15.07 -36.93 -44.45
CA PRO Y 39 15.16 -38.40 -44.20
C PRO Y 39 13.84 -39.05 -43.78
N SER Y 40 12.94 -39.20 -44.74
CA SER Y 40 11.68 -39.93 -44.58
C SER Y 40 11.52 -40.96 -45.69
N LEU Y 41 12.53 -41.82 -45.86
CA LEU Y 41 12.64 -42.67 -47.06
C LEU Y 41 11.53 -43.71 -47.14
N LYS Y 42 10.97 -44.10 -46.00
CA LYS Y 42 9.97 -45.18 -46.01
C LYS Y 42 8.62 -44.66 -46.49
N GLN Y 43 8.49 -43.35 -46.61
CA GLN Y 43 7.33 -42.73 -47.22
C GLN Y 43 7.41 -42.77 -48.74
N GLN Y 44 6.60 -41.95 -49.39
CA GLN Y 44 6.35 -42.09 -50.80
C GLN Y 44 7.52 -41.60 -51.66
N LEU Y 45 8.62 -41.18 -51.05
CA LEU Y 45 9.77 -40.74 -51.85
C LEU Y 45 10.47 -41.94 -52.51
N PHE Y 46 10.59 -43.05 -51.80
CA PHE Y 46 11.18 -44.22 -52.44
C PHE Y 46 10.21 -44.90 -53.39
N SER Y 47 8.91 -44.72 -53.16
CA SER Y 47 7.91 -45.29 -54.06
C SER Y 47 7.86 -44.55 -55.38
N TYR Y 48 8.40 -43.33 -55.42
CA TYR Y 48 8.49 -42.62 -56.69
C TYR Y 48 9.83 -42.87 -57.35
N ALA Y 49 10.69 -43.67 -56.72
CA ALA Y 49 11.91 -44.07 -57.39
C ALA Y 49 11.68 -45.26 -58.30
N ILE Y 50 10.78 -46.16 -57.89
CA ILE Y 50 10.57 -47.40 -58.63
C ILE Y 50 9.58 -47.19 -59.76
N LEU Y 51 8.50 -46.44 -59.51
CA LEU Y 51 7.57 -46.11 -60.58
C LEU Y 51 8.23 -45.25 -61.64
N GLY Y 52 9.15 -44.38 -61.23
CA GLY Y 52 9.97 -43.69 -62.21
C GLY Y 52 10.96 -44.61 -62.89
N PHE Y 53 11.42 -45.64 -62.17
CA PHE Y 53 12.29 -46.64 -62.79
C PHE Y 53 11.51 -47.51 -63.76
N ALA Y 54 10.32 -47.96 -63.35
CA ALA Y 54 9.55 -48.89 -64.16
C ALA Y 54 8.98 -48.22 -65.40
N LEU Y 55 8.57 -46.96 -65.28
CA LEU Y 55 8.06 -46.24 -66.44
C LEU Y 55 9.17 -45.86 -67.39
N SER Y 56 10.41 -45.84 -66.90
CA SER Y 56 11.54 -45.59 -67.79
C SER Y 56 12.03 -46.87 -68.44
N GLU Y 57 11.97 -47.99 -67.72
CA GLU Y 57 12.34 -49.27 -68.32
C GLU Y 57 11.23 -49.80 -69.22
N ALA Y 58 10.00 -49.31 -69.02
CA ALA Y 58 8.93 -49.61 -69.97
C ALA Y 58 9.22 -48.98 -71.32
N MET Y 59 9.78 -47.77 -71.33
CA MET Y 59 10.27 -47.19 -72.57
C MET Y 59 11.71 -47.61 -72.83
N GLY Y 60 12.26 -48.48 -71.99
CA GLY Y 60 13.61 -48.95 -72.23
C GLY Y 60 13.67 -50.21 -73.06
N LEU Y 61 12.94 -51.25 -72.63
CA LEU Y 61 13.15 -52.58 -73.20
C LEU Y 61 12.46 -52.73 -74.55
N PHE Y 62 11.36 -52.00 -74.77
CA PHE Y 62 10.59 -52.21 -75.98
C PHE Y 62 11.20 -51.50 -77.18
N CYS Y 63 12.32 -50.82 -76.96
CA CYS Y 63 13.17 -50.45 -78.09
C CYS Y 63 13.98 -51.64 -78.56
N LEU Y 64 14.22 -52.62 -77.67
CA LEU Y 64 14.87 -53.86 -78.12
C LEU Y 64 13.83 -54.82 -78.69
N MET Y 65 12.54 -54.50 -78.57
CA MET Y 65 11.50 -55.29 -79.22
C MET Y 65 11.60 -55.18 -80.73
N VAL Y 66 11.91 -53.99 -81.24
CA VAL Y 66 12.02 -53.81 -82.69
C VAL Y 66 13.35 -54.36 -83.19
N ALA Y 67 14.27 -54.62 -82.27
CA ALA Y 67 15.55 -55.21 -82.67
C ALA Y 67 15.40 -56.67 -83.10
N PHE Y 68 14.66 -57.47 -82.33
CA PHE Y 68 14.55 -58.89 -82.64
C PHE Y 68 13.65 -59.14 -83.84
N LEU Y 69 12.61 -58.30 -84.02
CA LEU Y 69 11.67 -58.49 -85.13
C LEU Y 69 12.34 -58.26 -86.47
N ILE Y 70 13.32 -57.37 -86.50
CA ILE Y 70 14.11 -57.20 -87.72
C ILE Y 70 15.01 -58.40 -87.92
N LEU Y 71 15.52 -58.97 -86.83
CA LEU Y 71 16.25 -60.22 -86.94
C LEU Y 71 15.33 -61.38 -87.28
N PHE Y 72 14.40 -61.70 -86.38
CA PHE Y 72 13.55 -62.87 -86.55
C PHE Y 72 12.19 -62.50 -87.16
N ILE Z 1 31.44 -60.78 -97.39
CA ILE Z 1 30.09 -60.31 -97.12
C ILE Z 1 29.64 -60.84 -95.76
N ASP Z 2 30.20 -61.98 -95.33
CA ASP Z 2 29.84 -62.52 -94.03
C ASP Z 2 30.49 -61.74 -92.89
N THR Z 3 31.82 -61.56 -92.97
CA THR Z 3 32.52 -60.82 -91.94
C THR Z 3 32.30 -59.32 -92.13
N ALA Z 4 31.85 -58.92 -93.32
CA ALA Z 4 31.44 -57.54 -93.54
C ALA Z 4 30.17 -57.22 -92.78
N ALA Z 5 29.20 -58.13 -92.79
CA ALA Z 5 27.90 -57.84 -92.19
C ALA Z 5 27.96 -57.91 -90.68
N LYS Z 6 28.81 -58.79 -90.15
CA LYS Z 6 28.80 -59.07 -88.71
C LYS Z 6 29.35 -57.90 -87.91
N PHE Z 7 30.44 -57.30 -88.38
CA PHE Z 7 31.19 -56.38 -87.52
C PHE Z 7 30.52 -55.02 -87.41
N ILE Z 8 29.80 -54.58 -88.44
CA ILE Z 8 29.20 -53.25 -88.38
C ILE Z 8 27.80 -53.34 -87.77
N GLY Z 9 27.37 -54.56 -87.42
CA GLY Z 9 26.27 -54.69 -86.49
C GLY Z 9 26.76 -54.77 -85.05
N ALA Z 10 28.05 -55.06 -84.87
CA ALA Z 10 28.60 -55.22 -83.54
C ALA Z 10 29.12 -53.90 -82.99
N GLY Z 11 29.78 -53.10 -83.83
CA GLY Z 11 30.26 -51.81 -83.37
C GLY Z 11 29.13 -50.82 -83.15
N ALA Z 12 28.07 -50.93 -83.95
CA ALA Z 12 26.96 -49.98 -83.83
C ALA Z 12 26.02 -50.37 -82.70
N ALA Z 13 26.31 -51.48 -82.01
CA ALA Z 13 25.54 -51.84 -80.83
C ALA Z 13 26.25 -51.39 -79.56
N THR Z 14 27.56 -51.21 -79.63
CA THR Z 14 28.35 -50.90 -78.44
C THR Z 14 28.30 -49.40 -78.15
N VAL Z 15 27.59 -48.64 -78.98
CA VAL Z 15 27.37 -47.23 -78.74
C VAL Z 15 26.39 -47.09 -77.58
N GLY Z 16 25.47 -48.05 -77.46
CA GLY Z 16 24.43 -47.96 -76.44
C GLY Z 16 24.93 -48.27 -75.05
N VAL Z 17 26.11 -48.87 -74.93
CA VAL Z 17 26.62 -49.26 -73.61
C VAL Z 17 27.43 -48.14 -72.99
N ALA Z 18 27.78 -47.12 -73.77
CA ALA Z 18 28.29 -45.89 -73.19
C ALA Z 18 27.16 -44.87 -73.15
N GLY Z 19 25.95 -45.31 -73.53
CA GLY Z 19 24.78 -44.48 -73.33
C GLY Z 19 24.28 -44.51 -71.90
N SER Z 20 24.84 -45.40 -71.08
CA SER Z 20 24.51 -45.40 -69.67
C SER Z 20 25.66 -44.86 -68.82
N GLY Z 21 26.75 -44.45 -69.46
CA GLY Z 21 27.78 -43.73 -68.72
C GLY Z 21 27.32 -42.35 -68.31
N ALA Z 22 26.46 -41.74 -69.11
CA ALA Z 22 25.97 -40.40 -68.81
C ALA Z 22 24.97 -40.42 -67.66
N GLY Z 23 24.48 -41.60 -67.28
CA GLY Z 23 23.63 -41.69 -66.11
C GLY Z 23 24.41 -41.77 -64.82
N ILE Z 24 25.52 -42.53 -64.81
CA ILE Z 24 26.30 -42.65 -63.58
C ILE Z 24 27.19 -41.43 -63.39
N GLY Z 25 27.28 -40.57 -64.40
CA GLY Z 25 27.73 -39.23 -64.13
C GLY Z 25 26.80 -38.52 -63.18
N THR Z 26 25.51 -38.72 -63.35
CA THR Z 26 24.55 -38.11 -62.45
C THR Z 26 24.46 -38.88 -61.15
N VAL Z 27 24.57 -40.21 -61.20
CA VAL Z 27 24.44 -41.02 -59.98
C VAL Z 27 25.60 -40.78 -59.05
N PHE Z 28 26.83 -40.90 -59.56
CA PHE Z 28 27.99 -40.71 -58.71
C PHE Z 28 28.23 -39.24 -58.46
N GLY Z 29 27.71 -38.38 -59.34
CA GLY Z 29 27.94 -36.96 -59.20
C GLY Z 29 26.96 -36.28 -58.25
N SER Z 30 25.70 -36.72 -58.24
CA SER Z 30 24.73 -36.08 -57.37
C SER Z 30 24.81 -36.62 -55.96
N MET Z 31 25.79 -37.46 -55.68
CA MET Z 31 26.07 -37.79 -54.28
C MET Z 31 26.76 -36.64 -53.60
N ILE Z 32 27.45 -35.81 -54.39
CA ILE Z 32 28.24 -34.70 -53.86
C ILE Z 32 27.34 -33.66 -53.22
N ILE Z 33 26.27 -33.28 -53.92
CA ILE Z 33 25.40 -32.21 -53.45
C ILE Z 33 24.50 -32.72 -52.32
N GLY Z 34 24.38 -34.03 -52.18
CA GLY Z 34 23.63 -34.55 -51.05
C GLY Z 34 24.49 -34.66 -49.81
N TYR Z 35 25.77 -35.01 -49.99
CA TYR Z 35 26.65 -35.26 -48.86
C TYR Z 35 27.01 -33.99 -48.13
N ALA Z 36 27.00 -32.85 -48.85
CA ALA Z 36 27.40 -31.58 -48.25
C ALA Z 36 26.29 -30.96 -47.41
N ARG Z 37 25.04 -31.26 -47.73
CA ARG Z 37 23.96 -30.76 -46.87
C ARG Z 37 23.93 -31.53 -45.57
N ASN Z 38 24.14 -32.85 -45.63
CA ASN Z 38 23.99 -33.70 -44.46
C ASN Z 38 25.09 -34.75 -44.46
N PRO Z 39 25.94 -34.79 -43.45
CA PRO Z 39 26.90 -35.91 -43.35
C PRO Z 39 26.43 -37.09 -42.51
N SER Z 40 25.38 -37.76 -42.96
CA SER Z 40 25.02 -39.07 -42.47
C SER Z 40 25.49 -40.14 -43.44
N LEU Z 41 26.79 -40.43 -43.41
CA LEU Z 41 27.50 -40.96 -44.57
C LEU Z 41 27.27 -42.46 -44.75
N LYS Z 42 27.55 -43.26 -43.73
CA LYS Z 42 27.41 -44.71 -43.86
C LYS Z 42 25.97 -45.18 -43.67
N GLN Z 43 25.00 -44.28 -43.80
CA GLN Z 43 23.57 -44.55 -43.80
C GLN Z 43 23.22 -45.07 -45.21
N GLN Z 44 21.94 -45.06 -45.56
CA GLN Z 44 21.51 -45.48 -46.89
C GLN Z 44 21.99 -44.54 -48.00
N LEU Z 45 22.61 -43.41 -47.63
CA LEU Z 45 23.06 -42.40 -48.58
C LEU Z 45 24.07 -42.97 -49.58
N PHE Z 46 25.18 -43.54 -49.10
CA PHE Z 46 26.12 -44.16 -50.02
C PHE Z 46 25.56 -45.46 -50.58
N SER Z 47 24.65 -46.10 -49.84
CA SER Z 47 24.11 -47.36 -50.31
C SER Z 47 23.01 -47.16 -51.35
N TYR Z 48 22.33 -46.01 -51.32
CA TYR Z 48 21.41 -45.70 -52.42
C TYR Z 48 22.17 -45.43 -53.71
N ALA Z 49 23.44 -45.02 -53.59
CA ALA Z 49 24.27 -44.86 -54.78
C ALA Z 49 24.57 -46.20 -55.42
N ILE Z 50 24.77 -47.24 -54.63
CA ILE Z 50 25.01 -48.58 -55.17
C ILE Z 50 23.75 -49.11 -55.85
N LEU Z 51 22.58 -48.77 -55.32
CA LEU Z 51 21.33 -49.06 -56.02
C LEU Z 51 21.21 -48.22 -57.29
N GLY Z 52 21.90 -47.09 -57.35
CA GLY Z 52 21.98 -46.36 -58.61
C GLY Z 52 23.11 -46.85 -59.50
N PHE Z 53 24.27 -47.14 -58.91
CA PHE Z 53 25.48 -47.41 -59.68
C PHE Z 53 25.40 -48.74 -60.42
N ALA Z 54 24.79 -49.75 -59.80
CA ALA Z 54 24.79 -51.07 -60.40
C ALA Z 54 23.48 -51.35 -61.14
N LEU Z 55 22.49 -50.48 -60.98
CA LEU Z 55 21.27 -50.60 -61.81
C LEU Z 55 21.44 -49.83 -63.11
N SER Z 56 22.18 -48.73 -63.08
CA SER Z 56 22.44 -47.99 -64.31
C SER Z 56 23.51 -48.69 -65.14
N GLU Z 57 24.45 -49.37 -64.49
CA GLU Z 57 25.37 -50.24 -65.21
C GLU Z 57 24.63 -51.49 -65.73
N ALA Z 58 23.48 -51.82 -65.12
CA ALA Z 58 22.71 -52.98 -65.57
C ALA Z 58 21.99 -52.70 -66.88
N MET Z 59 21.90 -51.44 -67.27
CA MET Z 59 21.52 -51.15 -68.65
C MET Z 59 22.76 -50.95 -69.52
N GLY Z 60 23.92 -50.75 -68.87
CA GLY Z 60 25.16 -50.68 -69.62
C GLY Z 60 25.63 -52.05 -70.08
N LEU Z 61 25.64 -53.03 -69.17
CA LEU Z 61 26.01 -54.39 -69.56
C LEU Z 61 24.81 -55.17 -70.10
N PHE Z 62 23.69 -54.47 -70.32
CA PHE Z 62 22.57 -55.06 -71.03
C PHE Z 62 22.93 -55.35 -72.48
N CYS Z 63 23.28 -54.31 -73.23
CA CYS Z 63 23.39 -54.43 -74.68
C CYS Z 63 24.69 -55.13 -75.08
N LEU Z 64 25.64 -55.25 -74.16
CA LEU Z 64 26.95 -55.78 -74.51
C LEU Z 64 26.89 -57.28 -74.81
N MET Z 65 25.94 -58.00 -74.22
CA MET Z 65 25.70 -59.38 -74.64
C MET Z 65 25.02 -59.42 -75.99
N VAL Z 66 24.16 -58.43 -76.28
CA VAL Z 66 23.43 -58.38 -77.55
C VAL Z 66 24.37 -58.08 -78.70
N ALA Z 67 25.43 -57.32 -78.43
CA ALA Z 67 26.50 -57.16 -79.42
C ALA Z 67 27.21 -58.47 -79.67
N PHE Z 68 27.53 -59.21 -78.60
CA PHE Z 68 28.18 -60.50 -78.78
C PHE Z 68 27.17 -61.58 -79.16
N LEU Z 69 25.87 -61.26 -79.12
CA LEU Z 69 24.86 -62.15 -79.66
C LEU Z 69 24.87 -62.11 -81.19
N ILE Z 70 25.38 -61.01 -81.76
CA ILE Z 70 25.44 -60.85 -83.21
C ILE Z 70 26.90 -60.83 -83.66
N LEU Z 71 27.83 -61.08 -82.75
CA LEU Z 71 29.17 -61.45 -83.21
C LEU Z 71 29.15 -62.84 -83.84
N PHE Z 72 28.38 -63.75 -83.27
CA PHE Z 72 28.34 -65.14 -83.73
C PHE Z 72 27.10 -65.43 -84.56
N ILE AA 1 36.07 -56.15 -99.47
CA ILE AA 1 34.81 -55.96 -98.77
C ILE AA 1 35.08 -56.07 -97.26
N ASP AA 2 36.21 -56.68 -96.91
CA ASP AA 2 36.62 -56.71 -95.52
C ASP AA 2 37.10 -55.34 -95.07
N THR AA 3 37.74 -54.60 -95.97
CA THR AA 3 38.26 -53.28 -95.63
C THR AA 3 37.14 -52.27 -95.45
N ALA AA 4 36.02 -52.48 -96.16
CA ALA AA 4 34.92 -51.53 -96.10
C ALA AA 4 34.12 -51.70 -94.82
N ALA AA 5 34.39 -52.75 -94.06
CA ALA AA 5 33.65 -52.98 -92.83
C ALA AA 5 34.46 -52.58 -91.60
N LYS AA 6 35.78 -52.75 -91.67
CA LYS AA 6 36.61 -52.48 -90.50
C LYS AA 6 36.67 -51.01 -90.16
N PHE AA 7 36.50 -50.14 -91.16
CA PHE AA 7 36.73 -48.71 -90.94
C PHE AA 7 35.44 -48.01 -90.55
N ILE AA 8 34.30 -48.51 -91.01
CA ILE AA 8 33.02 -47.99 -90.55
C ILE AA 8 32.71 -48.51 -89.16
N GLY AA 9 33.24 -49.69 -88.82
CA GLY AA 9 32.92 -50.30 -87.55
C GLY AA 9 33.51 -49.56 -86.37
N ALA AA 10 34.81 -49.24 -86.42
CA ALA AA 10 35.47 -48.57 -85.30
C ALA AA 10 35.00 -47.13 -85.18
N GLY AA 11 34.72 -46.48 -86.31
CA GLY AA 11 34.22 -45.11 -86.25
C GLY AA 11 32.80 -45.05 -85.72
N ALA AA 12 32.03 -46.10 -85.95
CA ALA AA 12 30.76 -46.21 -85.26
C ALA AA 12 30.97 -46.48 -83.77
N ALA AA 13 32.03 -47.22 -83.43
CA ALA AA 13 32.23 -47.62 -82.04
C ALA AA 13 32.83 -46.49 -81.20
N THR AA 14 33.16 -45.36 -81.84
CA THR AA 14 33.79 -44.27 -81.12
C THR AA 14 32.73 -43.30 -80.58
N VAL AA 15 31.51 -43.39 -81.12
CA VAL AA 15 30.41 -42.48 -80.89
C VAL AA 15 30.03 -42.42 -79.41
N GLY AA 16 30.17 -43.54 -78.71
CA GLY AA 16 29.62 -43.64 -77.37
C GLY AA 16 30.36 -42.82 -76.33
N VAL AA 17 31.65 -42.53 -76.59
CA VAL AA 17 32.50 -41.88 -75.60
C VAL AA 17 32.06 -40.43 -75.40
N ALA AA 18 31.33 -39.89 -76.37
CA ALA AA 18 30.58 -38.64 -76.21
C ALA AA 18 29.59 -38.71 -75.05
N GLY AA 19 29.04 -39.89 -74.80
CA GLY AA 19 28.22 -40.06 -73.61
C GLY AA 19 29.02 -39.93 -72.32
N SER AA 20 30.30 -40.29 -72.37
CA SER AA 20 31.10 -40.29 -71.15
C SER AA 20 31.48 -38.87 -70.73
N GLY AA 21 31.89 -38.05 -71.69
CA GLY AA 21 32.24 -36.68 -71.37
C GLY AA 21 31.05 -35.85 -70.94
N ALA AA 22 29.86 -36.23 -71.40
CA ALA AA 22 28.68 -35.45 -71.10
C ALA AA 22 28.14 -35.77 -69.71
N GLY AA 23 28.68 -36.79 -69.07
CA GLY AA 23 28.41 -36.99 -67.67
C GLY AA 23 29.58 -36.58 -66.80
N ILE AA 24 30.78 -36.58 -67.37
CA ILE AA 24 31.98 -36.33 -66.57
C ILE AA 24 32.15 -34.83 -66.32
N GLY AA 25 31.42 -34.01 -67.08
CA GLY AA 25 31.34 -32.61 -66.74
C GLY AA 25 30.44 -32.36 -65.55
N THR AA 26 29.51 -33.30 -65.30
CA THR AA 26 28.60 -33.11 -64.18
C THR AA 26 29.30 -33.45 -62.87
N VAL AA 27 30.27 -34.37 -62.90
CA VAL AA 27 30.87 -34.84 -61.66
C VAL AA 27 31.90 -33.85 -61.16
N PHE AA 28 32.28 -32.87 -61.96
CA PHE AA 28 33.01 -31.74 -61.40
C PHE AA 28 32.10 -30.53 -61.31
N GLY AA 29 31.00 -30.55 -62.05
CA GLY AA 29 30.04 -29.47 -61.95
C GLY AA 29 29.10 -29.66 -60.77
N SER AA 30 29.25 -30.77 -60.07
CA SER AA 30 28.58 -30.89 -58.79
C SER AA 30 29.56 -30.64 -57.65
N MET AA 31 30.86 -30.69 -57.92
CA MET AA 31 31.83 -30.44 -56.86
C MET AA 31 32.15 -28.96 -56.76
N ILE AA 32 31.94 -28.20 -57.84
CA ILE AA 32 31.98 -26.74 -57.77
C ILE AA 32 30.89 -26.22 -56.85
N ILE AA 33 29.65 -26.70 -57.04
CA ILE AA 33 28.56 -26.32 -56.15
C ILE AA 33 28.66 -27.07 -54.83
N GLY AA 34 29.49 -28.12 -54.77
CA GLY AA 34 29.65 -28.83 -53.52
C GLY AA 34 30.52 -28.07 -52.53
N TYR AA 35 31.71 -27.67 -52.96
CA TYR AA 35 32.64 -26.98 -52.08
C TYR AA 35 32.19 -25.55 -51.81
N ALA AA 36 31.38 -24.98 -52.70
CA ALA AA 36 30.95 -23.60 -52.52
C ALA AA 36 29.78 -23.49 -51.55
N ARG AA 37 29.34 -24.64 -51.04
CA ARG AA 37 28.25 -24.72 -50.07
C ARG AA 37 28.69 -25.14 -48.66
N ASN AA 38 29.88 -25.72 -48.56
CA ASN AA 38 30.45 -26.19 -47.32
C ASN AA 38 31.92 -26.53 -47.62
N PRO AA 39 32.86 -25.72 -47.18
CA PRO AA 39 34.29 -25.98 -47.48
C PRO AA 39 34.83 -27.24 -46.79
N SER AA 40 34.49 -28.38 -47.36
CA SER AA 40 34.91 -29.71 -46.93
C SER AA 40 35.73 -30.38 -48.03
N LEU AA 41 36.70 -29.63 -48.56
CA LEU AA 41 37.47 -30.05 -49.74
C LEU AA 41 38.44 -31.18 -49.42
N LYS AA 42 39.31 -30.99 -48.43
CA LYS AA 42 40.39 -31.93 -48.16
C LYS AA 42 39.89 -33.25 -47.60
N GLN AA 43 38.69 -33.25 -47.04
CA GLN AA 43 37.99 -34.47 -46.65
C GLN AA 43 37.29 -35.10 -47.86
N GLN AA 44 36.33 -35.99 -47.60
CA GLN AA 44 35.94 -37.05 -48.54
C GLN AA 44 35.34 -36.54 -49.84
N LEU AA 45 35.06 -35.24 -49.97
CA LEU AA 45 34.33 -34.74 -51.12
C LEU AA 45 35.16 -34.78 -52.40
N PHE AA 46 36.40 -34.29 -52.32
CA PHE AA 46 37.24 -34.22 -53.51
C PHE AA 46 37.66 -35.60 -53.97
N SER AA 47 37.79 -36.54 -53.03
CA SER AA 47 38.21 -37.89 -53.39
C SER AA 47 37.10 -38.62 -54.15
N TYR AA 48 35.85 -38.22 -53.94
CA TYR AA 48 34.73 -38.77 -54.72
C TYR AA 48 34.81 -38.35 -56.17
N ALA AA 49 35.28 -37.12 -56.42
CA ALA AA 49 35.46 -36.69 -57.80
C ALA AA 49 36.64 -37.40 -58.44
N ILE AA 50 37.61 -37.82 -57.64
CA ILE AA 50 38.68 -38.65 -58.15
C ILE AA 50 38.16 -40.04 -58.48
N LEU AA 51 37.24 -40.55 -57.66
CA LEU AA 51 36.54 -41.77 -58.03
C LEU AA 51 35.56 -41.50 -59.18
N GLY AA 52 34.98 -40.31 -59.21
CA GLY AA 52 33.96 -40.01 -60.21
C GLY AA 52 34.51 -39.86 -61.60
N PHE AA 53 35.73 -39.33 -61.72
CA PHE AA 53 36.40 -39.32 -63.01
C PHE AA 53 36.88 -40.70 -63.39
N ALA AA 54 37.33 -41.48 -62.40
CA ALA AA 54 37.89 -42.79 -62.69
C ALA AA 54 36.81 -43.79 -63.07
N LEU AA 55 35.61 -43.65 -62.54
CA LEU AA 55 34.56 -44.64 -62.80
C LEU AA 55 33.97 -44.46 -64.18
N SER AA 56 33.46 -43.27 -64.49
CA SER AA 56 32.68 -43.08 -65.70
C SER AA 56 33.57 -43.09 -66.94
N GLU AA 57 34.87 -42.87 -66.77
CA GLU AA 57 35.78 -43.00 -67.89
C GLU AA 57 36.03 -44.47 -68.19
N ALA AA 58 35.87 -45.35 -67.20
CA ALA AA 58 35.98 -46.77 -67.44
C ALA AA 58 34.78 -47.30 -68.21
N MET AA 59 33.63 -46.64 -68.08
CA MET AA 59 32.53 -46.90 -69.00
C MET AA 59 32.85 -46.35 -70.38
N GLY AA 60 33.72 -45.35 -70.45
CA GLY AA 60 34.02 -44.72 -71.72
C GLY AA 60 35.19 -45.37 -72.44
N LEU AA 61 36.29 -45.60 -71.73
CA LEU AA 61 37.53 -45.98 -72.41
C LEU AA 61 37.50 -47.43 -72.87
N PHE AA 62 36.61 -48.25 -72.31
CA PHE AA 62 36.44 -49.61 -72.81
C PHE AA 62 35.81 -49.61 -74.20
N CYS AA 63 34.96 -48.61 -74.49
CA CYS AA 63 34.31 -48.53 -75.80
C CYS AA 63 35.30 -48.21 -76.88
N LEU AA 64 36.38 -47.51 -76.53
CA LEU AA 64 37.47 -47.29 -77.47
C LEU AA 64 38.21 -48.59 -77.75
N MET AA 65 38.34 -49.45 -76.74
CA MET AA 65 38.99 -50.75 -76.92
C MET AA 65 38.15 -51.66 -77.80
N VAL AA 66 36.82 -51.45 -77.82
CA VAL AA 66 35.94 -52.13 -78.75
C VAL AA 66 36.28 -51.72 -80.18
N ALA AA 67 36.65 -50.46 -80.39
CA ALA AA 67 36.96 -49.99 -81.73
C ALA AA 67 38.25 -50.59 -82.26
N PHE AA 68 39.17 -50.97 -81.36
CA PHE AA 68 40.47 -51.45 -81.80
C PHE AA 68 40.39 -52.86 -82.37
N LEU AA 69 39.56 -53.72 -81.78
CA LEU AA 69 39.47 -55.10 -82.24
C LEU AA 69 38.71 -55.19 -83.56
N ILE AA 70 37.84 -54.21 -83.81
CA ILE AA 70 37.26 -54.09 -85.15
C ILE AA 70 38.33 -53.64 -86.14
N LEU AA 71 39.18 -52.71 -85.73
CA LEU AA 71 40.28 -52.29 -86.58
C LEU AA 71 41.35 -53.37 -86.67
N PHE AA 72 41.60 -54.08 -85.58
CA PHE AA 72 42.54 -55.21 -85.60
C PHE AA 72 41.84 -56.53 -85.33
N ILE BA 1 36.54 -47.55 -104.11
CA ILE BA 1 35.86 -48.29 -103.06
C ILE BA 1 36.79 -48.48 -101.86
N ASP BA 2 38.08 -48.67 -102.14
CA ASP BA 2 39.06 -48.76 -101.07
C ASP BA 2 39.28 -47.40 -100.42
N THR BA 3 39.16 -46.33 -101.19
CA THR BA 3 39.23 -44.98 -100.63
C THR BA 3 37.93 -44.59 -99.95
N ALA BA 4 36.85 -45.28 -100.28
CA ALA BA 4 35.55 -44.92 -99.72
C ALA BA 4 35.44 -45.30 -98.26
N ALA BA 5 36.15 -46.36 -97.84
CA ALA BA 5 36.12 -46.79 -96.45
C ALA BA 5 36.84 -45.80 -95.55
N LYS BA 6 37.80 -45.07 -96.11
CA LYS BA 6 38.46 -43.98 -95.39
C LYS BA 6 37.47 -42.88 -95.03
N PHE BA 7 36.55 -42.58 -95.94
CA PHE BA 7 35.70 -41.40 -95.79
C PHE BA 7 34.55 -41.66 -94.84
N ILE BA 8 34.07 -42.90 -94.80
CA ILE BA 8 32.84 -43.20 -94.08
C ILE BA 8 33.08 -43.28 -92.59
N GLY BA 9 34.33 -43.51 -92.18
CA GLY BA 9 34.59 -43.81 -90.78
C GLY BA 9 34.78 -42.57 -89.94
N ALA BA 10 35.47 -41.57 -90.48
CA ALA BA 10 35.84 -40.41 -89.69
C ALA BA 10 34.63 -39.50 -89.43
N GLY BA 11 33.71 -39.43 -90.39
CA GLY BA 11 32.49 -38.68 -90.17
C GLY BA 11 31.60 -39.33 -89.14
N ALA BA 12 31.72 -40.64 -88.99
CA ALA BA 12 31.03 -41.32 -87.89
C ALA BA 12 31.74 -41.10 -86.57
N ALA BA 13 33.08 -41.15 -86.57
CA ALA BA 13 33.82 -40.96 -85.32
C ALA BA 13 33.94 -39.49 -84.97
N THR BA 14 33.46 -38.61 -85.85
CA THR BA 14 33.44 -37.17 -85.58
C THR BA 14 32.51 -36.86 -84.42
N VAL BA 15 31.44 -37.62 -84.28
CA VAL BA 15 30.31 -37.24 -83.44
C VAL BA 15 30.62 -37.60 -81.99
N GLY BA 16 31.74 -38.28 -81.75
CA GLY BA 16 32.11 -38.57 -80.37
C GLY BA 16 32.63 -37.37 -79.61
N VAL BA 17 32.68 -36.20 -80.25
CA VAL BA 17 33.06 -34.97 -79.58
C VAL BA 17 31.83 -34.09 -79.33
N ALA BA 18 30.66 -34.53 -79.82
CA ALA BA 18 29.42 -33.78 -79.63
C ALA BA 18 29.00 -33.76 -78.19
N GLY BA 19 29.08 -34.90 -77.52
CA GLY BA 19 28.76 -34.94 -76.10
C GLY BA 19 29.83 -34.29 -75.25
N SER BA 20 31.10 -34.46 -75.64
CA SER BA 20 32.18 -33.77 -74.94
C SER BA 20 32.13 -32.27 -75.23
N GLY BA 21 31.45 -31.87 -76.29
CA GLY BA 21 31.14 -30.46 -76.47
C GLY BA 21 30.16 -29.96 -75.43
N ALA BA 22 29.11 -30.73 -75.15
CA ALA BA 22 28.19 -30.32 -74.09
C ALA BA 22 28.73 -30.70 -72.73
N GLY BA 23 29.78 -31.53 -72.69
CA GLY BA 23 30.35 -31.92 -71.41
C GLY BA 23 31.22 -30.85 -70.80
N ILE BA 24 31.48 -29.77 -71.55
CA ILE BA 24 32.16 -28.61 -71.00
C ILE BA 24 31.19 -27.45 -70.83
N GLY BA 25 29.99 -27.61 -71.37
CA GLY BA 25 29.01 -26.55 -71.25
C GLY BA 25 28.35 -26.52 -69.89
N THR BA 26 28.43 -27.63 -69.16
CA THR BA 26 27.76 -27.68 -67.87
C THR BA 26 28.72 -27.34 -66.73
N VAL BA 27 30.02 -27.54 -66.96
CA VAL BA 27 31.01 -27.20 -65.95
C VAL BA 27 31.16 -25.68 -65.84
N PHE BA 28 30.70 -24.94 -66.86
CA PHE BA 28 30.58 -23.50 -66.73
C PHE BA 28 29.18 -23.09 -66.30
N GLY BA 29 28.23 -24.00 -66.43
CA GLY BA 29 26.90 -23.73 -65.91
C GLY BA 29 26.82 -23.95 -64.42
N SER BA 30 27.86 -24.52 -63.84
CA SER BA 30 27.93 -24.63 -62.39
C SER BA 30 28.53 -23.38 -61.77
N MET BA 31 29.59 -22.86 -62.38
CA MET BA 31 30.40 -21.83 -61.73
C MET BA 31 29.68 -20.49 -61.75
N ILE BA 32 28.69 -20.35 -62.63
CA ILE BA 32 27.73 -19.26 -62.50
C ILE BA 32 26.93 -19.41 -61.22
N ILE BA 33 26.30 -20.56 -61.03
CA ILE BA 33 25.42 -20.75 -59.88
C ILE BA 33 26.23 -21.17 -58.66
N GLY BA 34 27.52 -21.45 -58.85
CA GLY BA 34 28.36 -21.74 -57.70
C GLY BA 34 28.92 -20.49 -57.06
N TYR BA 35 29.44 -19.57 -57.88
CA TYR BA 35 30.04 -18.35 -57.36
C TYR BA 35 29.00 -17.42 -56.77
N ALA BA 36 27.77 -17.48 -57.28
CA ALA BA 36 26.75 -16.52 -56.89
C ALA BA 36 26.22 -16.76 -55.49
N ARG BA 37 26.79 -17.78 -54.85
CA ARG BA 37 26.48 -18.20 -53.48
C ARG BA 37 27.65 -18.06 -52.46
N ASN BA 38 28.88 -17.88 -52.94
CA ASN BA 38 30.05 -17.73 -52.10
C ASN BA 38 31.15 -17.03 -52.88
N PRO BA 39 31.28 -15.72 -52.78
CA PRO BA 39 32.37 -15.01 -53.49
C PRO BA 39 33.75 -15.30 -52.89
N SER BA 40 34.27 -16.45 -53.28
CA SER BA 40 35.63 -16.90 -52.99
C SER BA 40 36.31 -17.24 -54.31
N LEU BA 41 36.24 -16.30 -55.24
CA LEU BA 41 36.39 -16.58 -56.67
C LEU BA 41 37.80 -16.97 -57.06
N LYS BA 42 38.78 -16.09 -56.82
CA LYS BA 42 40.16 -16.28 -57.26
C LYS BA 42 40.84 -17.49 -56.63
N GLN BA 43 40.28 -17.99 -55.53
CA GLN BA 43 40.71 -19.24 -54.92
C GLN BA 43 40.13 -20.42 -55.67
N GLN BA 44 40.11 -21.59 -55.04
CA GLN BA 44 40.00 -22.87 -55.76
C GLN BA 44 38.62 -23.13 -56.35
N LEU BA 45 37.72 -22.13 -56.36
CA LEU BA 45 36.52 -22.25 -57.17
C LEU BA 45 36.85 -22.21 -58.66
N PHE BA 46 37.59 -21.21 -59.11
CA PHE BA 46 37.89 -21.10 -60.53
C PHE BA 46 38.99 -22.06 -60.93
N SER BA 47 39.89 -22.37 -60.01
CA SER BA 47 41.04 -23.22 -60.34
C SER BA 47 40.61 -24.65 -60.59
N TYR BA 48 39.47 -25.06 -60.04
CA TYR BA 48 38.95 -26.39 -60.32
C TYR BA 48 38.21 -26.44 -61.65
N ALA BA 49 37.55 -25.36 -62.03
CA ALA BA 49 36.81 -25.35 -63.29
C ALA BA 49 37.74 -25.30 -64.48
N ILE BA 50 39.00 -24.89 -64.26
CA ILE BA 50 40.01 -24.97 -65.29
C ILE BA 50 40.35 -26.43 -65.56
N LEU BA 51 40.50 -27.22 -64.48
CA LEU BA 51 40.93 -28.60 -64.61
C LEU BA 51 39.84 -29.47 -65.25
N GLY BA 52 38.58 -29.17 -64.96
CA GLY BA 52 37.50 -29.96 -65.54
C GLY BA 52 37.34 -29.73 -67.02
N PHE BA 53 37.76 -28.56 -67.51
CA PHE BA 53 37.66 -28.29 -68.94
C PHE BA 53 38.73 -29.03 -69.71
N ALA BA 54 40.00 -28.85 -69.33
CA ALA BA 54 41.11 -29.37 -70.12
C ALA BA 54 41.18 -30.90 -70.06
N LEU BA 55 40.61 -31.50 -69.03
CA LEU BA 55 40.52 -32.94 -68.98
C LEU BA 55 39.45 -33.46 -69.93
N SER BA 56 38.29 -32.80 -69.95
CA SER BA 56 37.15 -33.30 -70.72
C SER BA 56 37.33 -33.04 -72.21
N GLU BA 57 37.90 -31.89 -72.57
CA GLU BA 57 38.09 -31.60 -74.00
C GLU BA 57 39.22 -32.43 -74.58
N ALA BA 58 40.15 -32.87 -73.72
CA ALA BA 58 41.21 -33.77 -74.18
C ALA BA 58 40.62 -35.13 -74.57
N MET BA 59 39.61 -35.58 -73.83
CA MET BA 59 38.96 -36.83 -74.19
C MET BA 59 38.06 -36.65 -75.41
N GLY BA 60 37.66 -35.40 -75.67
CA GLY BA 60 37.07 -35.12 -76.97
C GLY BA 60 38.10 -34.99 -78.06
N LEU BA 61 39.29 -34.47 -77.70
CA LEU BA 61 40.34 -34.27 -78.70
C LEU BA 61 40.97 -35.57 -79.12
N PHE BA 62 41.03 -36.55 -78.21
CA PHE BA 62 41.53 -37.87 -78.59
C PHE BA 62 40.53 -38.59 -79.49
N CYS BA 63 39.24 -38.23 -79.38
CA CYS BA 63 38.26 -38.75 -80.31
C CYS BA 63 38.44 -38.17 -81.70
N LEU BA 64 39.04 -36.97 -81.79
CA LEU BA 64 39.38 -36.42 -83.08
C LEU BA 64 40.71 -36.98 -83.58
N MET BA 65 41.53 -37.49 -82.66
CA MET BA 65 42.81 -38.06 -83.09
C MET BA 65 42.60 -39.38 -83.82
N VAL BA 66 41.59 -40.15 -83.41
CA VAL BA 66 41.31 -41.40 -84.11
C VAL BA 66 40.61 -41.11 -85.43
N ALA BA 67 40.02 -39.92 -85.57
CA ALA BA 67 39.41 -39.53 -86.83
C ALA BA 67 40.47 -39.33 -87.90
N PHE BA 68 41.69 -38.96 -87.50
CA PHE BA 68 42.75 -38.76 -88.48
C PHE BA 68 43.35 -40.09 -88.91
N LEU BA 69 43.42 -41.07 -88.01
CA LEU BA 69 44.00 -42.37 -88.37
C LEU BA 69 43.07 -43.15 -89.27
N ILE BA 70 41.76 -42.99 -89.09
CA ILE BA 70 40.80 -43.50 -90.06
C ILE BA 70 40.93 -42.72 -91.36
N LEU BA 71 41.22 -41.43 -91.26
CA LEU BA 71 41.46 -40.65 -92.48
C LEU BA 71 42.80 -41.01 -93.11
N PHE BA 72 43.81 -41.27 -92.28
CA PHE BA 72 45.13 -41.61 -92.80
C PHE BA 72 45.63 -42.92 -92.21
N ILE CA 1 30.39 -43.90 -107.47
CA ILE CA 1 30.84 -44.54 -106.23
C ILE CA 1 31.83 -43.61 -105.54
N ASP CA 2 32.52 -42.82 -106.34
CA ASP CA 2 33.48 -41.88 -105.76
C ASP CA 2 32.77 -40.66 -105.18
N THR CA 3 31.55 -40.40 -105.63
CA THR CA 3 30.80 -39.26 -105.08
C THR CA 3 30.08 -39.64 -103.80
N ALA CA 4 29.82 -40.94 -103.59
CA ALA CA 4 28.93 -41.34 -102.50
C ALA CA 4 29.63 -41.27 -101.15
N ALA CA 5 30.96 -41.44 -101.15
CA ALA CA 5 31.71 -41.34 -99.90
C ALA CA 5 31.91 -39.89 -99.50
N LYS CA 6 31.65 -38.95 -100.40
CA LYS CA 6 31.73 -37.54 -100.05
C LYS CA 6 30.59 -37.12 -99.15
N PHE CA 7 29.42 -37.74 -99.33
CA PHE CA 7 28.22 -37.18 -98.71
C PHE CA 7 27.91 -37.85 -97.37
N ILE CA 8 28.33 -39.11 -97.21
CA ILE CA 8 28.26 -39.72 -95.88
C ILE CA 8 29.21 -39.01 -94.93
N GLY CA 9 30.41 -38.66 -95.40
CA GLY CA 9 31.30 -37.85 -94.60
C GLY CA 9 30.80 -36.42 -94.44
N ALA CA 10 29.91 -35.98 -95.34
CA ALA CA 10 29.26 -34.69 -95.17
C ALA CA 10 28.10 -34.79 -94.18
N GLY CA 11 27.31 -35.85 -94.29
CA GLY CA 11 26.13 -35.96 -93.45
C GLY CA 11 26.45 -36.36 -92.02
N ALA CA 12 27.39 -37.29 -91.85
CA ALA CA 12 27.63 -37.85 -90.52
C ALA CA 12 28.49 -36.91 -89.68
N ALA CA 13 29.30 -36.08 -90.31
CA ALA CA 13 30.17 -35.19 -89.53
C ALA CA 13 29.41 -33.98 -89.04
N THR CA 14 28.32 -33.62 -89.71
CA THR CA 14 27.61 -32.40 -89.36
C THR CA 14 26.74 -32.64 -88.13
N VAL CA 15 26.50 -33.92 -87.81
CA VAL CA 15 25.73 -34.39 -86.67
C VAL CA 15 26.25 -33.84 -85.35
N GLY CA 16 27.59 -33.72 -85.25
CA GLY CA 16 28.20 -33.44 -83.97
C GLY CA 16 28.05 -32.00 -83.54
N VAL CA 17 27.51 -31.15 -84.42
CA VAL CA 17 27.29 -29.75 -84.07
C VAL CA 17 26.03 -29.62 -83.23
N ALA CA 18 25.28 -30.72 -83.10
CA ALA CA 18 24.09 -30.73 -82.25
C ALA CA 18 24.46 -30.68 -80.78
N GLY CA 19 25.58 -31.30 -80.43
CA GLY CA 19 25.94 -31.45 -79.03
C GLY CA 19 26.30 -30.13 -78.38
N SER CA 20 27.08 -29.29 -79.07
CA SER CA 20 27.50 -28.03 -78.49
C SER CA 20 26.37 -27.01 -78.53
N GLY CA 21 25.38 -27.24 -79.38
CA GLY CA 21 24.18 -26.43 -79.32
C GLY CA 21 23.34 -26.74 -78.10
N ALA CA 22 23.52 -27.94 -77.55
CA ALA CA 22 22.84 -28.27 -76.30
C ALA CA 22 23.56 -27.67 -75.11
N GLY CA 23 24.85 -27.39 -75.27
CA GLY CA 23 25.63 -26.92 -74.14
C GLY CA 23 25.39 -25.46 -73.82
N ILE CA 24 25.13 -24.64 -74.84
CA ILE CA 24 24.97 -23.21 -74.61
C ILE CA 24 23.55 -22.90 -74.16
N GLY CA 25 22.69 -23.91 -74.11
CA GLY CA 25 21.43 -23.75 -73.42
C GLY CA 25 21.60 -23.89 -71.93
N THR CA 26 22.62 -24.64 -71.51
CA THR CA 26 22.89 -24.79 -70.09
C THR CA 26 23.46 -23.51 -69.52
N VAL CA 27 24.48 -22.94 -70.17
CA VAL CA 27 25.20 -21.81 -69.58
C VAL CA 27 24.35 -20.55 -69.62
N PHE CA 28 23.46 -20.44 -70.59
CA PHE CA 28 22.56 -19.30 -70.60
C PHE CA 28 21.33 -19.60 -69.77
N GLY CA 29 21.10 -20.87 -69.47
CA GLY CA 29 20.09 -21.19 -68.49
C GLY CA 29 20.58 -20.94 -67.09
N SER CA 30 21.89 -21.09 -66.88
CA SER CA 30 22.43 -21.00 -65.53
C SER CA 30 22.68 -19.56 -65.13
N MET CA 31 22.81 -18.67 -66.10
CA MET CA 31 23.00 -17.26 -65.79
C MET CA 31 21.68 -16.63 -65.34
N ILE CA 32 20.56 -17.25 -65.68
CA ILE CA 32 19.28 -16.72 -65.23
C ILE CA 32 19.07 -17.05 -63.76
N ILE CA 33 19.58 -18.20 -63.31
CA ILE CA 33 19.34 -18.61 -61.94
C ILE CA 33 20.43 -18.08 -61.03
N GLY CA 34 21.62 -17.84 -61.56
CA GLY CA 34 22.67 -17.26 -60.75
C GLY CA 34 22.42 -15.79 -60.44
N TYR CA 35 21.77 -15.09 -61.37
CA TYR CA 35 21.47 -13.68 -61.14
C TYR CA 35 20.37 -13.52 -60.10
N ALA CA 36 19.47 -14.50 -59.99
CA ALA CA 36 18.31 -14.32 -59.12
C ALA CA 36 18.68 -14.47 -57.64
N ARG CA 37 19.89 -14.94 -57.35
CA ARG CA 37 20.40 -14.85 -55.99
C ARG CA 37 20.93 -13.45 -55.70
N ASN CA 38 21.97 -13.06 -56.44
CA ASN CA 38 22.88 -12.02 -56.06
C ASN CA 38 23.02 -11.04 -57.21
N PRO CA 39 22.22 -9.98 -57.28
CA PRO CA 39 22.35 -9.01 -58.38
C PRO CA 39 23.65 -8.21 -58.32
N SER CA 40 24.72 -8.88 -58.70
CA SER CA 40 26.03 -8.33 -59.01
C SER CA 40 26.34 -8.65 -60.45
N LEU CA 41 25.36 -8.41 -61.32
CA LEU CA 41 25.28 -9.10 -62.59
C LEU CA 41 26.28 -8.58 -63.60
N LYS CA 42 26.45 -7.25 -63.68
CA LYS CA 42 27.30 -6.68 -64.71
C LYS CA 42 28.78 -6.91 -64.43
N GLN CA 43 29.11 -7.42 -63.26
CA GLN CA 43 30.43 -7.95 -62.91
C GLN CA 43 30.57 -9.35 -63.46
N GLN CA 44 31.54 -10.12 -62.93
CA GLN CA 44 31.95 -11.38 -63.54
C GLN CA 44 30.88 -12.48 -63.52
N LEU CA 45 29.66 -12.19 -63.04
CA LEU CA 45 28.56 -13.13 -63.21
C LEU CA 45 28.21 -13.30 -64.68
N PHE CA 46 27.88 -12.21 -65.38
CA PHE CA 46 27.53 -12.30 -66.78
C PHE CA 46 28.78 -12.54 -67.63
N SER CA 47 29.93 -12.08 -67.17
CA SER CA 47 31.14 -12.22 -67.98
C SER CA 47 31.62 -13.66 -68.03
N TYR CA 48 31.26 -14.47 -67.03
CA TYR CA 48 31.60 -15.89 -67.08
C TYR CA 48 30.73 -16.64 -68.06
N ALA CA 49 29.54 -16.11 -68.36
CA ALA CA 49 28.71 -16.72 -69.40
C ALA CA 49 29.35 -16.54 -70.78
N ILE CA 50 29.84 -15.34 -71.07
CA ILE CA 50 30.47 -15.10 -72.37
C ILE CA 50 31.87 -15.71 -72.40
N LEU CA 51 32.44 -15.98 -71.22
CA LEU CA 51 33.55 -16.92 -71.16
C LEU CA 51 33.13 -18.30 -71.62
N GLY CA 52 32.02 -18.80 -71.09
CA GLY CA 52 31.66 -20.20 -71.32
C GLY CA 52 31.04 -20.42 -72.68
N PHE CA 53 30.24 -19.47 -73.13
CA PHE CA 53 29.60 -19.56 -74.44
C PHE CA 53 30.61 -19.60 -75.57
N ALA CA 54 31.69 -18.83 -75.48
CA ALA CA 54 32.68 -18.86 -76.54
C ALA CA 54 33.49 -20.13 -76.50
N LEU CA 55 33.54 -20.79 -75.35
CA LEU CA 55 34.43 -21.95 -75.23
C LEU CA 55 33.71 -23.22 -75.66
N SER CA 56 32.39 -23.25 -75.52
CA SER CA 56 31.64 -24.42 -75.96
C SER CA 56 31.42 -24.39 -77.47
N GLU CA 57 31.15 -23.21 -78.02
CA GLU CA 57 30.95 -23.06 -79.46
C GLU CA 57 32.25 -23.29 -80.22
N ALA CA 58 33.39 -23.07 -79.55
CA ALA CA 58 34.68 -23.35 -80.17
C ALA CA 58 34.87 -24.84 -80.38
N MET CA 59 34.29 -25.66 -79.50
CA MET CA 59 34.32 -27.10 -79.72
C MET CA 59 33.40 -27.50 -80.84
N GLY CA 60 32.21 -26.88 -80.91
CA GLY CA 60 31.25 -27.28 -81.93
C GLY CA 60 31.66 -26.85 -83.31
N LEU CA 61 32.32 -25.69 -83.42
CA LEU CA 61 32.90 -25.30 -84.69
C LEU CA 61 34.08 -26.18 -85.05
N PHE CA 62 34.80 -26.67 -84.03
CA PHE CA 62 35.90 -27.60 -84.28
C PHE CA 62 35.38 -28.93 -84.80
N CYS CA 63 34.16 -29.29 -84.43
CA CYS CA 63 33.48 -30.42 -85.04
C CYS CA 63 33.09 -30.11 -86.48
N LEU CA 64 32.63 -28.89 -86.73
CA LEU CA 64 32.11 -28.54 -88.06
C LEU CA 64 33.24 -28.29 -89.03
N MET CA 65 34.46 -28.09 -88.53
CA MET CA 65 35.58 -27.76 -89.41
C MET CA 65 36.05 -28.97 -90.20
N VAL CA 66 35.83 -30.18 -89.68
CA VAL CA 66 36.24 -31.37 -90.42
C VAL CA 66 35.24 -31.65 -91.54
N ALA CA 67 34.05 -31.06 -91.48
CA ALA CA 67 33.07 -31.25 -92.53
C ALA CA 67 33.51 -30.54 -93.81
N PHE CA 68 34.30 -29.49 -93.68
CA PHE CA 68 34.78 -28.80 -94.87
C PHE CA 68 36.12 -29.36 -95.33
N LEU CA 69 36.83 -30.06 -94.45
CA LEU CA 69 38.06 -30.72 -94.88
C LEU CA 69 37.77 -32.02 -95.59
N ILE CA 70 36.90 -32.85 -95.01
CA ILE CA 70 36.72 -34.20 -95.52
C ILE CA 70 35.82 -34.19 -96.76
N LEU CA 71 35.02 -33.14 -96.93
CA LEU CA 71 34.25 -33.03 -98.16
C LEU CA 71 35.15 -32.56 -99.29
N PHE CA 72 36.16 -31.78 -98.97
CA PHE CA 72 37.04 -31.21 -99.97
C PHE CA 72 38.49 -31.59 -99.74
N UNK DA 1 17.19 -27.45 -63.84
CA UNK DA 1 18.44 -27.23 -64.57
C UNK DA 1 19.51 -28.21 -64.10
N UNK DA 2 19.31 -28.82 -62.95
CA UNK DA 2 20.25 -29.78 -62.43
C UNK DA 2 20.10 -31.09 -63.18
N UNK DA 3 18.87 -31.38 -63.59
CA UNK DA 3 18.55 -32.63 -64.24
C UNK DA 3 18.46 -32.48 -65.75
N UNK DA 4 18.84 -31.31 -66.22
CA UNK DA 4 18.73 -30.99 -67.63
C UNK DA 4 19.95 -31.45 -68.42
N UNK DA 5 21.09 -31.48 -67.74
CA UNK DA 5 22.35 -31.74 -68.42
C UNK DA 5 22.43 -33.18 -68.86
N UNK DA 6 21.86 -34.06 -68.06
CA UNK DA 6 21.73 -35.46 -68.43
C UNK DA 6 20.69 -35.56 -69.53
N UNK DA 7 19.67 -34.72 -69.45
CA UNK DA 7 18.62 -34.67 -70.47
C UNK DA 7 19.20 -34.04 -71.74
N UNK DA 8 20.18 -33.16 -71.57
CA UNK DA 8 20.91 -32.61 -72.69
C UNK DA 8 21.80 -33.70 -73.27
N UNK DA 9 22.31 -34.54 -72.35
CA UNK DA 9 23.15 -35.67 -72.71
C UNK DA 9 22.30 -36.87 -73.12
N UNK DA 10 20.99 -36.70 -72.98
CA UNK DA 10 20.05 -37.69 -73.46
C UNK DA 10 19.71 -37.43 -74.90
N UNK DA 11 19.75 -36.17 -75.32
CA UNK DA 11 19.69 -35.82 -76.73
C UNK DA 11 21.06 -35.31 -77.18
N UNK DA 12 22.10 -35.85 -76.56
CA UNK DA 12 23.45 -35.82 -77.10
C UNK DA 12 23.84 -37.27 -77.39
N UNK DA 13 23.17 -38.19 -76.70
CA UNK DA 13 23.27 -39.64 -76.93
C UNK DA 13 22.25 -40.08 -77.96
N UNK DA 14 21.24 -39.23 -78.18
CA UNK DA 14 20.25 -39.45 -79.21
C UNK DA 14 20.66 -38.73 -80.47
N UNK DA 15 21.29 -37.57 -80.29
CA UNK DA 15 21.82 -36.78 -81.40
C UNK DA 15 22.89 -37.57 -82.14
N UNK DA 16 23.84 -38.10 -81.38
CA UNK DA 16 24.94 -38.86 -81.92
C UNK DA 16 24.56 -40.24 -82.48
N UNK DA 17 23.36 -40.69 -82.12
CA UNK DA 17 22.93 -42.06 -82.37
C UNK DA 17 22.74 -42.40 -83.84
N UNK DA 18 22.07 -41.51 -84.57
CA UNK DA 18 21.67 -41.81 -85.94
C UNK DA 18 22.80 -41.78 -86.97
N UNK DA 19 23.97 -41.30 -86.54
CA UNK DA 19 25.13 -41.16 -87.42
C UNK DA 19 25.71 -42.51 -87.82
N UNK DA 20 25.80 -43.42 -86.86
CA UNK DA 20 26.31 -44.76 -87.11
C UNK DA 20 25.30 -45.56 -87.94
N UNK DA 21 24.02 -45.18 -87.81
CA UNK DA 21 22.98 -45.68 -88.68
C UNK DA 21 23.07 -45.00 -90.04
N UNK DA 22 23.41 -43.72 -90.04
CA UNK DA 22 23.65 -42.97 -91.27
C UNK DA 22 24.90 -43.51 -91.95
N UNK DA 23 25.83 -43.99 -91.15
CA UNK DA 23 26.94 -44.77 -91.63
C UNK DA 23 26.43 -46.09 -92.19
N UNK DA 24 25.56 -46.74 -91.43
CA UNK DA 24 25.02 -48.03 -91.81
C UNK DA 24 24.08 -47.97 -93.01
N UNK DA 25 23.24 -46.94 -93.09
CA UNK DA 25 22.25 -46.88 -94.17
C UNK DA 25 22.92 -46.50 -95.48
N UNK DA 26 24.13 -45.97 -95.40
CA UNK DA 26 24.92 -45.74 -96.60
C UNK DA 26 25.84 -46.91 -96.88
N UNK DA 27 26.08 -47.74 -95.85
CA UNK DA 27 27.03 -48.84 -95.96
C UNK DA 27 26.54 -49.89 -96.94
N UNK DA 28 25.29 -50.29 -96.75
CA UNK DA 28 24.64 -51.20 -97.67
C UNK DA 28 24.34 -50.48 -98.98
N UNK DA 29 24.16 -49.16 -98.92
CA UNK DA 29 24.01 -48.36 -100.12
C UNK DA 29 25.33 -48.29 -100.87
N UNK DA 30 26.44 -48.20 -100.15
CA UNK DA 30 27.76 -48.26 -100.78
C UNK DA 30 28.03 -49.67 -101.28
N UNK DA 31 27.49 -50.66 -100.58
CA UNK DA 31 27.67 -52.04 -100.97
C UNK DA 31 26.85 -52.37 -102.22
N UNK DA 32 25.61 -51.88 -102.28
CA UNK DA 32 24.72 -52.15 -103.40
C UNK DA 32 25.13 -51.36 -104.63
N UNK DA 33 25.85 -50.27 -104.39
CA UNK DA 33 26.48 -49.53 -105.48
C UNK DA 33 27.59 -50.40 -106.07
N UNK DA 34 28.30 -51.10 -105.21
CA UNK DA 34 29.37 -52.01 -105.62
C UNK DA 34 28.80 -53.36 -106.01
N UNK DA 35 27.54 -53.61 -105.65
CA UNK DA 35 26.85 -54.82 -106.06
C UNK DA 35 26.00 -54.58 -107.28
N UNK DA 36 26.33 -53.50 -108.01
CA UNK DA 36 25.60 -53.15 -109.23
C UNK DA 36 26.45 -53.37 -110.48
N UNK DA 37 27.77 -53.31 -110.31
CA UNK DA 37 28.69 -53.45 -111.44
C UNK DA 37 29.99 -54.18 -111.07
N UNK DA 38 30.55 -53.83 -109.92
CA UNK DA 38 31.81 -54.42 -109.47
C UNK DA 38 31.64 -55.89 -109.07
N UNK DA 39 30.44 -56.25 -108.64
CA UNK DA 39 30.16 -57.60 -108.21
C UNK DA 39 29.82 -58.53 -109.38
N UNK DA 40 28.61 -58.38 -109.91
CA UNK DA 40 28.05 -59.20 -110.99
C UNK DA 40 28.11 -60.70 -110.70
N UNK DA 41 27.18 -61.17 -109.87
CA UNK DA 41 27.14 -62.57 -109.48
C UNK DA 41 25.87 -63.25 -109.98
N UNK DA 42 25.98 -64.53 -110.33
CA UNK DA 42 24.83 -65.31 -110.80
C UNK DA 42 25.06 -66.80 -110.58
#